data_8TVU
#
_entry.id   8TVU
#
_cell.length_a   1.00
_cell.length_b   1.00
_cell.length_c   1.00
_cell.angle_alpha   90.00
_cell.angle_beta   90.00
_cell.angle_gamma   90.00
#
_symmetry.space_group_name_H-M   'P 1'
#
loop_
_entity.id
_entity.type
_entity.pdbx_description
1 polymer 'Portal protein'
2 polymer 'Peptidoglycan hydrolase gp4'
#
loop_
_entity_poly.entity_id
_entity_poly.type
_entity_poly.pdbx_seq_one_letter_code
_entity_poly.pdbx_strand_id
1 'polypeptide(L)'
;MADNENRLESILSRFDADWTASDEARREAKNDLFFSRVSQWDDWLSQYTTLQYRGQFDVVRPVVRKLVSEMRQNPIDVLY
RPKDGARPDAADVLMGMYRTDMRHNTAKIAVNIAVREQIEAGVGAWRLVTDYEDQSPTSNNQVIRREPIHSACSHVIWDS
NSKLMDKSDARHCTVIHSMSQNGWEDFAEKYDLDADDIPSFQNPNDWVFPWLTQDTIQIAEFYEVVEKKETAFIYQDPVT
GEPVSYFKRDIKDVIDDLADSGFIKIAERQIKRRRVYKSIITCTAVLKDKQLIAGEHIPIVPVFGEWGFVEDKEVYEGVV
RLTKDGQRLRNMIMSFNADIVARTPKKKPFFWPEQIAGFEHMYDGNDDYPYYLLNRTDENSGDLPTQPLAYYENPEVPQA
NAYMLEAATSAVKEVATLGVDTEAVNGGQVAFDTVNQLNMRADLETYVFQDNLATAMRRDGEIYQSIVNDIYDVPRNVTI
TLEDGSEKDVQLMAEVVDLATGEKQVLNDIRGRYECYTDVGPSFQSMKQQNRAEILELLGKTPQGTPEYQLLLLQYFTLL
DGKGVEMMRDYANKQLIQMGVKKPETPEEQQWLVEAQQAKQGQQDPAMVQAQGVLLQGQAELAKAQNQTLSLQIDAAKVE
AQNQLNAARIAEIFNNMDLSKQSEFREFLKTVASFQQDRSEDARANAELLLKGDEQTHKQRMDIANILQSQRQNQPSGSV
AETPQ
;
A,B,D,F,H,J,L,N,P,R,T,W
2 'polypeptide(L)'
;MQIKTKGDLVRAALRKLGVASDATLTDVEPQSMQDAVDDLEAMMAEWYQDGKGIITGYVFSDDENPPAEGDDHGLRSSAV
SAVFHNLACRIAPDYALEATAKIIATAKYGKELLYKQTAISRAKRAPYPSRMPTGSGNSFANLNEWHYFPGEQNADSTTP
HDEGNG
;
a,C,E,G,I,K,M,O,Q,S,V,X
#
# COMPACT_ATOMS: atom_id res chain seq x y z
N GLU A 5 -33.83 76.23 -0.30
CA GLU A 5 -35.26 76.37 -0.05
C GLU A 5 -36.07 75.48 -0.99
N ASN A 6 -35.61 75.38 -2.23
CA ASN A 6 -36.29 74.54 -3.21
C ASN A 6 -36.21 73.08 -2.81
N ARG A 7 -37.35 72.40 -2.84
CA ARG A 7 -37.39 70.98 -2.49
C ARG A 7 -36.58 70.14 -3.47
N LEU A 8 -36.73 70.43 -4.76
CA LEU A 8 -35.97 69.70 -5.78
C LEU A 8 -34.47 69.89 -5.60
N GLU A 9 -34.05 71.11 -5.24
CA GLU A 9 -32.63 71.36 -5.04
C GLU A 9 -32.08 70.55 -3.87
N SER A 10 -32.82 70.49 -2.77
CA SER A 10 -32.37 69.70 -1.61
C SER A 10 -32.33 68.22 -1.94
N ILE A 11 -33.35 67.71 -2.62
CA ILE A 11 -33.39 66.29 -2.98
C ILE A 11 -32.21 65.96 -3.89
N LEU A 12 -31.95 66.80 -4.89
CA LEU A 12 -30.86 66.53 -5.80
C LEU A 12 -29.50 66.69 -5.12
N SER A 13 -29.37 67.60 -4.16
CA SER A 13 -28.11 67.74 -3.44
C SER A 13 -27.83 66.47 -2.64
N ARG A 14 -28.84 65.96 -1.94
CA ARG A 14 -28.66 64.72 -1.19
C ARG A 14 -28.31 63.56 -2.12
N PHE A 15 -29.04 63.45 -3.23
CA PHE A 15 -28.80 62.36 -4.17
C PHE A 15 -27.40 62.45 -4.78
N ASP A 16 -26.96 63.66 -5.13
CA ASP A 16 -25.65 63.84 -5.72
C ASP A 16 -24.55 63.49 -4.71
N ALA A 17 -24.72 63.90 -3.45
CA ALA A 17 -23.74 63.55 -2.44
C ALA A 17 -23.63 62.04 -2.28
N ASP A 18 -24.78 61.36 -2.21
CA ASP A 18 -24.75 59.91 -2.06
C ASP A 18 -24.17 59.24 -3.30
N TRP A 19 -24.52 59.73 -4.49
CA TRP A 19 -24.04 59.14 -5.73
C TRP A 19 -22.53 59.28 -5.87
N THR A 20 -21.99 60.44 -5.51
CA THR A 20 -20.55 60.65 -5.62
C THR A 20 -19.80 59.92 -4.51
N ALA A 21 -20.44 59.73 -3.35
CA ALA A 21 -19.77 59.06 -2.25
C ALA A 21 -19.49 57.59 -2.58
N SER A 22 -20.42 56.92 -3.24
CA SER A 22 -20.33 55.48 -3.48
C SER A 22 -20.01 55.16 -4.94
N ASP A 23 -19.18 56.00 -5.57
CA ASP A 23 -18.89 55.80 -7.00
C ASP A 23 -17.99 54.59 -7.22
N GLU A 24 -16.91 54.48 -6.44
CA GLU A 24 -15.94 53.43 -6.68
C GLU A 24 -16.51 52.04 -6.44
N ALA A 25 -17.24 51.87 -5.32
CA ALA A 25 -17.82 50.57 -5.01
C ALA A 25 -18.84 50.18 -6.06
N ARG A 26 -19.66 51.12 -6.52
CA ARG A 26 -20.62 50.84 -7.57
C ARG A 26 -19.93 50.42 -8.86
N ARG A 27 -18.84 51.12 -9.21
CA ARG A 27 -18.11 50.76 -10.43
C ARG A 27 -17.55 49.34 -10.34
N GLU A 28 -16.94 49.00 -9.20
CA GLU A 28 -16.40 47.66 -9.04
C GLU A 28 -17.49 46.60 -9.05
N ALA A 29 -18.64 46.89 -8.43
CA ALA A 29 -19.72 45.91 -8.42
C ALA A 29 -20.31 45.70 -9.80
N LYS A 30 -20.50 46.77 -10.57
CA LYS A 30 -20.97 46.63 -11.95
C LYS A 30 -19.96 45.86 -12.78
N ASN A 31 -18.67 46.11 -12.54
CA ASN A 31 -17.63 45.33 -13.21
C ASN A 31 -17.73 43.85 -12.87
N ASP A 32 -17.97 43.54 -11.59
CA ASP A 32 -18.09 42.14 -11.18
C ASP A 32 -19.28 41.47 -11.85
N LEU A 33 -20.40 42.19 -11.92
CA LEU A 33 -21.58 41.64 -12.58
C LEU A 33 -21.32 41.37 -14.06
N PHE A 34 -20.69 42.33 -14.76
CA PHE A 34 -20.37 42.12 -16.16
C PHE A 34 -19.40 40.97 -16.35
N PHE A 35 -18.39 40.88 -15.48
CA PHE A 35 -17.39 39.83 -15.58
C PHE A 35 -18.01 38.45 -15.38
N SER A 36 -18.91 38.32 -14.42
CA SER A 36 -19.50 37.03 -14.09
C SER A 36 -20.79 36.75 -14.82
N ARG A 37 -21.28 37.65 -15.65
CA ARG A 37 -22.55 37.42 -16.30
C ARG A 37 -22.50 37.51 -17.82
N VAL A 38 -21.70 38.42 -18.37
CA VAL A 38 -21.67 38.67 -19.81
C VAL A 38 -20.41 38.11 -20.45
N SER A 39 -19.23 38.62 -20.07
CA SER A 39 -17.99 38.22 -20.71
C SER A 39 -16.82 38.65 -19.85
N GLN A 40 -15.82 37.79 -19.74
CA GLN A 40 -14.61 38.12 -19.01
C GLN A 40 -13.64 38.94 -19.85
N TRP A 41 -13.92 39.15 -21.13
CA TRP A 41 -13.11 40.02 -21.98
C TRP A 41 -13.70 41.42 -22.03
N ASP A 42 -13.71 42.07 -20.87
CA ASP A 42 -14.25 43.42 -20.77
C ASP A 42 -13.29 44.43 -21.39
N ASP A 43 -13.23 44.44 -22.72
CA ASP A 43 -12.26 45.26 -23.43
C ASP A 43 -13.06 46.19 -24.34
N TRP A 44 -14.08 46.84 -23.78
CA TRP A 44 -14.96 47.66 -24.59
C TRP A 44 -14.26 48.89 -25.15
N LEU A 45 -13.26 49.42 -24.42
CA LEU A 45 -12.65 50.68 -24.82
C LEU A 45 -11.91 50.57 -26.15
N SER A 46 -11.21 49.46 -26.39
CA SER A 46 -10.47 49.31 -27.66
C SER A 46 -10.52 47.83 -28.06
N GLN A 47 -11.52 47.49 -28.86
CA GLN A 47 -11.66 46.14 -29.38
C GLN A 47 -11.77 46.16 -30.90
N TYR A 48 -12.21 47.28 -31.45
CA TYR A 48 -12.31 47.45 -32.90
C TYR A 48 -11.01 48.03 -33.48
N THR A 49 -9.90 47.37 -33.19
CA THR A 49 -8.61 47.72 -33.75
C THR A 49 -8.11 46.64 -34.70
N THR A 50 -8.03 45.40 -34.23
CA THR A 50 -7.74 44.25 -35.09
C THR A 50 -8.39 43.03 -34.45
N LEU A 51 -8.62 42.01 -35.27
CA LEU A 51 -9.33 40.81 -34.83
C LEU A 51 -8.31 39.73 -34.49
N GLN A 52 -8.20 39.41 -33.21
CA GLN A 52 -7.34 38.34 -32.73
C GLN A 52 -8.19 37.40 -31.88
N TYR A 53 -7.71 36.16 -31.75
CA TYR A 53 -8.46 35.15 -31.01
C TYR A 53 -8.53 35.53 -29.53
N ARG A 54 -9.75 35.57 -29.01
CA ARG A 54 -10.00 35.83 -27.59
C ARG A 54 -10.94 34.74 -27.09
N GLY A 55 -10.39 33.75 -26.39
CA GLY A 55 -11.15 32.64 -25.87
C GLY A 55 -11.52 32.85 -24.41
N GLN A 56 -12.68 32.32 -24.04
CA GLN A 56 -13.19 32.39 -22.67
C GLN A 56 -13.20 30.98 -22.09
N PHE A 57 -12.23 30.69 -21.24
CA PHE A 57 -12.11 29.40 -20.58
C PHE A 57 -12.42 29.62 -19.11
N ASP A 58 -13.71 29.59 -18.79
CA ASP A 58 -14.17 30.01 -17.47
C ASP A 58 -13.75 29.01 -16.40
N VAL A 59 -13.30 29.56 -15.26
CA VAL A 59 -12.91 28.76 -14.10
C VAL A 59 -13.53 29.27 -12.81
N VAL A 60 -14.26 30.38 -12.85
CA VAL A 60 -14.85 30.98 -11.66
C VAL A 60 -16.35 30.69 -11.63
N ARG A 61 -16.94 30.53 -12.81
CA ARG A 61 -18.39 30.27 -12.87
C ARG A 61 -18.82 29.00 -12.15
N PRO A 62 -18.11 27.87 -12.25
CA PRO A 62 -18.51 26.71 -11.44
C PRO A 62 -18.55 26.99 -9.95
N VAL A 63 -17.61 27.80 -9.45
CA VAL A 63 -17.61 28.15 -8.04
C VAL A 63 -18.84 28.98 -7.69
N VAL A 64 -19.21 29.94 -8.54
CA VAL A 64 -20.40 30.75 -8.31
C VAL A 64 -21.64 29.87 -8.31
N ARG A 65 -21.72 28.95 -9.28
CA ARG A 65 -22.86 28.03 -9.32
C ARG A 65 -22.95 27.19 -8.06
N LYS A 66 -21.80 26.68 -7.59
CA LYS A 66 -21.79 25.87 -6.39
C LYS A 66 -22.25 26.66 -5.18
N LEU A 67 -21.77 27.90 -5.04
CA LEU A 67 -22.18 28.72 -3.91
C LEU A 67 -23.66 29.06 -3.96
N VAL A 68 -24.18 29.38 -5.16
CA VAL A 68 -25.60 29.68 -5.30
C VAL A 68 -26.44 28.46 -4.97
N SER A 69 -26.02 27.29 -5.43
CA SER A 69 -26.73 26.06 -5.08
C SER A 69 -26.69 25.79 -3.59
N GLU A 70 -25.55 26.03 -2.96
CA GLU A 70 -25.43 25.82 -1.52
C GLU A 70 -26.36 26.74 -0.75
N MET A 71 -26.46 28.00 -1.16
CA MET A 71 -27.34 28.93 -0.47
C MET A 71 -28.81 28.70 -0.83
N ARG A 72 -29.09 28.04 -1.96
CA ARG A 72 -30.47 27.75 -2.32
C ARG A 72 -31.06 26.59 -1.54
N GLN A 73 -30.23 25.61 -1.17
CA GLN A 73 -30.71 24.45 -0.43
C GLN A 73 -31.06 24.77 1.02
N ASN A 74 -30.74 25.97 1.50
CA ASN A 74 -30.96 26.35 2.89
C ASN A 74 -31.78 27.63 2.93
N PRO A 75 -33.09 27.53 2.70
CA PRO A 75 -33.95 28.73 2.74
C PRO A 75 -34.01 29.30 4.15
N ILE A 76 -34.16 30.62 4.21
CA ILE A 76 -34.24 31.36 5.46
C ILE A 76 -35.43 32.30 5.39
N ASP A 77 -36.22 32.34 6.46
CA ASP A 77 -37.39 33.19 6.52
C ASP A 77 -37.53 33.80 7.90
N VAL A 78 -38.40 34.81 7.99
CA VAL A 78 -38.67 35.47 9.26
C VAL A 78 -39.45 34.53 10.17
N LEU A 79 -39.32 34.74 11.48
CA LEU A 79 -40.06 33.97 12.47
C LEU A 79 -40.35 34.88 13.65
N TYR A 80 -41.62 35.18 13.89
CA TYR A 80 -41.99 36.09 14.96
C TYR A 80 -42.19 35.31 16.26
N ARG A 81 -41.52 35.75 17.32
CA ARG A 81 -41.62 35.09 18.61
C ARG A 81 -42.16 36.05 19.65
N PRO A 82 -43.02 35.59 20.54
CA PRO A 82 -43.57 36.49 21.58
C PRO A 82 -42.46 37.04 22.45
N LYS A 83 -42.62 38.31 22.85
CA LYS A 83 -41.64 38.95 23.70
C LYS A 83 -41.68 38.38 25.11
N ASP A 84 -40.71 38.76 25.92
CA ASP A 84 -40.65 38.29 27.30
C ASP A 84 -41.78 38.93 28.10
N GLY A 85 -42.59 38.07 28.74
CA GLY A 85 -43.74 38.54 29.48
C GLY A 85 -45.01 38.70 28.66
N ALA A 86 -44.92 38.56 27.34
CA ALA A 86 -46.10 38.66 26.49
C ALA A 86 -46.87 37.34 26.51
N ARG A 87 -48.07 37.38 25.95
CA ARG A 87 -48.87 36.17 25.87
C ARG A 87 -48.16 35.15 24.98
N PRO A 88 -48.24 33.86 25.31
CA PRO A 88 -47.47 32.86 24.54
C PRO A 88 -47.88 32.77 23.08
N ASP A 89 -49.09 33.21 22.73
CA ASP A 89 -49.56 33.19 21.34
C ASP A 89 -49.63 34.58 20.73
N ALA A 90 -48.74 35.48 21.16
CA ALA A 90 -48.78 36.86 20.69
C ALA A 90 -48.37 37.00 19.24
N ALA A 91 -47.58 36.06 18.70
CA ALA A 91 -47.04 36.17 17.36
C ALA A 91 -47.74 35.27 16.34
N ASP A 92 -48.85 34.64 16.71
CA ASP A 92 -49.51 33.72 15.79
C ASP A 92 -50.19 34.46 14.64
N VAL A 93 -50.88 35.56 14.93
CA VAL A 93 -51.58 36.29 13.88
C VAL A 93 -50.59 36.91 12.91
N LEU A 94 -49.54 37.56 13.43
CA LEU A 94 -48.54 38.18 12.56
C LEU A 94 -47.82 37.15 11.71
N MET A 95 -47.46 36.01 12.31
CA MET A 95 -46.81 34.95 11.55
C MET A 95 -47.73 34.41 10.47
N GLY A 96 -49.01 34.20 10.78
CA GLY A 96 -49.95 33.73 9.78
C GLY A 96 -50.08 34.70 8.62
N MET A 97 -50.16 36.00 8.94
CA MET A 97 -50.25 37.01 7.89
C MET A 97 -49.00 37.03 7.02
N TYR A 98 -47.82 36.96 7.65
CA TYR A 98 -46.57 36.95 6.90
C TYR A 98 -46.48 35.75 5.98
N ARG A 99 -46.85 34.57 6.49
CA ARG A 99 -46.82 33.37 5.64
C ARG A 99 -47.87 33.45 4.54
N THR A 100 -48.99 34.12 4.80
CA THR A 100 -50.03 34.25 3.79
C THR A 100 -49.55 35.10 2.62
N ASP A 101 -48.97 36.26 2.89
CA ASP A 101 -48.63 37.19 1.81
C ASP A 101 -47.16 37.16 1.42
N MET A 102 -46.40 36.15 1.85
CA MET A 102 -45.02 35.98 1.41
C MET A 102 -44.77 34.60 0.81
N ARG A 103 -45.82 33.80 0.61
CA ARG A 103 -45.68 32.49 0.00
C ARG A 103 -45.65 32.52 -1.52
N HIS A 104 -45.87 33.68 -2.12
CA HIS A 104 -46.00 33.78 -3.56
C HIS A 104 -44.62 33.70 -4.23
N ASN A 105 -44.65 33.52 -5.56
CA ASN A 105 -43.41 33.34 -6.31
C ASN A 105 -42.56 34.60 -6.31
N THR A 106 -43.19 35.77 -6.21
CA THR A 106 -42.44 37.02 -6.27
C THR A 106 -41.45 37.16 -5.11
N ALA A 107 -41.87 36.77 -3.91
CA ALA A 107 -40.98 36.88 -2.75
C ALA A 107 -39.77 35.98 -2.89
N LYS A 108 -39.99 34.71 -3.27
CA LYS A 108 -38.89 33.79 -3.45
C LYS A 108 -37.96 34.25 -4.57
N ILE A 109 -38.53 34.76 -5.66
CA ILE A 109 -37.71 35.23 -6.78
C ILE A 109 -36.87 36.43 -6.34
N ALA A 110 -37.46 37.37 -5.60
CA ALA A 110 -36.71 38.52 -5.14
C ALA A 110 -35.56 38.12 -4.22
N VAL A 111 -35.83 37.19 -3.29
CA VAL A 111 -34.79 36.75 -2.37
C VAL A 111 -33.67 36.05 -3.15
N ASN A 112 -34.03 35.20 -4.12
CA ASN A 112 -33.03 34.50 -4.91
C ASN A 112 -32.18 35.47 -5.74
N ILE A 113 -32.81 36.49 -6.32
CA ILE A 113 -32.08 37.48 -7.10
C ILE A 113 -31.10 38.23 -6.20
N ALA A 114 -31.57 38.64 -5.02
CA ALA A 114 -30.70 39.34 -4.09
C ALA A 114 -29.52 38.47 -3.66
N VAL A 115 -29.79 37.18 -3.41
CA VAL A 115 -28.72 36.27 -3.00
C VAL A 115 -27.70 36.09 -4.10
N ARG A 116 -28.16 35.91 -5.35
CA ARG A 116 -27.23 35.74 -6.46
C ARG A 116 -26.37 36.99 -6.66
N GLU A 117 -26.99 38.17 -6.58
CA GLU A 117 -26.22 39.40 -6.72
C GLU A 117 -25.25 39.59 -5.56
N GLN A 118 -25.65 39.18 -4.36
CA GLN A 118 -24.75 39.26 -3.21
C GLN A 118 -23.54 38.35 -3.39
N ILE A 119 -23.76 37.14 -3.91
CA ILE A 119 -22.64 36.23 -4.14
C ILE A 119 -21.73 36.75 -5.23
N GLU A 120 -22.30 37.23 -6.33
CA GLU A 120 -21.47 37.65 -7.46
C GLU A 120 -20.85 39.02 -7.25
N ALA A 121 -21.68 40.06 -7.10
CA ALA A 121 -21.16 41.41 -6.98
C ALA A 121 -20.74 41.72 -5.55
N GLY A 122 -21.63 41.48 -4.60
CA GLY A 122 -21.33 41.79 -3.21
C GLY A 122 -22.49 42.48 -2.52
N VAL A 123 -23.45 42.97 -3.30
CA VAL A 123 -24.61 43.66 -2.77
C VAL A 123 -25.84 43.29 -3.60
N GLY A 124 -26.98 43.15 -2.93
CA GLY A 124 -28.27 42.96 -3.57
C GLY A 124 -29.31 43.63 -2.72
N ALA A 125 -30.55 43.63 -3.21
CA ALA A 125 -31.63 44.26 -2.44
C ALA A 125 -32.97 43.78 -2.96
N TRP A 126 -34.00 44.02 -2.15
CA TRP A 126 -35.38 43.84 -2.59
C TRP A 126 -36.24 44.90 -1.93
N ARG A 127 -37.52 44.93 -2.29
CA ARG A 127 -38.43 45.97 -1.83
C ARG A 127 -39.71 45.34 -1.32
N LEU A 128 -40.38 46.03 -0.39
CA LEU A 128 -41.68 45.62 0.11
C LEU A 128 -42.70 46.69 -0.28
N VAL A 129 -43.76 46.28 -0.97
CA VAL A 129 -44.79 47.20 -1.42
C VAL A 129 -46.15 46.68 -0.98
N THR A 130 -47.11 47.60 -0.93
CA THR A 130 -48.48 47.28 -0.56
C THR A 130 -49.42 47.68 -1.70
N ASP A 131 -50.40 46.83 -1.95
CA ASP A 131 -51.36 47.07 -3.03
C ASP A 131 -52.76 46.73 -2.54
N TYR A 132 -53.75 47.17 -3.30
CA TYR A 132 -55.15 46.91 -2.99
C TYR A 132 -55.60 45.66 -3.73
N GLU A 133 -56.08 44.67 -2.97
CA GLU A 133 -56.55 43.41 -3.53
C GLU A 133 -58.01 43.21 -3.14
N ASP A 134 -58.84 42.85 -4.11
CA ASP A 134 -60.27 42.65 -3.87
C ASP A 134 -60.68 41.19 -3.87
N GLN A 135 -59.95 40.32 -4.57
CA GLN A 135 -60.35 38.92 -4.69
C GLN A 135 -59.88 38.11 -3.48
N SER A 136 -58.58 38.11 -3.21
CA SER A 136 -58.00 37.36 -2.11
C SER A 136 -57.11 38.28 -1.28
N PRO A 137 -57.72 39.17 -0.49
CA PRO A 137 -56.92 40.07 0.34
C PRO A 137 -56.42 39.39 1.60
N THR A 138 -55.22 39.79 2.03
CA THR A 138 -54.70 39.30 3.30
C THR A 138 -55.45 39.91 4.47
N SER A 139 -55.69 41.22 4.42
CA SER A 139 -56.43 41.92 5.47
C SER A 139 -56.75 43.32 4.99
N ASN A 140 -57.95 43.80 5.33
CA ASN A 140 -58.38 45.17 5.03
C ASN A 140 -58.30 45.48 3.54
N ASN A 141 -58.65 44.49 2.71
CA ASN A 141 -58.67 44.64 1.26
C ASN A 141 -57.30 45.07 0.71
N GLN A 142 -56.23 44.62 1.35
CA GLN A 142 -54.88 45.00 0.94
C GLN A 142 -53.96 43.79 1.07
N VAL A 143 -52.87 43.84 0.31
CA VAL A 143 -51.83 42.82 0.35
C VAL A 143 -50.48 43.51 0.41
N ILE A 144 -49.50 42.80 0.99
CA ILE A 144 -48.11 43.24 1.03
C ILE A 144 -47.28 42.19 0.32
N ARG A 145 -46.53 42.62 -0.70
CA ARG A 145 -45.69 41.69 -1.45
C ARG A 145 -44.27 42.21 -1.51
N ARG A 146 -43.37 41.33 -1.92
CA ARG A 146 -41.95 41.62 -2.02
C ARG A 146 -41.53 41.56 -3.48
N GLU A 147 -40.89 42.61 -3.96
CA GLU A 147 -40.50 42.77 -5.35
C GLU A 147 -38.97 42.80 -5.47
N PRO A 148 -38.44 42.36 -6.61
CA PRO A 148 -36.99 42.33 -6.79
C PRO A 148 -36.44 43.66 -7.28
N ILE A 149 -35.15 43.84 -7.05
CA ILE A 149 -34.39 44.95 -7.59
C ILE A 149 -33.16 44.39 -8.28
N HIS A 150 -33.07 44.57 -9.59
CA HIS A 150 -31.94 44.06 -10.35
C HIS A 150 -30.83 45.09 -10.39
N SER A 151 -29.60 44.62 -10.21
CA SER A 151 -28.42 45.47 -10.13
C SER A 151 -28.59 46.54 -9.05
N ALA A 152 -28.72 46.07 -7.81
CA ALA A 152 -28.93 46.96 -6.68
C ALA A 152 -27.72 47.81 -6.37
N CYS A 153 -26.55 47.48 -6.93
CA CYS A 153 -25.37 48.31 -6.72
C CYS A 153 -25.53 49.68 -7.34
N SER A 154 -26.14 49.76 -8.51
CA SER A 154 -26.28 51.02 -9.24
C SER A 154 -27.70 51.56 -9.26
N HIS A 155 -28.69 50.78 -8.84
CA HIS A 155 -30.08 51.23 -8.90
C HIS A 155 -30.63 51.69 -7.57
N VAL A 156 -30.04 51.24 -6.45
CA VAL A 156 -30.44 51.67 -5.12
C VAL A 156 -29.27 52.44 -4.52
N ILE A 157 -29.48 53.72 -4.24
CA ILE A 157 -28.45 54.59 -3.69
C ILE A 157 -28.90 55.00 -2.29
N TRP A 158 -28.10 54.67 -1.29
CA TRP A 158 -28.43 54.87 0.11
C TRP A 158 -27.84 56.17 0.63
N ASP A 159 -28.33 56.59 1.79
CA ASP A 159 -27.76 57.74 2.47
C ASP A 159 -26.31 57.45 2.83
N SER A 160 -25.42 58.38 2.47
CA SER A 160 -23.99 58.15 2.67
C SER A 160 -23.60 58.18 4.14
N ASN A 161 -24.43 58.77 5.00
CA ASN A 161 -24.16 58.81 6.44
C ASN A 161 -24.85 57.64 7.14
N SER A 162 -24.53 56.43 6.67
CA SER A 162 -25.08 55.21 7.22
C SER A 162 -23.95 54.24 7.52
N LYS A 163 -23.90 53.74 8.75
CA LYS A 163 -22.82 52.85 9.20
C LYS A 163 -23.37 51.51 9.67
N LEU A 164 -24.46 51.04 9.07
CA LEU A 164 -25.08 49.79 9.43
C LEU A 164 -25.25 48.93 8.19
N MET A 165 -25.08 47.62 8.33
CA MET A 165 -25.15 46.72 7.18
C MET A 165 -26.55 46.70 6.58
N ASP A 166 -27.59 46.72 7.41
CA ASP A 166 -28.96 46.75 6.92
C ASP A 166 -29.47 48.15 6.64
N LYS A 167 -28.65 49.18 6.89
CA LYS A 167 -29.00 50.57 6.61
C LYS A 167 -30.27 50.99 7.33
N SER A 168 -30.40 50.59 8.61
CA SER A 168 -31.53 51.04 9.40
C SER A 168 -31.35 52.45 9.94
N ASP A 169 -30.12 52.98 9.92
CA ASP A 169 -29.87 54.35 10.31
C ASP A 169 -29.90 55.32 9.14
N ALA A 170 -30.09 54.82 7.92
CA ALA A 170 -30.20 55.69 6.77
C ALA A 170 -31.50 56.48 6.84
N ARG A 171 -31.43 57.76 6.47
CA ARG A 171 -32.57 58.65 6.55
C ARG A 171 -33.22 58.92 5.21
N HIS A 172 -32.61 58.50 4.11
CA HIS A 172 -33.22 58.58 2.79
C HIS A 172 -32.57 57.58 1.87
N CYS A 173 -33.26 57.26 0.79
CA CYS A 173 -32.78 56.30 -0.19
C CYS A 173 -33.47 56.56 -1.52
N THR A 174 -32.70 56.56 -2.60
CA THR A 174 -33.23 56.81 -3.93
C THR A 174 -33.10 55.56 -4.79
N VAL A 175 -34.21 55.13 -5.37
CA VAL A 175 -34.26 53.96 -6.23
C VAL A 175 -34.49 54.43 -7.65
N ILE A 176 -33.59 54.05 -8.56
CA ILE A 176 -33.64 54.48 -9.94
C ILE A 176 -34.35 53.39 -10.74
N HIS A 177 -35.41 53.78 -11.45
CA HIS A 177 -36.22 52.88 -12.24
C HIS A 177 -35.98 53.15 -13.72
N SER A 178 -35.50 52.13 -14.43
CA SER A 178 -35.33 52.15 -15.88
C SER A 178 -36.40 51.27 -16.50
N MET A 179 -37.10 51.79 -17.51
CA MET A 179 -38.28 51.09 -18.01
C MET A 179 -38.49 51.41 -19.48
N SER A 180 -39.27 50.55 -20.14
CA SER A 180 -39.56 50.73 -21.55
C SER A 180 -40.63 51.79 -21.76
N GLN A 181 -40.87 52.11 -23.04
CA GLN A 181 -41.85 53.13 -23.37
C GLN A 181 -43.25 52.72 -22.92
N ASN A 182 -43.65 51.49 -23.24
CA ASN A 182 -44.96 51.02 -22.78
C ASN A 182 -44.96 50.82 -21.27
N GLY A 183 -43.83 50.39 -20.72
CA GLY A 183 -43.69 50.36 -19.28
C GLY A 183 -43.81 51.74 -18.65
N TRP A 184 -43.23 52.76 -19.30
CA TRP A 184 -43.38 54.12 -18.80
C TRP A 184 -44.84 54.58 -18.87
N GLU A 185 -45.54 54.22 -19.95
CA GLU A 185 -46.95 54.58 -20.06
C GLU A 185 -47.77 53.96 -18.93
N ASP A 186 -47.52 52.68 -18.65
CA ASP A 186 -48.25 52.03 -17.57
C ASP A 186 -47.87 52.61 -16.21
N PHE A 187 -46.60 52.96 -16.02
CA PHE A 187 -46.17 53.62 -14.79
C PHE A 187 -46.91 54.94 -14.60
N ALA A 188 -47.01 55.73 -15.68
CA ALA A 188 -47.67 57.03 -15.59
C ALA A 188 -49.15 56.87 -15.30
N GLU A 189 -49.79 55.86 -15.89
CA GLU A 189 -51.19 55.58 -15.58
C GLU A 189 -51.34 55.21 -14.11
N LYS A 190 -50.47 54.33 -13.61
CA LYS A 190 -50.55 53.85 -12.23
C LYS A 190 -50.38 55.00 -11.23
N TYR A 191 -49.43 55.89 -11.48
CA TYR A 191 -49.13 56.98 -10.55
C TYR A 191 -49.74 58.31 -10.97
N ASP A 192 -50.66 58.30 -11.93
CA ASP A 192 -51.37 59.51 -12.38
C ASP A 192 -50.40 60.61 -12.77
N LEU A 193 -49.36 60.23 -13.51
CA LEU A 193 -48.40 61.20 -14.03
C LEU A 193 -48.80 61.59 -15.45
N ASP A 194 -48.02 62.49 -16.05
CA ASP A 194 -48.23 62.92 -17.43
C ASP A 194 -47.39 62.02 -18.34
N ALA A 195 -48.06 61.20 -19.14
CA ALA A 195 -47.34 60.26 -20.00
C ALA A 195 -46.65 60.94 -21.16
N ASP A 196 -47.12 62.11 -21.59
CA ASP A 196 -46.49 62.79 -22.72
C ASP A 196 -45.16 63.41 -22.34
N ASP A 197 -44.99 63.81 -21.08
CA ASP A 197 -43.75 64.40 -20.61
C ASP A 197 -42.81 63.27 -20.17
N ILE A 198 -41.95 62.85 -21.09
CA ILE A 198 -41.03 61.75 -20.79
C ILE A 198 -40.01 62.20 -19.75
N PRO A 199 -39.81 61.47 -18.67
CA PRO A 199 -38.87 61.87 -17.63
C PRO A 199 -37.45 61.40 -17.94
N SER A 200 -36.51 61.88 -17.13
CA SER A 200 -35.12 61.49 -17.26
C SER A 200 -34.46 61.60 -15.89
N PHE A 201 -33.40 60.83 -15.71
CA PHE A 201 -32.64 60.83 -14.46
C PHE A 201 -31.24 60.30 -14.76
N GLN A 202 -30.41 60.24 -13.72
CA GLN A 202 -29.06 59.74 -13.87
C GLN A 202 -29.08 58.29 -14.34
N ASN A 203 -28.43 58.03 -15.45
CA ASN A 203 -28.41 56.69 -16.03
C ASN A 203 -27.44 55.82 -15.24
N PRO A 204 -27.91 54.74 -14.59
CA PRO A 204 -26.98 53.88 -13.84
C PRO A 204 -26.21 52.90 -14.72
N ASN A 205 -26.75 52.54 -15.88
CA ASN A 205 -26.09 51.58 -16.75
C ASN A 205 -25.07 52.25 -17.64
N ASP A 206 -24.24 51.43 -18.29
CA ASP A 206 -23.22 51.91 -19.22
C ASP A 206 -23.33 51.11 -20.51
N TRP A 207 -23.29 51.80 -21.64
CA TRP A 207 -23.35 51.15 -22.95
C TRP A 207 -21.98 50.59 -23.27
N VAL A 208 -21.74 49.35 -22.82
CA VAL A 208 -20.45 48.69 -22.98
C VAL A 208 -20.54 47.53 -23.96
N PHE A 209 -21.48 46.62 -23.76
CA PHE A 209 -21.68 45.53 -24.69
C PHE A 209 -22.31 46.06 -25.98
N PRO A 210 -22.02 45.44 -27.12
CA PRO A 210 -22.66 45.87 -28.38
C PRO A 210 -24.13 45.52 -28.43
N TRP A 211 -24.90 46.01 -27.47
CA TRP A 211 -26.34 45.80 -27.48
C TRP A 211 -26.98 46.71 -28.53
N LEU A 212 -27.88 46.14 -29.33
CA LEU A 212 -28.48 46.91 -30.42
C LEU A 212 -29.29 48.09 -29.89
N THR A 213 -30.10 47.86 -28.86
CA THR A 213 -30.94 48.90 -28.30
C THR A 213 -30.95 48.78 -26.78
N GLN A 214 -30.55 49.85 -26.09
CA GLN A 214 -30.71 49.97 -24.66
C GLN A 214 -31.72 51.07 -24.31
N ASP A 215 -32.76 51.18 -25.13
CA ASP A 215 -33.75 52.25 -24.99
C ASP A 215 -34.46 52.15 -23.66
N THR A 216 -34.20 53.10 -22.77
CA THR A 216 -34.77 53.09 -21.43
C THR A 216 -35.16 54.50 -21.02
N ILE A 217 -36.15 54.58 -20.14
CA ILE A 217 -36.59 55.83 -19.54
C ILE A 217 -36.36 55.71 -18.04
N GLN A 218 -35.74 56.74 -17.47
CA GLN A 218 -35.28 56.71 -16.08
C GLN A 218 -36.09 57.68 -15.22
N ILE A 219 -36.55 57.17 -14.08
CA ILE A 219 -37.23 57.97 -13.07
C ILE A 219 -36.64 57.59 -11.71
N ALA A 220 -36.94 58.37 -10.68
CA ALA A 220 -36.40 58.08 -9.35
C ALA A 220 -37.49 58.13 -8.31
N GLU A 221 -37.38 57.25 -7.32
CA GLU A 221 -38.24 57.29 -6.14
C GLU A 221 -37.37 57.58 -4.92
N PHE A 222 -37.69 58.65 -4.22
CA PHE A 222 -36.92 59.14 -3.08
C PHE A 222 -37.73 58.87 -1.82
N TYR A 223 -37.23 57.96 -0.99
CA TYR A 223 -37.83 57.66 0.31
C TYR A 223 -37.09 58.40 1.40
N GLU A 224 -37.83 58.99 2.33
CA GLU A 224 -37.22 59.66 3.47
C GLU A 224 -38.03 59.36 4.72
N VAL A 225 -37.32 59.16 5.84
CA VAL A 225 -37.93 58.87 7.12
C VAL A 225 -37.78 60.10 8.01
N VAL A 226 -38.89 60.52 8.61
CA VAL A 226 -38.91 61.66 9.52
C VAL A 226 -39.41 61.17 10.87
N GLU A 227 -38.61 61.36 11.90
CA GLU A 227 -38.96 60.97 13.26
C GLU A 227 -39.39 62.19 14.04
N LYS A 228 -40.67 62.22 14.46
CA LYS A 228 -41.21 63.38 15.15
C LYS A 228 -42.23 62.92 16.17
N LYS A 229 -42.53 63.82 17.11
CA LYS A 229 -43.54 63.58 18.12
C LYS A 229 -44.89 64.06 17.59
N GLU A 230 -45.85 63.14 17.49
CA GLU A 230 -47.18 63.48 17.02
C GLU A 230 -48.21 63.17 18.11
N THR A 231 -49.36 63.83 17.97
CA THR A 231 -50.44 63.67 18.93
C THR A 231 -51.09 62.30 18.81
N ALA A 232 -51.44 61.72 19.95
CA ALA A 232 -52.24 60.50 20.00
C ALA A 232 -53.28 60.65 21.09
N PHE A 233 -54.40 59.95 20.92
CA PHE A 233 -55.53 60.04 21.81
C PHE A 233 -55.69 58.75 22.61
N ILE A 234 -55.89 58.88 23.91
CA ILE A 234 -56.18 57.78 24.81
C ILE A 234 -57.68 57.77 25.03
N TYR A 235 -58.37 56.81 24.41
CA TYR A 235 -59.82 56.69 24.53
C TYR A 235 -60.16 55.72 25.66
N GLN A 236 -61.43 55.33 25.74
CA GLN A 236 -61.86 54.27 26.64
C GLN A 236 -62.64 53.25 25.82
N ASP A 237 -62.15 52.04 25.76
CA ASP A 237 -62.81 50.99 24.99
C ASP A 237 -64.12 50.61 25.64
N PRO A 238 -65.26 50.67 24.94
CA PRO A 238 -66.53 50.25 25.56
C PRO A 238 -66.54 48.81 26.01
N VAL A 239 -65.72 47.95 25.39
CA VAL A 239 -65.65 46.55 25.81
C VAL A 239 -64.85 46.45 27.10
N THR A 240 -63.57 46.80 27.04
CA THR A 240 -62.69 46.76 28.21
C THR A 240 -61.40 47.48 27.88
N GLY A 241 -60.84 48.17 28.89
CA GLY A 241 -59.53 48.78 28.75
C GLY A 241 -59.58 50.11 28.04
N GLU A 242 -58.37 50.69 27.87
CA GLU A 242 -58.24 52.02 27.22
C GLU A 242 -57.23 51.93 26.07
N PRO A 243 -57.56 52.39 24.85
CA PRO A 243 -56.68 52.28 23.71
C PRO A 243 -55.92 53.56 23.33
N VAL A 244 -54.86 53.43 22.53
CA VAL A 244 -54.07 54.57 22.11
C VAL A 244 -54.11 54.62 20.58
N SER A 245 -54.63 55.71 20.04
CA SER A 245 -54.76 55.83 18.59
C SER A 245 -54.11 57.13 18.11
N TYR A 246 -53.27 57.02 17.09
CA TYR A 246 -52.59 58.20 16.57
C TYR A 246 -53.59 59.17 15.96
N PHE A 247 -53.41 60.45 16.26
CA PHE A 247 -54.34 61.47 15.80
C PHE A 247 -54.33 61.60 14.30
N LYS A 248 -53.17 61.41 13.66
CA LYS A 248 -53.09 61.56 12.21
C LYS A 248 -53.86 60.46 11.47
N ARG A 249 -53.96 59.27 12.07
CA ARG A 249 -54.60 58.16 11.39
C ARG A 249 -56.12 58.32 11.32
N ASP A 250 -56.73 58.91 12.35
CA ASP A 250 -58.16 59.16 12.35
C ASP A 250 -58.43 60.66 12.46
N ILE A 251 -57.72 61.45 11.67
CA ILE A 251 -57.74 62.90 11.83
C ILE A 251 -59.12 63.47 11.50
N LYS A 252 -59.69 63.05 10.37
CA LYS A 252 -60.94 63.64 9.91
C LYS A 252 -61.94 62.56 9.52
N ASP A 253 -61.45 61.38 9.16
CA ASP A 253 -62.33 60.34 8.65
C ASP A 253 -63.33 59.89 9.71
N VAL A 254 -62.85 59.51 10.89
CA VAL A 254 -63.70 58.92 11.90
C VAL A 254 -63.55 59.61 13.25
N ILE A 255 -62.92 60.79 13.25
CA ILE A 255 -62.61 61.47 14.51
C ILE A 255 -63.89 61.75 15.31
N ASP A 256 -65.02 61.89 14.64
CA ASP A 256 -66.31 62.01 15.32
C ASP A 256 -67.06 60.70 15.40
N ASP A 257 -66.62 59.65 14.68
CA ASP A 257 -67.27 58.36 14.75
C ASP A 257 -66.91 57.59 16.02
N LEU A 258 -65.77 57.90 16.65
CA LEU A 258 -65.45 57.27 17.92
C LEU A 258 -66.50 57.60 18.97
N ALA A 259 -66.93 58.85 19.03
CA ALA A 259 -67.95 59.25 20.00
C ALA A 259 -69.28 58.54 19.73
N ASP A 260 -69.66 58.43 18.45
CA ASP A 260 -70.90 57.75 18.11
C ASP A 260 -70.84 56.27 18.46
N SER A 261 -69.70 55.63 18.23
CA SER A 261 -69.54 54.20 18.49
C SER A 261 -69.41 53.88 19.97
N GLY A 262 -69.28 54.88 20.84
CA GLY A 262 -69.13 54.65 22.26
C GLY A 262 -67.74 54.87 22.81
N PHE A 263 -66.81 55.37 22.00
CA PHE A 263 -65.46 55.67 22.45
C PHE A 263 -65.43 57.07 23.02
N ILE A 264 -65.03 57.19 24.28
CA ILE A 264 -64.95 58.46 24.99
C ILE A 264 -63.49 58.81 25.18
N LYS A 265 -63.11 60.03 24.80
CA LYS A 265 -61.73 60.47 24.93
C LYS A 265 -61.39 60.67 26.39
N ILE A 266 -60.28 60.06 26.82
CA ILE A 266 -59.82 60.15 28.21
C ILE A 266 -58.62 61.07 28.34
N ALA A 267 -57.67 60.99 27.40
CA ALA A 267 -56.45 61.78 27.51
C ALA A 267 -55.87 62.00 26.13
N GLU A 268 -54.83 62.84 26.07
CA GLU A 268 -54.13 63.13 24.83
C GLU A 268 -52.64 63.28 25.12
N ARG A 269 -51.83 62.47 24.45
CA ARG A 269 -50.39 62.45 24.67
C ARG A 269 -49.66 62.78 23.37
N GLN A 270 -48.34 62.90 23.48
CA GLN A 270 -47.48 63.17 22.34
C GLN A 270 -46.42 62.06 22.28
N ILE A 271 -46.53 61.19 21.28
CA ILE A 271 -45.66 60.03 21.15
C ILE A 271 -44.78 60.21 19.91
N LYS A 272 -43.51 59.89 20.05
CA LYS A 272 -42.56 59.98 18.96
C LYS A 272 -42.64 58.74 18.07
N ARG A 273 -42.63 58.97 16.75
CA ARG A 273 -42.69 57.88 15.79
C ARG A 273 -42.08 58.35 14.47
N ARG A 274 -41.80 57.39 13.61
CA ARG A 274 -41.23 57.64 12.29
C ARG A 274 -42.31 57.54 11.22
N ARG A 275 -42.21 58.38 10.21
CA ARG A 275 -43.09 58.34 9.05
C ARG A 275 -42.26 58.37 7.79
N VAL A 276 -42.69 57.64 6.77
CA VAL A 276 -41.94 57.46 5.53
C VAL A 276 -42.68 58.15 4.40
N TYR A 277 -41.97 58.99 3.65
CA TYR A 277 -42.52 59.72 2.53
C TYR A 277 -41.77 59.35 1.26
N LYS A 278 -42.50 59.09 0.19
CA LYS A 278 -41.95 58.77 -1.11
C LYS A 278 -42.25 59.90 -2.10
N SER A 279 -41.27 60.23 -2.92
CA SER A 279 -41.39 61.27 -3.93
C SER A 279 -40.94 60.72 -5.27
N ILE A 280 -41.74 60.93 -6.31
CA ILE A 280 -41.36 60.55 -7.67
C ILE A 280 -40.72 61.75 -8.32
N ILE A 281 -39.46 61.61 -8.74
CA ILE A 281 -38.67 62.74 -9.22
C ILE A 281 -37.98 62.38 -10.53
N THR A 282 -37.67 63.43 -11.30
CA THR A 282 -36.83 63.38 -12.48
C THR A 282 -35.65 64.33 -12.24
N CYS A 283 -34.85 64.54 -13.28
CA CYS A 283 -33.68 65.40 -13.15
C CYS A 283 -34.03 66.88 -13.14
N THR A 284 -35.26 67.26 -13.51
CA THR A 284 -35.62 68.66 -13.64
C THR A 284 -36.82 69.08 -12.81
N ALA A 285 -37.62 68.15 -12.30
CA ALA A 285 -38.84 68.51 -11.58
C ALA A 285 -39.22 67.38 -10.64
N VAL A 286 -40.19 67.67 -9.78
CA VAL A 286 -40.74 66.71 -8.84
C VAL A 286 -42.19 66.44 -9.24
N LEU A 287 -42.50 65.18 -9.53
CA LEU A 287 -43.86 64.82 -9.95
C LEU A 287 -44.78 64.66 -8.75
N LYS A 288 -44.43 63.73 -7.86
CA LYS A 288 -45.13 63.55 -6.59
C LYS A 288 -44.22 64.00 -5.47
N ASP A 289 -44.76 64.77 -4.53
CA ASP A 289 -43.91 65.54 -3.61
C ASP A 289 -43.57 64.76 -2.34
N LYS A 290 -44.57 64.44 -1.53
CA LYS A 290 -44.32 63.82 -0.23
C LYS A 290 -45.36 62.74 0.08
N GLN A 291 -45.64 61.88 -0.91
CA GLN A 291 -46.66 60.85 -0.72
C GLN A 291 -46.34 59.97 0.49
N LEU A 292 -47.15 60.06 1.53
CA LEU A 292 -46.90 59.28 2.73
C LEU A 292 -47.22 57.82 2.49
N ILE A 293 -46.29 56.93 2.85
CA ILE A 293 -46.47 55.50 2.66
C ILE A 293 -46.52 54.82 4.03
N ALA A 294 -47.00 53.58 4.03
CA ALA A 294 -47.16 52.83 5.26
C ALA A 294 -45.81 52.35 5.79
N GLY A 295 -45.71 52.30 7.11
CA GLY A 295 -44.53 51.78 7.78
C GLY A 295 -43.73 52.88 8.46
N GLU A 296 -42.82 52.43 9.31
CA GLU A 296 -41.87 53.30 9.99
C GLU A 296 -40.48 53.24 9.39
N HIS A 297 -40.25 52.36 8.43
CA HIS A 297 -38.93 52.13 7.87
C HIS A 297 -38.98 52.24 6.35
N ILE A 298 -37.83 52.54 5.77
CA ILE A 298 -37.73 52.55 4.30
C ILE A 298 -37.93 51.13 3.80
N PRO A 299 -38.81 50.90 2.83
CA PRO A 299 -39.20 49.53 2.45
C PRO A 299 -38.16 48.77 1.64
N ILE A 300 -36.92 49.23 1.56
CA ILE A 300 -35.88 48.55 0.80
C ILE A 300 -34.98 47.80 1.75
N VAL A 301 -34.76 46.51 1.49
CA VAL A 301 -33.94 45.64 2.31
C VAL A 301 -32.68 45.29 1.53
N PRO A 302 -31.49 45.69 2.00
CA PRO A 302 -30.25 45.29 1.33
C PRO A 302 -29.61 44.04 1.91
N VAL A 303 -28.86 43.32 1.08
CA VAL A 303 -28.10 42.15 1.49
C VAL A 303 -26.66 42.37 1.04
N PHE A 304 -25.71 42.11 1.93
CA PHE A 304 -24.30 42.37 1.67
C PHE A 304 -23.48 41.10 1.81
N GLY A 305 -22.33 41.09 1.13
CA GLY A 305 -21.39 39.99 1.25
C GLY A 305 -20.31 40.31 2.26
N GLU A 306 -19.11 40.62 1.79
CA GLU A 306 -18.05 41.11 2.67
C GLU A 306 -18.16 42.64 2.68
N TRP A 307 -18.68 43.18 3.78
CA TRP A 307 -19.03 44.59 3.88
C TRP A 307 -18.20 45.26 4.95
N GLY A 308 -17.80 46.50 4.70
CA GLY A 308 -17.03 47.22 5.70
C GLY A 308 -16.77 48.65 5.27
N PHE A 309 -16.01 49.35 6.10
CA PHE A 309 -15.58 50.72 5.84
C PHE A 309 -14.07 50.76 5.94
N VAL A 310 -13.43 51.48 5.02
CA VAL A 310 -11.97 51.58 5.05
C VAL A 310 -11.57 52.93 5.63
N GLU A 311 -11.93 54.02 4.94
CA GLU A 311 -11.76 55.37 5.47
C GLU A 311 -13.05 56.14 5.15
N ASP A 312 -14.05 55.97 6.01
CA ASP A 312 -15.39 56.52 5.79
C ASP A 312 -15.87 56.26 4.36
N LYS A 313 -15.47 55.12 3.79
CA LYS A 313 -15.83 54.74 2.42
C LYS A 313 -16.31 53.31 2.45
N GLU A 314 -17.57 53.10 2.09
CA GLU A 314 -18.14 51.76 2.10
C GLU A 314 -17.50 50.89 1.03
N VAL A 315 -17.15 49.66 1.40
CA VAL A 315 -16.61 48.68 0.47
C VAL A 315 -17.33 47.35 0.71
N TYR A 316 -17.90 46.80 -0.36
CA TYR A 316 -18.52 45.49 -0.32
C TYR A 316 -17.97 44.64 -1.45
N GLU A 317 -17.73 43.38 -1.15
CA GLU A 317 -17.11 42.46 -2.09
C GLU A 317 -17.85 41.12 -2.06
N GLY A 318 -17.81 40.41 -3.18
CA GLY A 318 -18.44 39.12 -3.28
C GLY A 318 -17.44 37.98 -3.28
N VAL A 319 -17.38 37.23 -4.37
CA VAL A 319 -16.44 36.12 -4.50
C VAL A 319 -15.72 36.22 -5.84
N VAL A 320 -16.16 37.14 -6.68
CA VAL A 320 -15.65 37.22 -8.05
C VAL A 320 -14.48 38.20 -8.17
N ARG A 321 -14.43 39.24 -7.33
CA ARG A 321 -13.48 40.33 -7.53
C ARG A 321 -12.04 39.84 -7.50
N LEU A 322 -11.64 39.15 -6.42
CA LEU A 322 -10.26 38.78 -6.26
C LEU A 322 -9.81 37.72 -7.26
N THR A 323 -10.74 37.05 -7.93
CA THR A 323 -10.41 36.09 -8.97
C THR A 323 -10.33 36.72 -10.35
N LYS A 324 -10.60 38.02 -10.47
CA LYS A 324 -10.63 38.64 -11.80
C LYS A 324 -9.23 38.76 -12.39
N ASP A 325 -8.21 38.99 -11.55
CA ASP A 325 -6.86 39.20 -12.07
C ASP A 325 -6.26 37.91 -12.61
N GLY A 326 -6.37 36.82 -11.85
CA GLY A 326 -5.83 35.55 -12.31
C GLY A 326 -6.57 35.02 -13.53
N GLN A 327 -7.90 35.06 -13.49
CA GLN A 327 -8.69 34.53 -14.60
C GLN A 327 -8.39 35.26 -15.89
N ARG A 328 -8.33 36.60 -15.83
CA ARG A 328 -7.98 37.37 -17.00
C ARG A 328 -6.62 36.96 -17.58
N LEU A 329 -5.70 36.54 -16.71
CA LEU A 329 -4.44 36.00 -17.21
C LEU A 329 -4.64 34.66 -17.89
N ARG A 330 -5.41 33.77 -17.26
CA ARG A 330 -5.61 32.44 -17.81
C ARG A 330 -6.31 32.51 -19.16
N ASN A 331 -7.23 33.47 -19.33
CA ASN A 331 -7.83 33.68 -20.64
C ASN A 331 -6.80 34.14 -21.66
N MET A 332 -5.89 35.02 -21.26
CA MET A 332 -4.92 35.55 -22.21
C MET A 332 -3.93 34.48 -22.66
N ILE A 333 -3.32 33.78 -21.71
CA ILE A 333 -2.34 32.76 -22.06
C ILE A 333 -2.99 31.68 -22.91
N MET A 334 -4.16 31.20 -22.49
CA MET A 334 -4.89 30.21 -23.26
C MET A 334 -5.15 30.70 -24.68
N SER A 335 -5.33 32.01 -24.85
CA SER A 335 -5.55 32.59 -26.16
C SER A 335 -4.26 32.69 -26.96
N PHE A 336 -3.13 32.95 -26.29
CA PHE A 336 -1.87 33.05 -27.00
C PHE A 336 -1.45 31.71 -27.61
N ASN A 337 -1.52 30.65 -26.81
CA ASN A 337 -1.08 29.34 -27.28
C ASN A 337 -1.93 28.86 -28.45
N ALA A 338 -3.21 29.21 -28.48
CA ALA A 338 -4.04 28.90 -29.63
C ALA A 338 -3.48 29.53 -30.89
N ASP A 339 -3.02 30.78 -30.80
CA ASP A 339 -2.37 31.41 -31.94
C ASP A 339 -1.14 30.63 -32.38
N ILE A 340 -0.49 29.94 -31.44
CA ILE A 340 0.65 29.10 -31.79
C ILE A 340 0.20 27.91 -32.61
N VAL A 341 -0.96 27.33 -32.28
CA VAL A 341 -1.40 26.12 -32.95
C VAL A 341 -1.82 26.42 -34.39
N ALA A 342 -2.48 27.55 -34.61
CA ALA A 342 -3.01 27.86 -35.93
C ALA A 342 -1.99 28.54 -36.83
N ARG A 343 -1.45 29.68 -36.41
CA ARG A 343 -0.56 30.46 -37.25
C ARG A 343 0.90 30.14 -36.91
N THR A 344 1.33 28.95 -37.35
CA THR A 344 2.71 28.57 -37.21
C THR A 344 3.01 27.55 -38.30
N PRO A 345 4.06 27.75 -39.10
CA PRO A 345 4.37 26.80 -40.15
C PRO A 345 4.67 25.42 -39.58
N LYS A 346 4.24 24.39 -40.31
CA LYS A 346 4.37 23.02 -39.85
C LYS A 346 5.79 22.51 -40.09
N LYS A 347 6.04 21.25 -39.74
CA LYS A 347 7.35 20.63 -39.87
C LYS A 347 7.45 20.01 -41.26
N LYS A 348 8.21 20.65 -42.14
CA LYS A 348 8.42 20.18 -43.50
C LYS A 348 9.91 20.33 -43.85
N PRO A 349 10.41 19.54 -44.79
CA PRO A 349 11.84 19.62 -45.11
C PRO A 349 12.19 20.94 -45.80
N PHE A 350 13.45 21.33 -45.65
CA PHE A 350 14.02 22.46 -46.37
C PHE A 350 14.77 21.91 -47.58
N PHE A 351 14.39 22.38 -48.77
CA PHE A 351 14.94 21.88 -50.01
C PHE A 351 15.46 23.03 -50.85
N TRP A 352 16.59 22.83 -51.51
CA TRP A 352 16.95 23.69 -52.63
C TRP A 352 16.10 23.32 -53.83
N PRO A 353 15.69 24.29 -54.66
CA PRO A 353 14.88 23.95 -55.83
C PRO A 353 15.56 22.98 -56.78
N GLU A 354 16.88 23.01 -56.87
CA GLU A 354 17.60 22.12 -57.77
C GLU A 354 17.79 20.73 -57.20
N GLN A 355 17.60 20.55 -55.88
CA GLN A 355 17.76 19.23 -55.29
C GLN A 355 16.65 18.28 -55.74
N ILE A 356 15.43 18.80 -55.88
CA ILE A 356 14.26 17.99 -56.19
C ILE A 356 13.67 18.37 -57.56
N ALA A 357 14.46 19.00 -58.41
CA ALA A 357 13.97 19.39 -59.73
C ALA A 357 13.67 18.15 -60.56
N GLY A 358 12.42 18.01 -60.97
CA GLY A 358 11.97 16.85 -61.71
C GLY A 358 11.38 15.74 -60.86
N PHE A 359 11.59 15.77 -59.55
CA PHE A 359 11.02 14.79 -58.64
C PHE A 359 9.97 15.39 -57.71
N GLU A 360 9.42 16.56 -58.07
CA GLU A 360 8.54 17.27 -57.15
C GLU A 360 7.25 16.50 -56.87
N HIS A 361 6.84 15.62 -57.78
CA HIS A 361 5.64 14.84 -57.53
C HIS A 361 5.86 13.72 -56.53
N MET A 362 7.11 13.46 -56.14
CA MET A 362 7.39 12.44 -55.14
C MET A 362 7.22 12.94 -53.72
N TYR A 363 7.17 14.25 -53.52
CA TYR A 363 7.15 14.84 -52.18
C TYR A 363 5.81 15.49 -51.84
N ASP A 364 4.80 15.32 -52.69
CA ASP A 364 3.52 15.98 -52.45
C ASP A 364 2.67 15.29 -51.40
N GLY A 365 3.04 14.08 -50.98
CA GLY A 365 2.29 13.37 -49.95
C GLY A 365 1.65 12.08 -50.40
N ASN A 366 1.84 11.63 -51.63
CA ASN A 366 1.25 10.38 -52.08
C ASN A 366 2.03 9.18 -51.56
N ASP A 367 1.60 8.00 -51.97
CA ASP A 367 2.18 6.74 -51.53
C ASP A 367 2.43 5.81 -52.71
N ASP A 368 2.75 6.38 -53.87
CA ASP A 368 2.94 5.60 -55.08
C ASP A 368 4.39 5.24 -55.35
N TYR A 369 5.31 5.62 -54.48
CA TYR A 369 6.72 5.36 -54.71
C TYR A 369 7.33 4.69 -53.50
N PRO A 370 8.35 3.84 -53.70
CA PRO A 370 9.00 3.19 -52.55
C PRO A 370 10.06 4.04 -51.87
N TYR A 371 10.46 5.16 -52.44
CA TYR A 371 11.51 5.99 -51.87
C TYR A 371 11.40 7.38 -52.49
N TYR A 372 12.34 8.25 -52.12
CA TYR A 372 12.45 9.58 -52.68
C TYR A 372 13.78 9.72 -53.39
N LEU A 373 13.77 10.37 -54.55
CA LEU A 373 14.97 10.58 -55.34
C LEU A 373 15.40 12.03 -55.26
N LEU A 374 16.71 12.25 -55.26
CA LEU A 374 17.30 13.58 -55.19
C LEU A 374 18.27 13.77 -56.33
N ASN A 375 18.27 14.97 -56.91
CA ASN A 375 19.25 15.31 -57.93
C ASN A 375 20.64 15.39 -57.29
N ARG A 376 21.64 14.94 -58.03
CA ARG A 376 23.00 14.82 -57.49
C ARG A 376 24.01 15.71 -58.19
N THR A 377 23.92 15.88 -59.51
CA THR A 377 24.95 16.55 -60.29
C THR A 377 24.51 17.95 -60.68
N ASP A 378 25.47 18.85 -60.76
CA ASP A 378 25.28 20.20 -61.28
C ASP A 378 26.26 20.41 -62.43
N GLU A 379 25.79 21.03 -63.50
CA GLU A 379 26.62 21.16 -64.69
C GLU A 379 27.72 22.20 -64.53
N ASN A 380 27.60 23.08 -63.55
CA ASN A 380 28.62 24.10 -63.30
C ASN A 380 29.47 23.81 -62.08
N SER A 381 28.87 23.34 -60.99
CA SER A 381 29.59 23.02 -59.77
C SER A 381 30.04 21.57 -59.71
N GLY A 382 29.79 20.79 -60.76
CA GLY A 382 30.18 19.39 -60.78
C GLY A 382 29.26 18.51 -59.96
N ASP A 383 29.19 18.75 -58.66
CA ASP A 383 28.35 17.99 -57.76
C ASP A 383 27.60 18.94 -56.83
N LEU A 384 26.40 18.56 -56.46
CA LEU A 384 25.61 19.37 -55.54
C LEU A 384 26.21 19.30 -54.14
N PRO A 385 26.30 20.42 -53.44
CA PRO A 385 26.87 20.42 -52.09
C PRO A 385 26.08 19.53 -51.14
N THR A 386 26.79 18.92 -50.20
CA THR A 386 26.20 18.02 -49.22
C THR A 386 25.89 18.79 -47.94
N GLN A 387 24.67 18.62 -47.43
CA GLN A 387 24.23 19.31 -46.24
C GLN A 387 23.06 18.50 -45.66
N PRO A 388 23.14 18.06 -44.41
CA PRO A 388 22.07 17.22 -43.86
C PRO A 388 20.72 17.93 -43.91
N LEU A 389 19.68 17.16 -44.23
CA LEU A 389 18.36 17.74 -44.42
C LEU A 389 17.86 18.41 -43.14
N ALA A 390 17.32 19.62 -43.30
CA ALA A 390 16.80 20.40 -42.19
C ALA A 390 15.29 20.45 -42.26
N TYR A 391 14.64 20.31 -41.10
CA TYR A 391 13.19 20.34 -41.00
C TYR A 391 12.78 21.50 -40.12
N TYR A 392 11.69 22.18 -40.52
CA TYR A 392 11.12 23.23 -39.69
C TYR A 392 10.71 22.66 -38.34
N GLU A 393 11.07 23.34 -37.27
CA GLU A 393 10.80 22.85 -35.93
C GLU A 393 9.30 22.81 -35.66
N ASN A 394 8.87 21.79 -34.93
CA ASN A 394 7.48 21.66 -34.57
C ASN A 394 7.06 22.82 -33.66
N PRO A 395 5.81 23.27 -33.77
CA PRO A 395 5.33 24.30 -32.84
C PRO A 395 5.40 23.79 -31.41
N GLU A 396 5.77 24.69 -30.50
CA GLU A 396 5.96 24.34 -29.09
C GLU A 396 5.38 25.42 -28.22
N VAL A 397 4.74 25.01 -27.13
CA VAL A 397 4.24 25.95 -26.13
C VAL A 397 5.41 26.34 -25.23
N PRO A 398 5.70 27.64 -25.09
CA PRO A 398 6.84 28.04 -24.25
C PRO A 398 6.65 27.61 -22.81
N GLN A 399 7.77 27.36 -22.14
CA GLN A 399 7.71 27.02 -20.72
C GLN A 399 7.08 28.13 -19.89
N ALA A 400 7.28 29.38 -20.28
CA ALA A 400 6.66 30.49 -19.58
C ALA A 400 5.15 30.42 -19.68
N ASN A 401 4.62 30.11 -20.87
CA ASN A 401 3.17 30.04 -21.04
C ASN A 401 2.55 28.95 -20.18
N ALA A 402 3.15 27.76 -20.20
CA ALA A 402 2.60 26.65 -19.40
C ALA A 402 2.71 26.95 -17.92
N TYR A 403 3.87 27.44 -17.48
CA TYR A 403 4.06 27.75 -16.06
C TYR A 403 3.06 28.80 -15.59
N MET A 404 2.84 29.85 -16.39
CA MET A 404 1.92 30.90 -15.99
C MET A 404 0.47 30.45 -16.06
N LEU A 405 0.11 29.61 -17.02
CA LEU A 405 -1.25 29.08 -17.03
C LEU A 405 -1.52 28.26 -15.78
N GLU A 406 -0.56 27.39 -15.41
CA GLU A 406 -0.72 26.60 -14.19
C GLU A 406 -0.79 27.50 -12.96
N ALA A 407 0.09 28.50 -12.88
CA ALA A 407 0.12 29.38 -11.71
C ALA A 407 -1.16 30.19 -11.59
N ALA A 408 -1.65 30.74 -12.70
CA ALA A 408 -2.87 31.54 -12.66
C ALA A 408 -4.07 30.67 -12.31
N THR A 409 -4.16 29.46 -12.87
CA THR A 409 -5.26 28.58 -12.52
C THR A 409 -5.23 28.21 -11.04
N SER A 410 -4.04 27.91 -10.51
CA SER A 410 -3.92 27.61 -9.10
C SER A 410 -4.29 28.80 -8.22
N ALA A 411 -3.87 30.00 -8.63
CA ALA A 411 -4.19 31.20 -7.86
C ALA A 411 -5.70 31.43 -7.81
N VAL A 412 -6.38 31.28 -8.95
CA VAL A 412 -7.83 31.46 -8.97
C VAL A 412 -8.50 30.37 -8.15
N LYS A 413 -7.99 29.14 -8.23
CA LYS A 413 -8.55 28.06 -7.42
C LYS A 413 -8.45 28.38 -5.94
N GLU A 414 -7.32 28.92 -5.51
CA GLU A 414 -7.12 29.16 -4.09
C GLU A 414 -7.91 30.37 -3.60
N VAL A 415 -7.99 31.43 -4.42
CA VAL A 415 -8.63 32.64 -3.92
C VAL A 415 -10.16 32.53 -4.00
N ALA A 416 -10.67 31.71 -4.90
CA ALA A 416 -12.13 31.58 -5.07
C ALA A 416 -12.72 30.55 -4.12
N THR A 417 -12.43 30.71 -2.83
CA THR A 417 -13.01 29.88 -1.78
C THR A 417 -13.68 30.80 -0.77
N LEU A 418 -15.00 30.85 -0.79
CA LEU A 418 -15.75 31.62 0.18
C LEU A 418 -15.66 30.93 1.54
N GLY A 419 -15.09 31.63 2.52
CA GLY A 419 -14.92 31.04 3.84
C GLY A 419 -14.04 29.80 3.77
N VAL A 420 -14.49 28.73 4.41
CA VAL A 420 -13.75 27.47 4.41
C VAL A 420 -14.38 26.49 3.42
N GLU A 445 -17.89 26.81 2.24
CA GLU A 445 -19.00 27.06 3.13
C GLU A 445 -19.43 28.53 3.06
N THR A 446 -20.74 28.77 3.14
CA THR A 446 -21.31 30.09 2.99
C THR A 446 -21.94 30.59 4.29
N TYR A 447 -21.35 30.26 5.44
CA TYR A 447 -21.96 30.59 6.71
C TYR A 447 -22.10 32.11 6.89
N VAL A 448 -21.06 32.86 6.53
CA VAL A 448 -21.12 34.31 6.69
C VAL A 448 -22.18 34.90 5.78
N PHE A 449 -22.27 34.41 4.55
CA PHE A 449 -23.30 34.90 3.63
C PHE A 449 -24.69 34.55 4.11
N GLN A 450 -24.87 33.36 4.68
CA GLN A 450 -26.17 33.00 5.25
C GLN A 450 -26.51 33.87 6.44
N ASP A 451 -25.51 34.22 7.26
CA ASP A 451 -25.76 35.11 8.39
C ASP A 451 -26.14 36.51 7.93
N ASN A 452 -25.49 37.00 6.87
CA ASN A 452 -25.86 38.29 6.31
C ASN A 452 -27.28 38.26 5.75
N LEU A 453 -27.64 37.16 5.09
CA LEU A 453 -29.01 37.00 4.61
C LEU A 453 -29.99 36.95 5.77
N ALA A 454 -29.61 36.33 6.87
CA ALA A 454 -30.47 36.30 8.05
C ALA A 454 -30.67 37.69 8.62
N THR A 455 -29.61 38.50 8.64
CA THR A 455 -29.75 39.89 9.06
C THR A 455 -30.71 40.65 8.14
N ALA A 456 -30.58 40.44 6.84
CA ALA A 456 -31.49 41.06 5.89
C ALA A 456 -32.93 40.64 6.13
N MET A 457 -33.15 39.35 6.42
CA MET A 457 -34.52 38.87 6.66
C MET A 457 -35.06 39.40 7.98
N ARG A 458 -34.20 39.60 8.98
CA ARG A 458 -34.66 40.24 10.22
C ARG A 458 -35.10 41.67 9.95
N ARG A 459 -34.34 42.40 9.13
CA ARG A 459 -34.78 43.74 8.75
C ARG A 459 -36.09 43.70 7.98
N ASP A 460 -36.23 42.71 7.10
CA ASP A 460 -37.48 42.52 6.37
C ASP A 460 -38.65 42.28 7.32
N GLY A 461 -38.44 41.47 8.35
CA GLY A 461 -39.48 41.23 9.33
C GLY A 461 -39.86 42.47 10.10
N GLU A 462 -38.86 43.28 10.47
CA GLU A 462 -39.15 44.54 11.14
C GLU A 462 -40.00 45.46 10.26
N ILE A 463 -39.60 45.64 9.01
CA ILE A 463 -40.33 46.50 8.08
C ILE A 463 -41.75 45.97 7.88
N TYR A 464 -41.89 44.66 7.71
CA TYR A 464 -43.20 44.07 7.48
C TYR A 464 -44.10 44.24 8.69
N GLN A 465 -43.56 44.08 9.90
CA GLN A 465 -44.35 44.29 11.09
C GLN A 465 -44.85 45.73 11.18
N SER A 466 -43.96 46.70 10.88
CA SER A 466 -44.39 48.09 10.89
C SER A 466 -45.50 48.34 9.87
N ILE A 467 -45.34 47.82 8.66
CA ILE A 467 -46.36 48.02 7.63
C ILE A 467 -47.68 47.37 8.03
N VAL A 468 -47.62 46.18 8.61
CA VAL A 468 -48.82 45.49 9.05
C VAL A 468 -49.55 46.30 10.11
N ASN A 469 -48.81 46.83 11.08
CA ASN A 469 -49.43 47.72 12.06
C ASN A 469 -50.02 48.95 11.39
N ASP A 470 -49.43 49.41 10.30
CA ASP A 470 -49.93 50.61 9.64
C ASP A 470 -51.25 50.36 8.89
N ILE A 471 -51.35 49.26 8.15
CA ILE A 471 -52.48 49.13 7.22
C ILE A 471 -53.37 47.93 7.51
N TYR A 472 -52.82 46.88 8.11
CA TYR A 472 -53.60 45.66 8.30
C TYR A 472 -54.46 45.78 9.56
N ASP A 473 -55.37 44.81 9.70
CA ASP A 473 -56.28 44.75 10.85
C ASP A 473 -55.74 43.70 11.81
N VAL A 474 -55.08 44.16 12.87
CA VAL A 474 -54.45 43.28 13.86
C VAL A 474 -55.42 43.13 15.03
N PRO A 475 -56.01 41.96 15.25
CA PRO A 475 -56.91 41.78 16.38
C PRO A 475 -56.16 41.78 17.70
N ARG A 476 -56.84 42.25 18.75
CA ARG A 476 -56.33 42.17 20.10
C ARG A 476 -56.95 40.97 20.80
N ASN A 477 -56.12 40.08 21.32
CA ASN A 477 -56.59 38.84 21.92
C ASN A 477 -56.90 39.08 23.40
N VAL A 478 -58.13 38.79 23.80
CA VAL A 478 -58.56 38.93 25.18
C VAL A 478 -58.57 37.55 25.84
N THR A 479 -58.39 37.54 27.16
CA THR A 479 -58.31 36.32 27.92
C THR A 479 -59.62 35.97 28.64
N ILE A 480 -60.68 36.73 28.38
CA ILE A 480 -61.96 36.47 29.02
C ILE A 480 -62.64 35.27 28.37
N LEU A 492 -60.16 34.76 22.66
CA LEU A 492 -61.04 35.45 21.75
C LEU A 492 -60.38 36.69 21.16
N MET A 493 -60.51 36.87 19.86
CA MET A 493 -59.92 38.01 19.15
C MET A 493 -60.99 39.06 18.94
N ALA A 494 -60.74 40.27 19.43
CA ALA A 494 -61.69 41.38 19.34
C ALA A 494 -61.18 42.37 18.30
N GLU A 495 -61.73 42.27 17.08
CA GLU A 495 -61.39 43.20 16.01
C GLU A 495 -62.26 44.43 16.14
N VAL A 496 -61.68 45.55 16.57
CA VAL A 496 -62.40 46.80 16.78
C VAL A 496 -62.03 47.73 15.65
N VAL A 497 -62.98 48.01 14.76
CA VAL A 497 -62.80 48.92 13.64
C VAL A 497 -64.10 49.70 13.44
N ASP A 498 -64.02 50.76 12.64
CA ASP A 498 -65.19 51.53 12.29
C ASP A 498 -65.00 52.15 10.92
N LEU A 499 -66.12 52.50 10.29
CA LEU A 499 -66.14 53.10 8.96
C LEU A 499 -66.60 54.55 9.06
N ALA A 500 -66.12 55.36 8.12
CA ALA A 500 -66.46 56.77 8.07
C ALA A 500 -67.75 56.97 7.28
N THR A 501 -68.15 58.22 7.10
CA THR A 501 -69.31 58.53 6.28
C THR A 501 -69.06 58.29 4.80
N GLY A 502 -67.79 58.18 4.40
CA GLY A 502 -67.45 57.90 3.03
C GLY A 502 -67.31 56.42 2.76
N GLU A 503 -67.84 55.60 3.66
CA GLU A 503 -67.86 54.14 3.62
C GLU A 503 -66.47 53.53 3.77
N LYS A 504 -65.44 54.32 3.95
CA LYS A 504 -64.09 53.78 4.12
C LYS A 504 -63.87 53.38 5.57
N GLN A 505 -63.41 52.15 5.76
CA GLN A 505 -63.13 51.63 7.10
C GLN A 505 -61.71 51.98 7.49
N VAL A 506 -61.53 52.51 8.70
CA VAL A 506 -60.24 52.88 9.23
C VAL A 506 -59.87 51.92 10.35
N LEU A 507 -58.71 51.29 10.24
CA LEU A 507 -58.25 50.35 11.25
C LEU A 507 -57.94 51.09 12.55
N ASN A 508 -58.23 50.44 13.67
CA ASN A 508 -57.93 50.95 15.00
C ASN A 508 -56.96 49.99 15.66
N ASP A 509 -55.67 50.34 15.65
CA ASP A 509 -54.63 49.51 16.24
C ASP A 509 -54.08 50.20 17.49
N ILE A 510 -54.15 49.50 18.63
CA ILE A 510 -53.64 50.06 19.87
C ILE A 510 -52.12 50.10 19.84
N ARG A 511 -51.54 50.90 20.73
CA ARG A 511 -50.10 51.03 20.81
C ARG A 511 -49.42 49.79 21.39
N GLY A 512 -50.18 48.86 21.95
CA GLY A 512 -49.61 47.59 22.36
C GLY A 512 -49.44 46.65 21.18
N ARG A 513 -48.62 47.07 20.22
CA ARG A 513 -48.47 46.37 18.93
C ARG A 513 -47.18 45.59 18.84
N TYR A 514 -46.08 46.11 19.37
CA TYR A 514 -44.79 45.43 19.30
C TYR A 514 -44.67 44.38 20.40
N GLU A 515 -45.53 43.37 20.31
CA GLU A 515 -45.57 42.29 21.29
C GLU A 515 -44.72 41.09 20.88
N CYS A 516 -44.14 41.10 19.69
CA CYS A 516 -43.33 40.00 19.22
C CYS A 516 -42.07 40.55 18.55
N TYR A 517 -40.97 39.82 18.71
CA TYR A 517 -39.70 40.18 18.10
C TYR A 517 -39.40 39.24 16.95
N THR A 518 -38.35 39.57 16.21
CA THR A 518 -38.01 38.92 14.94
C THR A 518 -36.83 37.99 15.14
N ASP A 519 -36.94 36.78 14.60
CA ASP A 519 -35.87 35.80 14.55
C ASP A 519 -35.84 35.20 13.15
N VAL A 520 -34.92 34.27 12.93
CA VAL A 520 -34.73 33.64 11.63
C VAL A 520 -34.96 32.15 11.78
N GLY A 521 -35.80 31.58 10.90
CA GLY A 521 -36.09 30.17 10.94
C GLY A 521 -36.28 29.60 9.54
N PRO A 522 -36.61 28.32 9.47
CA PRO A 522 -36.83 27.69 8.15
C PRO A 522 -38.05 28.30 7.46
N SER A 523 -38.01 28.26 6.13
CA SER A 523 -39.08 28.86 5.33
C SER A 523 -40.23 27.87 5.18
N PHE A 524 -41.42 28.29 5.59
CA PHE A 524 -42.62 27.47 5.51
C PHE A 524 -43.69 28.22 4.73
N GLN A 525 -44.46 27.48 3.93
CA GLN A 525 -45.47 28.12 3.08
C GLN A 525 -46.77 28.40 3.82
N SER A 526 -46.96 27.85 5.01
CA SER A 526 -48.19 28.05 5.76
C SER A 526 -47.94 27.74 7.22
N MET A 527 -48.89 28.15 8.07
CA MET A 527 -48.78 27.86 9.49
C MET A 527 -48.93 26.38 9.79
N LYS A 528 -49.75 25.67 9.00
CA LYS A 528 -49.93 24.23 9.21
C LYS A 528 -48.64 23.48 8.96
N GLN A 529 -47.88 23.88 7.94
CA GLN A 529 -46.58 23.25 7.69
C GLN A 529 -45.63 23.49 8.85
N GLN A 530 -45.62 24.70 9.40
CA GLN A 530 -44.78 24.99 10.55
C GLN A 530 -45.18 24.16 11.76
N ASN A 531 -46.49 24.01 11.99
CA ASN A 531 -46.95 23.17 13.10
C ASN A 531 -46.53 21.72 12.90
N ARG A 532 -46.66 21.21 11.67
CA ARG A 532 -46.22 19.84 11.38
C ARG A 532 -44.73 19.68 11.62
N ALA A 533 -43.93 20.65 11.19
CA ALA A 533 -42.49 20.58 11.41
C ALA A 533 -42.15 20.60 12.90
N GLU A 534 -42.84 21.45 13.67
CA GLU A 534 -42.59 21.50 15.10
C GLU A 534 -42.97 20.19 15.78
N ILE A 535 -44.11 19.60 15.38
CA ILE A 535 -44.52 18.33 15.96
C ILE A 535 -43.52 17.23 15.63
N LEU A 536 -43.04 17.20 14.39
CA LEU A 536 -42.04 16.20 14.01
C LEU A 536 -40.74 16.40 14.77
N GLU A 537 -40.33 17.66 14.96
CA GLU A 537 -39.11 17.93 15.71
C GLU A 537 -39.23 17.48 17.16
N LEU A 538 -40.38 17.75 17.78
CA LEU A 538 -40.61 17.28 19.14
C LEU A 538 -40.63 15.75 19.19
N LEU A 539 -41.22 15.12 18.17
CA LEU A 539 -41.33 13.66 18.15
C LEU A 539 -39.96 13.00 18.07
N GLY A 540 -39.00 13.67 17.43
CA GLY A 540 -37.68 13.08 17.25
C GLY A 540 -36.84 13.05 18.51
N LYS A 541 -37.26 13.77 19.55
CA LYS A 541 -36.54 13.80 20.81
C LYS A 541 -37.28 13.16 21.96
N THR A 542 -38.58 12.94 21.84
CA THR A 542 -39.36 12.34 22.92
C THR A 542 -39.23 10.83 22.88
N PRO A 543 -38.88 10.18 23.98
CA PRO A 543 -38.82 8.71 24.00
C PRO A 543 -40.22 8.11 23.90
N GLN A 544 -40.25 6.81 23.61
CA GLN A 544 -41.52 6.14 23.34
C GLN A 544 -42.33 5.92 24.62
N GLY A 545 -42.81 7.02 25.21
CA GLY A 545 -43.69 6.94 26.36
C GLY A 545 -45.09 7.39 26.03
N THR A 546 -45.74 8.10 26.96
CA THR A 546 -47.06 8.66 26.71
C THR A 546 -47.00 9.94 25.89
N PRO A 547 -46.07 10.87 26.15
CA PRO A 547 -45.96 12.04 25.26
C PRO A 547 -45.67 11.67 23.81
N GLU A 548 -44.99 10.55 23.56
CA GLU A 548 -44.79 10.11 22.19
C GLU A 548 -46.13 9.80 21.53
N TYR A 549 -47.02 9.11 22.24
CA TYR A 549 -48.35 8.86 21.71
C TYR A 549 -49.13 10.16 21.51
N GLN A 550 -49.01 11.08 22.46
CA GLN A 550 -49.67 12.38 22.32
C GLN A 550 -49.22 13.10 21.05
N LEU A 551 -47.91 13.12 20.82
CA LEU A 551 -47.37 13.83 19.66
C LEU A 551 -47.70 13.11 18.36
N LEU A 552 -47.76 11.77 18.37
CA LEU A 552 -48.18 11.06 17.17
C LEU A 552 -49.63 11.37 16.82
N LEU A 553 -50.51 11.38 17.82
CA LEU A 553 -51.90 11.75 17.57
C LEU A 553 -51.99 13.19 17.09
N LEU A 554 -51.14 14.07 17.64
CA LEU A 554 -51.14 15.46 17.20
C LEU A 554 -50.61 15.61 15.77
N GLN A 555 -49.69 14.74 15.36
CA GLN A 555 -49.23 14.78 13.98
C GLN A 555 -50.32 14.30 13.03
N TYR A 556 -51.03 13.24 13.41
CA TYR A 556 -52.19 12.82 12.62
C TYR A 556 -53.30 13.87 12.65
N PHE A 557 -53.32 14.73 13.67
CA PHE A 557 -54.27 15.84 13.72
C PHE A 557 -54.13 16.76 12.51
N THR A 558 -52.91 17.22 12.23
CA THR A 558 -52.70 18.32 11.29
C THR A 558 -52.28 17.84 9.90
N LEU A 559 -52.82 16.73 9.44
CA LEU A 559 -52.49 16.22 8.12
C LEU A 559 -53.52 16.68 7.10
N LEU A 560 -53.04 16.93 5.88
CA LEU A 560 -53.91 17.28 4.76
C LEU A 560 -54.91 16.16 4.51
N ASP A 561 -55.93 16.46 3.70
CA ASP A 561 -57.08 15.58 3.58
C ASP A 561 -57.14 14.93 2.21
N GLY A 562 -57.20 13.60 2.21
CA GLY A 562 -57.62 12.82 1.06
C GLY A 562 -58.89 12.10 1.44
N LYS A 563 -58.86 10.76 1.42
CA LYS A 563 -59.98 9.97 1.89
C LYS A 563 -59.62 9.08 3.07
N GLY A 564 -58.56 8.27 2.95
CA GLY A 564 -58.13 7.45 4.08
C GLY A 564 -57.50 8.27 5.19
N VAL A 565 -56.64 9.22 4.82
CA VAL A 565 -56.02 10.07 5.85
C VAL A 565 -57.07 10.89 6.56
N GLU A 566 -58.20 11.16 5.92
CA GLU A 566 -59.34 11.75 6.62
C GLU A 566 -59.82 10.84 7.74
N MET A 567 -59.92 9.54 7.45
CA MET A 567 -60.33 8.59 8.48
C MET A 567 -59.31 8.54 9.61
N MET A 568 -58.02 8.55 9.27
CA MET A 568 -56.98 8.51 10.29
C MET A 568 -57.02 9.75 11.18
N ARG A 569 -57.25 10.92 10.57
CA ARG A 569 -57.31 12.15 11.36
C ARG A 569 -58.57 12.19 12.21
N ASP A 570 -59.68 11.65 11.72
CA ASP A 570 -60.88 11.55 12.55
C ASP A 570 -60.64 10.62 13.74
N TYR A 571 -59.94 9.51 13.52
CA TYR A 571 -59.58 8.62 14.61
C TYR A 571 -58.70 9.33 15.63
N ALA A 572 -57.73 10.11 15.16
CA ALA A 572 -56.88 10.87 16.08
C ALA A 572 -57.69 11.91 16.85
N ASN A 573 -58.65 12.56 16.17
CA ASN A 573 -59.55 13.50 16.83
C ASN A 573 -60.28 12.82 17.97
N LYS A 574 -60.89 11.67 17.70
CA LYS A 574 -61.65 10.97 18.72
C LYS A 574 -60.75 10.52 19.86
N GLN A 575 -59.55 10.03 19.54
CA GLN A 575 -58.64 9.57 20.59
C GLN A 575 -58.20 10.72 21.48
N LEU A 576 -57.91 11.88 20.89
CA LEU A 576 -57.48 13.02 21.68
C LEU A 576 -58.61 13.56 22.55
N ILE A 577 -59.83 13.62 22.00
CA ILE A 577 -60.96 14.13 22.79
C ILE A 577 -61.30 13.16 23.92
N GLN A 578 -61.34 11.87 23.62
CA GLN A 578 -61.73 10.88 24.64
C GLN A 578 -60.70 10.74 25.75
N MET A 579 -59.46 11.17 25.51
CA MET A 579 -58.38 11.07 26.48
C MET A 579 -58.29 12.31 27.37
N GLY A 580 -59.19 13.28 27.20
CA GLY A 580 -59.23 14.45 28.04
C GLY A 580 -58.18 15.49 27.73
N VAL A 581 -57.35 15.28 26.71
CA VAL A 581 -56.29 16.22 26.36
C VAL A 581 -56.85 17.40 25.58
N LYS A 582 -57.75 17.15 24.64
CA LYS A 582 -58.34 18.21 23.83
C LYS A 582 -59.66 18.67 24.44
N LYS A 583 -59.99 19.93 24.19
CA LYS A 583 -61.26 20.50 24.63
C LYS A 583 -62.27 20.38 23.51
N PRO A 584 -63.38 19.67 23.70
CA PRO A 584 -64.38 19.57 22.63
C PRO A 584 -64.97 20.92 22.27
N GLU A 585 -65.23 21.12 20.98
CA GLU A 585 -65.86 22.33 20.48
C GLU A 585 -67.23 22.07 19.89
N THR A 586 -67.33 21.16 18.92
CA THR A 586 -68.48 20.64 18.22
C THR A 586 -69.23 19.65 19.11
N PRO A 587 -70.56 19.61 19.07
CA PRO A 587 -71.30 18.66 19.92
C PRO A 587 -70.93 17.20 19.67
N GLU A 588 -70.46 16.86 18.47
CA GLU A 588 -69.98 15.50 18.22
C GLU A 588 -68.87 15.13 19.19
N GLU A 589 -67.86 16.01 19.31
CA GLU A 589 -66.83 15.80 20.31
C GLU A 589 -67.39 15.83 21.72
N GLN A 590 -68.49 16.58 21.92
CA GLN A 590 -69.11 16.63 23.24
C GLN A 590 -69.61 15.26 23.67
N GLN A 591 -70.40 14.59 22.84
CA GLN A 591 -70.84 13.29 23.31
C GLN A 591 -69.79 12.21 23.10
N TRP A 592 -68.75 12.46 22.30
CA TRP A 592 -67.57 11.58 22.36
C TRP A 592 -66.96 11.60 23.75
N LEU A 593 -66.77 12.79 24.31
CA LEU A 593 -66.24 12.91 25.67
C LEU A 593 -67.24 12.33 26.68
N VAL A 594 -68.53 12.49 26.42
CA VAL A 594 -69.55 11.92 27.30
C VAL A 594 -69.43 10.39 27.34
N GLU A 595 -69.29 9.77 26.17
CA GLU A 595 -69.12 8.31 26.12
C GLU A 595 -67.81 7.89 26.78
N ALA A 596 -66.75 8.67 26.59
CA ALA A 596 -65.49 8.36 27.24
C ALA A 596 -65.62 8.39 28.76
N GLN A 597 -66.33 9.40 29.28
CA GLN A 597 -66.54 9.49 30.73
C GLN A 597 -67.41 8.34 31.22
N GLN A 598 -68.42 7.96 30.45
CA GLN A 598 -69.27 6.83 30.83
C GLN A 598 -68.45 5.54 30.90
N ALA A 599 -67.56 5.33 29.92
CA ALA A 599 -66.68 4.17 29.97
C ALA A 599 -65.73 4.25 31.15
N LYS A 600 -65.25 5.45 31.47
CA LYS A 600 -64.36 5.64 32.61
C LYS A 600 -65.06 5.25 33.92
N GLN A 601 -66.31 5.65 34.08
CA GLN A 601 -67.06 5.31 35.28
C GLN A 601 -67.40 3.82 35.35
N GLY A 602 -67.22 3.08 34.25
CA GLY A 602 -67.60 1.69 34.21
C GLY A 602 -66.45 0.70 34.10
N GLN A 603 -65.31 1.01 34.70
CA GLN A 603 -64.19 0.08 34.77
C GLN A 603 -64.00 -0.40 36.20
N GLN A 604 -63.67 -1.68 36.34
CA GLN A 604 -63.36 -2.27 37.63
C GLN A 604 -62.44 -3.46 37.40
N ASP A 605 -61.47 -3.63 38.28
CA ASP A 605 -60.46 -4.66 38.11
C ASP A 605 -60.74 -5.86 39.00
N PRO A 606 -60.42 -7.07 38.54
CA PRO A 606 -60.74 -8.27 39.34
C PRO A 606 -60.05 -8.31 40.70
N ALA A 607 -58.83 -7.79 40.80
CA ALA A 607 -58.14 -7.80 42.08
C ALA A 607 -58.87 -6.95 43.11
N MET A 608 -59.37 -5.78 42.71
CA MET A 608 -60.16 -4.95 43.60
C MET A 608 -61.40 -5.68 44.11
N VAL A 609 -62.11 -6.37 43.21
CA VAL A 609 -63.34 -7.03 43.60
C VAL A 609 -63.06 -8.21 44.53
N GLN A 610 -62.01 -8.99 44.24
CA GLN A 610 -61.63 -10.08 45.14
C GLN A 610 -61.23 -9.55 46.52
N ALA A 611 -60.45 -8.46 46.54
CA ALA A 611 -60.04 -7.88 47.81
C ALA A 611 -61.25 -7.39 48.60
N GLN A 612 -62.20 -6.75 47.91
CA GLN A 612 -63.43 -6.32 48.57
C GLN A 612 -64.19 -7.51 49.13
N GLY A 613 -64.24 -8.61 48.38
CA GLY A 613 -64.93 -9.80 48.87
C GLY A 613 -64.31 -10.34 50.14
N VAL A 614 -62.98 -10.46 50.17
CA VAL A 614 -62.31 -10.97 51.36
C VAL A 614 -62.51 -10.02 52.54
N LEU A 615 -62.34 -8.72 52.30
CA LEU A 615 -62.49 -7.74 53.37
C LEU A 615 -63.89 -7.77 53.95
N LEU A 616 -64.90 -7.87 53.08
CA LEU A 616 -66.29 -7.85 53.54
C LEU A 616 -66.68 -9.16 54.22
N GLN A 617 -66.12 -10.29 53.76
CA GLN A 617 -66.27 -11.53 54.52
C GLN A 617 -65.73 -11.38 55.93
N GLY A 618 -64.55 -10.77 56.06
CA GLY A 618 -63.98 -10.55 57.38
C GLY A 618 -64.82 -9.64 58.24
N GLN A 619 -65.34 -8.57 57.66
CA GLN A 619 -66.20 -7.65 58.42
C GLN A 619 -67.46 -8.34 58.91
N ALA A 620 -68.08 -9.15 58.05
CA ALA A 620 -69.29 -9.83 58.48
C ALA A 620 -69.00 -10.92 59.51
N GLU A 621 -67.82 -11.52 59.44
CA GLU A 621 -67.47 -12.49 60.48
C GLU A 621 -67.10 -11.78 61.79
N LEU A 622 -66.62 -10.54 61.71
CA LEU A 622 -66.57 -9.68 62.89
C LEU A 622 -67.96 -9.47 63.48
N ALA A 623 -68.94 -9.20 62.61
CA ALA A 623 -70.31 -9.06 63.07
C ALA A 623 -70.80 -10.34 63.74
N LYS A 624 -70.46 -11.49 63.14
CA LYS A 624 -70.84 -12.78 63.72
C LYS A 624 -70.21 -12.97 65.10
N ALA A 625 -68.95 -12.57 65.26
CA ALA A 625 -68.32 -12.64 66.57
C ALA A 625 -69.04 -11.77 67.59
N GLN A 626 -69.44 -10.56 67.18
CA GLN A 626 -70.19 -9.68 68.09
C GLN A 626 -71.53 -10.31 68.48
N ASN A 627 -72.22 -10.92 67.50
CA ASN A 627 -73.46 -11.62 67.82
C ASN A 627 -73.22 -12.76 68.77
N GLN A 628 -72.08 -13.44 68.63
CA GLN A 628 -71.74 -14.50 69.58
C GLN A 628 -71.56 -13.95 70.99
N THR A 629 -70.90 -12.79 71.11
CA THR A 629 -70.80 -12.13 72.41
C THR A 629 -72.19 -11.88 72.99
N LEU A 630 -73.07 -11.27 72.19
CA LEU A 630 -74.40 -10.92 72.69
C LEU A 630 -75.20 -12.15 73.09
N SER A 631 -75.17 -13.19 72.25
CA SER A 631 -75.93 -14.41 72.55
C SER A 631 -75.39 -15.10 73.79
N LEU A 632 -74.07 -15.15 73.95
CA LEU A 632 -73.51 -15.78 75.13
C LEU A 632 -73.86 -15.01 76.40
N GLN A 633 -73.84 -13.67 76.33
CA GLN A 633 -74.24 -12.88 77.49
C GLN A 633 -75.72 -13.11 77.84
N ILE A 634 -76.57 -13.19 76.82
CA ILE A 634 -78.00 -13.38 77.08
C ILE A 634 -78.27 -14.77 77.64
N ASP A 635 -77.59 -15.79 77.08
CA ASP A 635 -77.71 -17.14 77.63
C ASP A 635 -77.18 -17.19 79.06
N ALA A 636 -76.15 -16.41 79.37
CA ALA A 636 -75.67 -16.31 80.75
C ALA A 636 -76.74 -15.73 81.66
N ALA A 637 -77.41 -14.67 81.20
CA ALA A 637 -78.49 -14.08 81.98
C ALA A 637 -79.60 -15.10 82.23
N LYS A 638 -79.96 -15.85 81.20
CA LYS A 638 -80.94 -16.93 81.36
C LYS A 638 -80.44 -17.96 82.37
N VAL A 639 -79.15 -18.26 82.34
CA VAL A 639 -78.58 -19.24 83.26
C VAL A 639 -78.71 -18.78 84.71
N GLU A 640 -78.35 -17.52 84.98
CA GLU A 640 -78.50 -17.02 86.35
C GLU A 640 -79.97 -16.94 86.76
N ALA A 641 -80.86 -16.58 85.83
CA ALA A 641 -82.28 -16.56 86.17
C ALA A 641 -82.77 -17.95 86.54
N GLN A 642 -82.38 -18.97 85.76
CA GLN A 642 -82.80 -20.33 86.06
C GLN A 642 -82.21 -20.81 87.37
N ASN A 643 -80.95 -20.47 87.65
CA ASN A 643 -80.32 -20.87 88.91
C ASN A 643 -81.03 -20.22 90.09
N GLN A 644 -81.38 -18.94 89.98
CA GLN A 644 -82.12 -18.27 91.04
C GLN A 644 -83.48 -18.90 91.25
N LEU A 645 -84.17 -19.25 90.16
CA LEU A 645 -85.47 -19.90 90.29
C LEU A 645 -85.35 -21.26 90.97
N ASN A 646 -84.32 -22.03 90.59
CA ASN A 646 -84.12 -23.34 91.22
C ASN A 646 -83.73 -23.20 92.68
N ALA A 647 -82.86 -22.24 93.00
CA ALA A 647 -82.42 -22.03 94.37
C ALA A 647 -83.49 -21.32 95.19
N MET B 1 16.99 19.21 -84.83
CA MET B 1 18.38 19.35 -84.45
C MET B 1 19.30 19.18 -85.66
N GLN B 2 20.44 19.87 -85.63
CA GLN B 2 21.42 19.75 -86.71
C GLN B 2 22.31 18.53 -86.54
N ILE B 3 22.30 17.90 -85.37
CA ILE B 3 23.09 16.70 -85.11
C ILE B 3 22.17 15.51 -85.32
N LYS B 4 22.25 14.89 -86.49
CA LYS B 4 21.31 13.84 -86.88
C LYS B 4 21.95 12.50 -87.18
N THR B 5 23.27 12.39 -87.13
CA THR B 5 23.96 11.15 -87.45
C THR B 5 25.01 10.85 -86.39
N LYS B 6 25.50 9.61 -86.40
CA LYS B 6 26.58 9.23 -85.49
C LYS B 6 27.84 10.04 -85.77
N GLY B 7 28.16 10.23 -87.05
CA GLY B 7 29.31 11.06 -87.39
C GLY B 7 29.17 12.49 -86.92
N ASP B 8 27.95 13.02 -86.92
CA ASP B 8 27.74 14.35 -86.37
C ASP B 8 28.09 14.40 -84.89
N LEU B 9 27.72 13.35 -84.14
CA LEU B 9 28.11 13.27 -82.74
C LEU B 9 29.62 13.19 -82.60
N VAL B 10 30.28 12.44 -83.49
CA VAL B 10 31.74 12.32 -83.42
C VAL B 10 32.39 13.67 -83.67
N ARG B 11 31.92 14.40 -84.69
CA ARG B 11 32.48 15.72 -84.96
C ARG B 11 32.22 16.69 -83.82
N ALA B 12 31.04 16.61 -83.20
CA ALA B 12 30.76 17.46 -82.06
C ALA B 12 31.71 17.17 -80.90
N ALA B 13 31.96 15.89 -80.63
CA ALA B 13 32.91 15.53 -79.57
C ALA B 13 34.31 16.02 -79.89
N LEU B 14 34.75 15.86 -81.14
CA LEU B 14 36.08 16.31 -81.52
C LEU B 14 36.20 17.83 -81.43
N ARG B 15 35.14 18.55 -81.79
CA ARG B 15 35.13 20.00 -81.64
C ARG B 15 35.19 20.39 -80.17
N LYS B 16 34.49 19.64 -79.31
CA LYS B 16 34.56 19.89 -77.87
C LYS B 16 35.97 19.71 -77.36
N LEU B 17 36.66 18.66 -77.79
CA LEU B 17 38.03 18.42 -77.35
C LEU B 17 39.03 19.37 -77.98
N GLY B 18 38.66 20.09 -79.03
CA GLY B 18 39.60 20.92 -79.75
C GLY B 18 40.52 20.16 -80.67
N VAL B 19 40.30 18.85 -80.84
CA VAL B 19 41.16 18.05 -81.72
C VAL B 19 40.94 18.44 -83.16
N ALA B 20 39.68 18.57 -83.59
CA ALA B 20 39.37 18.94 -84.95
C ALA B 20 38.02 19.65 -84.98
N SER B 21 37.82 20.42 -86.05
CA SER B 21 36.57 21.15 -86.25
C SER B 21 36.48 21.55 -87.71
N ASP B 22 35.34 22.10 -88.08
CA ASP B 22 35.18 22.62 -89.44
C ASP B 22 35.90 23.94 -89.65
N ALA B 23 36.40 24.56 -88.57
CA ALA B 23 37.16 25.81 -88.67
C ALA B 23 38.67 25.60 -88.71
N THR B 24 39.16 24.49 -88.19
CA THR B 24 40.59 24.24 -88.15
C THR B 24 41.12 23.93 -89.55
N LEU B 25 42.44 23.96 -89.68
CA LEU B 25 43.10 23.71 -90.96
C LEU B 25 43.48 22.26 -91.18
N THR B 26 43.56 21.46 -90.12
CA THR B 26 43.88 20.04 -90.22
C THR B 26 42.81 19.23 -89.52
N ASP B 27 42.14 18.35 -90.25
CA ASP B 27 41.12 17.47 -89.70
C ASP B 27 41.68 16.06 -89.56
N VAL B 28 41.09 15.28 -88.65
CA VAL B 28 41.57 13.93 -88.39
C VAL B 28 41.30 13.04 -89.60
N GLU B 29 42.09 11.97 -89.70
CA GLU B 29 41.91 10.99 -90.74
C GLU B 29 40.57 10.30 -90.58
N PRO B 30 39.92 9.90 -91.68
CA PRO B 30 38.65 9.17 -91.56
C PRO B 30 38.75 7.90 -90.74
N GLN B 31 39.94 7.31 -90.63
CA GLN B 31 40.11 6.17 -89.74
C GLN B 31 39.90 6.57 -88.28
N SER B 32 40.34 7.78 -87.91
CA SER B 32 40.07 8.27 -86.57
C SER B 32 38.57 8.44 -86.34
N MET B 33 37.84 8.92 -87.36
CA MET B 33 36.40 9.03 -87.24
C MET B 33 35.75 7.66 -87.07
N GLN B 34 36.23 6.66 -87.81
CA GLN B 34 35.70 5.31 -87.66
C GLN B 34 35.97 4.77 -86.27
N ASP B 35 37.17 5.03 -85.74
CA ASP B 35 37.49 4.59 -84.38
C ASP B 35 36.60 5.26 -83.36
N ALA B 36 36.33 6.56 -83.54
CA ALA B 36 35.42 7.27 -82.64
C ALA B 36 34.01 6.71 -82.73
N VAL B 37 33.55 6.36 -83.93
CA VAL B 37 32.23 5.76 -84.08
C VAL B 37 32.18 4.40 -83.38
N ASP B 38 33.25 3.63 -83.49
CA ASP B 38 33.31 2.34 -82.78
C ASP B 38 33.25 2.55 -81.28
N ASP B 39 33.96 3.56 -80.77
CA ASP B 39 33.91 3.87 -79.34
C ASP B 39 32.51 4.29 -78.92
N LEU B 40 31.83 5.09 -79.75
CA LEU B 40 30.47 5.50 -79.44
C LEU B 40 29.54 4.30 -79.39
N GLU B 41 29.66 3.39 -80.34
CA GLU B 41 28.82 2.19 -80.35
C GLU B 41 29.07 1.33 -79.12
N ALA B 42 30.34 1.15 -78.75
CA ALA B 42 30.66 0.36 -77.57
C ALA B 42 30.10 1.01 -76.30
N MET B 43 30.25 2.33 -76.18
CA MET B 43 29.72 3.03 -75.02
C MET B 43 28.21 2.91 -74.94
N MET B 44 27.52 3.09 -76.07
CA MET B 44 26.07 3.02 -76.07
C MET B 44 25.59 1.61 -75.74
N ALA B 45 26.29 0.59 -76.24
CA ALA B 45 25.94 -0.78 -75.86
C ALA B 45 26.16 -1.01 -74.38
N GLU B 46 27.24 -0.43 -73.82
CA GLU B 46 27.48 -0.56 -72.39
C GLU B 46 26.39 0.11 -71.57
N TRP B 47 25.97 1.31 -71.96
CA TRP B 47 24.89 2.00 -71.26
C TRP B 47 23.59 1.20 -71.35
N TYR B 48 23.20 0.84 -72.57
CA TYR B 48 21.98 0.10 -72.84
C TYR B 48 22.28 -1.38 -72.59
N GLN B 49 22.18 -1.80 -71.33
CA GLN B 49 22.52 -3.16 -70.94
C GLN B 49 21.41 -4.13 -71.37
N ASP B 50 21.26 -4.25 -72.69
CA ASP B 50 20.25 -5.11 -73.30
C ASP B 50 18.85 -4.77 -72.79
N GLY B 51 18.57 -3.48 -72.65
CA GLY B 51 17.27 -3.01 -72.21
C GLY B 51 17.13 -2.79 -70.73
N LYS B 52 18.14 -3.13 -69.92
CA LYS B 52 18.08 -2.96 -68.48
C LYS B 52 18.96 -1.81 -68.00
N GLY B 53 19.37 -0.92 -68.89
CA GLY B 53 20.22 0.20 -68.52
C GLY B 53 19.59 1.55 -68.78
N ILE B 54 20.26 2.38 -69.57
CA ILE B 54 19.78 3.72 -69.90
C ILE B 54 19.08 3.64 -71.25
N ILE B 55 17.81 3.97 -71.27
CA ILE B 55 17.02 3.98 -72.50
C ILE B 55 17.17 5.33 -73.16
N THR B 56 17.59 5.33 -74.43
CA THR B 56 17.87 6.56 -75.15
C THR B 56 17.27 6.63 -76.55
N GLY B 57 16.78 5.52 -77.08
CA GLY B 57 16.34 5.50 -78.46
C GLY B 57 17.44 5.32 -79.48
N TYR B 58 18.67 5.08 -79.03
CA TYR B 58 19.78 4.86 -79.94
C TYR B 58 19.51 3.64 -80.83
N VAL B 59 19.83 3.78 -82.10
CA VAL B 59 19.66 2.69 -83.07
C VAL B 59 21.03 2.13 -83.38
N PHE B 60 21.21 0.83 -83.10
CA PHE B 60 22.49 0.17 -83.32
C PHE B 60 22.59 -0.30 -84.76
N SER B 61 23.66 0.12 -85.43
CA SER B 61 23.85 -0.23 -86.84
C SER B 61 24.15 -1.72 -86.98
N ASP B 62 23.79 -2.27 -88.13
CA ASP B 62 24.04 -3.67 -88.44
C ASP B 62 25.29 -3.83 -89.29
N ASP B 63 25.79 -5.07 -89.34
CA ASP B 63 27.01 -5.35 -90.10
C ASP B 63 26.75 -5.31 -91.60
N GLU B 64 25.52 -5.62 -92.03
CA GLU B 64 25.22 -5.65 -93.46
C GLU B 64 25.40 -4.28 -94.10
N ASN B 65 24.94 -3.23 -93.44
CA ASN B 65 25.11 -1.88 -93.96
C ASN B 65 26.57 -1.48 -93.81
N PRO B 66 27.27 -1.15 -94.89
CA PRO B 66 28.72 -0.92 -94.81
C PRO B 66 29.08 0.26 -93.91
N PRO B 67 28.56 1.48 -94.16
CA PRO B 67 29.07 2.62 -93.38
C PRO B 67 28.34 2.80 -92.06
N ALA B 68 29.07 2.66 -90.95
CA ALA B 68 28.49 2.96 -89.64
C ALA B 68 28.22 4.46 -89.51
N GLU B 69 29.14 5.29 -89.99
CA GLU B 69 28.89 6.71 -90.10
C GLU B 69 27.89 6.97 -91.22
N GLY B 70 26.90 7.80 -90.94
CA GLY B 70 25.87 8.15 -91.90
C GLY B 70 24.47 7.75 -91.49
N ASP B 71 24.32 6.79 -90.59
CA ASP B 71 23.01 6.39 -90.10
C ASP B 71 22.58 7.30 -88.96
N ASP B 72 21.29 7.59 -88.90
CA ASP B 72 20.75 8.41 -87.83
C ASP B 72 20.89 7.70 -86.50
N HIS B 73 21.31 8.44 -85.47
CA HIS B 73 21.48 7.84 -84.15
C HIS B 73 20.14 7.49 -83.52
N GLY B 74 19.08 8.20 -83.88
CA GLY B 74 17.77 7.97 -83.30
C GLY B 74 17.55 8.58 -81.94
N LEU B 75 18.52 9.32 -81.41
CA LEU B 75 18.37 9.92 -80.10
C LEU B 75 17.33 11.05 -80.14
N ARG B 76 16.74 11.33 -78.98
CA ARG B 76 15.87 12.48 -78.86
C ARG B 76 16.71 13.76 -78.82
N SER B 77 16.02 14.89 -78.93
CA SER B 77 16.72 16.18 -78.94
C SER B 77 17.43 16.42 -77.61
N SER B 78 16.82 16.03 -76.50
CA SER B 78 17.37 16.30 -75.18
C SER B 78 18.54 15.40 -74.83
N ALA B 79 18.84 14.38 -75.63
CA ALA B 79 19.89 13.42 -75.30
C ALA B 79 21.20 13.64 -76.04
N VAL B 80 21.22 14.50 -77.06
CA VAL B 80 22.37 14.61 -77.93
C VAL B 80 23.58 15.16 -77.17
N SER B 81 23.34 16.18 -76.34
CA SER B 81 24.43 16.87 -75.66
C SER B 81 25.17 15.94 -74.71
N ALA B 82 24.43 15.19 -73.90
CA ALA B 82 25.04 14.24 -72.98
C ALA B 82 25.84 13.19 -73.71
N VAL B 83 25.27 12.68 -74.80
CA VAL B 83 25.91 11.61 -75.56
C VAL B 83 27.26 12.10 -76.11
N PHE B 84 27.27 13.25 -76.76
CA PHE B 84 28.52 13.66 -77.39
C PHE B 84 29.52 14.20 -76.37
N HIS B 85 29.06 14.72 -75.24
CA HIS B 85 30.00 15.11 -74.18
C HIS B 85 30.68 13.88 -73.59
N ASN B 86 29.90 12.83 -73.30
CA ASN B 86 30.50 11.59 -72.81
C ASN B 86 31.42 10.98 -73.86
N LEU B 87 31.05 11.10 -75.13
CA LEU B 87 31.92 10.58 -76.20
C LEU B 87 33.25 11.33 -76.23
N ALA B 88 33.22 12.65 -76.07
CA ALA B 88 34.45 13.43 -76.02
C ALA B 88 35.31 12.98 -74.84
N CYS B 89 34.68 12.80 -73.67
CA CYS B 89 35.41 12.30 -72.51
C CYS B 89 36.03 10.94 -72.76
N ARG B 90 35.31 10.04 -73.42
CA ARG B 90 35.81 8.69 -73.67
C ARG B 90 36.92 8.64 -74.72
N ILE B 91 36.87 9.49 -75.74
CA ILE B 91 37.86 9.45 -76.81
C ILE B 91 39.01 10.41 -76.57
N ALA B 92 38.96 11.23 -75.52
CA ALA B 92 40.12 12.04 -75.18
C ALA B 92 41.41 11.25 -74.98
N PRO B 93 41.43 10.09 -74.29
CA PRO B 93 42.71 9.38 -74.12
C PRO B 93 43.35 8.91 -75.41
N ASP B 94 42.59 8.81 -76.50
CA ASP B 94 43.18 8.35 -77.77
C ASP B 94 44.28 9.31 -78.24
N TYR B 95 44.07 10.61 -78.05
CA TYR B 95 44.98 11.63 -78.55
C TYR B 95 45.92 12.14 -77.47
N ALA B 96 46.19 11.34 -76.44
CA ALA B 96 47.04 11.74 -75.32
C ALA B 96 46.54 13.03 -74.69
N LEU B 97 45.23 13.16 -74.59
CA LEU B 97 44.56 14.34 -74.07
C LEU B 97 43.83 14.01 -72.78
N GLU B 98 43.21 15.03 -72.20
CA GLU B 98 42.38 14.86 -71.01
C GLU B 98 41.29 15.92 -71.06
N ALA B 99 40.04 15.47 -71.06
CA ALA B 99 38.93 16.40 -71.17
C ALA B 99 38.92 17.36 -70.00
N THR B 100 38.63 18.63 -70.28
CA THR B 100 38.65 19.66 -69.26
C THR B 100 37.53 19.42 -68.25
N ALA B 101 37.61 20.13 -67.12
CA ALA B 101 36.68 19.89 -66.02
C ALA B 101 35.25 20.21 -66.42
N LYS B 102 35.05 21.24 -67.25
CA LYS B 102 33.70 21.60 -67.68
C LYS B 102 33.05 20.47 -68.47
N ILE B 103 33.84 19.82 -69.34
CA ILE B 103 33.29 18.71 -70.13
C ILE B 103 32.90 17.55 -69.23
N ILE B 104 33.71 17.25 -68.21
CA ILE B 104 33.39 16.16 -67.30
C ILE B 104 32.12 16.48 -66.51
N ALA B 105 32.00 17.72 -66.02
CA ALA B 105 30.79 18.10 -65.29
C ALA B 105 29.56 18.02 -66.17
N THR B 106 29.67 18.49 -67.43
CA THR B 106 28.54 18.42 -68.34
C THR B 106 28.18 16.97 -68.65
N ALA B 107 29.18 16.10 -68.78
CA ALA B 107 28.89 14.69 -69.03
C ALA B 107 28.15 14.05 -67.86
N LYS B 108 28.60 14.33 -66.63
CA LYS B 108 27.92 13.81 -65.45
C LYS B 108 26.47 14.29 -65.40
N TYR B 109 26.27 15.60 -65.57
CA TYR B 109 24.93 16.17 -65.53
C TYR B 109 24.05 15.58 -66.62
N GLY B 110 24.60 15.41 -67.83
CA GLY B 110 23.81 14.87 -68.92
C GLY B 110 23.42 13.42 -68.71
N LYS B 111 24.33 12.61 -68.18
CA LYS B 111 23.99 11.22 -67.88
C LYS B 111 22.92 11.13 -66.80
N GLU B 112 23.03 11.97 -65.77
CA GLU B 112 22.01 11.98 -64.73
C GLU B 112 20.65 12.37 -65.30
N LEU B 113 20.61 13.41 -66.14
CA LEU B 113 19.35 13.81 -66.76
C LEU B 113 18.84 12.73 -67.71
N LEU B 114 19.74 12.00 -68.36
CA LEU B 114 19.32 10.91 -69.25
C LEU B 114 18.60 9.82 -68.48
N TYR B 115 19.13 9.46 -67.32
CA TYR B 115 18.51 8.38 -66.54
C TYR B 115 17.39 8.85 -65.61
N LYS B 116 17.16 10.17 -65.48
CA LYS B 116 16.16 10.66 -64.54
C LYS B 116 14.77 10.09 -64.83
N GLN B 117 14.31 10.21 -66.07
CA GLN B 117 12.95 9.79 -66.40
C GLN B 117 12.78 8.27 -66.26
N THR B 118 13.78 7.51 -66.69
CA THR B 118 13.72 6.05 -66.53
C THR B 118 13.70 5.67 -65.06
N ALA B 119 14.47 6.36 -64.23
CA ALA B 119 14.46 6.09 -62.80
C ALA B 119 13.09 6.40 -62.19
N ILE B 120 12.47 7.50 -62.63
CA ILE B 120 11.13 7.82 -62.17
C ILE B 120 10.15 6.73 -62.57
N SER B 121 10.25 6.25 -63.81
CA SER B 121 9.34 5.22 -64.29
C SER B 121 9.57 3.87 -63.61
N ARG B 122 10.76 3.63 -63.08
CA ARG B 122 11.09 2.35 -62.45
C ARG B 122 10.87 2.34 -60.95
N ALA B 123 10.40 3.45 -60.36
CA ALA B 123 10.11 3.52 -58.93
C ALA B 123 8.67 3.03 -58.70
N LYS B 124 8.50 1.72 -58.84
CA LYS B 124 7.21 1.08 -58.72
C LYS B 124 7.13 0.33 -57.40
N ARG B 125 6.03 0.50 -56.68
CA ARG B 125 5.82 -0.21 -55.43
C ARG B 125 5.33 -1.62 -55.69
N ALA B 126 5.86 -2.57 -54.92
CA ALA B 126 5.47 -3.96 -55.07
C ALA B 126 4.03 -4.16 -54.62
N PRO B 127 3.34 -5.15 -55.18
CA PRO B 127 1.96 -5.42 -54.76
C PRO B 127 1.90 -5.93 -53.33
N TYR B 128 0.66 -6.04 -52.83
CA TYR B 128 0.46 -6.56 -51.49
C TYR B 128 0.93 -8.01 -51.39
N PRO B 129 1.46 -8.41 -50.26
CA PRO B 129 1.89 -9.80 -50.09
C PRO B 129 0.71 -10.76 -50.11
N SER B 130 1.01 -12.02 -50.46
CA SER B 130 -0.02 -13.04 -50.57
C SER B 130 -0.66 -13.39 -49.23
N ARG B 131 -0.05 -13.00 -48.11
CA ARG B 131 -0.57 -13.31 -46.79
C ARG B 131 -1.27 -12.13 -46.14
N MET B 132 -1.57 -11.08 -46.90
CA MET B 132 -2.19 -9.88 -46.35
C MET B 132 -3.68 -9.89 -46.63
N PRO B 133 -4.53 -9.78 -45.62
CA PRO B 133 -5.98 -9.73 -45.86
C PRO B 133 -6.39 -8.45 -46.58
N THR B 134 -7.51 -8.53 -47.28
CA THR B 134 -8.05 -7.33 -47.94
C THR B 134 -8.83 -6.45 -46.98
N GLY B 135 -9.37 -7.03 -45.91
CA GLY B 135 -10.13 -6.26 -44.95
C GLY B 135 -11.62 -6.27 -45.25
N SER B 136 -12.42 -6.19 -44.19
CA SER B 136 -13.87 -6.22 -44.35
C SER B 136 -14.42 -4.94 -44.98
N GLY B 137 -13.62 -3.87 -45.00
CA GLY B 137 -14.07 -2.65 -45.65
C GLY B 137 -14.30 -2.82 -47.14
N ASN B 138 -13.49 -3.65 -47.78
CA ASN B 138 -13.66 -3.97 -49.20
C ASN B 138 -14.83 -4.93 -49.33
N SER B 139 -16.03 -4.38 -49.43
CA SER B 139 -17.23 -5.20 -49.49
C SER B 139 -17.26 -6.04 -50.77
N PHE B 140 -16.88 -5.44 -51.90
CA PHE B 140 -16.90 -6.17 -53.16
C PHE B 140 -15.94 -7.35 -53.13
N ALA B 141 -14.73 -7.15 -52.60
CA ALA B 141 -13.76 -8.24 -52.53
C ALA B 141 -14.23 -9.34 -51.58
N ASN B 142 -14.79 -8.96 -50.43
CA ASN B 142 -15.18 -9.97 -49.44
C ASN B 142 -16.41 -10.74 -49.87
N LEU B 143 -17.34 -10.10 -50.59
CA LEU B 143 -18.51 -10.83 -51.07
C LEU B 143 -18.13 -11.86 -52.13
N ASN B 144 -17.04 -11.64 -52.84
CA ASN B 144 -16.55 -12.57 -53.87
C ASN B 144 -15.43 -13.47 -53.34
N GLU B 145 -15.39 -13.70 -52.03
CA GLU B 145 -14.46 -14.62 -51.38
C GLU B 145 -13.00 -14.22 -51.59
N TRP B 146 -12.72 -12.94 -51.83
CA TRP B 146 -11.35 -12.46 -51.96
C TRP B 146 -10.88 -11.85 -50.64
N HIS B 147 -10.61 -12.75 -49.69
CA HIS B 147 -10.23 -12.32 -48.36
C HIS B 147 -8.77 -11.94 -48.26
N TYR B 148 -7.92 -12.50 -49.12
CA TYR B 148 -6.49 -12.25 -49.08
C TYR B 148 -6.02 -11.75 -50.44
N PHE B 149 -4.98 -10.93 -50.41
CA PHE B 149 -4.43 -10.37 -51.63
C PHE B 149 -3.73 -11.47 -52.45
N PRO B 150 -3.75 -11.38 -53.78
CA PRO B 150 -3.13 -12.43 -54.59
C PRO B 150 -1.62 -12.48 -54.44
N GLY B 151 -0.97 -11.32 -54.57
CA GLY B 151 0.47 -11.25 -54.44
C GLY B 151 1.18 -11.26 -55.79
N GLU B 152 2.43 -11.71 -55.75
CA GLU B 152 3.28 -11.80 -56.93
C GLU B 152 3.39 -10.46 -57.65
N GLU C 5 -53.35 55.17 -32.52
CA GLU C 5 -54.78 54.88 -32.47
C GLU C 5 -55.08 53.52 -33.09
N ASN C 6 -54.34 53.17 -34.13
CA ASN C 6 -54.53 51.89 -34.79
C ASN C 6 -54.14 50.75 -33.85
N ARG C 7 -55.02 49.75 -33.74
CA ARG C 7 -54.72 48.61 -32.88
C ARG C 7 -53.53 47.82 -33.41
N LEU C 8 -53.48 47.60 -34.73
CA LEU C 8 -52.35 46.89 -35.31
C LEU C 8 -51.05 47.64 -35.06
N GLU C 9 -51.08 48.97 -35.17
CA GLU C 9 -49.86 49.75 -34.94
C GLU C 9 -49.37 49.60 -33.50
N SER C 10 -50.29 49.65 -32.54
CA SER C 10 -49.89 49.49 -31.14
C SER C 10 -49.34 48.11 -30.87
N ILE C 11 -50.01 47.07 -31.38
CA ILE C 11 -49.54 45.71 -31.18
C ILE C 11 -48.16 45.52 -31.80
N LEU C 12 -47.96 46.03 -33.01
CA LEU C 12 -46.68 45.88 -33.68
C LEU C 12 -45.59 46.68 -32.98
N SER C 13 -45.93 47.85 -32.44
CA SER C 13 -44.93 48.62 -31.70
C SER C 13 -44.49 47.88 -30.45
N ARG C 14 -45.44 47.33 -29.70
CA ARG C 14 -45.08 46.55 -28.52
C ARG C 14 -44.23 45.34 -28.90
N PHE C 15 -44.64 44.61 -29.94
CA PHE C 15 -43.89 43.42 -30.35
C PHE C 15 -42.49 43.80 -30.82
N ASP C 16 -42.35 44.89 -31.56
CA ASP C 16 -41.04 45.31 -32.06
C ASP C 16 -40.12 45.72 -30.91
N ALA C 17 -40.66 46.45 -29.93
CA ALA C 17 -39.86 46.83 -28.77
C ALA C 17 -39.38 45.58 -28.03
N ASP C 18 -40.28 44.63 -27.80
CA ASP C 18 -39.90 43.41 -27.08
C ASP C 18 -38.92 42.58 -27.89
N TRP C 19 -39.10 42.51 -29.20
CA TRP C 19 -38.21 41.73 -30.06
C TRP C 19 -36.81 42.33 -30.09
N THR C 20 -36.71 43.65 -30.18
CA THR C 20 -35.39 44.29 -30.24
C THR C 20 -34.73 44.29 -28.87
N ALA C 21 -35.51 44.29 -27.79
CA ALA C 21 -34.92 44.30 -26.45
C ALA C 21 -34.14 43.02 -26.16
N SER C 22 -34.66 41.87 -26.61
CA SER C 22 -34.08 40.56 -26.28
C SER C 22 -33.40 39.91 -27.48
N ASP C 23 -32.74 40.72 -28.31
CA ASP C 23 -32.12 40.18 -29.53
C ASP C 23 -30.88 39.36 -29.20
N GLU C 24 -30.01 39.88 -28.33
CA GLU C 24 -28.74 39.22 -28.06
C GLU C 24 -28.95 37.89 -27.35
N ALA C 25 -29.82 37.87 -26.33
CA ALA C 25 -30.07 36.63 -25.60
C ALA C 25 -30.71 35.58 -26.51
N ARG C 26 -31.64 35.99 -27.37
CA ARG C 26 -32.25 35.07 -28.30
C ARG C 26 -31.23 34.49 -29.28
N ARG C 27 -30.34 35.35 -29.79
CA ARG C 27 -29.32 34.88 -30.72
C ARG C 27 -28.39 33.88 -30.04
N GLU C 28 -27.96 34.18 -28.81
CA GLU C 28 -27.08 33.27 -28.09
C GLU C 28 -27.77 31.95 -27.79
N ALA C 29 -29.04 31.98 -27.40
CA ALA C 29 -29.77 30.75 -27.12
C ALA C 29 -29.95 29.91 -28.38
N LYS C 30 -30.25 30.55 -29.52
CA LYS C 30 -30.36 29.82 -30.76
C LYS C 30 -29.02 29.20 -31.16
N ASN C 31 -27.94 29.94 -30.96
CA ASN C 31 -26.61 29.38 -31.24
C ASN C 31 -26.32 28.19 -30.35
N ASP C 32 -26.71 28.28 -29.06
CA ASP C 32 -26.53 27.15 -28.15
C ASP C 32 -27.31 25.93 -28.61
N LEU C 33 -28.57 26.13 -29.03
CA LEU C 33 -29.38 25.02 -29.50
C LEU C 33 -28.77 24.38 -30.74
N PHE C 34 -28.32 25.20 -31.69
CA PHE C 34 -27.69 24.64 -32.89
C PHE C 34 -26.40 23.90 -32.54
N PHE C 35 -25.60 24.46 -31.64
CA PHE C 35 -24.34 23.84 -31.25
C PHE C 35 -24.57 22.50 -30.59
N SER C 36 -25.58 22.40 -29.72
CA SER C 36 -25.82 21.19 -28.95
C SER C 36 -26.80 20.23 -29.62
N ARG C 37 -27.34 20.58 -30.78
CA ARG C 37 -28.35 19.71 -31.39
C ARG C 37 -28.01 19.30 -32.82
N VAL C 38 -27.39 20.20 -33.58
CA VAL C 38 -27.13 19.96 -35.01
C VAL C 38 -25.65 19.68 -35.27
N SER C 39 -24.78 20.66 -35.01
CA SER C 39 -23.38 20.52 -35.34
C SER C 39 -22.58 21.57 -34.61
N GLN C 40 -21.39 21.19 -34.15
CA GLN C 40 -20.49 22.12 -33.48
C GLN C 40 -19.63 22.92 -34.45
N TRP C 41 -19.67 22.59 -35.74
CA TRP C 41 -18.96 23.37 -36.75
C TRP C 41 -19.92 24.35 -37.40
N ASP C 42 -20.38 25.31 -36.59
CA ASP C 42 -21.32 26.33 -37.04
C ASP C 42 -20.57 27.33 -37.90
N ASP C 43 -20.26 26.91 -39.12
CA ASP C 43 -19.46 27.72 -40.04
C ASP C 43 -20.28 28.00 -41.29
N TRP C 44 -21.53 28.41 -41.11
CA TRP C 44 -22.43 28.57 -42.25
C TRP C 44 -22.01 29.74 -43.15
N LEU C 45 -21.37 30.75 -42.59
CA LEU C 45 -21.06 31.96 -43.37
C LEU C 45 -20.05 31.68 -44.47
N SER C 46 -19.05 30.83 -44.21
CA SER C 46 -18.04 30.53 -45.22
C SER C 46 -17.59 29.08 -45.04
N GLN C 47 -18.24 28.17 -45.77
CA GLN C 47 -17.87 26.77 -45.74
C GLN C 47 -17.69 26.25 -47.16
N TYR C 48 -18.30 26.92 -48.13
CA TYR C 48 -18.16 26.55 -49.54
C TYR C 48 -16.99 27.31 -50.18
N THR C 49 -15.82 27.16 -49.56
CA THR C 49 -14.58 27.72 -50.07
C THR C 49 -13.60 26.64 -50.50
N THR C 50 -13.30 25.69 -49.61
CA THR C 50 -12.49 24.52 -49.94
C THR C 50 -12.86 23.41 -48.98
N LEU C 51 -12.57 22.18 -49.37
CA LEU C 51 -12.91 21.00 -48.58
C LEU C 51 -11.71 20.62 -47.72
N GLN C 52 -11.88 20.74 -46.40
CA GLN C 52 -10.88 20.33 -45.43
C GLN C 52 -11.57 19.48 -44.36
N TYR C 53 -10.78 18.67 -43.67
CA TYR C 53 -11.34 17.79 -42.66
C TYR C 53 -11.88 18.59 -41.49
N ARG C 54 -13.13 18.30 -41.12
CA ARG C 54 -13.78 18.91 -39.96
C ARG C 54 -14.45 17.79 -39.18
N GLY C 55 -13.78 17.31 -38.13
CA GLY C 55 -14.30 16.23 -37.31
C GLY C 55 -14.97 16.76 -36.06
N GLN C 56 -16.05 16.09 -35.67
CA GLN C 56 -16.80 16.42 -34.47
C GLN C 56 -16.52 15.37 -33.41
N PHE C 57 -15.70 15.73 -32.43
CA PHE C 57 -15.36 14.85 -31.32
C PHE C 57 -16.04 15.45 -30.07
N ASP C 58 -17.30 15.07 -29.89
CA ASP C 58 -18.12 15.71 -28.88
C ASP C 58 -17.65 15.37 -27.47
N VAL C 59 -17.65 16.38 -26.60
CA VAL C 59 -17.26 16.23 -25.21
C VAL C 59 -18.27 16.87 -24.25
N VAL C 60 -19.29 17.55 -24.78
CA VAL C 60 -20.27 18.24 -23.95
C VAL C 60 -21.59 17.46 -23.95
N ARG C 61 -21.84 16.72 -25.02
CA ARG C 61 -23.09 15.97 -25.11
C ARG C 61 -23.27 14.95 -23.99
N PRO C 62 -22.26 14.18 -23.57
CA PRO C 62 -22.48 13.30 -22.41
C PRO C 62 -22.91 14.06 -21.17
N VAL C 63 -22.39 15.26 -20.95
CA VAL C 63 -22.81 16.05 -19.79
C VAL C 63 -24.28 16.44 -19.90
N VAL C 64 -24.70 16.86 -21.09
CA VAL C 64 -26.11 17.24 -21.29
C VAL C 64 -27.01 16.02 -21.07
N ARG C 65 -26.61 14.86 -21.61
CA ARG C 65 -27.38 13.64 -21.41
C ARG C 65 -27.49 13.29 -19.94
N LYS C 66 -26.37 13.41 -19.21
CA LYS C 66 -26.37 13.09 -17.78
C LYS C 66 -27.30 14.03 -17.01
N LEU C 67 -27.25 15.33 -17.32
CA LEU C 67 -28.10 16.28 -16.62
C LEU C 67 -29.57 16.04 -16.94
N VAL C 68 -29.89 15.75 -18.20
CA VAL C 68 -31.28 15.47 -18.57
C VAL C 68 -31.77 14.21 -17.87
N SER C 69 -30.94 13.17 -17.81
CA SER C 69 -31.32 11.96 -17.09
C SER C 69 -31.51 12.24 -15.60
N GLU C 70 -30.64 13.05 -15.01
CA GLU C 70 -30.77 13.39 -13.60
C GLU C 70 -32.07 14.13 -13.32
N MET C 71 -32.43 15.08 -14.17
CA MET C 71 -33.67 15.82 -13.97
C MET C 71 -34.90 15.01 -14.35
N ARG C 72 -34.74 13.96 -15.15
CA ARG C 72 -35.87 13.11 -15.52
C ARG C 72 -36.26 12.16 -14.39
N GLN C 73 -35.29 11.69 -13.61
CA GLN C 73 -35.57 10.73 -12.55
C GLN C 73 -36.33 11.33 -11.37
N ASN C 74 -36.48 12.65 -11.33
CA ASN C 74 -37.13 13.34 -10.21
C ASN C 74 -38.23 14.22 -10.76
N PRO C 75 -39.39 13.64 -11.11
CA PRO C 75 -40.50 14.45 -11.61
C PRO C 75 -41.03 15.38 -10.53
N ILE C 76 -41.53 16.53 -10.98
CA ILE C 76 -42.08 17.56 -10.10
C ILE C 76 -43.44 17.97 -10.64
N ASP C 77 -44.42 18.09 -9.74
CA ASP C 77 -45.77 18.46 -10.14
C ASP C 77 -46.38 19.40 -9.11
N VAL C 78 -47.50 20.01 -9.49
CA VAL C 78 -48.23 20.90 -8.60
C VAL C 78 -48.86 20.10 -7.47
N LEU C 79 -49.09 20.78 -6.35
CA LEU C 79 -49.72 20.18 -5.18
C LEU C 79 -50.54 21.26 -4.50
N TYR C 80 -51.86 21.13 -4.53
CA TYR C 80 -52.74 22.13 -3.95
C TYR C 80 -52.99 21.80 -2.49
N ARG C 81 -52.75 22.77 -1.61
CA ARG C 81 -52.95 22.56 -0.19
C ARG C 81 -53.93 23.59 0.37
N PRO C 82 -54.76 23.19 1.33
CA PRO C 82 -55.72 24.15 1.91
C PRO C 82 -55.00 25.31 2.58
N LYS C 83 -55.60 26.49 2.48
CA LYS C 83 -55.03 27.68 3.09
C LYS C 83 -55.15 27.60 4.61
N ASP C 84 -54.64 28.63 5.27
CA ASP C 84 -54.72 28.71 6.73
C ASP C 84 -56.13 29.12 7.14
N GLY C 85 -56.78 28.28 7.93
CA GLY C 85 -58.15 28.52 8.34
C GLY C 85 -59.20 27.97 7.41
N ALA C 86 -58.80 27.46 6.24
CA ALA C 86 -59.74 26.86 5.32
C ALA C 86 -60.07 25.43 5.75
N ARG C 87 -61.14 24.88 5.17
CA ARG C 87 -61.52 23.52 5.47
C ARG C 87 -60.41 22.57 5.03
N PRO C 88 -60.13 21.51 5.79
CA PRO C 88 -59.06 20.58 5.40
C PRO C 88 -59.34 19.88 4.07
N ASP C 89 -60.60 19.81 3.64
CA ASP C 89 -60.98 19.25 2.35
C ASP C 89 -61.18 20.34 1.30
N ALA C 90 -60.33 21.37 1.33
CA ALA C 90 -60.49 22.47 0.39
C ALA C 90 -59.87 22.21 -0.97
N ALA C 91 -58.88 21.33 -1.07
CA ALA C 91 -58.10 21.18 -2.28
C ALA C 91 -58.19 19.80 -2.91
N ASP C 92 -59.13 18.96 -2.48
CA ASP C 92 -59.24 17.63 -3.09
C ASP C 92 -59.91 17.68 -4.46
N VAL C 93 -60.90 18.56 -4.64
CA VAL C 93 -61.59 18.65 -5.92
C VAL C 93 -60.69 19.23 -6.99
N LEU C 94 -60.02 20.34 -6.67
CA LEU C 94 -59.10 20.95 -7.61
C LEU C 94 -57.94 20.01 -7.93
N MET C 95 -57.42 19.31 -6.92
CA MET C 95 -56.33 18.38 -7.15
C MET C 95 -56.78 17.21 -8.02
N GLY C 96 -58.01 16.73 -7.80
CA GLY C 96 -58.53 15.67 -8.65
C GLY C 96 -58.67 16.11 -10.09
N MET C 97 -59.17 17.33 -10.31
CA MET C 97 -59.27 17.85 -11.67
C MET C 97 -57.89 17.96 -12.32
N TYR C 98 -56.92 18.51 -11.57
CA TYR C 98 -55.58 18.68 -12.12
C TYR C 98 -54.95 17.34 -12.48
N ARG C 99 -55.03 16.36 -11.58
CA ARG C 99 -54.49 15.04 -11.88
C ARG C 99 -55.26 14.37 -13.01
N THR C 100 -56.53 14.69 -13.18
CA THR C 100 -57.32 14.09 -14.25
C THR C 100 -56.86 14.60 -15.61
N ASP C 101 -56.70 15.92 -15.76
CA ASP C 101 -56.41 16.47 -17.07
C ASP C 101 -54.94 16.80 -17.30
N MET C 102 -54.05 16.36 -16.41
CA MET C 102 -52.61 16.51 -16.61
C MET C 102 -51.88 15.18 -16.63
N ARG C 103 -52.60 14.05 -16.64
CA ARG C 103 -51.99 12.74 -16.68
C ARG C 103 -51.67 12.27 -18.09
N HIS C 104 -52.08 13.01 -19.11
CA HIS C 104 -51.90 12.59 -20.48
C HIS C 104 -50.45 12.79 -20.93
N ASN C 105 -50.13 12.20 -22.09
CA ASN C 105 -48.76 12.23 -22.58
C ASN C 105 -48.33 13.63 -22.99
N THR C 106 -49.27 14.48 -23.40
CA THR C 106 -48.92 15.82 -23.88
C THR C 106 -48.29 16.66 -22.77
N ALA C 107 -48.82 16.56 -21.56
CA ALA C 107 -48.29 17.36 -20.44
C ALA C 107 -46.86 16.95 -20.11
N LYS C 108 -46.63 15.63 -19.99
CA LYS C 108 -45.28 15.15 -19.69
C LYS C 108 -44.32 15.51 -20.79
N ILE C 109 -44.75 15.38 -22.05
CA ILE C 109 -43.87 15.71 -23.17
C ILE C 109 -43.52 17.20 -23.17
N ALA C 110 -44.51 18.06 -22.90
CA ALA C 110 -44.24 19.49 -22.85
C ALA C 110 -43.25 19.83 -21.75
N VAL C 111 -43.44 19.24 -20.57
CA VAL C 111 -42.53 19.50 -19.46
C VAL C 111 -41.12 19.03 -19.80
N ASN C 112 -41.01 17.84 -20.40
CA ASN C 112 -39.68 17.31 -20.74
C ASN C 112 -39.00 18.17 -21.79
N ILE C 113 -39.76 18.65 -22.79
CA ILE C 113 -39.18 19.52 -23.81
C ILE C 113 -38.68 20.81 -23.18
N ALA C 114 -39.48 21.41 -22.31
CA ALA C 114 -39.07 22.64 -21.64
C ALA C 114 -37.83 22.42 -20.80
N VAL C 115 -37.75 21.28 -20.10
CA VAL C 115 -36.61 21.00 -19.25
C VAL C 115 -35.35 20.81 -20.09
N ARG C 116 -35.46 20.07 -21.19
CA ARG C 116 -34.29 19.87 -22.05
C ARG C 116 -33.81 21.18 -22.64
N GLU C 117 -34.73 22.03 -23.10
CA GLU C 117 -34.33 23.33 -23.64
C GLU C 117 -33.73 24.22 -22.57
N GLN C 118 -34.25 24.15 -21.34
CA GLN C 118 -33.68 24.91 -20.23
C GLN C 118 -32.24 24.46 -19.94
N ILE C 119 -32.00 23.15 -19.95
CA ILE C 119 -30.65 22.67 -19.69
C ILE C 119 -29.70 23.07 -20.81
N GLU C 120 -30.13 22.93 -22.07
CA GLU C 120 -29.24 23.20 -23.19
C GLU C 120 -29.10 24.70 -23.45
N ALA C 121 -30.20 25.37 -23.78
CA ALA C 121 -30.16 26.77 -24.16
C ALA C 121 -30.22 27.70 -22.96
N GLY C 122 -31.15 27.48 -22.05
CA GLY C 122 -31.30 28.33 -20.89
C GLY C 122 -32.72 28.78 -20.67
N VAL C 123 -33.58 28.59 -21.67
CA VAL C 123 -34.98 28.98 -21.59
C VAL C 123 -35.84 27.95 -22.31
N GLY C 124 -36.99 27.63 -21.72
CA GLY C 124 -38.00 26.81 -22.35
C GLY C 124 -39.36 27.32 -21.92
N ALA C 125 -40.41 26.75 -22.49
CA ALA C 125 -41.75 27.18 -22.14
C ALA C 125 -42.76 26.12 -22.53
N TRP C 126 -43.95 26.23 -21.94
CA TRP C 126 -45.09 25.46 -22.37
C TRP C 126 -46.35 26.32 -22.24
N ARG C 127 -47.47 25.79 -22.71
CA ARG C 127 -48.71 26.54 -22.79
C ARG C 127 -49.85 25.73 -22.20
N LEU C 128 -50.86 26.42 -21.69
CA LEU C 128 -52.08 25.78 -21.19
C LEU C 128 -53.25 26.23 -22.05
N VAL C 129 -53.96 25.27 -22.63
CA VAL C 129 -55.10 25.57 -23.48
C VAL C 129 -56.31 24.78 -23.01
N THR C 130 -57.49 25.25 -23.42
CA THR C 130 -58.76 24.63 -23.06
C THR C 130 -59.52 24.29 -24.33
N ASP C 131 -60.15 23.11 -24.34
CA ASP C 131 -60.90 22.65 -25.48
C ASP C 131 -62.19 22.00 -25.02
N TYR C 132 -63.06 21.70 -25.98
CA TYR C 132 -64.35 21.08 -25.72
C TYR C 132 -64.24 19.58 -25.94
N GLU C 133 -64.57 18.80 -24.92
CA GLU C 133 -64.57 17.35 -24.99
C GLU C 133 -65.97 16.84 -24.72
N ASP C 134 -66.43 15.92 -25.56
CA ASP C 134 -67.75 15.32 -25.41
C ASP C 134 -67.71 13.87 -24.95
N GLN C 135 -66.57 13.20 -25.06
CA GLN C 135 -66.48 11.79 -24.70
C GLN C 135 -66.04 11.61 -23.24
N SER C 136 -64.89 12.18 -22.88
CA SER C 136 -64.36 12.10 -21.52
C SER C 136 -64.01 13.50 -21.04
N PRO C 137 -65.01 14.32 -20.72
CA PRO C 137 -64.73 15.68 -20.24
C PRO C 137 -64.34 15.68 -18.77
N THR C 138 -63.42 16.58 -18.43
CA THR C 138 -63.06 16.75 -17.03
C THR C 138 -64.18 17.42 -16.25
N SER C 139 -64.75 18.48 -16.81
CA SER C 139 -65.86 19.20 -16.17
C SER C 139 -66.46 20.16 -17.18
N ASN C 140 -67.79 20.30 -17.14
CA ASN C 140 -68.52 21.26 -17.96
C ASN C 140 -68.25 21.05 -19.45
N ASN C 141 -68.12 19.78 -19.85
CA ASN C 141 -67.88 19.41 -21.25
C ASN C 141 -66.64 20.11 -21.80
N GLN C 142 -65.64 20.30 -20.95
CA GLN C 142 -64.40 20.97 -21.34
C GLN C 142 -63.22 20.29 -20.67
N VAL C 143 -62.05 20.44 -21.28
CA VAL C 143 -60.81 19.91 -20.75
C VAL C 143 -59.73 20.98 -20.87
N ILE C 144 -58.73 20.88 -20.00
CA ILE C 144 -57.55 21.74 -20.03
C ILE C 144 -56.34 20.85 -20.24
N ARG C 145 -55.56 21.14 -21.28
CA ARG C 145 -54.32 20.40 -21.53
C ARG C 145 -53.14 21.35 -21.59
N ARG C 146 -51.97 20.75 -21.55
CA ARG C 146 -50.69 21.44 -21.62
C ARG C 146 -50.01 21.07 -22.93
N GLU C 147 -49.62 22.09 -23.69
CA GLU C 147 -49.02 21.93 -25.01
C GLU C 147 -47.57 22.41 -25.00
N PRO C 148 -46.73 21.84 -25.84
CA PRO C 148 -45.31 22.22 -25.86
C PRO C 148 -45.04 23.40 -26.78
N ILE C 149 -43.95 24.09 -26.49
CA ILE C 149 -43.42 25.15 -27.35
C ILE C 149 -41.97 24.83 -27.64
N HIS C 150 -41.66 24.54 -28.91
CA HIS C 150 -40.31 24.21 -29.32
C HIS C 150 -39.55 25.48 -29.64
N SER C 151 -38.30 25.54 -29.19
CA SER C 151 -37.44 26.70 -29.34
C SER C 151 -38.11 27.96 -28.79
N ALA C 152 -38.37 27.92 -27.48
CA ALA C 152 -39.04 29.03 -26.80
C ALA C 152 -38.18 30.29 -26.75
N CYS C 153 -36.90 30.19 -27.05
CA CYS C 153 -36.05 31.38 -27.07
C CYS C 153 -36.48 32.36 -28.15
N SER C 154 -36.85 31.84 -29.32
CA SER C 154 -37.19 32.68 -30.45
C SER C 154 -38.69 32.69 -30.79
N HIS C 155 -39.48 31.80 -30.20
CA HIS C 155 -40.89 31.69 -30.54
C HIS C 155 -41.81 32.34 -29.53
N VAL C 156 -41.34 32.57 -28.31
CA VAL C 156 -42.11 33.25 -27.28
C VAL C 156 -41.39 34.54 -26.93
N ILE C 157 -42.03 35.67 -27.14
CA ILE C 157 -41.46 36.99 -26.88
C ILE C 157 -42.28 37.65 -25.80
N TRP C 158 -41.65 37.93 -24.66
CA TRP C 158 -42.32 38.45 -23.49
C TRP C 158 -42.25 39.97 -23.45
N ASP C 159 -43.07 40.55 -22.57
CA ASP C 159 -42.99 41.98 -22.32
C ASP C 159 -41.61 42.32 -21.77
N SER C 160 -40.98 43.35 -22.35
CA SER C 160 -39.63 43.71 -21.93
C SER C 160 -39.61 44.34 -20.54
N ASN C 161 -40.73 44.87 -20.08
CA ASN C 161 -40.82 45.47 -18.76
C ASN C 161 -41.34 44.44 -17.75
N SER C 162 -40.63 43.32 -17.65
CA SER C 162 -40.95 42.25 -16.72
C SER C 162 -39.66 41.80 -16.03
N LYS C 163 -39.63 41.90 -14.72
CA LYS C 163 -38.44 41.60 -13.92
C LYS C 163 -38.66 40.41 -12.99
N LEU C 164 -39.44 39.43 -13.45
CA LEU C 164 -39.72 38.24 -12.68
C LEU C 164 -39.36 37.00 -13.48
N MET C 165 -38.86 35.98 -12.79
CA MET C 165 -38.38 34.78 -13.47
C MET C 165 -39.53 34.06 -14.18
N ASP C 166 -40.69 34.00 -13.56
CA ASP C 166 -41.86 33.36 -14.17
C ASP C 166 -42.68 34.32 -15.03
N LYS C 167 -42.26 35.58 -15.14
CA LYS C 167 -42.93 36.57 -15.97
C LYS C 167 -44.40 36.74 -15.58
N SER C 168 -44.68 36.73 -14.28
CA SER C 168 -46.03 37.00 -13.81
C SER C 168 -46.38 38.48 -13.83
N ASP C 169 -45.38 39.35 -13.91
CA ASP C 169 -45.60 40.78 -14.05
C ASP C 169 -45.70 41.24 -15.50
N ALA C 170 -45.46 40.33 -16.45
CA ALA C 170 -45.60 40.67 -17.86
C ALA C 170 -47.06 40.92 -18.19
N ARG C 171 -47.30 41.97 -18.97
CA ARG C 171 -48.65 42.39 -19.35
C ARG C 171 -49.00 42.04 -20.79
N HIS C 172 -48.06 41.52 -21.57
CA HIS C 172 -48.38 41.00 -22.89
C HIS C 172 -47.30 40.01 -23.30
N CYS C 173 -47.65 39.15 -24.24
CA CYS C 173 -46.72 38.13 -24.72
C CYS C 173 -47.15 37.68 -26.12
N THR C 174 -46.19 37.57 -27.02
CA THR C 174 -46.46 37.17 -28.40
C THR C 174 -45.81 35.82 -28.69
N VAL C 175 -46.61 34.88 -29.15
CA VAL C 175 -46.14 33.54 -29.51
C VAL C 175 -46.20 33.42 -31.03
N ILE C 176 -45.07 33.08 -31.63
CA ILE C 176 -44.94 32.95 -33.07
C ILE C 176 -45.14 31.49 -33.45
N HIS C 177 -46.09 31.24 -34.35
CA HIS C 177 -46.40 29.90 -34.83
C HIS C 177 -45.91 29.76 -36.27
N SER C 178 -45.02 28.81 -36.50
CA SER C 178 -44.57 28.40 -37.82
C SER C 178 -45.17 27.05 -38.15
N MET C 179 -45.80 26.94 -39.32
CA MET C 179 -46.56 25.75 -39.62
C MET C 179 -46.55 25.47 -41.12
N SER C 180 -46.84 24.22 -41.46
CA SER C 180 -46.84 23.79 -42.85
C SER C 180 -48.13 24.24 -43.54
N GLN C 181 -48.19 23.99 -44.86
CA GLN C 181 -49.35 24.41 -45.64
C GLN C 181 -50.62 23.71 -45.16
N ASN C 182 -50.56 22.40 -44.96
CA ASN C 182 -51.68 21.69 -44.39
C ASN C 182 -51.96 22.15 -42.96
N GLY C 183 -50.88 22.39 -42.19
CA GLY C 183 -51.06 22.93 -40.86
C GLY C 183 -51.73 24.29 -40.88
N TRP C 184 -51.35 25.15 -41.83
CA TRP C 184 -52.00 26.46 -41.95
C TRP C 184 -53.46 26.30 -42.33
N GLU C 185 -53.77 25.38 -43.25
CA GLU C 185 -55.16 25.17 -43.64
C GLU C 185 -56.01 24.72 -42.45
N ASP C 186 -55.48 23.79 -41.66
CA ASP C 186 -56.23 23.32 -40.50
C ASP C 186 -56.32 24.39 -39.42
N PHE C 187 -55.28 25.22 -39.27
CA PHE C 187 -55.35 26.35 -38.36
C PHE C 187 -56.46 27.32 -38.77
N ALA C 188 -56.55 27.63 -40.06
CA ALA C 188 -57.59 28.52 -40.54
C ALA C 188 -58.96 27.92 -40.36
N GLU C 189 -59.10 26.61 -40.59
CA GLU C 189 -60.37 25.95 -40.36
C GLU C 189 -60.76 26.00 -38.88
N LYS C 190 -59.79 25.81 -37.99
CA LYS C 190 -60.07 25.80 -36.56
C LYS C 190 -60.47 27.19 -36.06
N TYR C 191 -59.76 28.23 -36.49
CA TYR C 191 -60.00 29.59 -36.01
C TYR C 191 -60.86 30.42 -36.96
N ASP C 192 -61.49 29.80 -37.95
CA ASP C 192 -62.40 30.47 -38.87
C ASP C 192 -61.71 31.64 -39.59
N LEU C 193 -60.45 31.43 -39.98
CA LEU C 193 -59.72 32.42 -40.76
C LEU C 193 -59.90 32.14 -42.25
N ASP C 194 -59.30 32.99 -43.07
CA ASP C 194 -59.35 32.82 -44.52
C ASP C 194 -58.11 32.03 -44.96
N ALA C 195 -58.34 30.82 -45.45
CA ALA C 195 -57.22 29.95 -45.82
C ALA C 195 -56.52 30.44 -47.08
N ASP C 196 -57.24 31.13 -47.97
CA ASP C 196 -56.64 31.59 -49.21
C ASP C 196 -55.61 32.68 -48.97
N ASP C 197 -55.82 33.56 -47.98
CA ASP C 197 -54.91 34.64 -47.68
C ASP C 197 -53.81 34.10 -46.76
N ILE C 198 -52.68 33.75 -47.37
CA ILE C 198 -51.57 33.18 -46.59
C ILE C 198 -51.00 34.26 -45.68
N PRO C 199 -50.83 34.00 -44.38
CA PRO C 199 -50.31 35.02 -43.47
C PRO C 199 -48.79 35.05 -43.47
N SER C 200 -48.25 36.05 -42.79
CA SER C 200 -46.81 36.21 -42.65
C SER C 200 -46.52 36.97 -41.37
N PHE C 201 -45.34 36.73 -40.82
CA PHE C 201 -44.91 37.40 -39.60
C PHE C 201 -43.38 37.33 -39.54
N GLN C 202 -42.82 37.92 -38.49
CA GLN C 202 -41.37 37.91 -38.30
C GLN C 202 -40.87 36.48 -38.18
N ASN C 203 -39.99 36.08 -39.08
CA ASN C 203 -39.49 34.71 -39.09
C ASN C 203 -38.46 34.55 -37.99
N PRO C 204 -38.69 33.66 -37.01
CA PRO C 204 -37.72 33.53 -35.91
C PRO C 204 -36.54 32.63 -36.25
N ASN C 205 -36.66 31.76 -37.24
CA ASN C 205 -35.60 30.83 -37.60
C ASN C 205 -34.59 31.51 -38.52
N ASP C 206 -33.46 30.83 -38.72
CA ASP C 206 -32.42 31.26 -39.63
C ASP C 206 -32.03 30.09 -40.52
N TRP C 207 -31.95 30.34 -41.82
CA TRP C 207 -31.57 29.32 -42.79
C TRP C 207 -30.05 29.20 -42.76
N VAL C 208 -29.54 28.36 -41.85
CA VAL C 208 -28.11 28.19 -41.65
C VAL C 208 -27.65 26.81 -42.09
N PHE C 209 -28.36 25.76 -41.69
CA PHE C 209 -28.02 24.41 -42.14
C PHE C 209 -28.49 24.21 -43.58
N PRO C 210 -27.80 23.36 -44.34
CA PRO C 210 -28.25 23.09 -45.71
C PRO C 210 -29.51 22.25 -45.77
N TRP C 211 -30.58 22.71 -45.12
CA TRP C 211 -31.86 22.05 -45.20
C TRP C 211 -32.48 22.26 -46.57
N LEU C 212 -33.01 21.18 -47.17
CA LEU C 212 -33.56 21.29 -48.51
C LEU C 212 -34.74 22.23 -48.56
N THR C 213 -35.67 22.12 -47.61
CA THR C 213 -36.86 22.95 -47.59
C THR C 213 -37.18 23.33 -46.14
N GLN C 214 -37.25 24.63 -45.88
CA GLN C 214 -37.73 25.16 -44.61
C GLN C 214 -39.06 25.88 -44.80
N ASP C 215 -39.90 25.35 -45.69
CA ASP C 215 -41.15 25.98 -46.04
C ASP C 215 -42.07 26.10 -44.83
N THR C 216 -42.27 27.33 -44.36
CA THR C 216 -43.08 27.57 -43.17
C THR C 216 -43.92 28.81 -43.37
N ILE C 217 -45.07 28.83 -42.69
CA ILE C 217 -45.99 29.95 -42.68
C ILE C 217 -46.07 30.45 -41.24
N GLN C 218 -45.93 31.76 -41.06
CA GLN C 218 -45.80 32.37 -39.74
C GLN C 218 -47.04 33.19 -39.40
N ILE C 219 -47.56 32.97 -38.19
CA ILE C 219 -48.64 33.77 -37.63
C ILE C 219 -48.27 34.08 -36.19
N ALA C 220 -48.99 35.02 -35.56
CA ALA C 220 -48.67 35.36 -34.19
C ALA C 220 -49.94 35.38 -33.34
N GLU C 221 -49.80 34.99 -32.09
CA GLU C 221 -50.84 35.12 -31.09
C GLU C 221 -50.36 36.07 -30.00
N PHE C 222 -51.11 37.15 -29.80
CA PHE C 222 -50.76 38.21 -28.87
C PHE C 222 -51.71 38.14 -27.69
N TYR C 223 -51.18 37.79 -26.52
CA TYR C 223 -51.94 37.75 -25.28
C TYR C 223 -51.68 39.02 -24.50
N GLU C 224 -52.73 39.58 -23.91
CA GLU C 224 -52.60 40.75 -23.06
C GLU C 224 -53.50 40.61 -21.85
N VAL C 225 -53.02 41.08 -20.70
CA VAL C 225 -53.76 41.04 -19.45
C VAL C 225 -54.20 42.45 -19.10
N VAL C 226 -55.48 42.61 -18.80
CA VAL C 226 -56.04 43.90 -18.41
C VAL C 226 -56.64 43.74 -17.02
N GLU C 227 -56.15 44.53 -16.07
CA GLU C 227 -56.64 44.51 -14.70
C GLU C 227 -57.57 45.70 -14.49
N LYS C 228 -58.84 45.42 -14.19
CA LYS C 228 -59.83 46.48 -14.07
C LYS C 228 -60.88 46.07 -13.05
N LYS C 229 -61.61 47.07 -12.56
CA LYS C 229 -62.72 46.85 -11.65
C LYS C 229 -64.00 46.64 -12.46
N GLU C 230 -64.63 45.49 -12.27
CA GLU C 230 -65.87 45.19 -12.96
C GLU C 230 -66.97 44.91 -11.95
N THR C 231 -68.22 45.06 -12.42
CA THR C 231 -69.39 44.88 -11.58
C THR C 231 -69.58 43.40 -11.24
N ALA C 232 -69.99 43.15 -10.00
CA ALA C 232 -70.38 41.82 -9.56
C ALA C 232 -71.64 41.94 -8.73
N PHE C 233 -72.44 40.87 -8.74
CA PHE C 233 -73.73 40.84 -8.06
C PHE C 233 -73.66 39.88 -6.87
N ILE C 234 -74.15 40.33 -5.73
CA ILE C 234 -74.26 39.50 -4.53
C ILE C 234 -75.72 39.11 -4.39
N TYR C 235 -76.01 37.84 -4.61
CA TYR C 235 -77.36 37.30 -4.56
C TYR C 235 -77.63 36.70 -3.18
N GLN C 236 -78.73 35.96 -3.07
CA GLN C 236 -79.03 35.17 -1.89
C GLN C 236 -79.29 33.73 -2.34
N ASP C 237 -78.42 32.82 -1.92
CA ASP C 237 -78.55 31.42 -2.31
C ASP C 237 -79.83 30.84 -1.71
N PRO C 238 -80.73 30.27 -2.52
CA PRO C 238 -81.95 29.68 -1.94
C PRO C 238 -81.66 28.55 -0.97
N VAL C 239 -80.53 27.87 -1.12
CA VAL C 239 -80.16 26.81 -0.16
C VAL C 239 -79.68 27.42 1.15
N THR C 240 -78.57 28.15 1.09
CA THR C 240 -78.01 28.81 2.27
C THR C 240 -76.91 29.76 1.82
N GLY C 241 -76.78 30.87 2.55
CA GLY C 241 -75.71 31.81 2.33
C GLY C 241 -75.96 32.75 1.17
N GLU C 242 -74.97 33.61 0.93
CA GLU C 242 -75.08 34.64 -0.14
C GLU C 242 -73.86 34.55 -1.05
N PRO C 243 -74.02 34.43 -2.39
CA PRO C 243 -72.89 34.29 -3.29
C PRO C 243 -72.55 35.54 -4.10
N VAL C 244 -71.35 35.57 -4.70
CA VAL C 244 -70.93 36.70 -5.51
C VAL C 244 -70.59 36.19 -6.89
N SER C 245 -71.28 36.72 -7.91
CA SER C 245 -71.06 36.29 -9.28
C SER C 245 -70.75 37.49 -10.15
N TYR C 246 -69.74 37.36 -11.01
CA TYR C 246 -69.33 38.46 -11.87
C TYR C 246 -70.43 38.78 -12.89
N PHE C 247 -70.66 40.07 -13.10
CA PHE C 247 -71.73 40.49 -13.99
C PHE C 247 -71.46 40.07 -15.43
N LYS C 248 -70.19 40.10 -15.85
CA LYS C 248 -69.86 39.75 -17.23
C LYS C 248 -70.11 38.28 -17.53
N ARG C 249 -69.93 37.41 -16.54
CA ARG C 249 -70.09 35.97 -16.79
C ARG C 249 -71.54 35.61 -17.10
N ASP C 250 -72.49 36.23 -16.41
CA ASP C 250 -73.91 36.00 -16.62
C ASP C 250 -74.60 37.27 -17.10
N ILE C 251 -73.98 37.97 -18.05
CA ILE C 251 -74.46 39.28 -18.45
C ILE C 251 -75.81 39.19 -19.14
N LYS C 252 -75.98 38.23 -20.05
CA LYS C 252 -77.19 38.15 -20.84
C LYS C 252 -77.75 36.74 -20.85
N ASP C 253 -76.88 35.76 -20.67
CA ASP C 253 -77.30 34.36 -20.82
C ASP C 253 -78.34 33.98 -19.78
N VAL C 254 -78.06 34.21 -18.50
CA VAL C 254 -78.91 33.74 -17.43
C VAL C 254 -79.26 34.86 -16.46
N ILE C 255 -78.99 36.11 -16.85
CA ILE C 255 -79.18 37.24 -15.94
C ILE C 255 -80.63 37.31 -15.44
N ASP C 256 -81.57 36.80 -16.22
CA ASP C 256 -82.96 36.69 -15.78
C ASP C 256 -83.30 35.32 -15.22
N ASP C 257 -82.47 34.31 -15.47
CA ASP C 257 -82.73 32.97 -14.97
C ASP C 257 -82.44 32.84 -13.48
N LEU C 258 -81.61 33.71 -12.91
CA LEU C 258 -81.39 33.68 -11.47
C LEU C 258 -82.69 33.94 -10.72
N ALA C 259 -83.47 34.93 -11.17
CA ALA C 259 -84.74 35.23 -10.53
C ALA C 259 -85.71 34.05 -10.64
N ASP C 260 -85.77 33.41 -11.81
CA ASP C 260 -86.65 32.27 -11.98
C ASP C 260 -86.23 31.10 -11.08
N SER C 261 -84.92 30.87 -10.94
CA SER C 261 -84.43 29.76 -10.14
C SER C 261 -84.53 30.00 -8.64
N GLY C 262 -84.93 31.21 -8.22
CA GLY C 262 -85.01 31.53 -6.81
C GLY C 262 -83.88 32.37 -6.27
N PHE C 263 -82.96 32.82 -7.11
CA PHE C 263 -81.87 33.69 -6.69
C PHE C 263 -82.36 35.13 -6.68
N ILE C 264 -82.30 35.77 -5.51
CA ILE C 264 -82.76 37.15 -5.34
C ILE C 264 -81.54 38.04 -5.15
N LYS C 265 -81.51 39.15 -5.88
CA LYS C 265 -80.39 40.07 -5.80
C LYS C 265 -80.41 40.81 -4.47
N ILE C 266 -79.25 40.84 -3.80
CA ILE C 266 -79.09 41.54 -2.54
C ILE C 266 -78.28 42.81 -2.68
N ALA C 267 -77.15 42.76 -3.40
CA ALA C 267 -76.28 43.92 -3.50
C ALA C 267 -75.48 43.85 -4.79
N GLU C 268 -74.75 44.92 -5.08
CA GLU C 268 -73.94 45.00 -6.28
C GLU C 268 -72.66 45.75 -5.95
N ARG C 269 -71.51 45.13 -6.18
CA ARG C 269 -70.22 45.70 -5.84
C ARG C 269 -69.36 45.81 -7.10
N GLN C 270 -68.18 46.41 -6.92
CA GLN C 270 -67.20 46.57 -8.00
C GLN C 270 -65.90 45.94 -7.52
N ILE C 271 -65.53 44.82 -8.13
CA ILE C 271 -64.36 44.04 -7.71
C ILE C 271 -63.33 44.08 -8.82
N LYS C 272 -62.07 44.25 -8.45
CA LYS C 272 -60.98 44.29 -9.42
C LYS C 272 -60.52 42.88 -9.77
N ARG C 273 -60.30 42.64 -11.05
CA ARG C 273 -59.84 41.35 -11.53
C ARG C 273 -59.13 41.55 -12.86
N ARG C 274 -58.41 40.52 -13.28
CA ARG C 274 -57.66 40.54 -14.54
C ARG C 274 -58.35 39.67 -15.57
N ARG C 275 -58.32 40.11 -16.83
CA ARG C 275 -58.87 39.38 -17.95
C ARG C 275 -57.82 39.28 -19.04
N VAL C 276 -57.81 38.14 -19.75
CA VAL C 276 -56.79 37.85 -20.75
C VAL C 276 -57.46 37.84 -22.12
N TYR C 277 -56.86 38.57 -23.06
CA TYR C 277 -57.36 38.66 -24.42
C TYR C 277 -56.29 38.18 -25.39
N LYS C 278 -56.68 37.34 -26.35
CA LYS C 278 -55.80 36.82 -27.38
C LYS C 278 -56.20 37.39 -28.73
N SER C 279 -55.19 37.76 -29.53
CA SER C 279 -55.40 38.28 -30.87
C SER C 279 -54.53 37.50 -31.84
N ILE C 280 -55.11 37.08 -32.96
CA ILE C 280 -54.36 36.43 -34.03
C ILE C 280 -53.96 37.50 -35.03
N ILE C 281 -52.65 37.68 -35.21
CA ILE C 281 -52.13 38.79 -35.99
C ILE C 281 -51.09 38.29 -36.99
N THR C 282 -50.92 39.09 -38.04
CA THR C 282 -49.89 38.94 -39.06
C THR C 282 -49.06 40.21 -39.09
N CYS C 283 -48.16 40.31 -40.08
CA CYS C 283 -47.34 41.50 -40.21
C CYS C 283 -48.08 42.68 -40.82
N THR C 284 -49.29 42.47 -41.33
CA THR C 284 -50.02 43.52 -42.03
C THR C 284 -51.46 43.70 -41.59
N ALA C 285 -52.05 42.75 -40.86
CA ALA C 285 -53.46 42.85 -40.50
C ALA C 285 -53.72 42.06 -39.23
N VAL C 286 -54.87 42.32 -38.62
CA VAL C 286 -55.32 41.63 -37.41
C VAL C 286 -56.52 40.77 -37.80
N LEU C 287 -56.38 39.46 -37.61
CA LEU C 287 -57.45 38.53 -37.98
C LEU C 287 -58.51 38.44 -36.89
N LYS C 288 -58.09 38.10 -35.67
CA LYS C 288 -58.95 38.11 -34.50
C LYS C 288 -58.48 39.21 -33.56
N ASP C 289 -59.41 39.99 -33.04
CA ASP C 289 -59.05 41.26 -32.40
C ASP C 289 -58.78 41.12 -30.90
N LYS C 290 -59.79 40.75 -30.13
CA LYS C 290 -59.67 40.72 -28.68
C LYS C 290 -60.40 39.52 -28.09
N GLN C 291 -60.18 38.34 -28.67
CA GLN C 291 -60.88 37.15 -28.21
C GLN C 291 -60.57 36.87 -26.75
N LEU C 292 -61.57 37.01 -25.88
CA LEU C 292 -61.36 36.81 -24.45
C LEU C 292 -61.18 35.32 -24.15
N ILE C 293 -60.14 34.99 -23.38
CA ILE C 293 -59.86 33.62 -23.02
C ILE C 293 -59.99 33.46 -21.51
N ALA C 294 -60.09 32.21 -21.07
CA ALA C 294 -60.25 31.92 -19.66
C ALA C 294 -58.96 32.14 -18.88
N GLY C 295 -59.12 32.49 -17.62
CA GLY C 295 -57.99 32.68 -16.73
C GLY C 295 -57.71 34.15 -16.45
N GLU C 296 -56.96 34.38 -15.38
CA GLU C 296 -56.49 35.72 -15.02
C GLU C 296 -55.04 35.95 -15.44
N HIS C 297 -54.39 34.96 -16.03
CA HIS C 297 -52.97 35.02 -16.33
C HIS C 297 -52.75 34.61 -17.78
N ILE C 298 -51.63 35.05 -18.33
CA ILE C 298 -51.20 34.58 -19.65
C ILE C 298 -50.89 33.09 -19.55
N PRO C 299 -51.43 32.25 -20.44
CA PRO C 299 -51.31 30.79 -20.27
C PRO C 299 -49.95 30.21 -20.62
N ILE C 300 -48.91 31.03 -20.78
CA ILE C 300 -47.58 30.54 -21.12
C ILE C 300 -46.73 30.52 -19.87
N VAL C 301 -46.12 29.37 -19.61
CA VAL C 301 -45.26 29.16 -18.44
C VAL C 301 -43.82 29.02 -18.93
N PRO C 302 -42.92 29.93 -18.53
CA PRO C 302 -41.50 29.78 -18.89
C PRO C 302 -40.68 29.10 -17.80
N VAL C 303 -39.62 28.45 -18.24
CA VAL C 303 -38.63 27.82 -17.37
C VAL C 303 -37.26 28.37 -17.74
N PHE C 304 -36.47 28.74 -16.75
CA PHE C 304 -35.18 29.37 -16.97
C PHE C 304 -34.08 28.57 -16.28
N GLY C 305 -32.85 28.74 -16.77
CA GLY C 305 -31.69 28.14 -16.14
C GLY C 305 -31.01 29.12 -15.21
N GLU C 306 -29.87 29.67 -15.64
CA GLU C 306 -29.22 30.76 -14.92
C GLU C 306 -29.76 32.06 -15.49
N TRP C 307 -30.57 32.76 -14.70
CA TRP C 307 -31.32 33.92 -15.17
C TRP C 307 -30.95 35.16 -14.36
N GLY C 308 -30.89 36.30 -15.03
CA GLY C 308 -30.60 37.54 -14.33
C GLY C 308 -30.72 38.73 -15.24
N PHE C 309 -30.37 39.90 -14.68
CA PHE C 309 -30.32 41.14 -15.43
C PHE C 309 -28.95 41.78 -15.21
N VAL C 310 -28.31 42.21 -16.29
CA VAL C 310 -26.99 42.81 -16.19
C VAL C 310 -27.12 44.33 -16.12
N GLU C 311 -27.60 44.94 -17.21
CA GLU C 311 -27.91 46.37 -17.23
C GLU C 311 -29.26 46.53 -17.93
N ASP C 312 -30.33 46.38 -17.16
CA ASP C 312 -31.69 46.39 -17.69
C ASP C 312 -31.82 45.46 -18.91
N LYS C 313 -31.02 44.40 -18.94
CA LYS C 313 -30.96 43.47 -20.07
C LYS C 313 -31.00 42.06 -19.51
N GLU C 314 -32.09 41.35 -19.79
CA GLU C 314 -32.23 39.98 -19.29
C GLU C 314 -31.26 39.06 -19.98
N VAL C 315 -30.55 38.25 -19.20
CA VAL C 315 -29.62 37.25 -19.70
C VAL C 315 -29.96 35.92 -19.05
N TYR C 316 -30.09 34.88 -19.87
CA TYR C 316 -30.30 33.52 -19.39
C TYR C 316 -29.28 32.60 -20.06
N GLU C 317 -28.82 31.61 -19.30
CA GLU C 317 -27.76 30.71 -19.75
C GLU C 317 -28.08 29.30 -19.29
N GLY C 318 -27.61 28.34 -20.07
CA GLY C 318 -27.79 26.94 -19.75
C GLY C 318 -26.54 26.30 -19.20
N VAL C 319 -26.01 25.29 -19.90
CA VAL C 319 -24.79 24.61 -19.48
C VAL C 319 -23.86 24.50 -20.67
N VAL C 320 -24.36 24.82 -21.86
CA VAL C 320 -23.59 24.60 -23.08
C VAL C 320 -22.75 25.82 -23.47
N ARG C 321 -23.19 27.02 -23.11
CA ARG C 321 -22.55 28.24 -23.61
C ARG C 321 -21.08 28.30 -23.23
N LEU C 322 -20.78 28.16 -21.93
CA LEU C 322 -19.41 28.34 -21.46
C LEU C 322 -18.47 27.26 -21.97
N THR C 323 -19.00 26.14 -22.45
CA THR C 323 -18.17 25.07 -23.00
C THR C 323 -17.96 25.22 -24.50
N LYS C 324 -18.56 26.23 -25.13
CA LYS C 324 -18.48 26.33 -26.59
C LYS C 324 -17.08 26.71 -27.05
N ASP C 325 -16.36 27.53 -26.29
CA ASP C 325 -15.05 28.00 -26.73
C ASP C 325 -14.02 26.88 -26.68
N GLY C 326 -13.96 26.15 -25.57
CA GLY C 326 -12.98 25.07 -25.48
C GLY C 326 -13.26 23.95 -26.45
N GLN C 327 -14.52 23.54 -26.54
CA GLN C 327 -14.88 22.44 -27.44
C GLN C 327 -14.55 22.79 -28.89
N ARG C 328 -14.89 24.00 -29.31
CA ARG C 328 -14.54 24.44 -30.66
C ARG C 328 -13.04 24.37 -30.91
N LEU C 329 -12.24 24.56 -29.85
CA LEU C 329 -10.80 24.37 -30.00
C LEU C 329 -10.46 22.89 -30.13
N ARG C 330 -11.07 22.05 -29.30
CA ARG C 330 -10.76 20.63 -29.33
C ARG C 330 -11.14 20.02 -30.67
N ASN C 331 -12.25 20.46 -31.25
CA ASN C 331 -12.61 20.02 -32.59
C ASN C 331 -11.57 20.46 -33.61
N MET C 332 -11.05 21.68 -33.48
CA MET C 332 -10.11 22.19 -34.47
C MET C 332 -8.77 21.45 -34.39
N ILE C 333 -8.21 21.33 -33.18
CA ILE C 333 -6.91 20.71 -33.03
C ILE C 333 -6.96 19.26 -33.51
N MET C 334 -7.97 18.52 -33.09
CA MET C 334 -8.12 17.14 -33.54
C MET C 334 -8.31 17.06 -35.05
N SER C 335 -8.86 18.12 -35.65
CA SER C 335 -8.96 18.17 -37.10
C SER C 335 -7.63 18.44 -37.76
N PHE C 336 -6.77 19.23 -37.10
CA PHE C 336 -5.44 19.48 -37.65
C PHE C 336 -4.58 18.22 -37.59
N ASN C 337 -4.60 17.52 -36.45
CA ASN C 337 -3.78 16.33 -36.29
C ASN C 337 -4.12 15.27 -37.31
N ALA C 338 -5.41 15.11 -37.63
CA ALA C 338 -5.80 14.17 -38.68
C ALA C 338 -5.15 14.54 -40.00
N ASP C 339 -5.09 15.83 -40.32
CA ASP C 339 -4.42 16.26 -41.53
C ASP C 339 -2.95 15.87 -41.52
N ILE C 340 -2.34 15.79 -40.34
CA ILE C 340 -0.96 15.33 -40.24
C ILE C 340 -0.86 13.86 -40.59
N VAL C 341 -1.85 13.07 -40.18
CA VAL C 341 -1.77 11.61 -40.37
C VAL C 341 -1.90 11.25 -41.85
N ALA C 342 -2.82 11.91 -42.56
CA ALA C 342 -3.11 11.55 -43.94
C ALA C 342 -2.14 12.20 -44.93
N ARG C 343 -2.07 13.54 -44.93
CA ARG C 343 -1.29 14.27 -45.92
C ARG C 343 0.10 14.59 -45.36
N THR C 344 0.93 13.56 -45.27
CA THR C 344 2.31 13.75 -44.87
C THR C 344 3.12 12.61 -45.46
N PRO C 345 4.19 12.90 -46.18
CA PRO C 345 5.05 11.83 -46.68
C PRO C 345 5.63 11.02 -45.53
N LYS C 346 5.70 9.70 -45.73
CA LYS C 346 6.14 8.80 -44.68
C LYS C 346 7.65 8.57 -44.76
N LYS C 347 8.15 7.67 -43.92
CA LYS C 347 9.58 7.44 -43.79
C LYS C 347 10.05 6.49 -44.88
N LYS C 348 10.79 7.02 -45.85
CA LYS C 348 11.38 6.25 -46.93
C LYS C 348 12.79 6.79 -47.17
N PRO C 349 13.70 5.95 -47.67
CA PRO C 349 15.07 6.42 -47.89
C PRO C 349 15.17 7.46 -48.99
N PHE C 350 16.19 8.30 -48.87
CA PHE C 350 16.56 9.24 -49.92
C PHE C 350 17.67 8.63 -50.75
N PHE C 351 17.44 8.48 -52.05
CA PHE C 351 18.37 7.82 -52.95
C PHE C 351 18.68 8.72 -54.12
N TRP C 352 19.95 8.75 -54.53
CA TRP C 352 20.27 9.27 -55.85
C TRP C 352 19.83 8.24 -56.89
N PRO C 353 19.35 8.69 -58.06
CA PRO C 353 18.94 7.72 -59.09
C PRO C 353 20.05 6.80 -59.53
N GLU C 354 21.30 7.26 -59.51
CA GLU C 354 22.42 6.43 -59.93
C GLU C 354 22.86 5.45 -58.84
N GLN C 355 22.45 5.65 -57.60
CA GLN C 355 22.85 4.74 -56.53
C GLN C 355 22.17 3.38 -56.69
N ILE C 356 20.93 3.36 -57.15
CA ILE C 356 20.14 2.14 -57.24
C ILE C 356 19.78 1.82 -58.69
N ALA C 357 20.57 2.29 -59.65
CA ALA C 357 20.30 2.04 -61.05
C ALA C 357 20.52 0.57 -61.36
N GLY C 358 19.47 -0.11 -61.83
CA GLY C 358 19.51 -1.53 -62.10
C GLY C 358 19.11 -2.41 -60.94
N PHE C 359 18.99 -1.85 -59.74
CA PHE C 359 18.57 -2.58 -58.56
C PHE C 359 17.22 -2.11 -58.03
N GLU C 360 16.45 -1.42 -58.87
CA GLU C 360 15.22 -0.79 -58.39
C GLU C 360 14.19 -1.80 -57.92
N HIS C 361 14.21 -3.02 -58.47
CA HIS C 361 13.28 -4.04 -58.04
C HIS C 361 13.63 -4.61 -56.66
N MET C 362 14.79 -4.28 -56.12
CA MET C 362 15.18 -4.75 -54.80
C MET C 362 14.58 -3.92 -53.69
N TYR C 363 14.05 -2.73 -53.99
CA TYR C 363 13.56 -1.80 -52.99
C TYR C 363 12.05 -1.57 -53.07
N ASP C 364 11.35 -2.30 -53.94
CA ASP C 364 9.93 -2.08 -54.12
C ASP C 364 9.08 -2.61 -52.97
N GLY C 365 9.66 -3.38 -52.06
CA GLY C 365 8.93 -3.90 -50.92
C GLY C 365 8.82 -5.41 -50.87
N ASN C 366 9.33 -6.15 -51.86
CA ASN C 366 9.27 -7.60 -51.80
C ASN C 366 10.32 -8.14 -50.83
N ASP C 367 10.21 -9.43 -50.55
CA ASP C 367 11.12 -10.11 -49.62
C ASP C 367 11.75 -11.32 -50.29
N ASP C 368 12.18 -11.18 -51.54
CA ASP C 368 12.78 -12.27 -52.29
C ASP C 368 14.30 -12.18 -52.32
N TYR C 369 14.90 -11.23 -51.61
CA TYR C 369 16.34 -11.06 -51.64
C TYR C 369 16.89 -11.04 -50.23
N PRO C 370 18.14 -11.47 -50.04
CA PRO C 370 18.73 -11.46 -48.69
C PRO C 370 19.32 -10.12 -48.28
N TYR C 371 19.46 -9.17 -49.21
CA TYR C 371 20.07 -7.89 -48.91
C TYR C 371 19.69 -6.90 -50.00
N TYR C 372 20.28 -5.71 -49.94
CA TYR C 372 20.11 -4.70 -50.97
C TYR C 372 21.46 -4.36 -51.56
N LEU C 373 21.52 -4.26 -52.89
CA LEU C 373 22.74 -3.92 -53.59
C LEU C 373 22.69 -2.46 -54.03
N LEU C 374 23.85 -1.81 -54.00
CA LEU C 374 23.98 -0.40 -54.39
C LEU C 374 25.08 -0.27 -55.43
N ASN C 375 24.87 0.62 -56.39
CA ASN C 375 25.92 0.95 -57.35
C ASN C 375 27.04 1.69 -56.64
N ARG C 376 28.27 1.45 -57.09
CA ARG C 376 29.44 1.99 -56.41
C ARG C 376 30.29 2.89 -57.30
N THR C 377 30.44 2.56 -58.57
CA THR C 377 31.37 3.25 -59.46
C THR C 377 30.64 4.16 -60.43
N ASP C 378 31.30 5.25 -60.78
CA ASP C 378 30.85 6.19 -61.80
C ASP C 378 31.96 6.34 -62.83
N GLU C 379 31.58 6.35 -64.11
CA GLU C 379 32.59 6.36 -65.17
C GLU C 379 33.27 7.71 -65.30
N ASN C 380 32.69 8.78 -64.74
CA ASN C 380 33.29 10.10 -64.79
C ASN C 380 33.94 10.50 -63.47
N SER C 381 33.27 10.25 -62.35
CA SER C 381 33.79 10.62 -61.04
C SER C 381 34.61 9.50 -60.39
N GLY C 382 34.80 8.38 -61.08
CA GLY C 382 35.56 7.28 -60.53
C GLY C 382 34.75 6.46 -59.53
N ASP C 383 34.38 7.09 -58.41
CA ASP C 383 33.63 6.43 -57.36
C ASP C 383 32.47 7.33 -56.93
N LEU C 384 31.36 6.72 -56.56
CA LEU C 384 30.21 7.47 -56.09
C LEU C 384 30.51 8.08 -54.73
N PRO C 385 30.09 9.32 -54.48
CA PRO C 385 30.36 9.95 -53.19
C PRO C 385 29.69 9.20 -52.04
N THR C 386 30.31 9.26 -50.87
CA THR C 386 29.83 8.58 -49.68
C THR C 386 29.02 9.56 -48.82
N GLN C 387 27.83 9.13 -48.41
CA GLN C 387 26.93 9.95 -47.62
C GLN C 387 25.96 9.01 -46.90
N PRO C 388 25.88 9.07 -45.57
CA PRO C 388 24.97 8.16 -44.85
C PRO C 388 23.54 8.31 -45.32
N LEU C 389 22.84 7.18 -45.42
CA LEU C 389 21.49 7.18 -45.95
C LEU C 389 20.57 8.03 -45.09
N ALA C 390 19.77 8.88 -45.73
CA ALA C 390 18.85 9.79 -45.07
C ALA C 390 17.43 9.31 -45.28
N TYR C 391 16.65 9.26 -44.19
CA TYR C 391 15.27 8.82 -44.24
C TYR C 391 14.35 10.00 -43.91
N TYR C 392 13.23 10.07 -44.61
CA TYR C 392 12.23 11.08 -44.32
C TYR C 392 11.71 10.91 -42.89
N GLU C 393 11.61 12.00 -42.16
CA GLU C 393 11.21 11.93 -40.77
C GLU C 393 9.76 11.47 -40.65
N ASN C 394 9.49 10.67 -39.62
CA ASN C 394 8.14 10.20 -39.36
C ASN C 394 7.25 11.37 -38.99
N PRO C 395 5.98 11.33 -39.39
CA PRO C 395 5.04 12.37 -38.95
C PRO C 395 4.93 12.40 -37.43
N GLU C 396 4.83 13.60 -36.88
CA GLU C 396 4.78 13.78 -35.44
C GLU C 396 3.75 14.86 -35.10
N VAL C 397 2.97 14.61 -34.06
CA VAL C 397 2.06 15.63 -33.55
C VAL C 397 2.86 16.64 -32.74
N PRO C 398 2.77 17.93 -33.04
CA PRO C 398 3.57 18.92 -32.31
C PRO C 398 3.20 18.96 -30.84
N GLN C 399 4.18 19.33 -30.01
CA GLN C 399 3.92 19.48 -28.59
C GLN C 399 2.83 20.52 -28.33
N ALA C 400 2.77 21.57 -29.16
CA ALA C 400 1.73 22.58 -28.99
C ALA C 400 0.35 21.98 -29.21
N ASN C 401 0.20 21.14 -30.23
CA ASN C 401 -1.12 20.56 -30.52
C ASN C 401 -1.58 19.65 -29.39
N ALA C 402 -0.70 18.76 -28.91
CA ALA C 402 -1.09 17.87 -27.82
C ALA C 402 -1.38 18.64 -26.54
N TYR C 403 -0.53 19.62 -26.22
CA TYR C 403 -0.74 20.41 -25.02
C TYR C 403 -2.07 21.17 -25.09
N MET C 404 -2.37 21.74 -26.25
CA MET C 404 -3.60 22.52 -26.37
C MET C 404 -4.83 21.63 -26.39
N LEU C 405 -4.74 20.44 -26.99
CA LEU C 405 -5.88 19.52 -26.94
C LEU C 405 -6.17 19.12 -25.51
N GLU C 406 -5.13 18.77 -24.75
CA GLU C 406 -5.32 18.42 -23.34
C GLU C 406 -5.88 19.59 -22.54
N ALA C 407 -5.35 20.80 -22.77
CA ALA C 407 -5.80 21.96 -22.02
C ALA C 407 -7.25 22.29 -22.32
N ALA C 408 -7.64 22.24 -23.61
CA ALA C 408 -9.02 22.52 -23.98
C ALA C 408 -9.97 21.48 -23.42
N THR C 409 -9.59 20.20 -23.49
CA THR C 409 -10.44 19.16 -22.93
C THR C 409 -10.61 19.35 -21.43
N SER C 410 -9.52 19.67 -20.72
CA SER C 410 -9.62 19.91 -19.28
C SER C 410 -10.49 21.11 -18.97
N ALA C 411 -10.35 22.18 -19.76
CA ALA C 411 -11.16 23.38 -19.54
C ALA C 411 -12.65 23.08 -19.73
N VAL C 412 -12.99 22.33 -20.77
CA VAL C 412 -14.40 21.99 -20.97
C VAL C 412 -14.90 21.07 -19.87
N LYS C 413 -14.06 20.12 -19.43
CA LYS C 413 -14.45 19.24 -18.33
C LYS C 413 -14.74 20.05 -17.07
N GLU C 414 -13.91 21.05 -16.79
CA GLU C 414 -14.10 21.83 -15.56
C GLU C 414 -15.29 22.77 -15.66
N VAL C 415 -15.49 23.40 -16.82
CA VAL C 415 -16.54 24.39 -16.93
C VAL C 415 -17.92 23.77 -17.15
N ALA C 416 -17.98 22.53 -17.60
CA ALA C 416 -19.26 21.87 -17.86
C ALA C 416 -19.75 21.09 -16.64
N THR C 417 -19.80 21.76 -15.49
CA THR C 417 -20.32 21.18 -14.26
C THR C 417 -21.40 22.12 -13.73
N LEU C 418 -22.66 21.73 -13.91
CA LEU C 418 -23.77 22.49 -13.37
C LEU C 418 -23.78 22.37 -11.86
N GLY C 419 -23.60 23.48 -11.16
CA GLY C 419 -23.55 23.44 -9.71
C GLY C 419 -22.38 22.60 -9.23
N VAL C 420 -22.66 21.71 -8.28
CA VAL C 420 -21.64 20.82 -7.74
C VAL C 420 -21.78 19.43 -8.36
N GLU C 445 -24.90 18.08 -9.87
CA GLU C 445 -26.21 18.23 -9.25
C GLU C 445 -26.99 19.36 -9.89
N THR C 446 -28.29 19.19 -10.01
CA THR C 446 -29.16 20.12 -10.70
C THR C 446 -30.18 20.75 -9.76
N TYR C 447 -29.77 21.05 -8.53
CA TYR C 447 -30.72 21.56 -7.55
C TYR C 447 -31.31 22.90 -7.98
N VAL C 448 -30.48 23.80 -8.51
CA VAL C 448 -30.98 25.11 -8.90
C VAL C 448 -31.94 24.98 -10.08
N PHE C 449 -31.62 24.12 -11.04
CA PHE C 449 -32.51 23.90 -12.17
C PHE C 449 -33.83 23.27 -11.73
N GLN C 450 -33.77 22.33 -10.79
CA GLN C 450 -35.00 21.75 -10.25
C GLN C 450 -35.82 22.79 -9.50
N ASP C 451 -35.16 23.69 -8.78
CA ASP C 451 -35.88 24.77 -8.09
C ASP C 451 -36.56 25.71 -9.09
N ASN C 452 -35.88 26.02 -10.19
CA ASN C 452 -36.50 26.85 -11.22
C ASN C 452 -37.68 26.13 -11.86
N LEU C 453 -37.55 24.83 -12.08
CA LEU C 453 -38.68 24.06 -12.61
C LEU C 453 -39.84 24.03 -11.61
N ALA C 454 -39.53 23.98 -10.31
CA ALA C 454 -40.58 24.03 -9.30
C ALA C 454 -41.29 25.38 -9.33
N THR C 455 -40.54 26.46 -9.51
CA THR C 455 -41.16 27.77 -9.67
C THR C 455 -42.07 27.80 -10.89
N ALA C 456 -41.62 27.22 -12.00
CA ALA C 456 -42.45 27.17 -13.20
C ALA C 456 -43.72 26.36 -12.96
N MET C 457 -43.61 25.25 -12.23
CA MET C 457 -44.80 24.44 -11.94
C MET C 457 -45.74 25.15 -10.98
N ARG C 458 -45.21 25.97 -10.06
CA ARG C 458 -46.08 26.77 -9.22
C ARG C 458 -46.86 27.80 -10.05
N ARG C 459 -46.19 28.44 -11.00
CA ARG C 459 -46.90 29.34 -11.90
C ARG C 459 -47.95 28.60 -12.72
N ASP C 460 -47.61 27.39 -13.17
CA ASP C 460 -48.55 26.55 -13.89
C ASP C 460 -49.79 26.26 -13.03
N GLY C 461 -49.57 25.94 -11.75
CA GLY C 461 -50.70 25.68 -10.87
C GLY C 461 -51.56 26.92 -10.68
N GLU C 462 -50.95 28.09 -10.56
CA GLU C 462 -51.71 29.33 -10.45
C GLU C 462 -52.59 29.54 -11.68
N ILE C 463 -51.99 29.41 -12.87
CA ILE C 463 -52.75 29.61 -14.10
C ILE C 463 -53.87 28.59 -14.22
N TYR C 464 -53.58 27.33 -13.88
CA TYR C 464 -54.58 26.28 -13.97
C TYR C 464 -55.74 26.54 -13.01
N GLN C 465 -55.45 27.01 -11.79
CA GLN C 465 -56.51 27.33 -10.86
C GLN C 465 -57.39 28.45 -11.38
N SER C 466 -56.77 29.48 -11.98
CA SER C 466 -57.56 30.56 -12.55
C SER C 466 -58.47 30.05 -13.66
N ILE C 467 -57.92 29.22 -14.56
CA ILE C 467 -58.72 28.70 -15.67
C ILE C 467 -59.86 27.83 -15.14
N VAL C 468 -59.58 27.00 -14.13
CA VAL C 468 -60.59 26.13 -13.56
C VAL C 468 -61.72 26.96 -12.96
N ASN C 469 -61.39 28.01 -12.23
CA ASN C 469 -62.43 28.91 -11.72
C ASN C 469 -63.20 29.56 -12.85
N ASP C 470 -62.54 29.80 -13.99
CA ASP C 470 -63.23 30.45 -15.10
C ASP C 470 -64.23 29.54 -15.80
N ILE C 471 -63.83 28.30 -16.10
CA ILE C 471 -64.64 27.49 -17.01
C ILE C 471 -65.21 26.23 -16.35
N TYR C 472 -64.50 25.68 -15.37
CA TYR C 472 -64.93 24.40 -14.81
C TYR C 472 -66.06 24.60 -13.80
N ASP C 473 -66.62 23.48 -13.36
CA ASP C 473 -67.69 23.46 -12.37
C ASP C 473 -67.08 23.07 -11.03
N VAL C 474 -66.88 24.05 -10.15
CA VAL C 474 -66.26 23.84 -8.86
C VAL C 474 -67.36 23.74 -7.82
N PRO C 475 -67.60 22.56 -7.23
CA PRO C 475 -68.62 22.46 -6.19
C PRO C 475 -68.20 23.15 -4.91
N ARG C 476 -69.19 23.65 -4.18
CA ARG C 476 -68.97 24.22 -2.86
C ARG C 476 -69.37 23.18 -1.82
N ASN C 477 -68.45 22.87 -0.91
CA ASN C 477 -68.67 21.82 0.07
C ASN C 477 -69.32 22.42 1.32
N VAL C 478 -70.51 21.92 1.66
CA VAL C 478 -71.24 22.37 2.84
C VAL C 478 -70.99 21.38 3.96
N THR C 479 -71.09 21.87 5.19
CA THR C 479 -70.83 21.06 6.38
C THR C 479 -72.10 20.57 7.05
N ILE C 480 -73.26 20.77 6.44
CA ILE C 480 -74.52 20.32 7.02
C ILE C 480 -74.67 18.81 6.83
N LEU C 492 -71.00 17.49 2.03
CA LEU C 492 -71.81 17.41 0.82
C LEU C 492 -71.44 18.51 -0.16
N MET C 493 -71.28 18.14 -1.43
CA MET C 493 -70.94 19.08 -2.48
C MET C 493 -72.21 19.54 -3.19
N ALA C 494 -72.44 20.85 -3.21
CA ALA C 494 -73.63 21.44 -3.81
C ALA C 494 -73.22 22.17 -5.08
N GLU C 495 -73.43 21.51 -6.22
CA GLU C 495 -73.13 22.12 -7.53
C GLU C 495 -74.34 22.96 -7.96
N VAL C 496 -74.20 24.28 -7.90
CA VAL C 496 -75.28 25.19 -8.24
C VAL C 496 -74.97 25.78 -9.62
N VAL C 497 -75.75 25.40 -10.62
CA VAL C 497 -75.61 25.90 -11.98
C VAL C 497 -77.00 26.05 -12.59
N ASP C 498 -77.05 26.72 -13.74
CA ASP C 498 -78.31 26.87 -14.47
C ASP C 498 -78.01 27.01 -15.95
N LEU C 499 -79.03 26.72 -16.75
CA LEU C 499 -78.94 26.78 -18.20
C LEU C 499 -79.80 27.93 -18.73
N ALA C 500 -79.34 28.54 -19.81
CA ALA C 500 -80.05 29.63 -20.44
C ALA C 500 -81.15 29.11 -21.36
N THR C 501 -81.84 30.02 -22.03
CA THR C 501 -82.86 29.63 -23.00
C THR C 501 -82.24 29.01 -24.25
N GLY C 502 -80.94 29.20 -24.47
CA GLY C 502 -80.26 28.61 -25.61
C GLY C 502 -79.66 27.26 -25.28
N GLU C 503 -80.12 26.65 -24.19
CA GLU C 503 -79.72 25.35 -23.68
C GLU C 503 -78.29 25.32 -23.18
N LYS C 504 -77.57 26.45 -23.22
CA LYS C 504 -76.19 26.49 -22.74
C LYS C 504 -76.17 26.68 -21.23
N GLN C 505 -75.44 25.80 -20.54
CA GLN C 505 -75.31 25.89 -19.09
C GLN C 505 -74.16 26.84 -18.75
N VAL C 506 -74.41 27.75 -17.82
CA VAL C 506 -73.41 28.71 -17.37
C VAL C 506 -73.02 28.38 -15.94
N LEU C 507 -71.73 28.19 -15.71
CA LEU C 507 -71.24 27.87 -14.38
C LEU C 507 -71.44 29.07 -13.44
N ASN C 508 -71.72 28.75 -12.17
CA ASN C 508 -71.92 29.75 -11.13
C ASN C 508 -70.89 29.47 -10.04
N ASP C 509 -69.79 30.22 -10.05
CA ASP C 509 -68.71 30.05 -9.09
C ASP C 509 -68.66 31.25 -8.17
N ILE C 510 -68.75 30.99 -6.86
CA ILE C 510 -68.69 32.07 -5.88
C ILE C 510 -67.28 32.64 -5.80
N ARG C 511 -67.18 33.84 -5.21
CA ARG C 511 -65.88 34.48 -5.05
C ARG C 511 -65.00 33.79 -4.01
N GLY C 512 -65.56 32.91 -3.19
CA GLY C 512 -64.76 32.12 -2.28
C GLY C 512 -64.06 30.97 -2.99
N ARG C 513 -63.23 31.29 -3.98
CA ARG C 513 -62.61 30.30 -4.84
C ARG C 513 -61.16 30.02 -4.50
N TYR C 514 -60.41 31.03 -4.06
CA TYR C 514 -58.99 30.86 -3.75
C TYR C 514 -58.81 30.34 -2.33
N GLU C 515 -59.32 29.12 -2.10
CA GLU C 515 -59.25 28.48 -0.80
C GLU C 515 -58.04 27.57 -0.65
N CYS C 516 -57.25 27.38 -1.70
CA CYS C 516 -56.07 26.54 -1.63
C CYS C 516 -54.91 27.24 -2.33
N TYR C 517 -53.70 27.01 -1.82
CA TYR C 517 -52.49 27.57 -2.40
C TYR C 517 -51.67 26.46 -3.05
N THR C 518 -50.61 26.89 -3.74
CA THR C 518 -49.83 26.02 -4.61
C THR C 518 -48.49 25.67 -3.98
N ASP C 519 -48.12 24.39 -4.07
CA ASP C 519 -46.83 23.89 -3.63
C ASP C 519 -46.33 22.91 -4.68
N VAL C 520 -45.16 22.33 -4.43
CA VAL C 520 -44.53 21.41 -5.36
C VAL C 520 -44.37 20.07 -4.67
N GLY C 521 -44.80 19.00 -5.34
CA GLY C 521 -44.69 17.66 -4.81
C GLY C 521 -44.40 16.65 -5.89
N PRO C 522 -44.33 15.38 -5.51
CA PRO C 522 -44.10 14.32 -6.52
C PRO C 522 -45.26 14.22 -7.48
N SER C 523 -44.94 13.76 -8.69
CA SER C 523 -45.93 13.63 -9.76
C SER C 523 -46.67 12.31 -9.61
N PHE C 524 -48.00 12.38 -9.50
CA PHE C 524 -48.84 11.21 -9.35
C PHE C 524 -49.90 11.22 -10.45
N GLN C 525 -50.22 10.03 -10.96
CA GLN C 525 -51.18 9.92 -12.05
C GLN C 525 -52.62 10.12 -11.61
N SER C 526 -52.94 9.91 -10.33
CA SER C 526 -54.30 10.03 -9.86
C SER C 526 -54.28 10.24 -8.35
N MET C 527 -55.46 10.55 -7.81
CA MET C 527 -55.59 10.75 -6.36
C MET C 527 -55.36 9.46 -5.58
N LYS C 528 -55.73 8.30 -6.14
CA LYS C 528 -55.53 7.04 -5.44
C LYS C 528 -54.04 6.76 -5.24
N GLN C 529 -53.23 7.04 -6.27
CA GLN C 529 -51.79 6.87 -6.13
C GLN C 529 -51.22 7.80 -5.07
N GLN C 530 -51.69 9.05 -5.04
CA GLN C 530 -51.23 9.98 -4.02
C GLN C 530 -51.61 9.52 -2.62
N ASN C 531 -52.83 9.02 -2.45
CA ASN C 531 -53.25 8.51 -1.14
C ASN C 531 -52.41 7.30 -0.74
N ARG C 532 -52.13 6.40 -1.69
CA ARG C 532 -51.28 5.26 -1.39
C ARG C 532 -49.88 5.71 -0.96
N ALA C 533 -49.33 6.70 -1.66
CA ALA C 533 -48.00 7.20 -1.30
C ALA C 533 -48.01 7.83 0.09
N GLU C 534 -49.05 8.59 0.42
CA GLU C 534 -49.15 9.20 1.73
C GLU C 534 -49.27 8.15 2.83
N ILE C 535 -50.08 7.12 2.59
CA ILE C 535 -50.23 6.06 3.58
C ILE C 535 -48.91 5.32 3.78
N LEU C 536 -48.20 5.05 2.68
CA LEU C 536 -46.91 4.38 2.80
C LEU C 536 -45.90 5.25 3.53
N GLU C 537 -45.90 6.56 3.28
CA GLU C 537 -44.99 7.46 3.97
C GLU C 537 -45.28 7.50 5.46
N LEU C 538 -46.56 7.56 5.83
CA LEU C 538 -46.92 7.53 7.25
C LEU C 538 -46.55 6.19 7.88
N LEU C 539 -46.70 5.10 7.14
CA LEU C 539 -46.40 3.77 7.67
C LEU C 539 -44.92 3.62 7.99
N GLY C 540 -44.05 4.23 7.19
CA GLY C 540 -42.62 4.08 7.39
C GLY C 540 -42.09 4.77 8.62
N LYS C 541 -42.89 5.65 9.24
CA LYS C 541 -42.46 6.37 10.43
C LYS C 541 -43.18 5.95 11.69
N THR C 542 -44.30 5.23 11.58
CA THR C 542 -45.09 4.84 12.74
C THR C 542 -44.60 3.51 13.29
N PRO C 543 -44.30 3.43 14.58
CA PRO C 543 -43.85 2.15 15.16
C PRO C 543 -44.97 1.12 15.16
N GLN C 544 -44.58 -0.13 15.36
CA GLN C 544 -45.53 -1.24 15.24
C GLN C 544 -46.49 -1.30 16.43
N GLY C 545 -47.36 -0.30 16.53
CA GLY C 545 -48.40 -0.30 17.54
C GLY C 545 -49.77 -0.49 16.95
N THR C 546 -50.77 0.23 17.47
CA THR C 546 -52.12 0.19 16.91
C THR C 546 -52.24 1.07 15.67
N PRO C 547 -51.69 2.29 15.63
CA PRO C 547 -51.74 3.07 14.38
C PRO C 547 -51.06 2.38 13.21
N GLU C 548 -50.03 1.56 13.47
CA GLU C 548 -49.42 0.80 12.39
C GLU C 548 -50.41 -0.17 11.77
N TYR C 549 -51.19 -0.87 12.60
CA TYR C 549 -52.24 -1.75 12.08
C TYR C 549 -53.30 -0.94 11.33
N GLN C 550 -53.65 0.23 11.87
CA GLN C 550 -54.63 1.08 11.22
C GLN C 550 -54.17 1.47 9.82
N LEU C 551 -52.91 1.90 9.71
CA LEU C 551 -52.39 2.33 8.42
C LEU C 551 -52.18 1.16 7.46
N LEU C 552 -51.86 -0.03 7.98
CA LEU C 552 -51.78 -1.20 7.11
C LEU C 552 -53.15 -1.56 6.53
N LEU C 553 -54.19 -1.53 7.37
CA LEU C 553 -55.53 -1.77 6.87
C LEU C 553 -55.95 -0.70 5.87
N LEU C 554 -55.53 0.55 6.11
CA LEU C 554 -55.83 1.62 5.16
C LEU C 554 -55.08 1.46 3.85
N GLN C 555 -53.87 0.91 3.89
CA GLN C 555 -53.14 0.63 2.66
C GLN C 555 -53.83 -0.47 1.87
N TYR C 556 -54.27 -1.53 2.56
CA TYR C 556 -55.06 -2.56 1.89
C TYR C 556 -56.40 -2.02 1.40
N PHE C 557 -56.89 -0.95 2.00
CA PHE C 557 -58.12 -0.29 1.57
C PHE C 557 -58.03 0.16 0.11
N THR C 558 -56.97 0.91 -0.24
CA THR C 558 -56.90 1.64 -1.49
C THR C 558 -56.11 0.89 -2.56
N LEU C 559 -56.17 -0.43 -2.57
CA LEU C 559 -55.44 -1.21 -3.56
C LEU C 559 -56.29 -1.45 -4.80
N LEU C 560 -55.60 -1.64 -5.92
CA LEU C 560 -56.27 -1.93 -7.19
C LEU C 560 -56.96 -3.29 -7.13
N ASP C 561 -57.67 -3.63 -8.19
CA ASP C 561 -58.60 -4.75 -8.16
C ASP C 561 -58.15 -5.87 -9.07
N GLY C 562 -57.90 -7.03 -8.48
CA GLY C 562 -57.77 -8.29 -9.20
C GLY C 562 -58.82 -9.24 -8.66
N LYS C 563 -58.39 -10.41 -8.20
CA LYS C 563 -59.31 -11.35 -7.55
C LYS C 563 -58.93 -11.61 -6.10
N GLY C 564 -57.68 -11.99 -5.83
CA GLY C 564 -57.26 -12.18 -4.45
C GLY C 564 -57.14 -10.87 -3.68
N VAL C 565 -56.56 -9.85 -4.31
CA VAL C 565 -56.46 -8.54 -3.67
C VAL C 565 -57.84 -7.97 -3.39
N GLU C 566 -58.84 -8.37 -4.18
CA GLU C 566 -60.21 -8.01 -3.85
C GLU C 566 -60.63 -8.61 -2.52
N MET C 567 -60.29 -9.88 -2.30
CA MET C 567 -60.61 -10.51 -1.01
C MET C 567 -59.87 -9.82 0.13
N MET C 568 -58.61 -9.47 -0.10
CA MET C 568 -57.83 -8.79 0.95
C MET C 568 -58.43 -7.44 1.29
N ARG C 569 -58.84 -6.67 0.28
CA ARG C 569 -59.42 -5.36 0.53
C ARG C 569 -60.79 -5.47 1.18
N ASP C 570 -61.57 -6.50 0.82
CA ASP C 570 -62.84 -6.72 1.51
C ASP C 570 -62.61 -7.06 2.97
N TYR C 571 -61.59 -7.87 3.26
CA TYR C 571 -61.25 -8.17 4.64
C TYR C 571 -60.84 -6.90 5.39
N ALA C 572 -60.05 -6.04 4.75
CA ALA C 572 -59.66 -4.78 5.37
C ALA C 572 -60.87 -3.89 5.62
N ASN C 573 -61.81 -3.84 4.66
CA ASN C 573 -63.05 -3.10 4.84
C ASN C 573 -63.81 -3.58 6.07
N LYS C 574 -64.00 -4.90 6.16
CA LYS C 574 -64.72 -5.46 7.29
C LYS C 574 -64.01 -5.15 8.61
N GLN C 575 -62.69 -5.28 8.63
CA GLN C 575 -61.94 -5.00 9.85
C GLN C 575 -62.07 -3.54 10.27
N LEU C 576 -61.96 -2.61 9.30
CA LEU C 576 -62.05 -1.20 9.64
C LEU C 576 -63.45 -0.83 10.11
N ILE C 577 -64.49 -1.38 9.47
CA ILE C 577 -65.85 -1.09 9.90
C ILE C 577 -66.10 -1.66 11.30
N GLN C 578 -65.62 -2.87 11.56
CA GLN C 578 -65.93 -3.54 12.82
C GLN C 578 -65.25 -2.88 14.02
N MET C 579 -64.20 -2.10 13.81
CA MET C 579 -63.54 -1.38 14.88
C MET C 579 -64.11 0.00 15.12
N GLY C 580 -65.21 0.34 14.46
CA GLY C 580 -65.84 1.64 14.66
C GLY C 580 -65.07 2.81 14.11
N VAL C 581 -64.10 2.56 13.24
CA VAL C 581 -63.26 3.64 12.71
C VAL C 581 -63.79 4.17 11.40
N LYS C 582 -64.19 3.28 10.49
CA LYS C 582 -64.91 3.69 9.29
C LYS C 582 -66.38 3.86 9.59
N LYS C 583 -66.98 4.93 9.07
CA LYS C 583 -68.41 5.11 9.15
C LYS C 583 -69.08 4.26 8.06
N PRO C 584 -69.94 3.31 8.42
CA PRO C 584 -70.60 2.50 7.38
C PRO C 584 -71.48 3.36 6.49
N GLU C 585 -71.49 3.02 5.19
CA GLU C 585 -72.30 3.71 4.20
C GLU C 585 -73.38 2.81 3.64
N THR C 586 -73.01 1.68 3.10
CA THR C 586 -73.74 0.58 2.49
C THR C 586 -74.26 -0.35 3.58
N PRO C 587 -75.50 -0.83 3.47
CA PRO C 587 -76.10 -1.61 4.57
C PRO C 587 -75.31 -2.86 4.94
N GLU C 588 -74.55 -3.43 4.00
CA GLU C 588 -73.66 -4.54 4.34
C GLU C 588 -72.73 -4.15 5.49
N GLU C 589 -72.05 -3.01 5.35
CA GLU C 589 -71.25 -2.50 6.45
C GLU C 589 -72.11 -2.20 7.67
N GLN C 590 -73.39 -1.87 7.46
CA GLN C 590 -74.26 -1.57 8.60
C GLN C 590 -74.43 -2.79 9.49
N GLN C 591 -74.83 -3.95 8.93
CA GLN C 591 -74.94 -5.03 9.90
C GLN C 591 -73.58 -5.66 10.19
N TRP C 592 -72.53 -5.36 9.42
CA TRP C 592 -71.19 -5.70 9.88
C TRP C 592 -70.90 -5.03 11.21
N LEU C 593 -71.17 -3.72 11.29
CA LEU C 593 -71.02 -3.00 12.55
C LEU C 593 -71.99 -3.52 13.61
N VAL C 594 -73.19 -3.93 13.20
CA VAL C 594 -74.16 -4.48 14.15
C VAL C 594 -73.61 -5.75 14.79
N GLU C 595 -73.07 -6.66 13.98
CA GLU C 595 -72.49 -7.89 14.49
C GLU C 595 -71.27 -7.60 15.36
N ALA C 596 -70.46 -6.61 14.97
CA ALA C 596 -69.32 -6.24 15.80
C ALA C 596 -69.78 -5.76 17.17
N GLN C 597 -70.83 -4.94 17.22
CA GLN C 597 -71.36 -4.48 18.50
C GLN C 597 -71.94 -5.63 19.31
N GLN C 598 -72.63 -6.56 18.65
CA GLN C 598 -73.17 -7.72 19.36
C GLN C 598 -72.06 -8.56 19.97
N ALA C 599 -70.98 -8.77 19.22
CA ALA C 599 -69.83 -9.50 19.77
C ALA C 599 -69.20 -8.74 20.92
N LYS C 600 -69.11 -7.42 20.81
CA LYS C 600 -68.55 -6.61 21.90
C LYS C 600 -69.38 -6.74 23.16
N GLN C 601 -70.70 -6.72 23.04
CA GLN C 601 -71.57 -6.83 24.20
C GLN C 601 -71.53 -8.22 24.83
N GLY C 602 -71.00 -9.21 24.13
CA GLY C 602 -70.96 -10.56 24.64
C GLY C 602 -69.58 -11.05 25.03
N GLN C 603 -68.75 -10.15 25.57
CA GLN C 603 -67.41 -10.49 26.03
C GLN C 603 -67.34 -10.40 27.55
N GLN C 604 -66.64 -11.36 28.15
CA GLN C 604 -66.44 -11.36 29.60
C GLN C 604 -65.19 -12.17 29.90
N ASP C 605 -64.36 -11.66 30.81
CA ASP C 605 -63.08 -12.28 31.12
C ASP C 605 -63.15 -13.06 32.43
N PRO C 606 -62.49 -14.21 32.51
CA PRO C 606 -62.66 -15.08 33.69
C PRO C 606 -62.27 -14.44 35.00
N ALA C 607 -61.26 -13.57 35.01
CA ALA C 607 -60.82 -12.95 36.27
C ALA C 607 -61.91 -12.05 36.84
N MET C 608 -62.51 -11.21 35.99
CA MET C 608 -63.64 -10.38 36.42
C MET C 608 -64.77 -11.23 36.96
N VAL C 609 -65.09 -12.33 36.26
CA VAL C 609 -66.18 -13.19 36.69
C VAL C 609 -65.89 -13.75 38.09
N GLN C 610 -64.72 -14.38 38.25
CA GLN C 610 -64.37 -14.97 39.55
C GLN C 610 -64.37 -13.93 40.65
N ALA C 611 -63.89 -12.72 40.36
CA ALA C 611 -63.91 -11.65 41.34
C ALA C 611 -65.34 -11.32 41.77
N GLN C 612 -66.25 -11.21 40.80
CA GLN C 612 -67.65 -10.98 41.13
C GLN C 612 -68.20 -12.10 42.00
N GLY C 613 -67.82 -13.34 41.70
CA GLY C 613 -68.31 -14.46 42.48
C GLY C 613 -67.85 -14.41 43.92
N VAL C 614 -66.57 -14.11 44.13
CA VAL C 614 -66.05 -13.97 45.49
C VAL C 614 -66.75 -12.84 46.21
N LEU C 615 -66.95 -11.70 45.52
CA LEU C 615 -67.58 -10.55 46.16
C LEU C 615 -69.01 -10.87 46.59
N LEU C 616 -69.77 -11.56 45.75
CA LEU C 616 -71.15 -11.87 46.12
C LEU C 616 -71.24 -12.98 47.16
N GLN C 617 -70.29 -13.93 47.16
CA GLN C 617 -70.17 -14.84 48.29
C GLN C 617 -69.99 -14.07 49.59
N GLY C 618 -69.12 -13.07 49.58
CA GLY C 618 -68.93 -12.26 50.77
C GLY C 618 -70.18 -11.50 51.17
N GLN C 619 -70.87 -10.91 50.19
CA GLN C 619 -72.08 -10.15 50.49
C GLN C 619 -73.15 -11.04 51.12
N ALA C 620 -73.32 -12.26 50.59
CA ALA C 620 -74.32 -13.16 51.17
C ALA C 620 -73.90 -13.70 52.52
N GLU C 621 -72.59 -13.84 52.75
CA GLU C 621 -72.17 -14.22 54.10
C GLU C 621 -72.40 -13.08 55.07
N LEU C 622 -72.47 -11.85 54.54
CA LEU C 622 -72.89 -10.73 55.40
C LEU C 622 -74.38 -10.94 55.66
N ALA C 623 -75.15 -11.36 54.64
CA ALA C 623 -76.57 -11.60 54.85
C ALA C 623 -76.78 -12.65 55.94
N LYS C 624 -75.99 -13.72 55.91
CA LYS C 624 -76.08 -14.75 56.95
C LYS C 624 -75.72 -14.18 58.32
N ALA C 625 -74.72 -13.30 58.38
CA ALA C 625 -74.37 -12.68 59.65
C ALA C 625 -75.53 -11.86 60.20
N GLN C 626 -76.18 -11.08 59.34
CA GLN C 626 -77.32 -10.27 59.79
C GLN C 626 -78.47 -11.15 60.25
N ASN C 627 -78.73 -12.24 59.53
CA ASN C 627 -79.75 -13.18 59.99
C ASN C 627 -79.39 -13.79 61.33
N GLN C 628 -78.10 -14.03 61.56
CA GLN C 628 -77.67 -14.51 62.86
C GLN C 628 -77.97 -13.49 63.95
N THR C 629 -77.71 -12.21 63.68
CA THR C 629 -78.08 -11.16 64.63
C THR C 629 -79.57 -11.23 64.96
N LEU C 630 -80.40 -11.27 63.92
CA LEU C 630 -81.85 -11.24 64.12
C LEU C 630 -82.32 -12.47 64.89
N SER C 631 -81.82 -13.65 64.52
CA SER C 631 -82.24 -14.88 65.20
C SER C 631 -81.80 -14.89 66.65
N LEU C 632 -80.58 -14.42 66.93
CA LEU C 632 -80.12 -14.37 68.31
C LEU C 632 -80.96 -13.41 69.14
N GLN C 633 -81.31 -12.26 68.57
CA GLN C 633 -82.17 -11.31 69.30
C GLN C 633 -83.56 -11.92 69.56
N ILE C 634 -84.11 -12.63 68.57
CA ILE C 634 -85.43 -13.22 68.76
C ILE C 634 -85.39 -14.35 69.78
N ASP C 635 -84.35 -15.17 69.74
CA ASP C 635 -84.18 -16.20 70.76
C ASP C 635 -83.98 -15.58 72.15
N ALA C 636 -83.32 -14.42 72.22
CA ALA C 636 -83.21 -13.70 73.48
C ALA C 636 -84.57 -13.27 73.98
N ALA C 637 -85.42 -12.75 73.09
CA ALA C 637 -86.77 -12.37 73.48
C ALA C 637 -87.56 -13.56 73.99
N LYS C 638 -87.44 -14.70 73.31
CA LYS C 638 -88.05 -15.93 73.80
C LYS C 638 -87.51 -16.31 75.17
N VAL C 639 -86.21 -16.11 75.37
CA VAL C 639 -85.59 -16.46 76.65
C VAL C 639 -86.17 -15.62 77.78
N GLU C 640 -86.28 -14.30 77.58
CA GLU C 640 -86.83 -13.47 78.64
C GLU C 640 -88.31 -13.76 78.86
N ALA C 641 -89.05 -14.06 77.78
CA ALA C 641 -90.45 -14.44 77.95
C ALA C 641 -90.59 -15.70 78.78
N GLN C 642 -89.77 -16.71 78.49
CA GLN C 642 -89.82 -17.96 79.24
C GLN C 642 -89.41 -17.74 80.70
N ASN C 643 -88.40 -16.90 80.93
CA ASN C 643 -87.98 -16.62 82.30
C ASN C 643 -89.07 -15.90 83.08
N GLN C 644 -89.75 -14.94 82.44
CA GLN C 644 -90.86 -14.26 83.09
C GLN C 644 -92.00 -15.21 83.40
N LEU C 645 -92.30 -16.12 82.46
CA LEU C 645 -93.36 -17.09 82.71
C LEU C 645 -93.00 -18.02 83.86
N ASN C 646 -91.75 -18.48 83.91
CA ASN C 646 -91.32 -19.35 85.00
C ASN C 646 -91.30 -18.61 86.33
N ALA C 647 -90.84 -17.37 86.34
CA ALA C 647 -90.77 -16.58 87.57
C ALA C 647 -92.15 -16.07 87.96
N MET D 1 28.40 -5.22 -83.79
CA MET D 1 29.61 -4.51 -83.41
C MET D 1 30.76 -4.83 -84.35
N GLN D 2 31.69 -3.88 -84.50
CA GLN D 2 32.86 -4.10 -85.34
C GLN D 2 33.99 -4.79 -84.60
N ILE D 3 33.92 -4.86 -83.27
CA ILE D 3 34.95 -5.53 -82.47
C ILE D 3 34.46 -6.97 -82.29
N LYS D 4 34.89 -7.85 -83.19
CA LYS D 4 34.40 -9.21 -83.24
C LYS D 4 35.44 -10.28 -82.94
N THR D 5 36.70 -9.90 -82.75
CA THR D 5 37.77 -10.86 -82.50
C THR D 5 38.62 -10.39 -81.32
N LYS D 6 39.45 -11.30 -80.81
CA LYS D 6 40.37 -10.96 -79.73
C LYS D 6 41.36 -9.90 -80.17
N GLY D 7 41.88 -10.02 -81.39
CA GLY D 7 42.78 -9.01 -81.91
C GLY D 7 42.15 -7.64 -82.02
N ASP D 8 40.84 -7.59 -82.32
CA ASP D 8 40.15 -6.32 -82.33
C ASP D 8 40.17 -5.68 -80.94
N LEU D 9 39.96 -6.49 -79.90
CA LEU D 9 40.06 -5.98 -78.53
C LEU D 9 41.46 -5.49 -78.22
N VAL D 10 42.48 -6.23 -78.66
CA VAL D 10 43.86 -5.82 -78.42
C VAL D 10 44.15 -4.50 -79.12
N ARG D 11 43.70 -4.36 -80.36
CA ARG D 11 43.90 -3.12 -81.10
C ARG D 11 43.17 -1.96 -80.43
N ALA D 12 41.96 -2.20 -79.93
CA ALA D 12 41.23 -1.16 -79.21
C ALA D 12 41.97 -0.73 -77.95
N ALA D 13 42.52 -1.69 -77.20
CA ALA D 13 43.28 -1.35 -76.01
C ALA D 13 44.53 -0.54 -76.36
N LEU D 14 45.25 -0.95 -77.42
CA LEU D 14 46.45 -0.24 -77.82
C LEU D 14 46.12 1.18 -78.28
N ARG D 15 45.00 1.34 -78.99
CA ARG D 15 44.56 2.67 -79.39
C ARG D 15 44.19 3.51 -78.17
N LYS D 16 43.55 2.90 -77.17
CA LYS D 16 43.24 3.61 -75.94
C LYS D 16 44.50 4.10 -75.24
N LEU D 17 45.53 3.26 -75.19
CA LEU D 17 46.78 3.66 -74.56
C LEU D 17 47.59 4.63 -75.43
N GLY D 18 47.21 4.82 -76.68
CA GLY D 18 48.00 5.64 -77.58
C GLY D 18 49.26 4.99 -78.09
N VAL D 19 49.45 3.70 -77.81
CA VAL D 19 50.65 2.99 -78.25
C VAL D 19 50.64 2.82 -79.77
N ALA D 20 49.52 2.37 -80.31
CA ALA D 20 49.42 2.12 -81.74
C ALA D 20 47.97 2.24 -82.18
N SER D 21 47.78 2.53 -83.45
CA SER D 21 46.45 2.66 -84.03
C SER D 21 46.57 2.49 -85.54
N ASP D 22 45.42 2.41 -86.19
CA ASP D 22 45.41 2.36 -87.65
C ASP D 22 45.76 3.69 -88.29
N ALA D 23 45.83 4.76 -87.51
CA ALA D 23 46.20 6.08 -88.01
C ALA D 23 47.68 6.40 -87.83
N THR D 24 48.34 5.78 -86.85
CA THR D 24 49.74 6.07 -86.59
C THR D 24 50.63 5.53 -87.71
N LEU D 25 51.89 5.97 -87.71
CA LEU D 25 52.84 5.55 -88.74
C LEU D 25 53.67 4.35 -88.33
N THR D 26 53.73 4.02 -87.04
CA THR D 26 54.47 2.86 -86.56
C THR D 26 53.55 2.01 -85.70
N ASP D 27 53.32 0.77 -86.12
CA ASP D 27 52.52 -0.18 -85.37
C ASP D 27 53.42 -1.16 -84.63
N VAL D 28 52.86 -1.80 -83.61
CA VAL D 28 53.65 -2.72 -82.80
C VAL D 28 53.94 -4.00 -83.59
N GLU D 29 54.99 -4.69 -83.17
CA GLU D 29 55.34 -5.96 -83.78
C GLU D 29 54.23 -6.98 -83.49
N PRO D 30 53.98 -7.93 -84.40
CA PRO D 30 52.98 -8.97 -84.13
C PRO D 30 53.26 -9.76 -82.86
N GLN D 31 54.52 -9.84 -82.43
CA GLN D 31 54.81 -10.48 -81.16
C GLN D 31 54.21 -9.71 -79.99
N SER D 32 54.21 -8.38 -80.07
CA SER D 32 53.53 -7.58 -79.05
C SER D 32 52.04 -7.87 -79.03
N MET D 33 51.43 -8.03 -80.21
CA MET D 33 50.02 -8.39 -80.27
C MET D 33 49.77 -9.76 -79.66
N GLN D 34 50.66 -10.72 -79.92
CA GLN D 34 50.52 -12.05 -79.31
C GLN D 34 50.64 -11.97 -77.79
N ASP D 35 51.57 -11.16 -77.29
CA ASP D 35 51.70 -10.99 -75.85
C ASP D 35 50.45 -10.37 -75.26
N ALA D 36 49.87 -9.38 -75.95
CA ALA D 36 48.65 -8.77 -75.47
C ALA D 36 47.49 -9.76 -75.47
N VAL D 37 47.43 -10.63 -76.48
CA VAL D 37 46.39 -11.65 -76.52
C VAL D 37 46.57 -12.64 -75.37
N ASP D 38 47.82 -13.00 -75.07
CA ASP D 38 48.08 -13.87 -73.93
C ASP D 38 47.64 -13.22 -72.63
N ASP D 39 47.93 -11.93 -72.48
CA ASP D 39 47.49 -11.20 -71.28
C ASP D 39 45.97 -11.16 -71.18
N LEU D 40 45.29 -10.95 -72.31
CA LEU D 40 43.83 -10.95 -72.32
C LEU D 40 43.27 -12.31 -71.91
N GLU D 41 43.86 -13.39 -72.43
CA GLU D 41 43.41 -14.72 -72.06
C GLU D 41 43.62 -14.99 -70.58
N ALA D 42 44.78 -14.58 -70.05
CA ALA D 42 45.03 -14.77 -68.61
C ALA D 42 44.05 -13.97 -67.76
N MET D 43 43.76 -12.74 -68.17
CA MET D 43 42.82 -11.90 -67.43
C MET D 43 41.42 -12.49 -67.47
N MET D 44 41.00 -13.01 -68.63
CA MET D 44 39.69 -13.64 -68.72
C MET D 44 39.61 -14.91 -67.89
N ALA D 45 40.68 -15.70 -67.86
CA ALA D 45 40.70 -16.87 -67.00
C ALA D 45 40.62 -16.47 -65.53
N GLU D 46 41.31 -15.39 -65.15
CA GLU D 46 41.25 -14.92 -63.77
C GLU D 46 39.85 -14.44 -63.39
N TRP D 47 39.20 -13.69 -64.28
CA TRP D 47 37.85 -13.22 -64.00
C TRP D 47 36.88 -14.38 -63.92
N TYR D 48 36.90 -15.26 -64.92
CA TYR D 48 36.02 -16.43 -64.97
C TYR D 48 36.67 -17.54 -64.17
N GLN D 49 36.41 -17.56 -62.87
CA GLN D 49 37.04 -18.52 -61.96
C GLN D 49 36.39 -19.89 -62.10
N ASP D 50 36.55 -20.47 -63.29
CA ASP D 50 35.96 -21.77 -63.63
C ASP D 50 34.45 -21.79 -63.41
N GLY D 51 33.80 -20.68 -63.77
CA GLY D 51 32.37 -20.56 -63.65
C GLY D 51 31.86 -19.91 -62.39
N LYS D 52 32.71 -19.67 -61.41
CA LYS D 52 32.31 -19.06 -60.15
C LYS D 52 32.68 -17.58 -60.09
N GLY D 53 33.07 -16.98 -61.20
CA GLY D 53 33.45 -15.58 -61.21
C GLY D 53 32.52 -14.72 -62.04
N ILE D 54 33.09 -13.98 -62.99
CA ILE D 54 32.33 -13.07 -63.84
C ILE D 54 31.98 -13.82 -65.13
N ILE D 55 30.69 -13.96 -65.40
CA ILE D 55 30.22 -14.63 -66.61
C ILE D 55 30.07 -13.58 -67.70
N THR D 56 30.73 -13.82 -68.85
CA THR D 56 30.72 -12.86 -69.95
C THR D 56 30.48 -13.50 -71.31
N GLY D 57 30.49 -14.82 -71.42
CA GLY D 57 30.38 -15.45 -72.72
C GLY D 57 31.68 -15.55 -73.48
N TYR D 58 32.80 -15.16 -72.87
CA TYR D 58 34.10 -15.25 -73.52
C TYR D 58 34.43 -16.69 -73.85
N VAL D 59 34.95 -16.91 -75.05
CA VAL D 59 35.30 -18.25 -75.52
C VAL D 59 36.81 -18.39 -75.48
N PHE D 60 37.28 -19.38 -74.73
CA PHE D 60 38.72 -19.62 -74.57
C PHE D 60 39.23 -20.48 -75.73
N SER D 61 40.24 -19.99 -76.42
CA SER D 61 40.80 -20.71 -77.54
C SER D 61 41.57 -21.94 -77.07
N ASP D 62 41.67 -22.93 -77.95
CA ASP D 62 42.38 -24.16 -77.65
C ASP D 62 43.80 -24.13 -78.24
N ASP D 63 44.62 -25.08 -77.79
CA ASP D 63 45.98 -25.17 -78.29
C ASP D 63 46.04 -25.74 -79.70
N GLU D 64 45.04 -26.54 -80.08
CA GLU D 64 45.05 -27.15 -81.41
C GLU D 64 44.97 -26.10 -82.51
N ASN D 65 44.11 -25.10 -82.34
CA ASN D 65 44.01 -24.03 -83.33
C ASN D 65 45.22 -23.13 -83.21
N PRO D 66 46.03 -22.97 -84.27
CA PRO D 66 47.29 -22.24 -84.15
C PRO D 66 47.10 -20.78 -83.76
N PRO D 67 46.33 -19.97 -84.52
CA PRO D 67 46.31 -18.53 -84.23
C PRO D 67 45.29 -18.20 -83.14
N ALA D 68 45.80 -17.78 -81.98
CA ALA D 68 44.92 -17.31 -80.93
C ALA D 68 44.19 -16.04 -81.34
N GLU D 69 44.89 -15.14 -82.01
CA GLU D 69 44.25 -13.99 -82.64
C GLU D 69 43.52 -14.44 -83.91
N GLY D 70 42.27 -14.02 -84.05
CA GLY D 70 41.45 -14.36 -85.18
C GLY D 70 40.15 -15.05 -84.81
N ASP D 71 40.07 -15.64 -83.62
CA ASP D 71 38.84 -16.27 -83.16
C ASP D 71 37.95 -15.24 -82.47
N ASP D 72 36.65 -15.36 -82.68
CA ASP D 72 35.70 -14.46 -82.05
C ASP D 72 35.74 -14.64 -80.53
N HIS D 73 35.72 -13.52 -79.81
CA HIS D 73 35.75 -13.59 -78.35
C HIS D 73 34.46 -14.16 -77.79
N GLY D 74 33.33 -13.98 -78.48
CA GLY D 74 32.06 -14.44 -78.00
C GLY D 74 31.38 -13.54 -77.00
N LEU D 75 31.95 -12.37 -76.72
CA LEU D 75 31.34 -11.44 -75.77
C LEU D 75 30.07 -10.83 -76.35
N ARG D 76 29.19 -10.40 -75.45
CA ARG D 76 28.01 -9.66 -75.87
C ARG D 76 28.39 -8.22 -76.21
N SER D 77 27.44 -7.51 -76.81
CA SER D 77 27.70 -6.13 -77.23
C SER D 77 27.99 -5.23 -76.03
N SER D 78 27.27 -5.42 -74.93
CA SER D 78 27.46 -4.59 -73.74
C SER D 78 28.74 -4.91 -72.99
N ALA D 79 29.32 -6.08 -73.22
CA ALA D 79 30.50 -6.51 -72.46
C ALA D 79 31.81 -6.10 -73.11
N VAL D 80 31.79 -5.73 -74.39
CA VAL D 80 33.04 -5.54 -75.12
C VAL D 80 33.85 -4.39 -74.52
N SER D 81 33.22 -3.22 -74.39
CA SER D 81 33.94 -2.00 -74.05
C SER D 81 34.79 -2.20 -72.80
N ALA D 82 34.13 -2.46 -71.67
CA ALA D 82 34.80 -2.74 -70.41
C ALA D 82 36.04 -3.60 -70.63
N VAL D 83 35.85 -4.72 -71.33
CA VAL D 83 36.94 -5.67 -71.53
C VAL D 83 38.18 -4.95 -72.01
N PHE D 84 38.10 -4.31 -73.17
CA PHE D 84 39.33 -3.76 -73.73
C PHE D 84 39.86 -2.64 -72.86
N HIS D 85 38.98 -1.89 -72.20
CA HIS D 85 39.45 -0.87 -71.27
C HIS D 85 40.31 -1.51 -70.20
N ASN D 86 39.78 -2.55 -69.55
CA ASN D 86 40.59 -3.27 -68.56
C ASN D 86 41.88 -3.76 -69.20
N LEU D 87 41.80 -4.27 -70.43
CA LEU D 87 42.99 -4.78 -71.10
C LEU D 87 44.05 -3.70 -71.18
N ALA D 88 43.65 -2.46 -71.49
CA ALA D 88 44.62 -1.38 -71.53
C ALA D 88 45.34 -1.26 -70.19
N CYS D 89 44.57 -1.22 -69.11
CA CYS D 89 45.17 -1.07 -67.79
C CYS D 89 46.09 -2.23 -67.45
N ARG D 90 45.93 -3.37 -68.12
CA ARG D 90 46.78 -4.52 -67.84
C ARG D 90 48.00 -4.59 -68.73
N ILE D 91 48.04 -3.86 -69.84
CA ILE D 91 49.17 -3.92 -70.76
C ILE D 91 49.94 -2.62 -70.81
N ALA D 92 49.48 -1.58 -70.12
CA ALA D 92 50.27 -0.36 -70.01
C ALA D 92 51.64 -0.56 -69.39
N PRO D 93 51.82 -1.36 -68.32
CA PRO D 93 53.17 -1.53 -67.75
C PRO D 93 54.17 -2.15 -68.71
N ASP D 94 53.71 -2.86 -69.74
CA ASP D 94 54.64 -3.45 -70.70
C ASP D 94 55.45 -2.38 -71.42
N TYR D 95 54.82 -1.28 -71.81
CA TYR D 95 55.46 -0.21 -72.54
C TYR D 95 55.89 0.94 -71.63
N ALA D 96 56.14 0.65 -70.35
CA ALA D 96 56.59 1.65 -69.37
C ALA D 96 55.64 2.85 -69.32
N LEU D 97 54.35 2.58 -69.39
CA LEU D 97 53.32 3.61 -69.36
C LEU D 97 52.41 3.40 -68.15
N GLU D 98 51.40 4.25 -68.04
CA GLU D 98 50.40 4.16 -67.00
C GLU D 98 49.10 4.73 -67.56
N ALA D 99 48.04 3.91 -67.55
CA ALA D 99 46.77 4.35 -68.12
C ALA D 99 46.26 5.58 -67.38
N THR D 100 45.71 6.52 -68.15
CA THR D 100 45.21 7.76 -67.57
C THR D 100 44.01 7.49 -66.66
N ALA D 101 43.61 8.53 -65.92
CA ALA D 101 42.55 8.35 -64.93
C ALA D 101 41.24 7.95 -65.57
N LYS D 102 40.94 8.49 -66.75
CA LYS D 102 39.67 8.17 -67.42
C LYS D 102 39.60 6.69 -67.76
N ILE D 103 40.70 6.10 -68.22
CA ILE D 103 40.71 4.69 -68.57
C ILE D 103 40.45 3.83 -67.34
N ILE D 104 41.08 4.17 -66.21
CA ILE D 104 40.89 3.40 -64.98
C ILE D 104 39.45 3.52 -64.50
N ALA D 105 38.89 4.73 -64.55
CA ALA D 105 37.50 4.92 -64.12
C ALA D 105 36.54 4.12 -65.01
N THR D 106 36.77 4.15 -66.32
CA THR D 106 35.92 3.39 -67.23
C THR D 106 36.07 1.89 -67.01
N ALA D 107 37.28 1.44 -66.69
CA ALA D 107 37.49 0.02 -66.40
C ALA D 107 36.73 -0.41 -65.15
N LYS D 108 36.78 0.40 -64.09
CA LYS D 108 36.03 0.09 -62.88
C LYS D 108 34.54 0.05 -63.16
N TYR D 109 34.03 1.06 -63.86
CA TYR D 109 32.61 1.12 -64.17
C TYR D 109 32.18 -0.07 -65.02
N GLY D 110 32.99 -0.43 -66.01
CA GLY D 110 32.65 -1.55 -66.87
C GLY D 110 32.66 -2.88 -66.14
N LYS D 111 33.63 -3.10 -65.26
CA LYS D 111 33.64 -4.34 -64.48
C LYS D 111 32.43 -4.42 -63.56
N GLU D 112 32.07 -3.30 -62.92
CA GLU D 112 30.89 -3.30 -62.07
C GLU D 112 29.63 -3.63 -62.88
N LEU D 113 29.47 -3.00 -64.04
CA LEU D 113 28.32 -3.28 -64.87
C LEU D 113 28.34 -4.72 -65.39
N LEU D 114 29.54 -5.27 -65.63
CA LEU D 114 29.64 -6.65 -66.07
C LEU D 114 29.12 -7.60 -65.01
N TYR D 115 29.46 -7.35 -63.74
CA TYR D 115 29.03 -8.25 -62.68
C TYR D 115 27.65 -7.93 -62.12
N LYS D 116 27.04 -6.81 -62.53
CA LYS D 116 25.76 -6.42 -61.94
C LYS D 116 24.68 -7.50 -62.13
N GLN D 117 24.51 -7.99 -63.36
CA GLN D 117 23.43 -8.94 -63.61
C GLN D 117 23.67 -10.27 -62.92
N THR D 118 24.92 -10.74 -62.91
CA THR D 118 25.22 -11.97 -62.20
C THR D 118 25.01 -11.81 -60.69
N ALA D 119 25.34 -10.63 -60.15
CA ALA D 119 25.08 -10.39 -58.74
C ALA D 119 23.60 -10.38 -58.43
N ILE D 120 22.78 -9.81 -59.33
CA ILE D 120 21.34 -9.86 -59.14
C ILE D 120 20.85 -11.30 -59.17
N SER D 121 21.35 -12.09 -60.11
CA SER D 121 20.92 -13.48 -60.24
C SER D 121 21.38 -14.34 -59.07
N ARG D 122 22.46 -13.97 -58.39
CA ARG D 122 23.00 -14.78 -57.30
C ARG D 122 22.46 -14.36 -55.93
N ALA D 123 21.59 -13.35 -55.88
CA ALA D 123 20.99 -12.93 -54.61
C ALA D 123 19.75 -13.78 -54.36
N LYS D 124 19.99 -15.03 -53.96
CA LYS D 124 18.94 -16.00 -53.74
C LYS D 124 18.80 -16.24 -52.24
N ARG D 125 17.56 -16.23 -51.76
CA ARG D 125 17.30 -16.50 -50.35
C ARG D 125 17.30 -18.00 -50.09
N ALA D 126 17.90 -18.40 -48.97
CA ALA D 126 17.96 -19.81 -48.63
C ALA D 126 16.58 -20.33 -48.26
N PRO D 127 16.32 -21.62 -48.48
CA PRO D 127 15.03 -22.20 -48.11
C PRO D 127 14.82 -22.20 -46.60
N TYR D 128 13.62 -22.56 -46.19
CA TYR D 128 13.30 -22.63 -44.78
C TYR D 128 14.14 -23.72 -44.10
N PRO D 129 14.50 -23.51 -42.84
CA PRO D 129 15.25 -24.55 -42.12
C PRO D 129 14.42 -25.79 -41.90
N SER D 130 15.12 -26.91 -41.72
CA SER D 130 14.45 -28.19 -41.54
C SER D 130 13.67 -28.29 -40.24
N ARG D 131 13.89 -27.36 -39.30
CA ARG D 131 13.21 -27.37 -38.01
C ARG D 131 12.07 -26.37 -37.93
N MET D 132 11.66 -25.79 -39.05
CA MET D 132 10.62 -24.77 -39.05
C MET D 132 9.29 -25.37 -39.45
N PRO D 133 8.24 -25.26 -38.63
CA PRO D 133 6.94 -25.82 -39.01
C PRO D 133 6.32 -25.06 -40.16
N THR D 134 5.46 -25.76 -40.92
CA THR D 134 4.74 -25.13 -42.00
C THR D 134 3.56 -24.29 -41.50
N GLY D 135 2.94 -24.70 -40.40
CA GLY D 135 1.80 -23.99 -39.86
C GLY D 135 0.47 -24.62 -40.28
N SER D 136 -0.55 -24.39 -39.47
CA SER D 136 -1.87 -24.94 -39.78
C SER D 136 -2.58 -24.20 -40.89
N GLY D 137 -2.13 -22.98 -41.21
CA GLY D 137 -2.72 -22.27 -42.34
C GLY D 137 -2.51 -22.98 -43.65
N ASN D 138 -1.37 -23.65 -43.81
CA ASN D 138 -1.10 -24.48 -44.99
C ASN D 138 -1.88 -25.78 -44.84
N SER D 139 -3.15 -25.74 -45.25
CA SER D 139 -4.02 -26.90 -45.11
C SER D 139 -3.55 -28.06 -45.97
N PHE D 140 -3.11 -27.78 -47.20
CA PHE D 140 -2.66 -28.84 -48.08
C PHE D 140 -1.44 -29.56 -47.51
N ALA D 141 -0.47 -28.81 -46.99
CA ALA D 141 0.72 -29.43 -46.42
C ALA D 141 0.39 -30.20 -45.14
N ASN D 142 -0.49 -29.65 -44.31
CA ASN D 142 -0.81 -30.30 -43.04
C ASN D 142 -1.61 -31.58 -43.26
N LEU D 143 -2.51 -31.60 -44.23
CA LEU D 143 -3.28 -32.81 -44.50
C LEU D 143 -2.40 -33.93 -45.03
N ASN D 144 -1.32 -33.60 -45.74
CA ASN D 144 -0.38 -34.60 -46.26
C ASN D 144 0.80 -34.83 -45.33
N GLU D 145 0.62 -34.59 -44.02
CA GLU D 145 1.61 -34.88 -42.99
C GLU D 145 2.91 -34.10 -43.19
N TRP D 146 2.86 -32.97 -43.89
CA TRP D 146 4.04 -32.11 -44.06
C TRP D 146 4.02 -31.00 -43.01
N HIS D 147 4.26 -31.41 -41.76
CA HIS D 147 4.21 -30.48 -40.65
C HIS D 147 5.46 -29.59 -40.59
N TYR D 148 6.58 -30.05 -41.12
CA TYR D 148 7.83 -29.30 -41.05
C TYR D 148 8.41 -29.12 -42.44
N PHE D 149 9.14 -28.02 -42.62
CA PHE D 149 9.80 -27.74 -43.88
C PHE D 149 10.94 -28.73 -44.13
N PRO D 150 11.19 -29.08 -45.40
CA PRO D 150 12.25 -30.06 -45.69
C PRO D 150 13.64 -29.53 -45.38
N GLY D 151 13.96 -28.34 -45.89
CA GLY D 151 15.25 -27.74 -45.66
C GLY D 151 16.23 -27.95 -46.79
N GLU D 152 17.53 -27.95 -46.47
CA GLU D 152 18.59 -28.12 -47.46
C GLU D 152 18.50 -27.10 -48.59
N GLU E 5 -58.71 19.31 -55.90
CA GLU E 5 -59.97 18.58 -55.90
C GLU E 5 -59.73 17.08 -55.96
N ASN E 6 -58.72 16.68 -56.73
CA ASN E 6 -58.39 15.26 -56.86
C ASN E 6 -57.91 14.72 -55.52
N ARG E 7 -58.47 13.58 -55.11
CA ARG E 7 -58.06 12.96 -53.85
C ARG E 7 -56.61 12.50 -53.91
N LEU E 8 -56.21 11.87 -55.01
CA LEU E 8 -54.83 11.43 -55.17
C LEU E 8 -53.88 12.61 -55.13
N GLU E 9 -54.26 13.74 -55.75
CA GLU E 9 -53.40 14.90 -55.75
C GLU E 9 -53.21 15.45 -54.34
N SER E 10 -54.28 15.52 -53.55
CA SER E 10 -54.16 16.02 -52.18
C SER E 10 -53.31 15.08 -51.33
N ILE E 11 -53.54 13.77 -51.45
CA ILE E 11 -52.75 12.80 -50.69
C ILE E 11 -51.28 12.91 -51.05
N LEU E 12 -50.99 13.01 -52.35
CA LEU E 12 -49.60 13.11 -52.79
C LEU E 12 -48.96 14.41 -52.35
N SER E 13 -49.73 15.51 -52.33
CA SER E 13 -49.19 16.78 -51.87
C SER E 13 -48.81 16.70 -50.40
N ARG E 14 -49.71 16.14 -49.58
CA ARG E 14 -49.39 15.97 -48.16
C ARG E 14 -48.17 15.08 -47.97
N PHE E 15 -48.12 13.97 -48.70
CA PHE E 15 -47.00 13.04 -48.56
C PHE E 15 -45.69 13.68 -48.98
N ASP E 16 -45.71 14.44 -50.09
CA ASP E 16 -44.49 15.09 -50.56
C ASP E 16 -44.01 16.15 -49.59
N ALA E 17 -44.94 16.94 -49.02
CA ALA E 17 -44.54 17.92 -48.03
C ALA E 17 -43.90 17.25 -46.82
N ASP E 18 -44.51 16.16 -46.33
CA ASP E 18 -43.95 15.48 -45.17
C ASP E 18 -42.61 14.82 -45.50
N TRP E 19 -42.49 14.25 -46.70
CA TRP E 19 -41.26 13.59 -47.10
C TRP E 19 -40.11 14.58 -47.24
N THR E 20 -40.39 15.75 -47.83
CA THR E 20 -39.34 16.74 -48.00
C THR E 20 -39.01 17.43 -46.69
N ALA E 21 -39.96 17.49 -45.76
CA ALA E 21 -39.71 18.15 -44.48
C ALA E 21 -38.66 17.41 -43.66
N SER E 22 -38.67 16.08 -43.69
CA SER E 22 -37.83 15.26 -42.82
C SER E 22 -36.75 14.51 -43.60
N ASP E 23 -36.17 15.16 -44.61
CA ASP E 23 -35.17 14.50 -45.44
C ASP E 23 -33.86 14.30 -44.70
N GLU E 24 -33.38 15.34 -44.01
CA GLU E 24 -32.07 15.29 -43.38
C GLU E 24 -32.05 14.28 -42.24
N ALA E 25 -33.08 14.29 -41.40
CA ALA E 25 -33.14 13.34 -40.29
C ALA E 25 -33.21 11.91 -40.79
N ARG E 26 -34.02 11.67 -41.82
CA ARG E 26 -34.12 10.32 -42.39
C ARG E 26 -32.78 9.87 -42.97
N ARG E 27 -32.08 10.77 -43.68
CA ARG E 27 -30.78 10.42 -44.23
C ARG E 27 -29.78 10.07 -43.13
N GLU E 28 -29.75 10.88 -42.07
CA GLU E 28 -28.82 10.61 -40.96
C GLU E 28 -29.16 9.30 -40.26
N ALA E 29 -30.45 9.01 -40.07
CA ALA E 29 -30.85 7.78 -39.42
C ALA E 29 -30.49 6.56 -40.27
N LYS E 30 -30.71 6.65 -41.58
CA LYS E 30 -30.33 5.55 -42.47
C LYS E 30 -28.82 5.35 -42.46
N ASN E 31 -28.05 6.44 -42.44
CA ASN E 31 -26.61 6.33 -42.32
C ASN E 31 -26.21 5.66 -41.02
N ASP E 32 -26.87 6.00 -39.92
CA ASP E 32 -26.58 5.38 -38.64
C ASP E 32 -26.87 3.88 -38.68
N LEU E 33 -27.99 3.50 -39.27
CA LEU E 33 -28.34 2.08 -39.36
C LEU E 33 -27.32 1.33 -40.20
N PHE E 34 -26.91 1.90 -41.34
CA PHE E 34 -25.91 1.24 -42.17
C PHE E 34 -24.58 1.14 -41.45
N PHE E 35 -24.18 2.21 -40.75
CA PHE E 35 -22.91 2.20 -40.03
C PHE E 35 -22.89 1.16 -38.92
N SER E 36 -24.00 1.02 -38.20
CA SER E 36 -24.05 0.12 -37.05
C SER E 36 -24.55 -1.28 -37.40
N ARG E 37 -24.89 -1.53 -38.65
CA ARG E 37 -25.44 -2.84 -38.99
C ARG E 37 -24.71 -3.54 -40.12
N VAL E 38 -24.21 -2.81 -41.11
CA VAL E 38 -23.60 -3.41 -42.30
C VAL E 38 -22.09 -3.24 -42.30
N SER E 39 -21.61 -2.00 -42.36
CA SER E 39 -20.18 -1.75 -42.49
C SER E 39 -19.90 -0.29 -42.14
N GLN E 40 -18.77 -0.07 -41.47
CA GLN E 40 -18.35 1.28 -41.11
C GLN E 40 -17.59 1.97 -42.22
N TRP E 41 -17.26 1.26 -43.29
CA TRP E 41 -16.59 1.86 -44.45
C TRP E 41 -17.64 2.21 -45.51
N ASP E 42 -18.49 3.18 -45.18
CA ASP E 42 -19.55 3.63 -46.07
C ASP E 42 -18.93 4.47 -47.18
N ASP E 43 -18.29 3.77 -48.14
CA ASP E 43 -17.56 4.41 -49.22
C ASP E 43 -18.15 3.99 -50.56
N TRP E 44 -19.49 4.00 -50.66
CA TRP E 44 -20.15 3.49 -51.86
C TRP E 44 -19.87 4.35 -53.08
N LEU E 45 -19.72 5.67 -52.89
CA LEU E 45 -19.59 6.57 -54.04
C LEU E 45 -18.29 6.34 -54.80
N SER E 46 -17.21 5.97 -54.11
CA SER E 46 -15.93 5.74 -54.78
C SER E 46 -15.20 4.64 -54.01
N GLN E 47 -15.36 3.40 -54.48
CA GLN E 47 -14.64 2.27 -53.90
C GLN E 47 -14.00 1.43 -55.00
N TYR E 48 -14.56 1.50 -56.20
CA TYR E 48 -14.02 0.76 -57.35
C TYR E 48 -13.01 1.62 -58.12
N THR E 49 -12.01 2.10 -57.38
CA THR E 49 -10.90 2.85 -57.96
C THR E 49 -9.59 2.08 -57.85
N THR E 50 -9.22 1.67 -56.65
CA THR E 50 -8.07 0.79 -56.44
C THR E 50 -8.30 0.00 -55.15
N LEU E 51 -7.61 -1.12 -55.04
CA LEU E 51 -7.80 -2.03 -53.92
C LEU E 51 -6.75 -1.73 -52.86
N GLN E 52 -7.20 -1.28 -51.68
CA GLN E 52 -6.34 -1.01 -50.55
C GLN E 52 -6.97 -1.62 -49.30
N TYR E 53 -6.14 -1.87 -48.31
CA TYR E 53 -6.62 -2.49 -47.07
C TYR E 53 -7.55 -1.54 -46.33
N ARG E 54 -8.74 -2.02 -46.03
CA ARG E 54 -9.73 -1.29 -45.23
C ARG E 54 -10.23 -2.24 -44.15
N GLY E 55 -9.74 -2.09 -42.93
CA GLY E 55 -10.11 -2.93 -41.82
C GLY E 55 -11.19 -2.30 -40.96
N GLN E 56 -12.04 -3.15 -40.39
CA GLN E 56 -13.12 -2.73 -39.50
C GLN E 56 -12.79 -3.22 -38.10
N PHE E 57 -12.25 -2.33 -37.28
CA PHE E 57 -11.89 -2.62 -35.89
C PHE E 57 -12.95 -1.96 -35.02
N ASP E 58 -14.04 -2.67 -34.78
CA ASP E 58 -15.23 -2.06 -34.21
C ASP E 58 -15.01 -1.64 -32.76
N VAL E 59 -15.47 -0.43 -32.44
CA VAL E 59 -15.33 0.15 -31.11
C VAL E 59 -16.66 0.56 -30.52
N VAL E 60 -17.73 0.59 -31.31
CA VAL E 60 -19.02 1.11 -30.87
C VAL E 60 -20.01 -0.03 -30.67
N ARG E 61 -19.83 -1.12 -31.40
CA ARG E 61 -20.77 -2.23 -31.32
C ARG E 61 -20.89 -2.82 -29.91
N PRO E 62 -19.81 -3.02 -29.15
CA PRO E 62 -20.00 -3.47 -27.75
C PRO E 62 -20.90 -2.55 -26.94
N VAL E 63 -20.80 -1.24 -27.15
CA VAL E 63 -21.67 -0.31 -26.42
C VAL E 63 -23.12 -0.51 -26.81
N VAL E 64 -23.40 -0.67 -28.10
CA VAL E 64 -24.76 -0.90 -28.57
C VAL E 64 -25.30 -2.20 -28.00
N ARG E 65 -24.47 -3.25 -28.00
CA ARG E 65 -24.89 -4.52 -27.43
C ARG E 65 -25.21 -4.39 -25.95
N LYS E 66 -24.36 -3.67 -25.21
CA LYS E 66 -24.60 -3.48 -23.79
C LYS E 66 -25.90 -2.72 -23.54
N LEU E 67 -26.14 -1.65 -24.30
CA LEU E 67 -27.36 -0.88 -24.11
C LEU E 67 -28.60 -1.69 -24.45
N VAL E 68 -28.56 -2.45 -25.55
CA VAL E 68 -29.70 -3.27 -25.93
C VAL E 68 -29.95 -4.35 -24.89
N SER E 69 -28.90 -4.99 -24.40
CA SER E 69 -29.05 -6.02 -23.38
C SER E 69 -29.62 -5.44 -22.10
N GLU E 70 -29.16 -4.27 -21.68
CA GLU E 70 -29.65 -3.68 -20.45
C GLU E 70 -31.10 -3.24 -20.60
N MET E 71 -31.48 -2.71 -21.76
CA MET E 71 -32.87 -2.35 -21.98
C MET E 71 -33.76 -3.57 -22.14
N ARG E 72 -33.19 -4.72 -22.50
CA ARG E 72 -33.97 -5.95 -22.61
C ARG E 72 -34.28 -6.56 -21.24
N GLN E 73 -33.46 -6.29 -20.23
CA GLN E 73 -33.64 -6.88 -18.92
C GLN E 73 -34.79 -6.24 -18.13
N ASN E 74 -35.33 -5.12 -18.58
CA ASN E 74 -36.44 -4.44 -17.90
C ASN E 74 -37.58 -4.26 -18.88
N PRO E 75 -38.38 -5.30 -19.10
CA PRO E 75 -39.54 -5.17 -19.97
C PRO E 75 -40.55 -4.19 -19.40
N ILE E 76 -41.23 -3.48 -20.30
CA ILE E 76 -42.21 -2.46 -19.93
C ILE E 76 -43.49 -2.74 -20.71
N ASP E 77 -44.63 -2.70 -20.02
CA ASP E 77 -45.91 -2.98 -20.64
C ASP E 77 -46.97 -2.01 -20.10
N VAL E 78 -48.10 -1.99 -20.80
CA VAL E 78 -49.23 -1.17 -20.38
C VAL E 78 -49.84 -1.72 -19.09
N LEU E 79 -50.44 -0.85 -18.31
CA LEU E 79 -51.14 -1.23 -17.08
C LEU E 79 -52.34 -0.32 -16.94
N TYR E 80 -53.54 -0.88 -17.04
CA TYR E 80 -54.76 -0.09 -16.97
C TYR E 80 -55.21 0.05 -15.52
N ARG E 81 -55.42 1.30 -15.10
CA ARG E 81 -55.82 1.56 -13.73
C ARG E 81 -57.16 2.29 -13.70
N PRO E 82 -58.05 1.95 -12.76
CA PRO E 82 -59.35 2.61 -12.71
C PRO E 82 -59.20 4.11 -12.47
N LYS E 83 -60.09 4.88 -13.09
CA LYS E 83 -60.07 6.32 -12.93
C LYS E 83 -60.53 6.70 -11.52
N ASP E 84 -60.36 7.98 -11.20
CA ASP E 84 -60.76 8.49 -9.89
C ASP E 84 -62.28 8.52 -9.80
N GLY E 85 -62.83 7.83 -8.81
CA GLY E 85 -64.26 7.75 -8.62
C GLY E 85 -64.94 6.64 -9.39
N ALA E 86 -64.22 5.94 -10.26
CA ALA E 86 -64.80 4.82 -10.98
C ALA E 86 -64.85 3.59 -10.08
N ARG E 87 -65.56 2.57 -10.54
CA ARG E 87 -65.60 1.32 -9.79
C ARG E 87 -64.20 0.76 -9.70
N PRO E 88 -63.81 0.18 -8.56
CA PRO E 88 -62.43 -0.28 -8.40
C PRO E 88 -62.03 -1.38 -9.37
N ASP E 89 -62.99 -2.15 -9.90
CA ASP E 89 -62.70 -3.20 -10.87
C ASP E 89 -62.86 -2.71 -12.30
N ALA E 90 -62.68 -1.42 -12.54
CA ALA E 90 -62.98 -0.86 -13.85
C ALA E 90 -62.01 -1.29 -14.94
N ALA E 91 -60.82 -1.76 -14.57
CA ALA E 91 -59.78 -2.07 -15.54
C ALA E 91 -59.41 -3.54 -15.60
N ASP E 92 -60.19 -4.42 -14.97
CA ASP E 92 -59.84 -5.84 -14.97
C ASP E 92 -60.10 -6.47 -16.33
N VAL E 93 -61.24 -6.15 -16.96
CA VAL E 93 -61.58 -6.77 -18.24
C VAL E 93 -60.64 -6.28 -19.34
N LEU E 94 -60.39 -4.96 -19.38
CA LEU E 94 -59.50 -4.41 -20.40
C LEU E 94 -58.08 -4.93 -20.23
N MET E 95 -57.60 -5.00 -18.99
CA MET E 95 -56.27 -5.54 -18.74
C MET E 95 -56.20 -7.01 -19.14
N GLY E 96 -57.24 -7.77 -18.83
CA GLY E 96 -57.25 -9.17 -19.24
C GLY E 96 -57.20 -9.34 -20.74
N MET E 97 -57.98 -8.53 -21.46
CA MET E 97 -57.95 -8.59 -22.93
C MET E 97 -56.58 -8.22 -23.47
N TYR E 98 -55.98 -7.15 -22.93
CA TYR E 98 -54.67 -6.72 -23.39
C TYR E 98 -53.62 -7.79 -23.16
N ARG E 99 -53.63 -8.41 -21.98
CA ARG E 99 -52.68 -9.48 -21.70
C ARG E 99 -52.95 -10.71 -22.56
N THR E 100 -54.21 -10.96 -22.88
CA THR E 100 -54.55 -12.12 -23.72
C THR E 100 -53.99 -11.96 -25.13
N ASP E 101 -54.20 -10.79 -25.73
CA ASP E 101 -53.85 -10.62 -27.14
C ASP E 101 -52.50 -9.93 -27.35
N MET E 102 -51.72 -9.72 -26.30
CA MET E 102 -50.37 -9.18 -26.45
C MET E 102 -49.30 -10.12 -25.90
N ARG E 103 -49.67 -11.35 -25.56
CA ARG E 103 -48.71 -12.32 -25.02
C ARG E 103 -47.96 -13.08 -26.11
N HIS E 104 -48.32 -12.88 -27.37
CA HIS E 104 -47.72 -13.65 -28.46
C HIS E 104 -46.34 -13.10 -28.81
N ASN E 105 -45.60 -13.89 -29.59
CA ASN E 105 -44.23 -13.54 -29.93
C ASN E 105 -44.15 -12.28 -30.80
N THR E 106 -45.18 -12.00 -31.58
CA THR E 106 -45.13 -10.86 -32.49
C THR E 106 -45.03 -9.54 -31.73
N ALA E 107 -45.75 -9.39 -30.63
CA ALA E 107 -45.71 -8.15 -29.87
C ALA E 107 -44.34 -7.92 -29.27
N LYS E 108 -43.78 -8.95 -28.63
CA LYS E 108 -42.45 -8.83 -28.04
C LYS E 108 -41.41 -8.53 -29.11
N ILE E 109 -41.50 -9.21 -30.25
CA ILE E 109 -40.52 -8.99 -31.32
C ILE E 109 -40.62 -7.58 -31.86
N ALA E 110 -41.85 -7.07 -32.04
CA ALA E 110 -42.02 -5.70 -32.53
C ALA E 110 -41.44 -4.69 -31.56
N VAL E 111 -41.71 -4.87 -30.26
CA VAL E 111 -41.17 -3.95 -29.26
C VAL E 111 -39.64 -4.00 -29.25
N ASN E 112 -39.07 -5.21 -29.34
CA ASN E 112 -37.62 -5.34 -29.35
C ASN E 112 -37.00 -4.68 -30.56
N ILE E 113 -37.62 -4.86 -31.74
CA ILE E 113 -37.12 -4.23 -32.96
C ILE E 113 -37.15 -2.71 -32.82
N ALA E 114 -38.27 -2.18 -32.31
CA ALA E 114 -38.38 -0.73 -32.13
C ALA E 114 -37.33 -0.23 -31.16
N VAL E 115 -37.07 -0.97 -30.07
CA VAL E 115 -36.09 -0.54 -29.09
C VAL E 115 -34.69 -0.54 -29.69
N ARG E 116 -34.35 -1.60 -30.45
CA ARG E 116 -33.03 -1.65 -31.07
C ARG E 116 -32.83 -0.51 -32.06
N GLU E 117 -33.85 -0.23 -32.87
CA GLU E 117 -33.74 0.88 -33.81
C GLU E 117 -33.65 2.21 -33.10
N GLN E 118 -34.38 2.37 -31.99
CA GLN E 118 -34.30 3.59 -31.20
C GLN E 118 -32.90 3.81 -30.65
N ILE E 119 -32.27 2.73 -30.16
CA ILE E 119 -30.92 2.85 -29.62
C ILE E 119 -29.92 3.16 -30.73
N GLU E 120 -30.02 2.46 -31.86
CA GLU E 120 -29.03 2.61 -32.92
C GLU E 120 -29.27 3.88 -33.73
N ALA E 121 -30.43 3.97 -34.40
CA ALA E 121 -30.68 5.10 -35.30
C ALA E 121 -31.24 6.29 -34.54
N GLY E 122 -32.25 6.07 -33.71
CA GLY E 122 -32.86 7.14 -32.95
C GLY E 122 -34.37 7.12 -33.03
N VAL E 123 -34.92 6.34 -33.95
CA VAL E 123 -36.37 6.23 -34.11
C VAL E 123 -36.73 4.80 -34.48
N GLY E 124 -37.83 4.32 -33.90
CA GLY E 124 -38.43 3.06 -34.31
C GLY E 124 -39.94 3.18 -34.23
N ALA E 125 -40.62 2.12 -34.65
CA ALA E 125 -42.08 2.15 -34.60
C ALA E 125 -42.63 0.74 -34.67
N TRP E 126 -43.89 0.61 -34.25
CA TRP E 126 -44.64 -0.61 -34.47
C TRP E 126 -46.09 -0.24 -34.79
N ARG E 127 -46.89 -1.25 -35.14
CA ARG E 127 -48.24 -1.03 -35.60
C ARG E 127 -49.20 -1.94 -34.86
N LEU E 128 -50.45 -1.52 -34.76
CA LEU E 128 -51.52 -2.31 -34.16
C LEU E 128 -52.54 -2.62 -35.25
N VAL E 129 -52.81 -3.90 -35.47
CA VAL E 129 -53.77 -4.32 -36.49
C VAL E 129 -54.79 -5.26 -35.85
N THR E 130 -55.94 -5.37 -36.51
CA THR E 130 -57.02 -6.24 -36.07
C THR E 130 -57.36 -7.22 -37.18
N ASP E 131 -57.63 -8.47 -36.78
CA ASP E 131 -57.93 -9.52 -37.73
C ASP E 131 -59.08 -10.37 -37.19
N TYR E 132 -59.62 -11.22 -38.06
CA TYR E 132 -60.71 -12.11 -37.71
C TYR E 132 -60.13 -13.48 -37.36
N GLU E 133 -60.42 -13.94 -36.15
CA GLU E 133 -59.92 -15.23 -35.67
C GLU E 133 -61.12 -16.11 -35.32
N ASP E 134 -61.08 -17.37 -35.77
CA ASP E 134 -62.17 -18.30 -35.53
C ASP E 134 -61.83 -19.38 -34.51
N GLN E 135 -60.55 -19.62 -34.25
CA GLN E 135 -60.18 -20.75 -33.34
C GLN E 135 -60.01 -20.26 -31.91
N SER E 136 -59.25 -19.19 -31.68
CA SER E 136 -59.04 -18.62 -30.35
C SER E 136 -59.22 -17.12 -30.41
N PRO E 137 -60.45 -16.65 -30.55
CA PRO E 137 -60.69 -15.21 -30.60
C PRO E 137 -60.62 -14.58 -29.21
N THR E 138 -60.11 -13.36 -29.15
CA THR E 138 -60.11 -12.63 -27.89
C THR E 138 -61.53 -12.21 -27.50
N SER E 139 -62.28 -11.66 -28.45
CA SER E 139 -63.70 -11.39 -28.28
C SER E 139 -64.30 -10.97 -29.61
N ASN E 140 -65.57 -11.30 -29.81
CA ASN E 140 -66.33 -10.94 -31.02
C ASN E 140 -65.63 -11.48 -32.27
N ASN E 141 -65.09 -12.69 -32.16
CA ASN E 141 -64.44 -13.38 -33.28
C ASN E 141 -63.34 -12.54 -33.90
N GLN E 142 -62.64 -11.75 -33.09
CA GLN E 142 -61.59 -10.88 -33.59
C GLN E 142 -60.41 -10.87 -32.63
N VAL E 143 -59.25 -10.51 -33.15
CA VAL E 143 -58.03 -10.37 -32.36
C VAL E 143 -57.33 -9.08 -32.75
N ILE E 144 -56.61 -8.50 -31.79
CA ILE E 144 -55.76 -7.33 -32.02
C ILE E 144 -54.33 -7.76 -31.76
N ARG E 145 -53.45 -7.57 -32.74
CA ARG E 145 -52.06 -7.94 -32.59
C ARG E 145 -51.17 -6.75 -32.95
N ARG E 146 -49.91 -6.88 -32.55
CA ARG E 146 -48.89 -5.87 -32.77
C ARG E 146 -47.89 -6.39 -33.79
N GLU E 147 -47.56 -5.56 -34.78
CA GLU E 147 -46.69 -5.93 -35.88
C GLU E 147 -45.49 -5.00 -35.95
N PRO E 148 -44.36 -5.50 -36.43
CA PRO E 148 -43.14 -4.67 -36.47
C PRO E 148 -43.05 -3.84 -37.74
N ILE E 149 -42.28 -2.76 -37.62
CA ILE E 149 -41.92 -1.93 -38.76
C ILE E 149 -40.41 -1.80 -38.77
N HIS E 150 -39.77 -2.34 -39.80
CA HIS E 150 -38.32 -2.29 -39.93
C HIS E 150 -37.91 -1.01 -40.64
N SER E 151 -36.87 -0.37 -40.12
CA SER E 151 -36.38 0.91 -40.63
C SER E 151 -37.51 1.94 -40.66
N ALA E 152 -38.04 2.24 -39.48
CA ALA E 152 -39.14 3.19 -39.36
C ALA E 152 -38.70 4.62 -39.68
N CYS E 153 -37.40 4.88 -39.80
CA CYS E 153 -36.95 6.21 -40.18
C CYS E 153 -37.38 6.56 -41.59
N SER E 154 -37.34 5.58 -42.50
CA SER E 154 -37.64 5.82 -43.91
C SER E 154 -38.94 5.18 -44.37
N HIS E 155 -39.52 4.27 -43.59
CA HIS E 155 -40.74 3.58 -44.01
C HIS E 155 -42.00 4.17 -43.40
N VAL E 156 -41.89 4.95 -42.33
CA VAL E 156 -43.02 5.63 -41.72
C VAL E 156 -42.77 7.13 -41.82
N ILE E 157 -43.67 7.85 -42.48
CA ILE E 157 -43.56 9.28 -42.67
C ILE E 157 -44.76 9.93 -42.01
N TRP E 158 -44.50 10.77 -41.02
CA TRP E 158 -45.55 11.38 -40.22
C TRP E 158 -45.94 12.74 -40.77
N ASP E 159 -47.08 13.25 -40.30
CA ASP E 159 -47.48 14.61 -40.61
C ASP E 159 -46.44 15.58 -40.09
N SER E 160 -46.01 16.50 -40.95
CA SER E 160 -44.92 17.40 -40.58
C SER E 160 -45.34 18.43 -39.53
N ASN E 161 -46.64 18.68 -39.39
CA ASN E 161 -47.13 19.63 -38.39
C ASN E 161 -47.52 18.91 -37.11
N SER E 162 -46.56 18.19 -36.54
CA SER E 162 -46.75 17.48 -35.28
C SER E 162 -45.58 17.81 -34.37
N LYS E 163 -45.89 18.29 -33.17
CA LYS E 163 -44.87 18.73 -32.20
C LYS E 163 -44.91 17.89 -30.93
N LEU E 164 -45.29 16.62 -31.05
CA LEU E 164 -45.35 15.72 -29.91
C LEU E 164 -44.49 14.49 -30.18
N MET E 165 -43.87 13.98 -29.12
CA MET E 165 -42.95 12.85 -29.28
C MET E 165 -43.68 11.59 -29.77
N ASP E 166 -44.87 11.34 -29.25
CA ASP E 166 -45.63 10.17 -29.65
C ASP E 166 -46.52 10.42 -30.87
N LYS E 167 -46.47 11.63 -31.44
CA LYS E 167 -47.21 11.98 -32.65
C LYS E 167 -48.71 11.76 -32.48
N SER E 168 -49.23 12.11 -31.30
CA SER E 168 -50.67 12.04 -31.09
C SER E 168 -51.41 13.22 -31.72
N ASP E 169 -50.71 14.30 -32.05
CA ASP E 169 -51.31 15.42 -32.75
C ASP E 169 -51.17 15.33 -34.26
N ALA E 170 -50.47 14.30 -34.76
CA ALA E 170 -50.34 14.12 -36.19
C ALA E 170 -51.70 13.71 -36.78
N ARG E 171 -52.09 14.37 -37.86
CA ARG E 171 -53.40 14.15 -38.47
C ARG E 171 -53.34 13.18 -39.64
N HIS E 172 -52.16 12.78 -40.09
CA HIS E 172 -52.04 11.75 -41.11
C HIS E 172 -50.66 11.13 -41.02
N CYS E 173 -50.54 9.94 -41.60
CA CYS E 173 -49.28 9.20 -41.58
C CYS E 173 -49.27 8.22 -42.74
N THR E 174 -48.15 8.13 -43.44
CA THR E 174 -48.02 7.23 -44.59
C THR E 174 -46.95 6.19 -44.29
N VAL E 175 -47.31 4.92 -44.45
CA VAL E 175 -46.41 3.79 -44.22
C VAL E 175 -46.11 3.15 -45.58
N ILE E 176 -44.83 3.02 -45.89
CA ILE E 176 -44.38 2.49 -47.17
C ILE E 176 -44.03 1.02 -46.99
N HIS E 177 -44.58 0.16 -47.84
CA HIS E 177 -44.36 -1.27 -47.81
C HIS E 177 -43.56 -1.68 -49.03
N SER E 178 -42.40 -2.30 -48.80
CA SER E 178 -41.60 -2.92 -49.84
C SER E 178 -41.69 -4.43 -49.66
N MET E 179 -42.00 -5.14 -50.75
CA MET E 179 -42.31 -6.55 -50.62
C MET E 179 -41.96 -7.31 -51.88
N SER E 180 -41.81 -8.63 -51.75
CA SER E 180 -41.43 -9.48 -52.86
C SER E 180 -42.62 -9.71 -53.79
N GLN E 181 -42.34 -10.38 -54.91
CA GLN E 181 -43.39 -10.65 -55.88
C GLN E 181 -44.47 -11.55 -55.28
N ASN E 182 -44.07 -12.62 -54.58
CA ASN E 182 -45.04 -13.45 -53.88
C ASN E 182 -45.72 -12.68 -52.77
N GLY E 183 -44.96 -11.84 -52.05
CA GLY E 183 -45.57 -10.99 -51.05
C GLY E 183 -46.58 -10.03 -51.66
N TRP E 184 -46.25 -9.46 -52.82
CA TRP E 184 -47.21 -8.58 -53.49
C TRP E 184 -48.45 -9.34 -53.92
N GLU E 185 -48.29 -10.56 -54.43
CA GLU E 185 -49.44 -11.36 -54.83
C GLU E 185 -50.36 -11.63 -53.65
N ASP E 186 -49.78 -12.01 -52.52
CA ASP E 186 -50.60 -12.29 -51.34
C ASP E 186 -51.24 -11.03 -50.78
N PHE E 187 -50.53 -9.90 -50.84
CA PHE E 187 -51.12 -8.63 -50.45
C PHE E 187 -52.30 -8.27 -51.33
N ALA E 188 -52.16 -8.44 -52.64
CA ALA E 188 -53.22 -8.09 -53.56
C ALA E 188 -54.43 -9.01 -53.36
N GLU E 189 -54.19 -10.29 -53.07
CA GLU E 189 -55.28 -11.20 -52.75
C GLU E 189 -56.00 -10.76 -51.48
N LYS E 190 -55.23 -10.48 -50.41
CA LYS E 190 -55.85 -10.30 -49.10
C LYS E 190 -56.59 -8.96 -48.99
N TYR E 191 -56.19 -7.95 -49.77
CA TYR E 191 -56.98 -6.73 -49.83
C TYR E 191 -57.84 -6.65 -51.10
N ASP E 192 -57.93 -7.73 -51.87
CA ASP E 192 -58.74 -7.76 -53.09
C ASP E 192 -58.29 -6.71 -54.10
N LEU E 193 -56.98 -6.55 -54.26
CA LEU E 193 -56.43 -5.66 -55.27
C LEU E 193 -56.21 -6.43 -56.57
N ASP E 194 -55.71 -5.72 -57.59
CA ASP E 194 -55.41 -6.32 -58.88
C ASP E 194 -53.93 -6.72 -58.87
N ALA E 195 -53.67 -8.03 -58.92
CA ALA E 195 -52.30 -8.52 -58.83
C ALA E 195 -51.51 -8.28 -60.12
N ASP E 196 -52.19 -8.18 -61.26
CA ASP E 196 -51.48 -7.99 -62.52
C ASP E 196 -50.91 -6.57 -62.65
N ASP E 197 -51.56 -5.59 -62.03
CA ASP E 197 -51.09 -4.20 -62.09
C ASP E 197 -50.11 -3.99 -60.94
N ILE E 198 -48.82 -4.12 -61.23
CA ILE E 198 -47.81 -3.97 -60.20
C ILE E 198 -47.75 -2.51 -59.76
N PRO E 199 -47.82 -2.22 -58.47
CA PRO E 199 -47.79 -0.83 -58.01
C PRO E 199 -46.35 -0.33 -57.85
N SER E 200 -46.24 0.98 -57.59
CA SER E 200 -44.96 1.61 -57.37
C SER E 200 -45.16 2.82 -56.46
N PHE E 201 -44.10 3.18 -55.75
CA PHE E 201 -44.14 4.30 -54.82
C PHE E 201 -42.71 4.78 -54.60
N GLN E 202 -42.57 5.85 -53.82
CA GLN E 202 -41.26 6.39 -53.52
C GLN E 202 -40.42 5.35 -52.79
N ASN E 203 -39.28 5.00 -53.37
CA ASN E 203 -38.41 3.99 -52.78
C ASN E 203 -37.68 4.58 -51.58
N PRO E 204 -37.85 4.02 -50.38
CA PRO E 204 -37.12 4.55 -49.22
C PRO E 204 -35.70 4.03 -49.11
N ASN E 205 -35.39 2.90 -49.74
CA ASN E 205 -34.06 2.32 -49.66
C ASN E 205 -33.13 2.97 -50.67
N ASP E 206 -31.83 2.70 -50.51
CA ASP E 206 -30.80 3.16 -51.43
C ASP E 206 -29.91 1.97 -51.78
N TRP E 207 -29.62 1.81 -53.06
CA TRP E 207 -28.76 0.74 -53.53
C TRP E 207 -27.31 1.14 -53.28
N VAL E 208 -26.84 0.88 -52.06
CA VAL E 208 -25.50 1.28 -51.62
C VAL E 208 -24.58 0.07 -51.50
N PHE E 209 -24.98 -0.92 -50.70
CA PHE E 209 -24.21 -2.15 -50.60
C PHE E 209 -24.29 -2.93 -51.91
N PRO E 210 -23.24 -3.68 -52.26
CA PRO E 210 -23.29 -4.51 -53.46
C PRO E 210 -24.22 -5.70 -53.32
N TRP E 211 -25.49 -5.44 -53.02
CA TRP E 211 -26.47 -6.52 -52.94
C TRP E 211 -26.82 -6.99 -54.34
N LEU E 212 -26.87 -8.32 -54.53
CA LEU E 212 -27.11 -8.87 -55.85
C LEU E 212 -28.49 -8.49 -56.37
N THR E 213 -29.52 -8.59 -55.53
CA THR E 213 -30.89 -8.29 -55.93
C THR E 213 -31.59 -7.58 -54.78
N GLN E 214 -32.06 -6.36 -55.04
CA GLN E 214 -32.94 -5.64 -54.12
C GLN E 214 -34.35 -5.54 -54.67
N ASP E 215 -34.78 -6.57 -55.41
CA ASP E 215 -36.07 -6.56 -56.10
C ASP E 215 -37.21 -6.39 -55.11
N THR E 216 -37.90 -5.25 -55.18
CA THR E 216 -38.99 -4.95 -54.26
C THR E 216 -40.10 -4.22 -55.00
N ILE E 217 -41.31 -4.35 -54.47
CA ILE E 217 -42.49 -3.66 -54.95
C ILE E 217 -43.00 -2.78 -53.82
N GLN E 218 -43.28 -1.51 -54.14
CA GLN E 218 -43.60 -0.51 -53.13
C GLN E 218 -45.07 -0.10 -53.24
N ILE E 219 -45.74 -0.06 -52.09
CA ILE E 219 -47.10 0.44 -51.97
C ILE E 219 -47.15 1.32 -50.72
N ALA E 220 -48.22 2.09 -50.56
CA ALA E 220 -48.33 2.97 -49.40
C ALA E 220 -49.70 2.84 -48.77
N GLU E 221 -49.73 2.93 -47.44
CA GLU E 221 -50.96 3.06 -46.68
C GLU E 221 -50.99 4.43 -46.03
N PHE E 222 -52.04 5.19 -46.31
CA PHE E 222 -52.21 6.55 -45.83
C PHE E 222 -53.33 6.55 -44.79
N TYR E 223 -52.98 6.80 -43.54
CA TYR E 223 -53.95 6.91 -42.45
C TYR E 223 -54.22 8.38 -42.18
N GLU E 224 -55.49 8.71 -41.98
CA GLU E 224 -55.89 10.06 -41.61
C GLU E 224 -56.97 10.01 -40.55
N VAL E 225 -56.90 10.95 -39.60
CA VAL E 225 -57.86 11.05 -38.52
C VAL E 225 -58.73 12.28 -38.76
N VAL E 226 -60.04 12.10 -38.70
CA VAL E 226 -61.00 13.17 -38.89
C VAL E 226 -61.83 13.28 -37.63
N GLU E 227 -61.83 14.46 -37.01
CA GLU E 227 -62.59 14.72 -35.80
C GLU E 227 -63.85 15.50 -36.16
N LYS E 228 -65.01 14.89 -35.92
CA LYS E 228 -66.27 15.50 -36.30
C LYS E 228 -67.34 15.14 -35.26
N LYS E 229 -68.43 15.91 -35.29
CA LYS E 229 -69.58 15.64 -34.45
C LYS E 229 -70.55 14.74 -35.22
N GLU E 230 -70.83 13.56 -34.65
CA GLU E 230 -71.76 12.63 -35.28
C GLU E 230 -72.92 12.35 -34.34
N THR E 231 -74.01 11.84 -34.92
CA THR E 231 -75.22 11.57 -34.17
C THR E 231 -75.03 10.38 -33.25
N ALA E 232 -75.57 10.49 -32.03
CA ALA E 232 -75.62 9.40 -31.08
C ALA E 232 -77.04 9.29 -30.55
N PHE E 233 -77.46 8.07 -30.23
CA PHE E 233 -78.81 7.79 -29.77
C PHE E 233 -78.78 7.41 -28.29
N ILE E 234 -79.66 8.04 -27.52
CA ILE E 234 -79.86 7.73 -26.11
C ILE E 234 -81.12 6.87 -26.03
N TYR E 235 -80.94 5.58 -25.80
CA TYR E 235 -82.01 4.61 -25.65
C TYR E 235 -82.34 4.46 -24.16
N GLN E 236 -83.12 3.44 -23.83
CA GLN E 236 -83.33 3.03 -22.45
C GLN E 236 -83.12 1.52 -22.37
N ASP E 237 -82.14 1.11 -21.57
CA ASP E 237 -81.82 -0.30 -21.44
C ASP E 237 -82.97 -1.03 -20.76
N PRO E 238 -83.52 -2.08 -21.37
CA PRO E 238 -84.62 -2.81 -20.71
C PRO E 238 -84.25 -3.39 -19.36
N VAL E 239 -82.96 -3.69 -19.14
CA VAL E 239 -82.53 -4.16 -17.83
C VAL E 239 -82.53 -3.02 -16.82
N THR E 240 -81.70 -2.01 -17.06
CA THR E 240 -81.61 -0.85 -16.18
C THR E 240 -80.76 0.21 -16.85
N GLY E 241 -81.09 1.47 -16.59
CA GLY E 241 -80.32 2.58 -17.09
C GLY E 241 -80.62 2.92 -18.53
N GLU E 242 -79.92 3.96 -19.00
CA GLU E 242 -80.10 4.45 -20.39
C GLU E 242 -78.72 4.50 -21.08
N PRO E 243 -78.56 3.90 -22.28
CA PRO E 243 -77.28 3.86 -22.94
C PRO E 243 -77.06 4.86 -24.08
N VAL E 244 -75.84 4.96 -24.58
CA VAL E 244 -75.49 5.87 -25.67
C VAL E 244 -74.85 5.04 -26.77
N SER E 245 -75.45 5.05 -27.95
CA SER E 245 -74.91 4.27 -29.07
C SER E 245 -74.72 5.18 -30.28
N TYR E 246 -73.55 5.12 -30.89
CA TYR E 246 -73.26 5.94 -32.05
C TYR E 246 -74.14 5.51 -33.22
N PHE E 247 -74.71 6.51 -33.92
CA PHE E 247 -75.63 6.22 -35.01
C PHE E 247 -74.95 5.51 -36.16
N LYS E 248 -73.67 5.78 -36.39
CA LYS E 248 -72.97 5.17 -37.52
C LYS E 248 -72.74 3.68 -37.31
N ARG E 249 -72.54 3.25 -36.06
CA ARG E 249 -72.21 1.86 -35.79
C ARG E 249 -73.41 0.93 -35.95
N ASP E 250 -74.62 1.43 -35.70
CA ASP E 250 -75.85 0.67 -35.90
C ASP E 250 -76.76 1.37 -36.89
N ILE E 251 -76.18 1.86 -37.99
CA ILE E 251 -76.91 2.71 -38.91
C ILE E 251 -78.01 1.94 -39.64
N LYS E 252 -77.69 0.75 -40.14
CA LYS E 252 -78.66 0.00 -40.94
C LYS E 252 -78.75 -1.44 -40.47
N ASP E 253 -77.68 -1.94 -39.84
CA ASP E 253 -77.63 -3.35 -39.47
C ASP E 253 -78.71 -3.69 -38.44
N VAL E 254 -78.76 -2.95 -37.34
CA VAL E 254 -79.64 -3.31 -36.23
C VAL E 254 -80.49 -2.12 -35.79
N ILE E 255 -80.56 -1.08 -36.62
CA ILE E 255 -81.25 0.14 -36.23
C ILE E 255 -82.71 -0.13 -35.90
N ASP E 256 -83.30 -1.16 -36.51
CA ASP E 256 -84.66 -1.58 -36.17
C ASP E 256 -84.69 -2.74 -35.19
N ASP E 257 -83.56 -3.40 -34.94
CA ASP E 257 -83.52 -4.52 -34.02
C ASP E 257 -83.56 -4.09 -32.56
N LEU E 258 -83.11 -2.87 -32.24
CA LEU E 258 -83.23 -2.38 -30.88
C LEU E 258 -84.69 -2.29 -30.46
N ALA E 259 -85.55 -1.83 -31.36
CA ALA E 259 -86.98 -1.74 -31.05
C ALA E 259 -87.57 -3.12 -30.78
N ASP E 260 -87.19 -4.12 -31.58
CA ASP E 260 -87.68 -5.47 -31.38
C ASP E 260 -87.16 -6.05 -30.06
N SER E 261 -85.90 -5.78 -29.73
CA SER E 261 -85.30 -6.34 -28.54
C SER E 261 -85.74 -5.65 -27.25
N GLY E 262 -86.49 -4.56 -27.34
CA GLY E 262 -86.95 -3.84 -26.17
C GLY E 262 -86.27 -2.51 -25.90
N PHE E 263 -85.38 -2.06 -26.78
CA PHE E 263 -84.75 -0.75 -26.66
C PHE E 263 -85.63 0.27 -27.36
N ILE E 264 -86.02 1.32 -26.64
CA ILE E 264 -86.77 2.42 -27.21
C ILE E 264 -85.95 3.71 -27.08
N LYS E 265 -86.07 4.58 -28.07
CA LYS E 265 -85.26 5.78 -28.14
C LYS E 265 -85.86 6.89 -27.29
N ILE E 266 -85.03 7.54 -26.48
CA ILE E 266 -85.47 8.62 -25.62
C ILE E 266 -84.85 9.95 -26.05
N ALA E 267 -83.69 9.92 -26.70
CA ALA E 267 -83.05 11.17 -27.08
C ALA E 267 -82.06 10.93 -28.22
N GLU E 268 -81.64 12.04 -28.84
CA GLU E 268 -80.63 12.01 -29.90
C GLU E 268 -79.73 13.23 -29.72
N ARG E 269 -78.43 12.99 -29.60
CA ARG E 269 -77.46 14.04 -29.37
C ARG E 269 -76.41 14.05 -30.49
N GLN E 270 -75.53 15.04 -30.44
CA GLN E 270 -74.42 15.16 -31.38
C GLN E 270 -73.13 15.18 -30.57
N ILE E 271 -72.32 14.14 -30.71
CA ILE E 271 -71.12 13.95 -29.91
C ILE E 271 -69.90 13.96 -30.83
N LYS E 272 -68.85 14.66 -30.40
CA LYS E 272 -67.64 14.78 -31.19
C LYS E 272 -66.73 13.58 -30.95
N ARG E 273 -66.19 13.03 -32.03
CA ARG E 273 -65.29 11.89 -31.94
C ARG E 273 -64.42 11.87 -33.19
N ARG E 274 -63.34 11.09 -33.11
CA ARG E 274 -62.39 10.94 -34.20
C ARG E 274 -62.58 9.59 -34.88
N ARG E 275 -62.41 9.59 -36.20
CA ARG E 275 -62.49 8.38 -37.00
C ARG E 275 -61.24 8.28 -37.87
N VAL E 276 -60.73 7.06 -38.05
CA VAL E 276 -59.49 6.82 -38.76
C VAL E 276 -59.81 6.13 -40.09
N TYR E 277 -59.28 6.67 -41.17
CA TYR E 277 -59.48 6.14 -42.51
C TYR E 277 -58.12 5.79 -43.12
N LYS E 278 -58.07 4.62 -43.76
CA LYS E 278 -56.87 4.13 -44.42
C LYS E 278 -57.11 4.04 -45.92
N SER E 279 -56.11 4.45 -46.69
CA SER E 279 -56.15 4.40 -48.15
C SER E 279 -54.91 3.69 -48.66
N ILE E 280 -55.08 2.78 -49.61
CA ILE E 280 -53.95 2.15 -50.27
C ILE E 280 -53.65 2.92 -51.54
N ILE E 281 -52.42 3.40 -51.68
CA ILE E 281 -52.06 4.26 -52.78
C ILE E 281 -50.74 3.80 -53.40
N THR E 282 -50.59 4.13 -54.67
CA THR E 282 -49.36 4.04 -55.42
C THR E 282 -49.03 5.43 -55.96
N CYS E 283 -47.96 5.53 -56.75
CA CYS E 283 -47.54 6.83 -57.24
C CYS E 283 -48.47 7.39 -58.31
N THR E 284 -49.38 6.58 -58.86
CA THR E 284 -50.23 7.02 -59.97
C THR E 284 -51.72 6.88 -59.72
N ALA E 285 -52.16 6.12 -58.74
CA ALA E 285 -53.59 5.88 -58.56
C ALA E 285 -53.87 5.53 -57.10
N VAL E 286 -55.16 5.54 -56.76
CA VAL E 286 -55.63 5.17 -55.43
C VAL E 286 -56.42 3.87 -55.57
N LEU E 287 -55.96 2.82 -54.89
CA LEU E 287 -56.61 1.53 -54.97
C LEU E 287 -57.82 1.45 -54.04
N LYS E 288 -57.59 1.64 -52.74
CA LYS E 288 -58.66 1.75 -51.76
C LYS E 288 -58.73 3.19 -51.27
N ASP E 289 -59.95 3.72 -51.17
CA ASP E 289 -60.10 5.16 -51.04
C ASP E 289 -60.11 5.64 -49.59
N LYS E 290 -61.10 5.24 -48.81
CA LYS E 290 -61.24 5.75 -47.45
C LYS E 290 -61.72 4.65 -46.51
N GLN E 291 -61.10 3.47 -46.59
CA GLN E 291 -61.52 2.35 -45.77
C GLN E 291 -61.46 2.69 -44.28
N LEU E 292 -62.62 2.75 -43.63
CA LEU E 292 -62.66 3.10 -42.22
C LEU E 292 -62.11 1.96 -41.37
N ILE E 293 -61.21 2.29 -40.44
CA ILE E 293 -60.63 1.28 -39.56
C ILE E 293 -61.02 1.60 -38.12
N ALA E 294 -60.88 0.60 -37.27
CA ALA E 294 -61.25 0.74 -35.86
C ALA E 294 -60.28 1.64 -35.12
N GLY E 295 -60.78 2.30 -34.09
CA GLY E 295 -59.97 3.14 -33.24
C GLY E 295 -60.20 4.62 -33.51
N GLU E 296 -59.81 5.43 -32.53
CA GLU E 296 -59.83 6.89 -32.66
C GLU E 296 -58.47 7.46 -33.02
N HIS E 297 -57.43 6.63 -33.07
CA HIS E 297 -56.06 7.09 -33.25
C HIS E 297 -55.40 6.31 -34.39
N ILE E 298 -54.39 6.93 -34.97
CA ILE E 298 -53.58 6.23 -35.99
C ILE E 298 -52.86 5.05 -35.33
N PRO E 299 -52.94 3.85 -35.87
CA PRO E 299 -52.45 2.66 -35.16
C PRO E 299 -50.94 2.49 -35.14
N ILE E 300 -50.16 3.51 -35.48
CA ILE E 300 -48.71 3.43 -35.49
C ILE E 300 -48.17 4.10 -34.24
N VAL E 301 -47.31 3.40 -33.51
CA VAL E 301 -46.70 3.89 -32.27
C VAL E 301 -45.22 4.09 -32.53
N PRO E 302 -44.71 5.34 -32.46
CA PRO E 302 -43.27 5.56 -32.60
C PRO E 302 -42.53 5.63 -31.26
N VAL E 303 -41.24 5.28 -31.29
CA VAL E 303 -40.35 5.37 -30.14
C VAL E 303 -39.14 6.18 -30.55
N PHE E 304 -38.74 7.13 -29.72
CA PHE E 304 -37.66 8.05 -30.04
C PHE E 304 -36.56 7.96 -28.99
N GLY E 305 -35.35 8.37 -29.40
CA GLY E 305 -34.22 8.44 -28.49
C GLY E 305 -34.06 9.85 -27.96
N GLU E 306 -33.05 10.57 -28.46
CA GLU E 306 -32.90 12.00 -28.17
C GLU E 306 -33.66 12.76 -29.25
N TRP E 307 -34.80 13.34 -28.89
CA TRP E 307 -35.73 13.93 -29.84
C TRP E 307 -35.93 15.41 -29.54
N GLY E 308 -36.09 16.20 -30.59
CA GLY E 308 -36.33 17.62 -30.38
C GLY E 308 -36.57 18.33 -31.70
N PHE E 309 -36.71 19.65 -31.59
CA PHE E 309 -36.86 20.54 -32.74
C PHE E 309 -35.81 21.63 -32.64
N VAL E 310 -35.12 21.91 -33.76
CA VAL E 310 -34.09 22.94 -33.76
C VAL E 310 -34.67 24.24 -34.29
N GLU E 311 -35.07 24.25 -35.56
CA GLU E 311 -35.78 25.38 -36.16
C GLU E 311 -36.92 24.81 -36.98
N ASP E 312 -38.04 24.53 -36.32
CA ASP E 312 -39.17 23.82 -36.93
C ASP E 312 -38.71 22.62 -37.75
N LYS E 313 -37.63 21.98 -37.31
CA LYS E 313 -37.04 20.84 -38.01
C LYS E 313 -36.78 19.76 -36.98
N GLU E 314 -37.54 18.67 -37.06
CA GLU E 314 -37.41 17.59 -36.10
C GLU E 314 -36.07 16.88 -36.26
N VAL E 315 -35.41 16.63 -35.14
CA VAL E 315 -34.13 15.93 -35.10
C VAL E 315 -34.21 14.86 -34.02
N TYR E 316 -33.84 13.64 -34.39
CA TYR E 316 -33.76 12.52 -33.46
C TYR E 316 -32.41 11.83 -33.63
N GLU E 317 -31.83 11.42 -32.51
CA GLU E 317 -30.50 10.83 -32.49
C GLU E 317 -30.48 9.66 -31.50
N GLY E 318 -29.61 8.69 -31.79
CA GLY E 318 -29.46 7.55 -30.92
C GLY E 318 -28.20 7.62 -30.09
N VAL E 319 -27.28 6.68 -30.30
CA VAL E 319 -26.02 6.66 -29.57
C VAL E 319 -24.87 6.48 -30.56
N VAL E 320 -25.20 6.16 -31.80
CA VAL E 320 -24.18 5.81 -32.79
C VAL E 320 -23.66 7.03 -33.55
N ARG E 321 -24.50 8.06 -33.71
CA ARG E 321 -24.15 9.16 -34.61
C ARG E 321 -22.87 9.86 -34.17
N LEU E 322 -22.81 10.29 -32.91
CA LEU E 322 -21.67 11.10 -32.46
C LEU E 322 -20.38 10.30 -32.39
N THR E 323 -20.46 8.98 -32.44
CA THR E 323 -19.26 8.13 -32.47
C THR E 323 -18.79 7.82 -33.88
N LYS E 324 -19.52 8.29 -34.90
CA LYS E 324 -19.15 7.92 -36.27
C LYS E 324 -17.86 8.59 -36.70
N ASP E 325 -17.60 9.82 -36.26
CA ASP E 325 -16.42 10.54 -36.71
C ASP E 325 -15.15 9.94 -36.14
N GLY E 326 -15.11 9.70 -34.82
CA GLY E 326 -13.92 9.14 -34.22
C GLY E 326 -13.63 7.73 -34.72
N GLN E 327 -14.66 6.88 -34.75
CA GLN E 327 -14.47 5.50 -35.20
C GLN E 327 -13.96 5.44 -36.63
N ARG E 328 -14.55 6.24 -37.51
CA ARG E 328 -14.07 6.30 -38.89
C ARG E 328 -12.60 6.69 -38.95
N LEU E 329 -12.14 7.51 -38.00
CA LEU E 329 -10.71 7.81 -37.94
C LEU E 329 -9.93 6.60 -37.44
N ARG E 330 -10.44 5.92 -36.40
CA ARG E 330 -9.73 4.78 -35.83
C ARG E 330 -9.59 3.67 -36.86
N ASN E 331 -10.62 3.47 -37.69
CA ASN E 331 -10.52 2.51 -38.78
C ASN E 331 -9.45 2.93 -39.78
N MET E 332 -9.37 4.23 -40.08
CA MET E 332 -8.41 4.68 -41.08
C MET E 332 -6.98 4.50 -40.61
N ILE E 333 -6.66 4.98 -39.40
CA ILE E 333 -5.30 4.90 -38.90
C ILE E 333 -4.87 3.44 -38.79
N MET E 334 -5.72 2.59 -38.21
CA MET E 334 -5.41 1.18 -38.12
C MET E 334 -5.25 0.55 -39.49
N SER E 335 -5.91 1.10 -40.51
CA SER E 335 -5.71 0.62 -41.87
C SER E 335 -4.40 1.11 -42.45
N PHE E 336 -3.97 2.31 -42.08
CA PHE E 336 -2.69 2.84 -42.57
C PHE E 336 -1.53 2.05 -41.96
N ASN E 337 -1.56 1.85 -40.64
CA ASN E 337 -0.45 1.19 -39.96
C ASN E 337 -0.25 -0.23 -40.48
N ALA E 338 -1.34 -0.92 -40.80
CA ALA E 338 -1.23 -2.24 -41.39
C ALA E 338 -0.45 -2.20 -42.70
N ASP E 339 -0.70 -1.17 -43.52
CA ASP E 339 0.06 -1.01 -44.76
C ASP E 339 1.53 -0.85 -44.49
N ILE E 340 1.89 -0.34 -43.31
CA ILE E 340 3.31 -0.23 -42.94
C ILE E 340 3.90 -1.60 -42.71
N VAL E 341 3.14 -2.50 -42.10
CA VAL E 341 3.68 -3.81 -41.74
C VAL E 341 3.91 -4.65 -42.99
N ALA E 342 3.00 -4.58 -43.96
CA ALA E 342 3.09 -5.43 -45.14
C ALA E 342 4.04 -4.85 -46.18
N ARG E 343 3.73 -3.65 -46.69
CA ARG E 343 4.48 -3.08 -47.79
C ARG E 343 5.55 -2.12 -47.26
N THR E 344 6.62 -2.72 -46.73
CA THR E 344 7.77 -1.95 -46.30
C THR E 344 8.97 -2.89 -46.33
N PRO E 345 10.07 -2.50 -46.97
CA PRO E 345 11.24 -3.38 -47.02
C PRO E 345 11.78 -3.66 -45.62
N LYS E 346 12.23 -4.89 -45.42
CA LYS E 346 12.71 -5.32 -44.12
C LYS E 346 14.12 -4.80 -43.87
N LYS E 347 14.66 -5.10 -42.70
CA LYS E 347 16.00 -4.67 -42.31
C LYS E 347 17.01 -5.66 -42.85
N LYS E 348 17.78 -5.25 -43.84
CA LYS E 348 18.80 -6.07 -44.47
C LYS E 348 20.02 -5.19 -44.74
N PRO E 349 21.21 -5.79 -44.83
CA PRO E 349 22.41 -4.99 -45.08
C PRO E 349 22.43 -4.39 -46.46
N PHE E 350 23.18 -3.30 -46.59
CA PHE E 350 23.46 -2.68 -47.87
C PHE E 350 24.85 -3.10 -48.32
N PHE E 351 24.94 -3.71 -49.51
CA PHE E 351 26.18 -4.27 -50.01
C PHE E 351 26.48 -3.75 -51.40
N TRP E 352 27.74 -3.46 -51.66
CA TRP E 352 28.17 -3.34 -53.04
C TRP E 352 28.30 -4.74 -53.64
N PRO E 353 27.96 -4.91 -54.93
CA PRO E 353 28.07 -6.24 -55.53
C PRO E 353 29.47 -6.82 -55.49
N GLU E 354 30.50 -5.98 -55.57
CA GLU E 354 31.88 -6.44 -55.52
C GLU E 354 32.32 -6.81 -54.12
N GLN E 355 31.64 -6.32 -53.08
CA GLN E 355 32.02 -6.65 -51.71
C GLN E 355 31.82 -8.13 -51.41
N ILE E 356 30.73 -8.71 -51.92
CA ILE E 356 30.37 -10.08 -51.60
C ILE E 356 30.44 -10.97 -52.84
N ALA E 357 31.22 -10.58 -53.84
CA ALA E 357 31.34 -11.38 -55.06
C ALA E 357 32.05 -12.69 -54.75
N GLY E 358 31.37 -13.79 -54.99
CA GLY E 358 31.90 -15.11 -54.70
C GLY E 358 31.50 -15.67 -53.34
N PHE E 359 30.98 -14.84 -52.45
CA PHE E 359 30.53 -15.28 -51.13
C PHE E 359 29.02 -15.12 -50.97
N GLU E 360 28.27 -15.03 -52.07
CA GLU E 360 26.84 -14.75 -52.00
C GLU E 360 26.06 -15.86 -51.31
N HIS E 361 26.58 -17.09 -51.29
CA HIS E 361 25.89 -18.17 -50.59
C HIS E 361 26.07 -18.10 -49.08
N MET E 362 26.95 -17.23 -48.58
CA MET E 362 27.13 -17.07 -47.14
C MET E 362 26.08 -16.17 -46.51
N TYR E 363 25.37 -15.38 -47.30
CA TYR E 363 24.42 -14.40 -46.78
C TYR E 363 22.97 -14.75 -47.09
N ASP E 364 22.72 -15.93 -47.63
CA ASP E 364 21.36 -16.31 -48.01
C ASP E 364 20.49 -16.70 -46.82
N GLY E 365 21.08 -16.90 -45.65
CA GLY E 365 20.32 -17.24 -44.46
C GLY E 365 20.67 -18.58 -43.84
N ASN E 366 21.53 -19.39 -44.45
CA ASN E 366 21.90 -20.66 -43.86
C ASN E 366 22.82 -20.45 -42.66
N ASP E 367 23.04 -21.53 -41.92
CA ASP E 367 23.89 -21.51 -40.73
C ASP E 367 24.97 -22.57 -40.83
N ASP E 368 25.57 -22.71 -42.01
CA ASP E 368 26.62 -23.70 -42.24
C ASP E 368 28.03 -23.11 -42.15
N TYR E 369 28.16 -21.82 -41.84
CA TYR E 369 29.45 -21.17 -41.80
C TYR E 369 29.63 -20.47 -40.46
N PRO E 370 30.87 -20.36 -39.99
CA PRO E 370 31.12 -19.71 -38.69
C PRO E 370 31.20 -18.19 -38.76
N TYR E 371 31.29 -17.61 -39.96
CA TYR E 371 31.43 -16.17 -40.10
C TYR E 371 31.03 -15.79 -41.53
N TYR E 372 31.22 -14.51 -41.85
CA TYR E 372 30.98 -13.99 -43.19
C TYR E 372 32.27 -13.42 -43.74
N LEU E 373 32.55 -13.73 -45.01
CA LEU E 373 33.76 -13.26 -45.67
C LEU E 373 33.41 -12.15 -46.65
N LEU E 374 34.29 -11.16 -46.74
CA LEU E 374 34.11 -10.02 -47.63
C LEU E 374 35.34 -9.88 -48.52
N ASN E 375 35.10 -9.55 -49.79
CA ASN E 375 36.20 -9.23 -50.69
C ASN E 375 36.88 -7.94 -50.24
N ARG E 376 38.20 -7.89 -50.40
CA ARG E 376 38.98 -6.77 -49.87
C ARG E 376 39.70 -5.98 -50.94
N THR E 377 40.26 -6.64 -51.95
CA THR E 377 41.13 -5.98 -52.92
C THR E 377 40.38 -5.74 -54.23
N ASP E 378 40.82 -4.72 -54.95
CA ASP E 378 40.33 -4.39 -56.28
C ASP E 378 41.52 -4.24 -57.21
N GLU E 379 41.40 -4.75 -58.43
CA GLU E 379 42.53 -4.73 -59.35
C GLU E 379 42.79 -3.34 -59.93
N ASN E 380 41.85 -2.42 -59.81
CA ASN E 380 42.02 -1.06 -60.30
C ASN E 380 42.20 -0.04 -59.19
N SER E 381 41.41 -0.12 -58.12
CA SER E 381 41.52 0.81 -57.02
C SER E 381 42.46 0.33 -55.92
N GLY E 382 43.12 -0.81 -56.12
CA GLY E 382 44.02 -1.34 -55.11
C GLY E 382 43.31 -2.01 -53.96
N ASP E 383 42.56 -1.22 -53.20
CA ASP E 383 41.81 -1.73 -52.05
C ASP E 383 40.39 -1.19 -52.11
N LEU E 384 39.45 -2.00 -51.63
CA LEU E 384 38.06 -1.58 -51.60
C LEU E 384 37.87 -0.48 -50.56
N PRO E 385 37.06 0.54 -50.87
CA PRO E 385 36.85 1.63 -49.90
C PRO E 385 36.19 1.12 -48.62
N THR E 386 36.50 1.79 -47.52
CA THR E 386 35.98 1.44 -46.20
C THR E 386 34.77 2.29 -45.88
N GLN E 387 33.69 1.64 -45.45
CA GLN E 387 32.44 2.30 -45.13
C GLN E 387 31.66 1.39 -44.19
N PRO E 388 31.29 1.86 -42.99
CA PRO E 388 30.57 1.00 -42.06
C PRO E 388 29.27 0.47 -42.67
N LEU E 389 28.98 -0.79 -42.37
CA LEU E 389 27.83 -1.45 -42.98
C LEU E 389 26.53 -0.75 -42.57
N ALA E 390 25.66 -0.52 -43.55
CA ALA E 390 24.39 0.15 -43.33
C ALA E 390 23.24 -0.83 -43.55
N TYR E 391 22.24 -0.77 -42.68
CA TYR E 391 21.09 -1.64 -42.73
C TYR E 391 19.83 -0.82 -42.96
N TYR E 392 18.91 -1.36 -43.74
CA TYR E 392 17.62 -0.72 -43.92
C TYR E 392 16.91 -0.60 -42.58
N GLU E 393 16.36 0.58 -42.31
CA GLU E 393 15.73 0.81 -41.02
C GLU E 393 14.48 -0.04 -40.86
N ASN E 394 14.24 -0.49 -39.62
CA ASN E 394 13.06 -1.28 -39.33
C ASN E 394 11.81 -0.42 -39.52
N PRO E 395 10.71 -1.03 -39.99
CA PRO E 395 9.46 -0.29 -40.08
C PRO E 395 9.02 0.21 -38.71
N GLU E 396 8.47 1.43 -38.68
CA GLU E 396 8.03 2.04 -37.44
C GLU E 396 6.69 2.70 -37.65
N VAL E 397 5.82 2.59 -36.65
CA VAL E 397 4.55 3.32 -36.65
C VAL E 397 4.84 4.74 -36.23
N PRO E 398 4.45 5.75 -37.01
CA PRO E 398 4.76 7.13 -36.66
C PRO E 398 4.09 7.54 -35.36
N GLN E 399 4.71 8.50 -34.67
CA GLN E 399 4.15 9.00 -33.43
C GLN E 399 2.78 9.63 -33.67
N ALA E 400 2.59 10.26 -34.83
CA ALA E 400 1.30 10.85 -35.15
C ALA E 400 0.22 9.77 -35.24
N ASN E 401 0.54 8.64 -35.89
CA ASN E 401 -0.44 7.57 -36.04
C ASN E 401 -0.86 7.01 -34.68
N ALA E 402 0.10 6.70 -33.82
CA ALA E 402 -0.21 6.15 -32.51
C ALA E 402 -0.99 7.16 -31.67
N TYR E 403 -0.54 8.42 -31.66
CA TYR E 403 -1.23 9.45 -30.88
C TYR E 403 -2.66 9.62 -31.35
N MET E 404 -2.88 9.66 -32.67
CA MET E 404 -4.23 9.89 -33.16
C MET E 404 -5.12 8.67 -32.98
N LEU E 405 -4.56 7.46 -33.08
CA LEU E 405 -5.36 6.27 -32.80
C LEU E 405 -5.82 6.27 -31.34
N GLU E 406 -4.90 6.56 -30.42
CA GLU E 406 -5.26 6.63 -29.01
C GLU E 406 -6.30 7.71 -28.76
N ALA E 407 -6.11 8.90 -29.37
CA ALA E 407 -7.05 9.99 -29.15
C ALA E 407 -8.42 9.69 -29.71
N ALA E 408 -8.48 9.09 -30.91
CA ALA E 408 -9.77 8.75 -31.50
C ALA E 408 -10.49 7.69 -30.68
N THR E 409 -9.77 6.67 -30.22
CA THR E 409 -10.38 5.65 -29.38
C THR E 409 -10.91 6.26 -28.08
N SER E 410 -10.12 7.14 -27.46
CA SER E 410 -10.59 7.79 -26.23
C SER E 410 -11.81 8.66 -26.48
N ALA E 411 -11.83 9.38 -27.60
CA ALA E 411 -12.98 10.22 -27.93
C ALA E 411 -14.23 9.38 -28.11
N VAL E 412 -14.12 8.26 -28.83
CA VAL E 412 -15.29 7.42 -29.02
C VAL E 412 -15.73 6.80 -27.70
N LYS E 413 -14.77 6.42 -26.85
CA LYS E 413 -15.12 5.89 -25.55
C LYS E 413 -15.89 6.92 -24.73
N GLU E 414 -15.46 8.18 -24.77
CA GLU E 414 -16.09 9.19 -23.93
C GLU E 414 -17.46 9.58 -24.48
N VAL E 415 -17.61 9.68 -25.80
CA VAL E 415 -18.88 10.14 -26.36
C VAL E 415 -19.93 9.04 -26.41
N ALA E 416 -19.53 7.78 -26.49
CA ALA E 416 -20.48 6.67 -26.57
C ALA E 416 -20.93 6.22 -25.19
N THR E 417 -21.41 7.17 -24.38
CA THR E 417 -21.98 6.87 -23.07
C THR E 417 -23.37 7.49 -23.02
N LEU E 418 -24.39 6.66 -23.22
CA LEU E 418 -25.77 7.11 -23.11
C LEU E 418 -26.07 7.47 -21.66
N GLY E 419 -26.48 8.71 -21.42
CA GLY E 419 -26.75 9.14 -20.07
C GLY E 419 -25.50 9.06 -19.21
N VAL E 420 -25.66 8.47 -18.02
CA VAL E 420 -24.54 8.31 -17.09
C VAL E 420 -24.07 6.86 -17.10
N GLU E 445 -26.33 4.01 -18.40
CA GLU E 445 -27.72 3.96 -17.96
C GLU E 445 -28.64 4.52 -19.03
N THR E 446 -29.78 3.87 -19.23
CA THR E 446 -30.74 4.24 -20.27
C THR E 446 -32.07 4.67 -19.69
N TYR E 447 -32.05 5.48 -18.62
CA TYR E 447 -33.31 5.91 -18.01
C TYR E 447 -34.14 6.74 -18.97
N VAL E 448 -33.50 7.65 -19.72
CA VAL E 448 -34.25 8.48 -20.65
C VAL E 448 -34.86 7.63 -21.76
N PHE E 449 -34.09 6.67 -22.28
CA PHE E 449 -34.60 5.79 -23.32
C PHE E 449 -35.75 4.93 -22.79
N GLN E 450 -35.62 4.42 -21.56
CA GLN E 450 -36.70 3.64 -20.96
C GLN E 450 -37.95 4.50 -20.75
N ASP E 451 -37.77 5.77 -20.38
CA ASP E 451 -38.93 6.64 -20.22
C ASP E 451 -39.59 6.94 -21.55
N ASN E 452 -38.80 7.11 -22.61
CA ASN E 452 -39.37 7.28 -23.94
C ASN E 452 -40.15 6.04 -24.37
N LEU E 453 -39.61 4.86 -24.08
CA LEU E 453 -40.33 3.63 -24.37
C LEU E 453 -41.61 3.55 -23.56
N ALA E 454 -41.58 4.02 -22.31
CA ALA E 454 -42.79 4.05 -21.49
C ALA E 454 -43.84 4.97 -22.09
N THR E 455 -43.42 6.13 -22.61
CA THR E 455 -44.34 7.01 -23.30
C THR E 455 -44.94 6.32 -24.52
N ALA E 456 -44.12 5.61 -25.28
CA ALA E 456 -44.61 4.87 -26.43
C ALA E 456 -45.63 3.81 -26.01
N MET E 457 -45.37 3.11 -24.91
CA MET E 457 -46.31 2.10 -24.45
C MET E 457 -47.60 2.72 -23.92
N ARG E 458 -47.53 3.91 -23.34
CA ARG E 458 -48.75 4.60 -22.94
C ARG E 458 -49.60 4.96 -24.16
N ARG E 459 -48.95 5.44 -25.22
CA ARG E 459 -49.68 5.71 -26.46
C ARG E 459 -50.27 4.41 -27.03
N ASP E 460 -49.50 3.32 -26.97
CA ASP E 460 -49.99 2.03 -27.44
C ASP E 460 -51.21 1.59 -26.65
N GLY E 461 -51.21 1.80 -25.34
CA GLY E 461 -52.37 1.47 -24.53
C GLY E 461 -53.58 2.31 -24.87
N GLU E 462 -53.37 3.60 -25.13
CA GLU E 462 -54.47 4.46 -25.55
C GLU E 462 -55.10 3.96 -26.85
N ILE E 463 -54.25 3.66 -27.85
CA ILE E 463 -54.75 3.18 -29.13
C ILE E 463 -55.47 1.85 -28.96
N TYR E 464 -54.90 0.95 -28.14
CA TYR E 464 -55.52 -0.35 -27.91
C TYR E 464 -56.88 -0.21 -27.24
N GLN E 465 -57.00 0.70 -26.28
CA GLN E 465 -58.29 0.93 -25.63
C GLN E 465 -59.31 1.44 -26.64
N SER E 466 -58.91 2.36 -27.51
CA SER E 466 -59.84 2.85 -28.53
C SER E 466 -60.31 1.73 -29.44
N ILE E 467 -59.37 0.89 -29.91
CA ILE E 467 -59.74 -0.21 -30.80
C ILE E 467 -60.65 -1.19 -30.09
N VAL E 468 -60.35 -1.49 -28.81
CA VAL E 468 -61.17 -2.42 -28.05
C VAL E 468 -62.60 -1.90 -27.92
N ASN E 469 -62.74 -0.60 -27.62
CA ASN E 469 -64.07 -0.02 -27.57
C ASN E 469 -64.76 -0.09 -28.93
N ASP E 470 -63.98 -0.01 -30.01
CA ASP E 470 -64.60 -0.03 -31.34
C ASP E 470 -65.09 -1.41 -31.75
N ILE E 471 -64.31 -2.47 -31.50
CA ILE E 471 -64.62 -3.76 -32.11
C ILE E 471 -64.93 -4.85 -31.07
N TYR E 472 -64.38 -4.72 -29.88
CA TYR E 472 -64.51 -5.79 -28.90
C TYR E 472 -65.80 -5.68 -28.11
N ASP E 473 -66.14 -6.78 -27.44
CA ASP E 473 -67.34 -6.84 -26.60
C ASP E 473 -66.93 -6.54 -25.17
N VAL E 474 -67.20 -5.31 -24.74
CA VAL E 474 -66.81 -4.83 -23.41
C VAL E 474 -68.04 -4.96 -22.50
N PRO E 475 -68.04 -5.85 -21.51
CA PRO E 475 -69.18 -5.95 -20.60
C PRO E 475 -69.27 -4.74 -19.67
N ARG E 476 -70.50 -4.45 -19.25
CA ARG E 476 -70.75 -3.43 -18.25
C ARG E 476 -71.04 -4.12 -16.92
N ASN E 477 -70.28 -3.77 -15.89
CA ASN E 477 -70.38 -4.42 -14.60
C ASN E 477 -71.43 -3.72 -13.75
N VAL E 478 -72.50 -4.43 -13.41
CA VAL E 478 -73.55 -3.91 -12.56
C VAL E 478 -73.28 -4.34 -11.13
N THR E 479 -73.78 -3.56 -10.18
CA THR E 479 -73.55 -3.80 -8.75
C THR E 479 -74.74 -4.46 -8.07
N ILE E 480 -75.74 -4.89 -8.84
CA ILE E 480 -76.92 -5.54 -8.26
C ILE E 480 -76.59 -6.99 -7.92
N LEU E 492 -71.69 -8.62 -11.41
CA LEU E 492 -72.26 -9.30 -12.57
C LEU E 492 -72.04 -8.50 -13.85
N MET E 493 -71.46 -9.15 -14.86
CA MET E 493 -71.19 -8.51 -16.14
C MET E 493 -72.36 -8.77 -17.08
N ALA E 494 -72.97 -7.70 -17.58
CA ALA E 494 -74.13 -7.78 -18.46
C ALA E 494 -73.70 -7.43 -19.88
N GLU E 495 -73.36 -8.46 -20.66
CA GLU E 495 -72.99 -8.28 -22.05
C GLU E 495 -74.26 -8.11 -22.88
N VAL E 496 -74.51 -6.89 -23.33
CA VAL E 496 -75.71 -6.57 -24.11
C VAL E 496 -75.30 -6.41 -25.56
N VAL E 497 -75.69 -7.37 -26.41
CA VAL E 497 -75.42 -7.34 -27.83
C VAL E 497 -76.62 -7.92 -28.57
N ASP E 498 -76.64 -7.72 -29.88
CA ASP E 498 -77.69 -8.25 -30.73
C ASP E 498 -77.15 -8.47 -32.13
N LEU E 499 -77.84 -9.33 -32.88
CA LEU E 499 -77.49 -9.68 -34.24
C LEU E 499 -78.51 -9.11 -35.21
N ALA E 500 -78.07 -8.89 -36.45
CA ALA E 500 -78.92 -8.36 -37.49
C ALA E 500 -79.60 -9.50 -38.25
N THR E 501 -80.37 -9.15 -39.28
CA THR E 501 -80.99 -10.16 -40.13
C THR E 501 -79.98 -10.90 -40.97
N GLY E 502 -78.79 -10.34 -41.16
CA GLY E 502 -77.74 -11.00 -41.91
C GLY E 502 -76.85 -11.87 -41.04
N GLU E 503 -77.33 -12.18 -39.84
CA GLU E 503 -76.68 -13.01 -38.83
C GLU E 503 -75.45 -12.36 -38.22
N LYS E 504 -75.06 -11.16 -38.67
CA LYS E 504 -73.91 -10.48 -38.11
C LYS E 504 -74.28 -9.83 -36.79
N GLN E 505 -73.46 -10.05 -35.77
CA GLN E 505 -73.69 -9.47 -34.46
C GLN E 505 -72.97 -8.12 -34.38
N VAL E 506 -73.67 -7.11 -33.89
CA VAL E 506 -73.11 -5.76 -33.73
C VAL E 506 -72.98 -5.47 -32.25
N LEU E 507 -71.77 -5.11 -31.83
CA LEU E 507 -71.52 -4.81 -30.43
C LEU E 507 -72.22 -3.52 -30.03
N ASN E 508 -72.74 -3.50 -28.80
CA ASN E 508 -73.39 -2.32 -28.24
C ASN E 508 -72.57 -1.87 -27.03
N ASP E 509 -71.75 -0.85 -27.23
CA ASP E 509 -70.88 -0.33 -26.18
C ASP E 509 -71.38 1.05 -25.76
N ILE E 510 -71.66 1.20 -24.47
CA ILE E 510 -72.12 2.49 -23.96
C ILE E 510 -70.97 3.50 -23.97
N ARG E 511 -71.32 4.77 -23.79
CA ARG E 511 -70.34 5.84 -23.79
C ARG E 511 -69.57 5.96 -22.49
N GLY E 512 -69.95 5.21 -21.46
CA GLY E 512 -69.15 5.13 -20.25
C GLY E 512 -68.04 4.12 -20.40
N ARG E 513 -67.16 4.34 -21.37
CA ARG E 513 -66.12 3.38 -21.74
C ARG E 513 -64.75 3.76 -21.21
N TYR E 514 -64.43 5.05 -21.14
CA TYR E 514 -63.12 5.50 -20.68
C TYR E 514 -63.11 5.60 -19.15
N GLU E 515 -63.32 4.45 -18.53
CA GLU E 515 -63.34 4.35 -17.07
C GLU E 515 -61.98 4.04 -16.47
N CYS E 516 -60.97 3.78 -17.30
CA CYS E 516 -59.63 3.48 -16.82
C CYS E 516 -58.61 4.24 -17.65
N TYR E 517 -57.53 4.63 -17.01
CA TYR E 517 -56.42 5.33 -17.65
C TYR E 517 -55.21 4.40 -17.76
N THR E 518 -54.19 4.90 -18.43
CA THR E 518 -53.03 4.10 -18.82
C THR E 518 -51.81 4.47 -17.96
N ASP E 519 -51.09 3.45 -17.50
CA ASP E 519 -49.84 3.61 -16.79
C ASP E 519 -48.86 2.58 -17.33
N VAL E 520 -47.65 2.58 -16.80
CA VAL E 520 -46.58 1.67 -17.23
C VAL E 520 -46.21 0.76 -16.08
N GLY E 521 -46.16 -0.53 -16.35
CA GLY E 521 -45.80 -1.50 -15.34
C GLY E 521 -45.01 -2.65 -15.91
N PRO E 522 -44.64 -3.62 -15.06
CA PRO E 522 -43.90 -4.79 -15.55
C PRO E 522 -44.74 -5.61 -16.51
N SER E 523 -44.06 -6.31 -17.42
CA SER E 523 -44.73 -7.10 -18.45
C SER E 523 -45.11 -8.46 -17.87
N PHE E 524 -46.39 -8.79 -17.92
CA PHE E 524 -46.91 -10.06 -17.43
C PHE E 524 -47.68 -10.75 -18.54
N GLN E 525 -47.51 -12.07 -18.64
CA GLN E 525 -48.15 -12.82 -19.72
C GLN E 525 -49.63 -13.06 -19.46
N SER E 526 -50.09 -12.96 -18.21
CA SER E 526 -51.48 -13.25 -17.89
C SER E 526 -51.85 -12.52 -16.61
N MET E 527 -53.16 -12.43 -16.35
CA MET E 527 -53.63 -11.77 -15.14
C MET E 527 -53.25 -12.56 -13.88
N LYS E 528 -53.17 -13.89 -13.98
CA LYS E 528 -52.77 -14.68 -12.82
C LYS E 528 -51.34 -14.38 -12.40
N GLN E 529 -50.43 -14.21 -13.37
CA GLN E 529 -49.07 -13.82 -13.06
C GLN E 529 -49.01 -12.46 -12.38
N GLN E 530 -49.82 -11.51 -12.87
CA GLN E 530 -49.87 -10.20 -12.26
C GLN E 530 -50.38 -10.27 -10.82
N ASN E 531 -51.43 -11.07 -10.59
CA ASN E 531 -51.94 -11.24 -9.24
C ASN E 531 -50.90 -11.88 -8.33
N ARG E 532 -50.18 -12.87 -8.83
CA ARG E 532 -49.13 -13.51 -8.03
C ARG E 532 -48.04 -12.51 -7.68
N ALA E 533 -47.62 -11.69 -8.65
CA ALA E 533 -46.61 -10.68 -8.38
C ALA E 533 -47.09 -9.67 -7.36
N GLU E 534 -48.36 -9.26 -7.46
CA GLU E 534 -48.90 -8.30 -6.50
C GLU E 534 -48.95 -8.89 -5.10
N ILE E 535 -49.38 -10.15 -4.99
CA ILE E 535 -49.43 -10.80 -3.68
C ILE E 535 -48.03 -10.93 -3.09
N LEU E 536 -47.04 -11.29 -3.92
CA LEU E 536 -45.68 -11.40 -3.43
C LEU E 536 -45.14 -10.04 -3.00
N GLU E 537 -45.46 -8.98 -3.74
CA GLU E 537 -45.02 -7.64 -3.37
C GLU E 537 -45.63 -7.22 -2.03
N LEU E 538 -46.92 -7.49 -1.84
CA LEU E 538 -47.56 -7.18 -0.57
C LEU E 538 -46.95 -8.00 0.57
N LEU E 539 -46.62 -9.26 0.29
CA LEU E 539 -46.07 -10.13 1.32
C LEU E 539 -44.70 -9.66 1.79
N GLY E 540 -43.94 -9.01 0.91
CA GLY E 540 -42.61 -8.57 1.25
C GLY E 540 -42.57 -7.39 2.20
N LYS E 541 -43.71 -6.72 2.41
CA LYS E 541 -43.77 -5.57 3.29
C LYS E 541 -44.60 -5.81 4.55
N THR E 542 -45.48 -6.80 4.54
CA THR E 542 -46.30 -7.08 5.72
C THR E 542 -45.50 -7.84 6.77
N PRO E 543 -45.51 -7.40 8.02
CA PRO E 543 -44.85 -8.18 9.08
C PRO E 543 -45.59 -9.48 9.34
N GLN E 544 -44.91 -10.38 10.05
CA GLN E 544 -45.44 -11.72 10.28
C GLN E 544 -46.58 -11.72 11.29
N GLY E 545 -47.70 -11.12 10.92
CA GLY E 545 -48.90 -11.14 11.74
C GLY E 545 -49.99 -11.98 11.12
N THR E 546 -51.24 -11.53 11.25
CA THR E 546 -52.37 -12.21 10.63
C THR E 546 -52.48 -11.89 9.13
N PRO E 547 -52.31 -10.63 8.69
CA PRO E 547 -52.32 -10.38 7.25
C PRO E 547 -51.23 -11.14 6.51
N GLU E 548 -50.10 -11.43 7.15
CA GLU E 548 -49.08 -12.26 6.51
C GLU E 548 -49.62 -13.65 6.21
N TYR E 549 -50.33 -14.25 7.18
CA TYR E 549 -50.95 -15.54 6.94
C TYR E 549 -52.01 -15.45 5.84
N GLN E 550 -52.78 -14.37 5.83
CA GLN E 550 -53.80 -14.19 4.80
C GLN E 550 -53.17 -14.13 3.43
N LEU E 551 -52.09 -13.36 3.29
CA LEU E 551 -51.42 -13.23 2.00
C LEU E 551 -50.70 -14.51 1.59
N LEU E 552 -50.18 -15.28 2.54
CA LEU E 552 -49.58 -16.56 2.20
C LEU E 552 -50.62 -17.54 1.68
N LEU E 553 -51.78 -17.61 2.35
CA LEU E 553 -52.85 -18.46 1.85
C LEU E 553 -53.34 -17.98 0.49
N LEU E 554 -53.34 -16.67 0.27
CA LEU E 554 -53.74 -16.13 -1.04
C LEU E 554 -52.71 -16.45 -2.11
N GLN E 555 -51.43 -16.49 -1.75
CA GLN E 555 -50.40 -16.88 -2.72
C GLN E 555 -50.55 -18.35 -3.09
N TYR E 556 -50.82 -19.21 -2.09
CA TYR E 556 -51.12 -20.60 -2.39
C TYR E 556 -52.42 -20.74 -3.18
N PHE E 557 -53.31 -19.76 -3.07
CA PHE E 557 -54.55 -19.76 -3.85
C PHE E 557 -54.28 -19.78 -5.35
N THR E 558 -53.43 -18.87 -5.82
CA THR E 558 -53.29 -18.58 -7.25
C THR E 558 -52.10 -19.30 -7.87
N LEU E 559 -51.81 -20.51 -7.41
CA LEU E 559 -50.71 -21.29 -7.96
C LEU E 559 -51.21 -22.20 -9.09
N LEU E 560 -50.29 -22.56 -9.98
CA LEU E 560 -50.59 -23.49 -11.05
C LEU E 560 -50.89 -24.87 -10.46
N ASP E 561 -51.24 -25.81 -11.34
CA ASP E 561 -51.70 -27.13 -10.91
C ASP E 561 -50.73 -28.21 -11.37
N GLY E 562 -50.16 -28.90 -10.40
CA GLY E 562 -49.54 -30.20 -10.61
C GLY E 562 -50.37 -31.22 -9.89
N LYS E 563 -49.75 -31.96 -8.96
CA LYS E 563 -50.50 -32.87 -8.09
C LYS E 563 -50.39 -32.47 -6.63
N GLY E 564 -49.17 -32.32 -6.12
CA GLY E 564 -49.01 -31.85 -4.74
C GLY E 564 -49.46 -30.42 -4.54
N VAL E 565 -49.08 -29.52 -5.47
CA VAL E 565 -49.48 -28.13 -5.32
C VAL E 565 -50.98 -28.00 -5.46
N GLU E 566 -51.63 -28.94 -6.14
CA GLU E 566 -53.09 -29.00 -6.11
C GLU E 566 -53.60 -29.23 -4.70
N MET E 567 -52.97 -30.16 -3.98
CA MET E 567 -53.37 -30.41 -2.59
C MET E 567 -53.14 -29.18 -1.73
N MET E 568 -52.01 -28.50 -1.92
CA MET E 568 -51.72 -27.30 -1.14
C MET E 568 -52.75 -26.20 -1.44
N ARG E 569 -53.12 -26.04 -2.72
CA ARG E 569 -54.10 -25.03 -3.07
C ARG E 569 -55.47 -25.38 -2.51
N ASP E 570 -55.85 -26.66 -2.51
CA ASP E 570 -57.11 -27.06 -1.90
C ASP E 570 -57.11 -26.78 -0.40
N TYR E 571 -55.98 -27.05 0.26
CA TYR E 571 -55.87 -26.75 1.68
C TYR E 571 -56.00 -25.25 1.94
N ALA E 572 -55.37 -24.42 1.11
CA ALA E 572 -55.51 -22.98 1.25
C ALA E 572 -56.95 -22.54 0.99
N ASN E 573 -57.61 -23.15 0.01
CA ASN E 573 -59.02 -22.88 -0.24
C ASN E 573 -59.85 -23.13 1.02
N LYS E 574 -59.69 -24.31 1.61
CA LYS E 574 -60.47 -24.66 2.79
C LYS E 574 -60.17 -23.73 3.95
N GLN E 575 -58.89 -23.40 4.14
CA GLN E 575 -58.51 -22.52 5.24
C GLN E 575 -59.12 -21.14 5.07
N LEU E 576 -59.04 -20.58 3.86
CA LEU E 576 -59.59 -19.25 3.63
C LEU E 576 -61.11 -19.23 3.77
N ILE E 577 -61.78 -20.29 3.30
CA ILE E 577 -63.24 -20.34 3.43
C ILE E 577 -63.64 -20.48 4.89
N GLN E 578 -62.87 -21.23 5.68
CA GLN E 578 -63.30 -21.57 7.03
C GLN E 578 -63.25 -20.39 8.00
N MET E 579 -62.48 -19.34 7.70
CA MET E 579 -62.46 -18.16 8.56
C MET E 579 -63.37 -17.05 8.05
N GLY E 580 -64.20 -17.33 7.05
CA GLY E 580 -65.14 -16.36 6.55
C GLY E 580 -64.53 -15.27 5.69
N VAL E 581 -63.24 -15.34 5.41
CA VAL E 581 -62.59 -14.33 4.58
C VAL E 581 -63.05 -14.44 3.13
N LYS E 582 -63.17 -15.66 2.62
CA LYS E 582 -63.69 -15.91 1.29
C LYS E 582 -65.18 -16.19 1.34
N LYS E 583 -65.89 -15.70 0.32
CA LYS E 583 -67.30 -16.03 0.17
C LYS E 583 -67.44 -17.35 -0.58
N PRO E 584 -68.02 -18.39 0.03
CA PRO E 584 -68.16 -19.67 -0.67
C PRO E 584 -69.05 -19.53 -1.91
N GLU E 585 -68.67 -20.23 -2.98
CA GLU E 585 -69.44 -20.29 -4.20
C GLU E 585 -69.97 -21.70 -4.48
N THR E 586 -69.07 -22.67 -4.54
CA THR E 586 -69.42 -24.07 -4.72
C THR E 586 -69.97 -24.64 -3.41
N PRO E 587 -71.00 -25.49 -3.47
CA PRO E 587 -71.57 -26.02 -2.22
C PRO E 587 -70.59 -26.75 -1.34
N GLU E 588 -69.53 -27.34 -1.91
CA GLU E 588 -68.47 -27.91 -1.10
C GLU E 588 -67.94 -26.89 -0.10
N GLU E 589 -67.59 -25.70 -0.59
CA GLU E 589 -67.20 -24.62 0.31
C GLU E 589 -68.33 -24.24 1.24
N GLN E 590 -69.58 -24.43 0.80
CA GLN E 590 -70.72 -24.07 1.64
C GLN E 590 -70.74 -24.90 2.92
N GLN E 591 -70.68 -26.24 2.80
CA GLN E 591 -70.71 -26.94 4.08
C GLN E 591 -69.33 -26.99 4.73
N TRP E 592 -68.26 -26.62 4.00
CA TRP E 592 -67.00 -26.33 4.69
C TRP E 592 -67.19 -25.20 5.70
N LEU E 593 -67.82 -24.12 5.25
CA LEU E 593 -68.14 -23.01 6.16
C LEU E 593 -69.12 -23.45 7.23
N VAL E 594 -70.05 -24.35 6.89
CA VAL E 594 -71.00 -24.86 7.88
C VAL E 594 -70.27 -25.58 9.01
N GLU E 595 -69.34 -26.47 8.65
CA GLU E 595 -68.55 -27.17 9.67
C GLU E 595 -67.67 -26.21 10.46
N ALA E 596 -67.12 -25.19 9.79
CA ALA E 596 -66.34 -24.20 10.52
C ALA E 596 -67.18 -23.48 11.55
N GLN E 597 -68.40 -23.08 11.18
CA GLN E 597 -69.30 -22.43 12.13
C GLN E 597 -69.69 -23.37 13.26
N GLN E 598 -69.93 -24.64 12.95
CA GLN E 598 -70.26 -25.61 13.99
C GLN E 598 -69.11 -25.75 14.99
N ALA E 599 -67.88 -25.82 14.48
CA ALA E 599 -66.72 -25.91 15.36
C ALA E 599 -66.57 -24.64 16.20
N LYS E 600 -66.84 -23.48 15.60
CA LYS E 600 -66.78 -22.23 16.35
C LYS E 600 -67.82 -22.21 17.48
N GLN E 601 -69.03 -22.67 17.20
CA GLN E 601 -70.09 -22.66 18.21
C GLN E 601 -69.85 -23.68 19.32
N GLY E 602 -69.00 -24.67 19.09
CA GLY E 602 -68.72 -25.68 20.09
C GLY E 602 -67.37 -25.50 20.75
N GLN E 603 -66.97 -24.25 20.98
CA GLN E 603 -65.69 -23.92 21.58
C GLN E 603 -65.91 -23.27 22.93
N GLN E 604 -65.15 -23.72 23.94
CA GLN E 604 -65.25 -23.17 25.28
C GLN E 604 -63.91 -23.36 25.99
N ASP E 605 -63.60 -22.43 26.88
CA ASP E 605 -62.31 -22.43 27.54
C ASP E 605 -62.45 -22.80 29.01
N PRO E 606 -61.47 -23.49 29.58
CA PRO E 606 -61.60 -23.94 30.98
C PRO E 606 -61.73 -22.82 31.99
N ALA E 607 -61.06 -21.69 31.76
CA ALA E 607 -61.13 -20.57 32.71
C ALA E 607 -62.54 -20.02 32.81
N MET E 608 -63.23 -19.91 31.67
CA MET E 608 -64.62 -19.46 31.68
C MET E 608 -65.50 -20.41 32.48
N VAL E 609 -65.30 -21.72 32.31
CA VAL E 609 -66.13 -22.69 33.01
C VAL E 609 -65.86 -22.65 34.50
N GLN E 610 -64.60 -22.53 34.90
CA GLN E 610 -64.28 -22.40 36.33
C GLN E 610 -64.89 -21.13 36.92
N ALA E 611 -64.81 -20.02 36.18
CA ALA E 611 -65.41 -18.78 36.67
C ALA E 611 -66.92 -18.91 36.81
N GLN E 612 -67.57 -19.55 35.83
CA GLN E 612 -69.01 -19.77 35.91
C GLN E 612 -69.36 -20.65 37.10
N GLY E 613 -68.53 -21.67 37.37
CA GLY E 613 -68.76 -22.50 38.54
C GLY E 613 -68.66 -21.73 39.83
N VAL E 614 -67.65 -20.87 39.94
CA VAL E 614 -67.50 -20.05 41.15
C VAL E 614 -68.71 -19.13 41.32
N LEU E 615 -69.13 -18.48 40.24
CA LEU E 615 -70.27 -17.58 40.31
C LEU E 615 -71.54 -18.31 40.69
N LEU E 616 -71.75 -19.49 40.14
CA LEU E 616 -73.00 -20.20 40.38
C LEU E 616 -73.00 -20.81 41.78
N GLN E 617 -71.83 -21.20 42.29
CA GLN E 617 -71.70 -21.52 43.72
C GLN E 617 -72.10 -20.33 44.58
N GLY E 618 -71.59 -19.15 44.24
CA GLY E 618 -71.91 -17.97 45.04
C GLY E 618 -73.37 -17.61 44.98
N GLN E 619 -73.99 -17.75 43.80
CA GLN E 619 -75.43 -17.50 43.68
C GLN E 619 -76.23 -18.48 44.51
N ALA E 620 -75.81 -19.76 44.52
CA ALA E 620 -76.47 -20.73 45.37
C ALA E 620 -76.34 -20.36 46.84
N GLU E 621 -75.19 -19.78 47.22
CA GLU E 621 -74.95 -19.48 48.62
C GLU E 621 -75.74 -18.23 49.04
N LEU E 622 -75.98 -17.36 48.05
CA LEU E 622 -76.89 -16.22 48.32
C LEU E 622 -78.27 -16.85 48.55
N ALA E 623 -78.69 -17.77 47.66
CA ALA E 623 -80.00 -18.36 47.84
C ALA E 623 -80.13 -18.98 49.22
N LYS E 624 -79.07 -19.68 49.68
CA LYS E 624 -79.08 -20.28 51.01
C LYS E 624 -79.21 -19.22 52.09
N ALA E 625 -78.53 -18.08 51.92
CA ALA E 625 -78.65 -17.00 52.90
C ALA E 625 -80.08 -16.46 52.95
N GLN E 626 -80.70 -16.27 51.80
CA GLN E 626 -82.09 -15.81 51.78
C GLN E 626 -83.02 -16.82 52.44
N ASN E 627 -82.80 -18.12 52.18
CA ASN E 627 -83.59 -19.15 52.85
C ASN E 627 -83.37 -19.12 54.35
N GLN E 628 -82.14 -18.81 54.78
CA GLN E 628 -81.88 -18.67 56.20
C GLN E 628 -82.66 -17.51 56.79
N THR E 629 -82.73 -16.38 56.08
CA THR E 629 -83.59 -15.27 56.51
C THR E 629 -85.02 -15.75 56.69
N LEU E 630 -85.56 -16.41 55.67
CA LEU E 630 -86.96 -16.82 55.69
C LEU E 630 -87.23 -17.82 56.82
N SER E 631 -86.34 -18.79 56.99
CA SER E 631 -86.53 -19.81 58.03
C SER E 631 -86.42 -19.20 59.42
N LEU E 632 -85.48 -18.27 59.61
CA LEU E 632 -85.36 -17.63 60.91
C LEU E 632 -86.58 -16.78 61.23
N GLN E 633 -87.12 -16.08 60.23
CA GLN E 633 -88.35 -15.32 60.46
C GLN E 633 -89.52 -16.24 60.80
N ILE E 634 -89.63 -17.38 60.11
CA ILE E 634 -90.73 -18.30 60.39
C ILE E 634 -90.59 -18.95 61.75
N ASP E 635 -89.37 -19.33 62.12
CA ASP E 635 -89.12 -19.84 63.47
C ASP E 635 -89.42 -18.78 64.52
N ALA E 636 -89.13 -17.52 64.21
CA ALA E 636 -89.50 -16.44 65.12
C ALA E 636 -91.02 -16.36 65.30
N ALA E 637 -91.76 -16.47 64.19
CA ALA E 637 -93.21 -16.46 64.27
C ALA E 637 -93.72 -17.61 65.13
N LYS E 638 -93.15 -18.80 64.94
CA LYS E 638 -93.47 -19.93 65.80
C LYS E 638 -93.15 -19.61 67.25
N VAL E 639 -92.05 -18.91 67.49
CA VAL E 639 -91.63 -18.57 68.85
C VAL E 639 -92.66 -17.67 69.52
N GLU E 640 -93.09 -16.59 68.84
CA GLU E 640 -94.08 -15.72 69.46
C GLU E 640 -95.42 -16.44 69.61
N ALA E 641 -95.78 -17.30 68.66
CA ALA E 641 -97.01 -18.06 68.82
C ALA E 641 -96.97 -18.95 70.05
N GLN E 642 -95.85 -19.65 70.25
CA GLN E 642 -95.70 -20.52 71.42
C GLN E 642 -95.71 -19.71 72.71
N ASN E 643 -95.05 -18.55 72.71
CA ASN E 643 -95.02 -17.70 73.89
C ASN E 643 -96.42 -17.19 74.24
N GLN E 644 -97.18 -16.79 73.22
CA GLN E 644 -98.55 -16.35 73.46
C GLN E 644 -99.41 -17.49 74.00
N LEU E 645 -99.24 -18.69 73.45
CA LEU E 645 -99.99 -19.84 73.96
C LEU E 645 -99.63 -20.14 75.41
N ASN E 646 -98.35 -20.08 75.75
CA ASN E 646 -97.92 -20.34 77.11
C ASN E 646 -98.40 -19.25 78.06
N ALA E 647 -98.32 -17.99 77.64
CA ALA E 647 -98.75 -16.88 78.47
C ALA E 647 -100.27 -16.76 78.49
N MET F 1 45.90 -22.36 -72.56
CA MET F 1 46.78 -21.26 -72.22
C MET F 1 48.14 -21.44 -72.87
N GLN F 2 48.75 -20.32 -73.31
CA GLN F 2 50.08 -20.38 -73.90
C GLN F 2 51.18 -20.37 -72.85
N ILE F 3 50.85 -20.06 -71.60
CA ILE F 3 51.81 -20.08 -70.50
C ILE F 3 51.71 -21.45 -69.85
N LYS F 4 52.60 -22.35 -70.24
CA LYS F 4 52.53 -23.74 -69.81
C LYS F 4 53.74 -24.22 -69.02
N THR F 5 54.76 -23.39 -68.84
CA THR F 5 55.98 -23.79 -68.15
C THR F 5 56.41 -22.71 -67.18
N LYS F 6 57.35 -23.06 -66.30
CA LYS F 6 57.88 -22.09 -65.36
C LYS F 6 58.59 -20.95 -66.08
N GLY F 7 59.36 -21.29 -67.13
CA GLY F 7 60.02 -20.25 -67.89
C GLY F 7 59.06 -19.33 -68.60
N ASP F 8 57.90 -19.84 -69.00
CA ASP F 8 56.87 -18.96 -69.56
C ASP F 8 56.40 -17.94 -68.54
N LEU F 9 56.21 -18.38 -67.28
CA LEU F 9 55.85 -17.46 -66.22
C LEU F 9 56.96 -16.43 -65.99
N VAL F 10 58.22 -16.87 -66.00
CA VAL F 10 59.33 -15.94 -65.80
C VAL F 10 59.38 -14.92 -66.92
N ARG F 11 59.19 -15.37 -68.17
CA ARG F 11 59.21 -14.45 -69.30
C ARG F 11 58.06 -13.46 -69.22
N ALA F 12 56.88 -13.93 -68.82
CA ALA F 12 55.74 -13.02 -68.64
C ALA F 12 56.03 -11.98 -67.57
N ALA F 13 56.63 -12.41 -66.46
CA ALA F 13 56.99 -11.47 -65.40
C ALA F 13 58.01 -10.44 -65.89
N LEU F 14 59.01 -10.90 -66.63
CA LEU F 14 60.02 -9.97 -67.16
C LEU F 14 59.42 -8.99 -68.15
N ARG F 15 58.49 -9.47 -68.99
CA ARG F 15 57.81 -8.58 -69.92
C ARG F 15 56.97 -7.55 -69.19
N LYS F 16 56.28 -7.97 -68.12
CA LYS F 16 55.46 -7.05 -67.36
C LYS F 16 56.30 -5.95 -66.72
N LEU F 17 57.55 -6.26 -66.36
CA LEU F 17 58.44 -5.26 -65.79
C LEU F 17 59.12 -4.40 -66.85
N GLY F 18 58.97 -4.73 -68.13
CA GLY F 18 59.69 -4.02 -69.16
C GLY F 18 61.17 -4.31 -69.20
N VAL F 19 61.61 -5.40 -68.58
CA VAL F 19 63.03 -5.73 -68.55
C VAL F 19 63.43 -6.44 -69.83
N ALA F 20 62.70 -7.50 -70.19
CA ALA F 20 63.00 -8.26 -71.39
C ALA F 20 61.70 -8.78 -71.98
N SER F 21 61.72 -8.98 -73.30
CA SER F 21 60.56 -9.48 -74.01
C SER F 21 61.01 -10.05 -75.34
N ASP F 22 60.11 -10.76 -76.02
CA ASP F 22 60.42 -11.27 -77.34
C ASP F 22 60.49 -10.18 -78.40
N ALA F 23 60.09 -8.95 -78.07
CA ALA F 23 60.15 -7.83 -79.00
C ALA F 23 61.38 -6.96 -78.82
N THR F 24 61.98 -6.96 -77.63
CA THR F 24 63.14 -6.12 -77.37
C THR F 24 64.38 -6.67 -78.09
N LEU F 25 65.41 -5.85 -78.14
CA LEU F 25 66.64 -6.21 -78.83
C LEU F 25 67.67 -6.87 -77.92
N THR F 26 67.56 -6.70 -76.61
CA THR F 26 68.47 -7.30 -75.65
C THR F 26 67.66 -8.07 -74.61
N ASP F 27 67.93 -9.37 -74.50
CA ASP F 27 67.26 -10.24 -73.54
C ASP F 27 68.23 -10.60 -72.42
N VAL F 28 67.69 -10.93 -71.25
CA VAL F 28 68.51 -11.21 -70.09
C VAL F 28 69.31 -12.50 -70.29
N GLU F 29 70.42 -12.60 -69.58
CA GLU F 29 71.24 -13.79 -69.62
C GLU F 29 70.45 -14.98 -69.06
N PRO F 30 70.66 -16.18 -69.59
CA PRO F 30 69.96 -17.36 -69.05
C PRO F 30 70.18 -17.56 -67.57
N GLN F 31 71.29 -17.07 -67.01
CA GLN F 31 71.47 -17.11 -65.56
C GLN F 31 70.43 -16.26 -64.84
N SER F 32 70.05 -15.13 -65.43
CA SER F 32 68.97 -14.33 -64.86
C SER F 32 67.66 -15.11 -64.88
N MET F 33 67.40 -15.85 -65.96
CA MET F 33 66.20 -16.69 -66.02
C MET F 33 66.25 -17.77 -64.94
N GLN F 34 67.41 -18.38 -64.73
CA GLN F 34 67.53 -19.40 -63.67
C GLN F 34 67.29 -18.78 -62.30
N ASP F 35 67.82 -17.58 -62.06
CA ASP F 35 67.59 -16.91 -60.79
C ASP F 35 66.11 -16.60 -60.59
N ALA F 36 65.41 -16.23 -61.64
CA ALA F 36 63.96 -15.98 -61.49
C ALA F 36 63.22 -17.27 -61.17
N VAL F 37 63.58 -18.39 -61.77
CA VAL F 37 62.83 -19.66 -61.54
C VAL F 37 63.10 -20.08 -60.10
N ASP F 38 64.27 -19.76 -59.59
CA ASP F 38 64.63 -20.09 -58.18
C ASP F 38 63.78 -19.26 -57.23
N ASP F 39 63.33 -18.09 -57.67
CA ASP F 39 62.46 -17.22 -56.85
C ASP F 39 61.02 -17.68 -57.02
N LEU F 40 60.63 -18.04 -58.23
CA LEU F 40 59.26 -18.59 -58.39
C LEU F 40 59.18 -19.77 -57.44
N GLU F 41 60.23 -20.59 -57.43
CA GLU F 41 60.10 -21.79 -56.60
C GLU F 41 60.07 -21.45 -55.13
N ALA F 42 60.92 -20.52 -54.69
CA ALA F 42 60.92 -20.11 -53.28
C ALA F 42 59.60 -19.47 -52.90
N MET F 43 59.07 -18.60 -53.75
CA MET F 43 57.79 -17.95 -53.48
C MET F 43 56.66 -18.97 -53.41
N MET F 44 56.65 -19.93 -54.35
CA MET F 44 55.62 -20.96 -54.34
C MET F 44 55.70 -21.83 -53.08
N ALA F 45 56.92 -22.18 -52.67
CA ALA F 45 57.07 -22.95 -51.43
C ALA F 45 56.60 -22.15 -50.23
N GLU F 46 56.87 -20.85 -50.21
CA GLU F 46 56.41 -20.00 -49.11
C GLU F 46 54.88 -19.93 -49.07
N TRP F 47 54.25 -19.76 -50.23
CA TRP F 47 52.78 -19.73 -50.28
C TRP F 47 52.20 -21.06 -49.84
N TYR F 48 52.70 -22.15 -50.41
CA TYR F 48 52.23 -23.50 -50.10
C TYR F 48 52.97 -23.99 -48.87
N GLN F 49 52.45 -23.66 -47.69
CA GLN F 49 53.11 -23.98 -46.42
C GLN F 49 52.91 -25.46 -46.09
N ASP F 50 53.48 -26.31 -46.95
CA ASP F 50 53.38 -27.76 -46.82
C ASP F 50 51.92 -28.21 -46.76
N GLY F 51 51.08 -27.59 -47.60
CA GLY F 51 49.69 -27.95 -47.68
C GLY F 51 48.74 -27.15 -46.80
N LYS F 52 49.27 -26.30 -45.91
CA LYS F 52 48.44 -25.49 -45.03
C LYS F 52 48.35 -24.04 -45.49
N GLY F 53 48.79 -23.74 -46.71
CA GLY F 53 48.72 -22.39 -47.22
C GLY F 53 47.82 -22.26 -48.43
N ILE F 54 48.31 -21.60 -49.48
CA ILE F 54 47.53 -21.39 -50.70
C ILE F 54 47.73 -22.60 -51.61
N ILE F 55 46.64 -23.28 -51.92
CA ILE F 55 46.66 -24.44 -52.81
C ILE F 55 46.44 -23.96 -54.23
N THR F 56 47.36 -24.32 -55.13
CA THR F 56 47.31 -23.85 -56.51
C THR F 56 47.54 -24.94 -57.55
N GLY F 57 47.95 -26.15 -57.14
CA GLY F 57 48.31 -27.17 -58.10
C GLY F 57 49.71 -27.05 -58.65
N TYR F 58 50.51 -26.11 -58.15
CA TYR F 58 51.89 -25.95 -58.61
C TYR F 58 52.69 -27.21 -58.32
N VAL F 59 53.47 -27.63 -59.31
CA VAL F 59 54.28 -28.84 -59.21
C VAL F 59 55.73 -28.41 -58.95
N PHE F 60 56.29 -28.88 -57.84
CA PHE F 60 57.65 -28.53 -57.48
C PHE F 60 58.64 -29.48 -58.16
N SER F 61 59.61 -28.91 -58.87
CA SER F 61 60.58 -29.73 -59.57
C SER F 61 61.53 -30.41 -58.60
N ASP F 62 62.07 -31.55 -59.05
CA ASP F 62 63.00 -32.33 -58.20
C ASP F 62 64.44 -32.08 -58.68
N ASP F 63 65.42 -32.45 -57.86
CA ASP F 63 66.83 -32.15 -58.20
C ASP F 63 67.26 -33.08 -59.32
N GLU F 64 66.74 -34.31 -59.34
CA GLU F 64 67.21 -35.27 -60.33
C GLU F 64 67.07 -34.73 -61.75
N ASN F 65 65.94 -34.10 -62.05
CA ASN F 65 65.73 -33.53 -63.37
C ASN F 65 66.59 -32.27 -63.50
N PRO F 66 67.50 -32.21 -64.47
CA PRO F 66 68.46 -31.08 -64.52
C PRO F 66 67.77 -29.74 -64.73
N PRO F 67 66.98 -29.54 -65.81
CA PRO F 67 66.49 -28.18 -66.09
C PRO F 67 65.23 -27.88 -65.29
N ALA F 68 65.34 -26.94 -64.35
CA ALA F 68 64.16 -26.48 -63.63
C ALA F 68 63.20 -25.76 -64.58
N GLU F 69 63.75 -24.96 -65.49
CA GLU F 69 62.94 -24.41 -66.57
C GLU F 69 62.66 -25.47 -67.62
N GLY F 70 61.40 -25.55 -68.03
CA GLY F 70 60.94 -26.52 -69.01
C GLY F 70 59.82 -27.41 -68.52
N ASP F 71 59.71 -27.61 -67.21
CA ASP F 71 58.64 -28.42 -66.65
C ASP F 71 57.38 -27.59 -66.51
N ASP F 72 56.23 -28.22 -66.75
CA ASP F 72 54.96 -27.54 -66.60
C ASP F 72 54.73 -27.17 -65.15
N HIS F 73 54.22 -25.96 -64.93
CA HIS F 73 53.98 -25.51 -63.56
C HIS F 73 52.80 -26.26 -62.93
N GLY F 74 51.85 -26.71 -63.74
CA GLY F 74 50.70 -27.40 -63.21
C GLY F 74 49.61 -26.51 -62.67
N LEU F 75 49.75 -25.19 -62.81
CA LEU F 75 48.74 -24.27 -62.31
C LEU F 75 47.47 -24.35 -63.16
N ARG F 76 46.37 -23.90 -62.57
CA ARG F 76 45.13 -23.78 -63.32
C ARG F 76 45.21 -22.56 -64.25
N SER F 77 44.20 -22.45 -65.12
CA SER F 77 44.17 -21.32 -66.05
C SER F 77 43.98 -20.00 -65.31
N SER F 78 43.26 -20.02 -64.19
CA SER F 78 42.91 -18.81 -63.47
C SER F 78 44.00 -18.35 -62.50
N ALA F 79 45.06 -19.14 -62.31
CA ALA F 79 46.11 -18.78 -61.37
C ALA F 79 47.33 -18.15 -62.02
N VAL F 80 47.47 -18.29 -63.35
CA VAL F 80 48.69 -17.91 -64.03
C VAL F 80 48.95 -16.41 -63.89
N SER F 81 47.91 -15.61 -64.07
CA SER F 81 48.06 -14.16 -64.02
C SER F 81 48.56 -13.71 -62.65
N ALA F 82 47.91 -14.21 -61.59
CA ALA F 82 48.32 -13.88 -60.24
C ALA F 82 49.75 -14.31 -59.97
N VAL F 83 50.09 -15.52 -60.41
CA VAL F 83 51.42 -16.07 -60.13
C VAL F 83 52.50 -15.20 -60.78
N PHE F 84 52.33 -14.88 -62.07
CA PHE F 84 53.40 -14.15 -62.75
C PHE F 84 53.42 -12.68 -62.35
N HIS F 85 52.28 -12.11 -61.95
CA HIS F 85 52.29 -10.74 -61.43
C HIS F 85 53.05 -10.67 -60.11
N ASN F 86 52.79 -11.62 -59.20
CA ASN F 86 53.52 -11.66 -57.94
C ASN F 86 55.00 -11.92 -58.19
N LEU F 87 55.32 -12.76 -59.18
CA LEU F 87 56.72 -13.02 -59.51
C LEU F 87 57.41 -11.76 -60.02
N ALA F 88 56.73 -10.98 -60.85
CA ALA F 88 57.30 -9.72 -61.33
C ALA F 88 57.55 -8.77 -60.17
N CYS F 89 56.57 -8.66 -59.26
CA CYS F 89 56.76 -7.83 -58.08
C CYS F 89 57.95 -8.29 -57.24
N ARG F 90 58.13 -9.60 -57.07
CA ARG F 90 59.21 -10.12 -56.26
C ARG F 90 60.58 -9.97 -56.90
N ILE F 91 60.69 -10.09 -58.23
CA ILE F 91 61.99 -10.02 -58.90
C ILE F 91 62.30 -8.62 -59.39
N ALA F 92 61.39 -7.65 -59.24
CA ALA F 92 61.74 -6.27 -59.56
C ALA F 92 62.96 -5.74 -58.81
N PRO F 93 63.14 -5.97 -57.51
CA PRO F 93 64.33 -5.40 -56.84
C PRO F 93 65.65 -5.92 -57.38
N ASP F 94 65.67 -7.04 -58.09
CA ASP F 94 66.91 -7.59 -58.61
C ASP F 94 67.59 -6.60 -59.56
N TYR F 95 66.80 -5.94 -60.41
CA TYR F 95 67.32 -5.04 -61.43
C TYR F 95 67.22 -3.58 -61.02
N ALA F 96 67.27 -3.31 -59.72
CA ALA F 96 67.18 -1.95 -59.18
C ALA F 96 65.92 -1.24 -59.67
N LEU F 97 64.82 -1.99 -59.75
CA LEU F 97 63.56 -1.48 -60.24
C LEU F 97 62.51 -1.52 -59.13
N GLU F 98 61.31 -1.06 -59.47
CA GLU F 98 60.18 -1.11 -58.55
C GLU F 98 58.92 -1.25 -59.40
N ALA F 99 58.15 -2.30 -59.16
CA ALA F 99 56.96 -2.54 -59.96
C ALA F 99 55.97 -1.40 -59.82
N THR F 100 55.34 -1.04 -60.93
CA THR F 100 54.40 0.07 -60.93
C THR F 100 53.16 -0.29 -60.11
N ALA F 101 52.34 0.73 -59.84
CA ALA F 101 51.20 0.55 -58.94
C ALA F 101 50.21 -0.47 -59.50
N LYS F 102 50.02 -0.48 -60.83
CA LYS F 102 49.08 -1.41 -61.43
C LYS F 102 49.50 -2.85 -61.19
N ILE F 103 50.80 -3.14 -61.30
CA ILE F 103 51.30 -4.50 -61.10
C ILE F 103 51.04 -4.94 -59.67
N ILE F 104 51.30 -4.07 -58.70
CA ILE F 104 51.08 -4.42 -57.30
C ILE F 104 49.59 -4.64 -57.02
N ALA F 105 48.73 -3.79 -57.57
CA ALA F 105 47.30 -3.97 -57.38
C ALA F 105 46.83 -5.28 -57.99
N THR F 106 47.31 -5.61 -59.19
CA THR F 106 46.93 -6.86 -59.83
C THR F 106 47.44 -8.05 -59.02
N ALA F 107 48.64 -7.95 -58.46
CA ALA F 107 49.16 -9.03 -57.63
C ALA F 107 48.30 -9.25 -56.39
N LYS F 108 47.91 -8.16 -55.72
CA LYS F 108 47.04 -8.27 -54.55
C LYS F 108 45.71 -8.93 -54.91
N TYR F 109 45.09 -8.44 -55.99
CA TYR F 109 43.79 -8.98 -56.41
C TYR F 109 43.92 -10.45 -56.79
N GLY F 110 44.99 -10.80 -57.49
CA GLY F 110 45.17 -12.18 -57.89
C GLY F 110 45.40 -13.12 -56.73
N LYS F 111 46.18 -12.69 -55.73
CA LYS F 111 46.38 -13.52 -54.55
C LYS F 111 45.08 -13.69 -53.77
N GLU F 112 44.30 -12.62 -53.64
CA GLU F 112 43.01 -12.73 -52.96
C GLU F 112 42.10 -13.72 -53.68
N LEU F 113 42.01 -13.61 -55.00
CA LEU F 113 41.20 -14.55 -55.77
C LEU F 113 41.75 -15.97 -55.68
N LEU F 114 43.07 -16.10 -55.56
CA LEU F 114 43.69 -17.41 -55.44
C LEU F 114 43.26 -18.09 -54.15
N TYR F 115 43.22 -17.35 -53.05
CA TYR F 115 42.85 -17.95 -51.77
C TYR F 115 41.35 -17.94 -51.51
N LYS F 116 40.54 -17.31 -52.37
CA LYS F 116 39.10 -17.21 -52.11
C LYS F 116 38.44 -18.57 -51.96
N GLN F 117 38.66 -19.47 -52.92
CA GLN F 117 37.96 -20.76 -52.90
C GLN F 117 38.43 -21.62 -51.73
N THR F 118 39.72 -21.61 -51.43
CA THR F 118 40.23 -22.35 -50.28
C THR F 118 39.66 -21.80 -48.98
N ALA F 119 39.54 -20.48 -48.87
CA ALA F 119 38.95 -19.88 -47.68
C ALA F 119 37.48 -20.28 -47.54
N ILE F 120 36.75 -20.35 -48.66
CA ILE F 120 35.38 -20.83 -48.62
C ILE F 120 35.33 -22.27 -48.13
N SER F 121 36.23 -23.11 -48.65
CA SER F 121 36.24 -24.52 -48.28
C SER F 121 36.67 -24.75 -46.85
N ARG F 122 37.45 -23.85 -46.26
CA ARG F 122 37.97 -24.03 -44.92
C ARG F 122 37.09 -23.41 -43.84
N ALA F 123 35.99 -22.77 -44.22
CA ALA F 123 35.05 -22.20 -43.25
C ALA F 123 34.04 -23.28 -42.82
N LYS F 124 34.55 -24.21 -42.01
CA LYS F 124 33.77 -25.35 -41.54
C LYS F 124 33.38 -25.12 -40.08
N ARG F 125 32.11 -25.31 -39.77
CA ARG F 125 31.63 -25.16 -38.40
C ARG F 125 31.99 -26.40 -37.58
N ALA F 126 32.41 -26.16 -36.35
CA ALA F 126 32.80 -27.26 -35.48
C ALA F 126 31.58 -28.08 -35.06
N PRO F 127 31.77 -29.37 -34.78
CA PRO F 127 30.63 -30.20 -34.36
C PRO F 127 30.12 -29.78 -32.99
N TYR F 128 28.99 -30.38 -32.61
CA TYR F 128 28.40 -30.10 -31.32
C TYR F 128 29.34 -30.54 -30.20
N PRO F 129 29.37 -29.82 -29.09
CA PRO F 129 30.24 -30.23 -27.97
C PRO F 129 29.79 -31.54 -27.36
N SER F 130 30.73 -32.19 -26.68
CA SER F 130 30.46 -33.49 -26.09
C SER F 130 29.46 -33.43 -24.94
N ARG F 131 29.21 -32.24 -24.39
CA ARG F 131 28.31 -32.08 -23.25
C ARG F 131 26.93 -31.59 -23.67
N MET F 132 26.64 -31.54 -24.98
CA MET F 132 25.37 -31.01 -25.46
C MET F 132 24.40 -32.14 -25.71
N PRO F 133 23.22 -32.13 -25.08
CA PRO F 133 22.24 -33.19 -25.34
C PRO F 133 21.67 -33.12 -26.75
N THR F 134 21.22 -34.28 -27.24
CA THR F 134 20.57 -34.31 -28.55
C THR F 134 19.13 -33.81 -28.50
N GLY F 135 18.44 -34.00 -27.39
CA GLY F 135 17.04 -33.59 -27.28
C GLY F 135 16.09 -34.72 -27.58
N SER F 136 14.90 -34.63 -26.98
CA SER F 136 13.90 -35.68 -27.17
C SER F 136 13.27 -35.64 -28.55
N GLY F 137 13.38 -34.52 -29.26
CA GLY F 137 12.84 -34.45 -30.61
C GLY F 137 13.52 -35.43 -31.55
N ASN F 138 14.82 -35.68 -31.35
CA ASN F 138 15.55 -36.68 -32.11
C ASN F 138 15.18 -38.06 -31.57
N SER F 139 14.07 -38.58 -32.09
CA SER F 139 13.55 -39.86 -31.60
C SER F 139 14.50 -41.00 -31.90
N PHE F 140 15.10 -41.00 -33.09
CA PHE F 140 16.00 -42.08 -33.47
C PHE F 140 17.21 -42.15 -32.55
N ALA F 141 17.81 -41.00 -32.25
CA ALA F 141 18.99 -40.99 -31.37
C ALA F 141 18.61 -41.33 -29.94
N ASN F 142 17.46 -40.83 -29.47
CA ASN F 142 17.06 -41.09 -28.08
C ASN F 142 16.71 -42.55 -27.86
N LEU F 143 16.06 -43.18 -28.84
CA LEU F 143 15.74 -44.60 -28.71
C LEU F 143 17.00 -45.46 -28.71
N ASN F 144 18.05 -45.03 -29.41
CA ASN F 144 19.31 -45.76 -29.44
C ASN F 144 20.30 -45.28 -28.38
N GLU F 145 19.80 -44.71 -27.28
CA GLU F 145 20.59 -44.32 -26.12
C GLU F 145 21.63 -43.23 -26.44
N TRP F 146 21.43 -42.47 -27.51
CA TRP F 146 22.33 -41.37 -27.85
C TRP F 146 21.76 -40.07 -27.31
N HIS F 147 21.86 -39.92 -25.99
CA HIS F 147 21.31 -38.74 -25.32
C HIS F 147 22.22 -37.52 -25.43
N TYR F 148 23.49 -37.71 -25.78
CA TYR F 148 24.43 -36.60 -25.88
C TYR F 148 25.21 -36.70 -27.18
N PHE F 149 25.63 -35.53 -27.69
CA PHE F 149 26.42 -35.49 -28.91
C PHE F 149 27.82 -36.03 -28.66
N PRO F 150 28.44 -36.68 -29.66
CA PRO F 150 29.76 -37.27 -29.45
C PRO F 150 30.85 -36.22 -29.24
N GLY F 151 30.91 -35.23 -30.13
CA GLY F 151 31.90 -34.18 -30.02
C GLY F 151 33.13 -34.41 -30.88
N GLU F 152 34.26 -33.84 -30.47
CA GLU F 152 35.51 -33.95 -31.20
C GLU F 152 35.38 -33.49 -32.65
N GLU G 5 -48.47 -21.77 -64.27
CA GLU G 5 -49.46 -22.83 -64.09
C GLU G 5 -48.79 -24.09 -63.53
N ASN G 6 -47.58 -24.37 -64.01
CA ASN G 6 -46.84 -25.54 -63.55
C ASN G 6 -46.50 -25.40 -62.07
N ARG G 7 -46.77 -26.45 -61.30
CA ARG G 7 -46.48 -26.42 -59.88
C ARG G 7 -44.98 -26.32 -59.63
N LEU G 8 -44.19 -27.09 -60.37
CA LEU G 8 -42.74 -27.05 -60.22
C LEU G 8 -42.20 -25.66 -60.53
N GLU G 9 -42.75 -25.00 -61.56
CA GLU G 9 -42.29 -23.67 -61.91
C GLU G 9 -42.56 -22.67 -60.79
N SER G 10 -43.75 -22.73 -60.18
CA SER G 10 -44.06 -21.82 -59.08
C SER G 10 -43.18 -22.10 -57.88
N ILE G 11 -42.97 -23.37 -57.53
CA ILE G 11 -42.14 -23.71 -56.39
C ILE G 11 -40.71 -23.21 -56.62
N LEU G 12 -40.17 -23.45 -57.82
CA LEU G 12 -38.82 -23.01 -58.11
C LEU G 12 -38.71 -21.49 -58.16
N SER G 13 -39.75 -20.80 -58.64
CA SER G 13 -39.70 -19.35 -58.64
C SER G 13 -39.64 -18.80 -57.22
N ARG G 14 -40.48 -19.34 -56.33
CA ARG G 14 -40.43 -18.92 -54.93
C ARG G 14 -39.08 -19.21 -54.31
N PHE G 15 -38.56 -20.42 -54.54
CA PHE G 15 -37.27 -20.80 -53.96
C PHE G 15 -36.15 -19.93 -54.50
N ASP G 16 -36.16 -19.62 -55.79
CA ASP G 16 -35.12 -18.80 -56.38
C ASP G 16 -35.17 -17.38 -55.84
N ALA G 17 -36.38 -16.82 -55.68
CA ALA G 17 -36.51 -15.49 -55.10
C ALA G 17 -35.95 -15.47 -53.68
N ASP G 18 -36.30 -16.46 -52.87
CA ASP G 18 -35.79 -16.50 -51.50
C ASP G 18 -34.29 -16.72 -51.46
N TRP G 19 -33.77 -17.58 -52.34
CA TRP G 19 -32.34 -17.88 -52.36
C TRP G 19 -31.53 -16.65 -52.77
N THR G 20 -32.01 -15.90 -53.77
CA THR G 20 -31.28 -14.72 -54.20
C THR G 20 -31.44 -13.57 -53.20
N ALA G 21 -32.56 -13.53 -52.48
CA ALA G 21 -32.77 -12.44 -51.52
C ALA G 21 -31.78 -12.51 -50.36
N SER G 22 -31.47 -13.72 -49.89
CA SER G 22 -30.66 -13.90 -48.70
C SER G 22 -29.25 -14.41 -49.03
N ASP G 23 -28.70 -13.96 -50.16
CA ASP G 23 -27.39 -14.47 -50.59
C ASP G 23 -26.27 -13.94 -49.71
N GLU G 24 -26.26 -12.63 -49.45
CA GLU G 24 -25.15 -12.02 -48.74
C GLU G 24 -25.06 -12.52 -47.30
N ALA G 25 -26.19 -12.56 -46.60
CA ALA G 25 -26.19 -13.03 -45.22
C ALA G 25 -25.75 -14.48 -45.12
N ARG G 26 -26.21 -15.31 -46.05
CA ARG G 26 -25.79 -16.70 -46.07
C ARG G 26 -24.29 -16.83 -46.31
N ARG G 27 -23.75 -16.02 -47.23
CA ARG G 27 -22.32 -16.07 -47.50
C ARG G 27 -21.52 -15.68 -46.27
N GLU G 28 -21.93 -14.60 -45.58
CA GLU G 28 -21.21 -14.18 -44.38
C GLU G 28 -21.33 -15.22 -43.27
N ALA G 29 -22.50 -15.84 -43.13
CA ALA G 29 -22.66 -16.84 -42.08
C ALA G 29 -21.82 -18.08 -42.35
N LYS G 30 -21.78 -18.54 -43.60
CA LYS G 30 -20.92 -19.67 -43.95
C LYS G 30 -19.46 -19.30 -43.72
N ASN G 31 -19.08 -18.07 -44.05
CA ASN G 31 -17.73 -17.59 -43.76
C ASN G 31 -17.44 -17.65 -42.26
N ASP G 32 -18.39 -17.22 -41.43
CA ASP G 32 -18.17 -17.24 -39.99
C ASP G 32 -18.00 -18.66 -39.49
N LEU G 33 -18.81 -19.59 -40.00
CA LEU G 33 -18.69 -20.98 -39.60
C LEU G 33 -17.33 -21.56 -39.99
N PHE G 34 -16.88 -21.29 -41.22
CA PHE G 34 -15.57 -21.78 -41.64
C PHE G 34 -14.46 -21.16 -40.81
N PHE G 35 -14.56 -19.85 -40.52
CA PHE G 35 -13.54 -19.16 -39.76
C PHE G 35 -13.44 -19.70 -38.34
N SER G 36 -14.57 -19.98 -37.71
CA SER G 36 -14.58 -20.43 -36.32
C SER G 36 -14.58 -21.94 -36.16
N ARG G 37 -14.56 -22.69 -37.25
CA ARG G 37 -14.63 -24.14 -37.11
C ARG G 37 -13.49 -24.87 -37.81
N VAL G 38 -13.04 -24.40 -38.97
CA VAL G 38 -12.04 -25.09 -39.78
C VAL G 38 -10.68 -24.41 -39.71
N SER G 39 -10.58 -23.18 -40.19
CA SER G 39 -9.30 -22.49 -40.26
C SER G 39 -9.55 -21.00 -40.49
N GLN G 40 -8.76 -20.18 -39.80
CA GLN G 40 -8.82 -18.74 -39.98
C GLN G 40 -8.04 -18.27 -41.20
N TRP G 41 -7.31 -19.16 -41.87
CA TRP G 41 -6.61 -18.83 -43.10
C TRP G 41 -7.46 -19.22 -44.31
N ASP G 42 -8.60 -18.57 -44.44
CA ASP G 42 -9.51 -18.85 -45.55
C ASP G 42 -8.96 -18.26 -46.84
N ASP G 43 -7.92 -18.90 -47.38
CA ASP G 43 -7.22 -18.39 -48.55
C ASP G 43 -7.33 -19.44 -49.66
N TRP G 44 -8.54 -19.94 -49.89
CA TRP G 44 -8.73 -21.04 -50.82
C TRP G 44 -8.48 -20.62 -52.26
N LEU G 45 -8.74 -19.35 -52.59
CA LEU G 45 -8.65 -18.92 -53.99
C LEU G 45 -7.22 -18.99 -54.52
N SER G 46 -6.23 -18.66 -53.69
CA SER G 46 -4.84 -18.70 -54.15
C SER G 46 -3.96 -19.09 -52.95
N GLN G 47 -3.70 -20.39 -52.83
CA GLN G 47 -2.83 -20.90 -51.79
C GLN G 47 -1.73 -21.78 -52.40
N TYR G 48 -2.00 -22.31 -53.59
CA TYR G 48 -1.02 -23.14 -54.31
C TYR G 48 -0.17 -22.29 -55.25
N THR G 49 0.45 -21.25 -54.69
CA THR G 49 1.39 -20.41 -55.42
C THR G 49 2.81 -20.58 -54.89
N THR G 50 3.01 -20.38 -53.60
CA THR G 50 4.27 -20.68 -52.94
C THR G 50 3.96 -21.02 -51.48
N LEU G 51 4.88 -21.74 -50.86
CA LEU G 51 4.69 -22.23 -49.49
C LEU G 51 5.40 -21.30 -48.52
N GLN G 52 4.62 -20.57 -47.73
CA GLN G 52 5.13 -19.69 -46.69
C GLN G 52 4.45 -20.05 -45.38
N TYR G 53 5.11 -19.70 -44.28
CA TYR G 53 4.58 -20.04 -42.96
C TYR G 53 3.28 -19.30 -42.70
N ARG G 54 2.23 -20.05 -42.36
CA ARG G 54 0.94 -19.50 -41.99
C ARG G 54 0.53 -20.14 -40.66
N GLY G 55 0.68 -19.39 -39.57
CA GLY G 55 0.36 -19.88 -38.25
C GLY G 55 -1.02 -19.41 -37.80
N GLN G 56 -1.67 -20.24 -36.99
CA GLN G 56 -2.98 -19.94 -36.42
C GLN G 56 -2.82 -19.77 -34.92
N PHE G 57 -2.92 -18.53 -34.46
CA PHE G 57 -2.79 -18.18 -33.05
C PHE G 57 -4.15 -17.64 -32.62
N ASP G 58 -5.03 -18.56 -32.23
CA ASP G 58 -6.43 -18.22 -32.04
C ASP G 58 -6.64 -17.38 -30.79
N VAL G 59 -7.56 -16.41 -30.89
CA VAL G 59 -7.98 -15.59 -29.76
C VAL G 59 -9.48 -15.60 -29.57
N VAL G 60 -10.25 -15.84 -30.63
CA VAL G 60 -11.71 -15.75 -30.58
C VAL G 60 -12.30 -17.05 -30.06
N ARG G 61 -11.62 -18.17 -30.30
CA ARG G 61 -12.16 -19.47 -29.89
C ARG G 61 -12.38 -19.59 -28.38
N PRO G 62 -11.47 -19.15 -27.51
CA PRO G 62 -11.81 -19.18 -26.07
C PRO G 62 -13.07 -18.40 -25.74
N VAL G 63 -13.31 -17.27 -26.40
CA VAL G 63 -14.52 -16.51 -26.15
C VAL G 63 -15.75 -17.30 -26.58
N VAL G 64 -15.69 -17.96 -27.73
CA VAL G 64 -16.81 -18.77 -28.20
C VAL G 64 -17.07 -19.91 -27.24
N ARG G 65 -16.01 -20.57 -26.77
CA ARG G 65 -16.17 -21.64 -25.79
C ARG G 65 -16.81 -21.14 -24.52
N LYS G 66 -16.37 -19.97 -24.03
CA LYS G 66 -16.94 -19.41 -22.82
C LYS G 66 -18.42 -19.10 -22.99
N LEU G 67 -18.79 -18.51 -24.12
CA LEU G 67 -20.20 -18.19 -24.36
C LEU G 67 -21.05 -19.45 -24.47
N VAL G 68 -20.54 -20.47 -25.16
CA VAL G 68 -21.28 -21.72 -25.29
C VAL G 68 -21.46 -22.37 -23.93
N SER G 69 -20.41 -22.36 -23.11
CA SER G 69 -20.52 -22.92 -21.76
C SER G 69 -21.53 -22.12 -20.92
N GLU G 70 -21.52 -20.80 -21.05
CA GLU G 70 -22.46 -19.97 -20.30
C GLU G 70 -23.89 -20.28 -20.69
N MET G 71 -24.15 -20.45 -21.99
CA MET G 71 -25.51 -20.76 -22.43
C MET G 71 -25.88 -22.21 -22.15
N ARG G 72 -24.90 -23.10 -21.96
CA ARG G 72 -25.21 -24.49 -21.65
C ARG G 72 -25.62 -24.68 -20.20
N GLN G 73 -25.07 -23.88 -19.28
CA GLN G 73 -25.40 -24.02 -17.87
C GLN G 73 -26.80 -23.53 -17.53
N ASN G 74 -27.50 -22.90 -18.47
CA ASN G 74 -28.81 -22.33 -18.23
C ASN G 74 -29.79 -22.89 -19.25
N PRO G 75 -30.24 -24.13 -19.06
CA PRO G 75 -31.21 -24.71 -20.01
C PRO G 75 -32.54 -23.99 -19.96
N ILE G 76 -33.21 -23.96 -21.11
CA ILE G 76 -34.50 -23.30 -21.27
C ILE G 76 -35.44 -24.27 -21.97
N ASP G 77 -36.67 -24.37 -21.47
CA ASP G 77 -37.66 -25.26 -22.04
C ASP G 77 -39.02 -24.60 -22.02
N VAL G 78 -39.94 -25.19 -22.77
CA VAL G 78 -41.32 -24.70 -22.83
C VAL G 78 -42.01 -24.99 -21.50
N LEU G 79 -43.02 -24.18 -21.18
CA LEU G 79 -43.83 -24.37 -19.99
C LEU G 79 -45.24 -23.91 -20.31
N TYR G 80 -46.20 -24.83 -20.30
CA TYR G 80 -47.58 -24.51 -20.64
C TYR G 80 -48.33 -24.07 -19.39
N ARG G 81 -48.96 -22.91 -19.47
CA ARG G 81 -49.72 -22.38 -18.34
C ARG G 81 -51.18 -22.21 -18.71
N PRO G 82 -52.11 -22.52 -17.81
CA PRO G 82 -53.53 -22.37 -18.14
C PRO G 82 -53.86 -20.91 -18.45
N LYS G 83 -54.76 -20.72 -19.42
CA LYS G 83 -55.17 -19.39 -19.80
C LYS G 83 -56.02 -18.74 -18.71
N ASP G 84 -56.30 -17.46 -18.88
CA ASP G 84 -57.13 -16.73 -17.92
C ASP G 84 -58.56 -17.22 -18.00
N GLY G 85 -59.10 -17.66 -16.86
CA GLY G 85 -60.44 -18.21 -16.82
C GLY G 85 -60.53 -19.69 -17.11
N ALA G 86 -59.43 -20.32 -17.52
CA ALA G 86 -59.43 -21.75 -17.79
C ALA G 86 -59.29 -22.52 -16.47
N ARG G 87 -59.50 -23.83 -16.56
CA ARG G 87 -59.34 -24.66 -15.39
C ARG G 87 -57.89 -24.61 -14.91
N PRO G 88 -57.64 -24.63 -13.59
CA PRO G 88 -56.27 -24.48 -13.11
C PRO G 88 -55.33 -25.59 -13.54
N ASP G 89 -55.86 -26.76 -13.91
CA ASP G 89 -55.04 -27.88 -14.36
C ASP G 89 -55.19 -28.13 -15.86
N ALA G 90 -55.43 -27.07 -16.64
CA ALA G 90 -55.65 -27.21 -18.07
C ALA G 90 -54.41 -27.64 -18.83
N ALA G 91 -53.22 -27.30 -18.32
CA ALA G 91 -51.98 -27.54 -19.04
C ALA G 91 -51.20 -28.73 -18.52
N ASP G 92 -51.79 -29.55 -17.65
CA ASP G 92 -51.04 -30.68 -17.09
C ASP G 92 -50.83 -31.78 -18.12
N VAL G 93 -51.85 -32.12 -18.89
CA VAL G 93 -51.71 -33.19 -19.88
C VAL G 93 -50.73 -32.79 -20.97
N LEU G 94 -50.85 -31.58 -21.49
CA LEU G 94 -49.95 -31.12 -22.54
C LEU G 94 -48.52 -31.04 -22.06
N MET G 95 -48.31 -30.54 -20.84
CA MET G 95 -46.97 -30.48 -20.27
C MET G 95 -46.39 -31.87 -20.08
N GLY G 96 -47.20 -32.80 -19.59
CA GLY G 96 -46.72 -34.17 -19.42
C GLY G 96 -46.32 -34.80 -20.75
N MET G 97 -47.14 -34.58 -21.79
CA MET G 97 -46.81 -35.11 -23.11
C MET G 97 -45.52 -34.50 -23.64
N TYR G 98 -45.37 -33.18 -23.50
CA TYR G 98 -44.16 -32.50 -23.98
C TYR G 98 -42.93 -33.02 -23.26
N ARG G 99 -43.01 -33.17 -21.94
CA ARG G 99 -41.87 -33.70 -21.20
C ARG G 99 -41.60 -35.15 -21.56
N THR G 100 -42.64 -35.92 -21.90
CA THR G 100 -42.45 -37.31 -22.28
C THR G 100 -41.67 -37.42 -23.58
N ASP G 101 -42.07 -36.68 -24.61
CA ASP G 101 -41.46 -36.87 -25.92
C ASP G 101 -40.39 -35.84 -26.26
N MET G 102 -39.93 -35.06 -25.28
CA MET G 102 -38.82 -34.13 -25.50
C MET G 102 -37.67 -34.36 -24.53
N ARG G 103 -37.72 -35.43 -23.73
CA ARG G 103 -36.65 -35.75 -22.80
C ARG G 103 -35.51 -36.51 -23.45
N HIS G 104 -35.65 -36.90 -24.71
CA HIS G 104 -34.66 -37.75 -25.36
C HIS G 104 -33.42 -36.94 -25.75
N ASN G 105 -32.36 -37.67 -26.11
CA ASN G 105 -31.09 -37.03 -26.42
C ASN G 105 -31.17 -36.19 -27.69
N THR G 106 -32.06 -36.56 -28.62
CA THR G 106 -32.14 -35.84 -29.88
C THR G 106 -32.57 -34.39 -29.69
N ALA G 107 -33.53 -34.15 -28.80
CA ALA G 107 -34.00 -32.79 -28.56
C ALA G 107 -32.91 -31.91 -27.98
N LYS G 108 -32.22 -32.42 -26.95
CA LYS G 108 -31.13 -31.66 -26.34
C LYS G 108 -30.01 -31.41 -27.35
N ILE G 109 -29.68 -32.42 -28.16
CA ILE G 109 -28.62 -32.26 -29.15
C ILE G 109 -29.01 -31.21 -30.18
N ALA G 110 -30.26 -31.23 -30.65
CA ALA G 110 -30.70 -30.24 -31.62
C ALA G 110 -30.65 -28.83 -31.05
N VAL G 111 -31.11 -28.67 -29.81
CA VAL G 111 -31.08 -27.35 -29.19
C VAL G 111 -29.64 -26.87 -29.02
N ASN G 112 -28.74 -27.76 -28.60
CA ASN G 112 -27.34 -27.38 -28.42
C ASN G 112 -26.69 -27.00 -29.75
N ILE G 113 -26.99 -27.74 -30.81
CA ILE G 113 -26.44 -27.43 -32.13
C ILE G 113 -26.93 -26.06 -32.59
N ALA G 114 -28.24 -25.81 -32.43
CA ALA G 114 -28.78 -24.52 -32.82
C ALA G 114 -28.15 -23.38 -32.02
N VAL G 115 -27.94 -23.60 -30.72
CA VAL G 115 -27.34 -22.56 -29.89
C VAL G 115 -25.90 -22.28 -30.31
N ARG G 116 -25.12 -23.34 -30.58
CA ARG G 116 -23.74 -23.14 -31.00
C ARG G 116 -23.67 -22.41 -32.34
N GLU G 117 -24.53 -22.78 -33.29
CA GLU G 117 -24.54 -22.08 -34.57
C GLU G 117 -25.00 -20.63 -34.41
N GLN G 118 -25.95 -20.39 -33.51
CA GLN G 118 -26.39 -19.02 -33.25
C GLN G 118 -25.26 -18.17 -32.68
N ILE G 119 -24.48 -18.74 -31.75
CA ILE G 119 -23.37 -18.00 -31.18
C ILE G 119 -22.30 -17.74 -32.22
N GLU G 120 -21.95 -18.75 -33.02
CA GLU G 120 -20.84 -18.61 -33.96
C GLU G 120 -21.26 -17.83 -35.21
N ALA G 121 -22.22 -18.36 -35.97
CA ALA G 121 -22.61 -17.73 -37.22
C ALA G 121 -23.60 -16.61 -36.99
N GLY G 122 -24.67 -16.88 -36.26
CA GLY G 122 -25.70 -15.89 -36.04
C GLY G 122 -27.09 -16.45 -36.22
N VAL G 123 -27.19 -17.62 -36.84
CA VAL G 123 -28.48 -18.27 -37.08
C VAL G 123 -28.32 -19.77 -36.90
N GLY G 124 -29.35 -20.40 -36.34
CA GLY G 124 -29.43 -21.84 -36.23
C GLY G 124 -30.89 -22.23 -36.35
N ALA G 125 -31.15 -23.53 -36.37
CA ALA G 125 -32.53 -23.99 -36.48
C ALA G 125 -32.63 -25.45 -36.05
N TRP G 126 -33.86 -25.88 -35.80
CA TRP G 126 -34.16 -27.30 -35.62
C TRP G 126 -35.53 -27.58 -36.18
N ARG G 127 -35.92 -28.85 -36.18
CA ARG G 127 -37.16 -29.29 -36.80
C ARG G 127 -37.93 -30.17 -35.84
N LEU G 128 -39.26 -30.19 -36.00
CA LEU G 128 -40.13 -31.07 -35.24
C LEU G 128 -40.80 -32.04 -36.21
N VAL G 129 -40.64 -33.34 -35.96
CA VAL G 129 -41.21 -34.36 -36.83
C VAL G 129 -42.02 -35.33 -35.98
N THR G 130 -42.92 -36.04 -36.66
CA THR G 130 -43.77 -37.04 -36.03
C THR G 130 -43.55 -38.39 -36.70
N ASP G 131 -43.51 -39.44 -35.89
CA ASP G 131 -43.28 -40.79 -36.40
C ASP G 131 -44.23 -41.75 -35.70
N TYR G 132 -44.34 -42.95 -36.25
CA TYR G 132 -45.17 -44.00 -35.69
C TYR G 132 -44.33 -44.88 -34.77
N GLU G 133 -44.73 -44.99 -33.52
CA GLU G 133 -44.02 -45.81 -32.53
C GLU G 133 -44.98 -46.85 -31.99
N ASP G 134 -44.52 -48.09 -31.94
CA ASP G 134 -45.34 -49.20 -31.45
C ASP G 134 -44.95 -49.68 -30.07
N GLN G 135 -43.69 -49.51 -29.67
CA GLN G 135 -43.22 -50.04 -28.39
C GLN G 135 -43.57 -49.10 -27.25
N SER G 136 -43.10 -47.85 -27.32
CA SER G 136 -43.34 -46.85 -26.28
C SER G 136 -43.90 -45.59 -26.92
N PRO G 137 -45.16 -45.61 -27.31
CA PRO G 137 -45.76 -44.41 -27.91
C PRO G 137 -46.17 -43.39 -26.87
N THR G 138 -46.06 -42.12 -27.24
CA THR G 138 -46.55 -41.06 -26.37
C THR G 138 -48.07 -41.03 -26.34
N SER G 139 -48.70 -41.13 -27.51
CA SER G 139 -50.15 -41.15 -27.62
C SER G 139 -50.53 -41.55 -29.03
N ASN G 140 -51.59 -42.34 -29.16
CA ASN G 140 -52.16 -42.74 -30.45
C ASN G 140 -51.12 -43.41 -31.34
N ASN G 141 -50.26 -44.24 -30.72
CA ASN G 141 -49.23 -44.99 -31.44
C ASN G 141 -48.31 -44.08 -32.24
N GLN G 142 -48.06 -42.88 -31.73
CA GLN G 142 -47.22 -41.91 -32.44
C GLN G 142 -46.35 -41.18 -31.43
N VAL G 143 -45.24 -40.63 -31.93
CA VAL G 143 -44.33 -39.83 -31.13
C VAL G 143 -43.96 -38.59 -31.92
N ILE G 144 -43.61 -37.52 -31.20
CA ILE G 144 -43.12 -36.28 -31.79
C ILE G 144 -41.72 -36.04 -31.24
N ARG G 145 -40.75 -35.90 -32.13
CA ARG G 145 -39.38 -35.66 -31.72
C ARG G 145 -38.82 -34.43 -32.43
N ARG G 146 -37.69 -33.97 -31.91
CA ARG G 146 -37.00 -32.80 -32.43
C ARG G 146 -35.66 -33.21 -33.02
N GLU G 147 -35.41 -32.79 -34.25
CA GLU G 147 -34.23 -33.16 -35.00
C GLU G 147 -33.38 -31.94 -35.30
N PRO G 148 -32.06 -32.12 -35.43
CA PRO G 148 -31.18 -30.99 -35.68
C PRO G 148 -31.08 -30.65 -37.16
N ILE G 149 -30.67 -29.41 -37.42
CA ILE G 149 -30.33 -28.95 -38.76
C ILE G 149 -28.96 -28.31 -38.70
N HIS G 150 -28.00 -28.90 -39.40
CA HIS G 150 -26.63 -28.39 -39.40
C HIS G 150 -26.46 -27.37 -40.52
N SER G 151 -25.78 -26.28 -40.19
CA SER G 151 -25.59 -25.15 -41.11
C SER G 151 -26.94 -24.64 -41.61
N ALA G 152 -27.75 -24.15 -40.68
CA ALA G 152 -29.07 -23.66 -40.99
C ALA G 152 -29.05 -22.38 -41.82
N CYS G 153 -27.89 -21.72 -41.92
CA CYS G 153 -27.80 -20.53 -42.76
C CYS G 153 -27.98 -20.86 -44.22
N SER G 154 -27.44 -21.99 -44.68
CA SER G 154 -27.47 -22.36 -46.08
C SER G 154 -28.41 -23.53 -46.38
N HIS G 155 -28.91 -24.22 -45.36
CA HIS G 155 -29.75 -25.39 -45.59
C HIS G 155 -31.23 -25.12 -45.39
N VAL G 156 -31.59 -24.08 -44.63
CA VAL G 156 -32.97 -23.68 -44.43
C VAL G 156 -33.15 -22.32 -45.06
N ILE G 157 -34.00 -22.22 -46.08
CA ILE G 157 -34.26 -20.98 -46.79
C ILE G 157 -35.71 -20.60 -46.54
N TRP G 158 -35.92 -19.43 -45.96
CA TRP G 158 -37.22 -18.97 -45.54
C TRP G 158 -37.85 -18.07 -46.59
N ASP G 159 -39.16 -17.85 -46.44
CA ASP G 159 -39.86 -16.89 -47.29
C ASP G 159 -39.27 -15.50 -47.10
N SER G 160 -38.93 -14.85 -48.20
CA SER G 160 -38.26 -13.55 -48.11
C SER G 160 -39.18 -12.45 -47.61
N ASN G 161 -40.50 -12.65 -47.69
CA ASN G 161 -41.46 -11.66 -47.19
C ASN G 161 -41.86 -11.99 -45.75
N SER G 162 -40.83 -12.12 -44.89
CA SER G 162 -41.03 -12.42 -43.48
C SER G 162 -40.28 -11.39 -42.66
N LYS G 163 -40.99 -10.73 -41.74
CA LYS G 163 -40.42 -9.67 -40.91
C LYS G 163 -40.50 -10.01 -39.43
N LEU G 164 -40.39 -11.29 -39.09
CA LEU G 164 -40.45 -11.74 -37.70
C LEU G 164 -39.26 -12.62 -37.41
N MET G 165 -38.74 -12.52 -36.18
CA MET G 165 -37.53 -13.26 -35.82
C MET G 165 -37.78 -14.77 -35.85
N ASP G 166 -38.93 -15.21 -35.37
CA ASP G 166 -39.28 -16.62 -35.40
C ASP G 166 -39.90 -17.07 -36.70
N LYS G 167 -40.11 -16.15 -37.65
CA LYS G 167 -40.64 -16.46 -38.97
C LYS G 167 -42.02 -17.13 -38.88
N SER G 168 -42.87 -16.61 -37.99
CA SER G 168 -44.24 -17.12 -37.91
C SER G 168 -45.13 -16.56 -39.01
N ASP G 169 -44.71 -15.47 -39.67
CA ASP G 169 -45.46 -14.92 -40.80
C ASP G 169 -44.98 -15.47 -42.14
N ALA G 170 -43.95 -16.30 -42.15
CA ALA G 170 -43.50 -16.92 -43.38
C ALA G 170 -44.53 -17.93 -43.87
N ARG G 171 -44.76 -17.94 -45.18
CA ARG G 171 -45.78 -18.81 -45.76
C ARG G 171 -45.19 -20.02 -46.48
N HIS G 172 -43.88 -20.10 -46.61
CA HIS G 172 -43.24 -21.29 -47.14
C HIS G 172 -41.78 -21.30 -46.69
N CYS G 173 -41.18 -22.49 -46.74
CA CYS G 173 -39.81 -22.68 -46.32
C CYS G 173 -39.26 -23.93 -46.99
N THR G 174 -38.05 -23.82 -47.53
CA THR G 174 -37.42 -24.95 -48.21
C THR G 174 -36.20 -25.41 -47.43
N VAL G 175 -36.16 -26.70 -47.11
CA VAL G 175 -35.05 -27.31 -46.39
C VAL G 175 -34.30 -28.19 -47.36
N ILE G 176 -33.00 -27.95 -47.51
CA ILE G 176 -32.13 -28.67 -48.43
C ILE G 176 -31.44 -29.79 -47.65
N HIS G 177 -31.59 -31.02 -48.11
CA HIS G 177 -30.93 -32.17 -47.51
C HIS G 177 -29.84 -32.71 -48.41
N SER G 178 -28.62 -32.77 -47.88
CA SER G 178 -27.47 -33.39 -48.51
C SER G 178 -27.20 -34.70 -47.79
N MET G 179 -27.05 -35.79 -48.54
CA MET G 179 -26.99 -37.11 -47.92
C MET G 179 -26.11 -38.03 -48.75
N SER G 180 -25.67 -39.12 -48.11
CA SER G 180 -24.82 -40.08 -48.79
C SER G 180 -25.64 -41.01 -49.67
N GLN G 181 -24.92 -41.86 -50.42
CA GLN G 181 -25.60 -42.80 -51.32
C GLN G 181 -26.48 -43.77 -50.53
N ASN G 182 -25.94 -44.35 -49.46
CA ASN G 182 -26.75 -45.20 -48.60
C ASN G 182 -27.86 -44.39 -47.92
N GLY G 183 -27.52 -43.16 -47.50
CA GLY G 183 -28.54 -42.29 -46.97
C GLY G 183 -29.64 -41.99 -47.97
N TRP G 184 -29.27 -41.76 -49.23
CA TRP G 184 -30.27 -41.52 -50.26
C TRP G 184 -31.14 -42.76 -50.48
N GLU G 185 -30.52 -43.95 -50.48
CA GLU G 185 -31.29 -45.18 -50.66
C GLU G 185 -32.30 -45.36 -49.53
N ASP G 186 -31.88 -45.12 -48.29
CA ASP G 186 -32.80 -45.26 -47.17
C ASP G 186 -33.86 -44.17 -47.18
N PHE G 187 -33.51 -42.96 -47.63
CA PHE G 187 -34.50 -41.90 -47.78
C PHE G 187 -35.57 -42.28 -48.80
N ALA G 188 -35.14 -42.84 -49.94
CA ALA G 188 -36.08 -43.27 -50.97
C ALA G 188 -36.96 -44.41 -50.46
N GLU G 189 -36.38 -45.33 -49.69
CA GLU G 189 -37.18 -46.39 -49.09
C GLU G 189 -38.22 -45.80 -48.15
N LYS G 190 -37.81 -44.85 -47.31
CA LYS G 190 -38.71 -44.26 -46.33
C LYS G 190 -39.86 -43.52 -46.99
N TYR G 191 -39.58 -42.74 -48.04
CA TYR G 191 -40.58 -41.91 -48.69
C TYR G 191 -41.12 -42.51 -49.99
N ASP G 192 -40.85 -43.79 -50.24
CA ASP G 192 -41.38 -44.50 -51.41
C ASP G 192 -41.04 -43.78 -52.70
N LEU G 193 -39.80 -43.31 -52.81
CA LEU G 193 -39.31 -42.68 -54.03
C LEU G 193 -38.60 -43.72 -54.90
N ASP G 194 -38.11 -43.28 -56.05
CA ASP G 194 -37.37 -44.14 -56.96
C ASP G 194 -35.88 -43.98 -56.63
N ALA G 195 -35.27 -45.05 -56.11
CA ALA G 195 -33.88 -44.98 -55.70
C ALA G 195 -32.92 -44.92 -56.88
N ASP G 196 -33.32 -45.44 -58.04
CA ASP G 196 -32.43 -45.43 -59.20
C ASP G 196 -32.29 -44.04 -59.80
N ASP G 197 -33.33 -43.21 -59.69
CA ASP G 197 -33.29 -41.85 -60.21
C ASP G 197 -32.69 -40.94 -59.15
N ILE G 198 -31.39 -40.71 -59.26
CA ILE G 198 -30.69 -39.88 -58.26
C ILE G 198 -31.14 -38.44 -58.41
N PRO G 199 -31.55 -37.78 -57.34
CA PRO G 199 -32.03 -36.40 -57.43
C PRO G 199 -30.87 -35.40 -57.34
N SER G 200 -31.21 -34.14 -57.58
CA SER G 200 -30.24 -33.06 -57.47
C SER G 200 -30.99 -31.77 -57.12
N PHE G 201 -30.25 -30.85 -56.51
CA PHE G 201 -30.81 -29.56 -56.11
C PHE G 201 -29.65 -28.58 -55.95
N GLN G 202 -29.99 -27.35 -55.60
CA GLN G 202 -28.98 -26.31 -55.40
C GLN G 202 -28.03 -26.72 -54.28
N ASN G 203 -26.75 -26.78 -54.59
CA ASN G 203 -25.75 -27.16 -53.60
C ASN G 203 -25.51 -26.01 -52.65
N PRO G 204 -25.77 -26.15 -51.35
CA PRO G 204 -25.55 -25.05 -50.42
C PRO G 204 -24.09 -24.92 -50.00
N ASN G 205 -23.35 -26.02 -50.07
CA ASN G 205 -21.96 -26.01 -49.64
C ASN G 205 -21.04 -25.54 -50.76
N ASP G 206 -19.80 -25.25 -50.39
CA ASP G 206 -18.76 -24.85 -51.33
C ASP G 206 -17.52 -25.69 -51.09
N TRP G 207 -16.92 -26.19 -52.18
CA TRP G 207 -15.69 -26.99 -52.09
C TRP G 207 -14.53 -26.04 -51.92
N VAL G 208 -14.22 -25.72 -50.66
CA VAL G 208 -13.17 -24.77 -50.31
C VAL G 208 -11.99 -25.46 -49.63
N PHE G 209 -12.25 -26.25 -48.58
CA PHE G 209 -11.20 -27.01 -47.95
C PHE G 209 -10.76 -28.16 -48.85
N PRO G 210 -9.50 -28.57 -48.77
CA PRO G 210 -9.05 -29.72 -49.57
C PRO G 210 -9.61 -31.03 -49.06
N TRP G 211 -10.94 -31.14 -49.02
CA TRP G 211 -11.58 -32.39 -48.63
C TRP G 211 -11.48 -33.39 -49.77
N LEU G 212 -11.10 -34.63 -49.44
CA LEU G 212 -10.89 -35.64 -50.48
C LEU G 212 -12.19 -35.94 -51.22
N THR G 213 -13.29 -36.11 -50.49
CA THR G 213 -14.57 -36.43 -51.09
C THR G 213 -15.67 -35.66 -50.37
N GLN G 214 -16.44 -34.87 -51.13
CA GLN G 214 -17.65 -34.24 -50.63
C GLN G 214 -18.87 -34.81 -51.34
N ASP G 215 -18.82 -36.12 -51.63
CA ASP G 215 -19.87 -36.79 -52.40
C ASP G 215 -21.21 -36.70 -51.67
N THR G 216 -22.14 -35.93 -52.21
CA THR G 216 -23.44 -35.73 -51.59
C THR G 216 -24.53 -35.70 -52.65
N ILE G 217 -25.73 -36.08 -52.23
CA ILE G 217 -26.94 -36.03 -53.05
C ILE G 217 -27.90 -35.06 -52.39
N GLN G 218 -28.45 -34.15 -53.19
CA GLN G 218 -29.24 -33.03 -52.69
C GLN G 218 -30.70 -33.18 -53.09
N ILE G 219 -31.59 -33.02 -52.11
CA ILE G 219 -33.03 -33.00 -52.33
C ILE G 219 -33.59 -31.83 -51.53
N ALA G 220 -34.84 -31.47 -51.78
CA ALA G 220 -35.45 -30.36 -51.05
C ALA G 220 -36.83 -30.74 -50.55
N GLU G 221 -37.19 -30.20 -49.40
CA GLU G 221 -38.56 -30.28 -48.89
C GLU G 221 -39.13 -28.88 -48.77
N PHE G 222 -40.28 -28.68 -49.39
CA PHE G 222 -40.94 -27.39 -49.48
C PHE G 222 -42.18 -27.45 -48.60
N TYR G 223 -42.17 -26.70 -47.50
CA TYR G 223 -43.31 -26.57 -46.61
C TYR G 223 -44.07 -25.30 -46.95
N GLU G 224 -45.39 -25.40 -47.02
CA GLU G 224 -46.22 -24.24 -47.27
C GLU G 224 -47.46 -24.29 -46.38
N VAL G 225 -47.85 -23.14 -45.85
CA VAL G 225 -49.01 -22.99 -44.99
C VAL G 225 -50.11 -22.30 -45.77
N VAL G 226 -51.29 -22.89 -45.76
CA VAL G 226 -52.46 -22.33 -46.42
C VAL G 226 -53.54 -22.10 -45.37
N GLU G 227 -54.00 -20.87 -45.25
CA GLU G 227 -55.03 -20.50 -44.29
C GLU G 227 -56.35 -20.34 -45.03
N LYS G 228 -57.32 -21.20 -44.70
CA LYS G 228 -58.60 -21.20 -45.40
C LYS G 228 -59.70 -21.57 -44.43
N LYS G 229 -60.93 -21.25 -44.82
CA LYS G 229 -62.12 -21.61 -44.06
C LYS G 229 -62.60 -22.98 -44.51
N GLU G 230 -62.62 -23.94 -43.58
CA GLU G 230 -63.09 -25.28 -43.88
C GLU G 230 -64.31 -25.62 -43.02
N THR G 231 -65.06 -26.60 -43.50
CA THR G 231 -66.28 -27.03 -42.83
C THR G 231 -65.95 -27.79 -41.55
N ALA G 232 -66.72 -27.55 -40.50
CA ALA G 232 -66.67 -28.33 -39.28
C ALA G 232 -68.09 -28.62 -38.82
N PHE G 233 -68.24 -29.72 -38.09
CA PHE G 233 -69.54 -30.21 -37.66
C PHE G 233 -69.67 -30.04 -36.15
N ILE G 234 -70.83 -29.53 -35.72
CA ILE G 234 -71.19 -29.41 -34.32
C ILE G 234 -72.12 -30.57 -34.01
N TYR G 235 -71.61 -31.56 -33.28
CA TYR G 235 -72.38 -32.74 -32.91
C TYR G 235 -73.01 -32.53 -31.54
N GLN G 236 -73.55 -33.60 -30.96
CA GLN G 236 -74.02 -33.60 -29.59
C GLN G 236 -73.40 -34.79 -28.88
N ASP G 237 -72.56 -34.52 -27.89
CA ASP G 237 -71.87 -35.58 -27.16
C ASP G 237 -72.88 -36.38 -26.35
N PRO G 238 -72.96 -37.70 -26.52
CA PRO G 238 -73.90 -38.49 -25.72
C PRO G 238 -73.64 -38.41 -24.23
N VAL G 239 -72.41 -38.13 -23.82
CA VAL G 239 -72.11 -37.98 -22.39
C VAL G 239 -72.63 -36.64 -21.89
N THR G 240 -72.09 -35.55 -22.41
CA THR G 240 -72.53 -34.20 -22.04
C THR G 240 -71.92 -33.19 -23.01
N GLY G 241 -72.67 -32.13 -23.28
CA GLY G 241 -72.18 -31.04 -24.08
C GLY G 241 -72.20 -31.33 -25.57
N GLU G 242 -71.61 -30.42 -26.34
CA GLU G 242 -71.54 -30.57 -27.78
C GLU G 242 -70.11 -30.29 -28.23
N PRO G 243 -69.58 -31.12 -29.17
CA PRO G 243 -68.25 -30.91 -29.67
C PRO G 243 -68.17 -30.36 -31.09
N VAL G 244 -67.00 -29.87 -31.47
CA VAL G 244 -66.74 -29.31 -32.79
C VAL G 244 -65.64 -30.14 -33.42
N SER G 245 -65.93 -30.78 -34.55
CA SER G 245 -64.97 -31.63 -35.22
C SER G 245 -64.82 -31.21 -36.67
N TYR G 246 -63.58 -31.05 -37.12
CA TYR G 246 -63.34 -30.66 -38.50
C TYR G 246 -63.80 -31.74 -39.47
N PHE G 247 -64.46 -31.31 -40.55
CA PHE G 247 -65.01 -32.25 -41.52
C PHE G 247 -63.90 -32.99 -42.26
N LYS G 248 -62.74 -32.36 -42.45
CA LYS G 248 -61.66 -33.01 -43.18
C LYS G 248 -61.04 -34.15 -42.39
N ARG G 249 -61.03 -34.05 -41.06
CA ARG G 249 -60.39 -35.07 -40.25
C ARG G 249 -61.18 -36.36 -40.19
N ASP G 250 -62.51 -36.28 -40.24
CA ASP G 250 -63.35 -37.48 -40.25
C ASP G 250 -64.19 -37.49 -41.52
N ILE G 251 -63.56 -37.22 -42.67
CA ILE G 251 -64.30 -37.01 -43.91
C ILE G 251 -64.98 -38.30 -44.35
N LYS G 252 -64.25 -39.41 -44.35
CA LYS G 252 -64.79 -40.65 -44.88
C LYS G 252 -64.55 -41.80 -43.91
N ASP G 253 -63.54 -41.68 -43.06
CA ASP G 253 -63.16 -42.78 -42.18
C ASP G 253 -64.29 -43.13 -41.22
N VAL G 254 -64.78 -42.14 -40.47
CA VAL G 254 -65.74 -42.41 -39.40
C VAL G 254 -66.96 -41.51 -39.53
N ILE G 255 -67.12 -40.84 -40.68
CA ILE G 255 -68.21 -39.87 -40.83
C ILE G 255 -69.57 -40.50 -40.58
N ASP G 256 -69.69 -41.81 -40.82
CA ASP G 256 -70.91 -42.53 -40.48
C ASP G 256 -70.83 -43.26 -39.14
N ASP G 257 -69.63 -43.36 -38.55
CA ASP G 257 -69.48 -43.99 -37.25
C ASP G 257 -69.94 -43.11 -36.10
N LEU G 258 -69.95 -41.79 -36.29
CA LEU G 258 -70.49 -40.92 -35.26
C LEU G 258 -71.96 -41.23 -34.98
N ALA G 259 -72.74 -41.43 -36.04
CA ALA G 259 -74.16 -41.76 -35.86
C ALA G 259 -74.34 -43.10 -35.14
N ASP G 260 -73.51 -44.09 -35.50
CA ASP G 260 -73.61 -45.39 -34.84
C ASP G 260 -73.23 -45.31 -33.37
N SER G 261 -72.21 -44.50 -33.05
CA SER G 261 -71.74 -44.39 -31.68
C SER G 261 -72.65 -43.52 -30.81
N GLY G 262 -73.66 -42.88 -31.38
CA GLY G 262 -74.55 -42.02 -30.64
C GLY G 262 -74.35 -40.53 -30.81
N PHE G 263 -73.47 -40.11 -31.72
CA PHE G 263 -73.25 -38.71 -32.01
C PHE G 263 -74.26 -38.25 -33.06
N ILE G 264 -75.05 -37.25 -32.71
CA ILE G 264 -76.07 -36.70 -33.60
C ILE G 264 -75.62 -35.31 -34.05
N LYS G 265 -75.64 -35.08 -35.35
CA LYS G 265 -75.21 -33.80 -35.89
C LYS G 265 -76.23 -32.72 -35.54
N ILE G 266 -75.75 -31.62 -34.98
CA ILE G 266 -76.59 -30.51 -34.58
C ILE G 266 -76.46 -29.32 -35.53
N ALA G 267 -75.24 -29.02 -35.97
CA ALA G 267 -75.03 -27.85 -36.83
C ALA G 267 -73.77 -28.06 -37.67
N GLU G 268 -73.55 -27.13 -38.59
CA GLU G 268 -72.38 -27.16 -39.46
C GLU G 268 -71.91 -25.74 -39.68
N ARG G 269 -70.66 -25.46 -39.33
CA ARG G 269 -70.09 -24.13 -39.43
C ARG G 269 -68.87 -24.15 -40.35
N GLN G 270 -68.33 -22.97 -40.62
CA GLN G 270 -67.13 -22.80 -41.44
C GLN G 270 -66.12 -22.03 -40.60
N ILE G 271 -65.05 -22.72 -40.22
CA ILE G 271 -64.01 -22.16 -39.35
C ILE G 271 -62.70 -22.06 -40.12
N LYS G 272 -62.02 -20.93 -39.95
CA LYS G 272 -60.75 -20.68 -40.61
C LYS G 272 -59.61 -21.34 -39.83
N ARG G 273 -58.70 -21.98 -40.56
CA ARG G 273 -57.56 -22.64 -39.94
C ARG G 273 -56.45 -22.75 -40.99
N ARG G 274 -55.25 -23.05 -40.50
CA ARG G 274 -54.08 -23.23 -41.34
C ARG G 274 -53.77 -24.71 -41.50
N ARG G 275 -53.30 -25.08 -42.70
CA ARG G 275 -52.87 -26.44 -42.99
C ARG G 275 -51.49 -26.38 -43.65
N VAL G 276 -50.65 -27.35 -43.32
CA VAL G 276 -49.26 -27.37 -43.76
C VAL G 276 -49.07 -28.53 -44.73
N TYR G 277 -48.48 -28.23 -45.89
CA TYR G 277 -48.22 -29.21 -46.93
C TYR G 277 -46.73 -29.27 -47.20
N LYS G 278 -46.19 -30.47 -47.29
CA LYS G 278 -44.79 -30.71 -47.59
C LYS G 278 -44.66 -31.37 -48.96
N SER G 279 -43.68 -30.92 -49.74
CA SER G 279 -43.40 -31.47 -51.07
C SER G 279 -41.93 -31.83 -51.17
N ILE G 280 -41.65 -33.03 -51.65
CA ILE G 280 -40.28 -33.45 -51.91
C ILE G 280 -39.96 -33.13 -53.36
N ILE G 281 -38.94 -32.31 -53.58
CA ILE G 281 -38.64 -31.78 -54.91
C ILE G 281 -37.15 -31.91 -55.20
N THR G 282 -36.85 -31.95 -56.49
CA THR G 282 -35.52 -31.84 -57.04
C THR G 282 -35.48 -30.63 -57.98
N CYS G 283 -34.37 -30.48 -58.70
CA CYS G 283 -34.24 -29.34 -59.60
C CYS G 283 -35.03 -29.49 -60.88
N THR G 284 -35.52 -30.69 -61.20
CA THR G 284 -36.20 -30.93 -62.46
C THR G 284 -37.61 -31.48 -62.34
N ALA G 285 -38.01 -31.98 -61.18
CA ALA G 285 -39.32 -32.60 -61.05
C ALA G 285 -39.76 -32.55 -59.58
N VAL G 286 -41.03 -32.90 -59.36
CA VAL G 286 -41.62 -32.97 -58.04
C VAL G 286 -41.94 -34.43 -57.75
N LEU G 287 -41.36 -34.96 -56.68
CA LEU G 287 -41.58 -36.36 -56.33
C LEU G 287 -42.88 -36.53 -55.56
N LYS G 288 -43.01 -35.87 -54.41
CA LYS G 288 -44.24 -35.82 -53.65
C LYS G 288 -44.81 -34.42 -53.75
N ASP G 289 -46.11 -34.32 -53.99
CA ASP G 289 -46.69 -33.05 -54.44
C ASP G 289 -47.16 -32.17 -53.28
N LYS G 290 -48.15 -32.62 -52.52
CA LYS G 290 -48.74 -31.79 -51.47
C LYS G 290 -49.06 -32.62 -50.23
N GLN G 291 -48.10 -33.43 -49.79
CA GLN G 291 -48.34 -34.30 -48.64
C GLN G 291 -48.72 -33.49 -47.41
N LEU G 292 -49.96 -33.63 -46.96
CA LEU G 292 -50.43 -32.86 -45.81
C LEU G 292 -49.80 -33.39 -44.54
N ILE G 293 -49.21 -32.51 -43.73
CA ILE G 293 -48.58 -32.90 -42.48
C ILE G 293 -49.37 -32.30 -41.32
N ALA G 294 -49.08 -32.79 -40.12
CA ALA G 294 -49.79 -32.35 -38.93
C ALA G 294 -49.31 -30.98 -38.48
N GLY G 295 -50.23 -30.17 -37.96
CA GLY G 295 -49.87 -28.84 -37.44
C GLY G 295 -50.58 -27.73 -38.15
N GLU G 296 -50.38 -26.50 -37.70
CA GLU G 296 -50.96 -25.31 -38.33
C GLU G 296 -49.78 -24.40 -38.58
N HIS G 297 -48.57 -24.89 -38.34
CA HIS G 297 -47.35 -24.05 -38.44
C HIS G 297 -46.20 -24.85 -39.06
N ILE G 298 -45.31 -24.21 -39.81
CA ILE G 298 -44.15 -24.89 -40.41
C ILE G 298 -43.28 -25.45 -39.30
N PRO G 299 -42.91 -26.74 -39.35
CA PRO G 299 -42.26 -27.38 -38.20
C PRO G 299 -40.80 -27.00 -37.98
N ILE G 300 -40.30 -25.94 -38.62
CA ILE G 300 -38.91 -25.51 -38.46
C ILE G 300 -38.87 -24.33 -37.52
N VAL G 301 -38.03 -24.40 -36.50
CA VAL G 301 -37.87 -23.36 -35.50
C VAL G 301 -36.49 -22.72 -35.68
N PRO G 302 -36.41 -21.44 -36.02
CA PRO G 302 -35.11 -20.76 -36.11
C PRO G 302 -34.71 -20.04 -34.84
N VAL G 303 -33.40 -19.90 -34.62
CA VAL G 303 -32.84 -19.15 -33.51
C VAL G 303 -31.85 -18.14 -34.10
N PHE G 304 -31.94 -16.90 -33.64
CA PHE G 304 -31.14 -15.81 -34.19
C PHE G 304 -30.30 -15.16 -33.10
N GLY G 305 -29.20 -14.54 -33.53
CA GLY G 305 -28.35 -13.78 -32.63
C GLY G 305 -28.70 -12.31 -32.66
N GLU G 306 -27.86 -11.50 -33.31
CA GLU G 306 -28.19 -10.10 -33.56
C GLU G 306 -28.89 -10.05 -34.91
N TRP G 307 -30.20 -9.88 -34.89
CA TRP G 307 -31.05 -9.98 -36.08
C TRP G 307 -31.71 -8.65 -36.38
N GLY G 308 -31.83 -8.33 -37.66
CA GLY G 308 -32.50 -7.09 -38.04
C GLY G 308 -32.63 -6.96 -39.53
N PHE G 309 -33.16 -5.82 -39.95
CA PHE G 309 -33.31 -5.46 -41.35
C PHE G 309 -32.63 -4.12 -41.57
N VAL G 310 -31.90 -3.98 -42.67
CA VAL G 310 -31.23 -2.73 -42.97
C VAL G 310 -32.02 -1.95 -44.01
N GLU G 311 -32.13 -2.52 -45.23
CA GLU G 311 -32.99 -1.97 -46.26
C GLU G 311 -33.73 -3.16 -46.90
N ASP G 312 -34.82 -3.57 -46.26
CA ASP G 312 -35.57 -4.78 -46.66
C ASP G 312 -34.63 -5.95 -46.92
N LYS G 313 -33.53 -6.02 -46.17
CA LYS G 313 -32.52 -7.06 -46.32
C LYS G 313 -32.19 -7.60 -44.94
N GLU G 314 -32.47 -8.88 -44.71
CA GLU G 314 -32.21 -9.48 -43.41
C GLU G 314 -30.71 -9.57 -43.16
N VAL G 315 -30.31 -9.20 -41.93
CA VAL G 315 -28.93 -9.32 -41.49
C VAL G 315 -28.93 -9.94 -40.10
N TYR G 316 -28.18 -11.02 -39.94
CA TYR G 316 -27.98 -11.65 -38.64
C TYR G 316 -26.50 -11.84 -38.41
N GLU G 317 -26.07 -11.59 -37.17
CA GLU G 317 -24.67 -11.65 -36.80
C GLU G 317 -24.52 -12.39 -35.48
N GLY G 318 -23.36 -12.99 -35.29
CA GLY G 318 -23.07 -13.71 -34.06
C GLY G 318 -22.09 -12.97 -33.18
N VAL G 319 -20.92 -13.56 -32.94
CA VAL G 319 -19.89 -12.95 -32.13
C VAL G 319 -18.55 -13.01 -32.85
N VAL G 320 -18.52 -13.74 -33.96
CA VAL G 320 -17.27 -14.01 -34.65
C VAL G 320 -16.99 -12.99 -35.76
N ARG G 321 -18.03 -12.42 -36.37
CA ARG G 321 -17.85 -11.62 -37.57
C ARG G 321 -16.94 -10.42 -37.32
N LEU G 322 -17.28 -9.60 -36.33
CA LEU G 322 -16.54 -8.35 -36.12
C LEU G 322 -15.13 -8.59 -35.64
N THR G 323 -14.82 -9.79 -35.17
CA THR G 323 -13.46 -10.14 -34.76
C THR G 323 -12.63 -10.73 -35.88
N LYS G 324 -13.21 -10.91 -37.08
CA LYS G 324 -12.48 -11.55 -38.16
C LYS G 324 -11.36 -10.66 -38.71
N ASP G 325 -11.58 -9.35 -38.73
CA ASP G 325 -10.59 -8.45 -39.33
C ASP G 325 -9.34 -8.35 -38.46
N GLY G 326 -9.52 -8.14 -37.15
CA GLY G 326 -8.38 -8.04 -36.27
C GLY G 326 -7.60 -9.34 -36.16
N GLN G 327 -8.32 -10.45 -35.98
CA GLN G 327 -7.67 -11.74 -35.82
C GLN G 327 -6.84 -12.10 -37.05
N ARG G 328 -7.41 -11.88 -38.25
CA ARG G 328 -6.66 -12.13 -39.47
C ARG G 328 -5.38 -11.31 -39.52
N LEU G 329 -5.39 -10.12 -38.92
CA LEU G 329 -4.16 -9.35 -38.84
C LEU G 329 -3.18 -10.00 -37.86
N ARG G 330 -3.68 -10.41 -36.69
CA ARG G 330 -2.81 -10.99 -35.69
C ARG G 330 -2.16 -12.28 -36.19
N ASN G 331 -2.90 -13.07 -36.96
CA ASN G 331 -2.31 -14.24 -37.59
C ASN G 331 -1.20 -13.86 -38.57
N MET G 332 -1.40 -12.79 -39.34
CA MET G 332 -0.42 -12.41 -40.33
C MET G 332 0.88 -11.92 -39.67
N ILE G 333 0.77 -10.99 -38.73
CA ILE G 333 1.95 -10.43 -38.08
C ILE G 333 2.72 -11.53 -37.37
N MET G 334 2.02 -12.36 -36.60
CA MET G 334 2.65 -13.49 -35.94
C MET G 334 3.36 -14.39 -36.93
N SER G 335 2.83 -14.51 -38.14
CA SER G 335 3.49 -15.30 -39.18
C SER G 335 4.68 -14.59 -39.79
N PHE G 336 4.65 -13.27 -39.86
CA PHE G 336 5.79 -12.53 -40.41
C PHE G 336 7.00 -12.63 -39.50
N ASN G 337 6.81 -12.38 -38.21
CA ASN G 337 7.93 -12.38 -37.27
C ASN G 337 8.58 -13.75 -37.18
N ALA G 338 7.80 -14.83 -37.33
CA ALA G 338 8.38 -16.15 -37.38
C ALA G 338 9.36 -16.28 -38.53
N ASP G 339 9.00 -15.72 -39.70
CA ASP G 339 9.93 -15.70 -40.83
C ASP G 339 11.21 -14.95 -40.46
N ILE G 340 11.12 -13.98 -39.57
CA ILE G 340 12.31 -13.28 -39.12
C ILE G 340 13.20 -14.20 -38.29
N VAL G 341 12.59 -15.06 -37.46
CA VAL G 341 13.38 -15.91 -36.57
C VAL G 341 14.13 -16.97 -37.36
N ALA G 342 13.49 -17.54 -38.38
CA ALA G 342 14.08 -18.65 -39.11
C ALA G 342 15.01 -18.19 -40.23
N ARG G 343 14.49 -17.42 -41.18
CA ARG G 343 15.25 -17.01 -42.35
C ARG G 343 15.87 -15.63 -42.13
N THR G 344 16.92 -15.60 -41.31
CA THR G 344 17.68 -14.39 -41.10
C THR G 344 19.07 -14.80 -40.65
N PRO G 345 20.12 -14.30 -41.30
CA PRO G 345 21.48 -14.67 -40.90
C PRO G 345 21.76 -14.25 -39.47
N LYS G 346 22.52 -15.09 -38.77
CA LYS G 346 22.80 -14.87 -37.35
C LYS G 346 23.92 -13.83 -37.20
N LYS G 347 24.30 -13.56 -35.96
CA LYS G 347 25.32 -12.58 -35.64
C LYS G 347 26.68 -13.28 -35.64
N LYS G 348 27.47 -13.03 -36.68
CA LYS G 348 28.80 -13.60 -36.83
C LYS G 348 29.75 -12.50 -37.32
N PRO G 349 31.04 -12.64 -37.05
CA PRO G 349 31.98 -11.60 -37.46
C PRO G 349 32.14 -11.52 -38.98
N PHE G 350 32.49 -10.34 -39.46
CA PHE G 350 32.87 -10.12 -40.84
C PHE G 350 34.39 -10.17 -40.94
N PHE G 351 34.90 -11.06 -41.78
CA PHE G 351 36.33 -11.29 -41.90
C PHE G 351 36.75 -11.18 -43.36
N TRP G 352 37.90 -10.58 -43.60
CA TRP G 352 38.57 -10.78 -44.88
C TRP G 352 39.20 -12.17 -44.90
N PRO G 353 39.22 -12.85 -46.05
CA PRO G 353 39.83 -14.18 -46.08
C PRO G 353 41.29 -14.18 -45.69
N GLU G 354 42.02 -13.11 -45.94
CA GLU G 354 43.43 -13.05 -45.60
C GLU G 354 43.68 -12.71 -44.14
N GLN G 355 42.67 -12.21 -43.43
CA GLN G 355 42.85 -11.90 -42.01
C GLN G 355 43.01 -13.16 -41.18
N ILE G 356 42.28 -14.22 -41.53
CA ILE G 356 42.26 -15.44 -40.75
C ILE G 356 42.82 -16.62 -41.55
N ALA G 357 43.61 -16.34 -42.58
CA ALA G 357 44.20 -17.40 -43.39
C ALA G 357 45.19 -18.20 -42.55
N GLY G 358 44.92 -19.50 -42.39
CA GLY G 358 45.73 -20.36 -41.57
C GLY G 358 45.24 -20.55 -40.16
N PHE G 359 44.36 -19.67 -39.68
CA PHE G 359 43.79 -19.77 -38.34
C PHE G 359 42.31 -20.11 -38.38
N GLU G 360 41.82 -20.66 -39.49
CA GLU G 360 40.38 -20.86 -39.65
C GLU G 360 39.83 -21.88 -38.66
N HIS G 361 40.67 -22.80 -38.17
CA HIS G 361 40.20 -23.77 -37.18
C HIS G 361 40.01 -23.15 -35.80
N MET G 362 40.46 -21.91 -35.60
CA MET G 362 40.27 -21.24 -34.31
C MET G 362 38.91 -20.60 -34.17
N TYR G 363 38.18 -20.42 -35.27
CA TYR G 363 36.91 -19.69 -35.25
C TYR G 363 35.71 -20.58 -35.51
N ASP G 364 35.90 -21.90 -35.54
CA ASP G 364 34.79 -22.81 -35.83
C ASP G 364 33.86 -23.04 -34.65
N GLY G 365 34.26 -22.64 -33.45
CA GLY G 365 33.41 -22.77 -32.27
C GLY G 365 33.93 -23.68 -31.18
N ASN G 366 35.17 -24.16 -31.27
CA ASN G 366 35.70 -25.03 -30.24
C ASN G 366 36.25 -24.21 -29.06
N ASP G 367 36.83 -24.92 -28.10
CA ASP G 367 37.39 -24.33 -26.90
C ASP G 367 38.78 -24.87 -26.61
N ASP G 368 39.56 -25.12 -27.65
CA ASP G 368 40.90 -25.67 -27.51
C ASP G 368 41.98 -24.60 -27.47
N TYR G 369 41.62 -23.33 -27.59
CA TYR G 369 42.60 -22.26 -27.65
C TYR G 369 42.24 -21.18 -26.64
N PRO G 370 43.24 -20.48 -26.10
CA PRO G 370 42.96 -19.41 -25.14
C PRO G 370 42.62 -18.08 -25.78
N TYR G 371 42.80 -17.93 -27.09
CA TYR G 371 42.55 -16.67 -27.77
C TYR G 371 42.40 -16.94 -29.25
N TYR G 372 42.23 -15.87 -30.02
CA TYR G 372 42.16 -15.93 -31.47
C TYR G 372 43.32 -15.16 -32.07
N LEU G 373 43.92 -15.71 -33.12
CA LEU G 373 45.04 -15.09 -33.80
C LEU G 373 44.60 -14.55 -35.16
N LEU G 374 45.17 -13.41 -35.53
CA LEU G 374 44.86 -12.76 -36.80
C LEU G 374 46.15 -12.51 -37.57
N ASN G 375 46.08 -12.70 -38.88
CA ASN G 375 47.21 -12.36 -39.73
C ASN G 375 47.40 -10.84 -39.75
N ARG G 376 48.66 -10.42 -39.77
CA ARG G 376 48.99 -9.00 -39.67
C ARG G 376 49.66 -8.42 -40.89
N THR G 377 50.54 -9.16 -41.55
CA THR G 377 51.38 -8.64 -42.62
C THR G 377 50.86 -9.09 -43.98
N ASP G 378 51.04 -8.21 -44.97
CA ASP G 378 50.79 -8.52 -46.37
C ASP G 378 52.05 -8.27 -47.16
N GLU G 379 52.38 -9.18 -48.08
CA GLU G 379 53.64 -9.07 -48.80
C GLU G 379 53.65 -7.96 -49.83
N ASN G 380 52.48 -7.47 -50.24
CA ASN G 380 52.38 -6.38 -51.20
C ASN G 380 52.00 -5.05 -50.57
N SER G 381 51.07 -5.04 -49.62
CA SER G 381 50.65 -3.83 -48.95
C SER G 381 51.44 -3.54 -47.69
N GLY G 382 52.44 -4.37 -47.37
CA GLY G 382 53.23 -4.16 -46.17
C GLY G 382 52.52 -4.62 -44.91
N ASP G 383 51.41 -3.97 -44.60
CA ASP G 383 50.61 -4.30 -43.42
C ASP G 383 49.14 -4.35 -43.81
N LEU G 384 48.40 -5.23 -43.13
CA LEU G 384 46.98 -5.35 -43.38
C LEU G 384 46.25 -4.12 -42.85
N PRO G 385 45.29 -3.58 -43.60
CA PRO G 385 44.58 -2.39 -43.13
C PRO G 385 43.82 -2.65 -41.83
N THR G 386 43.70 -1.60 -41.02
CA THR G 386 43.03 -1.68 -39.73
C THR G 386 41.59 -1.20 -39.86
N GLN G 387 40.66 -2.00 -39.33
CA GLN G 387 39.25 -1.68 -39.41
C GLN G 387 38.56 -2.45 -38.29
N PRO G 388 37.84 -1.77 -37.39
CA PRO G 388 37.22 -2.48 -36.26
C PRO G 388 36.28 -3.58 -36.73
N LEU G 389 36.31 -4.70 -36.01
CA LEU G 389 35.55 -5.88 -36.42
C LEU G 389 34.06 -5.57 -36.45
N ALA G 390 33.40 -5.99 -37.52
CA ALA G 390 31.97 -5.77 -37.72
C ALA G 390 31.23 -7.09 -37.59
N TYR G 391 30.10 -7.06 -36.89
CA TYR G 391 29.27 -8.23 -36.66
C TYR G 391 27.92 -8.02 -37.31
N TYR G 392 27.39 -9.08 -37.92
CA TYR G 392 26.03 -9.03 -38.46
C TYR G 392 25.04 -8.73 -37.34
N GLU G 393 24.13 -7.80 -37.60
CA GLU G 393 23.18 -7.39 -36.57
C GLU G 393 22.24 -8.52 -36.22
N ASN G 394 21.89 -8.61 -34.93
CA ASN G 394 20.96 -9.62 -34.48
C ASN G 394 19.58 -9.39 -35.10
N PRO G 395 18.84 -10.46 -35.38
CA PRO G 395 17.46 -10.29 -35.86
C PRO G 395 16.63 -9.54 -34.84
N GLU G 396 15.76 -8.66 -35.35
CA GLU G 396 14.94 -7.81 -34.50
C GLU G 396 13.54 -7.74 -35.04
N VAL G 397 12.56 -7.76 -34.14
CA VAL G 397 11.16 -7.57 -34.52
C VAL G 397 10.92 -6.08 -34.70
N PRO G 398 10.42 -5.63 -35.85
CA PRO G 398 10.19 -4.20 -36.06
C PRO G 398 9.18 -3.65 -35.07
N GLN G 399 9.34 -2.36 -34.74
CA GLN G 399 8.40 -1.71 -33.84
C GLN G 399 7.00 -1.73 -34.42
N ALA G 400 6.87 -1.63 -35.74
CA ALA G 400 5.57 -1.69 -36.38
C ALA G 400 4.90 -3.03 -36.13
N ASN G 401 5.66 -4.12 -36.25
CA ASN G 401 5.09 -5.45 -36.07
C ASN G 401 4.57 -5.64 -34.64
N ALA G 402 5.38 -5.26 -33.65
CA ALA G 402 4.96 -5.40 -32.26
C ALA G 402 3.77 -4.51 -31.95
N TYR G 403 3.82 -3.25 -32.39
CA TYR G 403 2.72 -2.34 -32.14
C TYR G 403 1.42 -2.83 -32.76
N MET G 404 1.47 -3.33 -33.99
CA MET G 404 0.26 -3.79 -34.63
C MET G 404 -0.23 -5.11 -34.06
N LEU G 405 0.67 -6.00 -33.63
CA LEU G 405 0.23 -7.20 -32.94
C LEU G 405 -0.53 -6.85 -31.68
N GLU G 406 0.03 -5.94 -30.87
CA GLU G 406 -0.64 -5.51 -29.65
C GLU G 406 -1.98 -4.85 -29.95
N ALA G 407 -2.01 -3.97 -30.96
CA ALA G 407 -3.24 -3.24 -31.28
C ALA G 407 -4.32 -4.18 -31.79
N ALA G 408 -3.97 -5.11 -32.68
CA ALA G 408 -4.95 -6.06 -33.19
C ALA G 408 -5.47 -6.98 -32.11
N THR G 409 -4.57 -7.47 -31.23
CA THR G 409 -5.03 -8.31 -30.13
C THR G 409 -5.96 -7.55 -29.20
N SER G 410 -5.64 -6.30 -28.90
CA SER G 410 -6.52 -5.48 -28.06
C SER G 410 -7.87 -5.26 -28.73
N ALA G 411 -7.86 -4.99 -30.04
CA ALA G 411 -9.11 -4.79 -30.76
C ALA G 411 -9.98 -6.04 -30.72
N VAL G 412 -9.37 -7.20 -30.94
CA VAL G 412 -10.14 -8.44 -30.91
C VAL G 412 -10.67 -8.72 -29.51
N LYS G 413 -9.85 -8.50 -28.47
CA LYS G 413 -10.33 -8.67 -27.11
C LYS G 413 -11.53 -7.76 -26.83
N GLU G 414 -11.46 -6.50 -27.29
CA GLU G 414 -12.52 -5.56 -26.95
C GLU G 414 -13.80 -5.87 -27.72
N VAL G 415 -13.69 -6.18 -29.01
CA VAL G 415 -14.89 -6.34 -29.82
C VAL G 415 -15.58 -7.68 -29.54
N ALA G 416 -14.83 -8.70 -29.11
CA ALA G 416 -15.40 -10.02 -28.86
C ALA G 416 -16.00 -10.12 -27.46
N THR G 417 -16.88 -9.17 -27.12
CA THR G 417 -17.63 -9.20 -25.87
C THR G 417 -19.11 -9.14 -26.21
N LEU G 418 -19.78 -10.28 -26.10
CA LEU G 418 -21.22 -10.34 -26.29
C LEU G 418 -21.91 -9.61 -25.14
N GLY G 419 -22.65 -8.55 -25.46
CA GLY G 419 -23.31 -7.78 -24.43
C GLY G 419 -22.31 -7.18 -23.46
N VAL G 420 -22.58 -7.33 -22.17
CA VAL G 420 -21.69 -6.83 -21.14
C VAL G 420 -20.85 -7.95 -20.56
N GLU G 445 -21.88 -11.52 -20.80
CA GLU G 445 -23.23 -11.98 -20.51
C GLU G 445 -23.98 -12.24 -21.80
N THR G 446 -24.81 -13.29 -21.80
CA THR G 446 -25.54 -13.73 -22.98
C THR G 446 -27.04 -13.55 -22.82
N TYR G 447 -27.47 -12.47 -22.15
CA TYR G 447 -28.89 -12.30 -21.86
C TYR G 447 -29.71 -12.18 -23.13
N VAL G 448 -29.22 -11.42 -24.11
CA VAL G 448 -29.97 -11.25 -25.36
C VAL G 448 -30.07 -12.58 -26.10
N PHE G 449 -28.98 -13.35 -26.13
CA PHE G 449 -29.01 -14.64 -26.79
C PHE G 449 -29.95 -15.60 -26.07
N GLN G 450 -29.97 -15.58 -24.74
CA GLN G 450 -30.92 -16.41 -24.00
C GLN G 450 -32.36 -15.99 -24.27
N ASP G 451 -32.60 -14.68 -24.40
CA ASP G 451 -33.95 -14.23 -24.72
C ASP G 451 -34.37 -14.66 -26.12
N ASN G 452 -33.45 -14.62 -27.08
CA ASN G 452 -33.76 -15.10 -28.43
C ASN G 452 -34.04 -16.60 -28.41
N LEU G 453 -33.26 -17.36 -27.63
CA LEU G 453 -33.53 -18.79 -27.48
C LEU G 453 -34.88 -19.03 -26.82
N ALA G 454 -35.27 -18.17 -25.87
CA ALA G 454 -36.58 -18.30 -25.25
C ALA G 454 -37.69 -18.04 -26.26
N THR G 455 -37.50 -17.05 -27.14
CA THR G 455 -38.46 -16.82 -28.21
C THR G 455 -38.57 -18.05 -29.11
N ALA G 456 -37.43 -18.65 -29.46
CA ALA G 456 -37.44 -19.84 -30.28
C ALA G 456 -38.18 -20.98 -29.59
N MET G 457 -37.97 -21.14 -28.28
CA MET G 457 -38.65 -22.21 -27.56
C MET G 457 -40.14 -21.94 -27.42
N ARG G 458 -40.55 -20.68 -27.34
CA ARG G 458 -41.97 -20.36 -27.35
C ARG G 458 -42.60 -20.74 -28.69
N ARG G 459 -41.89 -20.45 -29.79
CA ARG G 459 -42.38 -20.90 -31.09
C ARG G 459 -42.45 -22.42 -31.17
N ASP G 460 -41.44 -23.10 -30.61
CA ASP G 460 -41.44 -24.55 -30.54
C ASP G 460 -42.66 -25.06 -29.78
N GLY G 461 -42.99 -24.42 -28.66
CA GLY G 461 -44.16 -24.82 -27.90
C GLY G 461 -45.45 -24.64 -28.68
N GLU G 462 -45.56 -23.52 -29.40
CA GLU G 462 -46.74 -23.29 -30.24
C GLU G 462 -46.88 -24.39 -31.30
N ILE G 463 -45.80 -24.67 -32.01
CA ILE G 463 -45.84 -25.70 -33.05
C ILE G 463 -46.19 -27.06 -32.45
N TYR G 464 -45.58 -27.39 -31.31
CA TYR G 464 -45.83 -28.67 -30.68
C TYR G 464 -47.27 -28.80 -30.21
N GLN G 465 -47.85 -27.72 -29.67
CA GLN G 465 -49.24 -27.76 -29.27
C GLN G 465 -50.15 -27.99 -30.47
N SER G 466 -49.87 -27.32 -31.59
CA SER G 466 -50.68 -27.54 -32.79
C SER G 466 -50.58 -28.99 -33.26
N ILE G 467 -49.36 -29.54 -33.29
CA ILE G 467 -49.18 -30.91 -33.74
C ILE G 467 -49.89 -31.88 -32.81
N VAL G 468 -49.80 -31.64 -31.50
CA VAL G 468 -50.46 -32.50 -30.52
C VAL G 468 -51.97 -32.50 -30.73
N ASN G 469 -52.54 -31.32 -30.94
CA ASN G 469 -53.97 -31.24 -31.26
C ASN G 469 -54.28 -31.98 -32.55
N ASP G 470 -53.33 -32.00 -33.49
CA ASP G 470 -53.59 -32.67 -34.77
C ASP G 470 -53.60 -34.19 -34.64
N ILE G 471 -52.62 -34.77 -33.93
CA ILE G 471 -52.44 -36.22 -34.02
C ILE G 471 -52.63 -36.93 -32.69
N TYR G 472 -52.36 -36.25 -31.58
CA TYR G 472 -52.40 -36.93 -30.29
C TYR G 472 -53.83 -37.00 -29.77
N ASP G 473 -54.01 -37.79 -28.71
CA ASP G 473 -55.31 -37.97 -28.05
C ASP G 473 -55.33 -37.10 -26.80
N VAL G 474 -55.98 -35.96 -26.90
CA VAL G 474 -56.05 -34.99 -25.79
C VAL G 474 -57.36 -35.22 -25.05
N PRO G 475 -57.33 -35.70 -23.81
CA PRO G 475 -58.58 -35.90 -23.07
C PRO G 475 -59.19 -34.57 -22.64
N ARG G 476 -60.53 -34.56 -22.58
CA ARG G 476 -61.26 -33.42 -22.04
C ARG G 476 -61.60 -33.71 -20.59
N ASN G 477 -61.20 -32.81 -19.69
CA ASN G 477 -61.38 -33.02 -18.26
C ASN G 477 -62.74 -32.49 -17.83
N VAL G 478 -63.57 -33.36 -17.27
CA VAL G 478 -64.89 -33.00 -16.78
C VAL G 478 -64.81 -32.77 -15.28
N THR G 479 -65.72 -31.94 -14.77
CA THR G 479 -65.74 -31.60 -13.35
C THR G 479 -66.81 -32.36 -12.57
N ILE G 480 -67.47 -33.33 -13.20
CA ILE G 480 -68.50 -34.10 -12.53
C ILE G 480 -67.85 -35.12 -11.59
N LEU G 492 -62.08 -36.04 -13.73
CA LEU G 492 -62.11 -37.21 -14.61
C LEU G 492 -61.84 -36.82 -16.06
N MET G 493 -61.00 -37.60 -16.72
CA MET G 493 -60.64 -37.37 -18.12
C MET G 493 -61.46 -38.28 -19.00
N ALA G 494 -62.20 -37.71 -19.95
CA ALA G 494 -63.07 -38.46 -20.85
C ALA G 494 -62.43 -38.48 -22.23
N GLU G 495 -61.76 -39.58 -22.56
CA GLU G 495 -61.16 -39.76 -23.87
C GLU G 495 -62.22 -40.33 -24.82
N VAL G 496 -62.70 -39.50 -25.73
CA VAL G 496 -63.74 -39.90 -26.68
C VAL G 496 -63.08 -40.08 -28.04
N VAL G 497 -63.01 -41.33 -28.50
CA VAL G 497 -62.47 -41.67 -29.80
C VAL G 497 -63.30 -42.79 -30.41
N ASP G 498 -63.09 -43.04 -31.70
CA ASP G 498 -63.74 -44.15 -32.37
C ASP G 498 -62.86 -44.65 -33.50
N LEU G 499 -63.10 -45.89 -33.91
CA LEU G 499 -62.35 -46.54 -34.96
C LEU G 499 -63.25 -46.75 -36.17
N ALA G 500 -62.63 -46.77 -37.36
CA ALA G 500 -63.35 -46.95 -38.61
C ALA G 500 -63.48 -48.45 -38.91
N THR G 501 -64.08 -48.75 -40.06
CA THR G 501 -64.17 -50.13 -40.51
C THR G 501 -62.82 -50.70 -40.91
N GLY G 502 -61.84 -49.85 -41.16
CA GLY G 502 -60.50 -50.30 -41.50
C GLY G 502 -59.62 -50.45 -40.27
N GLU G 503 -60.25 -50.50 -39.10
CA GLU G 503 -59.62 -50.69 -37.79
C GLU G 503 -58.78 -49.48 -37.37
N LYS G 504 -58.71 -48.43 -38.17
CA LYS G 504 -57.94 -47.25 -37.81
C LYS G 504 -58.75 -46.35 -36.89
N GLN G 505 -58.16 -45.97 -35.76
CA GLN G 505 -58.81 -45.10 -34.79
C GLN G 505 -58.52 -43.65 -35.15
N VAL G 506 -59.57 -42.84 -35.21
CA VAL G 506 -59.46 -41.42 -35.52
C VAL G 506 -59.73 -40.62 -34.26
N LEU G 507 -58.79 -39.75 -33.90
CA LEU G 507 -58.94 -38.94 -32.70
C LEU G 507 -60.05 -37.91 -32.90
N ASN G 508 -60.77 -37.62 -31.81
CA ASN G 508 -61.84 -36.63 -31.80
C ASN G 508 -61.45 -35.54 -30.79
N ASP G 509 -60.94 -34.42 -31.29
CA ASP G 509 -60.51 -33.30 -30.46
C ASP G 509 -61.47 -32.14 -30.67
N ILE G 510 -62.07 -31.66 -29.58
CA ILE G 510 -62.97 -30.53 -29.66
C ILE G 510 -62.19 -29.25 -29.94
N ARG G 511 -62.91 -28.22 -30.39
CA ARG G 511 -62.29 -26.94 -30.69
C ARG G 511 -61.86 -26.19 -29.44
N GLY G 512 -62.29 -26.62 -28.25
CA GLY G 512 -61.78 -26.04 -27.02
C GLY G 512 -60.43 -26.59 -26.67
N ARG G 513 -59.45 -26.36 -27.55
CA ARG G 513 -58.12 -26.96 -27.43
C ARG G 513 -57.05 -26.00 -26.94
N TYR G 514 -57.14 -24.72 -27.33
CA TYR G 514 -56.13 -23.73 -26.92
C TYR G 514 -56.48 -23.16 -25.54
N GLU G 515 -56.44 -24.03 -24.55
CA GLU G 515 -56.74 -23.66 -23.16
C GLU G 515 -55.50 -23.27 -22.38
N CYS G 516 -54.31 -23.40 -22.95
CA CYS G 516 -53.07 -23.05 -22.28
C CYS G 516 -52.17 -22.29 -23.23
N TYR G 517 -51.43 -21.33 -22.68
CA TYR G 517 -50.46 -20.54 -23.42
C TYR G 517 -49.05 -20.98 -23.06
N THR G 518 -48.09 -20.43 -23.81
CA THR G 518 -46.70 -20.86 -23.77
C THR G 518 -45.86 -19.85 -23.02
N ASP G 519 -45.01 -20.34 -22.12
CA ASP G 519 -44.02 -19.55 -21.41
C ASP G 519 -42.70 -20.31 -21.42
N VAL G 520 -41.68 -19.72 -20.82
CA VAL G 520 -40.34 -20.30 -20.79
C VAL G 520 -39.95 -20.56 -19.35
N GLY G 521 -39.49 -21.77 -19.07
CA GLY G 521 -39.07 -22.14 -17.74
C GLY G 521 -37.89 -23.09 -17.75
N PRO G 522 -37.46 -23.52 -16.57
CA PRO G 522 -36.33 -24.45 -16.49
C PRO G 522 -36.67 -25.78 -17.15
N SER G 523 -35.64 -26.46 -17.65
CA SER G 523 -35.82 -27.72 -18.36
C SER G 523 -35.89 -28.86 -17.36
N PHE G 524 -36.98 -29.62 -17.40
CA PHE G 524 -37.18 -30.76 -16.51
C PHE G 524 -37.47 -32.00 -17.35
N GLN G 525 -36.94 -33.14 -16.91
CA GLN G 525 -37.08 -34.37 -17.66
C GLN G 525 -38.41 -35.07 -17.44
N SER G 526 -39.17 -34.67 -16.42
CA SER G 526 -40.45 -35.30 -16.13
C SER G 526 -41.29 -34.35 -15.29
N MET G 527 -42.58 -34.67 -15.19
CA MET G 527 -43.48 -33.85 -14.39
C MET G 527 -43.18 -33.98 -12.91
N LYS G 528 -42.70 -35.15 -12.47
CA LYS G 528 -42.37 -35.34 -11.06
C LYS G 528 -41.20 -34.44 -10.65
N GLN G 529 -40.20 -34.29 -11.53
CA GLN G 529 -39.10 -33.38 -11.24
C GLN G 529 -39.59 -31.94 -11.14
N GLN G 530 -40.51 -31.54 -12.02
CA GLN G 530 -41.06 -30.20 -11.95
C GLN G 530 -41.85 -29.98 -10.65
N ASN G 531 -42.62 -30.98 -10.23
CA ASN G 531 -43.33 -30.88 -8.97
C ASN G 531 -42.37 -30.77 -7.80
N ARG G 532 -41.30 -31.56 -7.81
CA ARG G 532 -40.30 -31.47 -6.75
C ARG G 532 -39.66 -30.09 -6.71
N ALA G 533 -39.33 -29.54 -7.88
CA ALA G 533 -38.73 -28.21 -7.94
C ALA G 533 -39.68 -27.15 -7.41
N GLU G 534 -40.97 -27.26 -7.77
CA GLU G 534 -41.96 -26.29 -7.28
C GLU G 534 -42.11 -26.39 -5.78
N ILE G 535 -42.15 -27.61 -5.24
CA ILE G 535 -42.27 -27.78 -3.79
C ILE G 535 -41.06 -27.20 -3.08
N LEU G 536 -39.86 -27.44 -3.62
CA LEU G 536 -38.66 -26.88 -3.00
C LEU G 536 -38.66 -25.36 -3.07
N GLU G 537 -39.11 -24.80 -4.20
CA GLU G 537 -39.17 -23.35 -4.33
C GLU G 537 -40.14 -22.74 -3.33
N LEU G 538 -41.31 -23.37 -3.16
CA LEU G 538 -42.25 -22.89 -2.15
C LEU G 538 -41.69 -23.03 -0.74
N LEU G 539 -40.95 -24.12 -0.49
CA LEU G 539 -40.39 -24.36 0.84
C LEU G 539 -39.36 -23.30 1.21
N GLY G 540 -38.64 -22.77 0.21
CA GLY G 540 -37.59 -21.80 0.48
C GLY G 540 -38.11 -20.44 0.88
N LYS G 541 -39.41 -20.19 0.70
CA LYS G 541 -40.00 -18.91 1.08
C LYS G 541 -40.99 -18.99 2.22
N THR G 542 -41.46 -20.19 2.56
CA THR G 542 -42.43 -20.33 3.65
C THR G 542 -41.70 -20.39 4.99
N PRO G 543 -42.08 -19.57 5.96
CA PRO G 543 -41.46 -19.65 7.29
C PRO G 543 -41.85 -20.94 7.99
N GLN G 544 -41.10 -21.25 9.06
CA GLN G 544 -41.26 -22.52 9.76
C GLN G 544 -42.55 -22.56 10.57
N GLY G 545 -43.69 -22.56 9.89
CA GLY G 545 -44.97 -22.72 10.55
C GLY G 545 -45.62 -24.05 10.21
N THR G 546 -46.94 -24.04 10.02
CA THR G 546 -47.67 -25.23 9.61
C THR G 546 -47.54 -25.49 8.09
N PRO G 547 -47.64 -24.47 7.24
CA PRO G 547 -47.39 -24.73 5.81
C PRO G 547 -46.00 -25.26 5.51
N GLU G 548 -45.00 -24.93 6.33
CA GLU G 548 -43.68 -25.52 6.15
C GLU G 548 -43.72 -27.03 6.36
N TYR G 549 -44.41 -27.48 7.41
CA TYR G 549 -44.59 -28.91 7.61
C TYR G 549 -45.36 -29.54 6.47
N GLN G 550 -46.39 -28.83 5.98
CA GLN G 550 -47.17 -29.33 4.85
C GLN G 550 -46.29 -29.56 3.64
N LEU G 551 -45.46 -28.57 3.31
CA LEU G 551 -44.62 -28.66 2.13
C LEU G 551 -43.51 -29.69 2.31
N LEU G 552 -43.00 -29.86 3.55
CA LEU G 552 -42.01 -30.90 3.78
C LEU G 552 -42.60 -32.29 3.58
N LEU G 553 -43.81 -32.52 4.10
CA LEU G 553 -44.48 -33.79 3.88
C LEU G 553 -44.77 -33.99 2.40
N LEU G 554 -45.12 -32.92 1.69
CA LEU G 554 -45.35 -33.01 0.25
C LEU G 554 -44.07 -33.30 -0.52
N GLN G 555 -42.93 -32.81 -0.04
CA GLN G 555 -41.67 -33.14 -0.69
C GLN G 555 -41.32 -34.60 -0.47
N TYR G 556 -41.51 -35.10 0.75
CA TYR G 556 -41.34 -36.53 0.99
C TYR G 556 -42.35 -37.36 0.21
N PHE G 557 -43.48 -36.77 -0.15
CA PHE G 557 -44.47 -37.45 -0.99
C PHE G 557 -43.88 -37.87 -2.33
N THR G 558 -43.25 -36.94 -3.04
CA THR G 558 -42.90 -37.12 -4.45
C THR G 558 -41.44 -37.53 -4.65
N LEU G 559 -40.90 -38.34 -3.75
CA LEU G 559 -39.53 -38.80 -3.87
C LEU G 559 -39.47 -40.16 -4.55
N LEU G 560 -38.40 -40.36 -5.33
CA LEU G 560 -38.14 -41.64 -5.97
C LEU G 560 -38.00 -42.73 -4.90
N ASP G 561 -38.02 -43.98 -5.34
CA ASP G 561 -38.16 -45.11 -4.43
C ASP G 561 -36.88 -45.93 -4.37
N GLY G 562 -36.37 -46.10 -3.16
CA GLY G 562 -35.39 -47.12 -2.84
C GLY G 562 -36.03 -48.08 -1.86
N LYS G 563 -35.44 -48.20 -0.67
CA LYS G 563 -36.05 -48.99 0.40
C LYS G 563 -36.38 -48.16 1.62
N GLY G 564 -35.41 -47.42 2.17
CA GLY G 564 -35.71 -46.55 3.30
C GLY G 564 -36.57 -45.36 2.92
N VAL G 565 -36.26 -44.73 1.78
CA VAL G 565 -37.05 -43.60 1.33
C VAL G 565 -38.47 -44.03 1.02
N GLU G 566 -38.67 -45.30 0.68
CA GLU G 566 -40.03 -45.84 0.58
C GLU G 566 -40.74 -45.75 1.93
N MET G 567 -40.04 -46.11 3.00
CA MET G 567 -40.62 -46.00 4.33
C MET G 567 -40.93 -44.55 4.69
N MET G 568 -40.02 -43.64 4.35
CA MET G 568 -40.25 -42.23 4.64
C MET G 568 -41.46 -41.69 3.88
N ARG G 569 -41.59 -42.08 2.60
CA ARG G 569 -42.73 -41.61 1.81
C ARG G 569 -44.03 -42.22 2.31
N ASP G 570 -44.00 -43.48 2.76
CA ASP G 570 -45.20 -44.07 3.36
C ASP G 570 -45.59 -43.34 4.63
N TYR G 571 -44.61 -42.97 5.45
CA TYR G 571 -44.88 -42.17 6.65
C TYR G 571 -45.51 -40.84 6.29
N ALA G 572 -44.97 -40.17 5.25
CA ALA G 572 -45.55 -38.91 4.80
C ALA G 572 -46.97 -39.10 4.28
N ASN G 573 -47.21 -40.20 3.57
CA ASN G 573 -48.55 -40.54 3.11
C ASN G 573 -49.51 -40.62 4.28
N LYS G 574 -49.15 -41.39 5.30
CA LYS G 574 -50.01 -41.57 6.46
C LYS G 574 -50.23 -40.25 7.18
N GLN G 575 -49.18 -39.45 7.33
CA GLN G 575 -49.32 -38.17 8.03
C GLN G 575 -50.24 -37.22 7.28
N LEU G 576 -50.12 -37.18 5.95
CA LEU G 576 -50.98 -36.29 5.17
C LEU G 576 -52.44 -36.75 5.19
N ILE G 577 -52.66 -38.06 5.08
CA ILE G 577 -54.04 -38.57 5.10
C ILE G 577 -54.67 -38.35 6.48
N GLN G 578 -53.93 -38.65 7.54
CA GLN G 578 -54.49 -38.57 8.89
C GLN G 578 -54.79 -37.14 9.31
N MET G 579 -54.20 -36.15 8.64
CA MET G 579 -54.42 -34.75 8.96
C MET G 579 -55.54 -34.14 8.14
N GLY G 580 -56.25 -34.95 7.36
CA GLY G 580 -57.40 -34.48 6.60
C GLY G 580 -57.08 -33.64 5.39
N VAL G 581 -55.81 -33.56 5.01
CA VAL G 581 -55.41 -32.71 3.90
C VAL G 581 -55.47 -33.45 2.57
N LYS G 582 -55.01 -34.70 2.55
CA LYS G 582 -55.16 -35.55 1.37
C LYS G 582 -56.48 -36.28 1.39
N LYS G 583 -57.07 -36.45 0.21
CA LYS G 583 -58.27 -37.27 0.08
C LYS G 583 -57.86 -38.73 -0.12
N PRO G 584 -58.28 -39.64 0.76
CA PRO G 584 -57.91 -41.05 0.57
C PRO G 584 -58.50 -41.61 -0.72
N GLU G 585 -57.73 -42.47 -1.37
CA GLU G 585 -58.16 -43.16 -2.58
C GLU G 585 -58.29 -44.66 -2.38
N THR G 586 -57.22 -45.31 -1.95
CA THR G 586 -57.03 -46.71 -1.57
C THR G 586 -57.68 -46.97 -0.21
N PRO G 587 -58.32 -48.13 -0.02
CA PRO G 587 -58.96 -48.39 1.28
C PRO G 587 -58.02 -48.35 2.46
N GLU G 588 -56.73 -48.60 2.27
CA GLU G 588 -55.76 -48.49 3.35
C GLU G 588 -55.74 -47.06 3.89
N GLU G 589 -55.69 -46.07 3.00
CA GLU G 589 -55.83 -44.70 3.44
C GLU G 589 -57.20 -44.46 4.07
N GLN G 590 -58.20 -45.24 3.66
CA GLN G 590 -59.54 -45.08 4.23
C GLN G 590 -59.55 -45.41 5.72
N GLN G 591 -59.04 -46.59 6.11
CA GLN G 591 -59.09 -46.78 7.56
C GLN G 591 -57.94 -46.07 8.28
N TRP G 592 -56.92 -45.58 7.56
CA TRP G 592 -56.00 -44.63 8.19
C TRP G 592 -56.76 -43.38 8.63
N LEU G 593 -57.60 -42.83 7.74
CA LEU G 593 -58.42 -41.68 8.10
C LEU G 593 -59.43 -42.06 9.19
N VAL G 594 -59.96 -43.29 9.14
CA VAL G 594 -60.90 -43.73 10.16
C VAL G 594 -60.24 -43.75 11.53
N GLU G 595 -59.02 -44.29 11.62
CA GLU G 595 -58.29 -44.30 12.88
C GLU G 595 -57.95 -42.89 13.33
N ALA G 596 -57.59 -42.01 12.39
CA ALA G 596 -57.32 -40.62 12.75
C ALA G 596 -58.55 -39.96 13.35
N GLN G 597 -59.73 -40.20 12.75
CA GLN G 597 -60.96 -39.63 13.28
C GLN G 597 -61.30 -40.21 14.64
N GLN G 598 -61.08 -41.51 14.83
CA GLN G 598 -61.32 -42.13 16.13
C GLN G 598 -60.42 -41.52 17.20
N ALA G 599 -59.15 -41.29 16.87
CA ALA G 599 -58.26 -40.62 17.81
C ALA G 599 -58.70 -39.19 18.08
N LYS G 600 -59.20 -38.51 17.04
CA LYS G 600 -59.69 -37.14 17.21
C LYS G 600 -60.87 -37.09 18.18
N GLN G 601 -61.79 -38.04 18.07
CA GLN G 601 -62.93 -38.08 18.96
C GLN G 601 -62.54 -38.47 20.39
N GLY G 602 -61.31 -38.96 20.59
CA GLY G 602 -60.89 -39.44 21.89
C GLY G 602 -59.84 -38.61 22.60
N GLN G 603 -59.81 -37.30 22.35
CA GLN G 603 -58.92 -36.40 23.05
C GLN G 603 -59.71 -35.53 24.03
N GLN G 604 -59.12 -35.30 25.20
CA GLN G 604 -59.70 -34.41 26.20
C GLN G 604 -58.57 -33.85 27.04
N ASP G 605 -58.70 -32.58 27.42
CA ASP G 605 -57.61 -31.90 28.10
C ASP G 605 -57.92 -31.78 29.59
N PRO G 606 -56.88 -31.80 30.43
CA PRO G 606 -57.12 -31.79 31.90
C PRO G 606 -57.85 -30.56 32.39
N ALA G 607 -57.53 -29.39 31.84
CA ALA G 607 -58.18 -28.16 32.33
C ALA G 607 -59.67 -28.17 32.03
N MET G 608 -60.06 -28.70 30.87
CA MET G 608 -61.49 -28.85 30.57
C MET G 608 -62.19 -29.71 31.61
N VAL G 609 -61.58 -30.83 31.99
CA VAL G 609 -62.24 -31.74 32.93
C VAL G 609 -62.32 -31.11 34.32
N GLN G 610 -61.25 -30.43 34.75
CA GLN G 610 -61.29 -29.76 36.04
C GLN G 610 -62.35 -28.66 36.05
N ALA G 611 -62.45 -27.88 34.97
CA ALA G 611 -63.45 -26.84 34.89
C ALA G 611 -64.85 -27.42 34.90
N GLN G 612 -65.06 -28.53 34.19
CA GLN G 612 -66.36 -29.20 34.22
C GLN G 612 -66.70 -29.68 35.63
N GLY G 613 -65.72 -30.22 36.34
CA GLY G 613 -65.95 -30.64 37.71
C GLY G 613 -66.36 -29.50 38.61
N VAL G 614 -65.67 -28.35 38.49
CA VAL G 614 -66.00 -27.20 39.32
C VAL G 614 -67.41 -26.68 38.98
N LEU G 615 -67.70 -26.55 37.68
CA LEU G 615 -69.02 -26.06 37.26
C LEU G 615 -70.13 -26.99 37.74
N LEU G 616 -69.90 -28.29 37.67
CA LEU G 616 -70.91 -29.26 38.05
C LEU G 616 -71.09 -29.35 39.56
N GLN G 617 -70.00 -29.18 40.32
CA GLN G 617 -70.14 -29.00 41.77
C GLN G 617 -71.01 -27.80 42.07
N GLY G 618 -70.78 -26.69 41.36
CA GLY G 618 -71.61 -25.52 41.56
C GLY G 618 -73.07 -25.78 41.24
N GLN G 619 -73.33 -26.50 40.15
CA GLN G 619 -74.71 -26.79 39.77
C GLN G 619 -75.41 -27.62 40.83
N ALA G 620 -74.74 -28.64 41.35
CA ALA G 620 -75.37 -29.45 42.38
C ALA G 620 -75.52 -28.68 43.69
N GLU G 621 -74.64 -27.70 43.93
CA GLU G 621 -74.80 -26.90 45.13
C GLU G 621 -75.96 -25.91 44.99
N LEU G 622 -76.22 -25.43 43.77
CA LEU G 622 -77.48 -24.73 43.52
C LEU G 622 -78.68 -25.64 43.75
N ALA G 623 -78.57 -26.90 43.31
CA ALA G 623 -79.64 -27.85 43.58
C ALA G 623 -79.87 -28.01 45.08
N LYS G 624 -78.78 -28.09 45.85
CA LYS G 624 -78.89 -28.20 47.30
C LYS G 624 -79.54 -26.96 47.90
N ALA G 625 -79.20 -25.78 47.37
CA ALA G 625 -79.84 -24.56 47.85
C ALA G 625 -81.34 -24.58 47.60
N GLN G 626 -81.75 -25.02 46.40
CA GLN G 626 -83.17 -25.11 46.10
C GLN G 626 -83.87 -26.12 47.00
N ASN G 627 -83.23 -27.26 47.26
CA ASN G 627 -83.79 -28.21 48.21
C ASN G 627 -83.92 -27.61 49.60
N GLN G 628 -82.96 -26.77 49.98
CA GLN G 628 -83.05 -26.08 51.26
C GLN G 628 -84.27 -25.15 51.28
N THR G 629 -84.51 -24.42 50.18
CA THR G 629 -85.72 -23.60 50.08
C THR G 629 -86.97 -24.46 50.30
N LEU G 630 -87.05 -25.57 49.57
CA LEU G 630 -88.24 -26.42 49.64
C LEU G 630 -88.44 -26.99 51.03
N SER G 631 -87.36 -27.49 51.65
CA SER G 631 -87.47 -28.08 52.97
C SER G 631 -87.84 -27.04 54.02
N LEU G 632 -87.27 -25.83 53.92
CA LEU G 632 -87.62 -24.78 54.87
C LEU G 632 -89.07 -24.37 54.73
N GLN G 633 -89.57 -24.26 53.49
CA GLN G 633 -90.97 -23.93 53.30
C GLN G 633 -91.89 -25.02 53.86
N ILE G 634 -91.54 -26.28 53.65
CA ILE G 634 -92.37 -27.38 54.13
C ILE G 634 -92.35 -27.46 55.65
N ASP G 635 -91.17 -27.26 56.25
CA ASP G 635 -91.09 -27.18 57.71
C ASP G 635 -91.87 -26.00 58.24
N ALA G 636 -91.90 -24.89 57.50
CA ALA G 636 -92.75 -23.76 57.89
C ALA G 636 -94.22 -24.14 57.88
N ALA G 637 -94.65 -24.86 56.84
CA ALA G 637 -96.04 -25.33 56.78
C ALA G 637 -96.35 -26.23 57.96
N LYS G 638 -95.43 -27.14 58.30
CA LYS G 638 -95.59 -27.96 59.49
C LYS G 638 -95.69 -27.10 60.74
N VAL G 639 -94.90 -26.03 60.80
CA VAL G 639 -94.91 -25.15 61.97
C VAL G 639 -96.27 -24.48 62.13
N GLU G 640 -96.82 -23.94 61.04
CA GLU G 640 -98.14 -23.31 61.14
C GLU G 640 -99.22 -24.35 61.47
N ALA G 641 -99.12 -25.54 60.90
CA ALA G 641 -100.10 -26.59 61.23
C ALA G 641 -100.05 -26.94 62.71
N GLN G 642 -98.85 -27.10 63.27
CA GLN G 642 -98.70 -27.41 64.68
C GLN G 642 -99.21 -26.27 65.55
N ASN G 643 -98.92 -25.03 65.16
CA ASN G 643 -99.40 -23.88 65.94
C ASN G 643 -100.92 -23.80 65.92
N GLN G 644 -101.54 -24.05 64.77
CA GLN G 644 -102.99 -24.06 64.69
C GLN G 644 -103.58 -25.18 65.54
N LEU G 645 -102.96 -26.36 65.52
CA LEU G 645 -103.45 -27.46 66.36
C LEU G 645 -103.33 -27.13 67.83
N ASN G 646 -102.21 -26.53 68.24
CA ASN G 646 -102.04 -26.15 69.64
C ASN G 646 -103.00 -25.04 70.04
N ALA G 647 -103.20 -24.05 69.18
CA ALA G 647 -104.09 -22.94 69.47
C ALA G 647 -105.55 -23.35 69.30
N MET H 1 64.77 -27.92 -53.66
CA MET H 1 65.14 -26.52 -53.84
C MET H 1 66.58 -26.38 -54.31
N GLN H 2 66.87 -25.34 -55.08
CA GLN H 2 68.23 -25.08 -55.53
C GLN H 2 69.06 -24.34 -54.50
N ILE H 3 68.43 -23.80 -53.46
CA ILE H 3 69.13 -23.11 -52.38
C ILE H 3 69.31 -24.11 -51.24
N LYS H 4 70.49 -24.72 -51.17
CA LYS H 4 70.73 -25.81 -50.24
C LYS H 4 71.84 -25.55 -49.24
N THR H 5 72.52 -24.41 -49.31
CA THR H 5 73.63 -24.11 -48.41
C THR H 5 73.48 -22.70 -47.87
N LYS H 6 74.26 -22.41 -46.82
CA LYS H 6 74.27 -21.05 -46.26
C LYS H 6 74.80 -20.05 -47.29
N GLY H 7 75.84 -20.43 -48.03
CA GLY H 7 76.35 -19.55 -49.07
C GLY H 7 75.33 -19.30 -50.16
N ASP H 8 74.49 -20.28 -50.46
CA ASP H 8 73.41 -20.06 -51.42
C ASP H 8 72.46 -18.99 -50.93
N LEU H 9 72.13 -19.01 -49.63
CA LEU H 9 71.31 -17.96 -49.05
C LEU H 9 72.00 -16.61 -49.15
N VAL H 10 73.31 -16.57 -48.91
CA VAL H 10 74.06 -15.32 -48.99
C VAL H 10 74.02 -14.77 -50.41
N ARG H 11 74.25 -15.63 -51.40
CA ARG H 11 74.19 -15.18 -52.79
C ARG H 11 72.80 -14.71 -53.18
N ALA H 12 71.77 -15.40 -52.70
CA ALA H 12 70.40 -14.96 -52.97
C ALA H 12 70.14 -13.58 -52.37
N ALA H 13 70.59 -13.35 -51.14
CA ALA H 13 70.42 -12.04 -50.53
C ALA H 13 71.17 -10.96 -51.30
N LEU H 14 72.40 -11.25 -51.72
CA LEU H 14 73.18 -10.27 -52.47
C LEU H 14 72.54 -9.97 -53.82
N ARG H 15 71.98 -11.00 -54.47
CA ARG H 15 71.28 -10.78 -55.73
C ARG H 15 70.02 -9.95 -55.53
N LYS H 16 69.31 -10.19 -54.42
CA LYS H 16 68.17 -9.33 -54.07
C LYS H 16 68.60 -7.89 -53.88
N LEU H 17 69.71 -7.66 -53.19
CA LEU H 17 70.17 -6.30 -52.96
C LEU H 17 70.76 -5.64 -54.20
N GLY H 18 71.04 -6.41 -55.25
CA GLY H 18 71.70 -5.88 -56.42
C GLY H 18 73.19 -5.67 -56.26
N VAL H 19 73.75 -6.07 -55.11
CA VAL H 19 75.18 -5.88 -54.87
C VAL H 19 76.00 -6.78 -55.78
N ALA H 20 75.61 -8.05 -55.88
CA ALA H 20 76.35 -8.99 -56.71
C ALA H 20 75.40 -10.08 -57.18
N SER H 21 75.77 -10.73 -58.27
CA SER H 21 74.99 -11.83 -58.83
C SER H 21 75.89 -12.63 -59.76
N ASP H 22 75.37 -13.75 -60.24
CA ASP H 22 76.09 -14.54 -61.21
C ASP H 22 76.07 -13.92 -62.60
N ALA H 23 75.27 -12.88 -62.81
CA ALA H 23 75.21 -12.18 -64.08
C ALA H 23 76.09 -10.94 -64.13
N THR H 24 76.40 -10.34 -62.98
CA THR H 24 77.21 -9.13 -62.95
C THR H 24 78.66 -9.44 -63.30
N LEU H 25 79.42 -8.38 -63.56
CA LEU H 25 80.82 -8.52 -63.95
C LEU H 25 81.77 -8.44 -62.77
N THR H 26 81.34 -7.88 -61.64
CA THR H 26 82.17 -7.80 -60.44
C THR H 26 81.40 -8.41 -59.28
N ASP H 27 81.98 -9.44 -58.67
CA ASP H 27 81.38 -10.11 -57.53
C ASP H 27 82.20 -9.79 -56.28
N VAL H 28 81.54 -9.87 -55.13
CA VAL H 28 82.17 -9.42 -53.88
C VAL H 28 83.32 -10.34 -53.50
N GLU H 29 84.23 -9.79 -52.68
CA GLU H 29 85.33 -10.58 -52.17
C GLU H 29 84.80 -11.70 -51.28
N PRO H 30 85.47 -12.86 -51.27
CA PRO H 30 85.03 -13.94 -50.38
C PRO H 30 84.97 -13.55 -48.91
N GLN H 31 85.74 -12.55 -48.49
CA GLN H 31 85.62 -12.05 -47.13
C GLN H 31 84.24 -11.44 -46.89
N SER H 32 83.69 -10.76 -47.90
CA SER H 32 82.33 -10.24 -47.77
C SER H 32 81.33 -11.38 -47.62
N MET H 33 81.53 -12.48 -48.35
CA MET H 33 80.67 -13.64 -48.21
C MET H 33 80.78 -14.24 -46.81
N GLN H 34 82.00 -14.31 -46.27
CA GLN H 34 82.17 -14.81 -44.91
C GLN H 34 81.47 -13.90 -43.89
N ASP H 35 81.57 -12.58 -44.10
CA ASP H 35 80.89 -11.65 -43.20
C ASP H 35 79.38 -11.82 -43.28
N ALA H 36 78.85 -12.02 -44.48
CA ALA H 36 77.42 -12.26 -44.64
C ALA H 36 76.99 -13.56 -43.97
N VAL H 37 77.82 -14.60 -44.06
CA VAL H 37 77.52 -15.86 -43.40
C VAL H 37 77.51 -15.66 -41.88
N ASP H 38 78.46 -14.87 -41.37
CA ASP H 38 78.47 -14.57 -39.94
C ASP H 38 77.22 -13.83 -39.52
N ASP H 39 76.79 -12.87 -40.34
CA ASP H 39 75.55 -12.15 -40.05
C ASP H 39 74.35 -13.08 -40.06
N LEU H 40 74.30 -14.02 -41.01
CA LEU H 40 73.20 -14.98 -41.05
C LEU H 40 73.20 -15.86 -39.80
N GLU H 41 74.38 -16.33 -39.38
CA GLU H 41 74.45 -17.15 -38.17
C GLU H 41 74.00 -16.37 -36.94
N ALA H 42 74.43 -15.11 -36.82
CA ALA H 42 74.02 -14.30 -35.68
C ALA H 42 72.52 -14.06 -35.69
N MET H 43 71.96 -13.74 -36.85
CA MET H 43 70.52 -13.52 -36.95
C MET H 43 69.74 -14.78 -36.59
N MET H 44 70.17 -15.93 -37.10
CA MET H 44 69.47 -17.17 -36.81
C MET H 44 69.55 -17.54 -35.33
N ALA H 45 70.71 -17.30 -34.71
CA ALA H 45 70.82 -17.51 -33.28
C ALA H 45 69.89 -16.58 -32.51
N GLU H 46 69.78 -15.33 -32.97
CA GLU H 46 68.88 -14.38 -32.32
C GLU H 46 67.43 -14.81 -32.44
N TRP H 47 67.01 -15.27 -33.62
CA TRP H 47 65.65 -15.75 -33.81
C TRP H 47 65.39 -16.98 -32.94
N TYR H 48 66.26 -17.98 -33.04
CA TYR H 48 66.15 -19.22 -32.29
C TYR H 48 66.73 -18.98 -30.90
N GLN H 49 65.89 -18.45 -30.01
CA GLN H 49 66.34 -18.08 -28.66
C GLN H 49 66.50 -19.33 -27.80
N ASP H 50 67.47 -20.16 -28.20
CA ASP H 50 67.77 -21.41 -27.51
C ASP H 50 66.54 -22.31 -27.41
N GLY H 51 65.76 -22.35 -28.49
CA GLY H 51 64.58 -23.18 -28.54
C GLY H 51 63.29 -22.51 -28.13
N LYS H 52 63.33 -21.26 -27.66
CA LYS H 52 62.15 -20.55 -27.22
C LYS H 52 61.75 -19.44 -28.20
N GLY H 53 62.26 -19.48 -29.42
CA GLY H 53 61.95 -18.46 -30.41
C GLY H 53 61.27 -19.00 -31.64
N ILE H 54 61.87 -18.77 -32.81
CA ILE H 54 61.32 -19.22 -34.09
C ILE H 54 62.02 -20.52 -34.46
N ILE H 55 61.25 -21.59 -34.57
CA ILE H 55 61.77 -22.90 -34.96
C ILE H 55 61.79 -22.99 -36.48
N THR H 56 62.95 -23.27 -37.05
CA THR H 56 63.11 -23.30 -38.50
C THR H 56 63.84 -24.53 -39.02
N GLY H 57 64.47 -25.33 -38.16
CA GLY H 57 65.29 -26.42 -38.61
C GLY H 57 66.70 -26.03 -39.01
N TYR H 58 67.08 -24.78 -38.80
CA TYR H 58 68.43 -24.34 -39.12
C TYR H 58 69.46 -25.13 -38.33
N VAL H 59 70.54 -25.52 -39.01
CA VAL H 59 71.62 -26.26 -38.39
C VAL H 59 72.79 -25.32 -38.20
N PHE H 60 73.21 -25.14 -36.94
CA PHE H 60 74.29 -24.22 -36.61
C PHE H 60 75.64 -24.93 -36.76
N SER H 61 76.51 -24.34 -37.58
CA SER H 61 77.82 -24.94 -37.84
C SER H 61 78.69 -24.89 -36.59
N ASP H 62 79.60 -25.86 -36.50
CA ASP H 62 80.54 -25.94 -35.40
C ASP H 62 81.89 -25.33 -35.77
N ASP H 63 82.69 -25.04 -34.74
CA ASP H 63 84.00 -24.44 -34.97
C ASP H 63 84.99 -25.43 -35.57
N GLU H 64 84.82 -26.72 -35.27
CA GLU H 64 85.76 -27.72 -35.77
C GLU H 64 85.76 -27.79 -37.29
N ASN H 65 84.59 -27.73 -37.91
CA ASN H 65 84.52 -27.73 -39.37
C ASN H 65 84.98 -26.37 -39.88
N PRO H 66 86.02 -26.31 -40.72
CA PRO H 66 86.60 -25.02 -41.11
C PRO H 66 85.61 -24.14 -41.85
N PRO H 67 85.04 -24.59 -43.00
CA PRO H 67 84.23 -23.65 -43.79
C PRO H 67 82.79 -23.56 -43.33
N ALA H 68 82.38 -22.38 -42.85
CA ALA H 68 80.98 -22.16 -42.53
C ALA H 68 80.11 -22.19 -43.78
N GLU H 69 80.61 -21.57 -44.86
CA GLU H 69 79.97 -21.72 -46.16
C GLU H 69 80.21 -23.12 -46.69
N GLY H 70 79.14 -23.74 -47.20
CA GLY H 70 79.20 -25.08 -47.74
C GLY H 70 78.35 -26.09 -47.03
N ASP H 71 77.99 -25.85 -45.76
CA ASP H 71 77.12 -26.74 -45.02
C ASP H 71 75.66 -26.42 -45.33
N ASP H 72 74.84 -27.46 -45.38
CA ASP H 72 73.42 -27.28 -45.63
C ASP H 72 72.78 -26.53 -44.47
N HIS H 73 71.90 -25.58 -44.79
CA HIS H 73 71.24 -24.81 -43.74
C HIS H 73 70.23 -25.65 -42.98
N GLY H 74 69.67 -26.67 -43.62
CA GLY H 74 68.67 -27.50 -42.99
C GLY H 74 67.27 -26.94 -42.96
N LEU H 75 67.05 -25.78 -43.56
CA LEU H 75 65.73 -25.17 -43.56
C LEU H 75 64.77 -25.96 -44.45
N ARG H 76 63.48 -25.83 -44.16
CA ARG H 76 62.47 -26.39 -45.03
C ARG H 76 62.34 -25.54 -46.29
N SER H 77 61.60 -26.07 -47.27
CA SER H 77 61.44 -25.36 -48.52
C SER H 77 60.71 -24.04 -48.33
N SER H 78 59.70 -24.02 -47.44
CA SER H 78 58.88 -22.84 -47.24
C SER H 78 59.59 -21.74 -46.45
N ALA H 79 60.77 -22.00 -45.90
CA ALA H 79 61.44 -21.04 -45.03
C ALA H 79 62.57 -20.28 -45.72
N VAL H 80 63.00 -20.72 -46.91
CA VAL H 80 64.21 -20.18 -47.53
C VAL H 80 64.01 -18.71 -47.89
N SER H 81 62.84 -18.39 -48.46
CA SER H 81 62.60 -17.04 -48.97
C SER H 81 62.65 -16.00 -47.86
N ALA H 82 61.96 -16.28 -46.74
CA ALA H 82 61.96 -15.37 -45.61
C ALA H 82 63.36 -15.17 -45.06
N VAL H 83 64.11 -16.27 -44.96
CA VAL H 83 65.45 -16.22 -44.38
C VAL H 83 66.34 -15.32 -45.23
N PHE H 84 66.36 -15.54 -46.55
CA PHE H 84 67.31 -14.77 -47.35
C PHE H 84 66.83 -13.33 -47.56
N HIS H 85 65.51 -13.09 -47.52
CA HIS H 85 65.03 -11.71 -47.59
C HIS H 85 65.44 -10.93 -46.33
N ASN H 86 65.27 -11.54 -45.16
CA ASN H 86 65.71 -10.91 -43.93
C ASN H 86 67.23 -10.72 -43.92
N LEU H 87 67.96 -11.68 -44.49
CA LEU H 87 69.41 -11.55 -44.57
C LEU H 87 69.80 -10.37 -45.45
N ALA H 88 69.12 -10.19 -46.59
CA ALA H 88 69.38 -9.04 -47.43
C ALA H 88 69.11 -7.74 -46.69
N CYS H 89 67.99 -7.69 -45.97
CA CYS H 89 67.69 -6.51 -45.16
C CYS H 89 68.75 -6.24 -44.12
N ARG H 90 69.26 -7.27 -43.46
CA ARG H 90 70.27 -7.11 -42.41
C ARG H 90 71.63 -6.71 -42.94
N ILE H 91 72.03 -7.21 -44.11
CA ILE H 91 73.36 -6.92 -44.66
C ILE H 91 73.36 -5.74 -45.59
N ALA H 92 72.20 -5.15 -45.89
CA ALA H 92 72.19 -3.90 -46.66
C ALA H 92 73.03 -2.79 -46.04
N PRO H 93 73.00 -2.52 -44.74
CA PRO H 93 73.82 -1.42 -44.20
C PRO H 93 75.32 -1.58 -44.39
N ASP H 94 75.80 -2.81 -44.62
CA ASP H 94 77.24 -3.02 -44.80
C ASP H 94 77.75 -2.25 -46.01
N TYR H 95 76.97 -2.20 -47.09
CA TYR H 95 77.39 -1.60 -48.34
C TYR H 95 76.83 -0.19 -48.52
N ALA H 96 76.53 0.50 -47.42
CA ALA H 96 75.96 1.85 -47.46
C ALA H 96 74.68 1.87 -48.30
N LEU H 97 73.89 0.81 -48.19
CA LEU H 97 72.67 0.64 -48.96
C LEU H 97 71.46 0.66 -48.03
N GLU H 98 70.29 0.52 -48.63
CA GLU H 98 69.03 0.43 -47.89
C GLU H 98 68.08 -0.42 -48.71
N ALA H 99 67.63 -1.53 -48.13
CA ALA H 99 66.76 -2.45 -48.85
C ALA H 99 65.48 -1.75 -49.25
N THR H 100 65.02 -2.02 -50.47
CA THR H 100 63.83 -1.38 -51.00
C THR H 100 62.60 -1.83 -50.22
N ALA H 101 61.49 -1.11 -50.42
CA ALA H 101 60.28 -1.34 -49.63
C ALA H 101 59.73 -2.74 -49.87
N LYS H 102 59.82 -3.24 -51.10
CA LYS H 102 59.32 -4.58 -51.41
C LYS H 102 60.06 -5.65 -50.61
N ILE H 103 61.38 -5.50 -50.48
CA ILE H 103 62.16 -6.47 -49.71
C ILE H 103 61.76 -6.45 -48.25
N ILE H 104 61.53 -5.26 -47.69
CA ILE H 104 61.12 -5.16 -46.28
C ILE H 104 59.75 -5.79 -46.08
N ALA H 105 58.81 -5.52 -46.98
CA ALA H 105 57.49 -6.13 -46.87
C ALA H 105 57.56 -7.65 -46.96
N THR H 106 58.36 -8.16 -47.91
CA THR H 106 58.52 -9.60 -48.05
C THR H 106 59.16 -10.21 -46.80
N ALA H 107 60.13 -9.52 -46.21
CA ALA H 107 60.75 -10.01 -44.99
C ALA H 107 59.76 -10.09 -43.84
N LYS H 108 58.94 -9.04 -43.67
CA LYS H 108 57.92 -9.06 -42.63
C LYS H 108 56.96 -10.22 -42.84
N TYR H 109 56.44 -10.35 -44.07
CA TYR H 109 55.49 -11.41 -44.36
C TYR H 109 56.11 -12.79 -44.14
N GLY H 110 57.36 -12.96 -44.55
CA GLY H 110 58.01 -14.25 -44.37
C GLY H 110 58.25 -14.61 -42.92
N LYS H 111 58.66 -13.63 -42.10
CA LYS H 111 58.84 -13.90 -40.68
C LYS H 111 57.51 -14.26 -40.02
N GLU H 112 56.44 -13.55 -40.38
CA GLU H 112 55.12 -13.87 -39.83
C GLU H 112 54.71 -15.28 -40.20
N LEU H 113 54.90 -15.66 -41.47
CA LEU H 113 54.57 -17.02 -41.90
C LEU H 113 55.47 -18.05 -41.23
N LEU H 114 56.72 -17.69 -40.95
CA LEU H 114 57.62 -18.61 -40.26
C LEU H 114 57.12 -18.91 -38.86
N TYR H 115 56.65 -17.89 -38.14
CA TYR H 115 56.19 -18.11 -36.78
C TYR H 115 54.74 -18.54 -36.68
N LYS H 116 53.99 -18.54 -37.78
CA LYS H 116 52.56 -18.86 -37.71
C LYS H 116 52.30 -20.23 -37.11
N GLN H 117 52.96 -21.27 -37.64
CA GLN H 117 52.69 -22.63 -37.20
C GLN H 117 53.12 -22.85 -35.76
N THR H 118 54.27 -22.28 -35.37
CA THR H 118 54.72 -22.39 -33.99
C THR H 118 53.77 -21.69 -33.04
N ALA H 119 53.24 -20.53 -33.45
CA ALA H 119 52.26 -19.83 -32.63
C ALA H 119 50.98 -20.64 -32.48
N ILE H 120 50.55 -21.30 -33.55
CA ILE H 120 49.38 -22.16 -33.47
C ILE H 120 49.64 -23.31 -32.50
N SER H 121 50.83 -23.91 -32.58
CA SER H 121 51.15 -25.02 -31.70
C SER H 121 51.32 -24.60 -30.25
N ARG H 122 51.62 -23.34 -29.99
CA ARG H 122 51.86 -22.85 -28.63
C ARG H 122 50.61 -22.25 -27.99
N ALA H 123 49.48 -22.23 -28.69
CA ALA H 123 48.22 -21.73 -28.13
C ALA H 123 47.52 -22.87 -27.39
N LYS H 124 48.09 -23.24 -26.25
CA LYS H 124 47.60 -24.34 -25.43
C LYS H 124 46.88 -23.77 -24.22
N ARG H 125 45.69 -24.32 -23.93
CA ARG H 125 44.91 -23.90 -22.79
C ARG H 125 45.42 -24.59 -21.53
N ALA H 126 45.49 -23.82 -20.44
CA ALA H 126 45.99 -24.36 -19.18
C ALA H 126 45.01 -25.37 -18.61
N PRO H 127 45.50 -26.34 -17.83
CA PRO H 127 44.59 -27.33 -17.22
C PRO H 127 43.70 -26.68 -16.17
N TYR H 128 42.75 -27.48 -15.68
CA TYR H 128 41.85 -27.00 -14.65
C TYR H 128 42.61 -26.69 -13.37
N PRO H 129 42.19 -25.68 -12.62
CA PRO H 129 42.86 -25.36 -11.36
C PRO H 129 42.68 -26.46 -10.33
N SER H 130 43.60 -26.51 -9.38
CA SER H 130 43.58 -27.54 -8.34
C SER H 130 42.40 -27.41 -7.40
N ARG H 131 41.70 -26.28 -7.39
CA ARG H 131 40.57 -26.06 -6.51
C ARG H 131 39.22 -26.21 -7.22
N MET H 132 39.22 -26.76 -8.43
CA MET H 132 37.98 -26.89 -9.20
C MET H 132 37.44 -28.30 -9.09
N PRO H 133 36.20 -28.48 -8.66
CA PRO H 133 35.63 -29.84 -8.59
C PRO H 133 35.43 -30.44 -9.98
N THR H 134 35.43 -31.77 -10.03
CA THR H 134 35.16 -32.46 -11.29
C THR H 134 33.67 -32.55 -11.59
N GLY H 135 32.83 -32.49 -10.57
CA GLY H 135 31.39 -32.57 -10.77
C GLY H 135 30.87 -33.99 -10.67
N SER H 136 29.62 -34.11 -10.21
CA SER H 136 29.02 -35.42 -10.03
C SER H 136 28.68 -36.09 -11.36
N GLY H 137 28.67 -35.33 -12.46
CA GLY H 137 28.43 -35.94 -13.75
C GLY H 137 29.51 -36.92 -14.15
N ASN H 138 30.75 -36.65 -13.78
CA ASN H 138 31.87 -37.55 -14.04
C ASN H 138 31.77 -38.71 -13.05
N SER H 139 31.00 -39.73 -13.41
CA SER H 139 30.78 -40.86 -12.51
C SER H 139 32.07 -41.63 -12.27
N PHE H 140 32.87 -41.83 -13.31
CA PHE H 140 34.12 -42.58 -13.15
C PHE H 140 35.07 -41.86 -12.21
N ALA H 141 35.21 -40.53 -12.35
CA ALA H 141 36.10 -39.78 -11.48
C ALA H 141 35.61 -39.78 -10.04
N ASN H 142 34.29 -39.63 -9.84
CA ASN H 142 33.76 -39.53 -8.48
C ASN H 142 33.78 -40.88 -7.77
N LEU H 143 33.58 -41.98 -8.50
CA LEU H 143 33.65 -43.29 -7.87
C LEU H 143 35.07 -43.61 -7.40
N ASN H 144 36.07 -43.03 -8.05
CA ASN H 144 37.47 -43.25 -7.68
C ASN H 144 38.03 -42.11 -6.82
N GLU H 145 37.15 -41.41 -6.10
CA GLU H 145 37.52 -40.37 -5.14
C GLU H 145 38.26 -39.20 -5.78
N TRP H 146 38.05 -38.97 -7.08
CA TRP H 146 38.64 -37.82 -7.76
C TRP H 146 37.61 -36.68 -7.85
N HIS H 147 37.44 -36.02 -6.71
CA HIS H 147 36.43 -34.97 -6.61
C HIS H 147 36.95 -33.64 -7.14
N TYR H 148 38.26 -33.42 -7.10
CA TYR H 148 38.85 -32.16 -7.52
C TYR H 148 39.91 -32.43 -8.58
N PHE H 149 40.08 -31.47 -9.48
CA PHE H 149 41.05 -31.58 -10.55
C PHE H 149 42.47 -31.51 -9.97
N PRO H 150 43.42 -32.22 -10.58
CA PRO H 150 44.79 -32.21 -10.03
C PRO H 150 45.47 -30.85 -10.16
N GLY H 151 45.41 -30.26 -11.35
CA GLY H 151 46.02 -28.98 -11.57
C GLY H 151 47.40 -29.07 -12.20
N GLU H 152 48.19 -28.03 -11.97
CA GLU H 152 49.55 -27.93 -12.48
C GLU H 152 49.60 -28.08 -13.99
N GLU I 5 -25.37 -57.06 -55.20
CA GLU I 5 -26.00 -58.28 -54.72
C GLU I 5 -25.14 -58.99 -53.68
N ASN I 6 -23.83 -58.93 -53.89
CA ASN I 6 -22.89 -59.56 -52.97
C ASN I 6 -22.93 -58.84 -51.62
N ARG I 7 -23.05 -59.62 -50.54
CA ARG I 7 -23.07 -59.04 -49.20
C ARG I 7 -21.75 -58.36 -48.87
N LEU I 8 -20.63 -59.03 -49.20
CA LEU I 8 -19.33 -58.44 -48.96
C LEU I 8 -19.16 -57.14 -49.73
N GLU I 9 -19.64 -57.08 -50.98
CA GLU I 9 -19.53 -55.87 -51.76
C GLU I 9 -20.30 -54.72 -51.13
N SER I 10 -21.52 -54.99 -50.66
CA SER I 10 -22.31 -53.94 -50.01
C SER I 10 -21.66 -53.46 -48.73
N ILE I 11 -21.18 -54.39 -47.89
CA ILE I 11 -20.53 -54.01 -46.65
C ILE I 11 -19.29 -53.18 -46.93
N LEU I 12 -18.48 -53.60 -47.90
CA LEU I 12 -17.26 -52.87 -48.21
C LEU I 12 -17.57 -51.51 -48.82
N SER I 13 -18.63 -51.40 -49.62
CA SER I 13 -19.00 -50.10 -50.17
C SER I 13 -19.41 -49.14 -49.06
N ARG I 14 -20.23 -49.61 -48.12
CA ARG I 14 -20.62 -48.78 -47.00
C ARG I 14 -19.40 -48.35 -46.18
N PHE I 15 -18.52 -49.31 -45.87
CA PHE I 15 -17.34 -48.99 -45.07
C PHE I 15 -16.43 -48.02 -45.80
N ASP I 16 -16.25 -48.19 -47.11
CA ASP I 16 -15.39 -47.29 -47.87
C ASP I 16 -15.95 -45.88 -47.92
N ALA I 17 -17.27 -45.76 -48.11
CA ALA I 17 -17.88 -44.45 -48.11
C ALA I 17 -17.69 -43.76 -46.75
N ASP I 18 -17.93 -44.49 -45.66
CA ASP I 18 -17.78 -43.91 -44.33
C ASP I 18 -16.32 -43.57 -44.04
N TRP I 19 -15.40 -44.42 -44.48
CA TRP I 19 -13.97 -44.18 -44.24
C TRP I 19 -13.48 -42.95 -45.00
N THR I 20 -13.92 -42.79 -46.25
CA THR I 20 -13.47 -41.65 -47.02
C THR I 20 -14.16 -40.37 -46.59
N ALA I 21 -15.38 -40.47 -46.03
CA ALA I 21 -16.09 -39.28 -45.60
C ALA I 21 -15.38 -38.59 -44.43
N SER I 22 -14.83 -39.36 -43.50
CA SER I 22 -14.26 -38.83 -42.26
C SER I 22 -12.74 -38.93 -42.25
N ASP I 23 -12.10 -38.73 -43.41
CA ASP I 23 -10.66 -38.89 -43.50
C ASP I 23 -9.92 -37.75 -42.82
N GLU I 24 -10.34 -36.51 -43.07
CA GLU I 24 -9.62 -35.35 -42.54
C GLU I 24 -9.72 -35.27 -41.02
N ALA I 25 -10.92 -35.49 -40.47
CA ALA I 25 -11.09 -35.44 -39.02
C ALA I 25 -10.29 -36.54 -38.35
N ARG I 26 -10.29 -37.74 -38.92
CA ARG I 26 -9.52 -38.83 -38.37
C ARG I 26 -8.02 -38.53 -38.39
N ARG I 27 -7.53 -37.96 -39.50
CA ARG I 27 -6.11 -37.62 -39.57
C ARG I 27 -5.75 -36.56 -38.54
N GLU I 28 -6.60 -35.53 -38.39
CA GLU I 28 -6.31 -34.50 -37.40
C GLU I 28 -6.34 -35.05 -35.99
N ALA I 29 -7.29 -35.93 -35.67
CA ALA I 29 -7.35 -36.52 -34.35
C ALA I 29 -6.15 -37.40 -34.06
N LYS I 30 -5.71 -38.18 -35.05
CA LYS I 30 -4.52 -39.01 -34.86
C LYS I 30 -3.28 -38.14 -34.66
N ASN I 31 -3.19 -37.03 -35.41
CA ASN I 31 -2.08 -36.10 -35.20
C ASN I 31 -2.12 -35.51 -33.81
N ASP I 32 -3.32 -35.16 -33.31
CA ASP I 32 -3.45 -34.64 -31.97
C ASP I 32 -3.00 -35.65 -30.93
N LEU I 33 -3.40 -36.91 -31.10
CA LEU I 33 -2.99 -37.96 -30.16
C LEU I 33 -1.48 -38.14 -30.16
N PHE I 34 -0.87 -38.18 -31.35
CA PHE I 34 0.58 -38.32 -31.42
C PHE I 34 1.27 -37.12 -30.78
N PHE I 35 0.77 -35.91 -31.05
CA PHE I 35 1.37 -34.70 -30.51
C PHE I 35 1.31 -34.67 -28.99
N SER I 36 0.18 -35.09 -28.42
CA SER I 36 -0.02 -35.00 -26.99
C SER I 36 0.38 -36.27 -26.24
N ARG I 37 0.85 -37.31 -26.94
CA ARG I 37 1.15 -38.56 -26.26
C ARG I 37 2.57 -39.05 -26.50
N VAL I 38 3.10 -38.84 -27.71
CA VAL I 38 4.40 -39.38 -28.10
C VAL I 38 5.46 -38.29 -28.16
N SER I 39 5.29 -37.33 -29.07
CA SER I 39 6.32 -36.32 -29.28
C SER I 39 5.74 -35.16 -30.06
N GLN I 40 6.17 -33.95 -29.71
CA GLN I 40 5.73 -32.74 -30.41
C GLN I 40 6.57 -32.45 -31.64
N TRP I 41 7.67 -33.18 -31.86
CA TRP I 41 8.47 -33.03 -33.07
C TRP I 41 8.07 -34.09 -34.08
N ASP I 42 6.82 -33.97 -34.55
CA ASP I 42 6.25 -34.92 -35.52
C ASP I 42 6.87 -34.63 -36.88
N ASP I 43 8.13 -35.05 -37.04
CA ASP I 43 8.90 -34.76 -38.24
C ASP I 43 9.33 -36.08 -38.88
N TRP I 44 8.38 -37.02 -39.01
CA TRP I 44 8.72 -38.36 -39.48
C TRP I 44 9.13 -38.35 -40.94
N LEU I 45 8.60 -37.42 -41.75
CA LEU I 45 8.85 -37.46 -43.18
C LEU I 45 10.31 -37.19 -43.52
N SER I 46 10.96 -36.28 -42.79
CA SER I 46 12.37 -35.98 -43.06
C SER I 46 13.06 -35.65 -41.73
N GLN I 47 13.65 -36.66 -41.12
CA GLN I 47 14.40 -36.47 -39.89
C GLN I 47 15.78 -37.09 -40.00
N TYR I 48 15.93 -38.07 -40.91
CA TYR I 48 17.21 -38.71 -41.15
C TYR I 48 17.97 -37.98 -42.27
N THR I 49 18.17 -36.68 -42.05
CA THR I 49 18.95 -35.84 -42.94
C THR I 49 20.22 -35.35 -42.27
N THR I 50 20.09 -34.71 -41.11
CA THR I 50 21.24 -34.30 -40.30
C THR I 50 20.78 -34.21 -38.86
N LEU I 51 21.74 -34.28 -37.94
CA LEU I 51 21.45 -34.27 -36.51
C LEU I 51 21.56 -32.84 -35.99
N GLN I 52 20.44 -32.28 -35.55
CA GLN I 52 20.38 -30.97 -34.94
C GLN I 52 19.58 -31.08 -33.65
N TYR I 53 19.79 -30.13 -32.75
CA TYR I 53 19.11 -30.16 -31.46
C TYR I 53 17.61 -29.94 -31.65
N ARG I 54 16.82 -30.83 -31.06
CA ARG I 54 15.36 -30.72 -31.06
C ARG I 54 14.89 -30.99 -29.63
N GLY I 55 14.64 -29.92 -28.87
CA GLY I 55 14.21 -30.03 -27.50
C GLY I 55 12.70 -29.91 -27.38
N GLN I 56 12.13 -30.68 -26.45
CA GLN I 56 10.71 -30.66 -26.16
C GLN I 56 10.49 -29.96 -24.84
N PHE I 57 10.03 -28.72 -24.89
CA PHE I 57 9.72 -27.92 -23.71
C PHE I 57 8.19 -27.81 -23.66
N ASP I 58 7.56 -28.81 -23.05
CA ASP I 58 6.11 -28.94 -23.11
C ASP I 58 5.44 -27.83 -22.31
N VAL I 59 4.36 -27.30 -22.88
CA VAL I 59 3.56 -26.25 -22.25
C VAL I 59 2.07 -26.55 -22.30
N VAL I 60 1.66 -27.63 -22.97
CA VAL I 60 0.25 -27.97 -23.12
C VAL I 60 -0.10 -29.15 -22.23
N ARG I 61 0.88 -30.00 -21.95
CA ARG I 61 0.63 -31.17 -21.12
C ARG I 61 0.11 -30.84 -19.73
N PRO I 62 0.63 -29.83 -19.00
CA PRO I 62 0.00 -29.50 -17.72
C PRO I 62 -1.48 -29.15 -17.84
N VAL I 63 -1.87 -28.49 -18.93
CA VAL I 63 -3.28 -28.16 -19.12
C VAL I 63 -4.11 -29.43 -19.30
N VAL I 64 -3.61 -30.37 -20.09
CA VAL I 64 -4.32 -31.63 -20.31
C VAL I 64 -4.43 -32.40 -19.00
N ARG I 65 -3.35 -32.44 -18.22
CA ARG I 65 -3.39 -33.11 -16.92
C ARG I 65 -4.41 -32.46 -16.00
N LYS I 66 -4.44 -31.13 -15.98
CA LYS I 66 -5.39 -30.42 -15.12
C LYS I 66 -6.83 -30.71 -15.53
N LEU I 67 -7.11 -30.71 -16.84
CA LEU I 67 -8.46 -30.98 -17.30
C LEU I 67 -8.87 -32.42 -17.00
N VAL I 68 -7.95 -33.37 -17.19
CA VAL I 68 -8.27 -34.77 -16.88
C VAL I 68 -8.53 -34.94 -15.39
N SER I 69 -7.72 -34.30 -14.55
CA SER I 69 -7.96 -34.36 -13.11
C SER I 69 -9.29 -33.74 -12.74
N GLU I 70 -9.63 -32.61 -13.37
CA GLU I 70 -10.90 -31.95 -13.09
C GLU I 70 -12.08 -32.83 -13.45
N MET I 71 -12.01 -33.50 -14.61
CA MET I 71 -13.10 -34.37 -15.02
C MET I 71 -13.10 -35.69 -14.26
N ARG I 72 -11.98 -36.07 -13.65
CA ARG I 72 -11.93 -37.30 -12.86
C ARG I 72 -12.59 -37.14 -11.50
N GLN I 73 -12.49 -35.95 -10.90
CA GLN I 73 -13.03 -35.73 -9.57
C GLN I 73 -14.56 -35.70 -9.54
N ASN I 74 -15.21 -35.68 -10.69
CA ASN I 74 -16.67 -35.59 -10.77
C ASN I 74 -17.19 -36.73 -11.64
N PRO I 75 -17.26 -37.94 -11.09
CA PRO I 75 -17.79 -39.08 -11.85
C PRO I 75 -19.25 -38.89 -12.18
N ILE I 76 -19.65 -39.43 -13.33
CA ILE I 76 -21.02 -39.34 -13.84
C ILE I 76 -21.48 -40.74 -14.22
N ASP I 77 -22.70 -41.09 -13.84
CA ASP I 77 -23.24 -42.41 -14.12
C ASP I 77 -24.71 -42.29 -14.49
N VAL I 78 -25.25 -43.38 -15.05
CA VAL I 78 -26.66 -43.45 -15.40
C VAL I 78 -27.51 -43.42 -14.13
N LEU I 79 -28.76 -42.99 -14.29
CA LEU I 79 -29.71 -42.97 -13.18
C LEU I 79 -31.09 -43.22 -13.75
N TYR I 80 -31.67 -44.38 -13.46
CA TYR I 80 -32.97 -44.75 -13.99
C TYR I 80 -34.06 -44.23 -13.07
N ARG I 81 -35.01 -43.50 -13.63
CA ARG I 81 -36.10 -42.95 -12.85
C ARG I 81 -37.45 -43.39 -13.40
N PRO I 82 -38.43 -43.64 -12.55
CA PRO I 82 -39.75 -44.05 -13.05
C PRO I 82 -40.37 -42.99 -13.93
N LYS I 83 -41.09 -43.44 -14.95
CA LYS I 83 -41.75 -42.53 -15.87
C LYS I 83 -42.93 -41.85 -15.18
N ASP I 84 -43.60 -40.97 -15.92
CA ASP I 84 -44.78 -40.28 -15.39
C ASP I 84 -45.97 -41.22 -15.40
N GLY I 85 -46.57 -41.44 -14.24
CA GLY I 85 -47.66 -42.36 -14.10
C GLY I 85 -47.26 -43.79 -13.81
N ALA I 86 -45.97 -44.11 -13.87
CA ALA I 86 -45.50 -45.44 -13.56
C ALA I 86 -45.41 -45.64 -12.05
N ARG I 87 -45.28 -46.89 -11.64
CA ARG I 87 -45.14 -47.18 -10.23
C ARG I 87 -43.85 -46.55 -9.70
N PRO I 88 -43.85 -46.04 -8.47
CA PRO I 88 -42.63 -45.42 -7.95
C PRO I 88 -41.46 -46.38 -7.81
N ASP I 89 -41.72 -47.69 -7.75
CA ASP I 89 -40.69 -48.72 -7.72
C ASP I 89 -40.47 -49.33 -9.10
N ALA I 90 -40.51 -48.51 -10.14
CA ALA I 90 -40.38 -49.03 -11.50
C ALA I 90 -38.93 -49.13 -11.96
N ALA I 91 -37.97 -48.63 -11.19
CA ALA I 91 -36.58 -48.57 -11.65
C ALA I 91 -35.57 -49.10 -10.65
N ASP I 92 -36.03 -49.76 -9.58
CA ASP I 92 -35.07 -50.28 -8.60
C ASP I 92 -34.39 -51.55 -9.10
N VAL I 93 -35.11 -52.40 -9.83
CA VAL I 93 -34.52 -53.63 -10.34
C VAL I 93 -33.50 -53.34 -11.43
N LEU I 94 -33.86 -52.48 -12.38
CA LEU I 94 -32.93 -52.13 -13.45
C LEU I 94 -31.71 -51.41 -12.90
N MET I 95 -31.91 -50.51 -11.93
CA MET I 95 -30.79 -49.86 -11.26
C MET I 95 -29.92 -50.86 -10.52
N GLY I 96 -30.53 -51.82 -9.84
CA GLY I 96 -29.75 -52.83 -9.15
C GLY I 96 -28.88 -53.61 -10.12
N MET I 97 -29.45 -54.00 -11.25
CA MET I 97 -28.68 -54.73 -12.25
C MET I 97 -27.54 -53.88 -12.80
N TYR I 98 -27.82 -52.61 -13.13
CA TYR I 98 -26.80 -51.74 -13.69
C TYR I 98 -25.67 -51.52 -12.70
N ARG I 99 -25.99 -51.24 -11.45
CA ARG I 99 -24.96 -51.05 -10.45
C ARG I 99 -24.19 -52.33 -10.17
N THR I 100 -24.85 -53.48 -10.28
CA THR I 100 -24.17 -54.76 -10.06
C THR I 100 -23.13 -55.01 -11.15
N ASP I 101 -23.50 -54.83 -12.41
CA ASP I 101 -22.63 -55.21 -13.51
C ASP I 101 -21.84 -54.05 -14.10
N MET I 102 -21.84 -52.88 -13.45
CA MET I 102 -21.02 -51.76 -13.90
C MET I 102 -20.04 -51.29 -12.83
N ARG I 103 -19.96 -52.00 -11.70
CA ARG I 103 -19.06 -51.63 -10.61
C ARG I 103 -17.64 -52.14 -10.82
N HIS I 104 -17.40 -52.95 -11.84
CA HIS I 104 -16.10 -53.56 -12.05
C HIS I 104 -15.11 -52.53 -12.62
N ASN I 105 -13.83 -52.91 -12.60
CA ASN I 105 -12.78 -51.98 -13.02
C ASN I 105 -12.83 -51.70 -14.51
N THR I 106 -13.35 -52.65 -15.30
CA THR I 106 -13.36 -52.46 -16.75
C THR I 106 -14.23 -51.28 -17.16
N ALA I 107 -15.39 -51.11 -16.51
CA ALA I 107 -16.27 -50.01 -16.87
C ALA I 107 -15.63 -48.65 -16.56
N LYS I 108 -15.05 -48.51 -15.36
CA LYS I 108 -14.40 -47.27 -15.01
C LYS I 108 -13.21 -46.98 -15.92
N ILE I 109 -12.43 -48.02 -16.26
CA ILE I 109 -11.28 -47.83 -17.13
C ILE I 109 -11.73 -47.39 -18.52
N ALA I 110 -12.79 -48.01 -19.05
CA ALA I 110 -13.28 -47.62 -20.37
C ALA I 110 -13.77 -46.17 -20.37
N VAL I 111 -14.50 -45.77 -19.33
CA VAL I 111 -14.99 -44.40 -19.26
C VAL I 111 -13.82 -43.43 -19.17
N ASN I 112 -12.81 -43.75 -18.36
CA ASN I 112 -11.66 -42.87 -18.21
C ASN I 112 -10.88 -42.75 -19.51
N ILE I 113 -10.71 -43.86 -20.22
CA ILE I 113 -10.00 -43.83 -21.50
C ILE I 113 -10.75 -42.95 -22.49
N ALA I 114 -12.08 -43.13 -22.57
CA ALA I 114 -12.88 -42.32 -23.48
C ALA I 114 -12.78 -40.84 -23.11
N VAL I 115 -12.81 -40.52 -21.82
CA VAL I 115 -12.75 -39.13 -21.39
C VAL I 115 -11.39 -38.52 -21.74
N ARG I 116 -10.30 -39.25 -21.49
CA ARG I 116 -8.98 -38.73 -21.82
C ARG I 116 -8.83 -38.50 -23.32
N GLU I 117 -9.32 -39.44 -24.13
CA GLU I 117 -9.23 -39.26 -25.58
C GLU I 117 -10.11 -38.11 -26.05
N GLN I 118 -11.27 -37.92 -25.41
CA GLN I 118 -12.13 -36.79 -25.74
C GLN I 118 -11.44 -35.46 -25.43
N ILE I 119 -10.77 -35.38 -24.29
CA ILE I 119 -10.08 -34.14 -23.93
C ILE I 119 -8.92 -33.89 -24.89
N GLU I 120 -8.12 -34.92 -25.19
CA GLU I 120 -6.94 -34.72 -26.02
C GLU I 120 -7.29 -34.59 -27.49
N ALA I 121 -7.88 -35.63 -28.08
CA ALA I 121 -8.14 -35.66 -29.51
C ALA I 121 -9.47 -34.99 -29.86
N GLY I 122 -10.54 -35.37 -29.17
CA GLY I 122 -11.85 -34.80 -29.45
C GLY I 122 -12.93 -35.86 -29.57
N VAL I 123 -12.53 -37.12 -29.68
CA VAL I 123 -13.47 -38.23 -29.79
C VAL I 123 -12.93 -39.42 -29.01
N GLY I 124 -13.83 -40.13 -28.33
CA GLY I 124 -13.52 -41.39 -27.68
C GLY I 124 -14.75 -42.27 -27.78
N ALA I 125 -14.61 -43.51 -27.34
CA ALA I 125 -15.74 -44.42 -27.39
C ALA I 125 -15.52 -45.58 -26.44
N TRP I 126 -16.61 -46.28 -26.14
CA TRP I 126 -16.55 -47.56 -25.44
C TRP I 126 -17.65 -48.46 -25.97
N ARG I 127 -17.64 -49.72 -25.52
CA ARG I 127 -18.52 -50.74 -26.06
C ARG I 127 -19.21 -51.48 -24.92
N LEU I 128 -20.40 -52.01 -25.20
CA LEU I 128 -21.13 -52.83 -24.25
C LEU I 128 -21.26 -54.24 -24.84
N VAL I 129 -20.79 -55.24 -24.10
CA VAL I 129 -20.85 -56.62 -24.56
C VAL I 129 -21.48 -57.46 -23.47
N THR I 130 -21.95 -58.64 -23.88
CA THR I 130 -22.59 -59.59 -22.97
C THR I 130 -21.85 -60.92 -23.02
N ASP I 131 -21.67 -61.52 -21.84
CA ASP I 131 -20.95 -62.78 -21.73
C ASP I 131 -21.71 -63.72 -20.82
N TYR I 132 -21.34 -64.99 -20.85
CA TYR I 132 -21.95 -66.02 -20.01
C TYR I 132 -21.12 -66.20 -18.75
N GLU I 133 -21.77 -66.04 -17.60
CA GLU I 133 -21.12 -66.22 -16.30
C GLU I 133 -21.85 -67.30 -15.53
N ASP I 134 -21.10 -68.23 -14.94
CA ASP I 134 -21.67 -69.30 -14.13
C ASP I 134 -21.36 -69.16 -12.65
N GLN I 135 -20.40 -68.32 -12.28
CA GLN I 135 -20.02 -68.18 -10.87
C GLN I 135 -20.79 -67.06 -10.19
N SER I 136 -20.73 -65.84 -10.76
CA SER I 136 -21.44 -64.69 -10.23
C SER I 136 -22.22 -64.01 -11.34
N PRO I 137 -23.30 -64.61 -11.80
CA PRO I 137 -24.09 -64.02 -12.88
C PRO I 137 -25.02 -62.93 -12.36
N THR I 138 -25.16 -61.87 -13.16
CA THR I 138 -26.11 -60.82 -12.82
C THR I 138 -27.55 -61.31 -12.95
N SER I 139 -27.86 -61.97 -14.06
CA SER I 139 -29.19 -62.51 -14.30
C SER I 139 -29.14 -63.46 -15.49
N ASN I 140 -29.89 -64.56 -15.38
CA ASN I 140 -30.03 -65.53 -16.47
C ASN I 140 -28.69 -66.09 -16.92
N ASN I 141 -27.80 -66.32 -15.96
CA ASN I 141 -26.47 -66.87 -16.23
C ASN I 141 -25.71 -66.04 -17.25
N GLN I 142 -25.94 -64.72 -17.22
CA GLN I 142 -25.29 -63.81 -18.16
C GLN I 142 -24.92 -62.53 -17.44
N VAL I 143 -23.94 -61.83 -17.99
CA VAL I 143 -23.50 -60.54 -17.48
C VAL I 143 -23.29 -59.59 -18.64
N ILE I 144 -23.42 -58.30 -18.35
CA ILE I 144 -23.15 -57.23 -19.31
C ILE I 144 -22.00 -56.40 -18.78
N ARG I 145 -20.96 -56.26 -19.59
CA ARG I 145 -19.80 -55.47 -19.21
C ARG I 145 -19.50 -54.40 -20.26
N ARG I 146 -18.70 -53.43 -19.85
CA ARG I 146 -18.29 -52.32 -20.69
C ARG I 146 -16.80 -52.44 -20.98
N GLU I 147 -16.44 -52.40 -22.26
CA GLU I 147 -15.09 -52.59 -22.73
C GLU I 147 -14.55 -51.30 -23.36
N PRO I 148 -13.25 -51.07 -23.31
CA PRO I 148 -12.68 -49.85 -23.87
C PRO I 148 -12.35 -49.99 -25.35
N ILE I 149 -12.28 -48.85 -26.02
CA ILE I 149 -11.81 -48.76 -27.40
C ILE I 149 -10.71 -47.71 -27.42
N HIS I 150 -9.49 -48.12 -27.71
CA HIS I 150 -8.36 -47.22 -27.77
C HIS I 150 -8.25 -46.61 -29.16
N SER I 151 -7.98 -45.31 -29.21
CA SER I 151 -7.90 -44.56 -30.46
C SER I 151 -9.19 -44.72 -31.27
N ALA I 152 -10.29 -44.27 -30.68
CA ALA I 152 -11.60 -44.38 -31.32
C ALA I 152 -11.72 -43.51 -32.56
N CYS I 153 -10.81 -42.58 -32.78
CA CYS I 153 -10.85 -41.76 -33.98
C CYS I 153 -10.66 -42.60 -35.24
N SER I 154 -9.75 -43.57 -35.19
CA SER I 154 -9.41 -44.38 -36.36
C SER I 154 -9.92 -45.81 -36.27
N HIS I 155 -10.40 -46.26 -35.12
CA HIS I 155 -10.81 -47.64 -34.95
C HIS I 155 -12.32 -47.84 -35.00
N VAL I 156 -13.10 -46.79 -34.79
CA VAL I 156 -14.55 -46.84 -34.89
C VAL I 156 -14.98 -45.92 -36.02
N ILE I 157 -15.62 -46.47 -37.04
CA ILE I 157 -16.06 -45.73 -38.21
C ILE I 157 -17.57 -45.80 -38.26
N TRP I 158 -18.23 -44.65 -38.15
CA TRP I 158 -19.66 -44.56 -38.05
C TRP I 158 -20.29 -44.34 -39.43
N ASP I 159 -21.61 -44.52 -39.49
CA ASP I 159 -22.35 -44.19 -40.69
C ASP I 159 -22.21 -42.70 -40.98
N SER I 160 -21.87 -42.37 -42.23
CA SER I 160 -21.65 -40.98 -42.59
C SER I 160 -22.95 -40.18 -42.61
N ASN I 161 -24.09 -40.85 -42.75
CA ASN I 161 -25.38 -40.17 -42.74
C ASN I 161 -25.99 -40.19 -41.34
N SER I 162 -25.23 -39.63 -40.39
CA SER I 162 -25.66 -39.52 -39.00
C SER I 162 -25.34 -38.12 -38.51
N LYS I 163 -26.35 -37.39 -38.07
CA LYS I 163 -26.22 -36.00 -37.66
C LYS I 163 -26.54 -35.82 -36.19
N LEU I 164 -26.19 -36.80 -35.37
CA LEU I 164 -26.43 -36.75 -33.93
C LEU I 164 -25.12 -36.98 -33.20
N MET I 165 -24.97 -36.29 -32.06
CA MET I 165 -23.72 -36.36 -31.32
C MET I 165 -23.46 -37.76 -30.77
N ASP I 166 -24.52 -38.44 -30.31
CA ASP I 166 -24.38 -39.80 -29.81
C ASP I 166 -24.54 -40.85 -30.90
N LYS I 167 -24.77 -40.43 -32.15
CA LYS I 167 -24.88 -41.35 -33.29
C LYS I 167 -25.99 -42.38 -33.07
N SER I 168 -27.11 -41.94 -32.49
CA SER I 168 -28.26 -42.82 -32.35
C SER I 168 -29.02 -43.00 -33.66
N ASP I 169 -28.82 -42.11 -34.62
CA ASP I 169 -29.43 -42.24 -35.94
C ASP I 169 -28.57 -43.02 -36.91
N ALA I 170 -27.34 -43.39 -36.51
CA ALA I 170 -26.50 -44.19 -37.37
C ALA I 170 -27.08 -45.58 -37.53
N ARG I 171 -27.04 -46.10 -38.77
CA ARG I 171 -27.62 -47.38 -39.09
C ARG I 171 -26.59 -48.49 -39.22
N HIS I 172 -25.31 -48.16 -39.23
CA HIS I 172 -24.25 -49.17 -39.23
C HIS I 172 -22.98 -48.55 -38.66
N CYS I 173 -22.09 -49.42 -38.20
CA CYS I 173 -20.83 -48.97 -37.61
C CYS I 173 -19.82 -50.11 -37.71
N THR I 174 -18.59 -49.76 -38.11
CA THR I 174 -17.54 -50.75 -38.25
C THR I 174 -16.43 -50.47 -37.24
N VAL I 175 -16.09 -51.48 -36.45
CA VAL I 175 -15.03 -51.40 -35.45
C VAL I 175 -13.87 -52.24 -35.94
N ILE I 176 -12.69 -51.63 -36.04
CA ILE I 176 -11.48 -52.29 -36.51
C ILE I 176 -10.70 -52.79 -35.31
N HIS I 177 -10.39 -54.08 -35.31
CA HIS I 177 -9.63 -54.72 -34.24
C HIS I 177 -8.25 -55.07 -34.76
N SER I 178 -7.23 -54.51 -34.12
CA SER I 178 -5.84 -54.86 -34.36
C SER I 178 -5.33 -55.65 -33.17
N MET I 179 -4.73 -56.81 -33.44
CA MET I 179 -4.38 -57.72 -32.36
C MET I 179 -3.13 -58.51 -32.72
N SER I 180 -2.49 -59.06 -31.68
CA SER I 180 -1.27 -59.82 -31.86
C SER I 180 -1.58 -61.20 -32.41
N GLN I 181 -0.52 -61.94 -32.75
CA GLN I 181 -0.68 -63.28 -33.32
C GLN I 181 -1.42 -64.20 -32.37
N ASN I 182 -0.97 -64.29 -31.13
CA ASN I 182 -1.65 -65.13 -30.15
C ASN I 182 -3.01 -64.54 -29.79
N GLY I 183 -3.12 -63.22 -29.79
CA GLY I 183 -4.44 -62.60 -29.66
C GLY I 183 -5.37 -62.99 -30.78
N TRP I 184 -4.86 -63.04 -32.01
CA TRP I 184 -5.67 -63.51 -33.14
C TRP I 184 -6.07 -64.96 -32.95
N GLU I 185 -5.14 -65.80 -32.43
CA GLU I 185 -5.48 -67.20 -32.21
C GLU I 185 -6.61 -67.34 -31.20
N ASP I 186 -6.57 -66.59 -30.10
CA ASP I 186 -7.66 -66.66 -29.13
C ASP I 186 -8.94 -66.06 -29.67
N PHE I 187 -8.85 -65.02 -30.50
CA PHE I 187 -10.05 -64.49 -31.16
C PHE I 187 -10.71 -65.55 -32.03
N ALA I 188 -9.90 -66.28 -32.81
CA ALA I 188 -10.44 -67.33 -33.66
C ALA I 188 -11.03 -68.46 -32.82
N GLU I 189 -10.38 -68.81 -31.71
CA GLU I 189 -10.94 -69.83 -30.82
C GLU I 189 -12.27 -69.38 -30.24
N LYS I 190 -12.38 -68.10 -29.87
CA LYS I 190 -13.60 -67.61 -29.25
C LYS I 190 -14.75 -67.55 -30.24
N TYR I 191 -14.49 -67.08 -31.46
CA TYR I 191 -15.53 -66.90 -32.47
C TYR I 191 -15.61 -68.05 -33.46
N ASP I 192 -14.91 -69.15 -33.19
CA ASP I 192 -14.96 -70.34 -34.06
C ASP I 192 -14.55 -70.03 -35.49
N LEU I 193 -13.53 -69.19 -35.64
CA LEU I 193 -12.98 -68.88 -36.95
C LEU I 193 -11.83 -69.83 -37.26
N ASP I 194 -11.25 -69.67 -38.45
CA ASP I 194 -10.11 -70.49 -38.87
C ASP I 194 -8.83 -69.74 -38.50
N ALA I 195 -8.07 -70.30 -37.57
CA ALA I 195 -6.86 -69.63 -37.10
C ALA I 195 -5.76 -69.64 -38.14
N ASP I 196 -5.74 -70.65 -39.02
CA ASP I 196 -4.68 -70.74 -40.02
C ASP I 196 -4.79 -69.63 -41.06
N ASP I 197 -6.01 -69.23 -41.42
CA ASP I 197 -6.23 -68.19 -42.42
C ASP I 197 -6.13 -66.83 -41.73
N ILE I 198 -4.96 -66.22 -41.81
CA ILE I 198 -4.74 -64.92 -41.15
C ILE I 198 -5.59 -63.86 -41.85
N PRO I 199 -6.37 -63.07 -41.12
CA PRO I 199 -7.22 -62.06 -41.76
C PRO I 199 -6.45 -60.77 -42.00
N SER I 200 -7.11 -59.86 -42.71
CA SER I 200 -6.55 -58.55 -43.01
C SER I 200 -7.68 -57.56 -43.23
N PHE I 201 -7.39 -56.29 -42.97
CA PHE I 201 -8.37 -55.23 -43.14
C PHE I 201 -7.61 -53.92 -43.28
N GLN I 202 -8.36 -52.83 -43.48
CA GLN I 202 -7.75 -51.52 -43.60
C GLN I 202 -7.01 -51.16 -42.33
N ASN I 203 -5.71 -50.91 -42.46
CA ASN I 203 -4.89 -50.59 -41.31
C ASN I 203 -5.15 -49.17 -40.86
N PRO I 204 -5.64 -48.95 -39.63
CA PRO I 204 -5.92 -47.58 -39.19
C PRO I 204 -4.70 -46.83 -38.69
N ASN I 205 -3.63 -47.54 -38.31
CA ASN I 205 -2.44 -46.91 -37.76
C ASN I 205 -1.50 -46.46 -38.88
N ASP I 206 -0.51 -45.67 -38.50
CA ASP I 206 0.53 -45.21 -39.42
C ASP I 206 1.89 -45.45 -38.76
N TRP I 207 2.80 -46.07 -39.51
CA TRP I 207 4.16 -46.33 -39.02
C TRP I 207 4.95 -45.04 -39.13
N VAL I 208 4.87 -44.21 -38.09
CA VAL I 208 5.51 -42.90 -38.08
C VAL I 208 6.65 -42.85 -37.05
N PHE I 209 6.43 -43.40 -35.86
CA PHE I 209 7.48 -43.46 -34.87
C PHE I 209 8.43 -44.62 -35.18
N PRO I 210 9.71 -44.50 -34.81
CA PRO I 210 10.64 -45.62 -35.04
C PRO I 210 10.38 -46.80 -34.12
N TRP I 211 9.16 -47.33 -34.14
CA TRP I 211 8.83 -48.51 -33.36
C TRP I 211 9.47 -49.73 -34.01
N LEU I 212 10.08 -50.59 -33.21
CA LEU I 212 10.79 -51.75 -33.75
C LEU I 212 9.83 -52.70 -34.47
N THR I 213 8.69 -52.99 -33.84
CA THR I 213 7.71 -53.91 -34.40
C THR I 213 6.31 -53.39 -34.14
N GLN I 214 5.54 -53.20 -35.20
CA GLN I 214 4.12 -52.89 -35.10
C GLN I 214 3.29 -54.05 -35.64
N ASP I 215 3.75 -55.28 -35.39
CA ASP I 215 3.12 -56.48 -35.93
C ASP I 215 1.69 -56.61 -35.42
N THR I 216 0.72 -56.41 -36.31
CA THR I 216 -0.69 -56.45 -35.94
C THR I 216 -1.49 -57.16 -37.02
N ILE I 217 -2.59 -57.78 -36.60
CA ILE I 217 -3.53 -58.45 -37.48
C ILE I 217 -4.86 -57.73 -37.35
N GLN I 218 -5.47 -57.38 -38.48
CA GLN I 218 -6.65 -56.53 -38.52
C GLN I 218 -7.88 -57.33 -38.95
N ILE I 219 -8.96 -57.17 -38.20
CA ILE I 219 -10.27 -57.72 -38.54
C ILE I 219 -11.30 -56.61 -38.30
N ALA I 220 -12.52 -56.81 -38.80
CA ALA I 220 -13.55 -55.81 -38.61
C ALA I 220 -14.83 -56.44 -38.11
N GLU I 221 -15.54 -55.70 -37.26
CA GLU I 221 -16.89 -56.06 -36.82
C GLU I 221 -17.85 -55.00 -37.33
N PHE I 222 -18.83 -55.43 -38.12
CA PHE I 222 -19.79 -54.55 -38.77
C PHE I 222 -21.14 -54.75 -38.09
N TYR I 223 -21.60 -53.73 -37.38
CA TYR I 223 -22.91 -53.73 -36.75
C TYR I 223 -23.90 -52.98 -37.62
N GLU I 224 -25.10 -53.52 -37.74
CA GLU I 224 -26.17 -52.86 -38.48
C GLU I 224 -27.48 -53.01 -37.74
N VAL I 225 -28.30 -51.96 -37.78
CA VAL I 225 -29.61 -51.93 -37.13
C VAL I 225 -30.68 -51.99 -38.21
N VAL I 226 -31.62 -52.91 -38.05
CA VAL I 226 -32.74 -53.06 -38.98
C VAL I 226 -34.02 -52.86 -38.20
N GLU I 227 -34.82 -51.88 -38.61
CA GLU I 227 -36.10 -51.58 -37.97
C GLU I 227 -37.21 -52.16 -38.83
N LYS I 228 -37.97 -53.10 -38.27
CA LYS I 228 -39.00 -53.78 -39.04
C LYS I 228 -40.15 -54.18 -38.12
N LYS I 229 -41.30 -54.45 -38.72
CA LYS I 229 -42.46 -54.94 -38.00
C LYS I 229 -42.41 -56.46 -37.94
N GLU I 230 -42.39 -57.01 -36.73
CA GLU I 230 -42.37 -58.45 -36.55
C GLU I 230 -43.58 -58.89 -35.74
N THR I 231 -43.92 -60.17 -35.88
CA THR I 231 -45.08 -60.75 -35.22
C THR I 231 -44.83 -60.87 -33.72
N ALA I 232 -45.87 -60.60 -32.93
CA ALA I 232 -45.84 -60.82 -31.49
C ALA I 232 -47.16 -61.45 -31.09
N PHE I 233 -47.12 -62.23 -30.01
CA PHE I 233 -48.28 -62.98 -29.52
C PHE I 233 -48.74 -62.39 -28.20
N ILE I 234 -50.05 -62.16 -28.08
CA ILE I 234 -50.66 -61.70 -26.84
C ILE I 234 -51.35 -62.92 -26.22
N TYR I 235 -50.80 -63.40 -25.11
CA TYR I 235 -51.28 -64.57 -24.40
C TYR I 235 -52.21 -64.14 -23.28
N GLN I 236 -52.55 -65.09 -22.40
CA GLN I 236 -53.27 -64.80 -21.16
C GLN I 236 -52.45 -65.38 -20.02
N ASP I 237 -51.95 -64.51 -19.15
CA ASP I 237 -51.14 -64.95 -18.02
C ASP I 237 -51.99 -65.78 -17.09
N PRO I 238 -51.59 -67.03 -16.76
CA PRO I 238 -52.39 -67.83 -15.83
C PRO I 238 -52.54 -67.20 -14.46
N VAL I 239 -51.58 -66.36 -14.04
CA VAL I 239 -51.70 -65.66 -12.76
C VAL I 239 -52.71 -64.52 -12.87
N THR I 240 -52.41 -63.53 -13.70
CA THR I 240 -53.28 -62.39 -13.91
C THR I 240 -52.79 -61.58 -15.10
N GLY I 241 -53.73 -60.99 -15.84
CA GLY I 241 -53.41 -60.10 -16.92
C GLY I 241 -53.05 -60.84 -18.20
N GLU I 242 -52.60 -60.06 -19.19
CA GLU I 242 -52.21 -60.63 -20.47
C GLU I 242 -50.85 -60.05 -20.88
N PRO I 243 -49.90 -60.90 -21.33
CA PRO I 243 -48.63 -60.41 -21.77
C PRO I 243 -48.42 -60.44 -23.29
N VAL I 244 -47.43 -59.71 -23.76
CA VAL I 244 -47.07 -59.66 -25.18
C VAL I 244 -45.63 -60.15 -25.32
N SER I 245 -45.44 -61.20 -26.09
CA SER I 245 -44.12 -61.79 -26.28
C SER I 245 -43.80 -61.86 -27.77
N TYR I 246 -42.57 -61.46 -28.12
CA TYR I 246 -42.17 -61.46 -29.52
C TYR I 246 -42.09 -62.88 -30.05
N PHE I 247 -42.59 -63.08 -31.28
CA PHE I 247 -42.64 -64.41 -31.86
C PHE I 247 -41.24 -64.96 -32.10
N LYS I 248 -40.29 -64.10 -32.48
CA LYS I 248 -38.94 -64.56 -32.78
C LYS I 248 -38.24 -65.07 -31.54
N ARG I 249 -38.51 -64.49 -30.37
CA ARG I 249 -37.81 -64.88 -29.15
C ARG I 249 -38.17 -66.30 -28.73
N ASP I 250 -39.43 -66.69 -28.88
CA ASP I 250 -39.90 -68.03 -28.53
C ASP I 250 -40.42 -68.75 -29.77
N ILE I 251 -39.67 -68.65 -30.87
CA ILE I 251 -40.15 -69.15 -32.15
C ILE I 251 -40.29 -70.67 -32.14
N LYS I 252 -39.29 -71.37 -31.61
CA LYS I 252 -39.29 -72.82 -31.67
C LYS I 252 -38.98 -73.43 -30.31
N ASP I 253 -38.26 -72.69 -29.47
CA ASP I 253 -37.78 -73.24 -28.21
C ASP I 253 -38.95 -73.63 -27.30
N VAL I 254 -39.87 -72.68 -27.06
CA VAL I 254 -40.92 -72.89 -26.07
C VAL I 254 -42.28 -72.55 -26.65
N ILE I 255 -42.37 -72.44 -27.98
CA ILE I 255 -43.62 -72.02 -28.62
C ILE I 255 -44.75 -72.98 -28.27
N ASP I 256 -44.44 -74.24 -27.98
CA ASP I 256 -45.43 -75.19 -27.49
C ASP I 256 -45.43 -75.34 -25.98
N ASP I 257 -44.40 -74.84 -25.28
CA ASP I 257 -44.36 -74.94 -23.83
C ASP I 257 -45.29 -73.94 -23.15
N LEU I 258 -45.66 -72.84 -23.81
CA LEU I 258 -46.64 -71.93 -23.23
C LEU I 258 -47.98 -72.63 -23.02
N ALA I 259 -48.40 -73.44 -23.99
CA ALA I 259 -49.66 -74.16 -23.85
C ALA I 259 -49.60 -75.15 -22.69
N ASP I 260 -48.48 -75.87 -22.55
CA ASP I 260 -48.34 -76.82 -21.46
C ASP I 260 -48.32 -76.10 -20.11
N SER I 261 -47.67 -74.95 -20.03
CA SER I 261 -47.56 -74.21 -18.78
C SER I 261 -48.84 -73.48 -18.40
N GLY I 262 -49.84 -73.47 -19.27
CA GLY I 262 -51.09 -72.79 -18.99
C GLY I 262 -51.29 -71.46 -19.68
N PHE I 263 -50.38 -71.08 -20.58
CA PHE I 263 -50.53 -69.85 -21.35
C PHE I 263 -51.38 -70.13 -22.58
N ILE I 264 -52.51 -69.42 -22.70
CA ILE I 264 -53.43 -69.57 -23.81
C ILE I 264 -53.29 -68.36 -24.72
N LYS I 265 -53.19 -68.61 -26.02
CA LYS I 265 -53.04 -67.52 -26.97
C LYS I 265 -54.36 -66.78 -27.14
N ILE I 266 -54.31 -65.45 -27.02
CA ILE I 266 -55.48 -64.60 -27.19
C ILE I 266 -55.46 -63.88 -28.53
N ALA I 267 -54.33 -63.30 -28.91
CA ALA I 267 -54.28 -62.51 -30.13
C ALA I 267 -52.87 -62.51 -30.70
N GLU I 268 -52.73 -61.91 -31.88
CA GLU I 268 -51.45 -61.84 -32.57
C GLU I 268 -51.37 -60.51 -33.29
N ARG I 269 -50.34 -59.72 -32.98
CA ARG I 269 -50.17 -58.39 -33.54
C ARG I 269 -48.85 -58.30 -34.28
N GLN I 270 -48.63 -57.16 -34.94
CA GLN I 270 -47.38 -56.86 -35.64
C GLN I 270 -46.82 -55.58 -35.07
N ILE I 271 -45.70 -55.68 -34.34
CA ILE I 271 -45.11 -54.55 -33.65
C ILE I 271 -43.75 -54.25 -34.26
N LYS I 272 -43.46 -52.96 -34.46
CA LYS I 272 -42.20 -52.54 -35.03
C LYS I 272 -41.12 -52.46 -33.96
N ARG I 273 -39.94 -52.96 -34.30
CA ARG I 273 -38.80 -52.94 -33.38
C ARG I 273 -37.52 -53.02 -34.19
N ARG I 274 -36.41 -52.72 -33.54
CA ARG I 274 -35.09 -52.73 -34.16
C ARG I 274 -34.30 -53.94 -33.68
N ARG I 275 -33.53 -54.52 -34.59
CA ARG I 275 -32.65 -55.64 -34.29
C ARG I 275 -31.25 -55.33 -34.79
N VAL I 276 -30.24 -55.79 -34.05
CA VAL I 276 -28.84 -55.48 -34.33
C VAL I 276 -28.14 -56.76 -34.77
N TYR I 277 -27.42 -56.68 -35.89
CA TYR I 277 -26.69 -57.81 -36.44
C TYR I 277 -25.22 -57.43 -36.55
N LYS I 278 -24.35 -58.34 -36.12
CA LYS I 278 -22.91 -58.18 -36.19
C LYS I 278 -22.32 -59.17 -37.18
N SER I 279 -21.36 -58.70 -37.97
CA SER I 279 -20.67 -59.53 -38.95
C SER I 279 -19.17 -59.37 -38.76
N ILE I 280 -18.45 -60.48 -38.74
CA ILE I 280 -16.99 -60.45 -38.68
C ILE I 280 -16.47 -60.53 -40.11
N ILE I 281 -15.75 -59.51 -40.54
CA ILE I 281 -15.34 -59.36 -41.93
C ILE I 281 -13.87 -59.05 -42.03
N THR I 282 -13.32 -59.37 -43.20
CA THR I 282 -11.96 -59.05 -43.61
C THR I 282 -12.03 -58.23 -44.90
N CYS I 283 -10.88 -57.98 -45.50
CA CYS I 283 -10.84 -57.23 -46.75
C CYS I 283 -11.24 -58.08 -47.96
N THR I 284 -11.40 -59.39 -47.79
CA THR I 284 -11.68 -60.26 -48.92
C THR I 284 -12.81 -61.26 -48.69
N ALA I 285 -13.27 -61.46 -47.46
CA ALA I 285 -14.31 -62.46 -47.20
C ALA I 285 -15.07 -62.09 -45.94
N VAL I 286 -16.22 -62.73 -45.77
CA VAL I 286 -17.08 -62.55 -44.61
C VAL I 286 -17.03 -63.85 -43.80
N LEU I 287 -16.56 -63.75 -42.56
CA LEU I 287 -16.44 -64.94 -41.72
C LEU I 287 -17.77 -65.27 -41.05
N LYS I 288 -18.34 -64.31 -40.31
CA LYS I 288 -19.66 -64.44 -39.73
C LYS I 288 -20.59 -63.44 -40.42
N ASP I 289 -21.78 -63.90 -40.78
CA ASP I 289 -22.60 -63.13 -41.73
C ASP I 289 -23.53 -62.14 -41.06
N LYS I 290 -24.48 -62.63 -40.26
CA LYS I 290 -25.51 -61.77 -39.67
C LYS I 290 -25.83 -62.20 -38.25
N GLN I 291 -24.79 -62.43 -37.44
CA GLN I 291 -25.00 -62.90 -36.08
C GLN I 291 -25.84 -61.90 -35.29
N LEU I 292 -27.06 -62.28 -34.92
CA LEU I 292 -27.94 -61.38 -34.20
C LEU I 292 -27.46 -61.21 -32.77
N ILE I 293 -27.38 -59.96 -32.31
CA ILE I 293 -26.94 -59.67 -30.95
C ILE I 293 -28.08 -59.00 -30.20
N ALA I 294 -27.95 -58.97 -28.87
CA ALA I 294 -28.98 -58.41 -28.03
C ALA I 294 -29.00 -56.89 -28.11
N GLY I 295 -30.17 -56.32 -27.88
CA GLY I 295 -30.35 -54.88 -27.87
C GLY I 295 -31.03 -54.37 -29.13
N GLU I 296 -31.55 -53.15 -29.02
CA GLU I 296 -32.13 -52.45 -30.16
C GLU I 296 -31.19 -51.41 -30.74
N HIS I 297 -29.99 -51.25 -30.18
CA HIS I 297 -29.07 -50.20 -30.56
C HIS I 297 -27.69 -50.80 -30.80
N ILE I 298 -26.89 -50.09 -31.58
CA ILE I 298 -25.48 -50.47 -31.73
C ILE I 298 -24.78 -50.29 -30.39
N PRO I 299 -24.04 -51.29 -29.90
CA PRO I 299 -23.50 -51.23 -28.54
C PRO I 299 -22.31 -50.32 -28.35
N ILE I 300 -22.01 -49.44 -29.29
CA ILE I 300 -20.85 -48.54 -29.19
C ILE I 300 -21.36 -47.16 -28.79
N VAL I 301 -20.78 -46.61 -27.73
CA VAL I 301 -21.15 -45.30 -27.21
C VAL I 301 -19.99 -44.35 -27.48
N PRO I 302 -20.19 -43.30 -28.27
CA PRO I 302 -19.14 -42.29 -28.49
C PRO I 302 -19.27 -41.08 -27.56
N VAL I 303 -18.13 -40.47 -27.30
CA VAL I 303 -18.02 -39.24 -26.53
C VAL I 303 -17.26 -38.23 -27.37
N PHE I 304 -17.78 -37.00 -27.43
CA PHE I 304 -17.21 -35.95 -28.26
C PHE I 304 -16.84 -34.74 -27.43
N GLY I 305 -15.92 -33.94 -27.95
CA GLY I 305 -15.55 -32.69 -27.32
C GLY I 305 -16.31 -31.54 -27.95
N GLU I 306 -15.62 -30.73 -28.77
CA GLU I 306 -16.28 -29.70 -29.57
C GLU I 306 -16.68 -30.33 -30.90
N TRP I 307 -17.98 -30.54 -31.11
CA TRP I 307 -18.48 -31.31 -32.22
C TRP I 307 -19.41 -30.46 -33.08
N GLY I 308 -19.35 -30.66 -34.39
CA GLY I 308 -20.25 -29.93 -35.27
C GLY I 308 -20.11 -30.39 -36.70
N PHE I 309 -20.83 -29.71 -37.58
CA PHE I 309 -20.77 -29.93 -39.02
C PHE I 309 -20.50 -28.60 -39.70
N VAL I 310 -19.55 -28.59 -40.64
CA VAL I 310 -19.21 -27.36 -41.34
C VAL I 310 -19.95 -27.31 -42.67
N GLU I 311 -19.64 -28.23 -43.58
CA GLU I 311 -20.37 -28.38 -44.84
C GLU I 311 -20.60 -29.87 -45.06
N ASP I 312 -21.67 -30.40 -44.46
CA ASP I 312 -21.94 -31.84 -44.43
C ASP I 312 -20.69 -32.64 -44.08
N LYS I 313 -19.81 -32.06 -43.26
CA LYS I 313 -18.55 -32.67 -42.88
C LYS I 313 -18.40 -32.55 -41.37
N GLU I 314 -18.44 -33.69 -40.68
CA GLU I 314 -18.34 -33.68 -39.23
C GLU I 314 -16.93 -33.29 -38.80
N VAL I 315 -16.84 -32.35 -37.86
CA VAL I 315 -15.58 -31.92 -37.29
C VAL I 315 -15.68 -31.99 -35.78
N TYR I 316 -14.71 -32.63 -35.15
CA TYR I 316 -14.60 -32.68 -33.69
C TYR I 316 -13.22 -32.25 -33.28
N GLU I 317 -13.14 -31.56 -32.16
CA GLU I 317 -11.89 -30.98 -31.67
C GLU I 317 -11.81 -31.13 -30.16
N GLY I 318 -10.58 -31.23 -29.66
CA GLY I 318 -10.35 -31.36 -28.24
C GLY I 318 -9.85 -30.06 -27.63
N VAL I 319 -8.65 -30.08 -27.07
CA VAL I 319 -8.06 -28.89 -26.47
C VAL I 319 -6.64 -28.71 -26.96
N VAL I 320 -6.13 -29.73 -27.66
CA VAL I 320 -4.73 -29.74 -28.06
C VAL I 320 -4.51 -29.11 -29.43
N ARG I 321 -5.51 -29.17 -30.32
CA ARG I 321 -5.29 -28.79 -31.72
C ARG I 321 -4.85 -27.33 -31.83
N LEU I 322 -5.63 -26.41 -31.24
CA LEU I 322 -5.35 -24.99 -31.43
C LEU I 322 -4.05 -24.56 -30.78
N THR I 323 -3.50 -25.35 -29.87
CA THR I 323 -2.22 -25.05 -29.25
C THR I 323 -1.05 -25.64 -29.99
N LYS I 324 -1.29 -26.39 -31.07
CA LYS I 324 -0.19 -27.06 -31.75
C LYS I 324 0.72 -26.07 -32.49
N ASP I 325 0.16 -25.00 -33.04
CA ASP I 325 0.97 -24.07 -33.83
C ASP I 325 1.92 -23.27 -32.94
N GLY I 326 1.42 -22.72 -31.84
CA GLY I 326 2.28 -21.94 -30.97
C GLY I 326 3.34 -22.78 -30.30
N GLN I 327 2.94 -23.95 -29.77
CA GLN I 327 3.89 -24.82 -29.09
C GLN I 327 5.01 -25.25 -30.03
N ARG I 328 4.65 -25.64 -31.26
CA ARG I 328 5.66 -26.02 -32.24
C ARG I 328 6.63 -24.88 -32.50
N LEU I 329 6.18 -23.62 -32.36
CA LEU I 329 7.10 -22.50 -32.45
C LEU I 329 7.98 -22.43 -31.21
N ARG I 330 7.38 -22.58 -30.03
CA ARG I 330 8.15 -22.47 -28.79
C ARG I 330 9.23 -23.55 -28.72
N ASN I 331 8.92 -24.75 -29.21
CA ASN I 331 9.92 -25.80 -29.29
C ASN I 331 11.05 -25.40 -30.23
N MET I 332 10.71 -24.78 -31.36
CA MET I 332 11.73 -24.44 -32.36
C MET I 332 12.65 -23.34 -31.85
N ILE I 333 12.07 -22.25 -31.34
CA ILE I 333 12.87 -21.11 -30.90
C ILE I 333 13.82 -21.54 -29.77
N MET I 334 13.28 -22.24 -28.77
CA MET I 334 14.12 -22.74 -27.70
C MET I 334 15.18 -23.69 -28.21
N SER I 335 14.92 -24.37 -29.32
CA SER I 335 15.95 -25.22 -29.92
C SER I 335 17.02 -24.39 -30.63
N PHE I 336 16.63 -23.26 -31.21
CA PHE I 336 17.62 -22.39 -31.85
C PHE I 336 18.53 -21.74 -30.80
N ASN I 337 17.95 -21.25 -29.72
CA ASN I 337 18.73 -20.56 -28.70
C ASN I 337 19.78 -21.48 -28.09
N ALA I 338 19.42 -22.76 -27.89
CA ALA I 338 20.41 -23.72 -27.40
C ALA I 338 21.59 -23.82 -28.36
N ASP I 339 21.32 -23.82 -29.67
CA ASP I 339 22.41 -23.83 -30.63
C ASP I 339 23.31 -22.62 -30.49
N ILE I 340 22.75 -21.49 -30.03
CA ILE I 340 23.57 -20.32 -29.77
C ILE I 340 24.49 -20.55 -28.58
N VAL I 341 24.00 -21.26 -27.56
CA VAL I 341 24.78 -21.41 -26.34
C VAL I 341 25.97 -22.33 -26.58
N ALA I 342 25.79 -23.41 -27.34
CA ALA I 342 26.84 -24.41 -27.51
C ALA I 342 27.80 -24.05 -28.64
N ARG I 343 27.28 -23.88 -29.86
CA ARG I 343 28.13 -23.66 -31.03
C ARG I 343 28.27 -22.16 -31.31
N THR I 344 29.06 -21.50 -30.46
CA THR I 344 29.37 -20.11 -30.68
C THR I 344 30.69 -19.82 -30.00
N PRO I 345 31.68 -19.27 -30.71
CA PRO I 345 32.93 -18.89 -30.06
C PRO I 345 32.69 -17.88 -28.95
N LYS I 346 33.42 -18.03 -27.86
CA LYS I 346 33.22 -17.20 -26.69
C LYS I 346 34.16 -16.00 -26.71
N LYS I 347 34.13 -15.22 -25.63
CA LYS I 347 34.86 -13.96 -25.56
C LYS I 347 36.33 -14.22 -25.21
N LYS I 348 37.21 -14.07 -26.18
CA LYS I 348 38.65 -14.17 -26.00
C LYS I 348 39.31 -13.06 -26.79
N PRO I 349 40.51 -12.63 -26.37
CA PRO I 349 41.17 -11.53 -27.07
C PRO I 349 41.62 -11.91 -28.47
N PHE I 350 41.72 -10.91 -29.33
CA PHE I 350 42.30 -11.05 -30.66
C PHE I 350 43.75 -10.59 -30.59
N PHE I 351 44.68 -11.48 -30.94
CA PHE I 351 46.10 -11.22 -30.84
C PHE I 351 46.77 -11.48 -32.18
N TRP I 352 47.71 -10.62 -32.54
CA TRP I 352 48.66 -10.99 -33.58
C TRP I 352 49.65 -11.99 -33.00
N PRO I 353 50.09 -12.96 -33.81
CA PRO I 353 51.07 -13.94 -33.28
C PRO I 353 52.35 -13.31 -32.78
N GLU I 354 52.78 -12.19 -33.36
CA GLU I 354 54.01 -11.54 -32.95
C GLU I 354 53.82 -10.69 -31.68
N GLN I 355 52.58 -10.37 -31.31
CA GLN I 355 52.35 -9.56 -30.12
C GLN I 355 52.70 -10.35 -28.85
N ILE I 356 52.42 -11.65 -28.85
CA ILE I 356 52.59 -12.47 -27.66
C ILE I 356 53.64 -13.56 -27.89
N ALA I 357 54.56 -13.35 -28.82
CA ALA I 357 55.60 -14.33 -29.11
C ALA I 357 56.55 -14.45 -27.93
N GLY I 358 56.65 -15.64 -27.35
CA GLY I 358 57.46 -15.88 -26.18
C GLY I 358 56.75 -15.70 -24.87
N PHE I 359 55.55 -15.12 -24.88
CA PHE I 359 54.74 -14.93 -23.68
C PHE I 359 53.46 -15.77 -23.71
N GLU I 360 53.42 -16.80 -24.56
CA GLU I 360 52.17 -17.54 -24.76
C GLU I 360 51.71 -18.26 -23.50
N HIS I 361 52.65 -18.66 -22.64
CA HIS I 361 52.27 -19.31 -21.40
C HIS I 361 51.65 -18.36 -20.39
N MET I 362 51.71 -17.05 -20.64
CA MET I 362 51.10 -16.08 -19.75
C MET I 362 49.60 -15.92 -19.97
N TYR I 363 49.07 -16.42 -21.08
CA TYR I 363 47.67 -16.22 -21.44
C TYR I 363 46.87 -17.51 -21.46
N ASP I 364 47.46 -18.63 -21.05
CA ASP I 364 46.78 -19.92 -21.12
C ASP I 364 45.69 -20.07 -20.06
N GLY I 365 45.63 -19.19 -19.08
CA GLY I 365 44.62 -19.25 -18.04
C GLY I 365 45.15 -19.46 -16.64
N ASN I 366 46.45 -19.63 -16.44
CA ASN I 366 46.99 -19.79 -15.10
C ASN I 366 47.00 -18.45 -14.37
N ASP I 367 47.27 -18.51 -13.07
CA ASP I 367 47.32 -17.33 -12.22
C ASP I 367 48.64 -17.25 -11.48
N ASP I 368 49.75 -17.51 -12.18
CA ASP I 368 51.07 -17.49 -11.58
C ASP I 368 51.83 -16.21 -11.89
N TYR I 369 51.21 -15.24 -12.55
CA TYR I 369 51.89 -14.02 -12.93
C TYR I 369 51.10 -12.81 -12.46
N PRO I 370 51.77 -11.69 -12.18
CA PRO I 370 51.05 -10.49 -11.73
C PRO I 370 50.47 -9.66 -12.87
N TYR I 371 50.87 -9.91 -14.12
CA TYR I 371 50.42 -9.12 -15.25
C TYR I 371 50.64 -9.92 -16.52
N TYR I 372 50.39 -9.30 -17.66
CA TYR I 372 50.67 -9.87 -18.96
C TYR I 372 51.67 -9.00 -19.71
N LEU I 373 52.65 -9.65 -20.34
CA LEU I 373 53.67 -8.96 -21.10
C LEU I 373 53.37 -9.08 -22.59
N LEU I 374 53.67 -8.02 -23.33
CA LEU I 374 53.45 -7.98 -24.77
C LEU I 374 54.73 -7.57 -25.47
N ASN I 375 54.98 -8.16 -26.63
CA ASN I 375 56.10 -7.74 -27.46
C ASN I 375 55.83 -6.34 -28.01
N ARG I 376 56.90 -5.56 -28.16
CA ARG I 376 56.76 -4.17 -28.55
C ARG I 376 57.48 -3.82 -29.83
N THR I 377 58.66 -4.38 -30.06
CA THR I 377 59.53 -3.99 -31.17
C THR I 377 59.51 -5.03 -32.28
N ASP I 378 59.63 -4.54 -33.51
CA ASP I 378 59.80 -5.38 -34.69
C ASP I 378 61.08 -4.97 -35.41
N GLU I 379 61.85 -5.95 -35.86
CA GLU I 379 63.16 -5.64 -36.44
C GLU I 379 63.04 -5.00 -37.82
N ASN I 380 61.89 -5.11 -38.47
CA ASN I 380 61.68 -4.50 -39.78
C ASN I 380 60.85 -3.23 -39.71
N SER I 381 59.78 -3.22 -38.94
CA SER I 381 58.91 -2.06 -38.83
C SER I 381 59.29 -1.15 -37.67
N GLY I 382 60.38 -1.44 -36.97
CA GLY I 382 60.79 -0.62 -35.85
C GLY I 382 59.97 -0.86 -34.60
N ASP I 383 58.68 -0.54 -34.65
CA ASP I 383 57.76 -0.71 -33.54
C ASP I 383 56.48 -1.37 -34.02
N LEU I 384 55.89 -2.18 -33.15
CA LEU I 384 54.65 -2.84 -33.50
C LEU I 384 53.51 -1.82 -33.54
N PRO I 385 52.60 -1.93 -34.51
CA PRO I 385 51.50 -0.96 -34.60
C PRO I 385 50.61 -1.01 -33.37
N THR I 386 50.01 0.13 -33.06
CA THR I 386 49.15 0.29 -31.89
C THR I 386 47.69 0.13 -32.31
N GLN I 387 46.96 -0.71 -31.58
CA GLN I 387 45.56 -0.99 -31.86
C GLN I 387 44.91 -1.51 -30.58
N PRO I 388 43.82 -0.89 -30.12
CA PRO I 388 43.18 -1.37 -28.88
C PRO I 388 42.76 -2.83 -29.00
N LEU I 389 42.94 -3.58 -27.91
CA LEU I 389 42.65 -5.00 -27.93
C LEU I 389 41.18 -5.25 -28.23
N ALA I 390 40.93 -6.19 -29.13
CA ALA I 390 39.58 -6.54 -29.56
C ALA I 390 39.21 -7.90 -28.99
N TYR I 391 38.02 -8.00 -28.41
CA TYR I 391 37.53 -9.23 -27.82
C TYR I 391 36.33 -9.74 -28.61
N TYR I 392 36.27 -11.04 -28.82
CA TYR I 392 35.11 -11.64 -29.47
C TYR I 392 33.86 -11.36 -28.67
N GLU I 393 32.79 -10.95 -29.35
CA GLU I 393 31.56 -10.58 -28.67
C GLU I 393 30.92 -11.79 -28.00
N ASN I 394 30.34 -11.56 -26.82
CA ASN I 394 29.66 -12.62 -26.11
C ASN I 394 28.43 -13.08 -26.89
N PRO I 395 28.11 -14.37 -26.82
CA PRO I 395 26.86 -14.84 -27.45
C PRO I 395 25.65 -14.14 -26.85
N GLU I 396 24.69 -13.82 -27.71
CA GLU I 396 23.49 -13.11 -27.30
C GLU I 396 22.28 -13.70 -27.98
N VAL I 397 21.19 -13.83 -27.24
CA VAL I 397 19.92 -14.25 -27.82
C VAL I 397 19.30 -13.05 -28.52
N PRO I 398 18.94 -13.17 -29.80
CA PRO I 398 18.39 -12.02 -30.53
C PRO I 398 17.08 -11.56 -29.92
N GLN I 399 16.79 -10.26 -30.09
CA GLN I 399 15.52 -9.72 -29.61
C GLN I 399 14.35 -10.42 -30.28
N ALA I 400 14.50 -10.81 -31.55
CA ALA I 400 13.44 -11.52 -32.25
C ALA I 400 13.15 -12.86 -31.59
N ASN I 401 14.19 -13.60 -31.21
CA ASN I 401 13.99 -14.91 -30.60
C ASN I 401 13.27 -14.80 -29.27
N ALA I 402 13.71 -13.88 -28.41
CA ALA I 402 13.06 -13.71 -27.11
C ALA I 402 11.61 -13.23 -27.28
N TYR I 403 11.40 -12.26 -28.16
CA TYR I 403 10.05 -11.75 -28.39
C TYR I 403 9.13 -12.84 -28.89
N MET I 404 9.60 -13.66 -29.83
CA MET I 404 8.75 -14.71 -30.39
C MET I 404 8.53 -15.85 -29.39
N LEU I 405 9.53 -16.16 -28.58
CA LEU I 405 9.30 -17.17 -27.55
C LEU I 405 8.23 -16.71 -26.57
N GLU I 406 8.32 -15.45 -26.11
CA GLU I 406 7.30 -14.93 -25.20
C GLU I 406 5.94 -14.89 -25.88
N ALA I 407 5.87 -14.45 -27.12
CA ALA I 407 4.60 -14.35 -27.82
C ALA I 407 3.96 -15.72 -28.03
N ALA I 408 4.75 -16.71 -28.44
CA ALA I 408 4.22 -18.05 -28.64
C ALA I 408 3.74 -18.66 -27.33
N THR I 409 4.51 -18.48 -26.25
CA THR I 409 4.09 -19.01 -24.96
C THR I 409 2.80 -18.35 -24.50
N SER I 410 2.68 -17.03 -24.68
CA SER I 410 1.45 -16.35 -24.31
C SER I 410 0.27 -16.80 -25.15
N ALA I 411 0.50 -17.01 -26.45
CA ALA I 411 -0.58 -17.47 -27.33
C ALA I 411 -1.07 -18.85 -26.92
N VAL I 412 -0.15 -19.76 -26.60
CA VAL I 412 -0.57 -21.09 -26.17
C VAL I 412 -1.28 -21.01 -24.82
N LYS I 413 -0.80 -20.15 -23.92
CA LYS I 413 -1.46 -20.00 -22.63
C LYS I 413 -2.89 -19.51 -22.80
N GLU I 414 -3.09 -18.55 -23.71
CA GLU I 414 -4.43 -17.98 -23.89
C GLU I 414 -5.35 -18.94 -24.61
N VAL I 415 -4.85 -19.68 -25.61
CA VAL I 415 -5.71 -20.55 -26.40
C VAL I 415 -5.99 -21.89 -25.73
N ALA I 416 -5.15 -22.31 -24.78
CA ALA I 416 -5.34 -23.60 -24.12
C ALA I 416 -6.19 -23.47 -22.86
N THR I 417 -7.36 -22.83 -23.00
CA THR I 417 -8.32 -22.69 -21.91
C THR I 417 -9.66 -23.25 -22.40
N LEU I 418 -10.00 -24.45 -21.94
CA LEU I 418 -11.29 -25.04 -22.24
C LEU I 418 -12.39 -24.27 -21.53
N GLY I 419 -13.28 -23.65 -22.29
CA GLY I 419 -14.33 -22.85 -21.69
C GLY I 419 -13.74 -21.70 -20.90
N VAL I 420 -14.24 -21.53 -19.68
CA VAL I 420 -13.76 -20.46 -18.80
C VAL I 420 -12.80 -21.03 -17.77
N GLU I 445 -12.68 -24.59 -16.69
CA GLU I 445 -13.87 -25.36 -16.38
C GLU I 445 -14.25 -26.24 -17.56
N THR I 446 -14.75 -27.43 -17.27
CA THR I 446 -15.05 -28.45 -18.27
C THR I 446 -16.54 -28.76 -18.32
N TYR I 447 -17.39 -27.74 -18.17
CA TYR I 447 -18.83 -27.98 -18.10
C TYR I 447 -19.36 -28.59 -19.39
N VAL I 448 -18.91 -28.08 -20.53
CA VAL I 448 -19.41 -28.60 -21.81
C VAL I 448 -18.96 -30.04 -22.01
N PHE I 449 -17.71 -30.35 -21.64
CA PHE I 449 -17.22 -31.71 -21.76
C PHE I 449 -17.97 -32.66 -20.83
N GLN I 450 -18.26 -32.21 -19.61
CA GLN I 450 -19.06 -33.02 -18.70
C GLN I 450 -20.47 -33.23 -19.23
N ASP I 451 -21.05 -32.21 -19.87
CA ASP I 451 -22.38 -32.36 -20.47
C ASP I 451 -22.35 -33.37 -21.61
N ASN I 452 -21.31 -33.34 -22.43
CA ASN I 452 -21.18 -34.31 -23.50
C ASN I 452 -21.00 -35.72 -22.94
N LEU I 453 -20.24 -35.85 -21.86
CA LEU I 453 -20.09 -37.15 -21.20
C LEU I 453 -21.42 -37.62 -20.63
N ALA I 454 -22.22 -36.69 -20.10
CA ALA I 454 -23.54 -37.04 -19.60
C ALA I 454 -24.44 -37.54 -20.72
N THR I 455 -24.37 -36.90 -21.89
CA THR I 455 -25.10 -37.39 -23.05
C THR I 455 -24.66 -38.80 -23.42
N ALA I 456 -23.35 -39.04 -23.40
CA ALA I 456 -22.83 -40.38 -23.70
C ALA I 456 -23.34 -41.40 -22.70
N MET I 457 -23.37 -41.04 -21.42
CA MET I 457 -23.87 -41.98 -20.41
C MET I 457 -25.37 -42.21 -20.53
N ARG I 458 -26.12 -41.21 -20.99
CA ARG I 458 -27.54 -41.42 -21.25
C ARG I 458 -27.73 -42.42 -22.40
N ARG I 459 -26.93 -42.29 -23.46
CA ARG I 459 -26.99 -43.28 -24.54
C ARG I 459 -26.59 -44.66 -24.03
N ASP I 460 -25.58 -44.72 -23.16
CA ASP I 460 -25.17 -45.97 -22.54
C ASP I 460 -26.32 -46.60 -21.77
N GLY I 461 -27.06 -45.78 -21.00
CA GLY I 461 -28.19 -46.29 -20.26
C GLY I 461 -29.29 -46.83 -21.17
N GLU I 462 -29.54 -46.13 -22.27
CA GLU I 462 -30.52 -46.60 -23.25
C GLU I 462 -30.13 -47.97 -23.80
N ILE I 463 -28.87 -48.09 -24.25
CA ILE I 463 -28.40 -49.36 -24.80
C ILE I 463 -28.46 -50.47 -23.76
N TYR I 464 -28.07 -50.15 -22.53
CA TYR I 464 -28.07 -51.15 -21.46
C TYR I 464 -29.49 -51.62 -21.15
N GLN I 465 -30.45 -50.68 -21.13
CA GLN I 465 -31.83 -51.08 -20.89
C GLN I 465 -32.34 -51.99 -22.00
N SER I 466 -32.01 -51.68 -23.25
CA SER I 466 -32.42 -52.55 -24.35
C SER I 466 -31.82 -53.94 -24.20
N ILE I 467 -30.53 -54.02 -23.89
CA ILE I 467 -29.88 -55.32 -23.73
C ILE I 467 -30.50 -56.09 -22.57
N VAL I 468 -30.78 -55.41 -21.46
CA VAL I 468 -31.36 -56.05 -20.30
C VAL I 468 -32.72 -56.63 -20.64
N ASN I 469 -33.55 -55.87 -21.36
CA ASN I 469 -34.83 -56.40 -21.81
C ASN I 469 -34.65 -57.59 -22.74
N ASP I 470 -33.56 -57.60 -23.51
CA ASP I 470 -33.34 -58.70 -24.45
C ASP I 470 -32.93 -60.00 -23.74
N ILE I 471 -31.99 -59.93 -22.80
CA ILE I 471 -31.38 -61.16 -22.31
C ILE I 471 -31.64 -61.42 -20.83
N TYR I 472 -31.80 -60.36 -20.04
CA TYR I 472 -31.91 -60.54 -18.60
C TYR I 472 -33.33 -60.96 -18.20
N ASP I 473 -33.48 -61.32 -16.93
CA ASP I 473 -34.76 -61.72 -16.37
C ASP I 473 -35.31 -60.55 -15.57
N VAL I 474 -36.26 -59.82 -16.15
CA VAL I 474 -36.84 -58.63 -15.53
C VAL I 474 -38.15 -59.04 -14.86
N PRO I 475 -38.23 -59.04 -13.52
CA PRO I 475 -39.49 -59.39 -12.87
C PRO I 475 -40.53 -58.29 -13.05
N ARG I 476 -41.79 -58.71 -13.06
CA ARG I 476 -42.91 -57.78 -13.09
C ARG I 476 -43.48 -57.68 -11.68
N ASN I 477 -43.57 -56.45 -11.16
CA ASN I 477 -43.99 -56.23 -9.78
C ASN I 477 -45.51 -56.08 -9.75
N VAL I 478 -46.16 -56.96 -9.00
CA VAL I 478 -47.61 -56.92 -8.82
C VAL I 478 -47.92 -56.21 -7.52
N THR I 479 -49.10 -55.61 -7.45
CA THR I 479 -49.54 -54.85 -6.29
C THR I 479 -50.48 -55.62 -5.39
N ILE I 480 -50.70 -56.91 -5.65
CA ILE I 480 -51.58 -57.72 -4.84
C ILE I 480 -50.89 -58.09 -3.53
N LEU I 492 -44.85 -57.59 -4.75
CA LEU I 492 -44.32 -58.92 -5.05
C LEU I 492 -43.85 -59.01 -6.49
N MET I 493 -42.66 -59.57 -6.68
CA MET I 493 -42.08 -59.73 -8.01
C MET I 493 -42.37 -61.14 -8.51
N ALA I 494 -43.03 -61.22 -9.68
CA ALA I 494 -43.42 -62.50 -10.27
C ALA I 494 -42.55 -62.74 -11.50
N GLU I 495 -41.52 -63.58 -11.34
CA GLU I 495 -40.65 -63.94 -12.45
C GLU I 495 -41.27 -65.10 -13.20
N VAL I 496 -41.79 -64.83 -14.39
CA VAL I 496 -42.45 -65.85 -15.21
C VAL I 496 -41.50 -66.23 -16.33
N VAL I 497 -40.98 -67.46 -16.27
CA VAL I 497 -40.09 -68.00 -17.29
C VAL I 497 -40.41 -69.48 -17.46
N ASP I 498 -39.83 -70.07 -18.52
CA ASP I 498 -39.99 -71.49 -18.77
C ASP I 498 -38.78 -72.00 -19.53
N LEU I 499 -38.57 -73.32 -19.43
CA LEU I 499 -37.46 -73.99 -20.09
C LEU I 499 -37.97 -74.88 -21.21
N ALA I 500 -37.15 -75.01 -22.25
CA ALA I 500 -37.51 -75.83 -23.40
C ALA I 500 -37.15 -77.29 -23.14
N THR I 501 -37.37 -78.14 -24.14
CA THR I 501 -36.99 -79.55 -24.02
C THR I 501 -35.48 -79.73 -24.04
N GLY I 502 -34.73 -78.72 -24.48
CA GLY I 502 -33.28 -78.80 -24.50
C GLY I 502 -32.67 -78.23 -23.23
N GLU I 503 -33.48 -78.13 -22.17
CA GLU I 503 -33.11 -77.64 -20.84
C GLU I 503 -32.74 -76.16 -20.84
N LYS I 504 -32.84 -75.47 -21.96
CA LYS I 504 -32.51 -74.05 -22.01
C LYS I 504 -33.71 -73.22 -21.59
N GLN I 505 -33.51 -72.33 -20.63
CA GLN I 505 -34.56 -71.45 -20.15
C GLN I 505 -34.63 -70.21 -21.04
N VAL I 506 -35.84 -69.85 -21.46
CA VAL I 506 -36.06 -68.68 -22.30
C VAL I 506 -36.82 -67.64 -21.49
N LEU I 507 -36.25 -66.44 -21.41
CA LEU I 507 -36.87 -65.36 -20.66
C LEU I 507 -38.18 -64.92 -21.34
N ASN I 508 -39.15 -64.54 -20.50
CA ASN I 508 -40.45 -64.07 -20.97
C ASN I 508 -40.63 -62.65 -20.43
N ASP I 509 -40.38 -61.66 -21.27
CA ASP I 509 -40.48 -60.26 -20.89
C ASP I 509 -41.65 -59.62 -21.62
N ILE I 510 -42.59 -59.05 -20.85
CA ILE I 510 -43.74 -58.40 -21.44
C ILE I 510 -43.31 -57.10 -22.13
N ARG I 511 -44.20 -56.60 -23.00
CA ARG I 511 -43.94 -55.35 -23.72
C ARG I 511 -43.99 -54.13 -22.81
N GLY I 512 -44.53 -54.25 -21.60
CA GLY I 512 -44.49 -53.17 -20.64
C GLY I 512 -43.13 -53.07 -19.97
N ARG I 513 -42.09 -52.81 -20.77
CA ARG I 513 -40.71 -52.83 -20.30
C ARG I 513 -40.10 -51.45 -20.13
N TYR I 514 -40.47 -50.49 -20.97
CA TYR I 514 -39.91 -49.14 -20.90
C TYR I 514 -40.67 -48.30 -19.88
N GLU I 515 -40.60 -48.74 -18.62
CA GLU I 515 -41.28 -48.06 -17.53
C GLU I 515 -40.41 -47.03 -16.82
N CYS I 516 -39.13 -46.92 -17.18
CA CYS I 516 -38.24 -45.96 -16.56
C CYS I 516 -37.40 -45.29 -17.64
N TYR I 517 -37.09 -44.02 -17.41
CA TYR I 517 -36.26 -43.25 -18.32
C TYR I 517 -34.90 -42.98 -17.69
N THR I 518 -34.02 -42.40 -18.51
CA THR I 518 -32.60 -42.27 -18.19
C THR I 518 -32.26 -40.83 -17.82
N ASP I 519 -31.47 -40.67 -16.76
CA ASP I 519 -30.94 -39.40 -16.31
C ASP I 519 -29.48 -39.61 -15.94
N VAL I 520 -28.84 -38.54 -15.46
CA VAL I 520 -27.44 -38.58 -15.08
C VAL I 520 -27.32 -38.22 -13.62
N GLY I 521 -26.59 -39.04 -12.85
CA GLY I 521 -26.38 -38.79 -11.46
C GLY I 521 -25.00 -39.21 -11.00
N PRO I 522 -24.73 -39.07 -9.70
CA PRO I 522 -23.43 -39.49 -9.18
C PRO I 522 -23.23 -40.99 -9.30
N SER I 523 -21.96 -41.39 -9.41
CA SER I 523 -21.60 -42.79 -9.58
C SER I 523 -21.55 -43.46 -8.21
N PHE I 524 -22.34 -44.52 -8.04
CA PHE I 524 -22.40 -45.27 -6.80
C PHE I 524 -22.12 -46.74 -7.10
N GLN I 525 -21.43 -47.41 -6.17
CA GLN I 525 -21.04 -48.80 -6.36
C GLN I 525 -22.18 -49.77 -6.16
N SER I 526 -23.23 -49.38 -5.43
CA SER I 526 -24.34 -50.29 -5.15
C SER I 526 -25.55 -49.47 -4.75
N MET I 527 -26.69 -50.16 -4.63
CA MET I 527 -27.92 -49.50 -4.21
C MET I 527 -27.86 -49.02 -2.77
N LYS I 528 -27.14 -49.74 -1.91
CA LYS I 528 -27.03 -49.32 -0.52
C LYS I 528 -26.29 -47.98 -0.40
N GLN I 529 -25.23 -47.80 -1.19
CA GLN I 529 -24.53 -46.53 -1.20
C GLN I 529 -25.44 -45.41 -1.68
N GLN I 530 -26.24 -45.66 -2.72
CA GLN I 530 -27.15 -44.65 -3.23
C GLN I 530 -28.21 -44.28 -2.18
N ASN I 531 -28.75 -45.28 -1.49
CA ASN I 531 -29.72 -45.01 -0.44
C ASN I 531 -29.11 -44.20 0.69
N ARG I 532 -27.88 -44.54 1.07
CA ARG I 532 -27.19 -43.77 2.11
C ARG I 532 -26.99 -42.33 1.67
N ALA I 533 -26.60 -42.12 0.41
CA ALA I 533 -26.40 -40.77 -0.09
C ALA I 533 -27.71 -39.98 -0.10
N GLU I 534 -28.81 -40.63 -0.50
CA GLU I 534 -30.10 -39.95 -0.52
C GLU I 534 -30.55 -39.59 0.89
N ILE I 535 -30.36 -40.51 1.85
CA ILE I 535 -30.74 -40.22 3.23
C ILE I 535 -29.91 -39.07 3.78
N LEU I 536 -28.61 -39.06 3.49
CA LEU I 536 -27.76 -37.96 3.94
C LEU I 536 -28.17 -36.64 3.32
N GLU I 537 -28.52 -36.66 2.02
CA GLU I 537 -28.95 -35.44 1.36
C GLU I 537 -30.24 -34.90 1.96
N LEU I 538 -31.20 -35.80 2.25
CA LEU I 538 -32.43 -35.37 2.91
C LEU I 538 -32.16 -34.84 4.30
N LEU I 539 -31.21 -35.45 5.01
CA LEU I 539 -30.89 -35.02 6.36
C LEU I 539 -30.33 -33.59 6.38
N GLY I 540 -29.54 -33.24 5.37
CA GLY I 540 -28.92 -31.92 5.35
C GLY I 540 -29.90 -30.77 5.16
N LYS I 541 -31.13 -31.06 4.74
CA LYS I 541 -32.12 -30.01 4.53
C LYS I 541 -33.26 -30.02 5.53
N THR I 542 -33.43 -31.10 6.27
CA THR I 542 -34.54 -31.22 7.22
C THR I 542 -34.15 -30.62 8.57
N PRO I 543 -34.96 -29.72 9.12
CA PRO I 543 -34.63 -29.14 10.43
C PRO I 543 -34.79 -30.18 11.54
N GLN I 544 -34.21 -29.87 12.70
CA GLN I 544 -34.14 -30.83 13.79
C GLN I 544 -35.50 -31.05 14.44
N GLY I 545 -36.44 -31.63 13.71
CA GLY I 545 -37.73 -31.99 14.25
C GLY I 545 -37.90 -33.48 14.38
N THR I 546 -39.09 -33.99 14.09
CA THR I 546 -39.35 -35.43 14.10
C THR I 546 -38.83 -36.11 12.83
N PRO I 547 -39.05 -35.54 11.63
CA PRO I 547 -38.44 -36.17 10.44
C PRO I 547 -36.93 -36.26 10.50
N GLU I 548 -36.26 -35.33 11.20
CA GLU I 548 -34.82 -35.44 11.37
C GLU I 548 -34.46 -36.70 12.14
N TYR I 549 -35.18 -36.98 13.23
CA TYR I 549 -34.96 -38.23 13.95
C TYR I 549 -35.27 -39.43 13.09
N GLN I 550 -36.34 -39.35 12.30
CA GLN I 550 -36.71 -40.45 11.41
C GLN I 550 -35.58 -40.75 10.43
N LEU I 551 -35.02 -39.71 9.80
CA LEU I 551 -33.97 -39.90 8.82
C LEU I 551 -32.66 -40.33 9.46
N LEU I 552 -32.40 -39.89 10.70
CA LEU I 552 -31.21 -40.38 11.41
C LEU I 552 -31.31 -41.86 11.70
N LEU I 553 -32.49 -42.31 12.16
CA LEU I 553 -32.69 -43.74 12.38
C LEU I 553 -32.58 -44.51 11.07
N LEU I 554 -33.08 -43.92 9.98
CA LEU I 554 -32.96 -44.56 8.67
C LEU I 554 -31.52 -44.63 8.19
N GLN I 555 -30.70 -43.63 8.53
CA GLN I 555 -29.29 -43.68 8.18
C GLN I 555 -28.59 -44.78 8.97
N TYR I 556 -28.89 -44.89 10.26
CA TYR I 556 -28.36 -46.01 11.04
C TYR I 556 -28.89 -47.34 10.56
N PHE I 557 -30.05 -47.35 9.89
CA PHE I 557 -30.59 -48.56 9.30
C PHE I 557 -29.64 -49.20 8.30
N THR I 558 -29.16 -48.41 7.34
CA THR I 558 -28.47 -48.93 6.17
C THR I 558 -26.95 -48.87 6.30
N LEU I 559 -26.42 -49.06 7.49
CA LEU I 559 -24.98 -49.00 7.70
C LEU I 559 -24.35 -50.38 7.53
N LEU I 560 -23.10 -50.40 7.11
CA LEU I 560 -22.35 -51.63 6.96
C LEU I 560 -22.12 -52.28 8.33
N ASP I 561 -21.60 -53.50 8.31
CA ASP I 561 -21.64 -54.36 9.49
C ASP I 561 -20.25 -54.53 10.08
N GLY I 562 -20.14 -54.21 11.37
CA GLY I 562 -19.02 -54.59 12.20
C GLY I 562 -19.54 -55.29 13.43
N LYS I 563 -19.19 -54.81 14.61
CA LYS I 563 -19.75 -55.34 15.85
C LYS I 563 -20.54 -54.30 16.63
N GLY I 564 -19.97 -53.14 16.91
CA GLY I 564 -20.72 -52.09 17.57
C GLY I 564 -21.78 -51.47 16.67
N VAL I 565 -21.42 -51.20 15.41
CA VAL I 565 -22.38 -50.64 14.47
C VAL I 565 -23.53 -51.62 14.25
N GLU I 566 -23.28 -52.91 14.43
CA GLU I 566 -24.37 -53.88 14.44
C GLU I 566 -25.35 -53.60 15.57
N MET I 567 -24.83 -53.31 16.76
CA MET I 567 -25.70 -52.97 17.87
C MET I 567 -26.47 -51.68 17.60
N MET I 568 -25.80 -50.69 17.02
CA MET I 568 -26.47 -49.42 16.71
C MET I 568 -27.59 -49.62 15.71
N ARG I 569 -27.35 -50.43 14.68
CA ARG I 569 -28.37 -50.66 13.66
C ARG I 569 -29.51 -51.50 14.22
N ASP I 570 -29.23 -52.45 15.12
CA ASP I 570 -30.30 -53.19 15.77
C ASP I 570 -31.15 -52.27 16.63
N TYR I 571 -30.51 -51.33 17.34
CA TYR I 571 -31.26 -50.35 18.11
C TYR I 571 -32.14 -49.50 17.19
N ALA I 572 -31.61 -49.07 16.05
CA ALA I 572 -32.41 -48.30 15.10
C ALA I 572 -33.58 -49.12 14.57
N ASN I 573 -33.35 -50.40 14.29
CA ASN I 573 -34.42 -51.30 13.86
C ASN I 573 -35.53 -51.35 14.90
N LYS I 574 -35.16 -51.58 16.16
CA LYS I 574 -36.15 -51.66 17.22
C LYS I 574 -36.92 -50.35 17.36
N GLN I 575 -36.20 -49.22 17.29
CA GLN I 575 -36.87 -47.93 17.41
C GLN I 575 -37.85 -47.70 16.27
N LEU I 576 -37.46 -48.04 15.04
CA LEU I 576 -38.35 -47.81 13.90
C LEU I 576 -39.58 -48.72 13.96
N ILE I 577 -39.40 -49.98 14.35
CA ILE I 577 -40.55 -50.87 14.50
C ILE I 577 -41.48 -50.38 15.60
N GLN I 578 -40.91 -49.95 16.73
CA GLN I 578 -41.74 -49.61 17.89
C GLN I 578 -42.56 -48.34 17.68
N MET I 579 -42.19 -47.50 16.71
CA MET I 579 -42.96 -46.31 16.39
C MET I 579 -44.02 -46.55 15.32
N GLY I 580 -44.21 -47.80 14.90
CA GLY I 580 -45.22 -48.11 13.90
C GLY I 580 -44.89 -47.64 12.50
N VAL I 581 -43.63 -47.31 12.24
CA VAL I 581 -43.24 -46.76 10.94
C VAL I 581 -42.76 -47.86 10.01
N LYS I 582 -41.88 -48.73 10.48
CA LYS I 582 -41.51 -49.93 9.73
C LYS I 582 -42.57 -51.00 9.92
N LYS I 583 -42.91 -51.68 8.84
CA LYS I 583 -43.78 -52.84 8.93
C LYS I 583 -42.96 -54.05 9.35
N PRO I 584 -43.27 -54.70 10.47
CA PRO I 584 -42.49 -55.87 10.88
C PRO I 584 -42.62 -56.99 9.88
N GLU I 585 -41.51 -57.71 9.67
CA GLU I 585 -41.46 -58.84 8.76
C GLU I 585 -41.20 -60.14 9.50
N THR I 586 -40.14 -60.21 10.25
CA THR I 586 -39.61 -61.26 11.11
C THR I 586 -40.32 -61.23 12.47
N PRO I 587 -40.68 -62.39 13.02
CA PRO I 587 -41.48 -62.39 14.26
C PRO I 587 -40.85 -61.64 15.42
N GLU I 588 -39.51 -61.54 15.46
CA GLU I 588 -38.88 -60.71 16.47
C GLU I 588 -39.42 -59.29 16.45
N GLU I 589 -39.43 -58.68 15.27
CA GLU I 589 -40.06 -57.36 15.13
C GLU I 589 -41.55 -57.43 15.46
N GLN I 590 -42.18 -58.59 15.25
CA GLN I 590 -43.60 -58.71 15.55
C GLN I 590 -43.86 -58.51 17.04
N GLN I 591 -43.16 -59.25 17.92
CA GLN I 591 -43.51 -58.97 19.30
C GLN I 591 -42.81 -57.72 19.80
N TRP I 592 -41.80 -57.20 19.08
CA TRP I 592 -41.32 -55.86 19.39
C TRP I 592 -42.44 -54.85 19.28
N LEU I 593 -43.17 -54.89 18.17
CA LEU I 593 -44.35 -54.04 18.00
C LEU I 593 -45.41 -54.37 19.04
N VAL I 594 -45.52 -55.64 19.43
CA VAL I 594 -46.49 -56.03 20.45
C VAL I 594 -46.20 -55.34 21.78
N GLU I 595 -44.93 -55.40 22.23
CA GLU I 595 -44.56 -54.71 23.47
C GLU I 595 -44.70 -53.21 23.34
N ALA I 596 -44.40 -52.66 22.15
CA ALA I 596 -44.61 -51.23 21.95
C ALA I 596 -46.07 -50.85 22.14
N GLN I 597 -46.98 -51.64 21.58
CA GLN I 597 -48.41 -51.38 21.74
C GLN I 597 -48.84 -51.55 23.19
N GLN I 598 -48.31 -52.57 23.87
CA GLN I 598 -48.64 -52.76 25.29
C GLN I 598 -48.18 -51.57 26.13
N ALA I 599 -46.99 -51.07 25.87
CA ALA I 599 -46.51 -49.88 26.59
C ALA I 599 -47.38 -48.68 26.27
N LYS I 600 -47.79 -48.54 25.00
CA LYS I 600 -48.65 -47.42 24.62
C LYS I 600 -49.98 -47.48 25.36
N GLN I 601 -50.58 -48.67 25.48
CA GLN I 601 -51.84 -48.81 26.17
C GLN I 601 -51.73 -48.58 27.67
N GLY I 602 -50.51 -48.60 28.22
CA GLY I 602 -50.32 -48.43 29.64
C GLY I 602 -49.72 -47.09 30.03
N GLN I 603 -50.07 -46.03 29.31
CA GLN I 603 -49.60 -44.69 29.61
C GLN I 603 -50.76 -43.84 30.11
N GLN I 604 -50.48 -43.00 31.11
CA GLN I 604 -51.46 -42.07 31.64
C GLN I 604 -50.73 -40.93 32.32
N ASP I 605 -51.21 -39.70 32.08
CA ASP I 605 -50.54 -38.51 32.58
C ASP I 605 -51.25 -38.00 33.84
N PRO I 606 -50.49 -37.50 34.83
CA PRO I 606 -51.11 -37.14 36.11
C PRO I 606 -52.18 -36.07 36.01
N ALA I 607 -52.03 -35.12 35.08
CA ALA I 607 -53.03 -34.06 34.96
C ALA I 607 -54.38 -34.62 34.54
N MET I 608 -54.38 -35.54 33.57
CA MET I 608 -55.61 -36.23 33.16
C MET I 608 -56.25 -36.94 34.35
N VAL I 609 -55.44 -37.63 35.13
CA VAL I 609 -55.95 -38.34 36.31
C VAL I 609 -56.62 -37.35 37.25
N GLN I 610 -55.87 -36.38 37.76
CA GLN I 610 -56.42 -35.42 38.73
C GLN I 610 -57.68 -34.74 38.20
N ALA I 611 -57.70 -34.42 36.90
CA ALA I 611 -58.90 -33.82 36.32
C ALA I 611 -60.09 -34.77 36.40
N GLN I 612 -59.86 -36.05 36.07
CA GLN I 612 -60.94 -37.03 36.18
C GLN I 612 -61.41 -37.15 37.63
N GLY I 613 -60.48 -37.06 38.58
CA GLY I 613 -60.86 -37.17 39.99
C GLY I 613 -61.72 -36.01 40.43
N VAL I 614 -61.36 -34.79 40.03
CA VAL I 614 -62.18 -33.62 40.37
C VAL I 614 -63.56 -33.75 39.74
N LEU I 615 -63.61 -34.15 38.47
CA LEU I 615 -64.90 -34.28 37.78
C LEU I 615 -65.77 -35.33 38.45
N LEU I 616 -65.18 -36.45 38.86
CA LEU I 616 -65.94 -37.52 39.49
C LEU I 616 -66.40 -37.15 40.90
N GLN I 617 -65.58 -36.40 41.64
CA GLN I 617 -66.04 -35.83 42.90
C GLN I 617 -67.26 -34.95 42.68
N GLY I 618 -67.21 -34.11 41.63
CA GLY I 618 -68.36 -33.29 41.31
C GLY I 618 -69.60 -34.11 40.98
N GLN I 619 -69.42 -35.18 40.20
CA GLN I 619 -70.56 -36.03 39.84
C GLN I 619 -71.19 -36.67 41.06
N ALA I 620 -70.36 -37.17 41.98
CA ALA I 620 -70.91 -37.78 43.18
C ALA I 620 -71.56 -36.74 44.08
N GLU I 621 -71.08 -35.50 44.03
CA GLU I 621 -71.72 -34.45 44.82
C GLU I 621 -73.05 -34.02 44.17
N LEU I 622 -73.17 -34.15 42.84
CA LEU I 622 -74.49 -34.14 42.22
C LEU I 622 -75.38 -35.23 42.77
N ALA I 623 -74.83 -36.45 42.89
CA ALA I 623 -75.62 -37.56 43.41
C ALA I 623 -76.10 -37.25 44.82
N LYS I 624 -75.23 -36.70 45.65
CA LYS I 624 -75.61 -36.32 47.01
C LYS I 624 -76.70 -35.26 47.01
N ALA I 625 -76.60 -34.28 46.10
CA ALA I 625 -77.65 -33.27 46.01
C ALA I 625 -79.00 -33.90 45.66
N GLN I 626 -79.01 -34.83 44.69
CA GLN I 626 -80.25 -35.49 44.30
C GLN I 626 -80.82 -36.31 45.45
N ASN I 627 -79.96 -37.01 46.19
CA ASN I 627 -80.42 -37.74 47.37
C ASN I 627 -81.01 -36.79 48.40
N GLN I 628 -80.43 -35.60 48.53
CA GLN I 628 -80.99 -34.61 49.43
C GLN I 628 -82.39 -34.19 48.98
N THR I 629 -82.58 -33.99 47.67
CA THR I 629 -83.92 -33.71 47.14
C THR I 629 -84.90 -34.81 47.55
N LEU I 630 -84.51 -36.07 47.29
CA LEU I 630 -85.41 -37.19 47.55
C LEU I 630 -85.74 -37.31 49.04
N SER I 631 -84.72 -37.18 49.90
CA SER I 631 -84.94 -37.29 51.34
C SER I 631 -85.81 -36.16 51.85
N LEU I 632 -85.61 -34.94 51.35
CA LEU I 632 -86.44 -33.83 51.80
C LEU I 632 -87.88 -34.01 51.35
N GLN I 633 -88.10 -34.50 50.13
CA GLN I 633 -89.46 -34.76 49.69
C GLN I 633 -90.13 -35.85 50.53
N ILE I 634 -89.38 -36.90 50.87
CA ILE I 634 -89.95 -37.97 51.68
C ILE I 634 -90.24 -37.49 53.09
N ASP I 635 -89.37 -36.67 53.66
CA ASP I 635 -89.64 -36.08 54.97
C ASP I 635 -90.83 -35.14 54.91
N ALA I 636 -91.03 -34.46 53.78
CA ALA I 636 -92.24 -33.65 53.60
C ALA I 636 -93.48 -34.52 53.61
N ALA I 637 -93.43 -35.67 52.94
CA ALA I 637 -94.56 -36.59 52.96
C ALA I 637 -94.84 -37.09 54.38
N LYS I 638 -93.77 -37.41 55.12
CA LYS I 638 -93.93 -37.83 56.52
C LYS I 638 -94.54 -36.73 57.36
N VAL I 639 -94.10 -35.49 57.15
CA VAL I 639 -94.64 -34.35 57.89
C VAL I 639 -96.12 -34.18 57.60
N GLU I 640 -96.50 -34.28 56.33
CA GLU I 640 -97.92 -34.15 55.96
C GLU I 640 -98.75 -35.25 56.59
N ALA I 641 -98.24 -36.49 56.57
CA ALA I 641 -98.96 -37.60 57.18
C ALA I 641 -99.12 -37.39 58.69
N GLN I 642 -98.05 -36.94 59.35
CA GLN I 642 -98.12 -36.70 60.79
C GLN I 642 -99.10 -35.58 61.12
N ASN I 643 -99.11 -34.52 60.31
CA ASN I 643 -100.04 -33.42 60.53
C ASN I 643 -101.48 -33.88 60.33
N GLN I 644 -101.72 -34.71 59.31
CA GLN I 644 -103.06 -35.23 59.10
C GLN I 644 -103.49 -36.13 60.25
N LEU I 645 -102.58 -36.96 60.77
CA LEU I 645 -102.91 -37.81 61.90
C LEU I 645 -103.21 -36.99 63.15
N ASN I 646 -102.42 -35.95 63.41
CA ASN I 646 -102.65 -35.10 64.57
C ASN I 646 -103.96 -34.31 64.44
N ALA I 647 -104.24 -33.81 63.24
CA ALA I 647 -105.47 -33.05 63.02
C ALA I 647 -106.67 -33.97 62.90
N MET J 1 79.88 -19.96 -32.80
CA MET J 1 79.91 -18.66 -33.46
C MET J 1 81.36 -18.23 -33.71
N GLN J 2 81.56 -17.43 -34.76
CA GLN J 2 82.87 -16.90 -35.07
C GLN J 2 83.18 -15.61 -34.31
N ILE J 3 82.18 -14.97 -33.74
CA ILE J 3 82.37 -13.77 -32.93
C ILE J 3 82.59 -14.20 -31.48
N LYS J 4 83.84 -14.38 -31.09
CA LYS J 4 84.17 -14.96 -29.79
C LYS J 4 84.92 -14.01 -28.87
N THR J 5 85.26 -12.81 -29.31
CA THR J 5 86.01 -11.85 -28.50
C THR J 5 85.36 -10.47 -28.58
N LYS J 6 85.78 -9.60 -27.68
CA LYS J 6 85.28 -8.22 -27.69
C LYS J 6 85.68 -7.50 -28.97
N GLY J 7 86.92 -7.72 -29.43
CA GLY J 7 87.35 -7.12 -30.68
C GLY J 7 86.55 -7.60 -31.86
N ASP J 8 86.09 -8.86 -31.84
CA ASP J 8 85.21 -9.32 -32.90
C ASP J 8 83.91 -8.53 -32.92
N LEU J 9 83.35 -8.24 -31.74
CA LEU J 9 82.15 -7.40 -31.67
C LEU J 9 82.43 -6.00 -32.20
N VAL J 10 83.59 -5.44 -31.85
CA VAL J 10 83.94 -4.11 -32.31
C VAL J 10 84.07 -4.09 -33.83
N ARG J 11 84.72 -5.11 -34.40
CA ARG J 11 84.86 -5.18 -35.85
C ARG J 11 83.51 -5.36 -36.52
N ALA J 12 82.62 -6.14 -35.93
CA ALA J 12 81.28 -6.29 -36.49
C ALA J 12 80.53 -4.97 -36.48
N ALA J 13 80.63 -4.22 -35.39
CA ALA J 13 79.99 -2.91 -35.33
C ALA J 13 80.55 -1.95 -36.37
N LEU J 14 81.88 -1.94 -36.53
CA LEU J 14 82.49 -1.06 -37.51
C LEU J 14 82.09 -1.45 -38.93
N ARG J 15 81.99 -2.75 -39.20
CA ARG J 15 81.51 -3.21 -40.50
C ARG J 15 80.06 -2.79 -40.72
N LYS J 16 79.23 -2.86 -39.67
CA LYS J 16 77.85 -2.40 -39.79
C LYS J 16 77.78 -0.93 -40.13
N LEU J 17 78.61 -0.11 -39.49
CA LEU J 17 78.62 1.32 -39.78
C LEU J 17 79.27 1.65 -41.11
N GLY J 18 79.92 0.68 -41.76
CA GLY J 18 80.66 0.97 -42.97
C GLY J 18 81.97 1.69 -42.76
N VAL J 19 82.40 1.84 -41.51
CA VAL J 19 83.63 2.56 -41.23
C VAL J 19 84.84 1.75 -41.67
N ALA J 20 84.88 0.46 -41.31
CA ALA J 20 86.01 -0.39 -41.63
C ALA J 20 85.55 -1.83 -41.72
N SER J 21 86.32 -2.63 -42.45
CA SER J 21 86.02 -4.05 -42.61
C SER J 21 87.29 -4.74 -43.08
N ASP J 22 87.25 -6.07 -43.10
CA ASP J 22 88.36 -6.83 -43.65
C ASP J 22 88.45 -6.73 -45.17
N ALA J 23 87.43 -6.17 -45.82
CA ALA J 23 87.44 -5.98 -47.27
C ALA J 23 87.93 -4.61 -47.70
N THR J 24 87.79 -3.59 -46.84
CA THR J 24 88.18 -2.24 -47.20
C THR J 24 89.70 -2.12 -47.27
N LEU J 25 90.16 -1.01 -47.85
CA LEU J 25 91.59 -0.77 -48.03
C LEU J 25 92.21 0.03 -46.90
N THR J 26 91.40 0.72 -46.09
CA THR J 26 91.89 1.49 -44.95
C THR J 26 91.12 1.07 -43.70
N ASP J 27 91.84 0.54 -42.72
CA ASP J 27 91.25 0.16 -41.44
C ASP J 27 91.56 1.22 -40.39
N VAL J 28 90.76 1.22 -39.32
CA VAL J 28 90.94 2.21 -38.27
C VAL J 28 92.21 1.93 -37.47
N GLU J 29 92.72 2.98 -36.84
CA GLU J 29 93.88 2.84 -35.98
C GLU J 29 93.53 1.95 -34.78
N PRO J 30 94.49 1.19 -34.25
CA PRO J 30 94.21 0.37 -33.06
C PRO J 30 93.71 1.19 -31.88
N GLN J 31 94.06 2.48 -31.82
CA GLN J 31 93.50 3.33 -30.77
C GLN J 31 91.99 3.48 -30.93
N SER J 32 91.51 3.54 -32.17
CA SER J 32 90.06 3.57 -32.39
C SER J 32 89.41 2.30 -31.89
N MET J 33 90.05 1.15 -32.12
CA MET J 33 89.53 -0.11 -31.61
C MET J 33 89.51 -0.11 -30.08
N GLN J 34 90.56 0.43 -29.46
CA GLN J 34 90.58 0.50 -27.99
C GLN J 34 89.46 1.39 -27.48
N ASP J 35 89.22 2.52 -28.15
CA ASP J 35 88.13 3.41 -27.75
C ASP J 35 86.78 2.71 -27.90
N ALA J 36 86.60 1.95 -28.99
CA ALA J 36 85.36 1.21 -29.17
C ALA J 36 85.18 0.14 -28.09
N VAL J 37 86.27 -0.52 -27.71
CA VAL J 37 86.20 -1.52 -26.64
C VAL J 37 85.82 -0.85 -25.32
N ASP J 38 86.39 0.33 -25.06
CA ASP J 38 86.02 1.07 -23.85
C ASP J 38 84.54 1.43 -23.87
N ASP J 39 84.04 1.87 -25.02
CA ASP J 39 82.61 2.19 -25.14
C ASP J 39 81.75 0.95 -24.91
N LEU J 40 82.17 -0.19 -25.45
CA LEU J 40 81.43 -1.43 -25.24
C LEU J 40 81.41 -1.82 -23.77
N GLU J 41 82.55 -1.69 -23.09
CA GLU J 41 82.59 -2.00 -21.66
C GLU J 41 81.69 -1.08 -20.86
N ALA J 42 81.71 0.22 -21.18
CA ALA J 42 80.84 1.16 -20.49
C ALA J 42 79.36 0.84 -20.72
N MET J 43 79.01 0.50 -21.97
CA MET J 43 77.62 0.17 -22.28
C MET J 43 77.18 -1.09 -21.56
N MET J 44 78.05 -2.11 -21.49
CA MET J 44 77.71 -3.33 -20.77
C MET J 44 77.58 -3.08 -19.28
N ALA J 45 78.43 -2.23 -18.71
CA ALA J 45 78.28 -1.88 -17.31
C ALA J 45 76.96 -1.15 -17.07
N GLU J 46 76.59 -0.26 -17.99
CA GLU J 46 75.31 0.45 -17.85
C GLU J 46 74.12 -0.50 -17.94
N TRP J 47 74.15 -1.43 -18.88
CA TRP J 47 73.05 -2.39 -19.01
C TRP J 47 72.98 -3.28 -17.77
N TYR J 48 74.11 -3.86 -17.39
CA TYR J 48 74.19 -4.75 -16.22
C TYR J 48 74.38 -3.88 -14.98
N GLN J 49 73.27 -3.42 -14.41
CA GLN J 49 73.30 -2.51 -13.27
C GLN J 49 73.64 -3.27 -11.99
N ASP J 50 74.85 -3.83 -11.97
CA ASP J 50 75.35 -4.61 -10.83
C ASP J 50 74.42 -5.78 -10.51
N GLY J 51 73.89 -6.41 -11.56
CA GLY J 51 73.03 -7.56 -11.41
C GLY J 51 71.54 -7.28 -11.43
N LYS J 52 71.14 -6.01 -11.37
CA LYS J 52 69.74 -5.64 -11.38
C LYS J 52 69.27 -5.15 -12.74
N GLY J 53 70.06 -5.34 -13.78
CA GLY J 53 69.69 -4.89 -15.12
C GLY J 53 69.49 -6.03 -16.09
N ILE J 54 70.18 -5.98 -17.22
CA ILE J 54 70.07 -6.98 -18.27
C ILE J 54 71.17 -8.01 -18.05
N ILE J 55 70.78 -9.27 -17.87
CA ILE J 55 71.73 -10.36 -17.67
C ILE J 55 72.05 -10.95 -19.04
N THR J 56 73.33 -11.02 -19.37
CA THR J 56 73.77 -11.50 -20.67
C THR J 56 74.94 -12.48 -20.61
N GLY J 57 75.58 -12.65 -19.45
CA GLY J 57 76.77 -13.48 -19.38
C GLY J 57 78.04 -12.77 -19.78
N TYR J 58 77.99 -11.47 -20.06
CA TYR J 58 79.18 -10.72 -20.42
C TYR J 58 80.20 -10.74 -19.28
N VAL J 59 81.45 -10.94 -19.64
CA VAL J 59 82.54 -11.02 -18.67
C VAL J 59 83.34 -9.72 -18.74
N PHE J 60 83.42 -9.03 -17.61
CA PHE J 60 84.13 -7.76 -17.54
C PHE J 60 85.61 -8.01 -17.30
N SER J 61 86.45 -7.45 -18.17
CA SER J 61 87.89 -7.63 -18.04
C SER J 61 88.42 -6.85 -16.84
N ASP J 62 89.55 -7.32 -16.30
CA ASP J 62 90.20 -6.67 -15.18
C ASP J 62 91.34 -5.77 -15.64
N ASP J 63 91.82 -4.95 -14.69
CA ASP J 63 92.93 -4.05 -15.01
C ASP J 63 94.26 -4.80 -15.08
N GLU J 64 94.38 -5.92 -14.36
CA GLU J 64 95.63 -6.67 -14.35
C GLU J 64 95.98 -7.20 -15.73
N ASN J 65 95.01 -7.74 -16.44
CA ASN J 65 95.25 -8.25 -17.78
C ASN J 65 95.42 -7.06 -18.73
N PRO J 66 96.56 -6.93 -19.41
CA PRO J 66 96.81 -5.71 -20.21
C PRO J 66 95.81 -5.54 -21.34
N PRO J 67 95.66 -6.51 -22.28
CA PRO J 67 94.84 -6.24 -23.46
C PRO J 67 93.37 -6.49 -23.18
N ALA J 68 92.58 -5.42 -23.18
CA ALA J 68 91.14 -5.56 -23.05
C ALA J 68 90.56 -6.28 -24.26
N GLU J 69 91.05 -5.96 -25.45
CA GLU J 69 90.71 -6.72 -26.64
C GLU J 69 91.49 -8.03 -26.64
N GLY J 70 90.78 -9.13 -26.91
CA GLY J 70 91.36 -10.45 -26.92
C GLY J 70 90.71 -11.43 -25.97
N ASP J 71 90.00 -10.94 -24.96
CA ASP J 71 89.29 -11.80 -24.02
C ASP J 71 87.90 -12.10 -24.55
N ASP J 72 87.44 -13.33 -24.33
CA ASP J 72 86.10 -13.72 -24.76
C ASP J 72 85.06 -12.93 -23.99
N HIS J 73 84.03 -12.47 -24.72
CA HIS J 73 82.98 -11.68 -24.09
C HIS J 73 82.13 -12.54 -23.15
N GLY J 74 82.01 -13.83 -23.44
CA GLY J 74 81.19 -14.71 -22.63
C GLY J 74 79.71 -14.68 -22.96
N LEU J 75 79.30 -13.94 -24.00
CA LEU J 75 77.90 -13.87 -24.36
C LEU J 75 77.44 -15.20 -24.96
N ARG J 76 76.13 -15.44 -24.88
CA ARG J 76 75.54 -16.58 -25.55
C ARG J 76 75.40 -16.31 -27.04
N SER J 77 75.07 -17.38 -27.79
CA SER J 77 74.95 -17.24 -29.24
C SER J 77 73.83 -16.28 -29.61
N SER J 78 72.70 -16.34 -28.90
CA SER J 78 71.56 -15.50 -29.20
C SER J 78 71.76 -14.05 -28.78
N ALA J 79 72.74 -13.77 -27.92
CA ALA J 79 72.92 -12.42 -27.41
C ALA J 79 73.91 -11.60 -28.22
N VAL J 80 74.73 -12.24 -29.06
CA VAL J 80 75.84 -11.54 -29.70
C VAL J 80 75.32 -10.43 -30.63
N SER J 81 74.42 -10.80 -31.54
CA SER J 81 74.01 -9.89 -32.60
C SER J 81 73.58 -8.53 -32.06
N ALA J 82 72.50 -8.54 -31.27
CA ALA J 82 72.01 -7.33 -30.60
C ALA J 82 73.17 -6.49 -30.09
N VAL J 83 74.06 -7.10 -29.33
CA VAL J 83 75.17 -6.38 -28.71
C VAL J 83 75.87 -5.50 -29.73
N PHE J 84 76.43 -6.11 -30.77
CA PHE J 84 77.25 -5.31 -31.67
C PHE J 84 76.40 -4.30 -32.42
N HIS J 85 75.14 -4.65 -32.71
CA HIS J 85 74.25 -3.67 -33.32
C HIS J 85 74.14 -2.44 -32.44
N ASN J 86 73.82 -2.64 -31.15
CA ASN J 86 73.78 -1.52 -30.23
C ASN J 86 75.12 -0.79 -30.22
N LEU J 87 76.22 -1.55 -30.25
CA LEU J 87 77.54 -0.94 -30.22
C LEU J 87 77.69 0.03 -31.38
N ALA J 88 77.21 -0.36 -32.58
CA ALA J 88 77.28 0.54 -33.72
C ALA J 88 76.59 1.86 -33.39
N CYS J 89 75.36 1.79 -32.89
CA CYS J 89 74.61 2.99 -32.58
C CYS J 89 75.30 3.84 -31.53
N ARG J 90 76.20 3.25 -30.74
CA ARG J 90 76.89 4.00 -29.71
C ARG J 90 78.22 4.58 -30.17
N ILE J 91 78.77 4.10 -31.28
CA ILE J 91 80.06 4.57 -31.75
C ILE J 91 79.96 5.32 -33.07
N ALA J 92 78.77 5.39 -33.67
CA ALA J 92 78.58 6.22 -34.84
C ALA J 92 78.90 7.70 -34.61
N PRO J 93 78.51 8.34 -33.49
CA PRO J 93 78.84 9.75 -33.31
C PRO J 93 80.33 10.05 -33.26
N ASP J 94 81.17 9.06 -32.97
CA ASP J 94 82.61 9.30 -32.95
C ASP J 94 83.14 9.70 -34.32
N TYR J 95 82.64 9.05 -35.38
CA TYR J 95 83.08 9.33 -36.74
C TYR J 95 82.13 10.27 -37.47
N ALA J 96 81.40 11.11 -36.74
CA ALA J 96 80.48 12.10 -37.32
C ALA J 96 79.46 11.43 -38.25
N LEU J 97 78.99 10.26 -37.85
CA LEU J 97 78.01 9.50 -38.62
C LEU J 97 76.72 9.34 -37.81
N GLU J 98 75.77 8.64 -38.42
CA GLU J 98 74.50 8.32 -37.77
C GLU J 98 74.04 6.99 -38.32
N ALA J 99 73.82 6.02 -37.43
CA ALA J 99 73.44 4.69 -37.86
C ALA J 99 72.11 4.74 -38.61
N THR J 100 72.02 3.95 -39.68
CA THR J 100 70.81 3.96 -40.50
C THR J 100 69.63 3.39 -39.72
N ALA J 101 68.44 3.52 -40.30
CA ALA J 101 67.22 3.13 -39.60
C ALA J 101 67.21 1.64 -39.29
N LYS J 102 67.72 0.82 -40.21
CA LYS J 102 67.72 -0.63 -40.00
C LYS J 102 68.55 -1.01 -38.79
N ILE J 103 69.70 -0.36 -38.60
CA ILE J 103 70.55 -0.68 -37.46
C ILE J 103 69.85 -0.33 -36.15
N ILE J 104 69.17 0.82 -36.11
CA ILE J 104 68.47 1.22 -34.89
C ILE J 104 67.32 0.26 -34.60
N ALA J 105 66.56 -0.13 -35.63
CA ALA J 105 65.47 -1.07 -35.43
C ALA J 105 65.98 -2.41 -34.92
N THR J 106 67.07 -2.90 -35.51
CA THR J 106 67.65 -4.16 -35.06
C THR J 106 68.17 -4.06 -33.64
N ALA J 107 68.73 -2.90 -33.27
CA ALA J 107 69.20 -2.71 -31.90
C ALA J 107 68.05 -2.75 -30.91
N LYS J 108 66.95 -2.07 -31.23
CA LYS J 108 65.78 -2.11 -30.34
C LYS J 108 65.25 -3.53 -30.20
N TYR J 109 65.10 -4.23 -31.33
CA TYR J 109 64.59 -5.59 -31.30
C TYR J 109 65.51 -6.50 -30.50
N GLY J 110 66.82 -6.37 -30.68
CA GLY J 110 67.75 -7.21 -29.97
C GLY J 110 67.75 -6.95 -28.48
N LYS J 111 67.67 -5.68 -28.07
CA LYS J 111 67.60 -5.38 -26.64
C LYS J 111 66.33 -5.94 -26.02
N GLU J 112 65.20 -5.81 -26.72
CA GLU J 112 63.95 -6.37 -26.22
C GLU J 112 64.06 -7.89 -26.05
N LEU J 113 64.60 -8.57 -27.07
CA LEU J 113 64.76 -10.01 -26.97
C LEU J 113 65.76 -10.40 -25.89
N LEU J 114 66.77 -9.56 -25.65
CA LEU J 114 67.73 -9.82 -24.59
C LEU J 114 67.05 -9.80 -23.23
N TYR J 115 66.17 -8.83 -23.00
CA TYR J 115 65.52 -8.73 -21.70
C TYR J 115 64.26 -9.58 -21.57
N LYS J 116 63.80 -10.21 -22.65
CA LYS J 116 62.55 -10.96 -22.59
C LYS J 116 62.58 -12.06 -21.54
N GLN J 117 63.63 -12.89 -21.55
CA GLN J 117 63.66 -14.03 -20.64
C GLN J 117 63.81 -13.59 -19.20
N THR J 118 64.63 -12.57 -18.95
CA THR J 118 64.76 -12.06 -17.59
C THR J 118 63.45 -11.43 -17.10
N ALA J 119 62.72 -10.78 -18.00
CA ALA J 119 61.41 -10.23 -17.63
C ALA J 119 60.43 -11.33 -17.29
N ILE J 120 60.45 -12.43 -18.05
CA ILE J 120 59.60 -13.56 -17.73
C ILE J 120 59.97 -14.13 -16.36
N SER J 121 61.26 -14.27 -16.09
CA SER J 121 61.72 -14.83 -14.82
C SER J 121 61.42 -13.92 -13.64
N ARG J 122 61.30 -12.62 -13.86
CA ARG J 122 61.08 -11.66 -12.77
C ARG J 122 59.62 -11.37 -12.52
N ALA J 123 58.70 -11.98 -13.28
CA ALA J 123 57.26 -11.79 -13.07
C ALA J 123 56.81 -12.80 -12.02
N LYS J 124 57.16 -12.51 -10.78
CA LYS J 124 56.84 -13.37 -9.65
C LYS J 124 55.74 -12.74 -8.82
N ARG J 125 54.73 -13.54 -8.46
CA ARG J 125 53.65 -13.04 -7.62
C ARG J 125 54.08 -13.06 -6.16
N ALA J 126 53.70 -12.00 -5.43
CA ALA J 126 54.05 -11.90 -4.03
C ALA J 126 53.29 -12.93 -3.21
N PRO J 127 53.85 -13.38 -2.09
CA PRO J 127 53.16 -14.34 -1.24
C PRO J 127 51.92 -13.73 -0.61
N TYR J 128 51.15 -14.57 0.06
CA TYR J 128 49.94 -14.12 0.74
C TYR J 128 50.31 -13.15 1.86
N PRO J 129 49.45 -12.17 2.13
CA PRO J 129 49.72 -11.25 3.24
C PRO J 129 49.65 -11.96 4.57
N SER J 130 50.33 -11.37 5.56
CA SER J 130 50.38 -11.97 6.90
C SER J 130 49.03 -11.97 7.61
N ARG J 131 48.05 -11.20 7.11
CA ARG J 131 46.74 -11.10 7.74
C ARG J 131 45.69 -11.94 7.02
N MET J 132 46.09 -12.82 6.11
CA MET J 132 45.15 -13.60 5.34
C MET J 132 45.03 -15.00 5.93
N PRO J 133 43.82 -15.45 6.28
CA PRO J 133 43.68 -16.80 6.83
C PRO J 133 43.92 -17.86 5.78
N THR J 134 44.34 -19.04 6.24
CA THR J 134 44.53 -20.17 5.34
C THR J 134 43.21 -20.82 4.94
N GLY J 135 42.23 -20.82 5.84
CA GLY J 135 40.95 -21.44 5.59
C GLY J 135 40.87 -22.84 6.18
N SER J 136 39.63 -23.28 6.44
CA SER J 136 39.42 -24.60 7.02
C SER J 136 39.59 -25.72 6.00
N GLY J 137 39.56 -25.40 4.71
CA GLY J 137 39.81 -26.41 3.69
C GLY J 137 41.21 -26.99 3.79
N ASN J 138 42.19 -26.16 4.17
CA ASN J 138 43.55 -26.62 4.40
C ASN J 138 43.59 -27.32 5.76
N SER J 139 43.23 -28.60 5.73
CA SER J 139 43.15 -29.37 6.97
C SER J 139 44.53 -29.54 7.62
N PHE J 140 45.56 -29.78 6.81
CA PHE J 140 46.90 -29.96 7.35
C PHE J 140 47.38 -28.70 8.06
N ALA J 141 47.17 -27.54 7.44
CA ALA J 141 47.60 -26.29 8.06
C ALA J 141 46.79 -25.98 9.31
N ASN J 142 45.47 -26.24 9.27
CA ASN J 142 44.62 -25.92 10.40
C ASN J 142 44.92 -26.81 11.60
N LEU J 143 45.21 -28.09 11.36
CA LEU J 143 45.53 -28.99 12.46
C LEU J 143 46.83 -28.62 13.15
N ASN J 144 47.79 -28.05 12.40
CA ASN J 144 49.06 -27.62 12.96
C ASN J 144 49.05 -26.16 13.37
N GLU J 145 47.88 -25.61 13.70
CA GLU J 145 47.72 -24.25 14.23
C GLU J 145 48.22 -23.19 13.25
N TRP J 146 48.25 -23.48 11.96
CA TRP J 146 48.63 -22.49 10.95
C TRP J 146 47.36 -21.86 10.36
N HIS J 147 46.70 -21.05 11.19
CA HIS J 147 45.45 -20.41 10.80
C HIS J 147 45.67 -19.24 9.85
N TYR J 148 46.84 -18.61 9.88
CA TYR J 148 47.11 -17.44 9.05
C TYR J 148 48.39 -17.65 8.24
N PHE J 149 48.43 -17.02 7.07
CA PHE J 149 49.60 -17.09 6.22
C PHE J 149 50.78 -16.35 6.84
N PRO J 150 52.02 -16.83 6.63
CA PRO J 150 53.18 -16.17 7.25
C PRO J 150 53.44 -14.79 6.67
N GLY J 151 53.48 -14.67 5.35
CA GLY J 151 53.71 -13.39 4.72
C GLY J 151 55.16 -13.17 4.32
N GLU J 152 55.57 -11.91 4.25
CA GLU J 152 56.93 -11.52 3.88
C GLU J 152 57.32 -12.10 2.52
N GLU K 5 -5.38 76.70 32.14
CA GLU K 5 -6.64 77.15 32.70
C GLU K 5 -7.77 76.98 31.70
N ASN K 6 -7.48 77.19 30.43
CA ASN K 6 -8.48 77.05 29.39
C ASN K 6 -8.90 75.59 29.25
N ARG K 7 -10.21 75.35 29.25
CA ARG K 7 -10.71 73.98 29.11
C ARG K 7 -10.36 73.39 27.75
N LEU K 8 -10.52 74.19 26.70
CA LEU K 8 -10.15 73.72 25.35
C LEU K 8 -8.67 73.40 25.29
N GLU K 9 -7.83 74.22 25.91
CA GLU K 9 -6.39 73.96 25.88
C GLU K 9 -6.04 72.66 26.58
N SER K 10 -6.64 72.40 27.74
CA SER K 10 -6.37 71.15 28.44
C SER K 10 -6.86 69.93 27.66
N ILE K 11 -8.07 70.02 27.10
CA ILE K 11 -8.61 68.92 26.31
C ILE K 11 -7.71 68.65 25.11
N LEU K 12 -7.28 69.71 24.42
CA LEU K 12 -6.44 69.54 23.25
C LEU K 12 -5.06 69.00 23.62
N SER K 13 -4.53 69.41 24.78
CA SER K 13 -3.24 68.88 25.22
C SER K 13 -3.33 67.39 25.48
N ARG K 14 -4.38 66.96 26.19
CA ARG K 14 -4.57 65.53 26.44
C ARG K 14 -4.74 64.77 25.12
N PHE K 15 -5.56 65.30 24.22
CA PHE K 15 -5.79 64.62 22.94
C PHE K 15 -4.52 64.54 22.12
N ASP K 16 -3.72 65.61 22.10
CA ASP K 16 -2.49 65.61 21.32
C ASP K 16 -1.48 64.63 21.89
N ALA K 17 -1.37 64.56 23.22
CA ALA K 17 -0.47 63.59 23.83
C ALA K 17 -0.89 62.17 23.47
N ASP K 18 -2.20 61.88 23.57
CA ASP K 18 -2.66 60.54 23.25
C ASP K 18 -2.50 60.22 21.76
N TRP K 19 -2.74 61.20 20.90
CA TRP K 19 -2.62 60.99 19.46
C TRP K 19 -1.17 60.74 19.06
N THR K 20 -0.23 61.49 19.63
CA THR K 20 1.16 61.30 19.29
C THR K 20 1.73 60.05 19.93
N ALA K 21 1.16 59.60 21.05
CA ALA K 21 1.66 58.40 21.71
C ALA K 21 1.45 57.16 20.85
N SER K 22 0.32 57.06 20.16
CA SER K 22 -0.08 55.86 19.45
C SER K 22 -0.05 56.05 17.93
N ASP K 23 0.95 56.78 17.43
CA ASP K 23 1.00 57.07 16.00
C ASP K 23 1.40 55.83 15.20
N GLU K 24 2.42 55.11 15.66
CA GLU K 24 2.95 53.99 14.89
C GLU K 24 1.94 52.86 14.80
N ALA K 25 1.31 52.51 15.92
CA ALA K 25 0.32 51.44 15.91
C ALA K 25 -0.87 51.80 15.03
N ARG K 26 -1.33 53.05 15.10
CA ARG K 26 -2.44 53.47 14.25
C ARG K 26 -2.07 53.41 12.79
N ARG K 27 -0.86 53.85 12.44
CA ARG K 27 -0.43 53.78 11.04
C ARG K 27 -0.36 52.35 10.55
N GLU K 28 0.20 51.45 11.36
CA GLU K 28 0.28 50.04 10.96
C GLU K 28 -1.10 49.42 10.81
N ALA K 29 -2.02 49.74 11.72
CA ALA K 29 -3.37 49.19 11.63
C ALA K 29 -4.10 49.71 10.40
N LYS K 30 -3.95 51.00 10.09
CA LYS K 30 -4.56 51.53 8.88
C LYS K 30 -3.97 50.90 7.64
N ASN K 31 -2.65 50.66 7.63
CA ASN K 31 -2.03 49.96 6.51
C ASN K 31 -2.58 48.54 6.38
N ASP K 32 -2.77 47.86 7.50
CA ASP K 32 -3.33 46.51 7.47
C ASP K 32 -4.74 46.52 6.89
N LEU K 33 -5.58 47.48 7.33
CA LEU K 33 -6.93 47.57 6.80
C LEU K 33 -6.93 47.84 5.30
N PHE K 34 -6.09 48.76 4.85
CA PHE K 34 -6.02 49.05 3.42
C PHE K 34 -5.53 47.83 2.64
N PHE K 35 -4.53 47.13 3.17
CA PHE K 35 -3.98 45.96 2.50
C PHE K 35 -5.02 44.85 2.37
N SER K 36 -5.79 44.63 3.43
CA SER K 36 -6.75 43.53 3.46
C SER K 36 -8.15 43.92 2.98
N ARG K 37 -8.36 45.17 2.61
CA ARG K 37 -9.70 45.58 2.20
C ARG K 37 -9.76 46.23 0.83
N VAL K 38 -8.74 46.99 0.44
CA VAL K 38 -8.77 47.75 -0.81
C VAL K 38 -7.84 47.13 -1.85
N SER K 39 -6.54 47.09 -1.59
CA SER K 39 -5.58 46.63 -2.57
C SER K 39 -4.25 46.35 -1.90
N GLN K 40 -3.59 45.28 -2.35
CA GLN K 40 -2.28 44.92 -1.83
C GLN K 40 -1.14 45.69 -2.49
N TRP K 41 -1.43 46.47 -3.53
CA TRP K 41 -0.43 47.30 -4.19
C TRP K 41 -0.52 48.73 -3.64
N ASP K 42 -0.17 48.86 -2.37
CA ASP K 42 -0.19 50.15 -1.69
C ASP K 42 1.00 50.98 -2.17
N ASP K 43 0.86 51.51 -3.38
CA ASP K 43 1.93 52.26 -4.03
C ASP K 43 1.47 53.68 -4.34
N TRP K 44 0.81 54.31 -3.38
CA TRP K 44 0.20 55.61 -3.62
C TRP K 44 1.24 56.70 -3.85
N LEU K 45 2.41 56.59 -3.21
CA LEU K 45 3.40 57.66 -3.30
C LEU K 45 3.97 57.80 -4.70
N SER K 46 4.13 56.70 -5.43
CA SER K 46 4.68 56.75 -6.79
C SER K 46 4.02 55.65 -7.61
N GLN K 47 2.95 56.02 -8.32
CA GLN K 47 2.27 55.09 -9.22
C GLN K 47 2.05 55.74 -10.58
N TYR K 48 1.99 57.07 -10.62
CA TYR K 48 1.81 57.81 -11.86
C TYR K 48 3.16 58.17 -12.47
N THR K 49 3.97 57.14 -12.70
CA THR K 49 5.25 57.26 -13.38
C THR K 49 5.25 56.55 -14.73
N THR K 50 4.92 55.27 -14.75
CA THR K 50 4.73 54.53 -15.99
C THR K 50 3.77 53.39 -15.71
N LEU K 51 3.14 52.89 -16.78
CA LEU K 51 2.12 51.87 -16.66
C LEU K 51 2.76 50.50 -16.86
N GLN K 52 2.73 49.67 -15.82
CA GLN K 52 3.23 48.31 -15.88
C GLN K 52 2.22 47.38 -15.22
N TYR K 53 2.29 46.11 -15.58
CA TYR K 53 1.34 45.13 -15.05
C TYR K 53 1.57 44.94 -13.56
N ARG K 54 0.51 45.12 -12.78
CA ARG K 54 0.50 44.87 -11.34
C ARG K 54 -0.72 44.01 -11.03
N GLY K 55 -0.51 42.72 -10.83
CA GLY K 55 -1.58 41.80 -10.54
C GLY K 55 -1.72 41.52 -9.06
N GLN K 56 -2.96 41.29 -8.63
CA GLN K 56 -3.27 40.94 -7.25
C GLN K 56 -3.71 39.50 -7.22
N PHE K 57 -2.81 38.61 -6.81
CA PHE K 57 -3.08 37.19 -6.67
C PHE K 57 -3.19 36.91 -5.18
N ASP K 58 -4.38 37.12 -4.64
CA ASP K 58 -4.57 37.14 -3.19
C ASP K 58 -4.38 35.75 -2.61
N VAL K 59 -3.67 35.68 -1.48
CA VAL K 59 -3.41 34.43 -0.78
C VAL K 59 -3.70 34.53 0.71
N VAL K 60 -4.01 35.72 1.22
CA VAL K 60 -4.26 35.93 2.64
C VAL K 60 -5.75 36.07 2.89
N ARG K 61 -6.48 36.56 1.89
CA ARG K 61 -7.92 36.76 2.06
C ARG K 61 -8.68 35.48 2.40
N PRO K 62 -8.40 34.32 1.79
CA PRO K 62 -9.10 33.10 2.25
C PRO K 62 -8.89 32.81 3.73
N VAL K 63 -7.70 33.09 4.26
CA VAL K 63 -7.45 32.87 5.68
C VAL K 63 -8.31 33.81 6.53
N VAL K 64 -8.39 35.08 6.13
CA VAL K 64 -9.21 36.03 6.87
C VAL K 64 -10.68 35.62 6.82
N ARG K 65 -11.15 35.18 5.64
CA ARG K 65 -12.52 34.71 5.52
C ARG K 65 -12.78 33.51 6.42
N LYS K 66 -11.84 32.57 6.45
CA LYS K 66 -12.00 31.39 7.31
C LYS K 66 -12.07 31.77 8.77
N LEU K 67 -11.17 32.67 9.21
CA LEU K 67 -11.16 33.07 10.61
C LEU K 67 -12.45 33.82 10.98
N VAL K 68 -12.91 34.72 10.12
CA VAL K 68 -14.14 35.45 10.39
C VAL K 68 -15.33 34.51 10.43
N SER K 69 -15.40 33.56 9.49
CA SER K 69 -16.48 32.59 9.49
C SER K 69 -16.47 31.73 10.74
N GLU K 70 -15.29 31.29 11.17
CA GLU K 70 -15.22 30.42 12.34
C GLU K 70 -15.58 31.18 13.61
N MET K 71 -15.15 32.44 13.71
CA MET K 71 -15.51 33.27 14.86
C MET K 71 -16.98 33.68 14.83
N ARG K 72 -17.61 33.66 13.66
CA ARG K 72 -19.03 33.97 13.57
C ARG K 72 -19.91 32.81 14.04
N GLN K 73 -19.42 31.58 13.94
CA GLN K 73 -20.20 30.41 14.30
C GLN K 73 -20.37 30.23 15.80
N ASN K 74 -19.62 30.97 16.62
CA ASN K 74 -19.70 30.87 18.08
C ASN K 74 -19.99 32.25 18.64
N PRO K 75 -21.24 32.68 18.62
CA PRO K 75 -21.59 33.97 19.22
C PRO K 75 -21.35 33.96 20.72
N ILE K 76 -20.96 35.11 21.24
CA ILE K 76 -20.65 35.28 22.65
C ILE K 76 -21.42 36.49 23.18
N ASP K 77 -22.06 36.34 24.33
CA ASP K 77 -22.86 37.40 24.91
C ASP K 77 -22.65 37.44 26.42
N VAL K 78 -23.10 38.55 27.01
CA VAL K 78 -23.03 38.71 28.46
C VAL K 78 -24.00 37.73 29.12
N LEU K 79 -23.70 37.39 30.37
CA LEU K 79 -24.56 36.52 31.18
C LEU K 79 -24.42 36.98 32.62
N TYR K 80 -25.49 37.50 33.20
CA TYR K 80 -25.44 38.02 34.55
C TYR K 80 -25.77 36.90 35.54
N ARG K 81 -24.88 36.72 36.52
CA ARG K 81 -25.06 35.67 37.51
C ARG K 81 -25.13 36.27 38.91
N PRO K 82 -26.00 35.75 39.78
CA PRO K 82 -26.11 36.31 41.13
C PRO K 82 -24.80 36.18 41.89
N LYS K 83 -24.51 37.17 42.72
CA LYS K 83 -23.30 37.16 43.51
C LYS K 83 -23.41 36.11 44.62
N ASP K 84 -22.27 35.85 45.27
CA ASP K 84 -22.24 34.88 46.36
C ASP K 84 -22.99 35.43 47.57
N GLY K 85 -24.01 34.71 48.02
CA GLY K 85 -24.81 35.13 49.14
C GLY K 85 -26.01 35.99 48.77
N ALA K 86 -26.11 36.43 47.53
CA ALA K 86 -27.26 37.21 47.09
C ALA K 86 -28.45 36.29 46.84
N ARG K 87 -29.62 36.91 46.67
CA ARG K 87 -30.80 36.12 46.35
C ARG K 87 -30.58 35.40 45.02
N PRO K 88 -31.03 34.16 44.89
CA PRO K 88 -30.73 33.41 43.66
C PRO K 88 -31.34 34.02 42.41
N ASP K 89 -32.40 34.81 42.53
CA ASP K 89 -33.03 35.48 41.40
C ASP K 89 -32.49 36.88 41.17
N ALA K 90 -31.26 37.15 41.63
CA ALA K 90 -30.76 38.52 41.62
C ALA K 90 -30.49 39.05 40.22
N ALA K 91 -30.30 38.18 39.23
CA ALA K 91 -29.89 38.60 37.90
C ALA K 91 -30.94 38.36 36.83
N ASP K 92 -32.19 38.04 37.21
CA ASP K 92 -33.20 37.77 36.20
C ASP K 92 -33.69 39.04 35.52
N VAL K 93 -33.90 40.11 36.30
CA VAL K 93 -34.41 41.35 35.74
C VAL K 93 -33.37 42.00 34.85
N LEU K 94 -32.12 42.06 35.32
CA LEU K 94 -31.05 42.67 34.53
C LEU K 94 -30.79 41.88 33.26
N MET K 95 -30.79 40.55 33.35
CA MET K 95 -30.60 39.73 32.16
C MET K 95 -31.75 39.92 31.19
N GLY K 96 -32.98 40.00 31.69
CA GLY K 96 -34.11 40.24 30.81
C GLY K 96 -34.00 41.57 30.08
N MET K 97 -33.62 42.62 30.81
CA MET K 97 -33.44 43.92 30.18
C MET K 97 -32.34 43.89 29.12
N TYR K 98 -31.21 43.26 29.44
CA TYR K 98 -30.10 43.18 28.50
C TYR K 98 -30.51 42.43 27.24
N ARG K 99 -31.22 41.31 27.39
CA ARG K 99 -31.67 40.58 26.22
C ARG K 99 -32.73 41.35 25.45
N THR K 100 -33.53 42.17 26.15
CA THR K 100 -34.56 42.95 25.47
C THR K 100 -33.95 44.01 24.56
N ASP K 101 -32.98 44.77 25.07
CA ASP K 101 -32.46 45.90 24.30
C ASP K 101 -31.16 45.60 23.57
N MET K 102 -30.75 44.33 23.50
CA MET K 102 -29.58 43.94 22.72
C MET K 102 -29.91 42.92 21.64
N ARG K 103 -31.19 42.62 21.43
CA ARG K 103 -31.60 41.66 20.41
C ARG K 103 -31.69 42.27 19.01
N HIS K 104 -31.55 43.58 18.90
CA HIS K 104 -31.73 44.25 17.62
C HIS K 104 -30.50 44.05 16.72
N ASN K 105 -30.69 44.39 15.44
CA ASN K 105 -29.63 44.14 14.46
C ASN K 105 -28.41 45.00 14.70
N THR K 106 -28.58 46.18 15.31
CA THR K 106 -27.46 47.08 15.50
C THR K 106 -26.38 46.49 16.40
N ALA K 107 -26.80 45.81 17.47
CA ALA K 107 -25.83 45.22 18.40
C ALA K 107 -25.01 44.12 17.72
N LYS K 108 -25.69 43.22 17.01
CA LYS K 108 -24.98 42.15 16.31
C LYS K 108 -24.06 42.71 15.25
N ILE K 109 -24.52 43.72 14.51
CA ILE K 109 -23.69 44.31 13.46
C ILE K 109 -22.46 44.97 14.06
N ALA K 110 -22.62 45.69 15.18
CA ALA K 110 -21.48 46.33 15.82
C ALA K 110 -20.46 45.29 16.29
N VAL K 111 -20.95 44.21 16.91
CA VAL K 111 -20.03 43.17 17.38
C VAL K 111 -19.31 42.53 16.21
N ASN K 112 -20.02 42.26 15.11
CA ASN K 112 -19.39 41.65 13.94
C ASN K 112 -18.34 42.57 13.32
N ILE K 113 -18.65 43.87 13.24
CA ILE K 113 -17.68 44.82 12.70
C ILE K 113 -16.43 44.86 13.57
N ALA K 114 -16.62 44.91 14.90
CA ALA K 114 -15.48 44.92 15.80
C ALA K 114 -14.65 43.64 15.65
N VAL K 115 -15.31 42.50 15.51
CA VAL K 115 -14.59 41.23 15.38
C VAL K 115 -13.80 41.20 14.07
N ARG K 116 -14.40 41.64 12.97
CA ARG K 116 -13.69 41.65 11.70
C ARG K 116 -12.48 42.57 11.75
N GLU K 117 -12.64 43.75 12.35
CA GLU K 117 -11.51 44.67 12.46
C GLU K 117 -10.43 44.11 13.38
N GLN K 118 -10.83 43.41 14.45
CA GLN K 118 -9.86 42.78 15.34
C GLN K 118 -9.06 41.72 14.61
N ILE K 119 -9.72 40.93 13.78
CA ILE K 119 -9.01 39.88 13.03
C ILE K 119 -8.08 40.50 12.00
N GLU K 120 -8.56 41.51 11.27
CA GLU K 120 -7.76 42.07 10.18
C GLU K 120 -6.70 43.03 10.70
N ALA K 121 -7.12 44.12 11.34
CA ALA K 121 -6.17 45.14 11.77
C ALA K 121 -5.54 44.80 13.11
N GLY K 122 -6.37 44.44 14.08
CA GLY K 122 -5.87 44.11 15.40
C GLY K 122 -6.66 44.79 16.51
N VAL K 123 -7.46 45.80 16.15
CA VAL K 123 -8.26 46.53 17.12
C VAL K 123 -9.61 46.88 16.50
N GLY K 124 -10.66 46.75 17.31
CA GLY K 124 -11.97 47.25 16.94
C GLY K 124 -12.64 47.81 18.17
N ALA K 125 -13.83 48.38 17.97
CA ALA K 125 -14.55 48.95 19.11
C ALA K 125 -16.02 49.11 18.77
N TRP K 126 -16.83 49.23 19.81
CA TRP K 126 -18.22 49.63 19.67
C TRP K 126 -18.59 50.55 20.82
N ARG K 127 -19.80 51.11 20.76
CA ARG K 127 -20.24 52.10 21.72
C ARG K 127 -21.62 51.73 22.27
N LEU K 128 -21.90 52.20 23.48
CA LEU K 128 -23.21 52.01 24.10
C LEU K 128 -23.83 53.39 24.29
N VAL K 129 -25.03 53.59 23.73
CA VAL K 129 -25.72 54.86 23.83
C VAL K 129 -27.13 54.62 24.36
N THR K 130 -27.71 55.69 24.90
CA THR K 130 -29.06 55.65 25.45
C THR K 130 -29.91 56.71 24.75
N ASP K 131 -31.14 56.35 24.45
CA ASP K 131 -32.07 57.25 23.76
C ASP K 131 -33.43 57.15 24.40
N TYR K 132 -34.31 58.08 24.03
CA TYR K 132 -35.67 58.12 24.53
C TYR K 132 -36.59 57.43 23.53
N GLU K 133 -37.32 56.42 23.97
CA GLU K 133 -38.23 55.67 23.14
C GLU K 133 -39.63 55.76 23.73
N ASP K 134 -40.62 56.06 22.89
CA ASP K 134 -41.99 56.21 23.33
C ASP K 134 -42.90 55.05 22.93
N GLN K 135 -42.55 54.30 21.89
CA GLN K 135 -43.39 53.22 21.40
C GLN K 135 -43.12 51.91 22.11
N SER K 136 -41.87 51.45 22.11
CA SER K 136 -41.46 50.21 22.77
C SER K 136 -40.26 50.47 23.66
N PRO K 137 -40.48 51.13 24.80
CA PRO K 137 -39.36 51.39 25.71
C PRO K 137 -39.01 50.17 26.54
N THR K 138 -37.71 50.03 26.82
CA THR K 138 -37.27 48.96 27.70
C THR K 138 -37.65 49.26 29.15
N SER K 139 -37.41 50.48 29.59
CA SER K 139 -37.77 50.90 30.95
C SER K 139 -37.61 52.41 31.05
N ASN K 140 -38.52 53.04 31.78
CA ASN K 140 -38.48 54.48 32.05
C ASN K 140 -38.44 55.30 30.76
N ASN K 141 -39.19 54.84 29.76
CA ASN K 141 -39.30 55.52 28.46
C ASN K 141 -37.94 55.73 27.82
N GLN K 142 -37.02 54.79 28.00
CA GLN K 142 -35.68 54.88 27.45
C GLN K 142 -35.22 53.53 26.95
N VAL K 143 -34.25 53.55 26.04
CA VAL K 143 -33.63 52.34 25.52
C VAL K 143 -32.13 52.53 25.53
N ILE K 144 -31.41 51.41 25.64
CA ILE K 144 -29.95 51.38 25.53
C ILE K 144 -29.62 50.51 24.33
N ARG K 145 -28.88 51.06 23.37
CA ARG K 145 -28.50 50.32 22.19
C ARG K 145 -26.99 50.37 22.00
N ARG K 146 -26.50 49.48 21.14
CA ARG K 146 -25.09 49.35 20.82
C ARG K 146 -24.88 49.81 19.38
N GLU K 147 -23.87 50.65 19.18
CA GLU K 147 -23.59 51.25 17.89
C GLU K 147 -22.17 50.91 17.44
N PRO K 148 -21.94 50.83 16.12
CA PRO K 148 -20.62 50.44 15.63
C PRO K 148 -19.69 51.63 15.49
N ILE K 149 -18.40 51.31 15.51
CA ILE K 149 -17.34 52.26 15.22
C ILE K 149 -16.46 51.66 14.13
N HIS K 150 -16.44 52.28 12.96
CA HIS K 150 -15.65 51.80 11.85
C HIS K 150 -14.25 52.40 11.91
N SER K 151 -13.24 51.55 11.68
CA SER K 151 -11.84 51.94 11.77
C SER K 151 -11.54 52.53 13.14
N ALA K 152 -11.72 51.70 14.17
CA ALA K 152 -11.48 52.12 15.54
C ALA K 152 -10.00 52.37 15.83
N CYS K 153 -9.10 51.96 14.93
CA CYS K 153 -7.69 52.25 15.13
C CYS K 153 -7.42 53.75 15.07
N SER K 154 -8.09 54.46 14.17
CA SER K 154 -7.84 55.87 13.96
C SER K 154 -8.98 56.77 14.42
N HIS K 155 -10.15 56.23 14.70
CA HIS K 155 -11.30 57.04 15.10
C HIS K 155 -11.53 57.06 16.61
N VAL K 156 -10.95 56.13 17.35
CA VAL K 156 -11.04 56.10 18.80
C VAL K 156 -9.63 56.22 19.36
N ILE K 157 -9.39 57.28 20.13
CA ILE K 157 -8.08 57.53 20.72
C ILE K 157 -8.24 57.49 22.23
N TRP K 158 -7.53 56.57 22.87
CA TRP K 158 -7.68 56.34 24.30
C TRP K 158 -6.65 57.12 25.08
N ASP K 159 -6.85 57.20 26.40
CA ASP K 159 -5.85 57.78 27.28
C ASP K 159 -4.57 56.96 27.21
N SER K 160 -3.45 57.65 27.02
CA SER K 160 -2.18 56.96 26.81
C SER K 160 -1.68 56.28 28.08
N ASN K 161 -2.15 56.70 29.25
CA ASN K 161 -1.73 56.10 30.52
C ASN K 161 -2.74 55.03 30.96
N SER K 162 -2.93 54.05 30.07
CA SER K 162 -3.81 52.92 30.34
C SER K 162 -3.06 51.63 30.01
N LYS K 163 -2.99 50.72 30.96
CA LYS K 163 -2.25 49.47 30.80
C LYS K 163 -3.16 48.26 30.91
N LEU K 164 -4.40 48.40 30.48
CA LEU K 164 -5.37 47.31 30.52
C LEU K 164 -5.94 47.09 29.12
N MET K 165 -6.22 45.82 28.79
CA MET K 165 -6.69 45.49 27.46
C MET K 165 -8.04 46.11 27.16
N ASP K 166 -8.95 46.11 28.13
CA ASP K 166 -10.28 46.69 27.94
C ASP K 166 -10.32 48.18 28.25
N LYS K 167 -9.19 48.77 28.63
CA LYS K 167 -9.10 50.21 28.88
C LYS K 167 -10.07 50.66 29.97
N SER K 168 -10.21 49.84 31.01
CA SER K 168 -11.03 50.24 32.15
C SER K 168 -10.32 51.22 33.07
N ASP K 169 -9.00 51.34 32.97
CA ASP K 169 -8.25 52.31 33.73
C ASP K 169 -8.04 53.62 32.97
N ALA K 170 -8.48 53.69 31.71
CA ALA K 170 -8.36 54.92 30.95
C ALA K 170 -9.31 55.97 31.53
N ARG K 171 -8.79 57.18 31.73
CA ARG K 171 -9.56 58.24 32.36
C ARG K 171 -10.19 59.19 31.35
N HIS K 172 -9.86 59.08 30.08
CA HIS K 172 -10.53 59.85 29.04
C HIS K 172 -10.37 59.15 27.70
N CYS K 173 -11.24 59.51 26.77
CA CYS K 173 -11.22 58.91 25.44
C CYS K 173 -11.88 59.85 24.46
N THR K 174 -11.28 60.02 23.29
CA THR K 174 -11.82 60.91 22.26
C THR K 174 -12.20 60.11 21.03
N VAL K 175 -13.44 60.28 20.58
CA VAL K 175 -13.97 59.60 19.41
C VAL K 175 -14.16 60.64 18.32
N ILE K 176 -13.58 60.39 17.16
CA ILE K 176 -13.61 61.31 16.03
C ILE K 176 -14.70 60.87 15.06
N HIS K 177 -15.59 61.79 14.72
CA HIS K 177 -16.70 61.53 13.80
C HIS K 177 -16.47 62.27 12.50
N SER K 178 -16.44 61.53 11.40
CA SER K 178 -16.41 62.08 10.05
C SER K 178 -17.76 61.82 9.41
N MET K 179 -18.36 62.86 8.84
CA MET K 179 -19.75 62.73 8.40
C MET K 179 -20.02 63.66 7.23
N SER K 180 -21.08 63.34 6.49
CA SER K 180 -21.46 64.11 5.32
C SER K 180 -22.12 65.42 5.73
N GLN K 181 -22.37 66.27 4.73
CA GLN K 181 -22.99 67.56 4.99
C GLN K 181 -24.39 67.40 5.57
N ASN K 182 -25.19 66.50 4.99
CA ASN K 182 -26.51 66.24 5.54
C ASN K 182 -26.40 65.56 6.90
N GLY K 183 -25.44 64.66 7.05
CA GLY K 183 -25.18 64.08 8.36
C GLY K 183 -24.77 65.11 9.38
N TRP K 184 -23.93 66.07 8.97
CA TRP K 184 -23.56 67.15 9.89
C TRP K 184 -24.76 68.00 10.25
N GLU K 185 -25.64 68.29 9.29
CA GLU K 185 -26.82 69.07 9.58
C GLU K 185 -27.70 68.36 10.60
N ASP K 186 -27.92 67.06 10.43
CA ASP K 186 -28.74 66.32 11.37
C ASP K 186 -28.07 66.19 12.73
N PHE K 187 -26.74 66.06 12.76
CA PHE K 187 -26.01 66.03 14.03
C PHE K 187 -26.16 67.34 14.78
N ALA K 188 -26.01 68.47 14.08
CA ALA K 188 -26.17 69.77 14.71
C ALA K 188 -27.60 69.98 15.17
N GLU K 189 -28.56 69.45 14.42
CA GLU K 189 -29.96 69.52 14.83
C GLU K 189 -30.21 68.73 16.11
N LYS K 190 -29.69 67.50 16.18
CA LYS K 190 -30.08 66.61 17.27
C LYS K 190 -29.27 66.88 18.54
N TYR K 191 -28.13 67.56 18.43
CA TYR K 191 -27.44 68.05 19.62
C TYR K 191 -27.61 69.55 19.83
N ASP K 192 -28.49 70.19 19.06
CA ASP K 192 -28.77 71.63 19.20
C ASP K 192 -27.50 72.46 19.01
N LEU K 193 -26.67 72.08 18.03
CA LEU K 193 -25.49 72.86 17.68
C LEU K 193 -25.85 73.86 16.60
N ASP K 194 -24.86 74.65 16.18
CA ASP K 194 -25.03 75.64 15.12
C ASP K 194 -24.62 74.99 13.80
N ALA K 195 -25.59 74.80 12.91
CA ALA K 195 -25.32 74.11 11.65
C ALA K 195 -24.51 74.98 10.68
N ASP K 196 -24.61 76.31 10.78
CA ASP K 196 -23.90 77.17 9.83
C ASP K 196 -22.39 77.16 10.08
N ASP K 197 -21.97 76.99 11.33
CA ASP K 197 -20.55 76.98 11.68
C ASP K 197 -20.04 75.55 11.51
N ILE K 198 -19.46 75.28 10.35
CA ILE K 198 -18.95 73.93 10.06
C ILE K 198 -17.75 73.65 10.95
N PRO K 199 -17.73 72.53 11.67
CA PRO K 199 -16.60 72.23 12.55
C PRO K 199 -15.46 71.54 11.78
N SER K 200 -14.34 71.38 12.49
CA SER K 200 -13.18 70.69 11.93
C SER K 200 -12.40 70.07 13.07
N PHE K 201 -11.66 69.01 12.75
CA PHE K 201 -10.86 68.30 13.72
C PHE K 201 -9.75 67.56 12.99
N GLN K 202 -8.89 66.90 13.76
CA GLN K 202 -7.81 66.13 13.17
C GLN K 202 -8.36 65.03 12.28
N ASN K 203 -8.00 65.05 11.01
CA ASN K 203 -8.50 64.06 10.06
C ASN K 203 -7.80 62.73 10.29
N PRO K 204 -8.54 61.66 10.61
CA PRO K 204 -7.89 60.36 10.80
C PRO K 204 -7.62 59.62 9.50
N ASN K 205 -8.33 59.96 8.42
CA ASN K 205 -8.16 59.28 7.15
C ASN K 205 -6.98 59.86 6.38
N ASP K 206 -6.58 59.15 5.33
CA ASP K 206 -5.54 59.60 4.42
C ASP K 206 -6.03 59.44 3.00
N TRP K 207 -5.84 60.47 2.17
CA TRP K 207 -6.25 60.44 0.78
C TRP K 207 -5.20 59.64 0.00
N VAL K 208 -5.36 58.32 0.00
CA VAL K 208 -4.41 57.41 -0.63
C VAL K 208 -4.99 56.81 -1.91
N PHE K 209 -6.13 56.16 -1.82
CA PHE K 209 -6.80 55.63 -3.00
C PHE K 209 -7.32 56.78 -3.85
N PRO K 210 -7.37 56.60 -5.18
CA PRO K 210 -7.92 57.64 -6.05
C PRO K 210 -9.43 57.78 -5.91
N TRP K 211 -9.90 58.06 -4.70
CA TRP K 211 -11.32 58.29 -4.48
C TRP K 211 -11.70 59.67 -5.03
N LEU K 212 -12.82 59.73 -5.76
CA LEU K 212 -13.23 60.97 -6.39
C LEU K 212 -13.53 62.05 -5.35
N THR K 213 -14.27 61.70 -4.30
CA THR K 213 -14.65 62.66 -3.27
C THR K 213 -14.57 61.97 -1.90
N GLN K 214 -13.74 62.51 -1.02
CA GLN K 214 -13.70 62.11 0.38
C GLN K 214 -14.25 63.21 1.28
N ASP K 215 -15.25 63.95 0.78
CA ASP K 215 -15.79 65.11 1.49
C ASP K 215 -16.37 64.72 2.84
N THR K 216 -15.73 65.14 3.92
CA THR K 216 -16.16 64.80 5.26
C THR K 216 -16.01 66.01 6.18
N ILE K 217 -16.81 66.01 7.24
CA ILE K 217 -16.75 67.01 8.30
C ILE K 217 -16.43 66.27 9.59
N GLN K 218 -15.46 66.79 10.34
CA GLN K 218 -14.91 66.12 11.50
C GLN K 218 -15.29 66.86 12.78
N ILE K 219 -15.77 66.10 13.76
CA ILE K 219 -16.05 66.59 15.10
C ILE K 219 -15.50 65.56 16.09
N ALA K 220 -15.42 65.94 17.37
CA ALA K 220 -14.90 65.01 18.36
C ALA K 220 -15.78 64.99 19.60
N GLU K 221 -15.93 63.81 20.19
CA GLU K 221 -16.55 63.65 21.49
C GLU K 221 -15.50 63.19 22.49
N PHE K 222 -15.33 63.95 23.56
CA PHE K 222 -14.33 63.71 24.59
C PHE K 222 -15.06 63.24 25.84
N TYR K 223 -14.86 61.98 26.21
CA TYR K 223 -15.41 61.40 27.42
C TYR K 223 -14.35 61.42 28.51
N GLU K 224 -14.74 61.80 29.72
CA GLU K 224 -13.85 61.75 30.86
C GLU K 224 -14.59 61.22 32.08
N VAL K 225 -13.90 60.44 32.89
CA VAL K 225 -14.45 59.85 34.11
C VAL K 225 -13.81 60.54 35.30
N VAL K 226 -14.64 61.02 36.22
CA VAL K 226 -14.19 61.68 37.43
C VAL K 226 -14.71 60.90 38.62
N GLU K 227 -13.79 60.45 39.47
CA GLU K 227 -14.13 59.69 40.67
C GLU K 227 -14.07 60.61 41.88
N LYS K 228 -15.20 60.81 42.53
CA LYS K 228 -15.27 61.73 43.66
C LYS K 228 -16.27 61.20 44.69
N LYS K 229 -16.17 61.74 45.89
CA LYS K 229 -17.10 61.44 46.97
C LYS K 229 -18.24 62.45 46.92
N GLU K 230 -19.47 61.95 46.76
CA GLU K 230 -20.65 62.81 46.72
C GLU K 230 -21.62 62.40 47.82
N THR K 231 -22.51 63.34 48.15
CA THR K 231 -23.47 63.14 49.23
C THR K 231 -24.51 62.11 48.84
N ALA K 232 -24.87 61.25 49.79
CA ALA K 232 -25.96 60.30 49.65
C ALA K 232 -26.85 60.40 50.88
N PHE K 233 -28.15 60.16 50.68
CA PHE K 233 -29.14 60.29 51.74
C PHE K 233 -29.66 58.90 52.10
N ILE K 234 -29.69 58.61 53.40
CA ILE K 234 -30.26 57.40 53.94
C ILE K 234 -31.65 57.76 54.47
N TYR K 235 -32.67 57.35 53.74
CA TYR K 235 -34.07 57.55 54.12
C TYR K 235 -34.57 56.31 54.86
N GLN K 236 -35.88 56.26 55.09
CA GLN K 236 -36.53 55.07 55.60
C GLN K 236 -37.72 54.76 54.69
N ASP K 237 -37.69 53.60 54.06
CA ASP K 237 -38.74 53.21 53.13
C ASP K 237 -40.04 53.02 53.90
N PRO K 238 -41.13 53.70 53.51
CA PRO K 238 -42.39 53.48 54.22
C PRO K 238 -42.89 52.05 54.17
N VAL K 239 -42.52 51.29 53.14
CA VAL K 239 -42.90 49.88 53.09
C VAL K 239 -42.09 49.07 54.09
N THR K 240 -40.78 49.02 53.88
CA THR K 240 -39.86 48.31 54.78
C THR K 240 -38.42 48.68 54.41
N GLY K 241 -37.57 48.76 55.45
CA GLY K 241 -36.14 48.94 55.26
C GLY K 241 -35.76 50.39 55.02
N GLU K 242 -34.44 50.59 54.88
CA GLU K 242 -33.89 51.96 54.67
C GLU K 242 -33.12 52.01 53.35
N PRO K 243 -33.42 52.97 52.43
CA PRO K 243 -32.73 53.02 51.17
C PRO K 243 -31.63 54.09 51.09
N VAL K 244 -30.79 54.00 50.07
CA VAL K 244 -29.71 54.96 49.86
C VAL K 244 -29.91 55.61 48.50
N SER K 245 -30.01 56.93 48.49
CA SER K 245 -30.22 57.65 47.24
C SER K 245 -29.19 58.77 47.10
N TYR K 246 -28.53 58.83 45.94
CA TYR K 246 -27.52 59.85 45.73
C TYR K 246 -28.16 61.23 45.68
N PHE K 247 -27.50 62.20 46.30
CA PHE K 247 -28.07 63.54 46.41
C PHE K 247 -28.22 64.21 45.05
N LYS K 248 -27.33 63.88 44.10
CA LYS K 248 -27.35 64.56 42.81
C LYS K 248 -28.54 64.12 41.96
N ARG K 249 -28.98 62.87 42.08
CA ARG K 249 -30.07 62.36 41.25
C ARG K 249 -31.39 63.04 41.60
N ASP K 250 -31.61 63.33 42.87
CA ASP K 250 -32.82 63.97 43.35
C ASP K 250 -32.51 65.30 44.01
N ILE K 251 -31.63 66.09 43.39
CA ILE K 251 -31.13 67.32 44.01
C ILE K 251 -32.24 68.34 44.16
N LYS K 252 -33.03 68.55 43.09
CA LYS K 252 -34.05 69.60 43.12
C LYS K 252 -35.38 69.07 42.62
N ASP K 253 -35.35 68.01 41.81
CA ASP K 253 -36.57 67.52 41.18
C ASP K 253 -37.57 67.01 42.21
N VAL K 254 -37.13 66.10 43.09
CA VAL K 254 -38.06 65.44 44.01
C VAL K 254 -37.55 65.51 45.44
N ILE K 255 -36.55 66.36 45.70
CA ILE K 255 -35.93 66.42 47.02
C ILE K 255 -36.95 66.72 48.11
N ASP K 256 -38.04 67.39 47.79
CA ASP K 256 -39.12 67.61 48.73
C ASP K 256 -40.28 66.63 48.55
N ASP K 257 -40.30 65.88 47.44
CA ASP K 257 -41.37 64.92 47.19
C ASP K 257 -41.23 63.65 48.03
N LEU K 258 -40.01 63.29 48.44
CA LEU K 258 -39.86 62.15 49.34
C LEU K 258 -40.59 62.39 50.66
N ALA K 259 -40.50 63.61 51.19
CA ALA K 259 -41.20 63.92 52.43
C ALA K 259 -42.71 63.80 52.27
N ASP K 260 -43.25 64.28 51.14
CA ASP K 260 -44.67 64.17 50.89
C ASP K 260 -45.10 62.71 50.72
N SER K 261 -44.26 61.91 50.05
CA SER K 261 -44.60 60.52 49.78
C SER K 261 -44.43 59.60 50.98
N GLY K 262 -43.87 60.10 52.08
CA GLY K 262 -43.66 59.30 53.26
C GLY K 262 -42.23 58.91 53.55
N PHE K 263 -41.27 59.37 52.76
CA PHE K 263 -39.85 59.12 53.01
C PHE K 263 -39.32 60.22 53.93
N ILE K 264 -38.73 59.82 55.05
CA ILE K 264 -38.09 60.75 55.97
C ILE K 264 -36.61 60.42 56.09
N LYS K 265 -35.78 61.45 56.16
CA LYS K 265 -34.35 61.29 56.17
C LYS K 265 -33.85 60.88 57.54
N ILE K 266 -32.99 59.86 57.58
CA ILE K 266 -32.42 59.38 58.83
C ILE K 266 -30.92 59.62 58.88
N ALA K 267 -30.25 59.71 57.73
CA ALA K 267 -28.81 59.91 57.75
C ALA K 267 -28.34 60.51 56.43
N GLU K 268 -27.10 61.00 56.45
CA GLU K 268 -26.45 61.56 55.27
C GLU K 268 -24.99 61.15 55.28
N ARG K 269 -24.56 60.45 54.23
CA ARG K 269 -23.21 59.93 54.12
C ARG K 269 -22.52 60.52 52.88
N GLN K 270 -21.23 60.20 52.75
CA GLN K 270 -20.42 60.60 51.60
C GLN K 270 -19.87 59.34 50.96
N ILE K 271 -20.31 59.05 49.74
CA ILE K 271 -19.96 57.80 49.06
C ILE K 271 -19.21 58.14 47.78
N LYS K 272 -18.15 57.37 47.52
CA LYS K 272 -17.32 57.60 46.34
C LYS K 272 -17.92 56.90 45.13
N ARG K 273 -17.96 57.61 44.00
CA ARG K 273 -18.48 57.05 42.77
C ARG K 273 -17.86 57.81 41.59
N ARG K 274 -18.00 57.22 40.41
CA ARG K 274 -17.48 57.80 39.19
C ARG K 274 -18.61 58.38 38.35
N ARG K 275 -18.33 59.50 37.70
CA ARG K 275 -19.28 60.15 36.80
C ARG K 275 -18.60 60.40 35.45
N VAL K 276 -19.36 60.24 34.38
CA VAL K 276 -18.83 60.34 33.03
C VAL K 276 -19.40 61.60 32.38
N TYR K 277 -18.50 62.42 31.82
CA TYR K 277 -18.87 63.66 31.16
C TYR K 277 -18.41 63.62 29.71
N LYS K 278 -19.29 64.04 28.80
CA LYS K 278 -19.01 64.11 27.38
C LYS K 278 -18.99 65.56 26.93
N SER K 279 -18.01 65.88 26.08
CA SER K 279 -17.87 67.21 25.51
C SER K 279 -17.76 67.10 24.01
N ILE K 280 -18.42 68.00 23.28
CA ILE K 280 -18.29 68.07 21.84
C ILE K 280 -17.28 69.17 21.51
N ILE K 281 -16.23 68.80 20.80
CA ILE K 281 -15.14 69.73 20.51
C ILE K 281 -14.80 69.71 19.03
N THR K 282 -14.27 70.83 18.58
CA THR K 282 -13.61 70.98 17.30
C THR K 282 -12.19 71.47 17.54
N CYS K 283 -11.46 71.76 16.47
CA CYS K 283 -10.07 72.16 16.63
C CYS K 283 -9.92 73.56 17.21
N THR K 284 -10.99 74.35 17.28
CA THR K 284 -10.89 75.74 17.71
C THR K 284 -11.80 76.12 18.88
N ALA K 285 -12.83 75.34 19.20
CA ALA K 285 -13.78 75.74 20.22
C ALA K 285 -14.44 74.51 20.83
N VAL K 286 -15.12 74.73 21.95
CA VAL K 286 -15.88 73.70 22.64
C VAL K 286 -17.36 74.04 22.47
N LEU K 287 -18.11 73.11 21.86
CA LEU K 287 -19.54 73.34 21.64
C LEU K 287 -20.36 72.98 22.88
N LYS K 288 -20.24 71.74 23.35
CA LYS K 288 -20.84 71.31 24.60
C LYS K 288 -19.72 71.02 25.60
N ASP K 289 -19.90 71.48 26.83
CA ASP K 289 -18.77 71.57 27.75
C ASP K 289 -18.57 70.30 28.58
N LYS K 290 -19.53 69.96 29.44
CA LYS K 290 -19.38 68.84 30.36
C LYS K 290 -20.69 68.07 30.51
N GLN K 291 -21.36 67.79 29.40
CA GLN K 291 -22.65 67.12 29.45
C GLN K 291 -22.55 65.78 30.18
N LEU K 292 -23.18 65.67 31.35
CA LEU K 292 -23.11 64.44 32.13
C LEU K 292 -23.92 63.34 31.45
N ILE K 293 -23.32 62.17 31.31
CA ILE K 293 -24.01 61.04 30.70
C ILE K 293 -24.15 59.92 31.73
N ALA K 294 -25.05 58.99 31.44
CA ALA K 294 -25.33 57.90 32.35
C ALA K 294 -24.18 56.90 32.39
N GLY K 295 -24.00 56.27 33.54
CA GLY K 295 -23.02 55.23 33.70
C GLY K 295 -21.83 55.71 34.53
N GLU K 296 -21.08 54.73 35.06
CA GLU K 296 -19.84 54.99 35.77
C GLU K 296 -18.61 54.78 34.89
N HIS K 297 -18.79 54.33 33.65
CA HIS K 297 -17.70 53.97 32.78
C HIS K 297 -17.84 54.66 31.43
N ILE K 298 -16.72 54.82 30.75
CA ILE K 298 -16.75 55.33 29.38
C ILE K 298 -17.46 54.32 28.48
N PRO K 299 -18.45 54.74 27.69
CA PRO K 299 -19.32 53.79 26.98
C PRO K 299 -18.69 53.13 25.76
N ILE K 300 -17.37 53.21 25.57
CA ILE K 300 -16.71 52.61 24.43
C ILE K 300 -16.05 51.32 24.87
N VAL K 301 -16.32 50.23 24.15
CA VAL K 301 -15.76 48.91 24.45
C VAL K 301 -14.80 48.55 23.32
N PRO K 302 -13.49 48.39 23.61
CA PRO K 302 -12.56 47.94 22.58
C PRO K 302 -12.31 46.43 22.59
N VAL K 303 -11.95 45.89 21.43
CA VAL K 303 -11.59 44.49 21.27
C VAL K 303 -10.22 44.44 20.61
N PHE K 304 -9.33 43.60 21.13
CA PHE K 304 -7.96 43.53 20.67
C PHE K 304 -7.63 42.12 20.20
N GLY K 305 -6.61 42.03 19.34
CA GLY K 305 -6.10 40.75 18.89
C GLY K 305 -4.89 40.34 19.71
N GLU K 306 -3.71 40.43 19.13
CA GLU K 306 -2.46 40.26 19.86
C GLU K 306 -2.04 41.61 20.40
N TRP K 307 -2.20 41.81 21.71
CA TRP K 307 -2.02 43.11 22.34
C TRP K 307 -0.91 43.05 23.37
N GLY K 308 -0.16 44.14 23.50
CA GLY K 308 0.89 44.19 24.50
C GLY K 308 1.56 45.54 24.53
N PHE K 309 2.59 45.62 25.36
CA PHE K 309 3.44 46.81 25.48
C PHE K 309 4.89 46.38 25.28
N VAL K 310 5.63 47.12 24.46
CA VAL K 310 7.03 46.78 24.21
C VAL K 310 7.92 47.63 25.11
N GLU K 311 7.92 48.95 24.90
CA GLU K 311 8.63 49.88 25.78
C GLU K 311 7.70 51.06 26.02
N ASP K 312 6.81 50.90 27.02
CA ASP K 312 5.74 51.87 27.28
C ASP K 312 5.05 52.32 25.99
N LYS K 313 4.95 51.41 25.02
CA LYS K 313 4.37 51.70 23.72
C LYS K 313 3.44 50.56 23.35
N GLU K 314 2.14 50.84 23.33
CA GLU K 314 1.15 49.81 23.05
C GLU K 314 1.26 49.35 21.60
N VAL K 315 1.22 48.03 21.41
CA VAL K 315 1.25 47.41 20.09
C VAL K 315 0.15 46.36 20.02
N TYR K 316 -0.65 46.43 18.96
CA TYR K 316 -1.68 45.45 18.68
C TYR K 316 -1.55 44.97 17.25
N GLU K 317 -1.78 43.68 17.03
CA GLU K 317 -1.60 43.05 15.74
C GLU K 317 -2.72 42.06 15.50
N GLY K 318 -3.06 41.87 14.22
CA GLY K 318 -4.09 40.90 13.85
C GLY K 318 -3.51 39.64 13.28
N VAL K 319 -3.81 39.37 12.00
CA VAL K 319 -3.30 38.17 11.33
C VAL K 319 -2.72 38.57 9.98
N VAL K 320 -2.97 39.80 9.56
CA VAL K 320 -2.61 40.24 8.22
C VAL K 320 -1.20 40.83 8.16
N ARG K 321 -0.72 41.43 9.26
CA ARG K 321 0.52 42.18 9.23
C ARG K 321 1.70 41.32 8.79
N LEU K 322 1.91 40.19 9.47
CA LEU K 322 3.09 39.38 9.21
C LEU K 322 3.07 38.74 7.84
N THR K 323 1.92 38.67 7.19
CA THR K 323 1.81 38.13 5.84
C THR K 323 1.99 39.19 4.76
N LYS K 324 2.16 40.45 5.14
CA LYS K 324 2.24 41.51 4.14
C LYS K 324 3.52 41.42 3.32
N ASP K 325 4.62 41.03 3.95
CA ASP K 325 5.91 41.01 3.25
C ASP K 325 5.96 39.91 2.21
N GLY K 326 5.56 38.69 2.58
CA GLY K 326 5.59 37.60 1.63
C GLY K 326 4.62 37.81 0.48
N GLN K 327 3.39 38.20 0.79
CA GLN K 327 2.38 38.40 -0.24
C GLN K 327 2.81 39.47 -1.23
N ARG K 328 3.32 40.59 -0.71
CA ARG K 328 3.82 41.64 -1.60
C ARG K 328 4.91 41.12 -2.53
N LEU K 329 5.69 40.15 -2.07
CA LEU K 329 6.67 39.52 -2.96
C LEU K 329 5.97 38.64 -3.98
N ARG K 330 5.00 37.85 -3.53
CA ARG K 330 4.31 36.93 -4.44
C ARG K 330 3.57 37.69 -5.53
N ASN K 331 3.00 38.85 -5.19
CA ASN K 331 2.40 39.70 -6.20
C ASN K 331 3.44 40.21 -7.19
N MET K 332 4.63 40.57 -6.70
CA MET K 332 5.64 41.13 -7.59
C MET K 332 6.15 40.09 -8.58
N ILE K 333 6.54 38.91 -8.08
CA ILE K 333 7.09 37.88 -8.95
C ILE K 333 6.06 37.46 -9.98
N MET K 334 4.82 37.22 -9.55
CA MET K 334 3.76 36.86 -10.48
C MET K 334 3.50 37.98 -11.48
N SER K 335 3.79 39.22 -11.10
CA SER K 335 3.66 40.32 -12.05
C SER K 335 4.84 40.35 -13.02
N PHE K 336 6.03 39.95 -12.57
CA PHE K 336 7.18 39.91 -13.46
C PHE K 336 7.02 38.81 -14.49
N ASN K 337 6.64 37.61 -14.05
CA ASN K 337 6.53 36.48 -14.96
C ASN K 337 5.51 36.75 -16.06
N ALA K 338 4.42 37.43 -15.73
CA ALA K 338 3.44 37.80 -16.74
C ALA K 338 4.08 38.67 -17.82
N ASP K 339 4.94 39.61 -17.42
CA ASP K 339 5.65 40.42 -18.39
C ASP K 339 6.50 39.57 -19.33
N ILE K 340 6.95 38.40 -18.87
CA ILE K 340 7.70 37.51 -19.73
C ILE K 340 6.80 36.92 -20.80
N VAL K 341 5.56 36.59 -20.44
CA VAL K 341 4.67 35.93 -21.39
C VAL K 341 4.26 36.90 -22.51
N ALA K 342 3.98 38.15 -22.16
CA ALA K 342 3.49 39.10 -23.15
C ALA K 342 4.62 39.70 -23.98
N ARG K 343 5.54 40.40 -23.32
CA ARG K 343 6.59 41.15 -24.03
C ARG K 343 7.85 40.31 -24.13
N THR K 344 7.82 39.34 -25.04
CA THR K 344 8.99 38.54 -25.33
C THR K 344 8.81 37.99 -26.74
N PRO K 345 9.79 38.15 -27.63
CA PRO K 345 9.64 37.62 -28.98
C PRO K 345 9.47 36.11 -28.97
N LYS K 346 8.64 35.62 -29.88
CA LYS K 346 8.33 34.21 -29.95
C LYS K 346 9.45 33.45 -30.65
N LYS K 347 9.29 32.14 -30.75
CA LYS K 347 10.30 31.27 -31.38
C LYS K 347 10.04 31.24 -32.89
N LYS K 348 10.93 31.87 -33.64
CA LYS K 348 10.84 31.93 -35.09
C LYS K 348 12.23 31.75 -35.66
N PRO K 349 12.35 31.29 -36.90
CA PRO K 349 13.67 31.08 -37.50
C PRO K 349 14.40 32.40 -37.75
N PHE K 350 15.72 32.31 -37.78
CA PHE K 350 16.58 33.41 -38.18
C PHE K 350 16.99 33.20 -39.63
N PHE K 351 16.68 34.18 -40.49
CA PHE K 351 16.91 34.06 -41.92
C PHE K 351 17.72 35.25 -42.41
N TRP K 352 18.62 34.99 -43.34
CA TRP K 352 19.15 36.07 -44.15
C TRP K 352 18.12 36.44 -45.21
N PRO K 353 17.99 37.72 -45.55
CA PRO K 353 17.00 38.10 -46.58
C PRO K 353 17.22 37.42 -47.91
N GLU K 354 18.48 37.16 -48.28
CA GLU K 354 18.77 36.50 -49.55
C GLU K 354 18.48 35.00 -49.52
N GLN K 355 18.39 34.40 -48.34
CA GLN K 355 18.11 32.97 -48.25
C GLN K 355 16.71 32.65 -48.75
N ILE K 356 15.74 33.50 -48.44
CA ILE K 356 14.35 33.24 -48.75
C ILE K 356 13.81 34.24 -49.76
N ALA K 357 14.68 34.87 -50.55
CA ALA K 357 14.24 35.84 -51.54
C ALA K 357 13.44 35.15 -52.63
N GLY K 358 12.19 35.54 -52.80
CA GLY K 358 11.30 34.93 -53.76
C GLY K 358 10.42 33.83 -53.21
N PHE K 359 10.73 33.31 -52.02
CA PHE K 359 9.94 32.26 -51.38
C PHE K 359 9.29 32.75 -50.10
N GLU K 360 9.14 34.07 -49.93
CA GLU K 360 8.65 34.62 -48.67
C GLU K 360 7.21 34.22 -48.38
N HIS K 361 6.42 33.87 -49.39
CA HIS K 361 5.06 33.42 -49.16
C HIS K 361 4.99 31.97 -48.66
N MET K 362 6.11 31.25 -48.67
CA MET K 362 6.12 29.89 -48.16
C MET K 362 6.27 29.82 -46.64
N TYR K 363 6.67 30.92 -46.00
CA TYR K 363 6.95 30.93 -44.58
C TYR K 363 5.96 31.77 -43.78
N ASP K 364 4.90 32.27 -44.42
CA ASP K 364 3.95 33.13 -43.74
C ASP K 364 3.01 32.37 -42.81
N GLY K 365 2.98 31.05 -42.89
CA GLY K 365 2.13 30.25 -42.02
C GLY K 365 1.07 29.43 -42.74
N ASN K 366 0.93 29.53 -44.05
CA ASN K 366 -0.06 28.73 -44.76
C ASN K 366 0.40 27.28 -44.88
N ASP K 367 -0.51 26.43 -45.31
CA ASP K 367 -0.24 25.00 -45.47
C ASP K 367 -0.58 24.55 -46.88
N ASP K 368 -0.21 25.35 -47.88
CA ASP K 368 -0.47 25.03 -49.27
C ASP K 368 0.73 24.43 -49.99
N TYR K 369 1.84 24.22 -49.30
CA TYR K 369 3.04 23.71 -49.92
C TYR K 369 3.54 22.48 -49.16
N PRO K 370 4.19 21.55 -49.85
CA PRO K 370 4.68 20.33 -49.17
C PRO K 370 6.03 20.51 -48.48
N TYR K 371 6.74 21.61 -48.72
CA TYR K 371 8.05 21.81 -48.14
C TYR K 371 8.37 23.30 -48.21
N TYR K 372 9.61 23.64 -47.81
CA TYR K 372 10.12 25.00 -47.89
C TYR K 372 11.34 25.02 -48.79
N LEU K 373 11.40 26.02 -49.67
CA LEU K 373 12.50 26.18 -50.60
C LEU K 373 13.41 27.31 -50.15
N LEU K 374 14.72 27.12 -50.32
CA LEU K 374 15.72 28.10 -49.96
C LEU K 374 16.59 28.41 -51.17
N ASN K 375 16.93 29.69 -51.33
CA ASN K 375 17.90 30.07 -52.35
C ASN K 375 19.26 29.50 -52.02
N ARG K 376 20.01 29.11 -53.04
CA ARG K 376 21.27 28.42 -52.84
C ARG K 376 22.48 29.16 -53.40
N THR K 377 22.35 29.78 -54.56
CA THR K 377 23.47 30.37 -55.27
C THR K 377 23.49 31.88 -55.11
N ASP K 378 24.68 32.45 -55.18
CA ASP K 378 24.90 33.89 -55.17
C ASP K 378 25.78 34.25 -56.36
N GLU K 379 25.46 35.36 -57.03
CA GLU K 379 26.19 35.72 -58.23
C GLU K 379 27.58 36.27 -57.95
N ASN K 380 27.86 36.62 -56.70
CA ASN K 380 29.18 37.13 -56.31
C ASN K 380 29.98 36.15 -55.48
N SER K 381 29.36 35.50 -54.50
CA SER K 381 30.04 34.54 -53.65
C SER K 381 29.95 33.12 -54.18
N GLY K 382 29.34 32.92 -55.34
CA GLY K 382 29.21 31.58 -55.92
C GLY K 382 28.11 30.77 -55.26
N ASP K 383 28.29 30.46 -53.97
CA ASP K 383 27.33 29.69 -53.21
C ASP K 383 27.05 30.38 -51.89
N LEU K 384 25.82 30.26 -51.41
CA LEU K 384 25.46 30.85 -50.13
C LEU K 384 26.16 30.09 -49.00
N PRO K 385 26.65 30.79 -47.98
CA PRO K 385 27.33 30.10 -46.87
C PRO K 385 26.38 29.17 -46.13
N THR K 386 26.94 28.11 -45.57
CA THR K 386 26.18 27.09 -44.84
C THR K 386 26.23 27.39 -43.34
N GLN K 387 25.07 27.40 -42.71
CA GLN K 387 24.94 27.67 -41.29
C GLN K 387 23.63 27.06 -40.81
N PRO K 388 23.66 26.18 -39.80
CA PRO K 388 22.42 25.54 -39.35
C PRO K 388 21.39 26.58 -38.89
N LEU K 389 20.13 26.30 -39.20
CA LEU K 389 19.05 27.24 -38.90
C LEU K 389 18.98 27.49 -37.40
N ALA K 390 18.87 28.76 -37.03
CA ALA K 390 18.78 29.17 -35.63
C ALA K 390 17.42 29.75 -35.35
N TYR K 391 16.84 29.38 -34.22
CA TYR K 391 15.51 29.82 -33.81
C TYR K 391 15.61 30.63 -32.53
N TYR K 392 14.79 31.66 -32.43
CA TYR K 392 14.70 32.43 -31.19
C TYR K 392 14.25 31.52 -30.06
N GLU K 393 14.93 31.61 -28.92
CA GLU K 393 14.62 30.72 -27.81
C GLU K 393 13.24 31.02 -27.24
N ASN K 394 12.56 29.95 -26.80
CA ASN K 394 11.25 30.10 -26.20
C ASN K 394 11.36 30.87 -24.89
N PRO K 395 10.36 31.70 -24.57
CA PRO K 395 10.36 32.36 -23.26
C PRO K 395 10.36 31.35 -22.13
N GLU K 396 11.11 31.66 -21.07
CA GLU K 396 11.24 30.78 -19.93
C GLU K 396 11.14 31.59 -18.65
N VAL K 397 10.46 31.03 -17.65
CA VAL K 397 10.42 31.62 -16.32
C VAL K 397 11.74 31.25 -15.62
N PRO K 398 12.50 32.22 -15.12
CA PRO K 398 13.78 31.89 -14.50
C PRO K 398 13.60 31.03 -13.26
N GLN K 399 14.62 30.24 -12.96
CA GLN K 399 14.58 29.40 -11.77
C GLN K 399 14.46 30.25 -10.51
N ALA K 400 15.07 31.43 -10.50
CA ALA K 400 14.95 32.32 -9.35
C ALA K 400 13.51 32.75 -9.13
N ASN K 401 12.80 33.09 -10.21
CA ASN K 401 11.42 33.53 -10.09
C ASN K 401 10.53 32.44 -9.52
N ALA K 402 10.64 31.22 -10.06
CA ALA K 402 9.82 30.12 -9.57
C ALA K 402 10.15 29.77 -8.12
N TYR K 403 11.46 29.70 -7.81
CA TYR K 403 11.87 29.38 -6.45
C TYR K 403 11.36 30.41 -5.46
N MET K 404 11.48 31.70 -5.81
CA MET K 404 11.07 32.73 -4.86
C MET K 404 9.56 32.82 -4.76
N LEU K 405 8.82 32.57 -5.84
CA LEU K 405 7.37 32.53 -5.74
C LEU K 405 6.91 31.41 -4.81
N GLU K 406 7.50 30.22 -4.98
CA GLU K 406 7.16 29.11 -4.09
C GLU K 406 7.53 29.43 -2.65
N ALA K 407 8.71 30.01 -2.43
CA ALA K 407 9.14 30.33 -1.08
C ALA K 407 8.24 31.36 -0.42
N ALA K 408 7.86 32.41 -1.17
CA ALA K 408 6.98 33.44 -0.62
C ALA K 408 5.61 32.87 -0.31
N THR K 409 5.06 32.05 -1.20
CA THR K 409 3.76 31.43 -0.92
C THR K 409 3.83 30.54 0.31
N SER K 410 4.90 29.75 0.44
CA SER K 410 5.04 28.89 1.61
C SER K 410 5.19 29.72 2.89
N ALA K 411 5.94 30.81 2.83
CA ALA K 411 6.11 31.67 4.00
C ALA K 411 4.78 32.27 4.44
N VAL K 412 3.99 32.75 3.47
CA VAL K 412 2.68 33.32 3.83
C VAL K 412 1.77 32.24 4.38
N LYS K 413 1.82 31.03 3.80
CA LYS K 413 1.02 29.92 4.32
C LYS K 413 1.38 29.63 5.76
N GLU K 414 2.67 29.59 6.08
CA GLU K 414 3.08 29.20 7.42
C GLU K 414 2.81 30.30 8.44
N VAL K 415 3.00 31.57 8.06
CA VAL K 415 2.84 32.65 9.02
C VAL K 415 1.38 33.05 9.22
N ALA K 416 0.51 32.79 8.25
CA ALA K 416 -0.90 33.15 8.36
C ALA K 416 -1.72 32.05 9.02
N THR K 417 -1.27 31.59 10.19
CA THR K 417 -2.00 30.62 10.98
C THR K 417 -2.19 31.20 12.38
N LEU K 418 -3.38 31.73 12.64
CA LEU K 418 -3.71 32.24 13.96
C LEU K 418 -3.77 31.09 14.96
N GLY K 419 -2.97 31.16 16.00
CA GLY K 419 -2.93 30.09 16.98
C GLY K 419 -2.50 28.79 16.33
N VAL K 420 -3.24 27.72 16.62
CA VAL K 420 -2.96 26.41 16.05
C VAL K 420 -3.96 26.08 14.96
N GLU K 445 -7.34 27.95 14.66
CA GLU K 445 -8.15 28.12 15.86
C GLU K 445 -7.96 29.52 16.42
N THR K 446 -9.06 30.14 16.85
CA THR K 446 -9.07 31.50 17.35
C THR K 446 -9.48 31.55 18.81
N TYR K 447 -8.94 30.64 19.63
CA TYR K 447 -9.30 30.64 21.05
C TYR K 447 -8.88 31.93 21.73
N VAL K 448 -7.68 32.43 21.43
CA VAL K 448 -7.23 33.67 22.05
C VAL K 448 -8.10 34.84 21.62
N PHE K 449 -8.45 34.90 20.33
CA PHE K 449 -9.31 35.98 19.85
C PHE K 449 -10.70 35.89 20.47
N GLN K 450 -11.23 34.67 20.61
CA GLN K 450 -12.52 34.51 21.26
C GLN K 450 -12.46 34.91 22.72
N ASP K 451 -11.36 34.62 23.40
CA ASP K 451 -11.23 35.03 24.80
C ASP K 451 -11.12 36.54 24.92
N ASN K 452 -10.42 37.18 23.99
CA ASN K 452 -10.36 38.65 23.99
C ASN K 452 -11.75 39.25 23.75
N LEU K 453 -12.53 38.64 22.84
CA LEU K 453 -13.90 39.09 22.63
C LEU K 453 -14.73 38.88 23.88
N ALA K 454 -14.49 37.78 24.61
CA ALA K 454 -15.21 37.54 25.86
C ALA K 454 -14.87 38.59 26.90
N THR K 455 -13.60 38.99 26.97
CA THR K 455 -13.21 40.09 27.86
C THR K 455 -13.93 41.39 27.47
N ALA K 456 -14.00 41.66 26.17
CA ALA K 456 -14.73 42.84 25.70
C ALA K 456 -16.19 42.79 26.09
N MET K 457 -16.81 41.61 25.96
CA MET K 457 -18.22 41.48 26.34
C MET K 457 -18.43 41.60 27.84
N ARG K 458 -17.46 41.15 28.64
CA ARG K 458 -17.55 41.36 30.08
C ARG K 458 -17.50 42.84 30.43
N ARG K 459 -16.61 43.59 29.76
CA ARG K 459 -16.59 45.04 29.93
C ARG K 459 -17.91 45.67 29.49
N ASP K 460 -18.45 45.18 28.38
CA ASP K 460 -19.74 45.66 27.89
C ASP K 460 -20.84 45.43 28.92
N GLY K 461 -20.84 44.26 29.56
CA GLY K 461 -21.82 43.98 30.59
C GLY K 461 -21.67 44.88 31.80
N GLU K 462 -20.42 45.16 32.20
CA GLU K 462 -20.19 46.08 33.31
C GLU K 462 -20.75 47.46 32.99
N ILE K 463 -20.43 47.99 31.81
CA ILE K 463 -20.92 49.31 31.42
C ILE K 463 -22.43 49.33 31.35
N TYR K 464 -23.03 48.27 30.77
CA TYR K 464 -24.47 48.21 30.65
C TYR K 464 -25.14 48.16 32.02
N GLN K 465 -24.57 47.42 32.97
CA GLN K 465 -25.13 47.38 34.31
C GLN K 465 -25.08 48.75 34.97
N SER K 466 -23.96 49.46 34.81
CA SER K 466 -23.86 50.81 35.38
C SER K 466 -24.91 51.74 34.78
N ILE K 467 -25.06 51.70 33.46
CA ILE K 467 -26.04 52.57 32.80
C ILE K 467 -27.45 52.22 33.25
N VAL K 468 -27.75 50.93 33.35
CA VAL K 468 -29.08 50.49 33.78
C VAL K 468 -29.38 51.00 35.17
N ASN K 469 -28.41 50.87 36.08
CA ASN K 469 -28.60 51.44 37.41
C ASN K 469 -28.81 52.95 37.36
N ASP K 470 -28.19 53.62 36.38
CA ASP K 470 -28.31 55.08 36.31
C ASP K 470 -29.68 55.52 35.80
N ILE K 471 -30.23 54.87 34.78
CA ILE K 471 -31.40 55.44 34.10
C ILE K 471 -32.63 54.55 34.16
N TYR K 472 -32.44 53.25 34.30
CA TYR K 472 -33.56 52.32 34.22
C TYR K 472 -34.24 52.16 35.58
N ASP K 473 -35.46 51.62 35.54
CA ASP K 473 -36.22 51.33 36.75
C ASP K 473 -35.93 49.88 37.15
N VAL K 474 -35.10 49.71 38.17
CA VAL K 474 -34.69 48.38 38.64
C VAL K 474 -35.53 48.04 39.87
N PRO K 475 -36.44 47.08 39.79
CA PRO K 475 -37.24 46.72 40.96
C PRO K 475 -36.40 46.02 42.01
N ARG K 476 -36.81 46.18 43.27
CA ARG K 476 -36.22 45.47 44.39
C ARG K 476 -37.15 44.32 44.78
N ASN K 477 -36.61 43.11 44.80
CA ASN K 477 -37.42 41.92 45.06
C ASN K 477 -37.47 41.65 46.55
N VAL K 478 -38.67 41.69 47.12
CA VAL K 478 -38.88 41.40 48.52
C VAL K 478 -39.32 39.95 48.67
N THR K 479 -39.04 39.38 49.84
CA THR K 479 -39.34 37.98 50.12
C THR K 479 -40.62 37.80 50.93
N ILE K 480 -41.36 38.88 51.17
CA ILE K 480 -42.59 38.78 51.95
C ILE K 480 -43.71 38.20 51.09
N LEU K 492 -42.11 39.16 45.12
CA LEU K 492 -42.81 40.39 44.75
C LEU K 492 -41.83 41.52 44.49
N MET K 493 -41.94 42.14 43.32
CA MET K 493 -41.08 43.25 42.94
C MET K 493 -41.76 44.56 43.31
N ALA K 494 -41.08 45.37 44.12
CA ALA K 494 -41.61 46.65 44.59
C ALA K 494 -40.88 47.78 43.87
N GLU K 495 -41.49 48.28 42.79
CA GLU K 495 -40.93 49.40 42.05
C GLU K 495 -41.31 50.69 42.77
N VAL K 496 -40.34 51.32 43.42
CA VAL K 496 -40.55 52.54 44.19
C VAL K 496 -39.98 53.70 43.38
N VAL K 497 -40.87 54.52 42.80
CA VAL K 497 -40.50 55.70 42.05
C VAL K 497 -41.50 56.80 42.36
N ASP K 498 -41.15 58.03 41.95
CA ASP K 498 -42.03 59.17 42.14
C ASP K 498 -41.75 60.21 41.06
N LEU K 499 -42.73 61.07 40.85
CA LEU K 499 -42.63 62.13 39.85
C LEU K 499 -42.55 63.49 40.54
N ALA K 500 -41.96 64.45 39.84
CA ALA K 500 -41.79 65.80 40.34
C ALA K 500 -42.99 66.66 39.95
N THR K 501 -42.93 67.94 40.33
CA THR K 501 -43.99 68.86 39.93
C THR K 501 -43.97 69.15 38.44
N GLY K 502 -42.87 68.87 37.75
CA GLY K 502 -42.78 69.06 36.33
C GLY K 502 -43.18 67.83 35.54
N GLU K 503 -43.88 66.91 36.22
CA GLU K 503 -44.41 65.66 35.67
C GLU K 503 -43.30 64.66 35.32
N LYS K 504 -42.04 65.00 35.53
CA LYS K 504 -40.94 64.09 35.21
C LYS K 504 -40.75 63.11 36.36
N GLN K 505 -40.71 61.81 36.04
CA GLN K 505 -40.51 60.78 37.03
C GLN K 505 -39.02 60.54 37.21
N VAL K 506 -38.57 60.48 38.46
CA VAL K 506 -37.17 60.25 38.79
C VAL K 506 -37.06 58.87 39.44
N LEU K 507 -36.20 58.02 38.87
CA LEU K 507 -36.02 56.68 39.39
C LEU K 507 -35.34 56.73 40.76
N ASN K 508 -35.75 55.83 41.64
CA ASN K 508 -35.17 55.71 42.98
C ASN K 508 -34.55 54.32 43.08
N ASP K 509 -33.23 54.25 42.92
CA ASP K 509 -32.50 52.99 42.94
C ASP K 509 -31.65 52.94 44.21
N ILE K 510 -31.84 51.90 45.01
CA ILE K 510 -31.06 51.75 46.24
C ILE K 510 -29.62 51.39 45.89
N ARG K 511 -28.73 51.51 46.88
CA ARG K 511 -27.33 51.21 46.69
C ARG K 511 -27.02 49.73 46.70
N GLY K 512 -28.00 48.88 47.01
CA GLY K 512 -27.83 47.44 46.83
C GLY K 512 -28.11 47.04 45.40
N ARG K 513 -27.35 47.62 44.47
CA ARG K 513 -27.58 47.44 43.04
C ARG K 513 -26.65 46.42 42.40
N TYR K 514 -25.41 46.31 42.88
CA TYR K 514 -24.44 45.38 42.30
C TYR K 514 -24.57 44.00 42.94
N GLU K 515 -25.75 43.41 42.75
CA GLU K 515 -26.05 42.09 43.29
C GLU K 515 -25.70 40.96 42.35
N CYS K 516 -25.28 41.26 41.13
CA CYS K 516 -24.92 40.24 40.15
C CYS K 516 -23.64 40.63 39.45
N TYR K 517 -22.85 39.63 39.08
CA TYR K 517 -21.61 39.83 38.36
C TYR K 517 -21.76 39.33 36.93
N THR K 518 -20.72 39.57 36.14
CA THR K 518 -20.75 39.36 34.69
C THR K 518 -19.94 38.13 34.31
N ASP K 519 -20.50 37.31 33.43
CA ASP K 519 -19.83 36.16 32.85
C ASP K 519 -20.14 36.15 31.35
N VAL K 520 -19.60 35.16 30.66
CA VAL K 520 -19.76 35.05 29.21
C VAL K 520 -20.51 33.76 28.90
N GLY K 521 -21.55 33.85 28.09
CA GLY K 521 -22.33 32.70 27.71
C GLY K 521 -22.83 32.79 26.28
N PRO K 522 -23.58 31.79 25.84
CA PRO K 522 -24.12 31.81 24.49
C PRO K 522 -25.11 32.96 24.31
N SER K 523 -25.21 33.44 23.06
CA SER K 523 -26.07 34.56 22.75
C SER K 523 -27.50 34.07 22.55
N PHE K 524 -28.44 34.62 23.31
CA PHE K 524 -29.84 34.25 23.24
C PHE K 524 -30.68 35.49 22.97
N GLN K 525 -31.74 35.33 22.17
CA GLN K 525 -32.57 36.46 21.80
C GLN K 525 -33.49 36.89 22.95
N SER K 526 -33.86 35.96 23.82
CA SER K 526 -34.81 36.27 24.88
C SER K 526 -34.57 35.31 26.05
N MET K 527 -35.21 35.64 27.18
CA MET K 527 -35.07 34.79 28.36
C MET K 527 -35.72 33.42 28.16
N LYS K 528 -36.79 33.36 27.37
CA LYS K 528 -37.43 32.07 27.11
C LYS K 528 -36.51 31.13 26.36
N GLN K 529 -35.76 31.65 25.38
CA GLN K 529 -34.79 30.83 24.67
C GLN K 529 -33.71 30.33 25.61
N GLN K 530 -33.23 31.19 26.52
CA GLN K 530 -32.23 30.77 27.49
C GLN K 530 -32.76 29.68 28.40
N ASN K 531 -34.01 29.83 28.87
CA ASN K 531 -34.60 28.80 29.71
C ASN K 531 -34.76 27.48 28.96
N ARG K 532 -35.16 27.55 27.68
CA ARG K 532 -35.28 26.34 26.89
C ARG K 532 -33.93 25.65 26.71
N ALA K 533 -32.89 26.44 26.45
CA ALA K 533 -31.55 25.87 26.30
C ALA K 533 -31.08 25.23 27.61
N GLU K 534 -31.36 25.88 28.73
CA GLU K 534 -30.96 25.35 30.03
C GLU K 534 -31.69 24.03 30.33
N ILE K 535 -32.99 23.99 30.04
CA ILE K 535 -33.76 22.77 30.27
C ILE K 535 -33.24 21.65 29.37
N LEU K 536 -32.94 21.96 28.11
CA LEU K 536 -32.40 20.94 27.21
C LEU K 536 -31.04 20.45 27.69
N GLU K 537 -30.19 21.35 28.17
CA GLU K 537 -28.89 20.95 28.69
C GLU K 537 -29.03 20.04 29.90
N LEU K 538 -29.95 20.38 30.81
CA LEU K 538 -30.19 19.52 31.97
C LEU K 538 -30.74 18.16 31.54
N LEU K 539 -31.59 18.15 30.51
CA LEU K 539 -32.20 16.91 30.04
C LEU K 539 -31.15 15.96 29.47
N GLY K 540 -30.11 16.50 28.84
CA GLY K 540 -29.10 15.68 28.21
C GLY K 540 -28.22 14.92 29.20
N LYS K 541 -28.26 15.29 30.48
CA LYS K 541 -27.45 14.64 31.49
C LYS K 541 -28.25 13.82 32.49
N THR K 542 -29.55 14.05 32.60
CA THR K 542 -30.37 13.32 33.56
C THR K 542 -30.76 11.95 32.97
N PRO K 543 -30.57 10.86 33.71
CA PRO K 543 -31.05 9.57 33.24
C PRO K 543 -32.57 9.51 33.23
N GLN K 544 -33.09 8.50 32.54
CA GLN K 544 -34.53 8.39 32.34
C GLN K 544 -35.26 7.95 33.60
N GLY K 545 -35.26 8.82 34.62
CA GLY K 545 -36.01 8.56 35.84
C GLY K 545 -37.19 9.49 35.98
N THR K 546 -37.47 9.95 37.19
CA THR K 546 -38.53 10.92 37.44
C THR K 546 -38.10 12.34 37.09
N PRO K 547 -36.89 12.78 37.44
CA PRO K 547 -36.46 14.12 36.99
C PRO K 547 -36.44 14.27 35.48
N GLU K 548 -36.21 13.18 34.74
CA GLU K 548 -36.30 13.26 33.28
C GLU K 548 -37.71 13.62 32.84
N TYR K 549 -38.72 13.00 33.45
CA TYR K 549 -40.10 13.35 33.16
C TYR K 549 -40.39 14.79 33.55
N GLN K 550 -39.88 15.22 34.71
CA GLN K 550 -40.07 16.60 35.15
C GLN K 550 -39.50 17.58 34.13
N LEU K 551 -38.28 17.31 33.66
CA LEU K 551 -37.65 18.19 32.69
C LEU K 551 -38.35 18.16 31.34
N LEU K 552 -38.86 17.00 30.93
CA LEU K 552 -39.61 16.95 29.67
C LEU K 552 -40.88 17.78 29.75
N LEU K 553 -41.62 17.66 30.86
CA LEU K 553 -42.81 18.48 31.04
C LEU K 553 -42.45 19.95 31.10
N LEU K 554 -41.32 20.29 31.73
CA LEU K 554 -40.87 21.67 31.79
C LEU K 554 -40.44 22.20 30.43
N GLN K 555 -39.88 21.35 29.58
CA GLN K 555 -39.55 21.77 28.22
C GLN K 555 -40.81 22.01 27.41
N TYR K 556 -41.83 21.16 27.58
CA TYR K 556 -43.11 21.39 26.94
C TYR K 556 -43.80 22.63 27.49
N PHE K 557 -43.48 23.01 28.73
CA PHE K 557 -43.94 24.28 29.30
C PHE K 557 -43.57 25.46 28.44
N THR K 558 -42.29 25.60 28.11
CA THR K 558 -41.76 26.86 27.60
C THR K 558 -41.74 26.91 26.08
N LEU K 559 -42.64 26.17 25.44
CA LEU K 559 -42.70 26.16 23.99
C LEU K 559 -43.56 27.30 23.48
N LEU K 560 -43.26 27.74 22.25
CA LEU K 560 -44.06 28.75 21.59
C LEU K 560 -45.47 28.22 21.32
N ASP K 561 -46.32 29.07 20.76
CA ASP K 561 -47.74 28.75 20.59
C ASP K 561 -48.09 28.65 19.11
N GLY K 562 -48.55 27.47 18.71
CA GLY K 562 -49.29 27.29 17.48
C GLY K 562 -50.70 26.88 17.86
N LYS K 563 -51.14 25.73 17.39
CA LYS K 563 -52.42 25.17 17.82
C LYS K 563 -52.24 23.83 18.53
N GLY K 564 -51.56 22.88 17.90
CA GLY K 564 -51.29 21.62 18.56
C GLY K 564 -50.33 21.75 19.74
N VAL K 565 -49.25 22.51 19.55
CA VAL K 565 -48.29 22.67 20.62
C VAL K 565 -48.93 23.43 21.79
N GLU K 566 -49.96 24.24 21.51
CA GLU K 566 -50.74 24.82 22.58
C GLU K 566 -51.42 23.73 23.42
N MET K 567 -51.99 22.73 22.74
CA MET K 567 -52.62 21.62 23.46
C MET K 567 -51.60 20.85 24.27
N MET K 568 -50.41 20.62 23.70
CA MET K 568 -49.37 19.89 24.42
C MET K 568 -48.90 20.68 25.64
N ARG K 569 -48.76 22.00 25.50
CA ARG K 569 -48.35 22.81 26.62
C ARG K 569 -49.42 22.84 27.71
N ASP K 570 -50.70 22.88 27.33
CA ASP K 570 -51.77 22.80 28.32
C ASP K 570 -51.74 21.46 29.05
N TYR K 571 -51.49 20.38 28.31
CA TYR K 571 -51.38 19.06 28.95
C TYR K 571 -50.21 19.03 29.93
N ALA K 572 -49.07 19.60 29.55
CA ALA K 572 -47.92 19.66 30.46
C ALA K 572 -48.25 20.52 31.67
N ASN K 573 -48.99 21.61 31.47
CA ASN K 573 -49.45 22.46 32.56
C ASN K 573 -50.22 21.64 33.58
N LYS K 574 -51.24 20.93 33.09
CA LYS K 574 -52.09 20.15 33.98
C LYS K 574 -51.29 19.06 34.68
N GLN K 575 -50.38 18.40 33.96
CA GLN K 575 -49.59 17.35 34.56
C GLN K 575 -48.71 17.88 35.67
N LEU K 576 -48.01 19.01 35.43
CA LEU K 576 -47.13 19.57 36.44
C LEU K 576 -47.93 20.05 37.66
N ILE K 577 -49.10 20.66 37.44
CA ILE K 577 -49.90 21.12 38.57
C ILE K 577 -50.41 19.94 39.38
N GLN K 578 -50.79 18.85 38.71
CA GLN K 578 -51.50 17.77 39.40
C GLN K 578 -50.61 16.98 40.35
N MET K 579 -49.29 16.99 40.18
CA MET K 579 -48.40 16.29 41.10
C MET K 579 -47.86 17.20 42.20
N GLY K 580 -48.36 18.43 42.30
CA GLY K 580 -47.93 19.32 43.36
C GLY K 580 -46.59 19.97 43.14
N VAL K 581 -45.94 19.71 42.00
CA VAL K 581 -44.65 20.31 41.72
C VAL K 581 -44.81 21.80 41.46
N LYS K 582 -45.85 22.18 40.73
CA LYS K 582 -46.15 23.58 40.49
C LYS K 582 -47.07 24.13 41.57
N LYS K 583 -47.00 25.45 41.75
CA LYS K 583 -47.92 26.16 42.63
C LYS K 583 -49.00 26.80 41.78
N PRO K 584 -50.25 26.38 41.90
CA PRO K 584 -51.31 26.97 41.06
C PRO K 584 -51.47 28.45 41.32
N GLU K 585 -51.69 29.21 40.25
CA GLU K 585 -51.96 30.64 40.32
C GLU K 585 -53.37 30.96 39.87
N THR K 586 -53.73 30.54 38.66
CA THR K 586 -55.05 30.71 38.07
C THR K 586 -56.02 29.68 38.66
N PRO K 587 -57.26 30.07 38.95
CA PRO K 587 -58.20 29.12 39.60
C PRO K 587 -58.44 27.85 38.82
N GLU K 588 -58.32 27.88 37.49
CA GLU K 588 -58.36 26.63 36.72
C GLU K 588 -57.35 25.63 37.26
N GLU K 589 -56.11 26.07 37.44
CA GLU K 589 -55.12 25.22 38.09
C GLU K 589 -55.53 24.87 39.51
N GLN K 590 -56.29 25.75 40.18
CA GLN K 590 -56.68 25.49 41.56
C GLN K 590 -57.58 24.26 41.66
N GLN K 591 -58.67 24.22 40.88
CA GLN K 591 -59.43 22.97 40.99
C GLN K 591 -58.82 21.84 40.18
N TRP K 592 -57.85 22.10 39.30
CA TRP K 592 -57.05 20.99 38.78
C TRP K 592 -56.34 20.27 39.91
N LEU K 593 -55.68 21.03 40.79
CA LEU K 593 -55.04 20.45 41.96
C LEU K 593 -56.08 19.83 42.90
N VAL K 594 -57.26 20.44 42.99
CA VAL K 594 -58.31 19.90 43.84
C VAL K 594 -58.72 18.50 43.37
N GLU K 595 -58.95 18.36 42.06
CA GLU K 595 -59.29 17.05 41.50
C GLU K 595 -58.14 16.06 41.65
N ALA K 596 -56.90 16.53 41.51
CA ALA K 596 -55.75 15.64 41.72
C ALA K 596 -55.73 15.12 43.15
N GLN K 597 -55.98 15.99 44.13
CA GLN K 597 -56.01 15.57 45.52
C GLN K 597 -57.18 14.62 45.78
N GLN K 598 -58.33 14.88 45.18
CA GLN K 598 -59.47 13.97 45.34
C GLN K 598 -59.14 12.59 44.78
N ALA K 599 -58.50 12.53 43.61
CA ALA K 599 -58.11 11.25 43.04
C ALA K 599 -57.09 10.55 43.93
N LYS K 600 -56.15 11.31 44.50
CA LYS K 600 -55.17 10.72 45.41
C LYS K 600 -55.84 10.13 46.65
N GLN K 601 -56.81 10.84 47.21
CA GLN K 601 -57.48 10.37 48.43
C GLN K 601 -58.38 9.17 48.16
N GLY K 602 -58.75 8.92 46.90
CA GLY K 602 -59.62 7.81 46.58
C GLY K 602 -58.90 6.65 45.91
N GLN K 603 -57.67 6.39 46.35
CA GLN K 603 -56.84 5.32 45.80
C GLN K 603 -56.60 4.26 46.85
N GLN K 604 -56.73 2.99 46.45
CA GLN K 604 -56.52 1.87 47.36
C GLN K 604 -56.11 0.66 46.54
N ASP K 605 -55.23 -0.17 47.12
CA ASP K 605 -54.66 -1.30 46.42
C ASP K 605 -55.29 -2.60 46.92
N PRO K 606 -55.44 -3.60 46.05
CA PRO K 606 -56.10 -4.85 46.46
C PRO K 606 -55.37 -5.59 47.57
N ALA K 607 -54.03 -5.56 47.57
CA ALA K 607 -53.29 -6.28 48.59
C ALA K 607 -53.56 -5.74 49.98
N MET K 608 -53.65 -4.40 50.11
CA MET K 608 -53.99 -3.80 51.38
C MET K 608 -55.37 -4.24 51.85
N VAL K 609 -56.34 -4.28 50.94
CA VAL K 609 -57.70 -4.67 51.30
C VAL K 609 -57.75 -6.12 51.74
N GLN K 610 -57.05 -7.01 51.02
CA GLN K 610 -57.00 -8.41 51.43
C GLN K 610 -56.34 -8.57 52.79
N ALA K 611 -55.25 -7.84 53.03
CA ALA K 611 -54.58 -7.91 54.32
C ALA K 611 -55.49 -7.43 55.45
N GLN K 612 -56.21 -6.33 55.21
CA GLN K 612 -57.14 -5.83 56.21
C GLN K 612 -58.27 -6.83 56.47
N GLY K 613 -58.74 -7.49 55.42
CA GLY K 613 -59.76 -8.52 55.60
C GLY K 613 -59.27 -9.66 56.46
N VAL K 614 -58.06 -10.14 56.20
CA VAL K 614 -57.46 -11.17 57.03
C VAL K 614 -57.33 -10.68 58.48
N LEU K 615 -56.98 -9.40 58.65
CA LEU K 615 -56.77 -8.85 59.99
C LEU K 615 -58.06 -8.83 60.79
N LEU K 616 -59.14 -8.31 60.21
CA LEU K 616 -60.37 -8.29 60.99
C LEU K 616 -61.00 -9.67 61.11
N GLN K 617 -60.72 -10.59 60.18
CA GLN K 617 -61.06 -12.00 60.41
C GLN K 617 -60.38 -12.52 61.66
N GLY K 618 -59.07 -12.28 61.78
CA GLY K 618 -58.34 -12.72 62.96
C GLY K 618 -58.82 -12.06 64.22
N GLN K 619 -59.12 -10.76 64.17
CA GLN K 619 -59.61 -10.06 65.34
C GLN K 619 -60.97 -10.60 65.78
N ALA K 620 -61.84 -10.93 64.82
CA ALA K 620 -63.11 -11.55 65.16
C ALA K 620 -62.90 -12.92 65.79
N GLU K 621 -61.92 -13.68 65.30
CA GLU K 621 -61.68 -14.98 65.91
C GLU K 621 -61.06 -14.84 67.31
N LEU K 622 -60.28 -13.79 67.54
CA LEU K 622 -59.86 -13.44 68.90
C LEU K 622 -61.07 -13.15 69.78
N ALA K 623 -62.01 -12.35 69.27
CA ALA K 623 -63.22 -12.06 70.03
C ALA K 623 -63.99 -13.34 70.33
N LYS K 624 -64.07 -14.24 69.35
CA LYS K 624 -64.75 -15.52 69.55
C LYS K 624 -64.06 -16.34 70.63
N ALA K 625 -62.73 -16.33 70.64
CA ALA K 625 -62.00 -17.03 71.71
C ALA K 625 -62.32 -16.43 73.08
N GLN K 626 -62.35 -15.11 73.17
CA GLN K 626 -62.67 -14.47 74.45
C GLN K 626 -64.09 -14.79 74.89
N ASN K 627 -65.04 -14.78 73.96
CA ASN K 627 -66.40 -15.18 74.29
C ASN K 627 -66.46 -16.63 74.71
N GLN K 628 -65.63 -17.49 74.12
CA GLN K 628 -65.56 -18.87 74.57
C GLN K 628 -65.08 -18.95 76.02
N THR K 629 -64.06 -18.16 76.37
CA THR K 629 -63.63 -18.08 77.76
C THR K 629 -64.78 -17.70 78.67
N LEU K 630 -65.48 -16.62 78.31
CA LEU K 630 -66.55 -16.11 79.16
C LEU K 630 -67.69 -17.12 79.30
N SER K 631 -68.11 -17.73 78.18
CA SER K 631 -69.20 -18.68 78.22
C SER K 631 -68.82 -19.93 79.01
N LEU K 632 -67.58 -20.40 78.85
CA LEU K 632 -67.14 -21.56 79.62
C LEU K 632 -67.12 -21.26 81.11
N GLN K 633 -66.65 -20.07 81.49
CA GLN K 633 -66.66 -19.69 82.90
C GLN K 633 -68.09 -19.61 83.44
N ILE K 634 -69.01 -19.04 82.66
CA ILE K 634 -70.38 -18.90 83.12
C ILE K 634 -71.07 -20.26 83.23
N ASP K 635 -70.83 -21.14 82.25
CA ASP K 635 -71.34 -22.50 82.33
C ASP K 635 -70.74 -23.24 83.52
N ALA K 636 -69.47 -22.96 83.85
CA ALA K 636 -68.87 -23.53 85.04
C ALA K 636 -69.59 -23.05 86.30
N ALA K 637 -69.90 -21.75 86.36
CA ALA K 637 -70.63 -21.23 87.51
C ALA K 637 -72.00 -21.89 87.64
N LYS K 638 -72.70 -22.06 86.51
CA LYS K 638 -73.95 -22.81 86.52
C LYS K 638 -73.73 -24.24 87.01
N VAL K 639 -72.61 -24.84 86.64
CA VAL K 639 -72.31 -26.21 87.04
C VAL K 639 -72.15 -26.31 88.55
N GLU K 640 -71.36 -25.42 89.15
CA GLU K 640 -71.21 -25.50 90.61
C GLU K 640 -72.52 -25.15 91.31
N ALA K 641 -73.30 -24.22 90.75
CA ALA K 641 -74.59 -23.91 91.36
C ALA K 641 -75.51 -25.14 91.34
N GLN K 642 -75.56 -25.84 90.21
CA GLN K 642 -76.39 -27.05 90.12
C GLN K 642 -75.89 -28.13 91.05
N ASN K 643 -74.56 -28.30 91.15
CA ASN K 643 -74.02 -29.30 92.05
C ASN K 643 -74.33 -28.99 93.50
N GLN K 644 -74.24 -27.72 93.89
CA GLN K 644 -74.59 -27.33 95.25
C GLN K 644 -76.07 -27.56 95.52
N LEU K 645 -76.93 -27.26 94.54
CA LEU K 645 -78.35 -27.51 94.72
C LEU K 645 -78.64 -29.00 94.87
N ASN K 646 -77.98 -29.83 94.06
CA ASN K 646 -78.19 -31.28 94.16
C ASN K 646 -77.64 -31.83 95.46
N ALA K 647 -76.47 -31.35 95.88
CA ALA K 647 -75.85 -31.83 97.12
C ALA K 647 -76.53 -31.22 98.34
N MET L 1 14.83 44.64 -75.20
CA MET L 1 16.17 44.08 -75.17
C MET L 1 16.80 44.10 -76.55
N GLN L 2 18.12 44.33 -76.60
CA GLN L 2 18.84 44.32 -77.86
C GLN L 2 19.27 42.91 -78.27
N ILE L 3 19.16 41.94 -77.37
CA ILE L 3 19.49 40.55 -77.67
C ILE L 3 18.18 39.87 -78.04
N LYS L 4 17.92 39.76 -79.35
CA LYS L 4 16.64 39.28 -79.84
C LYS L 4 16.74 38.03 -80.70
N THR L 5 17.94 37.52 -80.97
CA THR L 5 18.12 36.35 -81.83
C THR L 5 19.11 35.40 -81.19
N LYS L 6 19.16 34.18 -81.74
CA LYS L 6 20.12 33.19 -81.26
C LYS L 6 21.56 33.66 -81.51
N GLY L 7 21.81 34.26 -82.67
CA GLY L 7 23.13 34.78 -82.94
C GLY L 7 23.53 35.90 -82.01
N ASP L 8 22.57 36.70 -81.56
CA ASP L 8 22.87 37.71 -80.55
C ASP L 8 23.35 37.07 -79.26
N LEU L 9 22.70 35.97 -78.84
CA LEU L 9 23.14 35.24 -77.67
C LEU L 9 24.54 34.67 -77.87
N VAL L 10 24.81 34.12 -79.06
CA VAL L 10 26.13 33.56 -79.33
C VAL L 10 27.20 34.66 -79.30
N ARG L 11 26.90 35.82 -79.88
CA ARG L 11 27.84 36.92 -79.86
C ARG L 11 28.09 37.43 -78.45
N ALA L 12 27.03 37.50 -77.63
CA ALA L 12 27.20 37.91 -76.24
C ALA L 12 28.07 36.91 -75.49
N ALA L 13 27.87 35.61 -75.72
CA ALA L 13 28.69 34.60 -75.07
C ALA L 13 30.14 34.71 -75.50
N LEU L 14 30.39 34.92 -76.80
CA LEU L 14 31.75 35.07 -77.28
C LEU L 14 32.42 36.31 -76.71
N ARG L 15 31.67 37.41 -76.60
CA ARG L 15 32.21 38.62 -76.00
C ARG L 15 32.55 38.40 -74.53
N LYS L 16 31.70 37.67 -73.81
CA LYS L 16 31.95 37.41 -72.40
C LYS L 16 33.22 36.59 -72.21
N LEU L 17 33.54 35.72 -73.17
CA LEU L 17 34.76 34.93 -73.10
C LEU L 17 35.99 35.68 -73.59
N GLY L 18 35.82 36.87 -74.16
CA GLY L 18 36.94 37.57 -74.73
C GLY L 18 37.45 36.98 -76.03
N VAL L 19 36.66 36.12 -76.67
CA VAL L 19 37.09 35.48 -77.91
C VAL L 19 36.88 36.41 -79.09
N ALA L 20 35.67 36.93 -79.23
CA ALA L 20 35.35 37.83 -80.33
C ALA L 20 34.33 38.86 -79.86
N SER L 21 34.35 40.02 -80.50
CA SER L 21 33.43 41.10 -80.16
C SER L 21 33.37 42.06 -81.35
N ASP L 22 32.42 42.98 -81.29
CA ASP L 22 32.32 44.00 -82.32
C ASP L 22 33.43 45.04 -82.23
N ALA L 23 34.22 45.02 -81.16
CA ALA L 23 35.34 45.94 -80.99
C ALA L 23 36.68 45.35 -81.39
N THR L 24 36.81 44.02 -81.39
CA THR L 24 38.07 43.39 -81.72
C THR L 24 38.34 43.48 -83.22
N LEU L 25 39.59 43.17 -83.60
CA LEU L 25 40.01 43.25 -84.99
C LEU L 25 39.84 41.94 -85.74
N THR L 26 39.73 40.82 -85.04
CA THR L 26 39.54 39.51 -85.67
C THR L 26 38.33 38.83 -85.05
N ASP L 27 37.34 38.52 -85.87
CA ASP L 27 36.13 37.84 -85.44
C ASP L 27 36.16 36.39 -85.92
N VAL L 28 35.42 35.53 -85.21
CA VAL L 28 35.45 34.11 -85.52
C VAL L 28 34.79 33.83 -86.87
N GLU L 29 35.16 32.72 -87.47
CA GLU L 29 34.58 32.31 -88.73
C GLU L 29 33.09 32.02 -88.53
N PRO L 30 32.25 32.29 -89.53
CA PRO L 30 30.82 31.99 -89.39
C PRO L 30 30.54 30.53 -89.07
N GLN L 31 31.44 29.62 -89.42
CA GLN L 31 31.29 28.22 -89.02
C GLN L 31 31.37 28.08 -87.50
N SER L 32 32.23 28.88 -86.86
CA SER L 32 32.27 28.89 -85.40
C SER L 32 30.95 29.39 -84.82
N MET L 33 30.35 30.39 -85.44
CA MET L 33 29.03 30.86 -85.01
C MET L 33 27.98 29.77 -85.16
N GLN L 34 28.02 29.03 -86.28
CA GLN L 34 27.08 27.93 -86.47
C GLN L 34 27.27 26.85 -85.41
N ASP L 35 28.53 26.53 -85.09
CA ASP L 35 28.80 25.53 -84.06
C ASP L 35 28.30 25.99 -82.71
N ALA L 36 28.48 27.27 -82.39
CA ALA L 36 27.96 27.80 -81.13
C ALA L 36 26.44 27.76 -81.09
N VAL L 37 25.79 28.04 -82.22
CA VAL L 37 24.33 27.95 -82.28
C VAL L 37 23.88 26.52 -82.07
N ASP L 38 24.59 25.56 -82.66
CA ASP L 38 24.27 24.15 -82.45
C ASP L 38 24.42 23.77 -80.98
N ASP L 39 25.48 24.25 -80.34
CA ASP L 39 25.67 23.99 -78.91
C ASP L 39 24.54 24.60 -78.10
N LEU L 40 24.12 25.81 -78.45
CA LEU L 40 23.01 26.45 -77.74
C LEU L 40 21.73 25.65 -77.88
N GLU L 41 21.45 25.17 -79.09
CA GLU L 41 20.24 24.36 -79.31
C GLU L 41 20.30 23.07 -78.51
N ALA L 42 21.46 22.41 -78.50
CA ALA L 42 21.61 21.18 -77.71
C ALA L 42 21.41 21.44 -76.23
N MET L 43 22.00 22.52 -75.72
CA MET L 43 21.85 22.86 -74.31
C MET L 43 20.40 23.17 -73.96
N MET L 44 19.71 23.92 -74.83
CA MET L 44 18.30 24.22 -74.57
C MET L 44 17.44 22.97 -74.61
N ALA L 45 17.72 22.05 -75.55
CA ALA L 45 16.99 20.79 -75.57
C ALA L 45 17.24 19.99 -74.30
N GLU L 46 18.48 19.99 -73.82
CA GLU L 46 18.79 19.26 -72.58
C GLU L 46 18.07 19.87 -71.39
N TRP L 47 18.06 21.20 -71.28
CA TRP L 47 17.35 21.86 -70.18
C TRP L 47 15.86 21.58 -70.26
N TYR L 48 15.27 21.78 -71.43
CA TYR L 48 13.84 21.58 -71.65
C TYR L 48 13.62 20.11 -71.98
N GLN L 49 13.47 19.29 -70.94
CA GLN L 49 13.35 17.84 -71.10
C GLN L 49 11.95 17.48 -71.59
N ASP L 50 11.64 17.95 -72.80
CA ASP L 50 10.32 17.74 -73.43
C ASP L 50 9.20 18.25 -72.53
N GLY L 51 9.42 19.41 -71.90
CA GLY L 51 8.42 20.03 -71.06
C GLY L 51 8.51 19.69 -69.59
N LYS L 52 9.34 18.74 -69.20
CA LYS L 52 9.49 18.36 -67.81
C LYS L 52 10.74 18.96 -67.16
N GLY L 53 11.39 19.91 -67.83
CA GLY L 53 12.58 20.54 -67.28
C GLY L 53 12.40 22.02 -67.01
N ILE L 54 13.37 22.82 -67.43
CA ILE L 54 13.34 24.27 -67.23
C ILE L 54 12.54 24.89 -68.36
N ILE L 55 11.45 25.57 -68.01
CA ILE L 55 10.62 26.25 -69.00
C ILE L 55 11.11 27.68 -69.15
N THR L 56 11.40 28.07 -70.39
CA THR L 56 11.96 29.39 -70.66
C THR L 56 11.30 30.13 -71.81
N GLY L 57 10.45 29.48 -72.60
CA GLY L 57 9.90 30.10 -73.77
C GLY L 57 10.79 30.04 -75.00
N TYR L 58 11.92 29.35 -74.91
CA TYR L 58 12.81 29.21 -76.04
C TYR L 58 12.12 28.49 -77.19
N VAL L 59 12.29 29.03 -78.40
CA VAL L 59 11.67 28.48 -79.60
C VAL L 59 12.72 27.69 -80.36
N PHE L 60 12.46 26.42 -80.58
CA PHE L 60 13.40 25.56 -81.29
C PHE L 60 13.19 25.68 -82.79
N SER L 61 14.26 25.96 -83.52
CA SER L 61 14.18 26.13 -84.96
C SER L 61 13.93 24.79 -85.65
N ASP L 62 13.34 24.87 -86.84
CA ASP L 62 13.01 23.66 -87.61
C ASP L 62 14.01 23.50 -88.76
N ASP L 63 14.09 22.30 -89.32
CA ASP L 63 15.04 22.00 -90.39
C ASP L 63 14.67 22.67 -91.69
N GLU L 64 13.38 22.94 -91.90
CA GLU L 64 12.94 23.55 -93.15
C GLU L 64 13.52 24.95 -93.33
N ASN L 65 13.53 25.74 -92.27
CA ASN L 65 14.11 27.08 -92.34
C ASN L 65 15.62 26.96 -92.38
N PRO L 66 16.28 27.46 -93.42
CA PRO L 66 17.73 27.23 -93.58
C PRO L 66 18.55 27.82 -92.45
N PRO L 67 18.47 29.15 -92.17
CA PRO L 67 19.42 29.73 -91.22
C PRO L 67 18.92 29.57 -89.78
N ALA L 68 19.65 28.76 -89.01
CA ALA L 68 19.35 28.64 -87.58
C ALA L 68 19.60 29.95 -86.87
N GLU L 69 20.70 30.63 -87.22
CA GLU L 69 20.92 31.99 -86.76
C GLU L 69 19.99 32.95 -87.50
N GLY L 70 19.37 33.86 -86.76
CA GLY L 70 18.46 34.84 -87.31
C GLY L 70 17.06 34.77 -86.75
N ASP L 71 16.65 33.61 -86.23
CA ASP L 71 15.33 33.47 -85.64
C ASP L 71 15.36 33.95 -84.18
N ASP L 72 14.28 34.59 -83.77
CA ASP L 72 14.17 35.03 -82.39
C ASP L 72 14.16 33.84 -81.44
N HIS L 73 14.91 33.96 -80.34
CA HIS L 73 14.98 32.87 -79.39
C HIS L 73 13.66 32.71 -78.63
N GLY L 74 12.89 33.79 -78.47
CA GLY L 74 11.65 33.73 -77.75
C GLY L 74 11.77 33.78 -76.25
N LEU L 75 12.98 33.98 -75.73
CA LEU L 75 13.18 34.03 -74.29
C LEU L 75 12.60 35.32 -73.71
N ARG L 76 12.33 35.30 -72.41
CA ARG L 76 11.91 36.50 -71.72
C ARG L 76 13.10 37.42 -71.51
N SER L 77 12.81 38.64 -71.07
CA SER L 77 13.88 39.61 -70.81
C SER L 77 14.77 39.14 -69.67
N SER L 78 14.18 38.47 -68.67
CA SER L 78 14.94 38.08 -67.49
C SER L 78 15.73 36.79 -67.68
N ALA L 79 15.59 36.13 -68.83
CA ALA L 79 16.25 34.85 -69.06
C ALA L 79 17.48 34.96 -69.94
N VAL L 80 17.71 36.10 -70.59
CA VAL L 80 18.76 36.21 -71.60
C VAL L 80 20.13 36.05 -70.96
N SER L 81 20.34 36.70 -69.81
CA SER L 81 21.66 36.73 -69.18
C SER L 81 22.10 35.33 -68.79
N ALA L 82 21.21 34.57 -68.15
CA ALA L 82 21.53 33.22 -67.73
C ALA L 82 21.86 32.34 -68.93
N VAL L 83 21.05 32.47 -69.99
CA VAL L 83 21.24 31.64 -71.18
C VAL L 83 22.61 31.90 -71.79
N PHE L 84 22.95 33.18 -72.00
CA PHE L 84 24.21 33.43 -72.70
C PHE L 84 25.42 33.20 -71.79
N HIS L 85 25.27 33.34 -70.47
CA HIS L 85 26.37 33.00 -69.58
C HIS L 85 26.63 31.49 -69.59
N ASN L 86 25.57 30.69 -69.51
CA ASN L 86 25.73 29.24 -69.60
C ASN L 86 26.29 28.83 -70.95
N LEU L 87 25.88 29.52 -72.02
CA LEU L 87 26.41 29.23 -73.35
C LEU L 87 27.92 29.52 -73.41
N ALA L 88 28.34 30.64 -72.83
CA ALA L 88 29.77 30.95 -72.80
C ALA L 88 30.53 29.88 -72.03
N CYS L 89 30.00 29.46 -70.88
CA CYS L 89 30.63 28.39 -70.12
C CYS L 89 30.73 27.10 -70.93
N ARG L 90 29.68 26.75 -71.67
CA ARG L 90 29.65 25.52 -72.45
C ARG L 90 30.57 25.56 -73.66
N ILE L 91 30.71 26.70 -74.33
CA ILE L 91 31.53 26.79 -75.54
C ILE L 91 32.96 27.23 -75.26
N ALA L 92 33.29 27.54 -74.00
CA ALA L 92 34.68 27.82 -73.68
C ALA L 92 35.66 26.70 -74.04
N PRO L 93 35.36 25.41 -73.79
CA PRO L 93 36.36 24.37 -74.10
C PRO L 93 36.71 24.26 -75.58
N ASP L 94 35.89 24.79 -76.48
CA ASP L 94 36.19 24.68 -77.91
C ASP L 94 37.50 25.38 -78.25
N TYR L 95 37.73 26.55 -77.65
CA TYR L 95 38.91 27.37 -77.96
C TYR L 95 40.01 27.17 -76.93
N ALA L 96 40.08 25.98 -76.33
CA ALA L 96 41.09 25.66 -75.32
C ALA L 96 41.11 26.68 -74.19
N LEU L 97 39.93 27.13 -73.80
CA LEU L 97 39.76 28.15 -72.77
C LEU L 97 39.04 27.56 -71.57
N GLU L 98 38.86 28.40 -70.56
CA GLU L 98 38.10 28.05 -69.37
C GLU L 98 37.48 29.31 -68.83
N ALA L 99 36.16 29.32 -68.70
CA ALA L 99 35.46 30.52 -68.24
C ALA L 99 35.91 30.90 -66.85
N THR L 100 36.06 32.20 -66.62
CA THR L 100 36.52 32.70 -65.34
C THR L 100 35.48 32.43 -64.26
N ALA L 101 35.88 32.62 -63.00
CA ALA L 101 35.02 32.26 -61.87
C ALA L 101 33.73 33.08 -61.88
N LYS L 102 33.81 34.36 -62.27
CA LYS L 102 32.63 35.20 -62.28
C LYS L 102 31.59 34.68 -63.27
N ILE L 103 32.03 34.22 -64.44
CA ILE L 103 31.09 33.70 -65.43
C ILE L 103 30.37 32.47 -64.91
N ILE L 104 31.11 31.57 -64.25
CA ILE L 104 30.49 30.36 -63.71
C ILE L 104 29.52 30.70 -62.60
N ALA L 105 29.89 31.63 -61.72
CA ALA L 105 28.97 32.04 -60.66
C ALA L 105 27.70 32.66 -61.22
N THR L 106 27.85 33.52 -62.24
CA THR L 106 26.68 34.12 -62.86
C THR L 106 25.81 33.08 -63.54
N ALA L 107 26.43 32.08 -64.17
CA ALA L 107 25.66 31.01 -64.80
C ALA L 107 24.86 30.23 -63.77
N LYS L 108 25.48 29.88 -62.63
CA LYS L 108 24.77 29.16 -61.59
C LYS L 108 23.60 29.99 -61.06
N TYR L 109 23.86 31.26 -60.76
CA TYR L 109 22.81 32.13 -60.22
C TYR L 109 21.67 32.29 -61.23
N GLY L 110 22.01 32.46 -62.51
CA GLY L 110 20.98 32.62 -63.51
C GLY L 110 20.14 31.38 -63.71
N LYS L 111 20.77 30.20 -63.68
CA LYS L 111 20.00 28.96 -63.81
C LYS L 111 19.07 28.77 -62.61
N GLU L 112 19.56 29.07 -61.40
CA GLU L 112 18.70 28.98 -60.22
C GLU L 112 17.51 29.92 -60.34
N LEU L 113 17.75 31.17 -60.75
CA LEU L 113 16.66 32.11 -60.92
C LEU L 113 15.72 31.68 -62.03
N LEU L 114 16.26 31.02 -63.07
CA LEU L 114 15.43 30.53 -64.16
C LEU L 114 14.45 29.47 -63.68
N TYR L 115 14.91 28.56 -62.82
CA TYR L 115 14.04 27.50 -62.34
C TYR L 115 13.23 27.89 -61.10
N LYS L 116 13.49 29.06 -60.50
CA LYS L 116 12.80 29.41 -59.26
C LYS L 116 11.28 29.42 -59.41
N GLN L 117 10.77 30.13 -60.42
CA GLN L 117 9.33 30.27 -60.55
C GLN L 117 8.66 28.94 -60.88
N THR L 118 9.29 28.14 -61.74
CA THR L 118 8.74 26.82 -62.05
C THR L 118 8.74 25.92 -60.82
N ALA L 119 9.78 26.02 -59.99
CA ALA L 119 9.82 25.24 -58.76
C ALA L 119 8.71 25.67 -57.80
N ILE L 120 8.44 26.98 -57.74
CA ILE L 120 7.33 27.46 -56.93
C ILE L 120 6.02 26.90 -57.46
N SER L 121 5.83 26.93 -58.78
CA SER L 121 4.58 26.46 -59.38
C SER L 121 4.40 24.95 -59.25
N ARG L 122 5.48 24.19 -59.13
CA ARG L 122 5.40 22.74 -59.08
C ARG L 122 5.32 22.19 -57.67
N ALA L 123 5.35 23.05 -56.64
CA ALA L 123 5.21 22.60 -55.25
C ALA L 123 3.73 22.53 -54.90
N LYS L 124 3.08 21.51 -55.43
CA LYS L 124 1.65 21.30 -55.25
C LYS L 124 1.44 20.16 -54.27
N ARG L 125 0.58 20.39 -53.28
CA ARG L 125 0.26 19.37 -52.29
C ARG L 125 -0.71 18.35 -52.87
N ALA L 126 -0.48 17.08 -52.59
CA ALA L 126 -1.33 16.04 -53.10
C ALA L 126 -2.71 16.08 -52.44
N PRO L 127 -3.75 15.62 -53.14
CA PRO L 127 -5.10 15.64 -52.54
C PRO L 127 -5.20 14.65 -51.39
N TYR L 128 -6.34 14.71 -50.70
CA TYR L 128 -6.59 13.81 -49.59
C TYR L 128 -6.65 12.36 -50.10
N PRO L 129 -6.18 11.41 -49.30
CA PRO L 129 -6.24 10.01 -49.71
C PRO L 129 -7.68 9.52 -49.81
N SER L 130 -7.86 8.45 -50.60
CA SER L 130 -9.18 7.91 -50.84
C SER L 130 -9.80 7.29 -49.58
N ARG L 131 -9.00 7.00 -48.56
CA ARG L 131 -9.48 6.36 -47.34
C ARG L 131 -9.72 7.36 -46.21
N MET L 132 -9.63 8.67 -46.49
CA MET L 132 -9.75 9.67 -45.44
C MET L 132 -11.17 10.20 -45.40
N PRO L 133 -11.84 10.12 -44.25
CA PRO L 133 -13.21 10.66 -44.16
C PRO L 133 -13.24 12.18 -44.25
N THR L 134 -14.37 12.71 -44.71
CA THR L 134 -14.54 14.15 -44.76
C THR L 134 -14.85 14.75 -43.39
N GLY L 135 -15.54 14.01 -42.53
CA GLY L 135 -15.90 14.52 -41.22
C GLY L 135 -17.30 15.11 -41.20
N SER L 136 -17.93 15.04 -40.02
CA SER L 136 -19.30 15.53 -39.90
C SER L 136 -19.38 17.04 -39.94
N GLY L 137 -18.27 17.75 -39.72
CA GLY L 137 -18.30 19.19 -39.83
C GLY L 137 -18.65 19.68 -41.22
N ASN L 138 -18.22 18.94 -42.24
CA ASN L 138 -18.58 19.23 -43.63
C ASN L 138 -20.02 18.77 -43.85
N SER L 139 -20.96 19.64 -43.49
CA SER L 139 -22.38 19.30 -43.56
C SER L 139 -22.82 19.06 -45.00
N PHE L 140 -22.35 19.89 -45.93
CA PHE L 140 -22.75 19.76 -47.32
C PHE L 140 -22.33 18.42 -47.90
N ALA L 141 -21.09 18.01 -47.64
CA ALA L 141 -20.61 16.73 -48.17
C ALA L 141 -21.31 15.56 -47.49
N ASN L 142 -21.54 15.65 -46.18
CA ASN L 142 -22.16 14.54 -45.45
C ASN L 142 -23.61 14.35 -45.86
N LEU L 143 -24.34 15.45 -46.09
CA LEU L 143 -25.72 15.33 -46.53
C LEU L 143 -25.81 14.72 -47.92
N ASN L 144 -24.80 14.95 -48.77
CA ASN L 144 -24.76 14.39 -50.12
C ASN L 144 -24.00 13.07 -50.18
N GLU L 145 -23.94 12.34 -49.07
CA GLU L 145 -23.37 10.99 -49.02
C GLU L 145 -21.89 10.96 -49.37
N TRP L 146 -21.18 12.08 -49.24
CA TRP L 146 -19.75 12.12 -49.48
C TRP L 146 -19.00 12.00 -48.15
N HIS L 147 -19.01 10.77 -47.62
CA HIS L 147 -18.39 10.52 -46.33
C HIS L 147 -16.88 10.35 -46.43
N TYR L 148 -16.34 10.13 -47.62
CA TYR L 148 -14.91 9.93 -47.81
C TYR L 148 -14.40 10.77 -48.96
N PHE L 149 -13.14 11.16 -48.88
CA PHE L 149 -12.53 11.95 -49.93
C PHE L 149 -12.30 11.08 -51.17
N PRO L 150 -12.40 11.68 -52.37
CA PRO L 150 -12.26 10.88 -53.60
C PRO L 150 -10.84 10.35 -53.79
N GLY L 151 -9.84 11.22 -53.68
CA GLY L 151 -8.47 10.81 -53.84
C GLY L 151 -7.91 11.06 -55.23
N GLU L 152 -6.91 10.28 -55.62
CA GLU L 152 -6.26 10.40 -56.93
C GLU L 152 -5.72 11.81 -57.16
N GLU M 5 4.38 -77.09 -31.25
CA GLU M 5 4.05 -78.23 -30.42
C GLU M 5 4.84 -78.20 -29.12
N ASN M 6 6.11 -77.79 -29.22
CA ASN M 6 6.95 -77.70 -28.03
C ASN M 6 6.42 -76.65 -27.07
N ARG M 7 6.31 -77.02 -25.79
CA ARG M 7 5.83 -76.07 -24.80
C ARG M 7 6.81 -74.91 -24.61
N LEU M 8 8.10 -75.22 -24.55
CA LEU M 8 9.12 -74.18 -24.44
C LEU M 8 9.06 -73.23 -25.63
N GLU M 9 8.86 -73.77 -26.84
CA GLU M 9 8.81 -72.93 -28.02
C GLU M 9 7.62 -71.98 -27.97
N SER M 10 6.45 -72.48 -27.56
CA SER M 10 5.27 -71.62 -27.47
C SER M 10 5.45 -70.55 -26.40
N ILE M 11 5.97 -70.93 -25.24
CA ILE M 11 6.18 -69.96 -24.16
C ILE M 11 7.17 -68.89 -24.62
N LEU M 12 8.25 -69.29 -25.27
CA LEU M 12 9.24 -68.33 -25.73
C LEU M 12 8.68 -67.45 -26.83
N SER M 13 7.84 -67.99 -27.71
CA SER M 13 7.24 -67.17 -28.75
C SER M 13 6.35 -66.09 -28.15
N ARG M 14 5.51 -66.47 -27.18
CA ARG M 14 4.67 -65.49 -26.51
C ARG M 14 5.51 -64.43 -25.81
N PHE M 15 6.54 -64.88 -25.08
CA PHE M 15 7.39 -63.93 -24.35
C PHE M 15 8.12 -62.99 -25.30
N ASP M 16 8.62 -63.51 -26.43
CA ASP M 16 9.33 -62.67 -27.38
C ASP M 16 8.40 -61.66 -28.03
N ALA M 17 7.19 -62.07 -28.37
CA ALA M 17 6.23 -61.12 -28.92
C ALA M 17 5.92 -60.01 -27.93
N ASP M 18 5.69 -60.38 -26.66
CA ASP M 18 5.39 -59.37 -25.65
C ASP M 18 6.59 -58.46 -25.38
N TRP M 19 7.79 -59.04 -25.36
CA TRP M 19 8.99 -58.26 -25.10
C TRP M 19 9.27 -57.27 -26.22
N THR M 20 9.09 -57.69 -27.47
CA THR M 20 9.35 -56.80 -28.60
C THR M 20 8.23 -55.77 -28.75
N ALA M 21 7.02 -56.09 -28.29
CA ALA M 21 5.92 -55.15 -28.42
C ALA M 21 6.14 -53.90 -27.57
N SER M 22 6.70 -54.05 -26.37
CA SER M 22 6.81 -52.97 -25.40
C SER M 22 8.26 -52.53 -25.20
N ASP M 23 9.05 -52.49 -26.27
CA ASP M 23 10.46 -52.14 -26.16
C ASP M 23 10.64 -50.66 -25.87
N GLU M 24 9.94 -49.80 -26.60
CA GLU M 24 10.14 -48.36 -26.49
C GLU M 24 9.71 -47.85 -25.12
N ALA M 25 8.54 -48.28 -24.65
CA ALA M 25 8.07 -47.84 -23.34
C ALA M 25 9.01 -48.30 -22.23
N ARG M 26 9.47 -49.54 -22.31
CA ARG M 26 10.41 -50.05 -21.30
C ARG M 26 11.71 -49.26 -21.32
N ARG M 27 12.24 -48.95 -22.51
CA ARG M 27 13.46 -48.17 -22.60
C ARG M 27 13.28 -46.78 -22.00
N GLU M 28 12.15 -46.12 -22.31
CA GLU M 28 11.91 -44.79 -21.76
C GLU M 28 11.75 -44.83 -20.25
N ALA M 29 11.07 -45.86 -19.72
CA ALA M 29 10.88 -45.96 -18.29
C ALA M 29 12.21 -46.22 -17.58
N LYS M 30 13.05 -47.08 -18.15
CA LYS M 30 14.36 -47.32 -17.56
C LYS M 30 15.21 -46.05 -17.59
N ASN M 31 15.14 -45.30 -18.68
CA ASN M 31 15.84 -44.01 -18.74
C ASN M 31 15.33 -43.06 -17.68
N ASP M 32 14.02 -43.02 -17.46
CA ASP M 32 13.45 -42.16 -16.42
C ASP M 32 13.96 -42.56 -15.04
N LEU M 33 13.99 -43.87 -14.76
CA LEU M 33 14.47 -44.34 -13.47
C LEU M 33 15.94 -43.98 -13.27
N PHE M 34 16.77 -44.18 -14.29
CA PHE M 34 18.18 -43.82 -14.18
C PHE M 34 18.34 -42.32 -13.99
N PHE M 35 17.58 -41.52 -14.72
CA PHE M 35 17.69 -40.07 -14.63
C PHE M 35 17.30 -39.58 -13.25
N SER M 36 16.24 -40.15 -12.67
CA SER M 36 15.72 -39.68 -11.39
C SER M 36 16.30 -40.42 -10.19
N ARG M 37 17.18 -41.38 -10.40
CA ARG M 37 17.69 -42.16 -9.28
C ARG M 37 19.21 -42.18 -9.19
N VAL M 38 19.91 -42.18 -10.33
CA VAL M 38 21.37 -42.34 -10.35
C VAL M 38 22.06 -41.04 -10.74
N SER M 39 21.83 -40.54 -11.95
CA SER M 39 22.53 -39.37 -12.44
C SER M 39 21.82 -38.82 -13.66
N GLN M 40 21.77 -37.50 -13.76
CA GLN M 40 21.16 -36.83 -14.90
C GLN M 40 22.12 -36.71 -16.08
N TRP M 41 23.39 -37.06 -15.90
CA TRP M 41 24.37 -37.05 -16.99
C TRP M 41 24.50 -38.45 -17.57
N ASP M 42 23.41 -38.90 -18.19
CA ASP M 42 23.37 -40.23 -18.81
C ASP M 42 24.18 -40.19 -20.10
N ASP M 43 25.50 -40.22 -19.94
CA ASP M 43 26.43 -40.10 -21.06
C ASP M 43 27.32 -41.34 -21.13
N TRP M 44 26.71 -42.53 -20.99
CA TRP M 44 27.49 -43.76 -20.91
C TRP M 44 28.19 -44.08 -22.22
N LEU M 45 27.58 -43.73 -23.36
CA LEU M 45 28.14 -44.12 -24.64
C LEU M 45 29.48 -43.45 -24.93
N SER M 46 29.65 -42.20 -24.48
CA SER M 46 30.90 -41.49 -24.72
C SER M 46 31.16 -40.57 -23.52
N GLN M 47 31.94 -41.06 -22.57
CA GLN M 47 32.33 -40.26 -21.42
C GLN M 47 33.84 -40.36 -21.19
N TYR M 48 34.44 -41.46 -21.64
CA TYR M 48 35.88 -41.66 -21.51
C TYR M 48 36.62 -41.13 -22.75
N THR M 49 36.37 -39.85 -23.03
CA THR M 49 37.06 -39.13 -24.09
C THR M 49 37.97 -38.04 -23.54
N THR M 50 37.43 -37.13 -22.75
CA THR M 50 38.21 -36.13 -22.03
C THR M 50 37.45 -35.74 -20.78
N LEU M 51 38.18 -35.18 -19.82
CA LEU M 51 37.61 -34.84 -18.52
C LEU M 51 37.21 -33.37 -18.52
N GLN M 52 35.92 -33.12 -18.40
CA GLN M 52 35.38 -31.77 -18.31
C GLN M 52 34.37 -31.71 -17.17
N TYR M 53 34.14 -30.50 -16.67
CA TYR M 53 33.22 -30.33 -15.55
C TYR M 53 31.80 -30.65 -15.98
N ARG M 54 31.16 -31.56 -15.24
CA ARG M 54 29.75 -31.91 -15.44
C ARG M 54 29.08 -31.86 -14.08
N GLY M 55 28.33 -30.80 -13.81
CA GLY M 55 27.65 -30.63 -12.54
C GLY M 55 26.19 -31.04 -12.61
N GLN M 56 25.69 -31.55 -11.50
CA GLN M 56 24.28 -31.94 -11.37
C GLN M 56 23.61 -30.97 -10.41
N PHE M 57 22.91 -30.00 -10.97
CA PHE M 57 22.16 -29.01 -10.20
C PHE M 57 20.69 -29.40 -10.30
N ASP M 58 20.27 -30.31 -9.42
CA ASP M 58 18.97 -30.95 -9.55
C ASP M 58 17.84 -29.97 -9.31
N VAL M 59 16.81 -30.05 -10.15
CA VAL M 59 15.64 -29.20 -10.07
C VAL M 59 14.33 -29.98 -10.14
N VAL M 60 14.39 -31.28 -10.41
CA VAL M 60 13.20 -32.10 -10.55
C VAL M 60 13.01 -32.96 -9.31
N ARG M 61 14.10 -33.29 -8.63
CA ARG M 61 14.02 -34.14 -7.45
C ARG M 61 13.15 -33.56 -6.34
N PRO M 62 13.19 -32.27 -6.01
CA PRO M 62 12.24 -31.75 -5.02
C PRO M 62 10.79 -31.99 -5.40
N VAL M 63 10.45 -31.91 -6.69
CA VAL M 63 9.07 -32.17 -7.12
C VAL M 63 8.71 -33.64 -6.88
N VAL M 64 9.62 -34.55 -7.21
CA VAL M 64 9.36 -35.97 -6.99
C VAL M 64 9.19 -36.25 -5.50
N ARG M 65 10.05 -35.65 -4.67
CA ARG M 65 9.94 -35.82 -3.23
C ARG M 65 8.61 -35.31 -2.71
N LYS M 66 8.17 -34.13 -3.20
CA LYS M 66 6.90 -33.58 -2.77
C LYS M 66 5.74 -34.49 -3.16
N LEU M 67 5.75 -34.99 -4.41
CA LEU M 67 4.67 -35.86 -4.85
C LEU M 67 4.63 -37.16 -4.06
N VAL M 68 5.79 -37.76 -3.81
CA VAL M 68 5.85 -39.01 -3.04
C VAL M 68 5.38 -38.78 -1.62
N SER M 69 5.81 -37.67 -1.01
CA SER M 69 5.38 -37.35 0.35
C SER M 69 3.87 -37.14 0.42
N GLU M 70 3.31 -36.42 -0.56
CA GLU M 70 1.88 -36.15 -0.54
C GLU M 70 1.08 -37.41 -0.76
N MET M 71 1.53 -38.29 -1.65
CA MET M 71 0.85 -39.56 -1.87
C MET M 71 1.03 -40.52 -0.70
N ARG M 72 2.07 -40.32 0.12
CA ARG M 72 2.27 -41.16 1.29
C ARG M 72 1.32 -40.77 2.43
N GLN M 73 0.88 -39.51 2.48
CA GLN M 73 0.04 -39.04 3.56
C GLN M 73 -1.40 -39.54 3.47
N ASN M 74 -1.80 -40.14 2.35
CA ASN M 74 -3.16 -40.65 2.17
C ASN M 74 -3.07 -42.12 1.78
N PRO M 75 -2.88 -43.01 2.75
CA PRO M 75 -2.86 -44.44 2.44
C PRO M 75 -4.21 -44.91 1.93
N ILE M 76 -4.18 -45.88 1.02
CA ILE M 76 -5.37 -46.43 0.39
C ILE M 76 -5.32 -47.93 0.51
N ASP M 77 -6.43 -48.54 0.93
CA ASP M 77 -6.50 -49.98 1.12
C ASP M 77 -7.83 -50.50 0.60
N VAL M 78 -7.90 -51.82 0.44
CA VAL M 78 -9.13 -52.49 0.03
C VAL M 78 -10.18 -52.36 1.14
N LEU M 79 -11.45 -52.43 0.75
CA LEU M 79 -12.56 -52.43 1.70
C LEU M 79 -13.66 -53.28 1.10
N TYR M 80 -13.95 -54.41 1.74
CA TYR M 80 -14.95 -55.34 1.22
C TYR M 80 -16.32 -54.95 1.74
N ARG M 81 -17.28 -54.82 0.83
CA ARG M 81 -18.62 -54.40 1.20
C ARG M 81 -19.64 -55.43 0.73
N PRO M 82 -20.65 -55.73 1.54
CA PRO M 82 -21.63 -56.75 1.14
C PRO M 82 -22.36 -56.36 -0.14
N LYS M 83 -22.66 -57.38 -0.95
CA LYS M 83 -23.37 -57.14 -2.20
C LYS M 83 -24.82 -56.77 -1.91
N ASP M 84 -25.51 -56.31 -2.95
CA ASP M 84 -26.91 -55.93 -2.83
C ASP M 84 -27.75 -57.16 -2.61
N GLY M 85 -28.52 -57.18 -1.52
CA GLY M 85 -29.35 -58.31 -1.18
C GLY M 85 -28.67 -59.39 -0.38
N ALA M 86 -27.35 -59.30 -0.18
CA ALA M 86 -26.64 -60.27 0.63
C ALA M 86 -26.82 -59.94 2.12
N ARG M 87 -26.42 -60.89 2.96
CA ARG M 87 -26.47 -60.65 4.39
C ARG M 87 -25.58 -59.47 4.73
N PRO M 88 -26.01 -58.60 5.65
CA PRO M 88 -25.22 -57.38 5.92
C PRO M 88 -23.84 -57.66 6.49
N ASP M 89 -23.61 -58.83 7.10
CA ASP M 89 -22.31 -59.19 7.65
C ASP M 89 -21.47 -60.00 6.66
N ALA M 90 -21.80 -59.94 5.37
CA ALA M 90 -21.19 -60.83 4.40
C ALA M 90 -19.69 -60.57 4.21
N ALA M 91 -19.21 -59.38 4.55
CA ALA M 91 -17.82 -59.02 4.29
C ALA M 91 -16.99 -58.91 5.55
N ASP M 92 -17.50 -59.36 6.70
CA ASP M 92 -16.75 -59.22 7.95
C ASP M 92 -15.57 -60.17 8.00
N VAL M 93 -15.78 -61.44 7.64
CA VAL M 93 -14.72 -62.43 7.75
C VAL M 93 -13.62 -62.16 6.74
N LEU M 94 -14.01 -61.85 5.49
CA LEU M 94 -13.01 -61.57 4.46
C LEU M 94 -12.21 -60.32 4.80
N MET M 95 -12.88 -59.27 5.29
CA MET M 95 -12.17 -58.07 5.70
C MET M 95 -11.23 -58.34 6.85
N GLY M 96 -11.67 -59.13 7.83
CA GLY M 96 -10.80 -59.48 8.94
C GLY M 96 -9.56 -60.23 8.48
N MET M 97 -9.74 -61.19 7.57
CA MET M 97 -8.60 -61.93 7.04
C MET M 97 -7.64 -61.01 6.28
N TYR M 98 -8.19 -60.12 5.44
CA TYR M 98 -7.36 -59.21 4.67
C TYR M 98 -6.55 -58.30 5.59
N ARG M 99 -7.20 -57.75 6.63
CA ARG M 99 -6.48 -56.90 7.56
C ARG M 99 -5.46 -57.69 8.37
N THR M 100 -5.75 -58.96 8.66
CA THR M 100 -4.82 -59.78 9.42
C THR M 100 -3.53 -60.02 8.64
N ASP M 101 -3.66 -60.40 7.37
CA ASP M 101 -2.48 -60.82 6.61
C ASP M 101 -1.92 -59.73 5.70
N MET M 102 -2.40 -58.49 5.82
CA MET M 102 -1.83 -57.37 5.08
C MET M 102 -1.30 -56.27 5.98
N ARG M 103 -1.23 -56.51 7.29
CA ARG M 103 -0.75 -55.51 8.24
C ARG M 103 0.76 -55.51 8.37
N HIS M 104 1.46 -56.47 7.76
CA HIS M 104 2.89 -56.59 7.93
C HIS M 104 3.62 -55.54 7.09
N ASN M 105 4.93 -55.40 7.38
CA ASN M 105 5.73 -54.36 6.73
C ASN M 105 5.90 -54.62 5.24
N THR M 106 5.86 -55.89 4.82
CA THR M 106 6.09 -56.22 3.43
C THR M 106 5.04 -55.61 2.51
N ALA M 107 3.77 -55.63 2.94
CA ALA M 107 2.69 -55.09 2.11
C ALA M 107 2.86 -53.58 1.91
N LYS M 108 3.09 -52.86 3.01
CA LYS M 108 3.28 -51.42 2.91
C LYS M 108 4.50 -51.08 2.08
N ILE M 109 5.59 -51.82 2.26
CA ILE M 109 6.81 -51.55 1.50
C ILE M 109 6.57 -51.79 0.02
N ALA M 110 5.87 -52.86 -0.33
CA ALA M 110 5.59 -53.14 -1.74
C ALA M 110 4.72 -52.03 -2.34
N VAL M 111 3.69 -51.60 -1.62
CA VAL M 111 2.83 -50.53 -2.14
C VAL M 111 3.62 -49.24 -2.32
N ASN M 112 4.48 -48.91 -1.35
CA ASN M 112 5.27 -47.70 -1.45
C ASN M 112 6.24 -47.75 -2.61
N ILE M 113 6.88 -48.91 -2.82
CA ILE M 113 7.80 -49.06 -3.96
C ILE M 113 7.05 -48.87 -5.26
N ALA M 114 5.87 -49.51 -5.38
CA ALA M 114 5.09 -49.36 -6.59
C ALA M 114 4.67 -47.92 -6.82
N VAL M 115 4.29 -47.21 -5.76
CA VAL M 115 3.87 -45.82 -5.88
C VAL M 115 5.02 -44.94 -6.33
N ARG M 116 6.21 -45.13 -5.74
CA ARG M 116 7.36 -44.32 -6.12
C ARG M 116 7.76 -44.58 -7.56
N GLU M 117 7.73 -45.84 -7.99
CA GLU M 117 8.04 -46.15 -9.38
C GLU M 117 6.99 -45.57 -10.33
N GLN M 118 5.72 -45.59 -9.92
CA GLN M 118 4.66 -45.01 -10.73
C GLN M 118 4.86 -43.51 -10.91
N ILE M 119 5.26 -42.83 -9.83
CA ILE M 119 5.48 -41.39 -9.93
C ILE M 119 6.70 -41.09 -10.79
N GLU M 120 7.79 -41.83 -10.59
CA GLU M 120 9.04 -41.52 -11.30
C GLU M 120 9.00 -42.04 -12.73
N ALA M 121 8.89 -43.35 -12.91
CA ALA M 121 8.95 -43.93 -14.25
C ALA M 121 7.60 -43.90 -14.94
N GLY M 122 6.56 -44.35 -14.26
CA GLY M 122 5.23 -44.38 -14.84
C GLY M 122 4.53 -45.70 -14.62
N VAL M 123 5.27 -46.72 -14.22
CA VAL M 123 4.71 -48.04 -13.98
C VAL M 123 5.39 -48.67 -12.78
N GLY M 124 4.60 -49.34 -11.94
CA GLY M 124 5.12 -50.17 -10.89
C GLY M 124 4.25 -51.40 -10.74
N ALA M 125 4.66 -52.31 -9.85
CA ALA M 125 3.86 -53.51 -9.65
C ALA M 125 4.22 -54.14 -8.32
N TRP M 126 3.32 -55.01 -7.85
CA TRP M 126 3.62 -55.90 -6.73
C TRP M 126 2.96 -57.24 -6.98
N ARG M 127 3.23 -58.19 -6.09
CA ARG M 127 2.80 -59.57 -6.27
C ARG M 127 2.12 -60.08 -5.00
N LEU M 128 1.23 -61.04 -5.16
CA LEU M 128 0.57 -61.71 -4.04
C LEU M 128 0.98 -63.17 -4.05
N VAL M 129 1.55 -63.63 -2.94
CA VAL M 129 2.01 -65.02 -2.83
C VAL M 129 1.40 -65.64 -1.59
N THR M 130 1.36 -66.96 -1.59
CA THR M 130 0.84 -67.73 -0.46
C THR M 130 1.91 -68.70 0.03
N ASP M 131 2.01 -68.82 1.35
CA ASP M 131 3.01 -69.69 1.98
C ASP M 131 2.36 -70.45 3.11
N TYR M 132 3.08 -71.45 3.60
CA TYR M 132 2.63 -72.28 4.72
C TYR M 132 3.22 -71.73 6.00
N GLU M 133 2.36 -71.38 6.96
CA GLU M 133 2.78 -70.84 8.24
C GLU M 133 2.26 -71.76 9.34
N ASP M 134 3.14 -72.11 10.29
CA ASP M 134 2.78 -73.01 11.37
C ASP M 134 2.63 -72.32 12.71
N GLN M 135 3.24 -71.15 12.90
CA GLN M 135 3.19 -70.46 14.19
C GLN M 135 1.96 -69.55 14.31
N SER M 136 1.81 -68.63 13.36
CA SER M 136 0.68 -67.69 13.36
C SER M 136 0.02 -67.72 11.99
N PRO M 137 -0.74 -68.78 11.69
CA PRO M 137 -1.41 -68.85 10.40
C PRO M 137 -2.69 -68.01 10.39
N THR M 138 -2.98 -67.45 9.21
CA THR M 138 -4.23 -66.73 9.06
C THR M 138 -5.41 -67.69 9.00
N SER M 139 -5.28 -68.77 8.22
CA SER M 139 -6.32 -69.78 8.10
C SER M 139 -5.76 -70.98 7.35
N ASN M 140 -6.15 -72.17 7.78
CA ASN M 140 -5.77 -73.42 7.11
C ASN M 140 -4.25 -73.58 7.04
N ASN M 141 -3.56 -73.15 8.10
CA ASN M 141 -2.10 -73.25 8.19
C ASN M 141 -1.40 -72.58 7.02
N GLN M 142 -1.96 -71.48 6.52
CA GLN M 142 -1.41 -70.76 5.39
C GLN M 142 -1.54 -69.27 5.60
N VAL M 143 -0.69 -68.51 4.91
CA VAL M 143 -0.74 -67.06 4.91
C VAL M 143 -0.64 -66.56 3.49
N ILE M 144 -1.22 -65.38 3.25
CA ILE M 144 -1.10 -64.67 1.98
C ILE M 144 -0.39 -63.36 2.26
N ARG M 145 0.71 -63.12 1.57
CA ARG M 145 1.47 -61.89 1.75
C ARG M 145 1.69 -61.21 0.41
N ARG M 146 2.08 -59.94 0.50
CA ARG M 146 2.33 -59.10 -0.66
C ARG M 146 3.83 -58.82 -0.74
N GLU M 147 4.39 -58.99 -1.93
CA GLU M 147 5.82 -58.86 -2.16
C GLU M 147 6.10 -57.79 -3.21
N PRO M 148 7.25 -57.12 -3.12
CA PRO M 148 7.55 -56.03 -4.05
C PRO M 148 8.21 -56.54 -5.33
N ILE M 149 8.07 -55.72 -6.37
CA ILE M 149 8.77 -55.93 -7.63
C ILE M 149 9.50 -54.64 -7.97
N HIS M 150 10.82 -54.68 -7.98
CA HIS M 150 11.63 -53.51 -8.29
C HIS M 150 11.86 -53.42 -9.78
N SER M 151 11.71 -52.20 -10.32
CA SER M 151 11.82 -51.94 -11.75
C SER M 151 10.85 -52.82 -12.53
N ALA M 152 9.56 -52.62 -12.25
CA ALA M 152 8.52 -53.39 -12.92
C ALA M 152 8.40 -53.07 -14.39
N CYS M 153 9.04 -52.00 -14.86
CA CYS M 153 9.01 -51.69 -16.28
C CYS M 153 9.71 -52.76 -17.10
N SER M 154 10.82 -53.28 -16.59
CA SER M 154 11.63 -54.25 -17.32
C SER M 154 11.58 -55.65 -16.73
N HIS M 155 11.08 -55.83 -15.52
CA HIS M 155 11.06 -57.14 -14.88
C HIS M 155 9.71 -57.85 -14.99
N VAL M 156 8.64 -57.12 -15.30
CA VAL M 156 7.32 -57.70 -15.51
C VAL M 156 6.91 -57.40 -16.93
N ILE M 157 6.65 -58.44 -17.71
CA ILE M 157 6.25 -58.31 -19.11
C ILE M 157 4.88 -58.93 -19.25
N TRP M 158 3.91 -58.12 -19.66
CA TRP M 158 2.53 -58.54 -19.73
C TRP M 158 2.18 -59.04 -21.14
N ASP M 159 1.03 -59.69 -21.24
CA ASP M 159 0.50 -60.06 -22.54
C ASP M 159 0.23 -58.81 -23.37
N SER M 160 0.73 -58.81 -24.61
CA SER M 160 0.62 -57.61 -25.43
C SER M 160 -0.80 -57.34 -25.88
N ASN M 161 -1.68 -58.34 -25.86
CA ASN M 161 -3.08 -58.16 -26.26
C ASN M 161 -3.95 -57.88 -25.04
N SER M 162 -3.59 -56.84 -24.30
CA SER M 162 -4.34 -56.40 -23.13
C SER M 162 -4.58 -54.90 -23.24
N LYS M 163 -5.84 -54.50 -23.15
CA LYS M 163 -6.23 -53.10 -23.31
C LYS M 163 -6.87 -52.55 -22.03
N LEU M 164 -6.43 -53.03 -20.87
CA LEU M 164 -6.96 -52.59 -19.59
C LEU M 164 -5.81 -52.11 -18.71
N MET M 165 -6.07 -51.08 -17.91
CA MET M 165 -5.03 -50.49 -17.09
C MET M 165 -4.51 -51.48 -16.04
N ASP M 166 -5.40 -52.25 -15.43
CA ASP M 166 -4.99 -53.22 -14.42
C ASP M 166 -4.63 -54.58 -15.01
N LYS M 167 -4.69 -54.72 -16.34
CA LYS M 167 -4.29 -55.95 -17.03
C LYS M 167 -5.10 -57.15 -16.55
N SER M 168 -6.40 -56.94 -16.31
CA SER M 168 -7.27 -58.05 -15.95
C SER M 168 -7.67 -58.89 -17.15
N ASP M 169 -7.51 -58.36 -18.37
CA ASP M 169 -7.75 -59.14 -19.58
C ASP M 169 -6.49 -59.81 -20.09
N ALA M 170 -5.34 -59.58 -19.45
CA ALA M 170 -4.11 -60.29 -19.87
C ALA M 170 -4.28 -61.78 -19.61
N ARG M 171 -3.82 -62.62 -20.55
CA ARG M 171 -4.00 -64.09 -20.40
C ARG M 171 -2.69 -64.72 -19.95
N HIS M 172 -1.61 -63.94 -19.94
CA HIS M 172 -0.28 -64.47 -19.51
C HIS M 172 0.60 -63.32 -19.06
N CYS M 173 1.63 -63.62 -18.26
CA CYS M 173 2.56 -62.61 -17.77
C CYS M 173 3.84 -63.29 -17.34
N THR M 174 4.99 -62.72 -17.70
CA THR M 174 6.28 -63.29 -17.35
C THR M 174 7.04 -62.32 -16.46
N VAL M 175 7.49 -62.83 -15.32
CA VAL M 175 8.25 -62.05 -14.34
C VAL M 175 9.68 -62.57 -14.33
N ILE M 176 10.63 -61.65 -14.54
CA ILE M 176 12.04 -61.98 -14.63
C ILE M 176 12.69 -61.73 -13.28
N HIS M 177 13.40 -62.73 -12.77
CA HIS M 177 14.09 -62.64 -11.49
C HIS M 177 15.59 -62.64 -11.72
N SER M 178 16.26 -61.60 -11.24
CA SER M 178 17.71 -61.52 -11.20
C SER M 178 18.16 -61.64 -9.75
N MET M 179 19.10 -62.54 -9.49
CA MET M 179 19.43 -62.87 -8.11
C MET M 179 20.88 -63.30 -7.98
N SER M 180 21.39 -63.21 -6.76
CA SER M 180 22.78 -63.55 -6.48
C SER M 180 22.98 -65.06 -6.46
N GLN M 181 24.24 -65.48 -6.37
CA GLN M 181 24.56 -66.90 -6.36
C GLN M 181 23.94 -67.59 -5.16
N ASN M 182 24.07 -66.99 -3.98
CA ASN M 182 23.43 -67.56 -2.79
C ASN M 182 21.92 -67.49 -2.91
N GLY M 183 21.40 -66.38 -3.46
CA GLY M 183 19.99 -66.29 -3.74
C GLY M 183 19.52 -67.35 -4.72
N TRP M 184 20.32 -67.62 -5.75
CA TRP M 184 19.97 -68.68 -6.69
C TRP M 184 19.97 -70.05 -6.00
N GLU M 185 20.95 -70.29 -5.12
CA GLU M 185 21.00 -71.56 -4.42
C GLU M 185 19.75 -71.76 -3.56
N ASP M 186 19.34 -70.72 -2.83
CA ASP M 186 18.16 -70.85 -1.99
C ASP M 186 16.89 -70.95 -2.82
N PHE M 187 16.83 -70.27 -3.96
CA PHE M 187 15.70 -70.43 -4.88
C PHE M 187 15.60 -71.86 -5.38
N ALA M 188 16.73 -72.43 -5.80
CA ALA M 188 16.73 -73.78 -6.33
C ALA M 188 16.34 -74.79 -5.26
N GLU M 189 16.76 -74.54 -4.02
CA GLU M 189 16.36 -75.38 -2.90
C GLU M 189 14.85 -75.31 -2.69
N LYS M 190 14.30 -74.08 -2.61
CA LYS M 190 12.93 -73.93 -2.14
C LYS M 190 11.90 -74.29 -3.21
N TYR M 191 12.30 -74.28 -4.48
CA TYR M 191 11.44 -74.86 -5.52
C TYR M 191 11.93 -76.22 -5.98
N ASP M 192 12.89 -76.81 -5.29
CA ASP M 192 13.42 -78.15 -5.61
C ASP M 192 13.98 -78.20 -7.04
N LEU M 193 14.71 -77.17 -7.43
CA LEU M 193 15.39 -77.16 -8.72
C LEU M 193 16.80 -77.72 -8.57
N ASP M 194 17.53 -77.78 -9.68
CA ASP M 194 18.91 -78.24 -9.69
C ASP M 194 19.82 -77.04 -9.55
N ALA M 195 20.54 -76.96 -8.42
CA ALA M 195 21.38 -75.80 -8.16
C ALA M 195 22.64 -75.78 -9.00
N ASP M 196 23.12 -76.94 -9.45
CA ASP M 196 24.35 -76.97 -10.25
C ASP M 196 24.15 -76.41 -11.65
N ASP M 197 22.96 -76.57 -12.21
CA ASP M 197 22.66 -76.07 -13.56
C ASP M 197 22.21 -74.62 -13.43
N ILE M 198 23.14 -73.70 -13.61
CA ILE M 198 22.81 -72.27 -13.48
C ILE M 198 21.91 -71.86 -14.64
N PRO M 199 20.77 -71.22 -14.38
CA PRO M 199 19.87 -70.82 -15.45
C PRO M 199 20.28 -69.48 -16.06
N SER M 200 19.60 -69.12 -17.14
CA SER M 200 19.82 -67.86 -17.81
C SER M 200 18.54 -67.44 -18.51
N PHE M 201 18.39 -66.14 -18.71
CA PHE M 201 17.20 -65.59 -19.35
C PHE M 201 17.56 -64.21 -19.90
N GLN M 202 16.60 -63.59 -20.58
CA GLN M 202 16.81 -62.26 -21.13
C GLN M 202 17.12 -61.27 -20.03
N ASN M 203 18.28 -60.63 -20.11
CA ASN M 203 18.70 -59.69 -19.09
C ASN M 203 17.92 -58.39 -19.25
N PRO M 204 17.15 -57.96 -18.24
CA PRO M 204 16.43 -56.69 -18.36
C PRO M 204 17.29 -55.48 -18.06
N ASN M 205 18.39 -55.65 -17.32
CA ASN M 205 19.24 -54.53 -16.96
C ASN M 205 20.22 -54.20 -18.09
N ASP M 206 20.85 -53.04 -17.97
CA ASP M 206 21.90 -52.60 -18.90
C ASP M 206 23.10 -52.14 -18.10
N TRP M 207 24.28 -52.58 -18.51
CA TRP M 207 25.53 -52.19 -17.84
C TRP M 207 25.89 -50.79 -18.32
N VAL M 208 25.31 -49.78 -17.66
CA VAL M 208 25.50 -48.38 -18.04
C VAL M 208 26.38 -47.65 -17.03
N PHE M 209 25.99 -47.66 -15.75
CA PHE M 209 26.80 -47.06 -14.72
C PHE M 209 28.08 -47.88 -14.51
N PRO M 210 29.18 -47.24 -14.13
CA PRO M 210 30.41 -48.01 -13.85
C PRO M 210 30.32 -48.82 -12.58
N TRP M 211 29.35 -49.72 -12.51
CA TRP M 211 29.23 -50.62 -11.37
C TRP M 211 30.31 -51.69 -11.45
N LEU M 212 30.96 -51.95 -10.31
CA LEU M 212 32.06 -52.91 -10.30
C LEU M 212 31.59 -54.31 -10.67
N THR M 213 30.47 -54.75 -10.09
CA THR M 213 29.95 -56.08 -10.34
C THR M 213 28.44 -56.00 -10.43
N GLN M 214 27.88 -56.46 -11.55
CA GLN M 214 26.45 -56.64 -11.72
C GLN M 214 26.11 -58.12 -11.83
N ASP M 215 26.86 -58.96 -11.11
CA ASP M 215 26.74 -60.41 -11.20
C ASP M 215 25.34 -60.86 -10.79
N THR M 216 24.57 -61.36 -11.76
CA THR M 216 23.20 -61.79 -11.50
C THR M 216 22.90 -63.05 -12.29
N ILE M 217 21.95 -63.82 -11.78
CA ILE M 217 21.43 -65.01 -12.43
C ILE M 217 19.96 -64.77 -12.70
N GLN M 218 19.53 -65.05 -13.94
CA GLN M 218 18.20 -64.72 -14.40
C GLN M 218 17.35 -65.97 -14.60
N ILE M 219 16.13 -65.94 -14.08
CA ILE M 219 15.13 -66.98 -14.29
C ILE M 219 13.81 -66.28 -14.59
N ALA M 220 12.82 -67.05 -15.06
CA ALA M 220 11.53 -66.45 -15.37
C ALA M 220 10.40 -67.29 -14.83
N GLU M 221 9.35 -66.62 -14.36
CA GLU M 221 8.10 -67.27 -14.00
C GLU M 221 7.02 -66.82 -14.97
N PHE M 222 6.38 -67.78 -15.63
CA PHE M 222 5.36 -67.55 -16.65
C PHE M 222 4.03 -67.96 -16.06
N TYR M 223 3.15 -67.00 -15.84
CA TYR M 223 1.79 -67.23 -15.36
C TYR M 223 0.84 -67.19 -16.54
N GLU M 224 -0.08 -68.14 -16.58
CA GLU M 224 -1.12 -68.16 -17.60
C GLU M 224 -2.46 -68.53 -16.97
N VAL M 225 -3.51 -67.89 -17.44
CA VAL M 225 -4.88 -68.12 -16.97
C VAL M 225 -5.63 -68.88 -18.07
N VAL M 226 -6.27 -69.98 -17.68
CA VAL M 226 -7.06 -70.79 -18.60
C VAL M 226 -8.48 -70.84 -18.08
N GLU M 227 -9.44 -70.40 -18.90
CA GLU M 227 -10.84 -70.38 -18.54
C GLU M 227 -11.53 -71.57 -19.20
N LYS M 228 -12.06 -72.48 -18.40
CA LYS M 228 -12.67 -73.70 -18.91
C LYS M 228 -13.84 -74.09 -18.02
N LYS M 229 -14.69 -74.96 -18.56
CA LYS M 229 -15.80 -75.53 -17.81
C LYS M 229 -15.35 -76.83 -17.16
N GLU M 230 -15.43 -76.90 -15.84
CA GLU M 230 -15.05 -78.09 -15.11
C GLU M 230 -16.23 -78.61 -14.30
N THR M 231 -16.14 -79.88 -13.93
CA THR M 231 -17.21 -80.56 -13.22
C THR M 231 -17.32 -80.03 -11.79
N ALA M 232 -18.56 -79.85 -11.34
CA ALA M 232 -18.85 -79.50 -9.95
C ALA M 232 -19.94 -80.43 -9.44
N PHE M 233 -19.88 -80.74 -8.15
CA PHE M 233 -20.80 -81.66 -7.51
C PHE M 233 -21.74 -80.91 -6.59
N ILE M 234 -23.03 -81.18 -6.72
CA ILE M 234 -24.06 -80.65 -5.84
C ILE M 234 -24.40 -81.75 -4.84
N TYR M 235 -23.95 -81.59 -3.60
CA TYR M 235 -24.21 -82.52 -2.52
C TYR M 235 -25.42 -82.05 -1.74
N GLN M 236 -25.65 -82.66 -0.58
CA GLN M 236 -26.65 -82.18 0.38
C GLN M 236 -25.98 -82.08 1.74
N ASP M 237 -25.92 -80.87 2.27
CA ASP M 237 -25.28 -80.65 3.56
C ASP M 237 -26.08 -81.34 4.65
N PRO M 238 -25.46 -82.22 5.44
CA PRO M 238 -26.21 -82.88 6.53
C PRO M 238 -26.79 -81.90 7.55
N VAL M 239 -26.19 -80.72 7.70
CA VAL M 239 -26.76 -79.72 8.59
C VAL M 239 -28.00 -79.10 7.97
N THR M 240 -27.83 -78.42 6.84
CA THR M 240 -28.93 -77.79 6.12
C THR M 240 -28.43 -77.32 4.76
N GLY M 241 -29.33 -77.37 3.77
CA GLY M 241 -29.05 -76.84 2.46
C GLY M 241 -28.21 -77.78 1.60
N GLU M 242 -27.83 -77.29 0.43
CA GLU M 242 -27.02 -78.08 -0.48
C GLU M 242 -25.83 -77.24 -0.95
N PRO M 243 -24.61 -77.81 -0.96
CA PRO M 243 -23.45 -77.08 -1.40
C PRO M 243 -22.92 -77.48 -2.78
N VAL M 244 -22.07 -76.64 -3.33
CA VAL M 244 -21.43 -76.88 -4.62
C VAL M 244 -19.93 -76.98 -4.38
N SER M 245 -19.34 -78.10 -4.80
CA SER M 245 -17.90 -78.30 -4.62
C SER M 245 -17.26 -78.70 -5.94
N TYR M 246 -16.17 -78.02 -6.30
CA TYR M 246 -15.49 -78.31 -7.55
C TYR M 246 -14.89 -79.70 -7.50
N PHE M 247 -15.05 -80.45 -8.60
CA PHE M 247 -14.58 -81.83 -8.64
C PHE M 247 -13.07 -81.92 -8.53
N LYS M 248 -12.34 -80.94 -9.08
CA LYS M 248 -10.88 -80.98 -9.04
C LYS M 248 -10.35 -80.78 -7.64
N ARG M 249 -11.04 -79.99 -6.81
CA ARG M 249 -10.53 -79.69 -5.47
C ARG M 249 -10.56 -80.91 -4.57
N ASP M 250 -11.57 -81.77 -4.72
CA ASP M 250 -11.70 -83.00 -3.95
C ASP M 250 -11.70 -84.22 -4.85
N ILE M 251 -10.78 -84.24 -5.82
CA ILE M 251 -10.81 -85.26 -6.86
C ILE M 251 -10.51 -86.64 -6.28
N LYS M 252 -9.48 -86.75 -5.44
CA LYS M 252 -9.06 -88.05 -4.94
C LYS M 252 -8.88 -88.02 -3.44
N ASP M 253 -8.60 -86.84 -2.89
CA ASP M 253 -8.27 -86.74 -1.47
C ASP M 253 -9.44 -87.15 -0.59
N VAL M 254 -10.61 -86.55 -0.81
CA VAL M 254 -11.74 -86.77 0.09
C VAL M 254 -13.00 -87.16 -0.69
N ILE M 255 -12.83 -87.53 -1.96
CA ILE M 255 -13.98 -87.80 -2.81
C ILE M 255 -14.87 -88.89 -2.24
N ASP M 256 -14.30 -89.79 -1.43
CA ASP M 256 -15.08 -90.80 -0.73
C ASP M 256 -15.33 -90.44 0.72
N ASP M 257 -14.68 -89.40 1.24
CA ASP M 257 -14.89 -89.00 2.63
C ASP M 257 -16.19 -88.24 2.84
N LEU M 258 -16.69 -87.58 1.79
CA LEU M 258 -18.00 -86.93 1.91
C LEU M 258 -19.10 -87.96 2.20
N ALA M 259 -19.04 -89.11 1.54
CA ALA M 259 -20.04 -90.15 1.79
C ALA M 259 -19.97 -90.64 3.23
N ASP M 260 -18.76 -90.84 3.74
CA ASP M 260 -18.62 -91.28 5.13
C ASP M 260 -19.10 -90.21 6.10
N SER M 261 -18.83 -88.94 5.81
CA SER M 261 -19.20 -87.86 6.72
C SER M 261 -20.68 -87.50 6.65
N GLY M 262 -21.43 -88.07 5.72
CA GLY M 262 -22.85 -87.80 5.60
C GLY M 262 -23.25 -86.95 4.41
N PHE M 263 -22.33 -86.64 3.51
CA PHE M 263 -22.65 -85.89 2.30
C PHE M 263 -23.02 -86.88 1.21
N ILE M 264 -24.21 -86.70 0.63
CA ILE M 264 -24.67 -87.54 -0.47
C ILE M 264 -24.85 -86.69 -1.71
N LYS M 265 -24.39 -87.23 -2.84
CA LYS M 265 -24.39 -86.49 -4.10
C LYS M 265 -25.79 -86.48 -4.70
N ILE M 266 -26.28 -85.29 -5.03
CA ILE M 266 -27.59 -85.14 -5.63
C ILE M 266 -27.52 -84.68 -7.09
N ALA M 267 -26.45 -84.00 -7.50
CA ALA M 267 -26.38 -83.54 -8.88
C ALA M 267 -24.93 -83.31 -9.28
N GLU M 268 -24.71 -83.18 -10.58
CA GLU M 268 -23.39 -82.89 -11.12
C GLU M 268 -23.56 -81.91 -12.29
N ARG M 269 -22.90 -80.76 -12.20
CA ARG M 269 -23.00 -79.72 -13.20
C ARG M 269 -21.63 -79.41 -13.81
N GLN M 270 -21.62 -78.55 -14.82
CA GLN M 270 -20.39 -78.08 -15.44
C GLN M 270 -20.37 -76.57 -15.33
N ILE M 271 -19.39 -76.05 -14.59
CA ILE M 271 -19.31 -74.62 -14.27
C ILE M 271 -18.01 -74.07 -14.81
N LYS M 272 -18.08 -72.89 -15.42
CA LYS M 272 -16.92 -72.26 -16.02
C LYS M 272 -16.14 -71.47 -14.98
N ARG M 273 -14.82 -71.62 -14.99
CA ARG M 273 -13.96 -70.92 -14.06
C ARG M 273 -12.56 -70.83 -14.67
N ARG M 274 -11.75 -69.96 -14.08
CA ARG M 274 -10.38 -69.73 -14.52
C ARG M 274 -9.40 -70.39 -13.55
N ARG M 275 -8.32 -70.93 -14.08
CA ARG M 275 -7.25 -71.51 -13.29
C ARG M 275 -5.93 -70.92 -13.73
N VAL M 276 -5.04 -70.69 -12.77
CA VAL M 276 -3.76 -70.03 -13.01
C VAL M 276 -2.64 -71.05 -12.85
N TYR M 277 -1.77 -71.11 -13.86
CA TYR M 277 -0.63 -72.02 -13.88
C TYR M 277 0.65 -71.22 -13.99
N LYS M 278 1.63 -71.59 -13.17
CA LYS M 278 2.95 -70.98 -13.16
C LYS M 278 3.99 -71.98 -13.65
N SER M 279 4.91 -71.49 -14.48
CA SER M 279 6.01 -72.30 -15.00
C SER M 279 7.32 -71.57 -14.74
N ILE M 280 8.34 -72.32 -14.35
CA ILE M 280 9.69 -71.76 -14.21
C ILE M 280 10.46 -72.09 -15.48
N ILE M 281 10.97 -71.05 -16.14
CA ILE M 281 11.64 -71.22 -17.42
C ILE M 281 12.98 -70.48 -17.42
N THR M 282 13.88 -70.99 -18.23
CA THR M 282 15.12 -70.33 -18.62
C THR M 282 15.12 -70.21 -20.14
N CYS M 283 16.23 -69.71 -20.68
CA CYS M 283 16.28 -69.50 -22.13
C CYS M 283 16.36 -70.80 -22.93
N THR M 284 16.63 -71.93 -22.27
CA THR M 284 16.85 -73.19 -22.98
C THR M 284 15.96 -74.34 -22.54
N ALA M 285 15.30 -74.27 -21.39
CA ALA M 285 14.54 -75.41 -20.89
C ALA M 285 13.44 -74.93 -19.96
N VAL M 286 12.53 -75.84 -19.64
CA VAL M 286 11.44 -75.61 -18.70
C VAL M 286 11.72 -76.45 -17.46
N LEU M 287 11.85 -75.79 -16.32
CA LEU M 287 12.13 -76.51 -15.08
C LEU M 287 10.84 -77.05 -14.45
N LYS M 288 9.89 -76.18 -14.17
CA LYS M 288 8.56 -76.56 -13.72
C LYS M 288 7.56 -76.23 -14.82
N ASP M 289 6.64 -77.16 -15.09
CA ASP M 289 5.88 -77.08 -16.32
C ASP M 289 4.57 -76.29 -16.18
N LYS M 290 3.65 -76.77 -15.36
CA LYS M 290 2.34 -76.13 -15.25
C LYS M 290 1.84 -76.15 -13.81
N GLN M 291 2.71 -75.77 -12.87
CA GLN M 291 2.34 -75.81 -11.45
C GLN M 291 1.10 -74.96 -11.19
N LEU M 292 0.00 -75.60 -10.81
CA LEU M 292 -1.24 -74.86 -10.56
C LEU M 292 -1.13 -74.08 -9.26
N ILE M 293 -1.50 -72.80 -9.31
CA ILE M 293 -1.46 -71.94 -8.14
C ILE M 293 -2.88 -71.49 -7.81
N ALA M 294 -3.04 -70.98 -6.58
CA ALA M 294 -4.35 -70.57 -6.10
C ALA M 294 -4.79 -69.28 -6.77
N GLY M 295 -6.10 -69.11 -6.87
CA GLY M 295 -6.68 -67.90 -7.42
C GLY M 295 -7.20 -68.09 -8.83
N GLU M 296 -8.09 -67.19 -9.22
CA GLU M 296 -8.60 -67.13 -10.59
C GLU M 296 -7.87 -66.12 -11.44
N HIS M 297 -6.95 -65.35 -10.86
CA HIS M 297 -6.30 -64.24 -11.54
C HIS M 297 -4.79 -64.35 -11.39
N ILE M 298 -4.09 -63.72 -12.32
CA ILE M 298 -2.62 -63.64 -12.21
C ILE M 298 -2.27 -62.78 -11.00
N PRO M 299 -1.40 -63.25 -10.12
CA PRO M 299 -1.19 -62.57 -8.82
C PRO M 299 -0.37 -61.30 -8.89
N ILE M 300 -0.14 -60.72 -10.06
CA ILE M 300 0.64 -59.49 -10.20
C ILE M 300 -0.31 -58.32 -10.39
N VAL M 301 -0.15 -57.28 -9.57
CA VAL M 301 -0.97 -56.09 -9.62
C VAL M 301 -0.10 -54.94 -10.13
N PRO M 302 -0.42 -54.34 -11.29
CA PRO M 302 0.33 -53.18 -11.77
C PRO M 302 -0.32 -51.85 -11.40
N VAL M 303 0.48 -50.80 -11.29
CA VAL M 303 0.04 -49.44 -11.03
C VAL M 303 0.63 -48.55 -12.12
N PHE M 304 -0.19 -47.66 -12.68
CA PHE M 304 0.22 -46.83 -13.80
C PHE M 304 0.04 -45.36 -13.47
N GLY M 305 0.78 -44.51 -14.17
CA GLY M 305 0.64 -43.08 -14.05
C GLY M 305 -0.26 -42.53 -15.14
N GLU M 306 0.32 -41.87 -16.14
CA GLU M 306 -0.41 -41.47 -17.33
C GLU M 306 -0.29 -42.61 -18.35
N TRP M 307 -1.39 -43.33 -18.56
CA TRP M 307 -1.39 -44.56 -19.33
C TRP M 307 -2.32 -44.43 -20.52
N GLY M 308 -1.93 -45.02 -21.65
CA GLY M 308 -2.80 -44.99 -22.81
C GLY M 308 -2.23 -45.81 -23.94
N PHE M 309 -2.92 -45.76 -25.08
CA PHE M 309 -2.50 -46.41 -26.31
C PHE M 309 -2.48 -45.36 -27.41
N VAL M 310 -1.41 -45.33 -28.21
CA VAL M 310 -1.31 -44.36 -29.28
C VAL M 310 -1.74 -45.01 -30.59
N GLU M 311 -0.98 -46.01 -31.05
CA GLU M 311 -1.36 -46.81 -32.22
C GLU M 311 -1.08 -48.27 -31.87
N ASP M 312 -2.05 -48.90 -31.18
CA ASP M 312 -1.87 -50.24 -30.62
C ASP M 312 -0.52 -50.39 -29.93
N LYS M 313 -0.03 -49.30 -29.32
CA LYS M 313 1.26 -49.28 -28.66
C LYS M 313 1.07 -48.62 -27.30
N GLU M 314 1.19 -49.41 -26.23
CA GLU M 314 0.97 -48.90 -24.89
C GLU M 314 2.07 -47.92 -24.51
N VAL M 315 1.66 -46.79 -23.93
CA VAL M 315 2.58 -45.76 -23.46
C VAL M 315 2.17 -45.36 -22.05
N TYR M 316 3.14 -45.37 -21.15
CA TYR M 316 2.94 -44.90 -19.78
C TYR M 316 4.02 -43.90 -19.43
N GLU M 317 3.64 -42.86 -18.69
CA GLU M 317 4.54 -41.78 -18.34
C GLU M 317 4.31 -41.36 -16.89
N GLY M 318 5.36 -40.87 -16.26
CA GLY M 318 5.28 -40.39 -14.89
C GLY M 318 5.25 -38.88 -14.81
N VAL M 319 6.27 -38.29 -14.18
CA VAL M 319 6.36 -36.85 -14.04
C VAL M 319 7.76 -36.40 -14.44
N VAL M 320 8.68 -37.36 -14.61
CA VAL M 320 10.08 -37.04 -14.83
C VAL M 320 10.41 -36.88 -16.31
N ARG M 321 9.69 -37.58 -17.20
CA ARG M 321 10.07 -37.64 -18.60
C ARG M 321 10.11 -36.26 -19.23
N LEU M 322 9.01 -35.51 -19.13
CA LEU M 322 8.92 -34.23 -19.83
C LEU M 322 9.88 -33.19 -19.28
N THR M 323 10.40 -33.39 -18.08
CA THR M 323 11.38 -32.48 -17.51
C THR M 323 12.81 -32.84 -17.86
N LYS M 324 13.02 -33.95 -18.58
CA LYS M 324 14.39 -34.40 -18.85
C LYS M 324 15.10 -33.45 -19.81
N ASP M 325 14.38 -32.89 -20.78
CA ASP M 325 15.02 -32.04 -21.78
C ASP M 325 15.49 -30.72 -21.19
N GLY M 326 14.61 -30.04 -20.44
CA GLY M 326 15.00 -28.77 -19.85
C GLY M 326 16.11 -28.92 -18.82
N GLN M 327 15.97 -29.90 -17.93
CA GLN M 327 16.97 -30.11 -16.89
C GLN M 327 18.34 -30.41 -17.49
N ARG M 328 18.38 -31.30 -18.49
CA ARG M 328 19.63 -31.60 -19.17
C ARG M 328 20.26 -30.34 -19.75
N LEU M 329 19.44 -29.38 -20.18
CA LEU M 329 19.98 -28.11 -20.63
C LEU M 329 20.50 -27.29 -19.46
N ARG M 330 19.74 -27.24 -18.36
CA ARG M 330 20.15 -26.45 -17.20
C ARG M 330 21.45 -26.97 -16.62
N ASN M 331 21.64 -28.30 -16.62
CA ASN M 331 22.91 -28.86 -16.20
C ASN M 331 24.04 -28.44 -17.13
N MET M 332 23.77 -28.41 -18.44
CA MET M 332 24.83 -28.07 -19.39
C MET M 332 25.28 -26.63 -19.24
N ILE M 333 24.32 -25.69 -19.25
CA ILE M 333 24.66 -24.28 -19.16
C ILE M 333 25.40 -23.98 -17.86
N MET M 334 24.88 -24.50 -16.75
CA MET M 334 25.54 -24.31 -15.46
C MET M 334 26.92 -24.94 -15.46
N SER M 335 27.13 -25.98 -16.28
CA SER M 335 28.46 -26.56 -16.40
C SER M 335 29.37 -25.70 -17.26
N PHE M 336 28.80 -25.03 -18.27
CA PHE M 336 29.60 -24.15 -19.11
C PHE M 336 30.06 -22.93 -18.34
N ASN M 337 29.14 -22.29 -17.62
CA ASN M 337 29.47 -21.07 -16.91
C ASN M 337 30.55 -21.30 -15.86
N ALA M 338 30.53 -22.46 -15.21
CA ALA M 338 31.59 -22.79 -14.26
C ALA M 338 32.95 -22.81 -14.96
N ASP M 339 33.00 -23.35 -16.17
CA ASP M 339 34.25 -23.33 -16.94
C ASP M 339 34.74 -21.91 -17.18
N ILE M 340 33.82 -20.95 -17.23
CA ILE M 340 34.21 -19.56 -17.39
C ILE M 340 34.91 -19.06 -16.13
N VAL M 341 34.43 -19.47 -14.96
CA VAL M 341 34.98 -18.95 -13.71
C VAL M 341 36.39 -19.48 -13.49
N ALA M 342 36.62 -20.75 -13.79
CA ALA M 342 37.92 -21.36 -13.51
C ALA M 342 38.94 -21.04 -14.59
N ARG M 343 38.67 -21.46 -15.83
CA ARG M 343 39.66 -21.34 -16.91
C ARG M 343 39.40 -20.07 -17.71
N THR M 344 39.79 -18.95 -17.12
CA THR M 344 39.73 -17.67 -17.80
C THR M 344 40.75 -16.76 -17.14
N PRO M 345 41.64 -16.12 -17.91
CA PRO M 345 42.63 -15.23 -17.31
C PRO M 345 41.96 -14.07 -16.57
N LYS M 346 42.55 -13.70 -15.44
CA LYS M 346 41.99 -12.65 -14.60
C LYS M 346 42.30 -11.28 -15.18
N LYS M 347 41.83 -10.24 -14.50
CA LYS M 347 42.03 -8.86 -14.95
C LYS M 347 43.37 -8.36 -14.41
N LYS M 348 44.34 -8.21 -15.29
CA LYS M 348 45.67 -7.73 -14.94
C LYS M 348 46.12 -6.76 -16.01
N PRO M 349 47.05 -5.86 -15.69
CA PRO M 349 47.51 -4.89 -16.68
C PRO M 349 48.33 -5.54 -17.78
N PHE M 350 48.34 -4.87 -18.94
CA PHE M 350 49.19 -5.25 -20.05
C PHE M 350 50.41 -4.34 -20.04
N PHE M 351 51.60 -4.93 -19.98
CA PHE M 351 52.84 -4.19 -19.84
C PHE M 351 53.82 -4.62 -20.92
N TRP M 352 54.55 -3.65 -21.46
CA TRP M 352 55.77 -3.98 -22.18
C TRP M 352 56.87 -4.32 -21.17
N PRO M 353 57.74 -5.29 -21.48
CA PRO M 353 58.80 -5.63 -20.53
C PRO M 353 59.71 -4.47 -20.20
N GLU M 354 59.95 -3.56 -21.15
CA GLU M 354 60.80 -2.42 -20.91
C GLU M 354 60.12 -1.33 -20.08
N GLN M 355 58.79 -1.34 -20.00
CA GLN M 355 58.09 -0.34 -19.22
C GLN M 355 58.37 -0.49 -17.73
N ILE M 356 58.45 -1.73 -17.25
CA ILE M 356 58.59 -2.01 -15.83
C ILE M 356 59.93 -2.67 -15.52
N ALA M 357 60.92 -2.49 -16.39
CA ALA M 357 62.23 -3.09 -16.17
C ALA M 357 62.90 -2.45 -14.96
N GLY M 358 63.20 -3.25 -13.95
CA GLY M 358 63.78 -2.78 -12.73
C GLY M 358 62.79 -2.46 -11.62
N PHE M 359 61.51 -2.37 -11.93
CA PHE M 359 60.46 -2.11 -10.96
C PHE M 359 59.51 -3.28 -10.81
N GLU M 360 59.92 -4.48 -11.22
CA GLU M 360 59.02 -5.63 -11.25
C GLU M 360 58.56 -6.04 -9.86
N HIS M 361 59.31 -5.71 -8.81
CA HIS M 361 58.89 -6.02 -7.45
C HIS M 361 57.81 -5.08 -6.93
N MET M 362 57.51 -4.00 -7.66
CA MET M 362 56.46 -3.08 -7.25
C MET M 362 55.07 -3.54 -7.67
N TYR M 363 54.98 -4.51 -8.59
CA TYR M 363 53.70 -4.95 -9.13
C TYR M 363 53.34 -6.37 -8.73
N ASP M 364 54.12 -6.99 -7.83
CA ASP M 364 53.86 -8.36 -7.45
C ASP M 364 52.69 -8.52 -6.49
N GLY M 365 52.18 -7.42 -5.93
CA GLY M 365 51.04 -7.47 -5.04
C GLY M 365 51.30 -7.00 -3.63
N ASN M 366 52.52 -6.64 -3.28
CA ASN M 366 52.80 -6.14 -1.93
C ASN M 366 52.28 -4.72 -1.77
N ASP M 367 52.28 -4.25 -0.53
CA ASP M 367 51.82 -2.91 -0.20
C ASP M 367 52.88 -2.15 0.57
N ASP M 368 54.13 -2.26 0.14
CA ASP M 368 55.25 -1.57 0.77
C ASP M 368 55.65 -0.28 0.08
N TYR M 369 54.95 0.11 -0.99
CA TYR M 369 55.31 1.29 -1.75
C TYR M 369 54.10 2.20 -1.88
N PRO M 370 54.32 3.51 -1.96
CA PRO M 370 53.19 4.46 -2.07
C PRO M 370 52.66 4.63 -3.48
N TYR M 371 53.37 4.14 -4.51
CA TYR M 371 52.96 4.32 -5.88
C TYR M 371 53.67 3.27 -6.74
N TYR M 372 53.49 3.38 -8.06
CA TYR M 372 54.16 2.53 -9.02
C TYR M 372 55.00 3.39 -9.94
N LEU M 373 56.23 2.95 -10.21
CA LEU M 373 57.14 3.67 -11.08
C LEU M 373 57.25 2.96 -12.42
N LEU M 374 57.36 3.76 -13.48
CA LEU M 374 57.47 3.25 -14.84
C LEU M 374 58.71 3.84 -15.50
N ASN M 375 59.40 3.01 -16.27
CA ASN M 375 60.51 3.51 -17.08
C ASN M 375 59.98 4.44 -18.15
N ARG M 376 60.75 5.48 -18.47
CA ARG M 376 60.29 6.51 -19.37
C ARG M 376 61.13 6.65 -20.63
N THR M 377 62.45 6.54 -20.52
CA THR M 377 63.36 6.82 -21.62
C THR M 377 63.87 5.53 -22.24
N ASP M 378 64.21 5.63 -23.53
CA ASP M 378 64.83 4.55 -24.28
C ASP M 378 66.07 5.09 -24.97
N GLU M 379 67.15 4.30 -24.97
CA GLU M 379 68.40 4.79 -25.52
C GLU M 379 68.40 4.84 -27.04
N ASN M 380 67.45 4.19 -27.69
CA ASN M 380 67.34 4.21 -29.14
C ASN M 380 66.17 5.04 -29.66
N SER M 381 65.00 4.91 -29.05
CA SER M 381 63.82 5.67 -29.46
C SER M 381 63.68 6.99 -28.72
N GLY M 382 64.64 7.34 -27.86
CA GLY M 382 64.56 8.58 -27.12
C GLY M 382 63.61 8.52 -25.95
N ASP M 383 62.32 8.35 -26.25
CA ASP M 383 61.28 8.26 -25.23
C ASP M 383 60.38 7.07 -25.53
N LEU M 384 59.88 6.45 -24.47
CA LEU M 384 58.98 5.32 -24.64
C LEU M 384 57.64 5.80 -25.21
N PRO M 385 57.03 5.05 -26.12
CA PRO M 385 55.75 5.47 -26.68
C PRO M 385 54.65 5.53 -25.62
N THR M 386 53.71 6.44 -25.84
CA THR M 386 52.59 6.65 -24.92
C THR M 386 51.38 5.86 -25.39
N GLN M 387 50.78 5.11 -24.47
CA GLN M 387 49.62 4.28 -24.76
C GLN M 387 48.89 4.03 -23.44
N PRO M 388 47.61 4.37 -23.35
CA PRO M 388 46.89 4.17 -22.07
C PRO M 388 46.90 2.71 -21.66
N LEU M 389 47.06 2.49 -20.35
CA LEU M 389 47.21 1.13 -19.84
C LEU M 389 45.95 0.32 -20.12
N ALA M 390 46.15 -0.91 -20.60
CA ALA M 390 45.07 -1.82 -20.93
C ALA M 390 45.06 -3.00 -19.96
N TYR M 391 43.86 -3.38 -19.53
CA TYR M 391 43.68 -4.47 -18.59
C TYR M 391 42.88 -5.58 -19.25
N TYR M 392 43.22 -6.83 -18.93
CA TYR M 392 42.43 -7.96 -19.40
C TYR M 392 41.01 -7.86 -18.86
N GLU M 393 40.04 -8.07 -19.75
CA GLU M 393 38.65 -7.91 -19.36
C GLU M 393 38.24 -8.96 -18.34
N ASN M 394 37.37 -8.57 -17.41
CA ASN M 394 36.88 -9.49 -16.40
C ASN M 394 36.03 -10.57 -17.08
N PRO M 395 36.08 -11.81 -16.55
CA PRO M 395 35.20 -12.85 -17.07
C PRO M 395 33.74 -12.46 -16.92
N GLU M 396 32.94 -12.79 -17.92
CA GLU M 396 31.52 -12.46 -17.93
C GLU M 396 30.72 -13.65 -18.42
N VAL M 397 29.57 -13.88 -17.79
CA VAL M 397 28.62 -14.89 -18.26
C VAL M 397 27.86 -14.29 -19.44
N PRO M 398 27.85 -14.94 -20.60
CA PRO M 398 27.16 -14.37 -21.76
C PRO M 398 25.67 -14.21 -21.51
N GLN M 399 25.07 -13.23 -22.18
CA GLN M 399 23.63 -13.04 -22.07
C GLN M 399 22.86 -14.27 -22.54
N ALA M 400 23.37 -14.97 -23.54
CA ALA M 400 22.72 -16.18 -24.01
C ALA M 400 22.70 -17.24 -22.92
N ASN M 401 23.80 -17.41 -22.20
CA ASN M 401 23.87 -18.42 -21.16
C ASN M 401 22.86 -18.13 -20.05
N ALA M 402 22.82 -16.89 -19.56
CA ALA M 402 21.89 -16.54 -18.50
C ALA M 402 20.44 -16.67 -18.97
N TYR M 403 20.15 -16.16 -20.18
CA TYR M 403 18.79 -16.24 -20.69
C TYR M 403 18.34 -17.68 -20.83
N MET M 404 19.20 -18.56 -21.36
CA MET M 404 18.80 -19.93 -21.57
C MET M 404 18.73 -20.71 -20.27
N LEU M 405 19.59 -20.40 -19.30
CA LEU M 405 19.47 -21.05 -17.99
C LEU M 405 18.13 -20.68 -17.34
N GLU M 406 17.76 -19.41 -17.38
CA GLU M 406 16.48 -18.99 -16.82
C GLU M 406 15.32 -19.64 -17.57
N ALA M 407 15.41 -19.69 -18.91
CA ALA M 407 14.33 -20.27 -19.69
C ALA M 407 14.18 -21.77 -19.41
N ALA M 408 15.30 -22.49 -19.32
CA ALA M 408 15.24 -23.92 -19.03
C ALA M 408 14.68 -24.19 -17.64
N THR M 409 15.11 -23.40 -16.65
CA THR M 409 14.58 -23.58 -15.30
C THR M 409 13.08 -23.29 -15.27
N SER M 410 12.64 -22.24 -15.95
CA SER M 410 11.21 -21.93 -15.99
C SER M 410 10.42 -23.02 -16.69
N ALA M 411 10.97 -23.56 -17.79
CA ALA M 411 10.29 -24.63 -18.50
C ALA M 411 10.14 -25.87 -17.63
N VAL M 412 11.20 -26.25 -16.92
CA VAL M 412 11.10 -27.42 -16.04
C VAL M 412 10.13 -27.15 -14.90
N LYS M 413 10.13 -25.92 -14.37
CA LYS M 413 9.17 -25.57 -13.32
C LYS M 413 7.74 -25.72 -13.81
N GLU M 414 7.47 -25.26 -15.03
CA GLU M 414 6.09 -25.28 -15.53
C GLU M 414 5.65 -26.69 -15.90
N VAL M 415 6.54 -27.47 -16.50
CA VAL M 415 6.13 -28.80 -16.97
C VAL M 415 6.10 -29.83 -15.84
N ALA M 416 6.85 -29.63 -14.77
CA ALA M 416 6.89 -30.59 -13.66
C ALA M 416 5.81 -30.30 -12.64
N THR M 417 4.57 -30.19 -13.09
CA THR M 417 3.40 -30.02 -12.22
C THR M 417 2.41 -31.12 -12.56
N LEU M 418 2.39 -32.16 -11.75
CA LEU M 418 1.42 -33.23 -11.92
C LEU M 418 0.02 -32.70 -11.61
N GLY M 419 -0.88 -32.81 -12.60
CA GLY M 419 -2.22 -32.29 -12.40
C GLY M 419 -2.21 -30.80 -12.16
N VAL M 420 -2.93 -30.37 -11.14
CA VAL M 420 -3.00 -28.95 -10.78
C VAL M 420 -2.16 -28.69 -9.53
N GLU M 445 -1.12 -31.57 -7.14
CA GLU M 445 -2.15 -32.52 -6.72
C GLU M 445 -2.04 -33.80 -7.53
N THR M 446 -2.20 -34.93 -6.86
CA THR M 446 -2.06 -36.25 -7.48
C THR M 446 -3.36 -37.04 -7.45
N TYR M 447 -4.48 -36.38 -7.75
CA TYR M 447 -5.76 -37.09 -7.71
C TYR M 447 -5.81 -38.23 -8.73
N VAL M 448 -5.30 -37.99 -9.94
CA VAL M 448 -5.31 -39.04 -10.95
C VAL M 448 -4.43 -40.20 -10.54
N PHE M 449 -3.25 -39.91 -9.97
CA PHE M 449 -2.37 -40.97 -9.51
C PHE M 449 -2.99 -41.74 -8.36
N GLN M 450 -3.66 -41.04 -7.43
CA GLN M 450 -4.34 -41.73 -6.34
C GLN M 450 -5.48 -42.60 -6.86
N ASP M 451 -6.19 -42.14 -7.88
CA ASP M 451 -7.27 -42.95 -8.45
C ASP M 451 -6.72 -44.18 -9.15
N ASN M 452 -5.58 -44.05 -9.83
CA ASN M 452 -4.94 -45.21 -10.44
C ASN M 452 -4.49 -46.20 -9.37
N LEU M 453 -3.94 -45.69 -8.27
CA LEU M 453 -3.59 -46.57 -7.16
C LEU M 453 -4.82 -47.25 -6.58
N ALA M 454 -5.94 -46.53 -6.52
CA ALA M 454 -7.19 -47.13 -6.04
C ALA M 454 -7.66 -48.25 -6.96
N THR M 455 -7.52 -48.05 -8.27
CA THR M 455 -7.84 -49.12 -9.22
C THR M 455 -6.94 -50.32 -8.99
N ALA M 456 -5.64 -50.08 -8.76
CA ALA M 456 -4.73 -51.17 -8.48
C ALA M 456 -5.12 -51.91 -7.21
N MET M 457 -5.53 -51.18 -6.17
CA MET M 457 -5.94 -51.84 -4.93
C MET M 457 -7.25 -52.59 -5.10
N ARG M 458 -8.15 -52.12 -5.96
CA ARG M 458 -9.35 -52.89 -6.25
C ARG M 458 -9.02 -54.21 -6.94
N ARG M 459 -8.08 -54.17 -7.89
CA ARG M 459 -7.61 -55.41 -8.50
C ARG M 459 -6.96 -56.33 -7.47
N ASP M 460 -6.18 -55.74 -6.56
CA ASP M 460 -5.56 -56.50 -5.48
C ASP M 460 -6.61 -57.19 -4.63
N GLY M 461 -7.70 -56.47 -4.30
CA GLY M 461 -8.76 -57.07 -3.52
C GLY M 461 -9.45 -58.20 -4.26
N GLU M 462 -9.66 -58.04 -5.56
CA GLU M 462 -10.25 -59.12 -6.35
C GLU M 462 -9.37 -60.37 -6.32
N ILE M 463 -8.07 -60.20 -6.56
CA ILE M 463 -7.15 -61.34 -6.56
C ILE M 463 -7.10 -61.98 -5.19
N TYR M 464 -7.07 -61.16 -4.13
CA TYR M 464 -7.00 -61.69 -2.78
C TYR M 464 -8.26 -62.47 -2.44
N GLN M 465 -9.43 -61.99 -2.86
CA GLN M 465 -10.66 -62.73 -2.61
C GLN M 465 -10.63 -64.07 -3.33
N SER M 466 -10.15 -64.10 -4.57
CA SER M 466 -10.05 -65.37 -5.28
C SER M 466 -9.13 -66.35 -4.57
N ILE M 467 -7.96 -65.87 -4.13
CA ILE M 467 -7.02 -66.76 -3.45
C ILE M 467 -7.61 -67.24 -2.13
N VAL M 468 -8.29 -66.36 -1.40
CA VAL M 468 -8.90 -66.74 -0.13
C VAL M 468 -9.93 -67.84 -0.34
N ASN M 469 -10.78 -67.68 -1.36
CA ASN M 469 -11.73 -68.74 -1.68
C ASN M 469 -11.03 -70.03 -2.08
N ASP M 470 -9.84 -69.92 -2.68
CA ASP M 470 -9.14 -71.13 -3.10
C ASP M 470 -8.51 -71.90 -1.94
N ILE M 471 -7.87 -71.21 -0.99
CA ILE M 471 -7.04 -71.92 -0.02
C ILE M 471 -7.51 -71.77 1.42
N TYR M 472 -8.20 -70.68 1.72
CA TYR M 472 -8.55 -70.38 3.10
C TYR M 472 -9.86 -71.07 3.49
N ASP M 473 -10.11 -71.12 4.80
CA ASP M 473 -11.33 -71.69 5.36
C ASP M 473 -12.32 -70.54 5.58
N VAL M 474 -13.30 -70.44 4.68
CA VAL M 474 -14.29 -69.37 4.73
C VAL M 474 -15.55 -69.93 5.37
N PRO M 475 -15.91 -69.49 6.58
CA PRO M 475 -17.14 -70.01 7.20
C PRO M 475 -18.38 -69.48 6.49
N ARG M 476 -19.44 -70.28 6.55
CA ARG M 476 -20.76 -69.87 6.06
C ARG M 476 -21.61 -69.48 7.27
N ASN M 477 -22.15 -68.27 7.24
CA ASN M 477 -22.91 -67.75 8.37
C ASN M 477 -24.38 -68.13 8.23
N VAL M 478 -24.88 -68.93 9.16
CA VAL M 478 -26.28 -69.33 9.17
C VAL M 478 -27.05 -68.39 10.08
N THR M 479 -28.35 -68.26 9.82
CA THR M 479 -29.21 -67.34 10.58
C THR M 479 -30.05 -68.06 11.63
N ILE M 480 -29.81 -69.36 11.84
CA ILE M 480 -30.57 -70.11 12.82
C ILE M 480 -30.07 -69.80 14.23
N LEU M 492 -24.27 -67.59 13.63
CA LEU M 492 -23.40 -68.74 13.87
C LEU M 492 -22.65 -69.14 12.60
N MET M 493 -21.33 -69.25 12.71
CA MET M 493 -20.49 -69.62 11.57
C MET M 493 -20.27 -71.13 11.61
N ALA M 494 -20.62 -71.80 10.53
CA ALA M 494 -20.52 -73.26 10.42
C ALA M 494 -19.36 -73.58 9.46
N GLU M 495 -18.18 -73.83 10.04
CA GLU M 495 -17.01 -74.22 9.25
C GLU M 495 -17.09 -75.71 8.95
N VAL M 496 -17.40 -76.04 7.70
CA VAL M 496 -17.55 -77.43 7.28
C VAL M 496 -16.31 -77.82 6.48
N VAL M 497 -15.46 -78.65 7.09
CA VAL M 497 -14.26 -79.16 6.44
C VAL M 497 -14.07 -80.62 6.85
N ASP M 498 -13.17 -81.30 6.14
CA ASP M 498 -12.86 -82.69 6.46
C ASP M 498 -11.43 -82.99 6.02
N LEU M 499 -10.87 -84.04 6.61
CA LEU M 499 -9.51 -84.48 6.33
C LEU M 499 -9.54 -85.80 5.59
N ALA M 500 -8.47 -86.05 4.83
CA ALA M 500 -8.35 -87.27 4.05
C ALA M 500 -7.64 -88.35 4.88
N THR M 501 -7.41 -89.51 4.26
CA THR M 501 -6.67 -90.57 4.92
C THR M 501 -5.20 -90.22 5.11
N GLY M 502 -4.69 -89.25 4.36
CA GLY M 502 -3.32 -88.81 4.50
C GLY M 502 -3.16 -87.68 5.49
N GLU M 503 -4.18 -87.50 6.35
CA GLU M 503 -4.25 -86.51 7.41
C GLU M 503 -4.34 -85.07 6.88
N LYS M 504 -4.36 -84.88 5.56
CA LYS M 504 -4.46 -83.54 5.00
C LYS M 504 -5.91 -83.10 4.97
N GLN M 505 -6.18 -81.90 5.50
CA GLN M 505 -7.52 -81.35 5.51
C GLN M 505 -7.76 -80.58 4.22
N VAL M 506 -8.91 -80.82 3.60
CA VAL M 506 -9.29 -80.15 2.36
C VAL M 506 -10.47 -79.23 2.66
N LEU M 507 -10.31 -77.96 2.33
CA LEU M 507 -11.37 -76.98 2.57
C LEU M 507 -12.56 -77.26 1.67
N ASN M 508 -13.76 -77.03 2.20
CA ASN M 508 -15.01 -77.19 1.46
C ASN M 508 -15.69 -75.83 1.42
N ASP M 509 -15.55 -75.13 0.29
CA ASP M 509 -16.13 -73.80 0.11
C ASP M 509 -17.26 -73.89 -0.90
N ILE M 510 -18.45 -73.43 -0.49
CA ILE M 510 -19.60 -73.43 -1.38
C ILE M 510 -19.41 -72.38 -2.47
N ARG M 511 -20.25 -72.49 -3.51
CA ARG M 511 -20.17 -71.55 -4.62
C ARG M 511 -20.83 -70.20 -4.33
N GLY M 512 -21.49 -70.06 -3.19
CA GLY M 512 -21.96 -68.76 -2.76
C GLY M 512 -20.87 -67.99 -2.05
N ARG M 513 -19.76 -67.77 -2.77
CA ARG M 513 -18.56 -67.16 -2.18
C ARG M 513 -18.41 -65.69 -2.51
N TYR M 514 -18.86 -65.26 -3.68
CA TYR M 514 -18.73 -63.85 -4.08
C TYR M 514 -19.91 -63.03 -3.56
N GLU M 515 -20.01 -62.99 -2.23
CA GLU M 515 -21.08 -62.26 -1.56
C GLU M 515 -20.72 -60.83 -1.25
N CYS M 516 -19.48 -60.41 -1.49
CA CYS M 516 -19.04 -59.05 -1.23
C CYS M 516 -18.21 -58.55 -2.39
N TYR M 517 -18.31 -57.25 -2.65
CA TYR M 517 -17.55 -56.59 -3.70
C TYR M 517 -16.47 -55.71 -3.07
N THR M 518 -15.64 -55.13 -3.94
CA THR M 518 -14.44 -54.43 -3.55
C THR M 518 -14.63 -52.92 -3.71
N ASP M 519 -14.18 -52.16 -2.71
CA ASP M 519 -14.15 -50.71 -2.75
C ASP M 519 -12.82 -50.26 -2.17
N VAL M 520 -12.61 -48.96 -2.12
CA VAL M 520 -11.36 -48.37 -1.64
C VAL M 520 -11.65 -47.52 -0.41
N GLY M 521 -10.89 -47.75 0.65
CA GLY M 521 -11.06 -47.00 1.87
C GLY M 521 -9.75 -46.74 2.58
N PRO M 522 -9.81 -46.08 3.74
CA PRO M 522 -8.57 -45.81 4.49
C PRO M 522 -7.93 -47.10 4.97
N SER M 523 -6.62 -47.05 5.14
CA SER M 523 -5.86 -48.23 5.55
C SER M 523 -5.91 -48.37 7.06
N PHE M 524 -6.39 -49.51 7.54
CA PHE M 524 -6.51 -49.81 8.95
C PHE M 524 -5.76 -51.10 9.27
N GLN M 525 -5.09 -51.12 10.42
CA GLN M 525 -4.31 -52.30 10.80
C GLN M 525 -5.18 -53.47 11.26
N SER M 526 -6.37 -53.21 11.79
CA SER M 526 -7.21 -54.26 12.33
C SER M 526 -8.66 -53.83 12.25
N MET M 527 -9.56 -54.81 12.44
CA MET M 527 -10.99 -54.51 12.41
C MET M 527 -11.41 -53.60 13.56
N LYS M 528 -10.74 -53.71 14.71
CA LYS M 528 -11.07 -52.84 15.84
C LYS M 528 -10.78 -51.37 15.51
N GLN M 529 -9.66 -51.11 14.84
CA GLN M 529 -9.36 -49.74 14.42
C GLN M 529 -10.41 -49.22 13.45
N GLN M 530 -10.84 -50.07 12.52
CA GLN M 530 -11.88 -49.67 11.56
C GLN M 530 -13.19 -49.36 12.29
N ASN M 531 -13.56 -50.19 13.25
CA ASN M 531 -14.78 -49.94 14.02
C ASN M 531 -14.67 -48.66 14.82
N ARG M 532 -13.51 -48.39 15.41
CA ARG M 532 -13.32 -47.15 16.15
C ARG M 532 -13.44 -45.94 15.22
N ALA M 533 -12.84 -46.02 14.03
CA ALA M 533 -12.94 -44.92 13.09
C ALA M 533 -14.38 -44.71 12.64
N GLU M 534 -15.12 -45.80 12.42
CA GLU M 534 -16.52 -45.68 12.01
C GLU M 534 -17.35 -45.05 13.11
N ILE M 535 -17.14 -45.45 14.36
CA ILE M 535 -17.88 -44.88 15.48
C ILE M 535 -17.56 -43.40 15.62
N LEU M 536 -16.28 -43.03 15.47
CA LEU M 536 -15.90 -41.63 15.56
C LEU M 536 -16.54 -40.81 14.44
N GLU M 537 -16.56 -41.37 13.22
CA GLU M 537 -17.18 -40.68 12.09
C GLU M 537 -18.68 -40.47 12.32
N LEU M 538 -19.37 -41.49 12.84
CA LEU M 538 -20.78 -41.34 13.16
C LEU M 538 -20.99 -40.32 14.27
N LEU M 539 -20.09 -40.29 15.25
CA LEU M 539 -20.22 -39.37 16.37
C LEU M 539 -20.10 -37.92 15.92
N GLY M 540 -19.27 -37.65 14.90
CA GLY M 540 -19.06 -36.30 14.45
C GLY M 540 -20.25 -35.68 13.74
N LYS M 541 -21.24 -36.50 13.36
CA LYS M 541 -22.42 -36.01 12.68
C LYS M 541 -23.68 -36.07 13.52
N THR M 542 -23.71 -36.88 14.57
CA THR M 542 -24.90 -37.00 15.40
C THR M 542 -24.98 -35.83 16.38
N PRO M 543 -26.12 -35.15 16.49
CA PRO M 543 -26.27 -34.12 17.51
C PRO M 543 -26.31 -34.73 18.90
N GLN M 544 -26.14 -33.87 19.91
CA GLN M 544 -26.02 -34.32 21.29
C GLN M 544 -27.36 -34.77 21.84
N GLY M 545 -27.91 -35.87 21.31
CA GLY M 545 -29.12 -36.44 21.83
C GLY M 545 -28.87 -37.78 22.52
N THR M 546 -29.78 -38.74 22.33
CA THR M 546 -29.59 -40.08 22.87
C THR M 546 -28.65 -40.92 22.01
N PRO M 547 -28.76 -40.88 20.67
CA PRO M 547 -27.76 -41.62 19.86
C PRO M 547 -26.35 -41.15 20.09
N GLU M 548 -26.14 -39.88 20.45
CA GLU M 548 -24.80 -39.43 20.79
C GLU M 548 -24.27 -40.16 22.02
N TYR M 549 -25.11 -40.32 23.04
CA TYR M 549 -24.71 -41.09 24.21
C TYR M 549 -24.44 -42.55 23.84
N GLN M 550 -25.28 -43.11 22.98
CA GLN M 550 -25.09 -44.49 22.54
C GLN M 550 -23.74 -44.66 21.85
N LEU M 551 -23.40 -43.74 20.94
CA LEU M 551 -22.15 -43.83 20.21
C LEU M 551 -20.95 -43.55 21.11
N LEU M 552 -21.10 -42.68 22.11
CA LEU M 552 -20.01 -42.46 23.05
C LEU M 552 -19.73 -43.72 23.89
N LEU M 553 -20.79 -44.37 24.35
CA LEU M 553 -20.61 -45.62 25.08
C LEU M 553 -20.02 -46.69 24.18
N LEU M 554 -20.40 -46.69 22.90
CA LEU M 554 -19.84 -47.64 21.96
C LEU M 554 -18.38 -47.35 21.64
N GLN M 555 -17.97 -46.08 21.71
CA GLN M 555 -16.57 -45.75 21.53
C GLN M 555 -15.75 -46.19 22.73
N TYR M 556 -16.27 -45.98 23.94
CA TYR M 556 -15.62 -46.50 25.13
C TYR M 556 -15.58 -48.02 25.14
N PHE M 557 -16.55 -48.67 24.47
CA PHE M 557 -16.49 -50.09 24.22
C PHE M 557 -15.18 -50.54 23.59
N THR M 558 -14.90 -50.06 22.38
CA THR M 558 -13.86 -50.70 21.56
C THR M 558 -12.48 -50.12 21.82
N LEU M 559 -12.27 -49.57 23.02
CA LEU M 559 -10.98 -49.00 23.37
C LEU M 559 -9.99 -50.10 23.76
N LEU M 560 -8.71 -49.84 23.50
CA LEU M 560 -7.64 -50.71 23.96
C LEU M 560 -7.63 -50.75 25.49
N ASP M 561 -6.84 -51.66 26.04
CA ASP M 561 -6.86 -51.94 27.47
C ASP M 561 -5.57 -51.49 28.15
N GLY M 562 -5.73 -50.72 29.21
CA GLY M 562 -4.70 -50.49 30.19
C GLY M 562 -5.24 -50.90 31.55
N LYS M 563 -5.30 -49.96 32.48
CA LYS M 563 -5.94 -50.21 33.77
C LYS M 563 -7.15 -49.31 34.01
N GLY M 564 -6.98 -48.00 33.86
CA GLY M 564 -8.13 -47.10 34.02
C GLY M 564 -9.13 -47.22 32.88
N VAL M 565 -8.63 -47.28 31.64
CA VAL M 565 -9.53 -47.42 30.50
C VAL M 565 -10.25 -48.75 30.56
N GLU M 566 -9.67 -49.74 31.24
CA GLU M 566 -10.40 -50.98 31.52
C GLU M 566 -11.62 -50.70 32.39
N MET M 567 -11.46 -49.86 33.42
CA MET M 567 -12.60 -49.50 34.26
C MET M 567 -13.65 -48.74 33.46
N MET M 568 -13.19 -47.81 32.60
CA MET M 568 -14.14 -47.04 31.79
C MET M 568 -14.90 -47.94 30.83
N ARG M 569 -14.23 -48.92 30.23
CA ARG M 569 -14.89 -49.84 29.31
C ARG M 569 -15.84 -50.76 30.05
N ASP M 570 -15.49 -51.19 31.27
CA ASP M 570 -16.42 -51.97 32.07
C ASP M 570 -17.68 -51.16 32.41
N TYR M 571 -17.48 -49.89 32.75
CA TYR M 571 -18.63 -49.01 33.01
C TYR M 571 -19.51 -48.86 31.78
N ALA M 572 -18.89 -48.68 30.61
CA ALA M 572 -19.67 -48.59 29.37
C ALA M 572 -20.39 -49.90 29.08
N ASN M 573 -19.75 -51.04 29.37
CA ASN M 573 -20.38 -52.34 29.23
C ASN M 573 -21.65 -52.41 30.06
N LYS M 574 -21.53 -52.09 31.34
CA LYS M 574 -22.68 -52.15 32.24
C LYS M 574 -23.78 -51.20 31.79
N GLN M 575 -23.40 -49.99 31.37
CA GLN M 575 -24.38 -49.01 30.94
C GLN M 575 -25.14 -49.50 29.71
N LEU M 576 -24.41 -50.02 28.71
CA LEU M 576 -25.07 -50.49 27.49
C LEU M 576 -25.96 -51.69 27.77
N ILE M 577 -25.52 -52.60 28.63
CA ILE M 577 -26.34 -53.77 28.95
C ILE M 577 -27.60 -53.36 29.71
N GLN M 578 -27.49 -52.37 30.60
CA GLN M 578 -28.58 -52.07 31.50
C GLN M 578 -29.77 -51.40 30.81
N MET M 579 -29.59 -50.77 29.66
CA MET M 579 -30.70 -50.18 28.94
C MET M 579 -31.28 -51.11 27.88
N GLY M 580 -30.82 -52.36 27.83
CA GLY M 580 -31.37 -53.33 26.90
C GLY M 580 -30.89 -53.17 25.48
N VAL M 581 -30.01 -52.20 25.21
CA VAL M 581 -29.46 -52.04 23.87
C VAL M 581 -28.58 -53.21 23.51
N LYS M 582 -27.75 -53.68 24.44
CA LYS M 582 -26.95 -54.88 24.26
C LYS M 582 -27.73 -56.14 24.60
N LYS M 583 -27.28 -57.25 24.03
CA LYS M 583 -27.77 -58.56 24.39
C LYS M 583 -26.73 -59.23 25.28
N PRO M 584 -27.04 -59.48 26.55
CA PRO M 584 -26.05 -60.09 27.44
C PRO M 584 -25.65 -61.48 26.95
N GLU M 585 -24.35 -61.77 27.09
CA GLU M 585 -23.80 -63.09 26.76
C GLU M 585 -23.27 -63.79 27.99
N THR M 586 -22.39 -63.13 28.74
CA THR M 586 -21.80 -63.61 29.98
C THR M 586 -22.80 -63.43 31.13
N PRO M 587 -22.91 -64.40 32.04
CA PRO M 587 -23.91 -64.29 33.11
C PRO M 587 -23.77 -63.05 34.00
N GLU M 588 -22.57 -62.50 34.13
CA GLU M 588 -22.42 -61.22 34.81
C GLU M 588 -23.31 -60.16 34.17
N GLU M 589 -23.27 -60.06 32.84
CA GLU M 589 -24.21 -59.19 32.15
C GLU M 589 -25.65 -59.63 32.36
N GLN M 590 -25.87 -60.94 32.57
CA GLN M 590 -27.24 -61.42 32.74
C GLN M 590 -27.87 -60.86 34.01
N GLN M 591 -27.22 -61.01 35.16
CA GLN M 591 -27.86 -60.36 36.30
C GLN M 591 -27.61 -58.86 36.36
N TRP M 592 -26.69 -58.31 35.56
CA TRP M 592 -26.70 -56.86 35.38
C TRP M 592 -28.03 -56.40 34.79
N LEU M 593 -28.47 -57.07 33.72
CA LEU M 593 -29.77 -56.77 33.13
C LEU M 593 -30.90 -57.08 34.12
N VAL M 594 -30.74 -58.14 34.93
CA VAL M 594 -31.77 -58.47 35.91
C VAL M 594 -31.94 -57.33 36.92
N GLU M 595 -30.83 -56.81 37.44
CA GLU M 595 -30.90 -55.68 38.37
C GLU M 595 -31.45 -54.44 37.68
N ALA M 596 -31.09 -54.22 36.42
CA ALA M 596 -31.65 -53.08 35.69
C ALA M 596 -33.17 -53.20 35.58
N GLN M 597 -33.67 -54.39 35.26
CA GLN M 597 -35.11 -54.61 35.17
C GLN M 597 -35.78 -54.44 36.53
N GLN M 598 -35.14 -54.92 37.60
CA GLN M 598 -35.70 -54.74 38.93
C GLN M 598 -35.79 -53.26 39.29
N ALA M 599 -34.76 -52.48 38.98
CA ALA M 599 -34.81 -51.05 39.23
C ALA M 599 -35.88 -50.38 38.39
N LYS M 600 -36.06 -50.81 37.15
CA LYS M 600 -37.11 -50.24 36.30
C LYS M 600 -38.49 -50.54 36.88
N GLN M 601 -38.70 -51.76 37.36
CA GLN M 601 -40.02 -52.13 37.90
C GLN M 601 -40.32 -51.44 39.22
N GLY M 602 -39.31 -50.93 39.92
CA GLY M 602 -39.52 -50.26 41.19
C GLY M 602 -39.40 -48.75 41.10
N GLN M 603 -39.90 -48.17 40.02
CA GLN M 603 -39.85 -46.73 39.80
C GLN M 603 -41.25 -46.16 39.76
N GLN M 604 -41.44 -45.02 40.43
CA GLN M 604 -42.74 -44.36 40.47
C GLN M 604 -42.51 -42.87 40.74
N ASP M 605 -43.38 -42.05 40.15
CA ASP M 605 -43.22 -40.60 40.23
C ASP M 605 -44.25 -39.99 41.16
N PRO M 606 -43.89 -38.92 41.87
CA PRO M 606 -44.83 -38.33 42.85
C PRO M 606 -46.13 -37.83 42.24
N ALA M 607 -46.09 -37.29 41.03
CA ALA M 607 -47.30 -36.77 40.42
C ALA M 607 -48.32 -37.89 40.18
N MET M 608 -47.85 -39.05 39.72
CA MET M 608 -48.74 -40.19 39.53
C MET M 608 -49.39 -40.61 40.84
N VAL M 609 -48.61 -40.65 41.92
CA VAL M 609 -49.15 -41.10 43.20
C VAL M 609 -50.17 -40.10 43.76
N GLN M 610 -49.87 -38.80 43.64
CA GLN M 610 -50.84 -37.79 44.06
C GLN M 610 -52.12 -37.88 43.24
N ALA M 611 -51.99 -38.08 41.93
CA ALA M 611 -53.17 -38.21 41.08
C ALA M 611 -53.98 -39.44 41.45
N GLN M 612 -53.31 -40.55 41.73
CA GLN M 612 -54.01 -41.76 42.16
C GLN M 612 -54.73 -41.53 43.48
N GLY M 613 -54.10 -40.81 44.41
CA GLY M 613 -54.75 -40.50 45.67
C GLY M 613 -56.00 -39.66 45.47
N VAL M 614 -55.92 -38.66 44.61
CA VAL M 614 -57.10 -37.83 44.31
C VAL M 614 -58.20 -38.68 43.69
N LEU M 615 -57.83 -39.54 42.74
CA LEU M 615 -58.80 -40.42 42.10
C LEU M 615 -59.49 -41.32 43.11
N LEU M 616 -58.72 -41.89 44.02
CA LEU M 616 -59.29 -42.86 44.94
C LEU M 616 -60.13 -42.18 46.01
N GLN M 617 -59.75 -40.95 46.40
CA GLN M 617 -60.63 -40.12 47.22
C GLN M 617 -61.97 -39.89 46.51
N GLY M 618 -61.91 -39.53 45.23
CA GLY M 618 -63.13 -39.31 44.48
C GLY M 618 -63.99 -40.55 44.37
N GLN M 619 -63.37 -41.70 44.13
CA GLN M 619 -64.11 -42.95 44.04
C GLN M 619 -64.76 -43.30 45.37
N ALA M 620 -64.06 -43.09 46.47
CA ALA M 620 -64.65 -43.36 47.78
C ALA M 620 -65.80 -42.40 48.07
N GLU M 621 -65.71 -41.17 47.59
CA GLU M 621 -66.79 -40.22 47.84
C GLU M 621 -67.99 -40.49 46.91
N LEU M 622 -67.73 -41.05 45.72
CA LEU M 622 -68.79 -41.72 44.96
C LEU M 622 -69.47 -42.80 45.80
N ALA M 623 -68.68 -43.67 46.42
CA ALA M 623 -69.24 -44.73 47.24
C ALA M 623 -70.08 -44.16 48.37
N LYS M 624 -69.59 -43.09 49.01
CA LYS M 624 -70.34 -42.46 50.09
C LYS M 624 -71.67 -41.88 49.58
N ALA M 625 -71.65 -41.29 48.39
CA ALA M 625 -72.90 -40.80 47.81
C ALA M 625 -73.89 -41.94 47.58
N GLN M 626 -73.41 -43.07 47.06
CA GLN M 626 -74.30 -44.21 46.83
C GLN M 626 -74.85 -44.74 48.15
N ASN M 627 -74.02 -44.82 49.18
CA ASN M 627 -74.49 -45.24 50.49
C ASN M 627 -75.52 -44.26 51.03
N GLN M 628 -75.35 -42.98 50.75
CA GLN M 628 -76.35 -42.00 51.14
C GLN M 628 -77.68 -42.26 50.45
N THR M 629 -77.63 -42.59 49.15
CA THR M 629 -78.85 -42.98 48.45
C THR M 629 -79.53 -44.15 49.15
N LEU M 630 -78.76 -45.20 49.42
CA LEU M 630 -79.32 -46.42 50.01
C LEU M 630 -79.91 -46.15 51.39
N SER M 631 -79.18 -45.40 52.23
CA SER M 631 -79.64 -45.11 53.57
C SER M 631 -80.88 -44.24 53.56
N LEU M 632 -80.93 -43.25 52.67
CA LEU M 632 -82.13 -42.42 52.58
C LEU M 632 -83.34 -43.22 52.12
N GLN M 633 -83.15 -44.12 51.16
CA GLN M 633 -84.25 -44.97 50.73
C GLN M 633 -84.74 -45.87 51.86
N ILE M 634 -83.80 -46.43 52.64
CA ILE M 634 -84.19 -47.32 53.73
C ILE M 634 -84.89 -46.55 54.84
N ASP M 635 -84.40 -45.35 55.16
CA ASP M 635 -85.07 -44.50 56.13
C ASP M 635 -86.46 -44.09 55.64
N ALA M 636 -86.60 -43.89 54.32
CA ALA M 636 -87.92 -43.64 53.76
C ALA M 636 -88.86 -44.82 53.97
N ALA M 637 -88.35 -46.03 53.74
CA ALA M 637 -89.16 -47.23 53.97
C ALA M 637 -89.58 -47.32 55.42
N LYS M 638 -88.66 -47.02 56.34
CA LYS M 638 -89.01 -46.97 57.77
C LYS M 638 -90.07 -45.91 58.01
N VAL M 639 -89.97 -44.77 57.32
CA VAL M 639 -90.94 -43.69 57.50
C VAL M 639 -92.34 -44.14 57.10
N GLU M 640 -92.46 -44.76 55.92
CA GLU M 640 -93.78 -45.23 55.50
C GLU M 640 -94.30 -46.33 56.41
N ALA M 641 -93.42 -47.21 56.88
CA ALA M 641 -93.85 -48.26 57.80
C ALA M 641 -94.39 -47.64 59.10
N GLN M 642 -93.68 -46.66 59.65
CA GLN M 642 -94.14 -46.00 60.87
C GLN M 642 -95.44 -45.25 60.65
N ASN M 643 -95.58 -44.59 59.49
CA ASN M 643 -96.82 -43.87 59.20
C ASN M 643 -98.00 -44.84 59.08
N GLN M 644 -97.78 -45.98 58.42
CA GLN M 644 -98.84 -46.98 58.31
C GLN M 644 -99.22 -47.53 59.68
N LEU M 645 -98.21 -47.78 60.54
CA LEU M 645 -98.50 -48.26 61.89
C LEU M 645 -99.29 -47.23 62.69
N ASN M 646 -98.91 -45.96 62.59
CA ASN M 646 -99.63 -44.91 63.31
C ASN M 646 -101.04 -44.73 62.76
N ALA M 647 -101.20 -44.77 61.44
CA ALA M 647 -102.51 -44.60 60.82
C ALA M 647 -103.35 -45.86 60.94
N MET N 1 87.38 -0.90 -15.31
CA MET N 1 87.12 0.14 -16.29
C MET N 1 88.38 0.95 -16.58
N GLN N 2 88.55 1.35 -17.84
CA GLN N 2 89.69 2.17 -18.22
C GLN N 2 89.46 3.66 -17.94
N ILE N 3 88.21 4.07 -17.74
CA ILE N 3 87.88 5.45 -17.42
C ILE N 3 87.90 5.58 -15.90
N LYS N 4 89.02 6.04 -15.36
CA LYS N 4 89.24 6.07 -13.92
C LYS N 4 89.47 7.46 -13.35
N THR N 5 89.51 8.50 -14.18
CA THR N 5 89.77 9.86 -13.71
C THR N 5 88.80 10.82 -14.37
N LYS N 6 88.76 12.05 -13.84
CA LYS N 6 87.92 13.09 -14.42
C LYS N 6 88.36 13.42 -15.84
N GLY N 7 89.67 13.50 -16.06
CA GLY N 7 90.17 13.75 -17.40
C GLY N 7 89.82 12.66 -18.39
N ASP N 8 89.75 11.42 -17.91
CA ASP N 8 89.29 10.33 -18.78
C ASP N 8 87.85 10.56 -19.22
N LEU N 9 87.00 11.01 -18.30
CA LEU N 9 85.63 11.34 -18.66
C LEU N 9 85.59 12.50 -19.66
N VAL N 10 86.42 13.52 -19.45
CA VAL N 10 86.45 14.65 -20.36
C VAL N 10 86.90 14.22 -21.75
N ARG N 11 87.93 13.37 -21.82
CA ARG N 11 88.41 12.88 -23.10
C ARG N 11 87.37 12.02 -23.79
N ALA N 12 86.65 11.19 -23.04
CA ALA N 12 85.57 10.40 -23.63
C ALA N 12 84.48 11.29 -24.18
N ALA N 13 84.12 12.35 -23.44
CA ALA N 13 83.11 13.29 -23.93
C ALA N 13 83.56 13.99 -25.19
N LEU N 14 84.83 14.42 -25.23
CA LEU N 14 85.36 15.09 -26.42
C LEU N 14 85.40 14.15 -27.61
N ARG N 15 85.76 12.88 -27.38
CA ARG N 15 85.75 11.90 -28.46
C ARG N 15 84.34 11.67 -28.98
N LYS N 16 83.37 11.59 -28.08
CA LYS N 16 81.98 11.38 -28.49
C LYS N 16 81.47 12.54 -29.35
N LEU N 17 81.96 13.74 -29.11
CA LEU N 17 81.57 14.90 -29.91
C LEU N 17 82.37 15.01 -31.21
N GLY N 18 83.39 14.19 -31.40
CA GLY N 18 84.24 14.33 -32.57
C GLY N 18 85.15 15.54 -32.53
N VAL N 19 85.33 16.13 -31.36
CA VAL N 19 86.18 17.32 -31.26
C VAL N 19 87.65 16.93 -31.17
N ALA N 20 87.98 16.02 -30.26
CA ALA N 20 89.36 15.58 -30.09
C ALA N 20 89.36 14.12 -29.67
N SER N 21 90.44 13.43 -30.00
CA SER N 21 90.60 12.02 -29.66
C SER N 21 92.08 11.68 -29.75
N ASP N 22 92.42 10.48 -29.26
CA ASP N 22 93.79 10.01 -29.36
C ASP N 22 94.17 9.62 -30.79
N ALA N 23 93.21 9.57 -31.70
CA ALA N 23 93.48 9.24 -33.09
C ALA N 23 93.61 10.47 -33.99
N THR N 24 93.02 11.59 -33.60
CA THR N 24 93.07 12.79 -34.43
C THR N 24 94.46 13.40 -34.39
N LEU N 25 94.69 14.35 -35.31
CA LEU N 25 95.99 14.99 -35.43
C LEU N 25 96.09 16.29 -34.62
N THR N 26 94.97 16.88 -34.23
CA THR N 26 94.95 18.10 -33.44
C THR N 26 94.08 17.88 -32.21
N ASP N 27 94.67 18.03 -31.03
CA ASP N 27 93.97 17.89 -29.77
C ASP N 27 93.77 19.27 -29.14
N VAL N 28 92.75 19.38 -28.29
CA VAL N 28 92.41 20.67 -27.70
C VAL N 28 93.49 21.10 -26.73
N GLU N 29 93.56 22.43 -26.52
CA GLU N 29 94.50 22.99 -25.57
C GLU N 29 94.16 22.48 -24.16
N PRO N 30 95.17 22.29 -23.30
CA PRO N 30 94.89 21.86 -21.93
C PRO N 30 93.97 22.81 -21.18
N GLN N 31 93.90 24.08 -21.57
CA GLN N 31 92.93 24.98 -20.97
C GLN N 31 91.51 24.54 -21.30
N SER N 32 91.29 24.03 -22.51
CA SER N 32 89.97 23.47 -22.84
C SER N 32 89.65 22.28 -21.96
N MET N 33 90.64 21.43 -21.68
CA MET N 33 90.43 20.31 -20.77
C MET N 33 90.07 20.80 -19.37
N GLN N 34 90.76 21.84 -18.90
CA GLN N 34 90.44 22.40 -17.59
C GLN N 34 89.03 22.97 -17.56
N ASP N 35 88.62 23.66 -18.62
CA ASP N 35 87.27 24.18 -18.69
C ASP N 35 86.23 23.06 -18.68
N ALA N 36 86.51 21.98 -19.41
CA ALA N 36 85.60 20.84 -19.41
C ALA N 36 85.52 20.19 -18.03
N VAL N 37 86.65 20.12 -17.32
CA VAL N 37 86.65 19.56 -15.97
C VAL N 37 85.83 20.44 -15.04
N ASP N 38 85.91 21.76 -15.23
CA ASP N 38 85.17 22.70 -14.36
C ASP N 38 83.68 22.58 -14.62
N ASP N 39 83.28 22.04 -15.77
CA ASP N 39 81.85 21.83 -16.09
C ASP N 39 81.43 20.48 -15.53
N LEU N 40 82.28 19.47 -15.65
CA LEU N 40 81.92 18.18 -14.99
C LEU N 40 81.66 18.51 -13.55
N GLU N 41 82.52 19.34 -12.95
CA GLU N 41 82.33 19.54 -11.53
C GLU N 41 81.05 20.31 -11.24
N ALA N 42 80.76 21.34 -12.03
CA ALA N 42 79.53 22.12 -11.84
C ALA N 42 78.30 21.26 -12.08
N MET N 43 78.32 20.44 -13.13
CA MET N 43 77.18 19.57 -13.43
C MET N 43 76.98 18.53 -12.33
N MET N 44 78.07 17.95 -11.83
CA MET N 44 77.96 16.97 -10.75
C MET N 44 77.44 17.60 -9.47
N ALA N 45 77.89 18.83 -9.16
CA ALA N 45 77.36 19.52 -8.00
C ALA N 45 75.87 19.83 -8.16
N GLU N 46 75.47 20.20 -9.38
CA GLU N 46 74.04 20.46 -9.62
C GLU N 46 73.21 19.20 -9.45
N TRP N 47 73.69 18.07 -9.98
CA TRP N 47 72.97 16.81 -9.81
C TRP N 47 72.89 16.42 -8.34
N TYR N 48 74.03 16.46 -7.65
CA TYR N 48 74.12 16.09 -6.24
C TYR N 48 73.76 17.31 -5.41
N GLN N 49 72.46 17.51 -5.18
CA GLN N 49 71.98 18.70 -4.47
C GLN N 49 72.24 18.58 -2.97
N ASP N 50 73.53 18.54 -2.63
CA ASP N 50 73.98 18.38 -1.25
C ASP N 50 73.37 17.13 -0.60
N GLY N 51 73.32 16.04 -1.37
CA GLY N 51 72.82 14.78 -0.89
C GLY N 51 71.35 14.51 -1.12
N LYS N 52 70.60 15.51 -1.59
CA LYS N 52 69.18 15.33 -1.87
C LYS N 52 68.88 15.14 -3.35
N GLY N 53 69.91 14.92 -4.17
CA GLY N 53 69.72 14.73 -5.59
C GLY N 53 70.09 13.34 -6.06
N ILE N 54 70.88 13.27 -7.13
CA ILE N 54 71.31 12.00 -7.69
C ILE N 54 72.59 11.57 -6.99
N ILE N 55 72.55 10.41 -6.33
CA ILE N 55 73.71 9.86 -5.65
C ILE N 55 74.48 8.98 -6.62
N THR N 56 75.77 9.26 -6.78
CA THR N 56 76.60 8.54 -7.75
C THR N 56 77.95 8.10 -7.21
N GLY N 57 78.35 8.55 -6.03
CA GLY N 57 79.68 8.26 -5.54
C GLY N 57 80.76 9.18 -6.07
N TYR N 58 80.40 10.19 -6.84
CA TYR N 58 81.38 11.14 -7.36
C TYR N 58 82.09 11.86 -6.23
N VAL N 59 83.41 11.97 -6.35
CA VAL N 59 84.24 12.60 -5.33
C VAL N 59 84.61 13.99 -5.82
N PHE N 60 84.23 15.01 -5.05
CA PHE N 60 84.52 16.39 -5.41
C PHE N 60 85.92 16.77 -4.96
N SER N 61 86.72 17.29 -5.90
CA SER N 61 88.08 17.66 -5.59
C SER N 61 88.11 18.92 -4.71
N ASP N 62 89.22 19.05 -3.97
CA ASP N 62 89.37 20.20 -3.05
C ASP N 62 90.35 21.21 -3.65
N ASP N 63 90.34 22.44 -3.14
CA ASP N 63 91.17 23.51 -3.66
C ASP N 63 92.64 23.29 -3.33
N GLU N 64 92.93 22.60 -2.23
CA GLU N 64 94.32 22.40 -1.81
C GLU N 64 95.09 21.59 -2.85
N ASN N 65 94.49 20.53 -3.37
CA ASN N 65 95.15 19.73 -4.39
C ASN N 65 95.16 20.50 -5.71
N PRO N 66 96.33 20.78 -6.28
CA PRO N 66 96.39 21.66 -7.45
C PRO N 66 95.65 21.10 -8.66
N PRO N 67 95.99 19.88 -9.14
CA PRO N 67 95.36 19.44 -10.40
C PRO N 67 94.00 18.81 -10.20
N ALA N 68 92.95 19.48 -10.68
CA ALA N 68 91.63 18.87 -10.65
C ALA N 68 91.57 17.64 -11.55
N GLU N 69 92.20 17.72 -12.72
CA GLU N 69 92.38 16.53 -13.55
C GLU N 69 93.45 15.63 -12.94
N GLY N 70 93.16 14.33 -12.90
CA GLY N 70 94.05 13.33 -12.35
C GLY N 70 93.48 12.59 -11.15
N ASP N 71 92.49 13.17 -10.49
CA ASP N 71 91.86 12.49 -9.36
C ASP N 71 90.78 11.54 -9.85
N ASP N 72 90.68 10.39 -9.20
CA ASP N 72 89.65 9.43 -9.53
C ASP N 72 88.27 10.02 -9.27
N HIS N 73 87.35 9.83 -10.21
CA HIS N 73 86.01 10.38 -10.04
C HIS N 73 85.24 9.64 -8.95
N GLY N 74 85.56 8.38 -8.70
CA GLY N 74 84.86 7.61 -7.71
C GLY N 74 83.52 7.04 -8.15
N LEU N 75 83.16 7.21 -9.42
CA LEU N 75 81.90 6.69 -9.91
C LEU N 75 81.94 5.17 -10.00
N ARG N 76 80.75 4.57 -10.01
CA ARG N 76 80.63 3.14 -10.24
C ARG N 76 80.87 2.83 -11.71
N SER N 77 81.00 1.53 -12.00
CA SER N 77 81.21 1.10 -13.38
C SER N 77 80.00 1.45 -14.25
N SER N 78 78.80 1.34 -13.68
CA SER N 78 77.57 1.55 -14.44
C SER N 78 77.21 3.03 -14.61
N ALA N 79 77.94 3.94 -13.97
CA ALA N 79 77.60 5.36 -14.03
C ALA N 79 78.46 6.15 -15.01
N VAL N 80 79.56 5.56 -15.51
CA VAL N 80 80.53 6.33 -16.30
C VAL N 80 79.91 6.80 -17.61
N SER N 81 79.16 5.92 -18.26
CA SER N 81 78.62 6.22 -19.59
C SER N 81 77.66 7.40 -19.54
N ALA N 82 76.73 7.37 -18.59
CA ALA N 82 75.77 8.46 -18.43
C ALA N 82 76.47 9.78 -18.15
N VAL N 83 77.47 9.74 -17.26
CA VAL N 83 78.16 10.95 -16.86
C VAL N 83 78.86 11.58 -18.05
N PHE N 84 79.61 10.77 -18.83
CA PHE N 84 80.38 11.38 -19.89
C PHE N 84 79.49 11.75 -21.08
N HIS N 85 78.37 11.05 -21.28
CA HIS N 85 77.44 11.46 -22.32
C HIS N 85 76.79 12.80 -21.98
N ASN N 86 76.36 12.97 -20.72
CA ASN N 86 75.80 14.25 -20.30
C ASN N 86 76.85 15.35 -20.38
N LEU N 87 78.11 15.02 -20.05
CA LEU N 87 79.18 16.00 -20.16
C LEU N 87 79.39 16.44 -21.60
N ALA N 88 79.36 15.49 -22.53
CA ALA N 88 79.48 15.84 -23.95
C ALA N 88 78.34 16.74 -24.38
N CYS N 89 77.11 16.41 -23.97
CA CYS N 89 75.98 17.27 -24.28
C CYS N 89 76.14 18.67 -23.70
N ARG N 90 76.64 18.78 -22.48
CA ARG N 90 76.81 20.08 -21.83
C ARG N 90 77.92 20.92 -22.43
N ILE N 91 79.03 20.31 -22.87
CA ILE N 91 80.16 21.05 -23.40
C ILE N 91 80.11 21.20 -24.90
N ALA N 92 79.13 20.60 -25.57
CA ALA N 92 78.97 20.85 -27.01
C ALA N 92 78.80 22.33 -27.36
N PRO N 93 78.00 23.14 -26.65
CA PRO N 93 77.87 24.55 -27.04
C PRO N 93 79.15 25.35 -26.97
N ASP N 94 80.17 24.88 -26.25
CA ASP N 94 81.42 25.61 -26.15
C ASP N 94 82.08 25.77 -27.52
N TYR N 95 82.03 24.72 -28.34
CA TYR N 95 82.71 24.70 -29.63
C TYR N 95 81.75 24.97 -30.78
N ALA N 96 80.67 25.73 -30.52
CA ALA N 96 79.67 26.07 -31.54
C ALA N 96 79.11 24.81 -32.19
N LEU N 97 78.91 23.78 -31.39
CA LEU N 97 78.42 22.49 -31.86
C LEU N 97 77.07 22.18 -31.22
N GLU N 98 76.53 21.03 -31.60
CA GLU N 98 75.27 20.54 -31.04
C GLU N 98 75.33 19.02 -31.07
N ALA N 99 75.19 18.38 -29.90
CA ALA N 99 75.31 16.93 -29.83
C ALA N 99 74.22 16.28 -30.68
N THR N 100 74.59 15.19 -31.36
CA THR N 100 73.65 14.50 -32.21
C THR N 100 72.54 13.84 -31.39
N ALA N 101 71.51 13.38 -32.08
CA ALA N 101 70.33 12.86 -31.40
C ALA N 101 70.67 11.63 -30.55
N LYS N 102 71.56 10.79 -31.04
CA LYS N 102 71.92 9.58 -30.30
C LYS N 102 72.56 9.93 -28.97
N ILE N 103 73.42 10.95 -28.94
CA ILE N 103 74.09 11.34 -27.70
C ILE N 103 73.06 11.83 -26.69
N ILE N 104 72.10 12.64 -27.13
CA ILE N 104 71.08 13.14 -26.22
C ILE N 104 70.21 12.01 -25.69
N ALA N 105 69.82 11.07 -26.57
CA ALA N 105 69.02 9.94 -26.11
C ALA N 105 69.78 9.09 -25.10
N THR N 106 71.08 8.85 -25.35
CA THR N 106 71.88 8.08 -24.41
C THR N 106 72.03 8.82 -23.09
N ALA N 107 72.16 10.15 -23.13
CA ALA N 107 72.25 10.92 -21.90
C ALA N 107 70.97 10.81 -21.08
N LYS N 108 69.81 10.93 -21.74
CA LYS N 108 68.54 10.79 -21.03
C LYS N 108 68.41 9.41 -20.41
N TYR N 109 68.69 8.38 -21.19
CA TYR N 109 68.58 7.00 -20.69
C TYR N 109 69.53 6.77 -19.52
N GLY N 110 70.76 7.28 -19.63
CA GLY N 110 71.72 7.08 -18.57
C GLY N 110 71.34 7.80 -17.29
N LYS N 111 70.81 9.02 -17.41
CA LYS N 111 70.37 9.74 -16.21
C LYS N 111 69.19 9.02 -15.55
N GLU N 112 68.25 8.53 -16.34
CA GLU N 112 67.13 7.78 -15.78
C GLU N 112 67.63 6.54 -15.05
N LEU N 113 68.54 5.79 -15.66
CA LEU N 113 69.10 4.61 -15.00
C LEU N 113 69.90 5.00 -13.76
N LEU N 114 70.54 6.16 -13.79
CA LEU N 114 71.30 6.63 -12.63
C LEU N 114 70.38 6.87 -11.44
N TYR N 115 69.23 7.47 -11.68
CA TYR N 115 68.32 7.77 -10.58
C TYR N 115 67.36 6.64 -10.25
N LYS N 116 67.33 5.56 -11.06
CA LYS N 116 66.36 4.49 -10.83
C LYS N 116 66.47 3.88 -9.43
N GLN N 117 67.68 3.47 -9.04
CA GLN N 117 67.84 2.78 -7.77
C GLN N 117 67.55 3.70 -6.59
N THR N 118 67.98 4.96 -6.67
CA THR N 118 67.67 5.91 -5.61
C THR N 118 66.17 6.16 -5.51
N ALA N 119 65.49 6.22 -6.66
CA ALA N 119 64.04 6.40 -6.64
C ALA N 119 63.35 5.20 -6.00
N ILE N 120 63.86 3.99 -6.28
CA ILE N 120 63.32 2.80 -5.62
C ILE N 120 63.53 2.89 -4.12
N SER N 121 64.73 3.29 -3.69
CA SER N 121 65.03 3.36 -2.28
C SER N 121 64.27 4.46 -1.55
N ARG N 122 63.84 5.50 -2.25
CA ARG N 122 63.17 6.63 -1.63
C ARG N 122 61.65 6.50 -1.63
N ALA N 123 61.11 5.42 -2.20
CA ALA N 123 59.67 5.19 -2.20
C ALA N 123 59.29 4.45 -0.90
N LYS N 124 59.31 5.21 0.19
CA LYS N 124 59.02 4.69 1.52
C LYS N 124 57.64 5.15 1.96
N ARG N 125 56.84 4.21 2.44
CA ARG N 125 55.49 4.53 2.91
C ARG N 125 55.57 5.14 4.30
N ALA N 126 54.75 6.17 4.53
CA ALA N 126 54.75 6.84 5.81
C ALA N 126 54.15 5.96 6.89
N PRO N 127 54.56 6.13 8.14
CA PRO N 127 54.01 5.32 9.22
C PRO N 127 52.54 5.63 9.47
N TYR N 128 51.94 4.82 10.33
CA TYR N 128 50.54 5.02 10.69
C TYR N 128 50.37 6.37 11.40
N PRO N 129 49.25 7.04 11.18
CA PRO N 129 49.02 8.32 11.86
C PRO N 129 48.87 8.13 13.37
N SER N 130 49.07 9.23 14.09
CA SER N 130 49.02 9.20 15.55
C SER N 130 47.61 8.92 16.07
N ARG N 131 46.59 9.10 15.24
CA ARG N 131 45.20 8.91 15.65
C ARG N 131 44.64 7.57 15.20
N MET N 132 45.49 6.64 14.75
CA MET N 132 45.03 5.36 14.24
C MET N 132 45.15 4.30 15.33
N PRO N 133 44.06 3.66 15.73
CA PRO N 133 44.17 2.59 16.73
C PRO N 133 44.91 1.38 16.19
N THR N 134 45.53 0.64 17.12
CA THR N 134 46.21 -0.60 16.73
C THR N 134 45.24 -1.75 16.51
N GLY N 135 44.12 -1.77 17.21
CA GLY N 135 43.16 -2.86 17.09
C GLY N 135 43.37 -3.94 18.14
N SER N 136 42.27 -4.61 18.47
CA SER N 136 42.35 -5.66 19.49
C SER N 136 43.05 -6.91 18.99
N GLY N 137 43.17 -7.08 17.68
CA GLY N 137 43.90 -8.23 17.15
C GLY N 137 45.36 -8.23 17.56
N ASN N 138 45.96 -7.05 17.67
CA ASN N 138 47.33 -6.92 18.16
C ASN N 138 47.31 -7.08 19.67
N SER N 139 47.35 -8.34 20.10
CA SER N 139 47.25 -8.64 21.53
C SER N 139 48.44 -8.08 22.30
N PHE N 140 49.65 -8.20 21.74
CA PHE N 140 50.84 -7.74 22.45
C PHE N 140 50.78 -6.24 22.72
N ALA N 141 50.38 -5.46 21.71
CA ALA N 141 50.30 -4.01 21.88
C ALA N 141 49.17 -3.62 22.82
N ASN N 142 48.02 -4.31 22.72
CA ASN N 142 46.88 -3.95 23.54
C ASN N 142 47.13 -4.27 25.01
N LEU N 143 47.78 -5.40 25.31
CA LEU N 143 48.10 -5.72 26.69
C LEU N 143 49.11 -4.74 27.28
N ASN N 144 49.99 -4.18 26.45
CA ASN N 144 50.96 -3.19 26.91
C ASN N 144 50.47 -1.76 26.75
N GLU N 145 49.15 -1.55 26.75
CA GLU N 145 48.53 -0.23 26.75
C GLU N 145 48.85 0.59 25.50
N TRP N 146 49.25 -0.07 24.41
CA TRP N 146 49.51 0.62 23.15
C TRP N 146 48.26 0.54 22.26
N HIS N 147 47.25 1.33 22.64
CA HIS N 147 45.99 1.31 21.92
C HIS N 147 46.02 2.13 20.64
N TYR N 148 47.01 3.01 20.48
CA TYR N 148 47.10 3.86 19.31
C TYR N 148 48.52 3.84 18.76
N PHE N 149 48.63 4.04 17.45
CA PHE N 149 49.93 4.08 16.80
C PHE N 149 50.68 5.35 17.20
N PRO N 150 52.01 5.29 17.29
CA PRO N 150 52.77 6.47 17.73
C PRO N 150 52.74 7.60 16.70
N GLY N 151 53.04 7.29 15.45
CA GLY N 151 53.02 8.29 14.40
C GLY N 151 54.39 8.85 14.08
N GLU N 152 54.42 10.07 13.55
CA GLU N 152 55.66 10.76 13.18
C GLU N 152 56.49 9.93 12.20
N GLU O 5 24.43 56.65 56.04
CA GLU O 5 23.46 57.17 57.00
C GLU O 5 22.24 57.73 56.27
N ASN O 6 22.47 58.34 55.12
CA ASN O 6 21.38 58.90 54.32
C ASN O 6 20.47 57.79 53.81
N ARG O 7 19.17 57.95 54.00
CA ARG O 7 18.21 56.95 53.54
C ARG O 7 18.22 56.85 52.01
N LEU O 8 18.25 58.00 51.33
CA LEU O 8 18.30 57.99 49.87
C LEU O 8 19.56 57.31 49.37
N GLU O 9 20.69 57.54 50.04
CA GLU O 9 21.93 56.91 49.62
C GLU O 9 21.86 55.39 49.75
N SER O 10 21.29 54.90 50.86
CA SER O 10 21.16 53.45 51.02
C SER O 10 20.23 52.85 49.99
N ILE O 11 19.08 53.49 49.76
CA ILE O 11 18.13 52.99 48.77
C ILE O 11 18.76 52.96 47.39
N LEU O 12 19.48 54.03 47.02
CA LEU O 12 20.10 54.09 45.71
C LEU O 12 21.23 53.09 45.58
N SER O 13 21.97 52.84 46.65
CA SER O 13 23.03 51.83 46.60
C SER O 13 22.45 50.45 46.38
N ARG O 14 21.39 50.11 47.11
CA ARG O 14 20.73 48.82 46.90
C ARG O 14 20.19 48.70 45.47
N PHE O 15 19.51 49.74 44.99
CA PHE O 15 18.96 49.69 43.65
C PHE O 15 20.05 49.57 42.60
N ASP O 16 21.15 50.29 42.77
CA ASP O 16 22.24 50.23 41.80
C ASP O 16 22.89 48.86 41.77
N ALA O 17 23.10 48.26 42.95
CA ALA O 17 23.66 46.92 43.00
C ALA O 17 22.75 45.92 42.29
N ASP O 18 21.44 46.00 42.57
CA ASP O 18 20.50 45.08 41.93
C ASP O 18 20.40 45.32 40.43
N TRP O 19 20.44 46.58 40.01
CA TRP O 19 20.36 46.92 38.59
C TRP O 19 21.58 46.43 37.83
N THR O 20 22.78 46.59 38.41
CA THR O 20 23.99 46.16 37.72
C THR O 20 24.14 44.65 37.77
N ALA O 21 23.57 43.99 38.79
CA ALA O 21 23.68 42.54 38.88
C ALA O 21 22.96 41.83 37.74
N SER O 22 21.80 42.35 37.34
CA SER O 22 20.94 41.70 36.37
C SER O 22 20.89 42.45 35.04
N ASP O 23 22.03 42.99 34.61
CA ASP O 23 22.07 43.78 33.38
C ASP O 23 21.95 42.89 32.15
N GLU O 24 22.70 41.78 32.11
CA GLU O 24 22.74 40.95 30.92
C GLU O 24 21.40 40.27 30.67
N ALA O 25 20.80 39.71 31.72
CA ALA O 25 19.52 39.04 31.57
C ALA O 25 18.43 40.03 31.13
N ARG O 26 18.43 41.23 31.72
CA ARG O 26 17.47 42.24 31.32
C ARG O 26 17.65 42.65 29.87
N ARG O 27 18.90 42.83 29.44
CA ARG O 27 19.16 43.20 28.05
C ARG O 27 18.69 42.10 27.09
N GLU O 28 18.98 40.84 27.42
CA GLU O 28 18.55 39.74 26.57
C GLU O 28 17.03 39.63 26.52
N ALA O 29 16.35 39.82 27.65
CA ALA O 29 14.90 39.74 27.66
C ALA O 29 14.27 40.88 26.87
N LYS O 30 14.83 42.09 26.98
CA LYS O 30 14.33 43.21 26.18
C LYS O 30 14.54 42.96 24.69
N ASN O 31 15.70 42.39 24.34
CA ASN O 31 15.94 42.04 22.94
C ASN O 31 14.94 41.00 22.46
N ASP O 32 14.63 40.01 23.30
CA ASP O 32 13.64 39.00 22.94
C ASP O 32 12.27 39.63 22.72
N LEU O 33 11.87 40.54 23.60
CA LEU O 33 10.58 41.21 23.45
C LEU O 33 10.52 42.01 22.16
N PHE O 34 11.58 42.77 21.87
CA PHE O 34 11.61 43.54 20.63
C PHE O 34 11.57 42.62 19.41
N PHE O 35 12.33 41.53 19.45
CA PHE O 35 12.38 40.59 18.34
C PHE O 35 11.02 39.96 18.07
N SER O 36 10.31 39.58 19.13
CA SER O 36 9.06 38.88 18.99
C SER O 36 7.84 39.79 18.96
N ARG O 37 8.02 41.10 19.08
CA ARG O 37 6.87 41.99 19.16
C ARG O 37 6.90 43.11 18.13
N VAL O 38 8.08 43.63 17.81
CA VAL O 38 8.22 44.79 16.93
C VAL O 38 8.77 44.39 15.57
N SER O 39 10.00 43.88 15.52
CA SER O 39 10.65 43.59 14.26
C SER O 39 11.85 42.69 14.49
N GLN O 40 12.07 41.75 13.57
CA GLN O 40 13.22 40.87 13.64
C GLN O 40 14.47 41.46 13.02
N TRP O 41 14.36 42.61 12.36
CA TRP O 41 15.53 43.31 11.82
C TRP O 41 15.97 44.39 12.80
N ASP O 42 16.42 43.93 13.97
CA ASP O 42 16.88 44.82 15.05
C ASP O 42 18.24 45.39 14.66
N ASP O 43 18.22 46.32 13.71
CA ASP O 43 19.44 46.90 13.16
C ASP O 43 19.44 48.40 13.42
N TRP O 44 19.13 48.81 14.64
CA TRP O 44 18.99 50.22 14.95
C TRP O 44 20.32 50.97 14.88
N LEU O 45 21.43 50.29 15.18
CA LEU O 45 22.71 50.97 15.26
C LEU O 45 23.15 51.51 13.90
N SER O 46 22.90 50.78 12.82
CA SER O 46 23.30 51.25 11.49
C SER O 46 22.27 50.76 10.48
N GLN O 47 21.27 51.61 10.21
CA GLN O 47 20.25 51.31 9.21
C GLN O 47 20.12 52.46 8.23
N TYR O 48 20.50 53.66 8.66
CA TYR O 48 20.48 54.84 7.79
C TYR O 48 21.80 54.99 7.04
N THR O 49 22.20 53.93 6.33
CA THR O 49 23.37 53.95 5.47
C THR O 49 23.01 53.84 4.00
N THR O 50 22.24 52.82 3.63
CA THR O 50 21.70 52.69 2.28
C THR O 50 20.43 51.85 2.36
N LEU O 51 19.58 51.99 1.36
CA LEU O 51 18.31 51.30 1.32
C LEU O 51 18.46 49.99 0.57
N GLN O 52 18.28 48.87 1.28
CA GLN O 52 18.30 47.55 0.70
C GLN O 52 17.08 46.79 1.20
N TYR O 53 16.69 45.75 0.45
CA TYR O 53 15.51 44.98 0.81
C TYR O 53 15.74 44.24 2.11
N ARG O 54 14.81 44.37 3.06
CA ARG O 54 14.83 43.66 4.32
C ARG O 54 13.43 43.11 4.56
N GLY O 55 13.20 41.85 4.21
CA GLY O 55 11.91 41.22 4.36
C GLY O 55 11.83 40.42 5.65
N GLN O 56 10.66 40.44 6.27
CA GLN O 56 10.39 39.69 7.49
C GLN O 56 9.50 38.51 7.15
N PHE O 57 10.08 37.33 7.10
CA PHE O 57 9.35 36.09 6.84
C PHE O 57 9.33 35.31 8.16
N ASP O 58 8.34 35.62 8.98
CA ASP O 58 8.31 35.11 10.35
C ASP O 58 8.06 33.62 10.37
N VAL O 59 8.79 32.92 11.25
CA VAL O 59 8.65 31.49 11.44
C VAL O 59 8.54 31.10 12.91
N VAL O 60 8.68 32.06 13.82
CA VAL O 60 8.65 31.78 15.26
C VAL O 60 7.32 32.24 15.85
N ARG O 61 6.71 33.25 15.22
CA ARG O 61 5.46 33.78 15.74
C ARG O 61 4.34 32.74 15.80
N PRO O 62 4.13 31.88 14.80
CA PRO O 62 3.11 30.83 14.97
C PRO O 62 3.35 29.96 16.18
N VAL O 63 4.61 29.66 16.51
CA VAL O 63 4.90 28.86 17.69
C VAL O 63 4.50 29.59 18.96
N VAL O 64 4.81 30.89 19.03
CA VAL O 64 4.44 31.68 20.21
C VAL O 64 2.93 31.74 20.34
N ARG O 65 2.22 31.95 19.22
CA ARG O 65 0.77 31.98 19.25
C ARG O 65 0.20 30.66 19.73
N LYS O 66 0.76 29.56 19.24
CA LYS O 66 0.28 28.23 19.65
C LYS O 66 0.50 28.00 21.14
N LEU O 67 1.67 28.39 21.66
CA LEU O 67 1.94 28.20 23.08
C LEU O 67 1.05 29.07 23.94
N VAL O 68 0.81 30.32 23.52
CA VAL O 68 -0.08 31.20 24.27
C VAL O 68 -1.50 30.66 24.28
N SER O 69 -1.96 30.16 23.13
CA SER O 69 -3.29 29.55 23.08
C SER O 69 -3.37 28.31 23.95
N GLU O 70 -2.31 27.50 23.96
CA GLU O 70 -2.30 26.29 24.79
C GLU O 70 -2.38 26.65 26.27
N MET O 71 -1.63 27.66 26.70
CA MET O 71 -1.66 28.06 28.09
C MET O 71 -2.92 28.83 28.45
N ARG O 72 -3.62 29.39 27.46
CA ARG O 72 -4.85 30.11 27.73
C ARG O 72 -6.02 29.17 27.98
N GLN O 73 -6.04 28.01 27.32
CA GLN O 73 -7.15 27.07 27.45
C GLN O 73 -7.20 26.38 28.80
N ASN O 74 -6.16 26.52 29.62
CA ASN O 74 -6.07 25.85 30.92
C ASN O 74 -5.80 26.89 32.00
N PRO O 75 -6.82 27.63 32.41
CA PRO O 75 -6.64 28.61 33.48
C PRO O 75 -6.28 27.95 34.80
N ILE O 76 -5.50 28.67 35.60
CA ILE O 76 -5.02 28.19 36.90
C ILE O 76 -5.29 29.27 37.92
N ASP O 77 -5.81 28.88 39.08
CA ASP O 77 -6.13 29.83 40.14
C ASP O 77 -5.79 29.24 41.49
N VAL O 78 -5.78 30.12 42.51
CA VAL O 78 -5.53 29.70 43.88
C VAL O 78 -6.70 28.85 44.39
N LEU O 79 -6.40 28.00 45.37
CA LEU O 79 -7.40 27.15 45.99
C LEU O 79 -7.00 26.97 47.45
N TYR O 80 -7.77 27.54 48.36
CA TYR O 80 -7.45 27.46 49.78
C TYR O 80 -8.07 26.21 50.39
N ARG O 81 -7.25 25.41 51.05
CA ARG O 81 -7.73 24.18 51.66
C ARG O 81 -7.44 24.16 53.16
N PRO O 82 -8.34 23.61 53.96
CA PRO O 82 -8.09 23.57 55.41
C PRO O 82 -6.84 22.78 55.74
N LYS O 83 -6.13 23.21 56.77
CA LYS O 83 -4.92 22.55 57.20
C LYS O 83 -5.27 21.21 57.86
N ASP O 84 -4.22 20.49 58.27
CA ASP O 84 -4.41 19.21 58.95
C ASP O 84 -4.84 19.46 60.39
N GLY O 85 -5.99 18.93 60.77
CA GLY O 85 -6.55 19.15 62.08
C GLY O 85 -7.41 20.38 62.23
N ALA O 86 -7.47 21.22 61.20
CA ALA O 86 -8.34 22.40 61.22
C ALA O 86 -9.77 22.00 60.90
N ARG O 87 -10.69 22.92 61.19
CA ARG O 87 -12.09 22.68 60.89
C ARG O 87 -12.26 22.53 59.38
N PRO O 88 -13.14 21.64 58.93
CA PRO O 88 -13.33 21.47 57.48
C PRO O 88 -13.87 22.71 56.80
N ASP O 89 -14.51 23.62 57.53
CA ASP O 89 -15.00 24.89 57.02
C ASP O 89 -14.02 26.03 57.32
N ALA O 90 -12.72 25.74 57.22
CA ALA O 90 -11.72 26.76 57.54
C ALA O 90 -11.44 27.71 56.39
N ALA O 91 -11.67 27.31 55.15
CA ALA O 91 -11.22 28.08 54.00
C ALA O 91 -12.36 28.56 53.10
N ASP O 92 -13.61 28.49 53.56
CA ASP O 92 -14.69 28.95 52.69
C ASP O 92 -14.79 30.47 52.67
N VAL O 93 -14.52 31.12 53.81
CA VAL O 93 -14.62 32.58 53.87
C VAL O 93 -13.51 33.23 53.06
N LEU O 94 -12.27 32.77 53.26
CA LEU O 94 -11.14 33.29 52.50
C LEU O 94 -11.31 33.02 51.02
N MET O 95 -11.79 31.82 50.66
CA MET O 95 -12.00 31.49 49.26
C MET O 95 -13.09 32.36 48.65
N GLY O 96 -14.15 32.62 49.41
CA GLY O 96 -15.19 33.51 48.93
C GLY O 96 -14.68 34.91 48.68
N MET O 97 -13.87 35.43 49.60
CA MET O 97 -13.29 36.75 49.41
C MET O 97 -12.39 36.78 48.17
N TYR O 98 -11.55 35.75 48.00
CA TYR O 98 -10.64 35.70 46.86
C TYR O 98 -11.42 35.65 45.55
N ARG O 99 -12.43 34.78 45.48
CA ARG O 99 -13.23 34.71 44.24
C ARG O 99 -14.02 35.98 44.01
N THR O 100 -14.43 36.67 45.08
CA THR O 100 -15.17 37.90 44.92
C THR O 100 -14.31 39.00 44.30
N ASP O 101 -13.10 39.17 44.82
CA ASP O 101 -12.26 40.28 44.41
C ASP O 101 -11.20 39.91 43.36
N MET O 102 -11.27 38.71 42.78
CA MET O 102 -10.36 38.33 41.70
C MET O 102 -11.11 37.96 40.42
N ARG O 103 -12.44 38.13 40.40
CA ARG O 103 -13.23 37.79 39.23
C ARG O 103 -13.25 38.90 38.18
N HIS O 104 -12.67 40.05 38.49
CA HIS O 104 -12.73 41.20 37.58
C HIS O 104 -11.76 41.02 36.41
N ASN O 105 -11.93 41.88 35.41
CA ASN O 105 -11.13 41.75 34.20
C ASN O 105 -9.66 42.07 34.44
N THR O 106 -9.36 42.93 35.42
CA THR O 106 -7.98 43.33 35.66
C THR O 106 -7.11 42.14 36.06
N ALA O 107 -7.62 41.26 36.91
CA ALA O 107 -6.85 40.11 37.36
C ALA O 107 -6.52 39.18 36.20
N LYS O 108 -7.53 38.84 35.39
CA LYS O 108 -7.30 37.97 34.24
C LYS O 108 -6.35 38.61 33.26
N ILE O 109 -6.49 39.91 33.02
CA ILE O 109 -5.61 40.60 32.08
C ILE O 109 -4.17 40.59 32.59
N ALA O 110 -3.97 40.83 33.89
CA ALA O 110 -2.63 40.82 34.44
C ALA O 110 -2.00 39.43 34.32
N VAL O 111 -2.77 38.38 34.63
CA VAL O 111 -2.24 37.02 34.51
C VAL O 111 -1.88 36.70 33.07
N ASN O 112 -2.74 37.09 32.13
CA ASN O 112 -2.47 36.82 30.71
C ASN O 112 -1.24 37.56 30.23
N ILE O 113 -1.07 38.82 30.65
CA ILE O 113 0.10 39.59 30.26
C ILE O 113 1.36 38.94 30.80
N ALA O 114 1.33 38.53 32.07
CA ALA O 114 2.49 37.87 32.66
C ALA O 114 2.81 36.58 31.94
N VAL O 115 1.79 35.80 31.58
CA VAL O 115 2.01 34.53 30.91
C VAL O 115 2.61 34.76 29.52
N ARG O 116 2.09 35.74 28.77
CA ARG O 116 2.64 36.01 27.45
C ARG O 116 4.08 36.47 27.53
N GLU O 117 4.40 37.34 28.49
CA GLU O 117 5.77 37.78 28.65
C GLU O 117 6.69 36.64 29.08
N GLN O 118 6.18 35.74 29.93
CA GLN O 118 6.95 34.57 30.33
C GLN O 118 7.26 33.68 29.14
N ILE O 119 6.28 33.46 28.27
CA ILE O 119 6.52 32.62 27.10
C ILE O 119 7.50 33.29 26.15
N GLU O 120 7.34 34.59 25.89
CA GLU O 120 8.19 35.26 24.91
C GLU O 120 9.58 35.57 25.49
N ALA O 121 9.63 36.39 26.53
CA ALA O 121 10.90 36.85 27.08
C ALA O 121 11.48 35.87 28.09
N GLY O 122 10.68 35.42 29.04
CA GLY O 122 11.16 34.51 30.06
C GLY O 122 10.80 34.95 31.46
N VAL O 123 10.34 36.19 31.60
CA VAL O 123 9.95 36.73 32.90
C VAL O 123 8.74 37.63 32.72
N GLY O 124 7.81 37.54 33.66
CA GLY O 124 6.69 38.46 33.74
C GLY O 124 6.36 38.68 35.20
N ALA O 125 5.42 39.58 35.47
CA ALA O 125 5.06 39.85 36.85
C ALA O 125 3.70 40.52 36.91
N TRP O 126 3.11 40.50 38.10
CA TRP O 126 1.92 41.30 38.39
C TRP O 126 2.00 41.77 39.84
N ARG O 127 1.06 42.61 40.23
CA ARG O 127 1.08 43.26 41.53
C ARG O 127 -0.28 43.12 42.19
N LEU O 128 -0.28 43.16 43.53
CA LEU O 128 -1.51 43.13 44.32
C LEU O 128 -1.60 44.44 45.09
N VAL O 129 -2.69 45.17 44.90
CA VAL O 129 -2.89 46.45 45.57
C VAL O 129 -4.24 46.44 46.27
N THR O 130 -4.38 47.34 47.24
CA THR O 130 -5.61 47.48 48.02
C THR O 130 -6.10 48.91 47.90
N ASP O 131 -7.42 49.07 47.76
CA ASP O 131 -8.03 50.38 47.60
C ASP O 131 -9.30 50.45 48.43
N TYR O 132 -9.79 51.68 48.61
CA TYR O 132 -11.01 51.93 49.36
C TYR O 132 -12.19 51.97 48.40
N GLU O 133 -13.15 51.08 48.60
CA GLU O 133 -14.35 51.00 47.78
C GLU O 133 -15.57 51.22 48.66
N ASP O 134 -16.47 52.10 48.24
CA ASP O 134 -17.66 52.41 49.00
C ASP O 134 -18.94 51.83 48.41
N GLN O 135 -18.95 51.47 47.13
CA GLN O 135 -20.17 50.98 46.49
C GLN O 135 -20.32 49.47 46.64
N SER O 136 -19.31 48.70 46.23
CA SER O 136 -19.32 47.24 46.34
C SER O 136 -18.02 46.78 46.99
N PRO O 137 -17.89 46.99 48.30
CA PRO O 137 -16.66 46.56 48.98
C PRO O 137 -16.68 45.07 49.28
N THR O 138 -15.50 44.46 49.18
CA THR O 138 -15.37 43.05 49.55
C THR O 138 -15.49 42.88 51.06
N SER O 139 -14.78 43.71 51.83
CA SER O 139 -14.82 43.66 53.28
C SER O 139 -14.17 44.91 53.84
N ASN O 140 -14.75 45.44 54.92
CA ASN O 140 -14.20 46.58 55.65
C ASN O 140 -14.01 47.79 54.74
N ASN O 141 -14.96 48.00 53.83
CA ASN O 141 -14.94 49.14 52.90
C ASN O 141 -13.64 49.18 52.11
N GLN O 142 -13.10 48.02 51.78
CA GLN O 142 -11.84 47.92 51.04
C GLN O 142 -11.93 46.77 50.05
N VAL O 143 -11.12 46.86 49.00
CA VAL O 143 -11.01 45.82 48.00
C VAL O 143 -9.54 45.56 47.70
N ILE O 144 -9.24 44.35 47.26
CA ILE O 144 -7.91 43.96 46.80
C ILE O 144 -8.01 43.58 45.35
N ARG O 145 -7.19 44.21 44.50
CA ARG O 145 -7.17 43.88 43.08
C ARG O 145 -5.76 43.54 42.64
N ARG O 146 -5.68 42.94 41.46
CA ARG O 146 -4.43 42.55 40.83
C ARG O 146 -4.21 43.42 39.60
N GLU O 147 -3.04 44.04 39.53
CA GLU O 147 -2.68 44.97 38.47
C GLU O 147 -1.54 44.41 37.63
N PRO O 148 -1.46 44.77 36.35
CA PRO O 148 -0.42 44.23 35.48
C PRO O 148 0.85 45.07 35.54
N ILE O 149 1.96 44.43 35.17
CA ILE O 149 3.24 45.08 34.99
C ILE O 149 3.74 44.71 33.60
N HIS O 150 3.84 45.71 32.72
CA HIS O 150 4.31 45.48 31.36
C HIS O 150 5.82 45.58 31.32
N SER O 151 6.44 44.65 30.58
CA SER O 151 7.89 44.55 30.48
C SER O 151 8.52 44.44 31.86
N ALA O 152 8.18 43.36 32.55
CA ALA O 152 8.68 43.13 33.91
C ALA O 152 10.17 42.84 33.94
N CYS O 153 10.79 42.58 32.80
CA CYS O 153 12.23 42.35 32.76
C CYS O 153 13.00 43.60 33.17
N SER O 154 12.55 44.77 32.72
CA SER O 154 13.25 46.02 32.96
C SER O 154 12.55 46.94 33.95
N HIS O 155 11.30 46.65 34.33
CA HIS O 155 10.54 47.53 35.20
C HIS O 155 10.48 47.05 36.64
N VAL O 156 10.74 45.78 36.89
CA VAL O 156 10.77 45.23 38.24
C VAL O 156 12.19 44.73 38.49
N ILE O 157 12.85 45.30 39.50
CA ILE O 157 14.22 44.95 39.84
C ILE O 157 14.21 44.37 41.25
N TRP O 158 14.61 43.10 41.37
CA TRP O 158 14.54 42.36 42.61
C TRP O 158 15.85 42.44 43.36
N ASP O 159 15.80 42.04 44.63
CA ASP O 159 17.02 41.91 45.42
C ASP O 159 17.93 40.87 44.77
N SER O 160 19.20 41.23 44.60
CA SER O 160 20.14 40.34 43.94
C SER O 160 20.49 39.13 44.81
N ASN O 161 20.30 39.22 46.11
CA ASN O 161 20.57 38.12 47.02
C ASN O 161 19.29 37.32 47.28
N SER O 162 18.69 36.83 46.19
CA SER O 162 17.48 36.02 46.25
C SER O 162 17.66 34.83 45.32
N LYS O 163 17.55 33.63 45.86
CA LYS O 163 17.80 32.39 45.13
C LYS O 163 16.54 31.54 45.04
N LEU O 164 15.38 32.18 44.95
CA LEU O 164 14.11 31.48 44.85
C LEU O 164 13.37 31.96 43.61
N MET O 165 12.65 31.02 42.97
CA MET O 165 11.98 31.33 41.72
C MET O 165 10.88 32.36 41.93
N ASP O 166 10.15 32.29 43.04
CA ASP O 166 9.10 33.26 43.34
C ASP O 166 9.63 34.46 44.11
N LYS O 167 10.92 34.51 44.41
CA LYS O 167 11.54 35.64 45.10
C LYS O 167 10.89 35.91 46.46
N SER O 168 10.54 34.84 47.17
CA SER O 168 10.01 35.00 48.52
C SER O 168 11.09 35.31 49.53
N ASP O 169 12.36 35.05 49.21
CA ASP O 169 13.47 35.40 50.08
C ASP O 169 14.02 36.80 49.79
N ALA O 170 13.51 37.47 48.76
CA ALA O 170 13.94 38.83 48.48
C ALA O 170 13.47 39.76 49.59
N ARG O 171 14.36 40.67 49.99
CA ARG O 171 14.08 41.60 51.07
C ARG O 171 13.77 43.01 50.60
N HIS O 172 13.93 43.29 49.31
CA HIS O 172 13.52 44.57 48.75
C HIS O 172 13.30 44.40 47.26
N CYS O 173 12.52 45.31 46.70
CA CYS O 173 12.20 45.27 45.27
C CYS O 173 11.80 46.67 44.82
N THR O 174 12.33 47.08 43.67
CA THR O 174 12.05 48.40 43.12
C THR O 174 11.29 48.27 41.81
N VAL O 175 10.13 48.93 41.74
CA VAL O 175 9.29 48.94 40.54
C VAL O 175 9.38 50.32 39.92
N ILE O 176 9.75 50.37 38.64
CA ILE O 176 9.91 51.62 37.91
C ILE O 176 8.63 51.91 37.16
N HIS O 177 8.07 53.09 37.38
CA HIS O 177 6.84 53.53 36.72
C HIS O 177 7.18 54.61 35.71
N SER O 178 6.85 54.36 34.45
CA SER O 178 6.94 55.34 33.38
C SER O 178 5.52 55.76 33.00
N MET O 179 5.29 57.07 32.94
CA MET O 179 3.92 57.55 32.79
C MET O 179 3.90 58.86 32.03
N SER O 180 2.75 59.18 31.46
CA SER O 180 2.58 60.40 30.69
C SER O 180 2.43 61.61 31.62
N GLN O 181 2.36 62.80 31.02
CA GLN O 181 2.25 64.03 31.80
C GLN O 181 0.94 64.04 32.58
N ASN O 182 -0.17 63.72 31.93
CA ASN O 182 -1.44 63.60 32.64
C ASN O 182 -1.39 62.46 33.65
N GLY O 183 -0.74 61.35 33.27
CA GLY O 183 -0.56 60.26 34.22
C GLY O 183 0.26 60.68 35.43
N TRP O 184 1.31 61.47 35.21
CA TRP O 184 2.10 61.97 36.32
C TRP O 184 1.28 62.91 37.21
N GLU O 185 0.47 63.78 36.59
CA GLU O 185 -0.36 64.69 37.38
C GLU O 185 -1.34 63.92 38.24
N ASP O 186 -1.98 62.89 37.69
CA ASP O 186 -2.92 62.11 38.48
C ASP O 186 -2.22 61.26 39.53
N PHE O 187 -1.01 60.78 39.24
CA PHE O 187 -0.20 60.09 40.24
C PHE O 187 0.09 61.01 41.42
N ALA O 188 0.51 62.25 41.12
CA ALA O 188 0.81 63.20 42.18
C ALA O 188 -0.44 63.54 42.98
N GLU O 189 -1.58 63.69 42.30
CA GLU O 189 -2.83 63.93 43.02
C GLU O 189 -3.18 62.77 43.93
N LYS O 190 -2.97 61.53 43.46
CA LYS O 190 -3.33 60.36 44.23
C LYS O 190 -2.43 60.20 45.46
N TYR O 191 -1.12 60.40 45.29
CA TYR O 191 -0.17 60.19 46.37
C TYR O 191 0.24 61.47 47.08
N ASP O 192 -0.48 62.57 46.84
CA ASP O 192 -0.23 63.84 47.51
C ASP O 192 1.21 64.32 47.31
N LEU O 193 1.73 64.14 46.09
CA LEU O 193 3.05 64.63 45.74
C LEU O 193 2.94 66.03 45.13
N ASP O 194 4.08 66.61 44.80
CA ASP O 194 4.14 67.93 44.17
C ASP O 194 4.15 67.73 42.66
N ALA O 195 3.08 68.17 41.99
CA ALA O 195 2.97 67.96 40.55
C ALA O 195 3.92 68.86 39.77
N ASP O 196 4.27 70.02 40.33
CA ASP O 196 5.16 70.94 39.61
C ASP O 196 6.57 70.39 39.50
N ASP O 197 7.05 69.68 40.51
CA ASP O 197 8.39 69.12 40.50
C ASP O 197 8.37 67.79 39.75
N ILE O 198 8.74 67.83 38.48
CA ILE O 198 8.71 66.61 37.66
C ILE O 198 9.79 65.66 38.15
N PRO O 199 9.46 64.40 38.41
CA PRO O 199 10.46 63.44 38.90
C PRO O 199 11.25 62.81 37.76
N SER O 200 12.30 62.08 38.15
CA SER O 200 13.13 61.36 37.20
C SER O 200 13.73 60.14 37.88
N PHE O 201 14.05 59.13 37.07
CA PHE O 201 14.65 57.91 37.58
C PHE O 201 15.37 57.22 36.42
N GLN O 202 15.99 56.09 36.72
CA GLN O 202 16.69 55.32 35.69
C GLN O 202 15.71 54.87 34.62
N ASN O 203 15.94 55.31 33.40
CA ASN O 203 15.05 54.98 32.30
C ASN O 203 15.28 53.53 31.88
N PRO O 204 14.27 52.66 31.96
CA PRO O 204 14.48 51.25 31.62
C PRO O 204 14.39 50.98 30.12
N ASN O 205 13.68 51.84 29.41
CA ASN O 205 13.48 51.66 27.98
C ASN O 205 14.70 52.13 27.19
N ASP O 206 14.73 51.77 25.91
CA ASP O 206 15.76 52.20 24.99
C ASP O 206 15.10 52.73 23.72
N TRP O 207 15.53 53.91 23.29
CA TRP O 207 15.01 54.53 22.07
C TRP O 207 15.70 53.87 20.88
N VAL O 208 15.12 52.77 20.42
CA VAL O 208 15.69 51.97 19.33
C VAL O 208 14.82 52.04 18.07
N PHE O 209 13.50 51.92 18.23
CA PHE O 209 12.61 52.05 17.09
C PHE O 209 12.39 53.53 16.76
N PRO O 210 12.13 53.85 15.49
CA PRO O 210 11.87 55.26 15.13
C PRO O 210 10.51 55.74 15.63
N TRP O 211 10.29 55.63 16.93
CA TRP O 211 9.06 56.17 17.53
C TRP O 211 9.13 57.69 17.56
N LEU O 212 8.04 58.34 17.17
CA LEU O 212 8.04 59.81 17.09
C LEU O 212 8.25 60.43 18.46
N THR O 213 7.54 59.94 19.48
CA THR O 213 7.64 60.48 20.83
C THR O 213 7.59 59.34 21.83
N GLN O 214 8.62 59.25 22.67
CA GLN O 214 8.65 58.34 23.81
C GLN O 214 8.61 59.14 25.11
N ASP O 215 7.85 60.24 25.12
CA ASP O 215 7.81 61.15 26.26
C ASP O 215 7.27 60.44 27.49
N THR O 216 8.13 60.20 28.48
CA THR O 216 7.76 59.48 29.68
C THR O 216 8.42 60.13 30.89
N ILE O 217 7.75 60.00 32.03
CA ILE O 217 8.24 60.46 33.32
C ILE O 217 8.40 59.25 34.22
N GLN O 218 9.56 59.14 34.86
CA GLN O 218 9.94 57.95 35.60
C GLN O 218 9.97 58.23 37.10
N ILE O 219 9.35 57.34 37.86
CA ILE O 219 9.40 57.35 39.32
C ILE O 219 9.64 55.91 39.77
N ALA O 220 9.98 55.73 41.05
CA ALA O 220 10.23 54.39 41.55
C ALA O 220 9.49 54.16 42.85
N GLU O 221 9.03 52.91 43.03
CA GLU O 221 8.46 52.46 44.29
C GLU O 221 9.37 51.37 44.85
N PHE O 222 9.87 51.60 46.06
CA PHE O 222 10.82 50.71 46.71
C PHE O 222 10.10 50.02 47.87
N TYR O 223 9.91 48.71 47.74
CA TYR O 223 9.31 47.90 48.80
C TYR O 223 10.41 47.20 49.57
N GLU O 224 10.27 47.17 50.90
CA GLU O 224 11.20 46.44 51.74
C GLU O 224 10.43 45.70 52.84
N VAL O 225 10.92 44.51 53.17
CA VAL O 225 10.33 43.68 54.21
C VAL O 225 11.25 43.67 55.41
N VAL O 226 10.70 43.95 56.58
CA VAL O 226 11.45 43.95 57.84
C VAL O 226 10.81 42.92 58.76
N GLU O 227 11.59 41.93 59.17
CA GLU O 227 11.13 40.89 60.08
C GLU O 227 11.63 41.20 61.49
N LYS O 228 10.71 41.42 62.42
CA LYS O 228 11.08 41.83 63.77
C LYS O 228 10.06 41.29 64.76
N LYS O 229 10.47 41.25 66.02
CA LYS O 229 9.58 40.86 67.12
C LYS O 229 8.88 42.10 67.63
N GLU O 230 7.54 42.09 67.59
CA GLU O 230 6.75 43.20 68.09
C GLU O 230 5.81 42.72 69.18
N THR O 231 5.37 43.66 70.01
CA THR O 231 4.50 43.36 71.13
C THR O 231 3.11 42.99 70.66
N ALA O 232 2.51 42.00 71.32
CA ALA O 232 1.12 41.64 71.10
C ALA O 232 0.45 41.42 72.44
N PHE O 233 -0.85 41.65 72.49
CA PHE O 233 -1.63 41.58 73.72
C PHE O 233 -2.56 40.39 73.65
N ILE O 234 -2.63 39.61 74.73
CA ILE O 234 -3.54 38.50 74.86
C ILE O 234 -4.65 38.94 75.81
N TYR O 235 -5.84 39.13 75.27
CA TYR O 235 -7.00 39.60 76.01
C TYR O 235 -7.85 38.41 76.46
N GLN O 236 -9.05 38.70 76.95
CA GLN O 236 -10.05 37.68 77.23
C GLN O 236 -11.32 38.05 76.50
N ASP O 237 -11.73 37.23 75.54
CA ASP O 237 -12.92 37.50 74.77
C ASP O 237 -14.15 37.43 75.67
N PRO O 238 -14.97 38.47 75.73
CA PRO O 238 -16.19 38.39 76.57
C PRO O 238 -17.14 37.28 76.16
N VAL O 239 -17.12 36.89 74.89
CA VAL O 239 -17.96 35.77 74.45
C VAL O 239 -17.38 34.45 74.92
N THR O 240 -16.19 34.11 74.44
CA THR O 240 -15.51 32.87 74.82
C THR O 240 -14.08 32.91 74.32
N GLY O 241 -13.18 32.31 75.09
CA GLY O 241 -11.80 32.16 74.67
C GLY O 241 -10.97 33.41 74.89
N GLU O 242 -9.74 33.36 74.39
CA GLU O 242 -8.83 34.49 74.51
C GLU O 242 -8.20 34.77 73.15
N PRO O 243 -8.14 36.05 72.72
CA PRO O 243 -7.50 36.38 71.48
C PRO O 243 -6.14 37.06 71.60
N VAL O 244 -5.40 37.10 70.51
CA VAL O 244 -4.08 37.74 70.45
C VAL O 244 -4.16 38.82 69.39
N SER O 245 -3.90 40.07 69.79
CA SER O 245 -3.98 41.21 68.88
C SER O 245 -2.66 41.97 68.90
N TYR O 246 -2.16 42.31 67.72
CA TYR O 246 -0.89 43.02 67.65
C TYR O 246 -1.02 44.42 68.22
N PHE O 247 -0.02 44.82 69.01
CA PHE O 247 -0.07 46.12 69.68
C PHE O 247 -0.07 47.26 68.67
N LYS O 248 0.68 47.13 67.58
CA LYS O 248 0.76 48.22 66.60
C LYS O 248 -0.58 48.46 65.91
N ARG O 249 -1.37 47.41 65.71
CA ARG O 249 -2.63 47.56 64.96
C ARG O 249 -3.64 48.39 65.74
N ASP O 250 -3.69 48.22 67.06
CA ASP O 250 -4.59 48.98 67.93
C ASP O 250 -3.80 49.81 68.93
N ILE O 251 -2.75 50.47 68.43
CA ILE O 251 -1.82 51.16 69.33
C ILE O 251 -2.50 52.34 70.03
N LYS O 252 -3.25 53.14 69.29
CA LYS O 252 -3.84 54.36 69.86
C LYS O 252 -5.32 54.47 69.53
N ASP O 253 -5.73 53.84 68.43
CA ASP O 253 -7.09 54.01 67.95
C ASP O 253 -8.11 53.47 68.95
N VAL O 254 -7.94 52.22 69.37
CA VAL O 254 -8.94 51.56 70.20
C VAL O 254 -8.31 50.93 71.44
N ILE O 255 -7.07 51.30 71.73
CA ILE O 255 -6.33 50.65 72.83
C ILE O 255 -7.07 50.81 74.15
N ASP O 256 -7.88 51.86 74.29
CA ASP O 256 -8.73 52.02 75.46
C ASP O 256 -10.15 51.53 75.24
N ASP O 257 -10.55 51.32 73.98
CA ASP O 257 -11.89 50.83 73.69
C ASP O 257 -12.07 49.36 74.00
N LEU O 258 -10.98 48.59 74.05
CA LEU O 258 -11.10 47.19 74.45
C LEU O 258 -11.66 47.06 75.86
N ALA O 259 -11.16 47.90 76.78
CA ALA O 259 -11.67 47.86 78.16
C ALA O 259 -13.14 48.23 78.22
N ASP O 260 -13.55 49.24 77.45
CA ASP O 260 -14.96 49.64 77.44
C ASP O 260 -15.84 48.54 76.86
N SER O 261 -15.37 47.85 75.83
CA SER O 261 -16.17 46.81 75.18
C SER O 261 -16.23 45.53 75.99
N GLY O 262 -15.48 45.43 77.09
CA GLY O 262 -15.45 44.23 77.89
C GLY O 262 -14.24 43.35 77.69
N PHE O 263 -13.26 43.79 76.90
CA PHE O 263 -12.03 43.04 76.70
C PHE O 263 -11.07 43.36 77.83
N ILE O 264 -10.68 42.35 78.60
CA ILE O 264 -9.77 42.51 79.73
C ILE O 264 -8.41 41.92 79.35
N LYS O 265 -7.36 42.68 79.61
CA LYS O 265 -6.01 42.24 79.27
C LYS O 265 -5.58 41.10 80.19
N ILE O 266 -5.06 40.03 79.61
CA ILE O 266 -4.57 38.89 80.35
C ILE O 266 -3.05 38.80 80.34
N ALA O 267 -2.43 38.98 79.18
CA ALA O 267 -0.98 38.82 79.08
C ALA O 267 -0.45 39.65 77.93
N GLU O 268 0.87 39.69 77.82
CA GLU O 268 1.54 40.45 76.76
C GLU O 268 2.78 39.69 76.32
N ARG O 269 2.86 39.38 75.03
CA ARG O 269 3.95 38.59 74.48
C ARG O 269 4.67 39.38 73.40
N GLN O 270 5.77 38.80 72.90
CA GLN O 270 6.54 39.38 71.81
C GLN O 270 6.59 38.35 70.68
N ILE O 271 5.92 38.64 69.57
CA ILE O 271 5.79 37.72 68.46
C ILE O 271 6.51 38.30 67.25
N LYS O 272 7.25 37.45 66.54
CA LYS O 272 7.97 37.87 65.35
C LYS O 272 7.05 37.87 64.13
N ARG O 273 7.16 38.92 63.33
CA ARG O 273 6.35 39.05 62.12
C ARG O 273 7.08 39.99 61.16
N ARG O 274 6.64 39.97 59.90
CA ARG O 274 7.21 40.79 58.85
C ARG O 274 6.26 41.94 58.51
N ARG O 275 6.85 43.10 58.22
CA ARG O 275 6.10 44.28 57.80
C ARG O 275 6.71 44.82 56.52
N VAL O 276 5.86 45.35 55.64
CA VAL O 276 6.26 45.82 54.33
C VAL O 276 6.12 47.33 54.28
N TYR O 277 7.18 48.01 53.83
CA TYR O 277 7.20 49.45 53.71
C TYR O 277 7.48 49.84 52.26
N LYS O 278 6.71 50.79 51.74
CA LYS O 278 6.86 51.31 50.40
C LYS O 278 7.33 52.76 50.45
N SER O 279 8.27 53.09 49.57
CA SER O 279 8.81 54.44 49.46
C SER O 279 8.73 54.89 48.01
N ILE O 280 8.24 56.11 47.79
CA ILE O 280 8.22 56.70 46.45
C ILE O 280 9.48 57.54 46.30
N ILE O 281 10.33 57.18 45.35
CA ILE O 281 11.65 57.78 45.21
C ILE O 281 11.90 58.21 43.78
N THR O 282 12.81 59.16 43.64
CA THR O 282 13.35 59.64 42.37
C THR O 282 14.87 59.45 42.39
N CYS O 283 15.54 59.98 41.38
CA CYS O 283 16.99 59.87 41.31
C CYS O 283 17.70 60.83 42.24
N THR O 284 16.98 61.78 42.85
CA THR O 284 17.61 62.81 43.67
C THR O 284 16.95 63.04 45.03
N ALA O 285 15.75 62.53 45.27
CA ALA O 285 15.07 62.79 46.53
C ALA O 285 14.08 61.67 46.82
N VAL O 286 13.63 61.62 48.07
CA VAL O 286 12.65 60.65 48.53
C VAL O 286 11.36 61.41 48.84
N LEU O 287 10.29 61.05 48.12
CA LEU O 287 9.02 61.75 48.31
C LEU O 287 8.25 61.19 49.49
N LYS O 288 7.98 59.88 49.48
CA LYS O 288 7.39 59.18 50.61
C LYS O 288 8.42 58.24 51.19
N ASP O 289 8.53 58.23 52.52
CA ASP O 289 9.71 57.62 53.15
C ASP O 289 9.51 56.14 53.48
N LYS O 290 8.56 55.82 54.36
CA LYS O 290 8.40 54.44 54.83
C LYS O 290 6.92 54.10 54.98
N GLN O 291 6.11 54.44 53.98
CA GLN O 291 4.68 54.20 54.07
C GLN O 291 4.39 52.72 54.28
N LEU O 292 3.87 52.36 55.45
CA LEU O 292 3.60 50.96 55.75
C LEU O 292 2.39 50.47 54.97
N ILE O 293 2.52 49.31 54.32
CA ILE O 293 1.44 48.74 53.54
C ILE O 293 1.02 47.42 54.16
N ALA O 294 -0.15 46.94 53.74
CA ALA O 294 -0.68 45.70 54.28
C ALA O 294 0.06 44.49 53.73
N GLY O 295 0.08 43.42 54.51
CA GLY O 295 0.70 42.18 54.11
C GLY O 295 2.03 41.96 54.80
N GLU O 296 2.46 40.70 54.78
CA GLU O 296 3.79 40.30 55.26
C GLU O 296 4.78 40.09 54.13
N HIS O 297 4.36 40.27 52.88
CA HIS O 297 5.17 39.97 51.72
C HIS O 297 5.15 41.14 50.77
N ILE O 298 6.17 41.22 49.93
CA ILE O 298 6.18 42.19 48.83
C ILE O 298 5.05 41.84 47.86
N PRO O 299 4.20 42.78 47.49
CA PRO O 299 3.00 42.46 46.71
C PRO O 299 3.25 42.16 45.24
N ILE O 300 4.48 41.94 44.81
CA ILE O 300 4.80 41.66 43.41
C ILE O 300 5.03 40.17 43.25
N VAL O 301 4.33 39.57 42.31
CA VAL O 301 4.43 38.14 42.01
C VAL O 301 5.11 37.98 40.66
N PRO O 302 6.27 37.33 40.60
CA PRO O 302 6.92 37.05 39.32
C PRO O 302 6.61 35.67 38.78
N VAL O 303 6.68 35.56 37.46
CA VAL O 303 6.51 34.31 36.73
C VAL O 303 7.72 34.13 35.83
N PHE O 304 8.29 32.94 35.83
CA PHE O 304 9.51 32.66 35.08
C PHE O 304 9.30 31.50 34.12
N GLY O 305 10.13 31.46 33.08
CA GLY O 305 10.12 30.36 32.15
C GLY O 305 11.17 29.33 32.51
N GLU O 306 12.26 29.28 31.75
CA GLU O 306 13.41 28.47 32.12
C GLU O 306 14.33 29.32 32.99
N TRP O 307 14.41 29.01 34.27
CA TRP O 307 15.08 29.85 35.25
C TRP O 307 16.20 29.08 35.94
N GLY O 308 17.29 29.78 36.23
CA GLY O 308 18.39 29.13 36.93
C GLY O 308 19.48 30.13 37.27
N PHE O 309 20.56 29.59 37.83
CA PHE O 309 21.76 30.36 38.15
C PHE O 309 22.96 29.65 37.53
N VAL O 310 23.81 30.41 36.84
CA VAL O 310 24.97 29.82 36.20
C VAL O 310 26.19 29.95 37.11
N GLU O 311 26.61 31.19 37.36
CA GLU O 311 27.68 31.47 38.32
C GLU O 311 27.23 32.68 39.15
N ASP O 312 26.46 32.40 40.20
CA ASP O 312 25.84 33.45 41.01
C ASP O 312 25.17 34.52 40.15
N LYS O 313 24.68 34.11 38.98
CA LYS O 313 24.07 35.02 38.01
C LYS O 313 22.76 34.42 37.54
N GLU O 314 21.65 35.07 37.85
CA GLU O 314 20.35 34.58 37.45
C GLU O 314 20.17 34.69 35.95
N VAL O 315 19.71 33.60 35.33
CA VAL O 315 19.41 33.57 33.90
C VAL O 315 18.02 33.00 33.72
N TYR O 316 17.19 33.70 32.96
CA TYR O 316 15.87 33.22 32.60
C TYR O 316 15.69 33.32 31.08
N GLU O 317 14.99 32.35 30.52
CA GLU O 317 14.82 32.23 29.08
C GLU O 317 13.40 31.82 28.77
N GLY O 318 12.93 32.25 27.60
CA GLY O 318 11.60 31.90 27.14
C GLY O 318 11.62 30.82 26.08
N VAL O 319 11.13 31.15 24.88
CA VAL O 319 11.11 30.20 23.77
C VAL O 319 11.67 30.87 22.53
N VAL O 320 11.86 32.19 22.60
CA VAL O 320 12.23 32.96 21.43
C VAL O 320 13.75 33.08 21.26
N ARG O 321 14.50 33.04 22.37
CA ARG O 321 15.93 33.34 22.32
C ARG O 321 16.68 32.39 21.38
N LEU O 322 16.51 31.09 21.60
CA LEU O 322 17.30 30.11 20.84
C LEU O 322 16.94 30.09 19.37
N THR O 323 15.78 30.61 18.99
CA THR O 323 15.37 30.69 17.60
C THR O 323 15.82 31.97 16.92
N LYS O 324 16.47 32.88 17.65
CA LYS O 324 16.81 34.18 17.06
C LYS O 324 17.91 34.06 16.01
N ASP O 325 18.86 33.14 16.20
CA ASP O 325 19.99 33.04 15.28
C ASP O 325 19.55 32.47 13.93
N GLY O 326 18.80 31.38 13.95
CA GLY O 326 18.37 30.79 12.69
C GLY O 326 17.41 31.67 11.93
N GLN O 327 16.42 32.25 12.63
CA GLN O 327 15.45 33.11 11.98
C GLN O 327 16.12 34.31 11.33
N ARG O 328 17.05 34.95 12.05
CA ARG O 328 17.79 36.07 11.48
C ARG O 328 18.53 35.66 10.22
N LEU O 329 18.94 34.39 10.12
CA LEU O 329 19.54 33.91 8.87
C LEU O 329 18.47 33.76 7.80
N ARG O 330 17.32 33.17 8.15
CA ARG O 330 16.27 32.93 7.17
C ARG O 330 15.75 34.25 6.60
N ASN O 331 15.66 35.28 7.45
CA ASN O 331 15.30 36.60 6.96
C ASN O 331 16.34 37.13 5.98
N MET O 332 17.63 36.91 6.28
CA MET O 332 18.68 37.46 5.43
C MET O 332 18.72 36.77 4.08
N ILE O 333 18.72 35.44 4.07
CA ILE O 333 18.84 34.69 2.83
C ILE O 333 17.66 35.01 1.92
N MET O 334 16.44 34.97 2.47
CA MET O 334 15.26 35.31 1.69
C MET O 334 15.33 36.76 1.19
N SER O 335 16.03 37.63 1.92
CA SER O 335 16.22 39.00 1.44
C SER O 335 17.23 39.06 0.31
N PHE O 336 18.24 38.19 0.32
CA PHE O 336 19.20 38.15 -0.78
C PHE O 336 18.55 37.63 -2.05
N ASN O 337 17.76 36.56 -1.93
CA ASN O 337 17.14 35.95 -3.11
C ASN O 337 16.23 36.93 -3.82
N ALA O 338 15.49 37.75 -3.05
CA ALA O 338 14.66 38.78 -3.67
C ALA O 338 15.51 39.74 -4.50
N ASP O 339 16.68 40.11 -3.99
CA ASP O 339 17.58 40.97 -4.76
C ASP O 339 17.99 40.30 -6.06
N ILE O 340 18.05 38.97 -6.09
CA ILE O 340 18.35 38.26 -7.33
C ILE O 340 17.19 38.39 -8.32
N VAL O 341 15.96 38.36 -7.81
CA VAL O 341 14.79 38.37 -8.69
C VAL O 341 14.63 39.72 -9.37
N ALA O 342 14.85 40.80 -8.64
CA ALA O 342 14.59 42.14 -9.16
C ALA O 342 15.77 42.72 -9.94
N ARG O 343 16.93 42.81 -9.29
CA ARG O 343 18.09 43.46 -9.90
C ARG O 343 18.99 42.40 -10.55
N THR O 344 18.53 41.88 -11.68
CA THR O 344 19.33 40.97 -12.46
C THR O 344 18.86 41.07 -13.91
N PRO O 345 19.76 41.31 -14.85
CA PRO O 345 19.36 41.33 -16.26
C PRO O 345 18.78 39.99 -16.66
N LYS O 346 17.73 40.03 -17.48
CA LYS O 346 17.02 38.83 -17.87
C LYS O 346 17.58 38.27 -19.19
N LYS O 347 16.97 37.19 -19.67
CA LYS O 347 17.49 36.43 -20.80
C LYS O 347 17.09 37.12 -22.10
N LYS O 348 18.06 37.74 -22.76
CA LYS O 348 17.88 38.39 -24.05
C LYS O 348 19.08 38.07 -24.92
N PRO O 349 18.92 38.08 -26.26
CA PRO O 349 20.04 37.73 -27.13
C PRO O 349 21.13 38.78 -27.10
N PHE O 350 22.35 38.34 -27.41
CA PHE O 350 23.49 39.23 -27.60
C PHE O 350 23.66 39.46 -29.09
N PHE O 351 23.59 40.72 -29.50
CA PHE O 351 23.64 41.09 -30.91
C PHE O 351 24.74 42.11 -31.15
N TRP O 352 25.46 41.96 -32.25
CA TRP O 352 26.25 43.07 -32.75
C TRP O 352 25.31 44.10 -33.37
N PRO O 353 25.61 45.40 -33.24
CA PRO O 353 24.73 46.40 -33.83
C PRO O 353 24.58 46.25 -35.35
N GLU O 354 25.61 45.77 -36.03
CA GLU O 354 25.53 45.59 -37.47
C GLU O 354 24.75 44.34 -37.89
N GLN O 355 24.54 43.40 -36.97
CA GLN O 355 23.81 42.19 -37.32
C GLN O 355 22.34 42.49 -37.59
N ILE O 356 21.77 43.41 -36.84
CA ILE O 356 20.35 43.72 -36.91
C ILE O 356 20.09 45.15 -37.38
N ALA O 357 21.05 45.72 -38.12
CA ALA O 357 20.90 47.09 -38.60
C ALA O 357 19.80 47.15 -39.66
N GLY O 358 18.76 47.93 -39.40
CA GLY O 358 17.63 48.02 -40.28
C GLY O 358 16.49 47.06 -39.97
N PHE O 359 16.73 46.07 -39.12
CA PHE O 359 15.71 45.11 -38.70
C PHE O 359 15.37 45.25 -37.23
N GLU O 360 15.68 46.40 -36.62
CA GLU O 360 15.52 46.53 -35.17
C GLU O 360 14.07 46.42 -34.73
N HIS O 361 13.13 46.83 -35.59
CA HIS O 361 11.72 46.71 -35.25
C HIS O 361 11.22 45.26 -35.27
N MET O 362 12.03 44.33 -35.78
CA MET O 362 11.63 42.92 -35.80
C MET O 362 11.86 42.23 -34.46
N TYR O 363 12.64 42.84 -33.57
CA TYR O 363 13.02 42.20 -32.31
C TYR O 363 12.47 42.92 -31.09
N ASP O 364 11.63 43.93 -31.28
CA ASP O 364 11.13 44.72 -30.15
C ASP O 364 10.08 43.98 -29.33
N GLY O 365 9.58 42.84 -29.81
CA GLY O 365 8.60 42.06 -29.07
C GLY O 365 7.25 41.91 -29.75
N ASN O 366 7.03 42.54 -30.91
CA ASN O 366 5.76 42.38 -31.59
C ASN O 366 5.68 41.02 -32.28
N ASP O 367 4.49 40.68 -32.76
CA ASP O 367 4.25 39.41 -33.42
C ASP O 367 3.64 39.63 -34.79
N ASP O 368 4.17 40.61 -35.55
CA ASP O 368 3.65 40.93 -36.87
C ASP O 368 4.49 40.35 -38.00
N TYR O 369 5.50 39.53 -37.67
CA TYR O 369 6.38 38.98 -38.68
C TYR O 369 6.48 37.48 -38.52
N PRO O 370 6.72 36.75 -39.61
CA PRO O 370 6.84 35.28 -39.52
C PRO O 370 8.21 34.80 -39.09
N TYR O 371 9.22 35.66 -39.09
CA TYR O 371 10.59 35.25 -38.76
C TYR O 371 11.38 36.50 -38.40
N TYR O 372 12.68 36.31 -38.19
CA TYR O 372 13.61 37.40 -37.95
C TYR O 372 14.67 37.41 -39.04
N LEU O 373 14.98 38.60 -39.53
CA LEU O 373 15.99 38.78 -40.57
C LEU O 373 17.26 39.33 -39.95
N LEU O 374 18.41 38.87 -40.47
CA LEU O 374 19.71 39.30 -39.99
C LEU O 374 20.53 39.80 -41.17
N ASN O 375 21.33 40.84 -40.94
CA ASN O 375 22.27 41.30 -41.93
C ASN O 375 23.37 40.27 -42.12
N ARG O 376 23.86 40.15 -43.34
CA ARG O 376 24.82 39.10 -43.68
C ARG O 376 26.14 39.64 -44.21
N THR O 377 26.13 40.70 -45.00
CA THR O 377 27.30 41.18 -45.70
C THR O 377 27.85 42.45 -45.06
N ASP O 378 29.17 42.58 -45.13
CA ASP O 378 29.88 43.79 -44.71
C ASP O 378 30.72 44.28 -45.88
N GLU O 379 30.72 45.60 -46.11
CA GLU O 379 31.40 46.14 -47.28
C GLU O 379 32.92 46.10 -47.14
N ASN O 380 33.44 45.93 -45.93
CA ASN O 380 34.87 45.84 -45.72
C ASN O 380 35.35 44.42 -45.47
N SER O 381 34.64 43.66 -44.64
CA SER O 381 35.02 42.29 -44.32
C SER O 381 34.39 41.26 -45.26
N GLY O 382 33.65 41.70 -46.27
CA GLY O 382 33.01 40.79 -47.19
C GLY O 382 31.77 40.14 -46.62
N ASP O 383 31.95 39.36 -45.57
CA ASP O 383 30.85 38.66 -44.91
C ASP O 383 30.97 38.82 -43.40
N LEU O 384 29.83 38.89 -42.74
CA LEU O 384 29.81 39.01 -41.29
C LEU O 384 30.29 37.70 -40.66
N PRO O 385 31.08 37.76 -39.60
CA PRO O 385 31.57 36.53 -38.96
C PRO O 385 30.43 35.71 -38.39
N THR O 386 30.62 34.40 -38.36
CA THR O 386 29.62 33.45 -37.87
C THR O 386 29.93 33.11 -36.41
N GLN O 387 28.91 33.20 -35.57
CA GLN O 387 29.03 32.93 -34.14
C GLN O 387 27.64 32.59 -33.62
N PRO O 388 27.47 31.43 -32.98
CA PRO O 388 26.13 31.07 -32.48
C PRO O 388 25.59 32.10 -31.51
N LEU O 389 24.29 32.36 -31.61
CA LEU O 389 23.67 33.41 -30.80
C LEU O 389 23.80 33.08 -29.32
N ALA O 390 24.21 34.07 -28.54
CA ALA O 390 24.41 33.93 -27.10
C ALA O 390 23.31 34.67 -26.36
N TYR O 391 22.72 34.01 -25.37
CA TYR O 391 21.66 34.59 -24.57
C TYR O 391 22.14 34.78 -23.14
N TYR O 392 21.72 35.89 -22.53
CA TYR O 392 22.04 36.13 -21.13
C TYR O 392 21.41 35.03 -20.27
N GLU O 393 22.19 34.51 -19.33
CA GLU O 393 21.72 33.40 -18.51
C GLU O 393 20.58 33.85 -17.60
N ASN O 394 19.62 32.96 -17.41
CA ASN O 394 18.50 33.24 -16.53
C ASN O 394 18.98 33.37 -15.09
N PRO O 395 18.36 34.26 -14.32
CA PRO O 395 18.70 34.35 -12.89
C PRO O 395 18.44 33.03 -12.19
N GLU O 396 19.34 32.68 -11.27
CA GLU O 396 19.25 31.42 -10.56
C GLU O 396 19.59 31.63 -9.09
N VAL O 397 18.84 30.99 -8.21
CA VAL O 397 19.16 30.99 -6.79
C VAL O 397 20.31 30.02 -6.54
N PRO O 398 21.41 30.46 -5.93
CA PRO O 398 22.55 29.56 -5.73
C PRO O 398 22.19 28.38 -4.84
N GLN O 399 22.88 27.26 -5.06
CA GLN O 399 22.69 26.09 -4.21
C GLN O 399 22.96 26.40 -2.75
N ALA O 400 23.94 27.28 -2.49
CA ALA O 400 24.24 27.65 -1.12
C ALA O 400 23.07 28.36 -0.47
N ASN O 401 22.41 29.28 -1.20
CA ASN O 401 21.30 30.02 -0.63
C ASN O 401 20.13 29.12 -0.30
N ALA O 402 19.75 28.24 -1.23
CA ALA O 402 18.63 27.32 -0.97
C ALA O 402 18.96 26.36 0.17
N TYR O 403 20.17 25.79 0.15
CA TYR O 403 20.57 24.86 1.20
C TYR O 403 20.54 25.55 2.57
N MET O 404 21.05 26.78 2.64
CA MET O 404 21.11 27.46 3.92
C MET O 404 19.74 27.91 4.39
N LEU O 405 18.87 28.31 3.46
CA LEU O 405 17.50 28.65 3.86
C LEU O 405 16.80 27.44 4.45
N GLU O 406 16.93 26.28 3.78
CA GLU O 406 16.31 25.06 4.30
C GLU O 406 16.91 24.68 5.65
N ALA O 407 18.23 24.76 5.79
CA ALA O 407 18.88 24.38 7.04
C ALA O 407 18.47 25.30 8.18
N ALA O 408 18.42 26.62 7.93
CA ALA O 408 18.01 27.56 8.98
C ALA O 408 16.55 27.33 9.37
N THR O 409 15.68 27.12 8.39
CA THR O 409 14.28 26.86 8.72
C THR O 409 14.12 25.59 9.54
N SER O 410 14.85 24.53 9.17
CA SER O 410 14.79 23.30 9.93
C SER O 410 15.32 23.48 11.35
N ALA O 411 16.41 24.25 11.49
CA ALA O 411 16.98 24.48 12.82
C ALA O 411 16.00 25.24 13.71
N VAL O 412 15.35 26.27 13.16
CA VAL O 412 14.38 27.01 13.96
C VAL O 412 13.18 26.13 14.28
N LYS O 413 12.74 25.31 13.34
CA LYS O 413 11.63 24.40 13.61
C LYS O 413 11.95 23.46 14.76
N GLU O 414 13.16 22.91 14.76
CA GLU O 414 13.52 21.92 15.78
C GLU O 414 13.76 22.58 17.13
N VAL O 415 14.38 23.75 17.15
CA VAL O 415 14.71 24.39 18.42
C VAL O 415 13.52 25.11 19.05
N ALA O 416 12.51 25.47 18.28
CA ALA O 416 11.34 26.18 18.81
C ALA O 416 10.26 25.20 19.27
N THR O 417 10.64 24.24 20.10
CA THR O 417 9.71 23.29 20.70
C THR O 417 9.88 23.35 22.20
N LEU O 418 8.93 24.00 22.88
CA LEU O 418 8.93 24.04 24.33
C LEU O 418 8.61 22.66 24.88
N GLY O 419 9.55 22.06 25.61
CA GLY O 419 9.34 20.72 26.11
C GLY O 419 9.15 19.73 24.99
N VAL O 420 8.11 18.90 25.12
CA VAL O 420 7.79 17.90 24.09
C VAL O 420 6.62 18.39 23.25
N GLU O 445 4.12 20.92 24.27
CA GLU O 445 3.48 20.90 25.59
C GLU O 445 4.15 21.92 26.51
N THR O 446 3.36 22.56 27.36
CA THR O 446 3.82 23.63 28.23
C THR O 446 3.70 23.26 29.70
N TYR O 447 3.99 22.00 30.04
CA TYR O 447 3.80 21.55 31.41
C TYR O 447 4.68 22.31 32.38
N VAL O 448 5.95 22.53 32.02
CA VAL O 448 6.86 23.23 32.93
C VAL O 448 6.43 24.67 33.12
N PHE O 449 5.98 25.32 32.04
CA PHE O 449 5.50 26.70 32.15
C PHE O 449 4.23 26.79 32.99
N GLN O 450 3.33 25.81 32.84
CA GLN O 450 2.15 25.78 33.68
C GLN O 450 2.50 25.54 35.14
N ASP O 451 3.52 24.70 35.40
CA ASP O 451 3.96 24.47 36.76
C ASP O 451 4.55 25.75 37.37
N ASN O 452 5.33 26.49 36.59
CA ASN O 452 5.87 27.76 37.07
C ASN O 452 4.75 28.76 37.34
N LEU O 453 3.74 28.79 36.47
CA LEU O 453 2.59 29.66 36.71
C LEU O 453 1.84 29.24 37.97
N ALA O 454 1.75 27.93 38.22
CA ALA O 454 1.13 27.44 39.45
C ALA O 454 1.91 27.89 40.67
N THR O 455 3.23 27.85 40.60
CA THR O 455 4.06 28.37 41.69
C THR O 455 3.79 29.86 41.91
N ALA O 456 3.68 30.62 40.82
CA ALA O 456 3.39 32.04 40.93
C ALA O 456 2.02 32.27 41.58
N MET O 457 1.03 31.48 41.21
CA MET O 457 -0.29 31.64 41.81
C MET O 457 -0.30 31.22 43.27
N ARG O 458 0.53 30.24 43.66
CA ARG O 458 0.65 29.90 45.07
C ARG O 458 1.24 31.07 45.86
N ARG O 459 2.27 31.72 45.31
CA ARG O 459 2.81 32.91 45.96
C ARG O 459 1.75 34.02 46.03
N ASP O 460 0.97 34.17 44.96
CA ASP O 460 -0.12 35.14 44.96
C ASP O 460 -1.12 34.84 46.07
N GLY O 461 -1.47 33.58 46.26
CA GLY O 461 -2.39 33.21 47.33
C GLY O 461 -1.82 33.51 48.70
N GLU O 462 -0.52 33.26 48.89
CA GLU O 462 0.13 33.59 50.16
C GLU O 462 0.04 35.09 50.45
N ILE O 463 0.41 35.91 49.45
CA ILE O 463 0.37 37.36 49.63
C ILE O 463 -1.05 37.83 49.90
N TYR O 464 -2.02 37.28 49.16
CA TYR O 464 -3.41 37.68 49.34
C TYR O 464 -3.91 37.31 50.73
N GLN O 465 -3.55 36.13 51.23
CA GLN O 465 -3.96 35.75 52.58
C GLN O 465 -3.37 36.70 53.61
N SER O 466 -2.10 37.08 53.44
CA SER O 466 -1.49 38.03 54.38
C SER O 466 -2.23 39.36 54.35
N ILE O 467 -2.52 39.87 53.16
CA ILE O 467 -3.22 41.15 53.05
C ILE O 467 -4.61 41.06 53.67
N VAL O 468 -5.31 39.96 53.42
CA VAL O 468 -6.66 39.77 53.97
C VAL O 468 -6.61 39.79 55.49
N ASN O 469 -5.65 39.08 56.08
CA ASN O 469 -5.49 39.13 57.52
C ASN O 469 -5.17 40.53 58.00
N ASP O 470 -4.47 41.32 57.19
CA ASP O 470 -4.10 42.66 57.62
C ASP O 470 -5.29 43.62 57.61
N ILE O 471 -6.10 43.61 56.55
CA ILE O 471 -7.07 44.69 56.36
C ILE O 471 -8.52 44.23 56.38
N TYR O 472 -8.77 42.98 55.97
CA TYR O 472 -10.15 42.53 55.84
C TYR O 472 -10.70 42.11 57.20
N ASP O 473 -12.01 41.84 57.21
CA ASP O 473 -12.72 41.40 58.41
C ASP O 473 -12.94 39.89 58.29
N VAL O 474 -12.11 39.11 58.98
CA VAL O 474 -12.16 37.65 58.91
C VAL O 474 -12.96 37.16 60.11
N PRO O 475 -14.16 36.61 59.92
CA PRO O 475 -14.93 36.08 61.04
C PRO O 475 -14.30 34.81 61.59
N ARG O 476 -14.49 34.60 62.89
CA ARG O 476 -14.08 33.38 63.56
C ARG O 476 -15.31 32.49 63.74
N ASN O 477 -15.25 31.27 63.24
CA ASN O 477 -16.39 30.36 63.25
C ASN O 477 -16.38 29.57 64.56
N VAL O 478 -17.46 29.69 65.32
CA VAL O 478 -17.62 28.95 66.58
C VAL O 478 -18.50 27.74 66.33
N THR O 479 -18.32 26.70 67.14
CA THR O 479 -19.04 25.45 67.01
C THR O 479 -20.20 25.33 67.98
N ILE O 480 -20.53 26.39 68.71
CA ILE O 480 -21.63 26.36 69.66
C ILE O 480 -22.96 26.44 68.91
N LEU O 492 -21.52 29.15 63.54
CA LEU O 492 -21.83 30.57 63.64
C LEU O 492 -20.56 31.41 63.53
N MET O 493 -20.61 32.45 62.72
CA MET O 493 -19.48 33.35 62.53
C MET O 493 -19.64 34.56 63.44
N ALA O 494 -18.65 34.80 64.29
CA ALA O 494 -18.68 35.90 65.25
C ALA O 494 -17.67 36.95 64.82
N GLU O 495 -18.16 38.01 64.18
CA GLU O 495 -17.30 39.12 63.76
C GLU O 495 -17.14 40.09 64.93
N VAL O 496 -15.97 40.10 65.54
CA VAL O 496 -15.69 40.94 66.69
C VAL O 496 -14.83 42.11 66.22
N VAL O 497 -15.43 43.31 66.22
CA VAL O 497 -14.74 44.53 65.85
C VAL O 497 -15.24 45.65 66.75
N ASP O 498 -14.53 46.79 66.69
CA ASP O 498 -14.93 47.97 67.44
C ASP O 498 -14.49 49.22 66.69
N LEU O 499 -15.12 50.33 67.03
CA LEU O 499 -14.83 51.61 66.40
C LEU O 499 -14.20 52.57 67.41
N ALA O 500 -13.28 53.39 66.93
CA ALA O 500 -12.60 54.36 67.77
C ALA O 500 -13.47 55.61 67.96
N THR O 501 -12.93 56.59 68.67
CA THR O 501 -13.64 57.85 68.84
C THR O 501 -13.67 58.67 67.55
N GLY O 502 -12.81 58.34 66.59
CA GLY O 502 -12.80 59.04 65.32
C GLY O 502 -13.68 58.37 64.29
N GLU O 503 -14.59 57.51 64.76
CA GLU O 503 -15.56 56.76 63.96
C GLU O 503 -14.91 55.71 63.06
N LYS O 504 -13.60 55.56 63.08
CA LYS O 504 -12.92 54.58 62.25
C LYS O 504 -12.96 53.22 62.92
N GLN O 505 -13.41 52.21 62.18
CA GLN O 505 -13.47 50.85 62.69
C GLN O 505 -12.13 50.15 62.45
N VAL O 506 -11.62 49.50 63.49
CA VAL O 506 -10.36 48.77 63.43
C VAL O 506 -10.67 47.28 63.53
N LEU O 507 -10.20 46.52 62.54
CA LEU O 507 -10.41 45.08 62.54
C LEU O 507 -9.66 44.43 63.69
N ASN O 508 -10.26 43.37 64.23
CA ASN O 508 -9.68 42.60 65.33
C ASN O 508 -9.55 41.16 64.86
N ASP O 509 -8.36 40.77 64.41
CA ASP O 509 -8.10 39.43 63.90
C ASP O 509 -7.18 38.70 64.88
N ILE O 510 -7.63 37.52 65.32
CA ILE O 510 -6.84 36.71 66.24
C ILE O 510 -5.64 36.12 65.50
N ARG O 511 -4.66 35.65 66.27
CA ARG O 511 -3.48 35.04 65.69
C ARG O 511 -3.75 33.67 65.09
N GLY O 512 -4.91 33.06 65.37
CA GLY O 512 -5.30 31.83 64.72
C GLY O 512 -5.83 32.09 63.33
N ARG O 513 -5.00 32.65 62.46
CA ARG O 513 -5.41 33.08 61.13
C ARG O 513 -4.94 32.15 60.01
N TYR O 514 -3.77 31.55 60.15
CA TYR O 514 -3.23 30.67 59.10
C TYR O 514 -3.80 29.25 59.27
N GLU O 515 -5.12 29.15 59.11
CA GLU O 515 -5.82 27.88 59.24
C GLU O 515 -6.00 27.16 57.91
N CYS O 516 -5.60 27.76 56.79
CA CYS O 516 -5.72 27.13 55.50
C CYS O 516 -4.45 27.35 54.70
N TYR O 517 -4.10 26.38 53.88
CA TYR O 517 -2.93 26.45 53.02
C TYR O 517 -3.35 26.59 51.57
N THR O 518 -2.37 26.82 50.71
CA THR O 518 -2.58 27.21 49.33
C THR O 518 -2.30 26.04 48.38
N ASP O 519 -3.18 25.88 47.40
CA ASP O 519 -3.05 24.89 46.35
C ASP O 519 -3.44 25.54 45.03
N VAL O 520 -3.35 24.77 43.95
CA VAL O 520 -3.68 25.27 42.61
C VAL O 520 -4.84 24.45 42.07
N GLY O 521 -5.86 25.14 41.58
CA GLY O 521 -7.02 24.49 41.01
C GLY O 521 -7.59 25.25 39.84
N PRO O 522 -8.69 24.76 39.28
CA PRO O 522 -9.32 25.47 38.16
C PRO O 522 -9.86 26.82 38.59
N SER O 523 -9.91 27.74 37.63
CA SER O 523 -10.36 29.11 37.88
C SER O 523 -11.88 29.15 37.82
N PHE O 524 -12.51 29.61 38.90
CA PHE O 524 -13.96 29.73 39.00
C PHE O 524 -14.32 31.15 39.36
N GLN O 525 -15.43 31.64 38.80
CA GLN O 525 -15.84 33.02 39.03
C GLN O 525 -16.48 33.23 40.39
N SER O 526 -16.98 32.18 41.02
CA SER O 526 -17.65 32.32 42.32
C SER O 526 -17.68 30.96 43.01
N MET O 527 -18.10 30.99 44.28
CA MET O 527 -18.21 29.76 45.04
C MET O 527 -19.29 28.84 44.52
N LYS O 528 -20.38 29.40 43.99
CA LYS O 528 -21.45 28.56 43.45
C LYS O 528 -20.96 27.74 42.26
N GLN O 529 -20.17 28.35 41.38
CA GLN O 529 -19.60 27.62 40.25
C GLN O 529 -18.67 26.51 40.73
N GLN O 530 -17.86 26.79 41.75
CA GLN O 530 -16.98 25.76 42.28
C GLN O 530 -17.77 24.61 42.89
N ASN O 531 -18.84 24.92 43.62
CA ASN O 531 -19.68 23.85 44.19
C ASN O 531 -20.34 23.03 43.10
N ARG O 532 -20.82 23.69 42.03
CA ARG O 532 -21.40 22.96 40.92
C ARG O 532 -20.37 22.04 40.27
N ALA O 533 -19.15 22.53 40.08
CA ALA O 533 -18.10 21.71 39.49
C ALA O 533 -17.77 20.51 40.37
N GLU O 534 -17.69 20.72 41.69
CA GLU O 534 -17.40 19.61 42.60
C GLU O 534 -18.53 18.58 42.58
N ILE O 535 -19.78 19.04 42.56
CA ILE O 535 -20.91 18.10 42.52
C ILE O 535 -20.89 17.31 41.23
N LEU O 536 -20.60 17.98 40.10
CA LEU O 536 -20.53 17.28 38.82
C LEU O 536 -19.38 16.27 38.81
N GLU O 537 -18.24 16.64 39.40
CA GLU O 537 -17.10 15.71 39.45
C GLU O 537 -17.43 14.48 40.29
N LEU O 538 -18.10 14.68 41.43
CA LEU O 538 -18.51 13.54 42.25
C LEU O 538 -19.55 12.69 41.52
N LEU O 539 -20.44 13.33 40.77
CA LEU O 539 -21.49 12.60 40.06
C LEU O 539 -20.91 11.69 39.00
N GLY O 540 -19.84 12.11 38.33
CA GLY O 540 -19.27 11.32 37.26
C GLY O 540 -18.57 10.04 37.71
N LYS O 541 -18.32 9.90 39.02
CA LYS O 541 -17.67 8.72 39.54
C LYS O 541 -18.59 7.83 40.38
N THR O 542 -19.74 8.32 40.80
CA THR O 542 -20.65 7.57 41.65
C THR O 542 -21.60 6.73 40.81
N PRO O 543 -21.72 5.43 41.07
CA PRO O 543 -22.65 4.60 40.30
C PRO O 543 -24.09 4.96 40.62
N GLN O 544 -24.99 4.51 39.74
CA GLN O 544 -26.39 4.91 39.82
C GLN O 544 -27.10 4.24 40.98
N GLY O 545 -26.71 4.58 42.21
CA GLY O 545 -27.39 4.10 43.40
C GLY O 545 -28.17 5.20 44.10
N THR O 546 -28.14 5.20 45.43
CA THR O 546 -28.77 6.25 46.21
C THR O 546 -27.92 7.52 46.26
N PRO O 547 -26.59 7.43 46.47
CA PRO O 547 -25.77 8.66 46.41
C PRO O 547 -25.83 9.37 45.07
N GLU O 548 -26.06 8.63 43.98
CA GLU O 548 -26.23 9.29 42.69
C GLU O 548 -27.47 10.18 42.69
N TYR O 549 -28.58 9.68 43.23
CA TYR O 549 -29.78 10.51 43.36
C TYR O 549 -29.52 11.69 44.28
N GLN O 550 -28.79 11.46 45.37
CA GLN O 550 -28.47 12.53 46.30
C GLN O 550 -27.70 13.65 45.60
N LEU O 551 -26.68 13.27 44.84
CA LEU O 551 -25.86 14.26 44.15
C LEU O 551 -26.61 14.93 43.02
N LEU O 552 -27.53 14.23 42.36
CA LEU O 552 -28.35 14.87 41.35
C LEU O 552 -29.26 15.93 41.96
N LEU O 553 -29.90 15.61 43.09
CA LEU O 553 -30.72 16.59 43.78
C LEU O 553 -29.87 17.77 44.26
N LEU O 554 -28.64 17.49 44.70
CA LEU O 554 -27.74 18.56 45.12
C LEU O 554 -27.31 19.44 43.95
N GLN O 555 -27.12 18.85 42.76
CA GLN O 555 -26.82 19.65 41.58
C GLN O 555 -28.00 20.54 41.22
N TYR O 556 -29.22 20.01 41.33
CA TYR O 556 -30.40 20.83 41.11
C TYR O 556 -30.56 21.90 42.17
N PHE O 557 -30.01 21.67 43.36
CA PHE O 557 -30.01 22.66 44.43
C PHE O 557 -29.36 23.97 43.99
N THR O 558 -28.13 23.88 43.45
CA THR O 558 -27.29 25.06 43.24
C THR O 558 -27.37 25.60 41.82
N LEU O 559 -28.52 25.54 41.18
CA LEU O 559 -28.68 26.04 39.83
C LEU O 559 -29.13 27.49 39.83
N LEU O 560 -28.77 28.21 38.78
CA LEU O 560 -29.17 29.60 38.63
C LEU O 560 -30.68 29.70 38.46
N ASP O 561 -31.19 30.93 38.40
CA ASP O 561 -32.62 31.17 38.54
C ASP O 561 -33.20 31.71 37.24
N GLY O 562 -34.15 30.96 36.69
CA GLY O 562 -35.05 31.43 35.67
C GLY O 562 -36.47 31.31 36.18
N LYS O 563 -37.32 30.60 35.43
CA LYS O 563 -38.67 30.31 35.89
C LYS O 563 -38.93 28.82 36.05
N GLY O 564 -38.65 28.02 35.02
CA GLY O 564 -38.81 26.58 35.17
C GLY O 564 -37.75 25.95 36.06
N VAL O 565 -36.49 26.38 35.89
CA VAL O 565 -35.42 25.88 36.73
C VAL O 565 -35.68 26.25 38.20
N GLU O 566 -36.41 27.35 38.42
CA GLU O 566 -36.85 27.65 39.78
C GLU O 566 -37.75 26.56 40.32
N MET O 567 -38.69 26.08 39.50
CA MET O 567 -39.57 25.00 39.92
C MET O 567 -38.78 23.72 40.17
N MET O 568 -37.80 23.43 39.31
CA MET O 568 -36.99 22.24 39.50
C MET O 568 -36.19 22.30 40.79
N ARG O 569 -35.61 23.47 41.09
CA ARG O 569 -34.82 23.61 42.31
C ARG O 569 -35.70 23.57 43.55
N ASP O 570 -36.92 24.12 43.46
CA ASP O 570 -37.85 24.00 44.58
C ASP O 570 -38.23 22.55 44.83
N TYR O 571 -38.45 21.79 43.75
CA TYR O 571 -38.72 20.37 43.88
C TYR O 571 -37.55 19.64 44.54
N ALA O 572 -36.33 19.99 44.13
CA ALA O 572 -35.15 19.37 44.74
C ALA O 572 -35.04 19.73 46.22
N ASN O 573 -35.34 20.99 46.56
CA ASN O 573 -35.36 21.40 47.96
C ASN O 573 -36.32 20.53 48.77
N LYS O 574 -37.56 20.41 48.29
CA LYS O 574 -38.56 19.62 49.00
C LYS O 574 -38.12 18.17 49.13
N GLN O 575 -37.56 17.60 48.06
CA GLN O 575 -37.14 16.20 48.10
C GLN O 575 -36.01 15.99 49.09
N LEU O 576 -34.98 16.84 49.06
CA LEU O 576 -33.88 16.69 50.00
C LEU O 576 -34.35 16.84 51.44
N ILE O 577 -35.30 17.75 51.66
CA ILE O 577 -35.77 18.03 53.01
C ILE O 577 -36.62 16.88 53.54
N GLN O 578 -37.49 16.33 52.71
CA GLN O 578 -38.40 15.26 53.11
C GLN O 578 -37.67 13.96 53.42
N MET O 579 -36.45 13.79 52.96
CA MET O 579 -35.63 12.62 53.24
C MET O 579 -34.78 12.79 54.49
N GLY O 580 -34.93 13.90 55.21
CA GLY O 580 -34.18 14.10 56.44
C GLY O 580 -32.72 14.39 56.25
N VAL O 581 -32.28 14.70 55.04
CA VAL O 581 -30.88 14.93 54.76
C VAL O 581 -30.51 16.40 54.90
N LYS O 582 -31.35 17.30 54.40
CA LYS O 582 -31.21 18.72 54.63
C LYS O 582 -31.86 19.09 55.96
N LYS O 583 -31.17 19.92 56.74
CA LYS O 583 -31.77 20.47 57.95
C LYS O 583 -32.66 21.64 57.59
N PRO O 584 -33.96 21.59 57.89
CA PRO O 584 -34.83 22.72 57.55
C PRO O 584 -34.42 23.98 58.30
N GLU O 585 -34.54 25.12 57.62
CA GLU O 585 -34.25 26.42 58.21
C GLU O 585 -35.49 27.28 58.35
N THR O 586 -36.21 27.50 57.25
CA THR O 586 -37.43 28.25 56.98
C THR O 586 -38.65 27.40 57.35
N PRO O 587 -39.66 27.99 58.01
CA PRO O 587 -40.78 27.17 58.52
C PRO O 587 -41.54 26.42 57.44
N GLU O 588 -41.53 26.89 56.19
CA GLU O 588 -42.08 26.08 55.10
C GLU O 588 -41.37 24.72 55.04
N GLU O 589 -40.04 24.74 55.15
CA GLU O 589 -39.28 23.50 55.19
C GLU O 589 -39.60 22.70 56.44
N GLN O 590 -39.89 23.39 57.56
CA GLN O 590 -40.26 22.71 58.79
C GLN O 590 -41.53 21.89 58.61
N GLN O 591 -42.59 22.50 58.07
CA GLN O 591 -43.79 21.71 57.87
C GLN O 591 -43.66 20.74 56.71
N TRP O 592 -42.74 20.97 55.76
CA TRP O 592 -42.45 19.95 54.76
C TRP O 592 -41.93 18.68 55.43
N LEU O 593 -40.97 18.84 56.35
CA LEU O 593 -40.47 17.70 57.10
C LEU O 593 -41.56 17.10 57.98
N VAL O 594 -42.45 17.93 58.51
CA VAL O 594 -43.55 17.44 59.33
C VAL O 594 -44.45 16.52 58.51
N GLU O 595 -44.82 16.95 57.30
CA GLU O 595 -45.65 16.12 56.43
C GLU O 595 -44.91 14.86 56.01
N ALA O 596 -43.60 14.96 55.77
CA ALA O 596 -42.83 13.76 55.42
C ALA O 596 -42.85 12.75 56.56
N GLN O 597 -42.69 13.22 57.80
CA GLN O 597 -42.74 12.32 58.96
C GLN O 597 -44.12 11.72 59.13
N GLN O 598 -45.17 12.52 58.90
CA GLN O 598 -46.53 11.99 58.99
C GLN O 598 -46.76 10.90 57.95
N ALA O 599 -46.29 11.11 56.72
CA ALA O 599 -46.41 10.08 55.70
C ALA O 599 -45.62 8.84 56.07
N LYS O 600 -44.42 9.03 56.64
CA LYS O 600 -43.61 7.88 57.07
C LYS O 600 -44.32 7.07 58.14
N GLN O 601 -44.96 7.74 59.11
CA GLN O 601 -45.65 7.03 60.16
C GLN O 601 -46.90 6.31 59.66
N GLY O 602 -47.37 6.63 58.46
CA GLY O 602 -48.57 6.02 57.94
C GLY O 602 -48.33 5.06 56.79
N GLN O 603 -47.25 4.30 56.86
CA GLN O 603 -46.92 3.30 55.85
C GLN O 603 -47.03 1.90 56.45
N GLN O 604 -47.56 0.97 55.67
CA GLN O 604 -47.67 -0.42 56.08
C GLN O 604 -47.77 -1.29 54.83
N ASP O 605 -47.02 -2.41 54.84
CA ASP O 605 -46.95 -3.28 53.68
C ASP O 605 -47.86 -4.48 53.85
N PRO O 606 -48.50 -4.94 52.76
CA PRO O 606 -49.51 -6.01 52.90
C PRO O 606 -48.98 -7.30 53.48
N ALA O 607 -47.73 -7.67 53.17
CA ALA O 607 -47.19 -8.93 53.67
C ALA O 607 -47.07 -8.91 55.19
N MET O 608 -46.57 -7.81 55.75
CA MET O 608 -46.51 -7.67 57.21
C MET O 608 -47.89 -7.76 57.84
N VAL O 609 -48.87 -7.11 57.22
CA VAL O 609 -50.23 -7.12 57.76
C VAL O 609 -50.78 -8.55 57.77
N GLN O 610 -50.67 -9.26 56.64
CA GLN O 610 -51.17 -10.62 56.58
C GLN O 610 -50.46 -11.53 57.57
N ALA O 611 -49.15 -11.34 57.74
CA ALA O 611 -48.41 -12.12 58.72
C ALA O 611 -48.91 -11.86 60.13
N GLN O 612 -49.18 -10.59 60.46
CA GLN O 612 -49.74 -10.27 61.77
C GLN O 612 -51.10 -10.94 61.94
N GLY O 613 -51.91 -10.95 60.89
CA GLY O 613 -53.22 -11.58 60.98
C GLY O 613 -53.12 -13.07 61.25
N VAL O 614 -52.22 -13.75 60.55
CA VAL O 614 -52.02 -15.19 60.77
C VAL O 614 -51.54 -15.45 62.19
N LEU O 615 -50.57 -14.64 62.65
CA LEU O 615 -50.04 -14.81 64.01
C LEU O 615 -51.13 -14.60 65.05
N LEU O 616 -51.98 -13.60 64.85
CA LEU O 616 -53.01 -13.32 65.84
C LEU O 616 -54.13 -14.36 65.80
N GLN O 617 -54.42 -14.92 64.62
CA GLN O 617 -55.32 -16.07 64.55
C GLN O 617 -54.76 -17.23 65.36
N GLY O 618 -53.46 -17.50 65.23
CA GLY O 618 -52.84 -18.55 66.02
C GLY O 618 -52.90 -18.27 67.50
N GLN O 619 -52.70 -17.00 67.90
CA GLN O 619 -52.80 -16.63 69.31
C GLN O 619 -54.19 -16.91 69.83
N ALA O 620 -55.21 -16.52 69.07
CA ALA O 620 -56.59 -16.75 69.50
C ALA O 620 -56.91 -18.24 69.57
N GLU O 621 -56.35 -19.04 68.67
CA GLU O 621 -56.63 -20.47 68.73
C GLU O 621 -55.86 -21.13 69.88
N LEU O 622 -54.71 -20.57 70.27
CA LEU O 622 -54.09 -20.96 71.54
C LEU O 622 -55.00 -20.65 72.72
N ALA O 623 -55.61 -19.46 72.71
CA ALA O 623 -56.57 -19.13 73.76
C ALA O 623 -57.72 -20.12 73.78
N LYS O 624 -58.22 -20.50 72.61
CA LYS O 624 -59.30 -21.48 72.53
C LYS O 624 -58.88 -22.83 73.10
N ALA O 625 -57.65 -23.25 72.81
CA ALA O 625 -57.15 -24.51 73.37
C ALA O 625 -57.09 -24.44 74.89
N GLN O 626 -56.61 -23.32 75.45
CA GLN O 626 -56.57 -23.18 76.90
C GLN O 626 -57.97 -23.21 77.51
N ASN O 627 -58.93 -22.55 76.85
CA ASN O 627 -60.31 -22.61 77.33
C ASN O 627 -60.85 -24.03 77.27
N GLN O 628 -60.44 -24.79 76.25
CA GLN O 628 -60.84 -26.19 76.18
C GLN O 628 -60.28 -26.97 77.37
N THR O 629 -59.02 -26.73 77.73
CA THR O 629 -58.46 -27.34 78.93
C THR O 629 -59.32 -27.03 80.16
N LEU O 630 -59.61 -25.73 80.35
CA LEU O 630 -60.36 -25.32 81.53
C LEU O 630 -61.76 -25.93 81.56
N SER O 631 -62.45 -25.91 80.42
CA SER O 631 -63.81 -26.46 80.35
C SER O 631 -63.81 -27.97 80.60
N LEU O 632 -62.83 -28.68 80.05
CA LEU O 632 -62.77 -30.11 80.28
C LEU O 632 -62.48 -30.43 81.74
N GLN O 633 -61.61 -29.65 82.38
CA GLN O 633 -61.36 -29.86 83.81
C GLN O 633 -62.61 -29.59 84.64
N ILE O 634 -63.35 -28.53 84.29
CA ILE O 634 -64.56 -28.21 85.05
C ILE O 634 -65.64 -29.26 84.85
N ASP O 635 -65.80 -29.74 83.61
CA ASP O 635 -66.73 -30.83 83.35
C ASP O 635 -66.31 -32.10 84.08
N ALA O 636 -65.00 -32.34 84.21
CA ALA O 636 -64.52 -33.46 85.01
C ALA O 636 -64.93 -33.31 86.47
N ALA O 637 -64.78 -32.10 87.01
CA ALA O 637 -65.19 -31.85 88.39
C ALA O 637 -66.68 -32.11 88.57
N LYS O 638 -67.49 -31.64 87.60
CA LYS O 638 -68.92 -31.95 87.62
C LYS O 638 -69.16 -33.45 87.57
N VAL O 639 -68.37 -34.16 86.78
CA VAL O 639 -68.53 -35.60 86.63
C VAL O 639 -68.28 -36.31 87.97
N GLU O 640 -67.18 -35.95 88.64
CA GLU O 640 -66.91 -36.60 89.93
C GLU O 640 -67.95 -36.21 90.98
N ALA O 641 -68.42 -34.96 90.94
CA ALA O 641 -69.47 -34.56 91.88
C ALA O 641 -70.74 -35.37 91.65
N GLN O 642 -71.14 -35.55 90.39
CA GLN O 642 -72.34 -36.33 90.09
C GLN O 642 -72.15 -37.79 90.48
N ASN O 643 -70.96 -38.34 90.24
CA ASN O 643 -70.70 -39.73 90.61
C ASN O 643 -70.76 -39.91 92.13
N GLN O 644 -70.20 -38.97 92.89
CA GLN O 644 -70.27 -39.04 94.34
C GLN O 644 -71.72 -38.93 94.82
N LEU O 645 -72.50 -38.04 94.21
CA LEU O 645 -73.91 -37.92 94.59
C LEU O 645 -74.67 -39.20 94.30
N ASN O 646 -74.43 -39.81 93.14
CA ASN O 646 -75.11 -41.05 92.79
C ASN O 646 -74.67 -42.20 93.70
N ALA O 647 -73.38 -42.27 94.00
CA ALA O 647 -72.86 -43.35 94.85
C ALA O 647 -73.17 -43.08 96.31
N MET P 1 22.15 63.64 -57.56
CA MET P 1 23.32 62.85 -57.95
C MET P 1 23.76 63.21 -59.37
N GLN P 2 25.06 63.07 -59.63
CA GLN P 2 25.59 63.34 -60.96
C GLN P 2 25.49 62.14 -61.89
N ILE P 3 25.18 60.96 -61.36
CA ILE P 3 25.01 59.75 -62.15
C ILE P 3 23.51 59.64 -62.47
N LYS P 4 23.11 60.19 -63.61
CA LYS P 4 21.71 60.31 -63.95
C LYS P 4 21.29 59.50 -65.17
N THR P 5 22.22 58.83 -65.85
CA THR P 5 21.91 58.07 -67.06
C THR P 5 22.56 56.70 -66.98
N LYS P 6 22.13 55.81 -67.88
CA LYS P 6 22.73 54.48 -67.96
C LYS P 6 24.20 54.56 -68.33
N GLY P 7 24.53 55.45 -69.28
CA GLY P 7 25.92 55.62 -69.65
C GLY P 7 26.78 56.13 -68.51
N ASP P 8 26.20 56.94 -67.63
CA ASP P 8 26.94 57.36 -66.43
C ASP P 8 27.30 56.16 -65.56
N LEU P 9 26.35 55.23 -65.41
CA LEU P 9 26.64 54.00 -64.66
C LEU P 9 27.73 53.18 -65.35
N VAL P 10 27.67 53.10 -66.69
CA VAL P 10 28.69 52.35 -67.42
C VAL P 10 30.06 52.97 -67.24
N ARG P 11 30.15 54.30 -67.33
CA ARG P 11 31.42 54.97 -67.12
C ARG P 11 31.93 54.80 -65.70
N ALA P 12 31.02 54.82 -64.72
CA ALA P 12 31.43 54.58 -63.34
C ALA P 12 31.99 53.19 -63.16
N ALA P 13 31.34 52.18 -63.77
CA ALA P 13 31.85 50.82 -63.69
C ALA P 13 33.22 50.69 -64.36
N LEU P 14 33.38 51.31 -65.53
CA LEU P 14 34.67 51.24 -66.23
C LEU P 14 35.76 51.94 -65.43
N ARG P 15 35.43 53.06 -64.79
CA ARG P 15 36.39 53.72 -63.91
C ARG P 15 36.74 52.85 -62.71
N LYS P 16 35.76 52.15 -62.15
CA LYS P 16 36.03 51.24 -61.05
C LYS P 16 36.98 50.13 -61.47
N LEU P 17 36.79 49.57 -62.67
CA LEU P 17 37.67 48.53 -63.15
C LEU P 17 39.02 49.05 -63.60
N GLY P 18 39.18 50.37 -63.72
CA GLY P 18 40.42 50.93 -64.24
C GLY P 18 40.57 50.80 -65.74
N VAL P 19 39.53 50.35 -66.44
CA VAL P 19 39.61 50.19 -67.89
C VAL P 19 39.68 51.55 -68.58
N ALA P 20 38.80 52.47 -68.19
CA ALA P 20 38.75 53.79 -68.81
C ALA P 20 38.19 54.79 -67.82
N SER P 21 38.50 56.06 -68.04
CA SER P 21 38.03 57.14 -67.20
C SER P 21 38.16 58.44 -67.97
N ASP P 22 37.60 59.50 -67.41
CA ASP P 22 37.76 60.82 -68.01
C ASP P 22 39.17 61.38 -67.83
N ALA P 23 40.01 60.74 -67.01
CA ALA P 23 41.38 61.16 -66.80
C ALA P 23 42.38 60.41 -67.69
N THR P 24 42.05 59.20 -68.12
CA THR P 24 42.97 58.41 -68.92
C THR P 24 43.12 59.01 -70.32
N LEU P 25 44.14 58.53 -71.05
CA LEU P 25 44.41 59.02 -72.38
C LEU P 25 43.76 58.20 -73.48
N THR P 26 43.32 56.97 -73.18
CA THR P 26 42.65 56.12 -74.15
C THR P 26 41.33 55.65 -73.56
N ASP P 27 40.22 56.01 -74.20
CA ASP P 27 38.90 55.57 -73.79
C ASP P 27 38.42 54.44 -74.68
N VAL P 28 37.44 53.69 -74.19
CA VAL P 28 36.93 52.55 -74.94
C VAL P 28 36.10 53.03 -76.13
N GLU P 29 35.99 52.15 -77.13
CA GLU P 29 35.17 52.43 -78.29
C GLU P 29 33.70 52.55 -77.87
N PRO P 30 32.92 53.39 -78.55
CA PRO P 30 31.49 53.46 -78.22
C PRO P 30 30.77 52.12 -78.33
N GLN P 31 31.28 51.21 -79.15
CA GLN P 31 30.70 49.87 -79.19
C GLN P 31 30.88 49.14 -77.86
N SER P 32 32.02 49.35 -77.20
CA SER P 32 32.21 48.78 -75.87
C SER P 32 31.19 49.35 -74.89
N MET P 33 30.91 50.65 -74.97
CA MET P 33 29.89 51.25 -74.12
C MET P 33 28.51 50.66 -74.41
N GLN P 34 28.20 50.44 -75.69
CA GLN P 34 26.92 49.82 -76.03
C GLN P 34 26.82 48.41 -75.48
N ASP P 35 27.91 47.64 -75.56
CA ASP P 35 27.92 46.30 -75.00
C ASP P 35 27.73 46.33 -73.49
N ALA P 36 28.37 47.29 -72.82
CA ALA P 36 28.20 47.43 -71.37
C ALA P 36 26.76 47.80 -71.02
N VAL P 37 26.14 48.67 -71.83
CA VAL P 37 24.75 49.04 -71.59
C VAL P 37 23.84 47.82 -71.78
N ASP P 38 24.13 47.00 -72.79
CA ASP P 38 23.36 45.78 -72.99
C ASP P 38 23.50 44.84 -71.80
N ASP P 39 24.72 44.71 -71.27
CA ASP P 39 24.94 43.87 -70.10
C ASP P 39 24.19 44.42 -68.90
N LEU P 40 24.18 45.74 -68.72
CA LEU P 40 23.44 46.35 -67.62
C LEU P 40 21.95 46.08 -67.75
N GLU P 41 21.41 46.22 -68.96
CA GLU P 41 19.99 45.94 -69.17
C GLU P 41 19.66 44.48 -68.88
N ALA P 42 20.51 43.56 -69.33
CA ALA P 42 20.28 42.14 -69.04
C ALA P 42 20.34 41.85 -67.55
N MET P 43 21.30 42.46 -66.85
CA MET P 43 21.41 42.25 -65.41
C MET P 43 20.20 42.80 -64.67
N MET P 44 19.72 43.97 -65.08
CA MET P 44 18.53 44.55 -64.45
C MET P 44 17.30 43.70 -64.72
N ALA P 45 17.17 43.18 -65.94
CA ALA P 45 16.06 42.27 -66.22
C ALA P 45 16.14 41.01 -65.36
N GLU P 46 17.34 40.49 -65.17
CA GLU P 46 17.51 39.30 -64.34
C GLU P 46 17.16 39.58 -62.88
N TRP P 47 17.61 40.73 -62.35
CA TRP P 47 17.28 41.08 -60.97
C TRP P 47 15.78 41.30 -60.81
N TYR P 48 15.19 42.11 -61.67
CA TYR P 48 13.76 42.41 -61.65
C TYR P 48 13.04 41.31 -62.40
N GLN P 49 12.70 40.24 -61.69
CA GLN P 49 12.07 39.07 -62.30
C GLN P 49 10.59 39.34 -62.58
N ASP P 50 10.35 40.30 -63.48
CA ASP P 50 9.00 40.72 -63.85
C ASP P 50 8.19 41.15 -62.62
N GLY P 51 8.85 41.84 -61.69
CA GLY P 51 8.19 42.34 -60.51
C GLY P 51 8.31 41.47 -59.28
N LYS P 52 8.80 40.24 -59.41
CA LYS P 52 8.94 39.34 -58.28
C LYS P 52 10.37 39.26 -57.77
N GLY P 53 11.25 40.16 -58.20
CA GLY P 53 12.63 40.15 -57.77
C GLY P 53 13.02 41.37 -56.95
N ILE P 54 14.07 42.06 -57.37
CA ILE P 54 14.57 43.23 -56.67
C ILE P 54 13.95 44.47 -57.30
N ILE P 55 13.21 45.24 -56.51
CA ILE P 55 12.58 46.47 -56.98
C ILE P 55 13.55 47.62 -56.76
N THR P 56 13.85 48.36 -57.83
CA THR P 56 14.82 49.45 -57.77
C THR P 56 14.36 50.72 -58.46
N GLY P 57 13.25 50.70 -59.20
CA GLY P 57 12.85 51.86 -59.97
C GLY P 57 13.53 52.00 -61.30
N TYR P 58 14.35 51.01 -61.70
CA TYR P 58 15.03 51.07 -62.99
C TYR P 58 14.01 51.09 -64.12
N VAL P 59 14.27 51.94 -65.11
CA VAL P 59 13.38 52.10 -66.25
C VAL P 59 14.01 51.42 -67.45
N PHE P 60 13.29 50.45 -68.02
CA PHE P 60 13.80 49.71 -69.16
C PHE P 60 13.50 50.45 -70.46
N SER P 61 14.55 50.71 -71.24
CA SER P 61 14.38 51.42 -72.50
C SER P 61 13.66 50.55 -73.52
N ASP P 62 13.00 51.21 -74.46
CA ASP P 62 12.28 50.53 -75.53
C ASP P 62 13.12 50.48 -76.82
N ASP P 63 12.66 49.65 -77.75
CA ASP P 63 13.37 49.53 -79.02
C ASP P 63 13.10 50.74 -79.93
N GLU P 64 11.97 51.41 -79.74
CA GLU P 64 11.63 52.55 -80.59
C GLU P 64 12.64 53.69 -80.42
N ASN P 65 13.03 53.97 -79.19
CA ASN P 65 14.03 55.01 -78.96
C ASN P 65 15.40 54.50 -79.35
N PRO P 66 16.09 55.13 -80.29
CA PRO P 66 17.34 54.57 -80.82
C PRO P 66 18.42 54.44 -79.77
N PRO P 67 18.83 55.53 -79.06
CA PRO P 67 20.00 55.41 -78.18
C PRO P 67 19.60 54.87 -76.82
N ALA P 68 20.06 53.65 -76.51
CA ALA P 68 19.85 53.11 -75.17
C ALA P 68 20.62 53.90 -74.14
N GLU P 69 21.84 54.31 -74.46
CA GLU P 69 22.58 55.25 -73.63
C GLU P 69 22.01 56.65 -73.83
N GLY P 70 21.76 57.34 -72.72
CA GLY P 70 21.20 58.67 -72.72
C GLY P 70 19.91 58.81 -71.95
N ASP P 71 19.19 57.71 -71.72
CA ASP P 71 17.97 57.73 -70.94
C ASP P 71 18.29 57.57 -69.46
N ASP P 72 17.55 58.29 -68.62
CA ASP P 72 17.74 58.19 -67.18
C ASP P 72 17.39 56.79 -66.71
N HIS P 73 18.23 56.25 -65.82
CA HIS P 73 17.97 54.91 -65.30
C HIS P 73 16.75 54.88 -64.40
N GLY P 74 16.43 55.99 -63.73
CA GLY P 74 15.32 56.03 -62.81
C GLY P 74 15.59 55.50 -61.43
N LEU P 75 16.84 55.12 -61.14
CA LEU P 75 17.17 54.59 -59.83
C LEU P 75 17.13 55.71 -58.78
N ARG P 76 16.93 55.29 -57.53
CA ARG P 76 17.01 56.23 -56.42
C ARG P 76 18.48 56.52 -56.09
N SER P 77 18.69 57.52 -55.24
CA SER P 77 20.05 57.92 -54.89
C SER P 77 20.79 56.79 -54.18
N SER P 78 20.10 56.08 -53.28
CA SER P 78 20.73 55.01 -52.51
C SER P 78 21.00 53.77 -53.35
N ALA P 79 20.34 53.62 -54.49
CA ALA P 79 20.47 52.41 -55.29
C ALA P 79 21.57 52.49 -56.33
N VAL P 80 22.06 53.69 -56.64
CA VAL P 80 22.96 53.85 -57.78
C VAL P 80 24.27 53.09 -57.54
N SER P 81 24.92 53.34 -56.42
CA SER P 81 26.28 52.84 -56.18
C SER P 81 26.35 51.34 -56.43
N ALA P 82 25.63 50.56 -55.62
CA ALA P 82 25.54 49.12 -55.78
C ALA P 82 25.49 48.73 -57.25
N VAL P 83 24.54 49.34 -57.97
CA VAL P 83 24.31 48.99 -59.37
C VAL P 83 25.63 48.97 -60.12
N PHE P 84 26.31 50.12 -60.19
CA PHE P 84 27.48 50.16 -61.06
C PHE P 84 28.58 49.26 -60.52
N HIS P 85 28.67 49.10 -59.20
CA HIS P 85 29.63 48.15 -58.65
C HIS P 85 29.37 46.76 -59.21
N ASN P 86 28.12 46.30 -59.10
CA ASN P 86 27.77 45.01 -59.68
C ASN P 86 28.09 44.99 -61.17
N LEU P 87 27.81 46.10 -61.86
CA LEU P 87 28.08 46.18 -63.29
C LEU P 87 29.54 45.90 -63.58
N ALA P 88 30.44 46.46 -62.75
CA ALA P 88 31.86 46.20 -62.94
C ALA P 88 32.12 44.70 -62.89
N CYS P 89 31.61 44.03 -61.86
CA CYS P 89 31.85 42.60 -61.70
C CYS P 89 31.29 41.81 -62.88
N ARG P 90 30.33 42.38 -63.61
CA ARG P 90 29.76 41.65 -64.74
C ARG P 90 30.45 41.96 -66.06
N ILE P 91 31.25 43.01 -66.13
CA ILE P 91 31.91 43.39 -67.38
C ILE P 91 33.42 43.23 -67.31
N ALA P 92 33.96 42.89 -66.15
CA ALA P 92 35.38 42.58 -66.06
C ALA P 92 35.81 41.43 -66.96
N PRO P 93 35.07 40.31 -67.08
CA PRO P 93 35.54 39.23 -67.96
C PRO P 93 35.66 39.63 -69.43
N ASP P 94 34.96 40.69 -69.86
CA ASP P 94 35.06 41.11 -71.25
C ASP P 94 36.49 41.55 -71.59
N TYR P 95 37.16 42.24 -70.68
CA TYR P 95 38.50 42.74 -70.90
C TYR P 95 39.57 41.84 -70.27
N ALA P 96 39.25 40.56 -70.09
CA ALA P 96 40.20 39.59 -69.53
C ALA P 96 40.72 40.03 -68.17
N LEU P 97 39.85 40.62 -67.37
CA LEU P 97 40.20 41.10 -66.04
C LEU P 97 39.39 40.36 -64.98
N GLU P 98 39.60 40.77 -63.73
CA GLU P 98 38.85 40.23 -62.60
C GLU P 98 38.75 41.32 -61.55
N ALA P 99 37.53 41.67 -61.17
CA ALA P 99 37.34 42.75 -60.22
C ALA P 99 38.01 42.42 -58.90
N THR P 100 38.63 43.43 -58.29
CA THR P 100 39.35 43.23 -57.04
C THR P 100 38.37 42.87 -55.92
N ALA P 101 38.94 42.47 -54.78
CA ALA P 101 38.12 41.99 -53.67
C ALA P 101 37.20 43.07 -53.14
N LYS P 102 37.68 44.32 -53.11
CA LYS P 102 36.87 45.42 -52.59
C LYS P 102 35.61 45.62 -53.44
N ILE P 103 35.75 45.53 -54.76
CA ILE P 103 34.60 45.70 -55.64
C ILE P 103 33.56 44.61 -55.40
N ILE P 104 34.01 43.37 -55.25
CA ILE P 104 33.08 42.27 -55.02
C ILE P 104 32.38 42.43 -53.67
N ALA P 105 33.12 42.82 -52.64
CA ALA P 105 32.52 43.03 -51.33
C ALA P 105 31.49 44.15 -51.37
N THR P 106 31.82 45.25 -52.05
CA THR P 106 30.87 46.36 -52.17
C THR P 106 29.65 45.95 -52.98
N ALA P 107 29.82 45.12 -54.00
CA ALA P 107 28.68 44.64 -54.77
C ALA P 107 27.76 43.79 -53.92
N LYS P 108 28.32 42.88 -53.13
CA LYS P 108 27.50 42.06 -52.23
C LYS P 108 26.74 42.93 -51.24
N TYR P 109 27.44 43.87 -50.60
CA TYR P 109 26.81 44.74 -49.62
C TYR P 109 25.71 45.57 -50.26
N GLY P 110 25.97 46.10 -51.46
CA GLY P 110 24.97 46.92 -52.12
C GLY P 110 23.73 46.13 -52.53
N LYS P 111 23.91 44.91 -53.02
CA LYS P 111 22.76 44.09 -53.37
C LYS P 111 21.93 43.74 -52.13
N GLU P 112 22.61 43.42 -51.03
CA GLU P 112 21.89 43.14 -49.79
C GLU P 112 21.08 44.35 -49.32
N LEU P 113 21.71 45.53 -49.35
CA LEU P 113 20.99 46.74 -48.95
C LEU P 113 19.87 47.07 -49.92
N LEU P 114 20.04 46.73 -51.21
CA LEU P 114 18.98 46.96 -52.18
C LEU P 114 17.76 46.11 -51.86
N TYR P 115 17.96 44.86 -51.49
CA TYR P 115 16.82 43.99 -51.20
C TYR P 115 16.32 44.08 -49.77
N LYS P 116 17.00 44.81 -48.89
CA LYS P 116 16.60 44.85 -47.49
C LYS P 116 15.17 45.36 -47.31
N GLN P 117 14.85 46.50 -47.92
CA GLN P 117 13.52 47.09 -47.70
C GLN P 117 12.42 46.24 -48.30
N THR P 118 12.65 45.66 -49.48
CA THR P 118 11.67 44.78 -50.07
C THR P 118 11.47 43.52 -49.23
N ALA P 119 12.56 43.01 -48.64
CA ALA P 119 12.44 41.85 -47.75
C ALA P 119 11.63 42.20 -46.51
N ILE P 120 11.84 43.39 -45.95
CA ILE P 120 11.04 43.82 -44.82
C ILE P 120 9.57 43.92 -45.21
N SER P 121 9.29 44.49 -46.38
CA SER P 121 7.91 44.65 -46.82
C SER P 121 7.24 43.32 -47.15
N ARG P 122 8.00 42.29 -47.50
CA ARG P 122 7.44 41.01 -47.90
C ARG P 122 7.31 40.04 -46.73
N ALA P 123 7.71 40.43 -45.52
CA ALA P 123 7.59 39.57 -44.35
C ALA P 123 6.20 39.78 -43.75
N LYS P 124 5.21 39.22 -44.44
CA LYS P 124 3.81 39.35 -44.05
C LYS P 124 3.32 38.03 -43.47
N ARG P 125 2.63 38.10 -42.33
CA ARG P 125 2.07 36.91 -41.71
C ARG P 125 0.75 36.53 -42.38
N ALA P 126 0.56 35.25 -42.60
CA ALA P 126 -0.65 34.77 -43.25
C ALA P 126 -1.86 34.96 -42.33
N PRO P 127 -3.04 35.14 -42.89
CA PRO P 127 -4.25 35.29 -42.07
C PRO P 127 -4.57 34.01 -41.32
N TYR P 128 -5.55 34.10 -40.43
CA TYR P 128 -5.98 32.95 -39.66
C TYR P 128 -6.57 31.89 -40.59
N PRO P 129 -6.39 30.61 -40.26
CA PRO P 129 -6.99 29.54 -41.07
C PRO P 129 -8.50 29.58 -41.01
N SER P 130 -9.12 29.02 -42.04
CA SER P 130 -10.58 29.01 -42.13
C SER P 130 -11.24 28.16 -41.07
N ARG P 131 -10.48 27.29 -40.39
CA ARG P 131 -11.02 26.40 -39.37
C ARG P 131 -10.76 26.89 -37.95
N MET P 132 -10.33 28.14 -37.79
CA MET P 132 -9.98 28.66 -36.47
C MET P 132 -11.12 29.52 -35.94
N PRO P 133 -11.66 29.23 -34.76
CA PRO P 133 -12.74 30.05 -34.22
C PRO P 133 -12.25 31.43 -33.82
N THR P 134 -13.17 32.39 -33.83
CA THR P 134 -12.84 33.74 -33.38
C THR P 134 -12.79 33.84 -31.86
N GLY P 135 -13.63 33.07 -31.17
CA GLY P 135 -13.69 33.12 -29.72
C GLY P 135 -14.83 33.99 -29.23
N SER P 136 -15.28 33.71 -28.00
CA SER P 136 -16.38 34.47 -27.42
C SER P 136 -15.94 35.85 -26.94
N GLY P 137 -14.64 36.07 -26.77
CA GLY P 137 -14.16 37.40 -26.40
C GLY P 137 -14.48 38.44 -27.46
N ASN P 138 -14.44 38.04 -28.73
CA ASN P 138 -14.83 38.92 -29.83
C ASN P 138 -16.36 38.98 -29.87
N SER P 139 -16.90 39.89 -29.05
CA SER P 139 -18.36 40.00 -28.94
C SER P 139 -18.98 40.48 -30.25
N PHE P 140 -18.34 41.44 -30.92
CA PHE P 140 -18.89 41.96 -32.16
C PHE P 140 -18.97 40.87 -33.23
N ALA P 141 -17.91 40.07 -33.36
CA ALA P 141 -17.91 39.00 -34.36
C ALA P 141 -18.91 37.91 -33.99
N ASN P 142 -19.00 37.57 -32.70
CA ASN P 142 -19.90 36.49 -32.28
C ASN P 142 -21.36 36.88 -32.45
N LEU P 143 -21.70 38.14 -32.18
CA LEU P 143 -23.08 38.58 -32.33
C LEU P 143 -23.52 38.58 -33.79
N ASN P 144 -22.59 38.83 -34.72
CA ASN P 144 -22.88 38.81 -36.14
C ASN P 144 -22.62 37.46 -36.79
N GLU P 145 -22.68 36.37 -36.02
CA GLU P 145 -22.56 35.00 -36.50
C GLU P 145 -21.21 34.72 -37.16
N TRP P 146 -20.18 35.49 -36.82
CA TRP P 146 -18.83 35.25 -37.32
C TRP P 146 -18.06 34.41 -36.30
N HIS P 147 -18.47 33.15 -36.19
CA HIS P 147 -17.85 32.24 -35.24
C HIS P 147 -16.48 31.74 -35.68
N TYR P 148 -16.21 31.73 -37.00
CA TYR P 148 -14.95 31.22 -37.52
C TYR P 148 -14.30 32.25 -38.42
N PHE P 149 -12.97 32.21 -38.47
CA PHE P 149 -12.22 33.11 -39.32
C PHE P 149 -12.44 32.78 -40.79
N PRO P 150 -12.43 33.78 -41.67
CA PRO P 150 -12.68 33.51 -43.10
C PRO P 150 -11.56 32.71 -43.76
N GLY P 151 -10.32 33.15 -43.57
CA GLY P 151 -9.19 32.45 -44.15
C GLY P 151 -8.70 33.06 -45.45
N GLU P 152 -8.09 32.24 -46.30
CA GLU P 152 -7.55 32.67 -47.58
C GLU P 152 -6.57 33.83 -47.43
N GLU Q 5 57.74 -19.73 56.74
CA GLU Q 5 57.40 -19.69 58.16
C GLU Q 5 56.80 -18.33 58.54
N ASN Q 6 57.33 -17.27 57.94
CA ASN Q 6 56.85 -15.92 58.21
C ASN Q 6 55.41 -15.78 57.71
N ARG Q 7 54.55 -15.23 58.57
CA ARG Q 7 53.15 -15.04 58.19
C ARG Q 7 53.02 -14.02 57.07
N LEU Q 8 53.75 -12.91 57.17
CA LEU Q 8 53.73 -11.90 56.12
C LEU Q 8 54.24 -12.48 54.80
N GLU Q 9 55.27 -13.32 54.85
CA GLU Q 9 55.80 -13.89 53.62
C GLU Q 9 54.76 -14.80 52.95
N SER Q 10 54.06 -15.63 53.74
CA SER Q 10 53.04 -16.49 53.16
C SER Q 10 51.88 -15.69 52.59
N ILE Q 11 51.42 -14.67 53.33
CA ILE Q 11 50.33 -13.84 52.84
C ILE Q 11 50.72 -13.14 51.55
N LEU Q 12 51.93 -12.59 51.50
CA LEU Q 12 52.39 -11.90 50.30
C LEU Q 12 52.58 -12.86 49.14
N SER Q 13 53.04 -14.09 49.41
CA SER Q 13 53.18 -15.07 48.33
C SER Q 13 51.83 -15.41 47.72
N ARG Q 14 50.83 -15.65 48.58
CA ARG Q 14 49.49 -15.93 48.08
C ARG Q 14 48.94 -14.75 47.29
N PHE Q 15 49.11 -13.53 47.82
CA PHE Q 15 48.60 -12.35 47.14
C PHE Q 15 49.29 -12.14 45.79
N ASP Q 16 50.62 -12.34 45.75
CA ASP Q 16 51.35 -12.16 44.50
C ASP Q 16 50.94 -13.18 43.46
N ALA Q 17 50.76 -14.44 43.88
CA ALA Q 17 50.29 -15.45 42.93
C ALA Q 17 48.93 -15.09 42.37
N ASP Q 18 48.00 -14.67 43.24
CA ASP Q 18 46.68 -14.30 42.77
C ASP Q 18 46.71 -13.06 41.89
N TRP Q 19 47.54 -12.08 42.24
CA TRP Q 19 47.64 -10.85 41.46
C TRP Q 19 48.21 -11.11 40.08
N THR Q 20 49.24 -11.95 39.98
CA THR Q 20 49.85 -12.24 38.70
C THR Q 20 48.97 -13.17 37.87
N ALA Q 21 48.13 -13.98 38.52
CA ALA Q 21 47.28 -14.90 37.78
C ALA Q 21 46.23 -14.16 36.96
N SER Q 22 45.68 -13.07 37.48
CA SER Q 22 44.56 -12.36 36.87
C SER Q 22 44.96 -10.99 36.34
N ASP Q 23 46.16 -10.88 35.77
CA ASP Q 23 46.64 -9.59 35.29
C ASP Q 23 45.91 -9.14 34.03
N GLU Q 24 45.74 -10.04 33.07
CA GLU Q 24 45.17 -9.67 31.78
C GLU Q 24 43.71 -9.28 31.92
N ALA Q 25 42.93 -10.07 32.67
CA ALA Q 25 41.52 -9.75 32.86
C ALA Q 25 41.35 -8.42 33.58
N ARG Q 26 42.16 -8.18 34.61
CA ARG Q 26 42.09 -6.90 35.34
C ARG Q 26 42.43 -5.74 34.43
N ARG Q 27 43.47 -5.89 33.59
CA ARG Q 27 43.84 -4.82 32.67
C ARG Q 27 42.71 -4.53 31.68
N GLU Q 28 42.12 -5.58 31.12
CA GLU Q 28 41.02 -5.39 30.17
C GLU Q 28 39.82 -4.74 30.84
N ALA Q 29 39.49 -5.15 32.07
CA ALA Q 29 38.36 -4.56 32.77
C ALA Q 29 38.60 -3.08 33.09
N LYS Q 30 39.82 -2.75 33.52
CA LYS Q 30 40.14 -1.35 33.79
C LYS Q 30 40.07 -0.52 32.51
N ASN Q 31 40.55 -1.09 31.39
CA ASN Q 31 40.43 -0.40 30.11
C ASN Q 31 38.97 -0.19 29.74
N ASP Q 32 38.12 -1.18 29.98
CA ASP Q 32 36.70 -1.04 29.68
C ASP Q 32 36.07 0.06 30.53
N LEU Q 33 36.41 0.11 31.82
CA LEU Q 33 35.87 1.14 32.69
C LEU Q 33 36.32 2.53 32.23
N PHE Q 34 37.61 2.68 31.89
CA PHE Q 34 38.08 3.98 31.41
C PHE Q 34 37.41 4.35 30.10
N PHE Q 35 37.24 3.40 29.19
CA PHE Q 35 36.61 3.67 27.90
C PHE Q 35 35.17 4.10 28.07
N SER Q 36 34.43 3.45 28.96
CA SER Q 36 33.01 3.73 29.12
C SER Q 36 32.71 4.76 30.19
N ARG Q 37 33.71 5.31 30.85
CA ARG Q 37 33.44 6.26 31.92
C ARG Q 37 34.15 7.59 31.76
N VAL Q 38 35.37 7.60 31.20
CA VAL Q 38 36.19 8.81 31.13
C VAL Q 38 36.30 9.32 29.70
N SER Q 39 36.89 8.54 28.80
CA SER Q 39 37.13 8.99 27.44
C SER Q 39 37.47 7.80 26.56
N GLN Q 40 36.96 7.84 25.33
CA GLN Q 40 37.24 6.79 24.36
C GLN Q 40 38.57 6.99 23.64
N TRP Q 41 39.23 8.14 23.84
CA TRP Q 41 40.54 8.40 23.26
C TRP Q 41 41.63 8.08 24.28
N ASP Q 42 41.73 6.78 24.59
CA ASP Q 42 42.72 6.31 25.56
C ASP Q 42 44.09 6.32 24.90
N ASP Q 43 44.66 7.53 24.79
CA ASP Q 43 45.93 7.74 24.11
C ASP Q 43 46.94 8.35 25.07
N TRP Q 44 47.02 7.80 26.29
CA TRP Q 44 47.86 8.39 27.32
C TRP Q 44 49.34 8.27 26.99
N LEU Q 45 49.74 7.19 26.31
CA LEU Q 45 51.17 6.96 26.08
C LEU Q 45 51.78 8.01 25.16
N SER Q 46 51.01 8.51 24.18
CA SER Q 46 51.54 9.52 23.25
C SER Q 46 50.38 10.43 22.87
N GLN Q 47 50.25 11.55 23.58
CA GLN Q 47 49.26 12.55 23.26
C GLN Q 47 49.89 13.95 23.22
N TYR Q 48 51.00 14.12 23.95
CA TYR Q 48 51.71 15.39 23.98
C TYR Q 48 52.80 15.43 22.89
N THR Q 49 52.36 15.21 21.66
CA THR Q 49 53.22 15.30 20.49
C THR Q 49 52.81 16.46 19.58
N THR Q 50 51.55 16.49 19.15
CA THR Q 50 51.01 17.62 18.42
C THR Q 50 49.51 17.66 18.66
N LEU Q 51 48.93 18.84 18.45
CA LEU Q 51 47.52 19.06 18.73
C LEU Q 51 46.70 18.85 17.46
N GLN Q 52 45.84 17.83 17.47
CA GLN Q 52 44.95 17.55 16.37
C GLN Q 52 43.55 17.29 16.90
N TYR Q 53 42.55 17.46 16.05
CA TYR Q 53 41.17 17.29 16.46
C TYR Q 53 40.90 15.82 16.79
N ARG Q 54 40.40 15.58 18.00
CA ARG Q 54 39.99 14.25 18.44
C ARG Q 54 38.59 14.39 19.04
N GLY Q 55 37.57 13.99 18.30
CA GLY Q 55 36.19 14.10 18.74
C GLY Q 55 35.68 12.78 19.30
N GLN Q 56 34.80 12.88 20.28
CA GLN Q 56 34.15 11.73 20.89
C GLN Q 56 32.68 11.74 20.49
N PHE Q 57 32.34 10.94 19.48
CA PHE Q 57 30.97 10.80 19.01
C PHE Q 57 30.47 9.46 19.53
N ASP Q 58 29.97 9.48 20.77
CA ASP Q 58 29.67 8.25 21.49
C ASP Q 58 28.50 7.52 20.85
N VAL Q 59 28.65 6.19 20.75
CA VAL Q 59 27.62 5.33 20.18
C VAL Q 59 27.34 4.12 21.05
N VAL Q 60 28.12 3.89 22.10
CA VAL Q 60 27.96 2.73 22.96
C VAL Q 60 27.28 3.13 24.26
N ARG Q 61 27.47 4.39 24.67
CA ARG Q 61 26.88 4.85 25.92
C ARG Q 61 25.35 4.74 25.97
N PRO Q 62 24.60 5.07 24.91
CA PRO Q 62 23.15 4.82 24.99
C PRO Q 62 22.80 3.36 25.27
N VAL Q 63 23.56 2.42 24.72
CA VAL Q 63 23.30 1.00 24.99
C VAL Q 63 23.53 0.68 26.46
N VAL Q 64 24.63 1.19 27.03
CA VAL Q 64 24.91 0.96 28.44
C VAL Q 64 23.83 1.57 29.32
N ARG Q 65 23.39 2.79 28.97
CA ARG Q 65 22.31 3.42 29.72
C ARG Q 65 21.04 2.61 29.65
N LYS Q 66 20.69 2.09 28.46
CA LYS Q 66 19.50 1.29 28.30
C LYS Q 66 19.57 0.01 29.13
N LEU Q 67 20.72 -0.67 29.10
CA LEU Q 67 20.86 -1.90 29.87
C LEU Q 67 20.79 -1.64 31.36
N VAL Q 68 21.44 -0.58 31.84
CA VAL Q 68 21.40 -0.26 33.27
C VAL Q 68 19.99 0.11 33.69
N SER Q 69 19.30 0.91 32.88
CA SER Q 69 17.92 1.28 33.20
C SER Q 69 17.01 0.06 33.23
N GLU Q 70 17.16 -0.84 32.27
CA GLU Q 70 16.29 -2.01 32.22
C GLU Q 70 16.57 -2.95 33.40
N MET Q 71 17.83 -3.09 33.78
CA MET Q 71 18.15 -3.95 34.92
C MET Q 71 17.80 -3.28 36.24
N ARG Q 72 17.64 -1.96 36.26
CA ARG Q 72 17.21 -1.25 37.46
C ARG Q 72 15.70 -1.42 37.71
N GLN Q 73 14.92 -1.64 36.65
CA GLN Q 73 13.48 -1.74 36.78
C GLN Q 73 13.02 -3.05 37.40
N ASN Q 74 13.91 -4.03 37.56
CA ASN Q 74 13.57 -5.33 38.14
C ASN Q 74 14.52 -5.61 39.30
N PRO Q 75 14.25 -5.03 40.47
CA PRO Q 75 15.08 -5.31 41.63
C PRO Q 75 14.97 -6.77 42.04
N ILE Q 76 16.08 -7.30 42.56
CA ILE Q 76 16.18 -8.69 42.97
C ILE Q 76 16.74 -8.73 44.38
N ASP Q 77 16.12 -9.53 45.25
CA ASP Q 77 16.52 -9.62 46.64
C ASP Q 77 16.45 -11.06 47.11
N VAL Q 78 17.09 -11.33 48.25
CA VAL Q 78 17.04 -12.64 48.87
C VAL Q 78 15.62 -12.93 49.34
N LEU Q 79 15.31 -14.23 49.45
CA LEU Q 79 14.02 -14.68 49.97
C LEU Q 79 14.27 -15.99 50.67
N TYR Q 80 14.10 -16.02 51.99
CA TYR Q 80 14.36 -17.22 52.77
C TYR Q 80 13.10 -18.08 52.82
N ARG Q 81 13.24 -19.35 52.46
CA ARG Q 81 12.12 -20.26 52.44
C ARG Q 81 12.38 -21.44 53.36
N PRO Q 82 11.38 -21.91 54.10
CA PRO Q 82 11.59 -23.05 55.01
C PRO Q 82 12.03 -24.29 54.24
N LYS Q 83 12.91 -25.06 54.87
CA LYS Q 83 13.40 -26.29 54.27
C LYS Q 83 12.29 -27.34 54.25
N ASP Q 84 12.54 -28.42 53.50
CA ASP Q 84 11.58 -29.50 53.41
C ASP Q 84 11.49 -30.23 54.75
N GLY Q 85 10.29 -30.33 55.29
CA GLY Q 85 10.07 -30.94 56.59
C GLY Q 85 10.22 -30.00 57.77
N ALA Q 86 10.67 -28.77 57.55
CA ALA Q 86 10.80 -27.80 58.62
C ALA Q 86 9.46 -27.14 58.89
N ARG Q 87 9.39 -26.41 60.01
CA ARG Q 87 8.17 -25.69 60.34
C ARG Q 87 7.89 -24.64 59.28
N PRO Q 88 6.63 -24.41 58.94
CA PRO Q 88 6.32 -23.46 57.86
C PRO Q 88 6.74 -22.03 58.18
N ASP Q 89 6.93 -21.68 59.46
CA ASP Q 89 7.35 -20.34 59.86
C ASP Q 89 8.84 -20.26 60.13
N ALA Q 90 9.62 -21.23 59.66
CA ALA Q 90 11.03 -21.31 60.01
C ALA Q 90 11.85 -20.14 59.45
N ALA Q 91 11.36 -19.48 58.40
CA ALA Q 91 12.10 -18.41 57.76
C ALA Q 91 11.54 -17.02 58.05
N ASP Q 92 10.60 -16.91 58.98
CA ASP Q 92 9.98 -15.62 59.24
C ASP Q 92 10.93 -14.67 59.96
N VAL Q 93 11.62 -15.15 60.99
CA VAL Q 93 12.49 -14.28 61.79
C VAL Q 93 13.70 -13.86 60.97
N LEU Q 94 14.32 -14.79 60.25
CA LEU Q 94 15.48 -14.46 59.44
C LEU Q 94 15.12 -13.49 58.33
N MET Q 95 13.97 -13.71 57.67
CA MET Q 95 13.53 -12.79 56.64
C MET Q 95 13.25 -11.40 57.21
N GLY Q 96 12.61 -11.35 58.38
CA GLY Q 96 12.36 -10.07 59.01
C GLY Q 96 13.65 -9.31 59.32
N MET Q 97 14.64 -10.03 59.86
CA MET Q 97 15.94 -9.40 60.15
C MET Q 97 16.61 -8.90 58.87
N TYR Q 98 16.59 -9.72 57.82
CA TYR Q 98 17.22 -9.34 56.56
C TYR Q 98 16.56 -8.10 55.99
N ARG Q 99 15.22 -8.06 55.99
CA ARG Q 99 14.53 -6.87 55.49
C ARG Q 99 14.77 -5.66 56.38
N THR Q 100 14.92 -5.87 57.68
CA THR Q 100 15.16 -4.76 58.60
C THR Q 100 16.50 -4.10 58.32
N ASP Q 101 17.56 -4.90 58.18
CA ASP Q 101 18.90 -4.34 58.09
C ASP Q 101 19.42 -4.23 56.66
N MET Q 102 18.58 -4.45 55.65
CA MET Q 102 18.97 -4.25 54.25
C MET Q 102 18.10 -3.22 53.54
N ARG Q 103 17.23 -2.52 54.28
CA ARG Q 103 16.36 -1.52 53.68
C ARG Q 103 17.02 -0.17 53.50
N HIS Q 104 18.23 0.01 54.02
CA HIS Q 104 18.89 1.31 54.00
C HIS Q 104 19.46 1.59 52.62
N ASN Q 105 19.84 2.86 52.41
CA ASN Q 105 20.31 3.30 51.10
C ASN Q 105 21.63 2.64 50.72
N THR Q 106 22.45 2.27 51.70
CA THR Q 106 23.76 1.72 51.40
C THR Q 106 23.66 0.39 50.64
N ALA Q 107 22.70 -0.45 51.02
CA ALA Q 107 22.57 -1.75 50.35
C ALA Q 107 22.16 -1.58 48.89
N LYS Q 108 21.15 -0.74 48.64
CA LYS Q 108 20.72 -0.51 47.26
C LYS Q 108 21.82 0.13 46.44
N ILE Q 109 22.55 1.09 47.04
CA ILE Q 109 23.63 1.75 46.30
C ILE Q 109 24.73 0.75 45.96
N ALA Q 110 25.10 -0.12 46.90
CA ALA Q 110 26.12 -1.11 46.63
C ALA Q 110 25.70 -2.06 45.52
N VAL Q 111 24.44 -2.53 45.55
CA VAL Q 111 23.96 -3.43 44.52
C VAL Q 111 23.96 -2.73 43.16
N ASN Q 112 23.53 -1.46 43.12
CA ASN Q 112 23.49 -0.73 41.87
C ASN Q 112 24.90 -0.50 41.31
N ILE Q 113 25.85 -0.19 42.18
CA ILE Q 113 27.24 0.00 41.74
C ILE Q 113 27.78 -1.30 41.15
N ALA Q 114 27.54 -2.41 41.85
CA ALA Q 114 28.01 -3.71 41.35
C ALA Q 114 27.36 -4.03 40.01
N VAL Q 115 26.08 -3.73 39.86
CA VAL Q 115 25.37 -4.03 38.61
C VAL Q 115 25.93 -3.20 37.47
N ARG Q 116 26.16 -1.91 37.70
CA ARG Q 116 26.70 -1.06 36.64
C ARG Q 116 28.11 -1.50 36.25
N GLU Q 117 28.94 -1.87 37.23
CA GLU Q 117 30.27 -2.36 36.90
C GLU Q 117 30.21 -3.68 36.16
N GLN Q 118 29.27 -4.55 36.53
CA GLN Q 118 29.10 -5.81 35.82
C GLN Q 118 28.71 -5.60 34.37
N ILE Q 119 27.82 -4.64 34.11
CA ILE Q 119 27.40 -4.37 32.75
C ILE Q 119 28.55 -3.76 31.95
N GLU Q 120 29.25 -2.79 32.55
CA GLU Q 120 30.30 -2.08 31.81
C GLU Q 120 31.58 -2.91 31.70
N ALA Q 121 32.20 -3.22 32.84
CA ALA Q 121 33.48 -3.91 32.82
C ALA Q 121 33.31 -5.42 32.71
N GLY Q 122 32.45 -5.99 33.54
CA GLY Q 122 32.23 -7.42 33.52
C GLY Q 122 32.26 -8.04 34.91
N VAL Q 123 32.73 -7.28 35.88
CA VAL Q 123 32.81 -7.76 37.27
C VAL Q 123 32.52 -6.60 38.21
N GLY Q 124 31.79 -6.90 39.28
CA GLY Q 124 31.57 -5.96 40.36
C GLY Q 124 31.53 -6.75 41.66
N ALA Q 125 31.44 -6.05 42.77
CA ALA Q 125 31.38 -6.73 44.06
C ALA Q 125 30.82 -5.80 45.12
N TRP Q 126 30.38 -6.40 46.22
CA TRP Q 126 30.04 -5.64 47.42
C TRP Q 126 30.45 -6.45 48.64
N ARG Q 127 30.31 -5.85 49.82
CA ARG Q 127 30.80 -6.44 51.05
C ARG Q 127 29.71 -6.39 52.12
N LEU Q 128 29.77 -7.33 53.05
CA LEU Q 128 28.87 -7.37 54.19
C LEU Q 128 29.69 -7.16 55.45
N VAL Q 129 29.34 -6.14 56.24
CA VAL Q 129 30.06 -5.83 57.46
C VAL Q 129 29.07 -5.74 58.61
N THR Q 130 29.59 -5.90 59.82
CA THR Q 130 28.80 -5.83 61.04
C THR Q 130 29.36 -4.75 61.95
N ASP Q 131 28.47 -4.00 62.58
CA ASP Q 131 28.86 -2.91 63.47
C ASP Q 131 27.99 -2.94 64.71
N TYR Q 132 28.39 -2.15 65.70
CA TYR Q 132 27.66 -2.03 66.96
C TYR Q 132 26.75 -0.81 66.89
N GLU Q 133 25.46 -1.02 67.07
CA GLU Q 133 24.47 0.06 67.05
C GLU Q 133 23.75 0.10 68.39
N ASP Q 134 23.63 1.30 68.96
CA ASP Q 134 22.99 1.47 70.26
C ASP Q 134 21.61 2.11 70.18
N GLN Q 135 21.30 2.84 69.11
CA GLN Q 135 20.03 3.53 68.99
C GLN Q 135 18.96 2.64 68.39
N SER Q 136 19.20 2.09 67.21
CA SER Q 136 18.26 1.22 66.52
C SER Q 136 18.96 -0.07 66.10
N PRO Q 137 19.24 -0.95 67.06
CA PRO Q 137 19.90 -2.21 66.71
C PRO Q 137 18.92 -3.22 66.15
N THR Q 138 19.42 -4.02 65.20
CA THR Q 138 18.61 -5.10 64.66
C THR Q 138 18.45 -6.23 65.67
N SER Q 139 19.55 -6.62 66.31
CA SER Q 139 19.53 -7.66 67.33
C SER Q 139 20.88 -7.68 68.05
N ASN Q 140 20.85 -7.90 69.36
CA ASN Q 140 22.06 -8.05 70.17
C ASN Q 140 22.95 -6.81 70.05
N ASN Q 141 22.33 -5.63 69.98
CA ASN Q 141 23.04 -4.36 69.92
C ASN Q 141 24.00 -4.30 68.73
N GLN Q 142 23.64 -4.94 67.62
CA GLN Q 142 24.48 -4.99 66.44
C GLN Q 142 23.63 -4.84 65.19
N VAL Q 143 24.28 -4.42 64.11
CA VAL Q 143 23.65 -4.32 62.80
C VAL Q 143 24.58 -4.93 61.76
N ILE Q 144 23.97 -5.44 60.69
CA ILE Q 144 24.69 -5.95 59.53
C ILE Q 144 24.30 -5.07 58.35
N ARG Q 145 25.29 -4.48 57.68
CA ARG Q 145 25.02 -3.62 56.54
C ARG Q 145 25.87 -4.06 55.36
N ARG Q 146 25.48 -3.56 54.19
CA ARG Q 146 26.13 -3.86 52.92
C ARG Q 146 26.83 -2.61 52.43
N GLU Q 147 28.09 -2.77 52.01
CA GLU Q 147 28.94 -1.67 51.60
C GLU Q 147 29.42 -1.88 50.18
N PRO Q 148 29.66 -0.79 49.44
CA PRO Q 148 30.08 -0.92 48.04
C PRO Q 148 31.59 -1.07 47.89
N ILE Q 149 31.96 -1.65 46.75
CA ILE Q 149 33.36 -1.74 46.34
C ILE Q 149 33.45 -1.18 44.94
N HIS Q 150 34.15 -0.06 44.78
CA HIS Q 150 34.31 0.58 43.48
C HIS Q 150 35.51 0.00 42.77
N SER Q 151 35.34 -0.28 41.47
CA SER Q 151 36.37 -0.92 40.64
C SER Q 151 36.83 -2.23 41.28
N ALA Q 152 35.88 -3.16 41.40
CA ALA Q 152 36.17 -4.46 41.99
C ALA Q 152 37.08 -5.31 41.12
N CYS Q 153 37.32 -4.91 39.87
CA CYS Q 153 38.25 -5.65 39.02
C CYS Q 153 39.68 -5.57 39.57
N SER Q 154 40.07 -4.41 40.08
CA SER Q 154 41.42 -4.19 40.55
C SER Q 154 41.55 -4.06 42.06
N HIS Q 155 40.44 -3.86 42.77
CA HIS Q 155 40.49 -3.68 44.22
C HIS Q 155 40.19 -4.93 45.01
N VAL Q 156 39.58 -5.94 44.39
CA VAL Q 156 39.30 -7.22 45.03
C VAL Q 156 40.04 -8.30 44.24
N ILE Q 157 40.94 -9.01 44.92
CA ILE Q 157 41.73 -10.06 44.29
C ILE Q 157 41.40 -11.37 44.99
N TRP Q 158 40.89 -12.33 44.24
CA TRP Q 158 40.41 -13.58 44.79
C TRP Q 158 41.49 -14.65 44.73
N ASP Q 159 41.26 -15.74 45.45
CA ASP Q 159 42.13 -16.90 45.34
C ASP Q 159 42.10 -17.44 43.92
N SER Q 160 43.29 -17.66 43.36
CA SER Q 160 43.36 -18.07 41.96
C SER Q 160 42.86 -19.49 41.74
N ASN Q 161 42.81 -20.31 42.78
CA ASN Q 161 42.33 -21.69 42.65
C ASN Q 161 40.84 -21.77 43.03
N SER Q 162 40.04 -20.98 42.31
CA SER Q 162 38.60 -20.97 42.49
C SER Q 162 37.94 -21.09 41.13
N LYS Q 163 37.05 -22.08 40.98
CA LYS Q 163 36.40 -22.35 39.71
C LYS Q 163 34.89 -22.19 39.81
N LEU Q 164 34.43 -21.26 40.64
CA LEU Q 164 33.02 -20.99 40.82
C LEU Q 164 32.74 -19.53 40.58
N MET Q 165 31.57 -19.23 40.01
CA MET Q 165 31.24 -17.86 39.65
C MET Q 165 31.12 -16.97 40.88
N ASP Q 166 30.52 -17.48 41.95
CA ASP Q 166 30.37 -16.70 43.18
C ASP Q 166 31.56 -16.83 44.11
N LYS Q 167 32.59 -17.58 43.72
CA LYS Q 167 33.82 -17.72 44.50
C LYS Q 167 33.54 -18.27 45.91
N SER Q 168 32.62 -19.22 45.99
CA SER Q 168 32.36 -19.88 47.27
C SER Q 168 33.42 -20.92 47.62
N ASP Q 169 34.19 -21.37 46.63
CA ASP Q 169 35.31 -22.27 46.88
C ASP Q 169 36.62 -21.53 47.10
N ALA Q 170 36.63 -20.21 47.00
CA ALA Q 170 37.87 -19.45 47.28
C ALA Q 170 38.20 -19.60 48.76
N ARG Q 171 39.49 -19.78 49.08
CA ARG Q 171 39.89 -19.99 50.49
C ARG Q 171 40.47 -18.69 51.07
N HIS Q 172 40.70 -17.69 50.21
CA HIS Q 172 41.26 -16.40 50.66
C HIS Q 172 40.90 -15.30 49.68
N CYS Q 173 40.93 -14.05 50.11
CA CYS Q 173 40.63 -12.90 49.25
C CYS Q 173 41.23 -11.65 49.86
N THR Q 174 41.86 -10.83 49.03
CA THR Q 174 42.49 -9.60 49.49
C THR Q 174 41.80 -8.40 48.88
N VAL Q 175 41.38 -7.46 49.72
CA VAL Q 175 40.71 -6.24 49.31
C VAL Q 175 41.65 -5.08 49.56
N ILE Q 176 41.89 -4.28 48.52
CA ILE Q 176 42.81 -3.16 48.57
C ILE Q 176 42.02 -1.89 48.76
N HIS Q 177 42.39 -1.10 49.77
CA HIS Q 177 41.74 0.15 50.09
C HIS Q 177 42.68 1.30 49.80
N SER Q 178 42.23 2.23 48.95
CA SER Q 178 42.91 3.49 48.69
C SER Q 178 42.09 4.60 49.34
N MET Q 179 42.74 5.45 50.12
CA MET Q 179 42.01 6.41 50.93
C MET Q 179 42.82 7.68 51.14
N SER Q 180 42.12 8.75 51.47
CA SER Q 180 42.75 10.04 51.68
C SER Q 180 43.47 10.08 53.03
N GLN Q 181 44.21 11.16 53.26
CA GLN Q 181 44.96 11.30 54.50
C GLN Q 181 44.03 11.34 55.70
N ASN Q 182 42.94 12.12 55.61
CA ASN Q 182 41.96 12.14 56.69
C ASN Q 182 41.24 10.81 56.80
N GLY Q 183 40.96 10.19 55.65
CA GLY Q 183 40.40 8.84 55.67
C GLY Q 183 41.34 7.85 56.31
N TRP Q 184 42.63 7.95 56.02
CA TRP Q 184 43.61 7.08 56.66
C TRP Q 184 43.66 7.31 58.17
N GLU Q 185 43.59 8.58 58.59
CA GLU Q 185 43.61 8.87 60.02
C GLU Q 185 42.41 8.26 60.72
N ASP Q 186 41.22 8.38 60.11
CA ASP Q 186 40.04 7.80 60.75
C ASP Q 186 40.05 6.28 60.69
N PHE Q 187 40.62 5.69 59.64
CA PHE Q 187 40.79 4.24 59.59
C PHE Q 187 41.71 3.75 60.69
N ALA Q 188 42.85 4.43 60.89
CA ALA Q 188 43.77 4.05 61.95
C ALA Q 188 43.14 4.23 63.31
N GLU Q 189 42.34 5.28 63.48
CA GLU Q 189 41.60 5.47 64.73
C GLU Q 189 40.60 4.34 64.97
N LYS Q 190 39.90 3.91 63.92
CA LYS Q 190 38.79 2.98 64.11
C LYS Q 190 39.28 1.56 64.37
N TYR Q 191 40.38 1.15 63.75
CA TYR Q 191 40.96 -0.15 64.02
C TYR Q 191 42.14 -0.10 64.97
N ASP Q 192 42.37 1.04 65.64
CA ASP Q 192 43.44 1.19 66.62
C ASP Q 192 44.83 0.92 66.02
N LEU Q 193 45.05 1.42 64.81
CA LEU Q 193 46.36 1.33 64.18
C LEU Q 193 47.19 2.56 64.55
N ASP Q 194 48.43 2.59 64.04
CA ASP Q 194 49.32 3.72 64.27
C ASP Q 194 49.16 4.68 63.10
N ALA Q 195 48.64 5.87 63.38
CA ALA Q 195 48.37 6.84 62.31
C ALA Q 195 49.64 7.48 61.77
N ASP Q 196 50.71 7.56 62.57
CA ASP Q 196 51.93 8.19 62.11
C ASP Q 196 52.67 7.34 61.07
N ASP Q 197 52.54 6.02 61.16
CA ASP Q 197 53.21 5.11 60.22
C ASP Q 197 52.28 4.92 59.02
N ILE Q 198 52.51 5.71 57.98
CA ILE Q 198 51.66 5.63 56.78
C ILE Q 198 51.91 4.30 56.08
N PRO Q 199 50.87 3.53 55.77
CA PRO Q 199 51.07 2.24 55.12
C PRO Q 199 51.17 2.40 53.60
N SER Q 200 51.51 1.28 52.95
CA SER Q 200 51.59 1.24 51.50
C SER Q 200 51.29 -0.17 51.04
N PHE Q 201 50.82 -0.29 49.80
CA PHE Q 201 50.48 -1.58 49.21
C PHE Q 201 50.52 -1.44 47.70
N GLN Q 202 50.28 -2.54 47.00
CA GLN Q 202 50.26 -2.53 45.55
C GLN Q 202 49.17 -1.60 45.05
N ASN Q 203 49.57 -0.60 44.27
CA ASN Q 203 48.62 0.38 43.76
C ASN Q 203 47.80 -0.24 42.62
N PRO Q 204 46.48 -0.34 42.76
CA PRO Q 204 45.67 -0.88 41.66
C PRO Q 204 45.37 0.11 40.55
N ASN Q 205 45.46 1.41 40.83
CA ASN Q 205 45.15 2.43 39.84
C ASN Q 205 46.36 2.69 38.96
N ASP Q 206 46.11 3.40 37.86
CA ASP Q 206 47.15 3.84 36.94
C ASP Q 206 46.96 5.33 36.67
N TRP Q 207 48.06 6.08 36.74
CA TRP Q 207 48.02 7.52 36.47
C TRP Q 207 47.99 7.71 34.96
N VAL Q 208 46.79 7.67 34.39
CA VAL Q 208 46.58 7.76 32.95
C VAL Q 208 45.97 9.10 32.56
N PHE Q 209 44.82 9.43 33.13
CA PHE Q 209 44.21 10.72 32.89
C PHE Q 209 45.04 11.82 33.53
N PRO Q 210 45.05 13.03 32.94
CA PRO Q 210 45.78 14.14 33.56
C PRO Q 210 45.11 14.65 34.82
N TRP Q 211 44.93 13.78 35.82
CA TRP Q 211 44.38 14.18 37.10
C TRP Q 211 45.43 14.96 37.88
N LEU Q 212 45.02 16.07 38.47
CA LEU Q 212 45.97 16.93 39.18
C LEU Q 212 46.58 16.21 40.38
N THR Q 213 45.75 15.53 41.17
CA THR Q 213 46.22 14.84 42.37
C THR Q 213 45.48 13.52 42.49
N GLN Q 214 46.23 12.42 42.51
CA GLN Q 214 45.70 11.10 42.82
C GLN Q 214 46.24 10.61 44.16
N ASP Q 215 46.41 11.56 45.10
CA ASP Q 215 47.03 11.26 46.39
C ASP Q 215 46.20 10.24 47.17
N THR Q 216 46.74 9.05 47.34
CA THR Q 216 46.02 7.97 48.02
C THR Q 216 46.99 7.19 48.90
N ILE Q 217 46.45 6.55 49.92
CA ILE Q 217 47.17 5.67 50.82
C ILE Q 217 46.53 4.30 50.71
N GLN Q 218 47.36 3.26 50.53
CA GLN Q 218 46.90 1.92 50.23
C GLN Q 218 47.14 0.99 51.42
N ILE Q 219 46.10 0.23 51.78
CA ILE Q 219 46.19 -0.82 52.78
C ILE Q 219 45.44 -2.03 52.22
N ALA Q 220 45.62 -3.19 52.86
CA ALA Q 220 44.93 -4.39 52.40
C ALA Q 220 44.31 -5.13 53.56
N GLU Q 221 43.15 -5.74 53.29
CA GLU Q 221 42.54 -6.70 54.21
C GLU Q 221 42.52 -8.06 53.55
N PHE Q 222 43.10 -9.03 54.24
CA PHE Q 222 43.25 -10.40 53.76
C PHE Q 222 42.29 -11.28 54.57
N TYR Q 223 41.27 -11.81 53.90
CA TYR Q 223 40.32 -12.73 54.51
C TYR Q 223 40.72 -14.16 54.14
N GLU Q 224 40.67 -15.05 55.12
CA GLU Q 224 40.92 -16.46 54.88
C GLU Q 224 39.92 -17.30 55.66
N VAL Q 225 39.48 -18.40 55.05
CA VAL Q 225 38.53 -19.33 55.64
C VAL Q 225 39.28 -20.61 56.00
N VAL Q 226 39.12 -21.05 57.24
CA VAL Q 226 39.74 -22.27 57.73
C VAL Q 226 38.63 -23.22 58.18
N GLU Q 227 38.60 -24.40 57.59
CA GLU Q 227 37.60 -25.42 57.93
C GLU Q 227 38.25 -26.45 58.84
N LYS Q 228 37.74 -26.56 60.07
CA LYS Q 228 38.32 -27.47 61.05
C LYS Q 228 37.22 -28.03 61.93
N LYS Q 229 37.56 -29.12 62.63
CA LYS Q 229 36.67 -29.73 63.60
C LYS Q 229 36.95 -29.12 64.96
N GLU Q 230 35.93 -28.51 65.57
CA GLU Q 230 36.07 -27.91 66.88
C GLU Q 230 35.07 -28.54 67.85
N THR Q 231 35.36 -28.39 69.14
CA THR Q 231 34.55 -28.99 70.18
C THR Q 231 33.19 -28.29 70.28
N ALA Q 232 32.15 -29.09 70.49
CA ALA Q 232 30.81 -28.60 70.76
C ALA Q 232 30.26 -29.33 71.98
N PHE Q 233 29.43 -28.64 72.74
CA PHE Q 233 28.88 -29.17 73.98
C PHE Q 233 27.39 -29.41 73.81
N ILE Q 234 26.95 -30.61 74.19
CA ILE Q 234 25.54 -30.99 74.21
C ILE Q 234 25.07 -30.87 75.66
N TYR Q 235 24.29 -29.83 75.94
CA TYR Q 235 23.71 -29.58 77.25
C TYR Q 235 22.31 -30.17 77.29
N GLN Q 236 21.55 -29.82 78.33
CA GLN Q 236 20.13 -30.11 78.40
C GLN Q 236 19.40 -28.84 78.77
N ASP Q 237 18.53 -28.37 77.88
CA ASP Q 237 17.81 -27.13 78.10
C ASP Q 237 16.86 -27.31 79.29
N PRO Q 238 16.94 -26.45 80.31
CA PRO Q 238 16.00 -26.58 81.45
C PRO Q 238 14.54 -26.46 81.06
N VAL Q 239 14.23 -25.77 79.96
CA VAL Q 239 12.85 -25.69 79.49
C VAL Q 239 12.44 -27.01 78.86
N THR Q 240 13.10 -27.38 77.75
CA THR Q 240 12.83 -28.62 77.05
C THR Q 240 13.92 -28.85 76.01
N GLY Q 241 14.25 -30.13 75.80
CA GLY Q 241 15.17 -30.52 74.75
C GLY Q 241 16.62 -30.36 75.15
N GLU Q 242 17.50 -30.59 74.18
CA GLU Q 242 18.93 -30.47 74.42
C GLU Q 242 19.55 -29.63 73.32
N PRO Q 243 20.42 -28.65 73.66
CA PRO Q 243 21.04 -27.82 72.66
C PRO Q 243 22.52 -28.12 72.39
N VAL Q 244 23.01 -27.63 71.26
CA VAL Q 244 24.41 -27.77 70.88
C VAL Q 244 25.03 -26.38 70.85
N SER Q 245 26.10 -26.19 71.62
CA SER Q 245 26.76 -24.90 71.66
C SER Q 245 28.25 -25.08 71.40
N TYR Q 246 28.79 -24.27 70.49
CA TYR Q 246 30.20 -24.37 70.16
C TYR Q 246 31.06 -23.96 71.35
N PHE Q 247 32.12 -24.73 71.60
CA PHE Q 247 32.96 -24.49 72.76
C PHE Q 247 33.66 -23.14 72.67
N LYS Q 248 34.06 -22.73 71.47
CA LYS Q 248 34.78 -21.48 71.30
C LYS Q 248 33.91 -20.28 71.61
N ARG Q 249 32.60 -20.37 71.34
CA ARG Q 249 31.73 -19.21 71.52
C ARG Q 249 31.53 -18.88 72.99
N ASP Q 250 31.49 -19.90 73.85
CA ASP Q 250 31.34 -19.72 75.28
C ASP Q 250 32.54 -20.31 76.03
N ILE Q 251 33.74 -20.03 75.53
CA ILE Q 251 34.93 -20.70 76.05
C ILE Q 251 35.22 -20.26 77.49
N LYS Q 252 35.16 -18.96 77.76
CA LYS Q 252 35.53 -18.47 79.08
C LYS Q 252 34.47 -17.52 79.63
N ASP Q 253 33.71 -16.88 78.73
CA ASP Q 253 32.77 -15.87 79.16
C ASP Q 253 31.68 -16.44 80.06
N VAL Q 254 31.01 -17.50 79.61
CA VAL Q 254 29.85 -18.01 80.31
C VAL Q 254 29.95 -19.51 80.53
N ILE Q 255 31.15 -20.08 80.35
CA ILE Q 255 31.32 -21.53 80.42
C ILE Q 255 30.89 -22.06 81.78
N ASP Q 256 30.96 -21.25 82.83
CA ASP Q 256 30.46 -21.63 84.14
C ASP Q 256 29.07 -21.08 84.43
N ASP Q 257 28.59 -20.14 83.62
CA ASP Q 257 27.25 -19.57 83.83
C ASP Q 257 26.14 -20.50 83.40
N LEU Q 258 26.40 -21.42 82.45
CA LEU Q 258 25.37 -22.40 82.10
C LEU Q 258 25.01 -23.27 83.31
N ALA Q 259 26.02 -23.68 84.09
CA ALA Q 259 25.74 -24.48 85.27
C ALA Q 259 24.89 -23.72 86.28
N ASP Q 260 25.18 -22.44 86.48
CA ASP Q 260 24.39 -21.63 87.41
C ASP Q 260 22.97 -21.44 86.89
N SER Q 261 22.81 -21.24 85.58
CA SER Q 261 21.50 -20.98 85.00
C SER Q 261 20.64 -22.23 84.87
N GLY Q 262 21.18 -23.41 85.15
CA GLY Q 262 20.43 -24.66 85.05
C GLY Q 262 20.79 -25.54 83.87
N PHE Q 263 21.79 -25.18 83.09
CA PHE Q 263 22.26 -26.01 81.98
C PHE Q 263 23.32 -26.96 82.51
N ILE Q 264 23.12 -28.26 82.30
CA ILE Q 264 24.11 -29.27 82.67
C ILE Q 264 24.56 -30.02 81.43
N LYS Q 265 25.85 -30.34 81.38
CA LYS Q 265 26.44 -30.95 80.20
C LYS Q 265 26.15 -32.44 80.17
N ILE Q 266 25.72 -32.92 79.01
CA ILE Q 266 25.42 -34.33 78.81
C ILE Q 266 26.38 -34.99 77.84
N ALA Q 267 26.96 -34.21 76.92
CA ALA Q 267 27.86 -34.80 75.94
C ALA Q 267 28.80 -33.75 75.37
N GLU Q 268 29.86 -34.23 74.70
CA GLU Q 268 30.83 -33.37 74.04
C GLU Q 268 31.21 -34.02 72.71
N ARG Q 269 31.00 -33.31 71.62
CA ARG Q 269 31.26 -33.82 70.27
C ARG Q 269 32.28 -32.94 69.57
N GLN Q 270 32.68 -33.38 68.37
CA GLN Q 270 33.60 -32.63 67.52
C GLN Q 270 32.90 -32.40 66.19
N ILE Q 271 32.60 -31.14 65.88
CA ILE Q 271 31.83 -30.78 64.70
C ILE Q 271 32.67 -29.91 63.80
N LYS Q 272 32.60 -30.18 62.49
CA LYS Q 272 33.40 -29.44 61.51
C LYS Q 272 32.68 -28.16 61.11
N ARG Q 273 33.41 -27.07 61.06
CA ARG Q 273 32.85 -25.77 60.66
C ARG Q 273 33.98 -24.90 60.14
N ARG Q 274 33.59 -23.82 59.46
CA ARG Q 274 34.52 -22.87 58.88
C ARG Q 274 34.56 -21.60 59.71
N ARG Q 275 35.74 -21.01 59.83
CA ARG Q 275 35.93 -19.75 60.52
C ARG Q 275 36.69 -18.79 59.61
N VAL Q 276 36.33 -17.51 59.67
CA VAL Q 276 36.88 -16.49 58.79
C VAL Q 276 37.76 -15.56 59.61
N TYR Q 277 38.98 -15.34 59.14
CA TYR Q 277 39.95 -14.47 59.79
C TYR Q 277 40.35 -13.36 58.84
N LYS Q 278 40.40 -12.13 59.37
CA LYS Q 278 40.81 -10.96 58.61
C LYS Q 278 42.12 -10.43 59.17
N SER Q 279 43.02 -10.05 58.27
CA SER Q 279 44.32 -9.48 58.63
C SER Q 279 44.51 -8.18 57.88
N ILE Q 280 44.94 -7.13 58.58
CA ILE Q 280 45.27 -5.87 57.94
C ILE Q 280 46.76 -5.88 57.64
N ILE Q 281 47.12 -5.69 56.37
CA ILE Q 281 48.50 -5.78 55.94
C ILE Q 281 48.87 -4.60 55.06
N THR Q 282 50.16 -4.30 55.06
CA THR Q 282 50.79 -3.39 54.13
C THR Q 282 51.90 -4.17 53.40
N CYS Q 283 52.66 -3.46 52.57
CA CYS Q 283 53.67 -4.14 51.77
C CYS Q 283 54.87 -4.61 52.59
N THR Q 284 55.01 -4.15 53.84
CA THR Q 284 56.18 -4.47 54.65
C THR Q 284 55.89 -5.10 56.00
N ALA Q 285 54.65 -5.05 56.50
CA ALA Q 285 54.37 -5.56 57.83
C ALA Q 285 52.91 -5.95 57.94
N VAL Q 286 52.59 -6.64 59.03
CA VAL Q 286 51.23 -7.05 59.36
C VAL Q 286 50.79 -6.25 60.58
N LEU Q 287 49.69 -5.50 60.43
CA LEU Q 287 49.20 -4.69 61.54
C LEU Q 287 48.30 -5.50 62.46
N LYS Q 288 47.24 -6.09 61.91
CA LYS Q 288 46.38 -7.02 62.63
C LYS Q 288 46.57 -8.41 62.04
N ASP Q 289 46.68 -9.41 62.91
CA ASP Q 289 47.19 -10.70 62.47
C ASP Q 289 46.10 -11.66 62.00
N LYS Q 290 45.20 -12.06 62.90
CA LYS Q 290 44.19 -13.06 62.55
C LYS Q 290 42.86 -12.73 63.20
N GLN Q 291 42.43 -11.46 63.11
CA GLN Q 291 41.20 -11.04 63.76
C GLN Q 291 40.01 -11.87 63.27
N LEU Q 292 39.43 -12.67 64.16
CA LEU Q 292 38.30 -13.52 63.78
C LEU Q 292 37.06 -12.68 63.55
N ILE Q 293 36.38 -12.91 62.43
CA ILE Q 293 35.15 -12.18 62.12
C ILE Q 293 33.99 -13.16 62.04
N ALA Q 294 32.78 -12.62 62.13
CA ALA Q 294 31.58 -13.44 62.13
C ALA Q 294 31.32 -14.04 60.76
N GLY Q 295 30.72 -15.21 60.76
CA GLY Q 295 30.31 -15.88 59.53
C GLY Q 295 31.20 -17.07 59.22
N GLU Q 296 30.68 -17.94 58.36
CA GLU Q 296 31.43 -19.07 57.83
C GLU Q 296 32.02 -18.79 56.46
N HIS Q 297 31.70 -17.65 55.86
CA HIS Q 297 32.09 -17.36 54.50
C HIS Q 297 32.79 -15.99 54.43
N ILE Q 298 33.59 -15.82 53.40
CA ILE Q 298 34.21 -14.51 53.15
C ILE Q 298 33.12 -13.51 52.81
N PRO Q 299 33.10 -12.34 53.46
CA PRO Q 299 31.95 -11.44 53.33
C PRO Q 299 31.88 -10.65 52.03
N ILE Q 300 32.64 -11.01 51.01
CA ILE Q 300 32.64 -10.31 49.73
C ILE Q 300 31.81 -11.10 48.73
N VAL Q 301 30.85 -10.45 48.09
CA VAL Q 301 29.98 -11.06 47.10
C VAL Q 301 30.32 -10.48 45.74
N PRO Q 302 30.81 -11.29 44.78
CA PRO Q 302 31.05 -10.79 43.42
C PRO Q 302 29.90 -11.04 42.46
N VAL Q 303 29.78 -10.18 41.45
CA VAL Q 303 28.80 -10.30 40.37
C VAL Q 303 29.56 -10.28 39.05
N PHE Q 304 29.22 -11.21 38.16
CA PHE Q 304 29.92 -11.36 36.90
C PHE Q 304 28.96 -11.20 35.73
N GLY Q 305 29.53 -10.86 34.57
CA GLY Q 305 28.76 -10.79 33.35
C GLY Q 305 28.91 -12.06 32.54
N GLU Q 306 29.69 -12.00 31.46
CA GLU Q 306 30.07 -13.19 30.72
C GLU Q 306 31.34 -13.73 31.32
N TRP Q 307 31.23 -14.85 32.05
CA TRP Q 307 32.33 -15.38 32.86
C TRP Q 307 32.69 -16.78 32.41
N GLY Q 308 33.98 -17.09 32.43
CA GLY Q 308 34.40 -18.42 32.07
C GLY Q 308 35.89 -18.61 32.28
N PHE Q 309 36.38 -19.78 31.89
CA PHE Q 309 37.79 -20.12 31.90
C PHE Q 309 38.20 -20.58 30.52
N VAL Q 310 39.33 -20.09 30.03
CA VAL Q 310 39.81 -20.49 28.71
C VAL Q 310 40.84 -21.60 28.85
N GLU Q 311 41.98 -21.29 29.46
CA GLU Q 311 42.99 -22.29 29.79
C GLU Q 311 43.47 -22.00 31.22
N ASP Q 312 42.73 -22.50 32.20
CA ASP Q 312 42.94 -22.19 33.60
C ASP Q 312 43.16 -20.70 33.81
N LYS Q 313 42.51 -19.87 33.00
CA LYS Q 313 42.65 -18.42 33.05
C LYS Q 313 41.26 -17.81 33.02
N GLU Q 314 40.85 -17.21 34.13
CA GLU Q 314 39.52 -16.63 34.22
C GLU Q 314 39.39 -15.44 33.28
N VAL Q 315 38.27 -15.39 32.56
CA VAL Q 315 37.94 -14.28 31.68
C VAL Q 315 36.51 -13.85 31.95
N TYR Q 316 36.32 -12.55 32.19
CA TYR Q 316 35.00 -11.97 32.36
C TYR Q 316 34.87 -10.75 31.46
N GLU Q 317 33.70 -10.60 30.86
CA GLU Q 317 33.45 -9.55 29.88
C GLU Q 317 32.07 -8.97 30.12
N GLY Q 318 31.92 -7.69 29.77
CA GLY Q 318 30.64 -7.02 29.89
C GLY Q 318 29.93 -6.86 28.56
N VAL Q 319 29.74 -5.61 28.13
CA VAL Q 319 29.08 -5.33 26.86
C VAL Q 319 29.91 -4.32 26.09
N VAL Q 320 30.90 -3.71 26.76
CA VAL Q 320 31.64 -2.60 26.17
C VAL Q 320 32.87 -3.09 25.39
N ARG Q 321 33.46 -4.22 25.79
CA ARG Q 321 34.74 -4.63 25.22
C ARG Q 321 34.66 -4.80 23.71
N LEU Q 322 33.72 -5.62 23.23
CA LEU Q 322 33.67 -5.95 21.82
C LEU Q 322 33.31 -4.75 20.95
N THR Q 323 32.75 -3.69 21.53
CA THR Q 323 32.43 -2.48 20.79
C THR Q 323 33.58 -1.49 20.78
N LYS Q 324 34.69 -1.78 21.46
CA LYS Q 324 35.77 -0.81 21.54
C LYS Q 324 36.47 -0.61 20.21
N ASP Q 325 36.60 -1.68 19.41
CA ASP Q 325 37.35 -1.56 18.15
C ASP Q 325 36.59 -0.73 17.13
N GLY Q 326 35.30 -1.02 16.95
CA GLY Q 326 34.52 -0.27 15.97
C GLY Q 326 34.39 1.20 16.37
N GLN Q 327 34.03 1.45 17.63
CA GLN Q 327 33.83 2.82 18.10
C GLN Q 327 35.11 3.64 17.93
N ARG Q 328 36.25 3.06 18.33
CA ARG Q 328 37.52 3.75 18.15
C ARG Q 328 37.77 4.10 16.70
N LEU Q 329 37.28 3.29 15.77
CA LEU Q 329 37.37 3.65 14.36
C LEU Q 329 36.41 4.79 14.04
N ARG Q 330 35.17 4.71 14.53
CA ARG Q 330 34.18 5.72 14.20
C ARG Q 330 34.59 7.08 14.73
N ASN Q 331 35.23 7.12 15.90
CA ASN Q 331 35.77 8.37 16.41
C ASN Q 331 36.87 8.90 15.50
N MET Q 332 37.72 8.02 14.99
CA MET Q 332 38.86 8.47 14.18
C MET Q 332 38.41 9.03 12.85
N ILE Q 333 37.55 8.28 12.15
CA ILE Q 333 37.08 8.71 10.83
C ILE Q 333 36.35 10.04 10.95
N MET Q 334 35.44 10.14 11.92
CA MET Q 334 34.74 11.41 12.15
C MET Q 334 35.71 12.51 12.51
N SER Q 335 36.85 12.17 13.12
CA SER Q 335 37.86 13.17 13.41
C SER Q 335 38.62 13.56 12.15
N PHE Q 336 38.81 12.62 11.22
CA PHE Q 336 39.49 12.94 9.98
C PHE Q 336 38.63 13.84 9.10
N ASN Q 337 37.35 13.49 8.95
CA ASN Q 337 36.47 14.26 8.07
C ASN Q 337 36.33 15.69 8.55
N ALA Q 338 36.30 15.91 9.87
CA ALA Q 338 36.27 17.27 10.39
C ALA Q 338 37.48 18.06 9.93
N ASP Q 339 38.65 17.43 9.92
CA ASP Q 339 39.85 18.10 9.43
C ASP Q 339 39.69 18.51 7.97
N ILE Q 340 38.87 17.79 7.22
CA ILE Q 340 38.61 18.18 5.83
C ILE Q 340 37.81 19.47 5.78
N VAL Q 341 36.84 19.63 6.70
CA VAL Q 341 35.96 20.79 6.65
C VAL Q 341 36.72 22.05 7.01
N ALA Q 342 37.61 21.98 7.99
CA ALA Q 342 38.31 23.17 8.47
C ALA Q 342 39.52 23.50 7.60
N ARG Q 343 40.49 22.60 7.53
CA ARG Q 343 41.75 22.88 6.85
C ARG Q 343 41.70 22.36 5.41
N THR Q 344 40.98 23.12 4.57
CA THR Q 344 40.94 22.83 3.15
C THR Q 344 40.58 24.12 2.45
N PRO Q 345 41.35 24.53 1.44
CA PRO Q 345 41.04 25.77 0.74
C PRO Q 345 39.66 25.69 0.08
N LYS Q 346 38.95 26.82 0.09
CA LYS Q 346 37.60 26.88 -0.43
C LYS Q 346 37.63 26.97 -1.96
N LYS Q 347 36.44 27.01 -2.56
CA LYS Q 347 36.32 27.08 -4.02
C LYS Q 347 36.38 28.54 -4.45
N LYS Q 348 37.48 28.93 -5.08
CA LYS Q 348 37.69 30.28 -5.56
C LYS Q 348 38.34 30.20 -6.93
N PRO Q 349 38.18 31.23 -7.75
CA PRO Q 349 38.77 31.20 -9.10
C PRO Q 349 40.29 31.26 -9.06
N PHE Q 350 40.89 30.72 -10.12
CA PHE Q 350 42.32 30.84 -10.36
C PHE Q 350 42.56 31.96 -11.36
N PHE Q 351 43.35 32.95 -10.95
CA PHE Q 351 43.58 34.15 -11.76
C PHE Q 351 45.07 34.37 -11.95
N TRP Q 352 45.45 34.82 -13.15
CA TRP Q 352 46.74 35.44 -13.30
C TRP Q 352 46.69 36.86 -12.75
N PRO Q 353 47.75 37.34 -12.12
CA PRO Q 353 47.72 38.72 -11.59
C PRO Q 353 47.46 39.77 -12.64
N GLU Q 354 47.92 39.56 -13.87
CA GLU Q 354 47.70 40.53 -14.94
C GLU Q 354 46.28 40.47 -15.49
N GLN Q 355 45.54 39.38 -15.26
CA GLN Q 355 44.18 39.29 -15.76
C GLN Q 355 43.27 40.28 -15.07
N ILE Q 356 43.45 40.49 -13.77
CA ILE Q 356 42.57 41.32 -12.97
C ILE Q 356 43.29 42.55 -12.44
N ALA Q 357 44.37 42.96 -13.09
CA ALA Q 357 45.12 44.14 -12.65
C ALA Q 357 44.28 45.38 -12.84
N GLY Q 358 44.01 46.09 -11.75
CA GLY Q 358 43.18 47.28 -11.78
C GLY Q 358 41.72 47.04 -11.48
N PHE Q 359 41.27 45.78 -11.52
CA PHE Q 359 39.88 45.44 -11.20
C PHE Q 359 39.78 44.59 -9.94
N GLU Q 360 40.80 44.62 -9.09
CA GLU Q 360 40.83 43.73 -7.92
C GLU Q 360 39.71 44.03 -6.93
N HIS Q 361 39.16 45.25 -6.93
CA HIS Q 361 38.06 45.56 -6.04
C HIS Q 361 36.73 45.00 -6.53
N MET Q 362 36.68 44.48 -7.74
CA MET Q 362 35.45 43.88 -8.26
C MET Q 362 35.26 42.45 -7.80
N TYR Q 363 36.30 41.80 -7.30
CA TYR Q 363 36.25 40.38 -6.93
C TYR Q 363 36.34 40.16 -5.43
N ASP Q 364 36.32 41.22 -4.63
CA ASP Q 364 36.47 41.08 -3.19
C ASP Q 364 35.21 40.56 -2.51
N GLY Q 365 34.08 40.52 -3.20
CA GLY Q 365 32.84 40.00 -2.63
C GLY Q 365 31.71 41.01 -2.53
N ASN Q 366 31.92 42.27 -2.90
CA ASN Q 366 30.84 43.24 -2.85
C ASN Q 366 29.86 43.02 -4.00
N ASP Q 367 28.73 43.71 -3.93
CA ASP Q 367 27.68 43.61 -4.94
C ASP Q 367 27.33 44.99 -5.48
N ASP Q 368 28.35 45.82 -5.73
CA ASP Q 368 28.15 47.16 -6.26
C ASP Q 368 28.34 47.26 -7.77
N TYR Q 369 28.63 46.15 -8.43
CA TYR Q 369 28.90 46.16 -9.86
C TYR Q 369 28.01 45.16 -10.57
N PRO Q 370 27.64 45.42 -11.82
CA PRO Q 370 26.77 44.49 -12.56
C PRO Q 370 27.50 43.33 -13.20
N TYR Q 371 28.82 43.35 -13.27
CA TYR Q 371 29.59 42.31 -13.93
C TYR Q 371 31.03 42.38 -13.43
N TYR Q 372 31.87 41.53 -14.01
CA TYR Q 372 33.30 41.51 -13.72
C TYR Q 372 34.07 41.82 -14.99
N LEU Q 373 35.05 42.70 -14.87
CA LEU Q 373 35.89 43.10 -16.00
C LEU Q 373 37.25 42.42 -15.91
N LEU Q 374 37.77 42.04 -17.07
CA LEU Q 374 39.07 41.38 -17.17
C LEU Q 374 39.95 42.14 -18.15
N ASN Q 375 41.23 42.26 -17.80
CA ASN Q 375 42.20 42.81 -18.73
C ASN Q 375 42.36 41.89 -19.93
N ARG Q 376 42.56 42.48 -21.10
CA ARG Q 376 42.59 41.71 -22.34
C ARG Q 376 43.91 41.79 -23.08
N THR Q 377 44.54 42.95 -23.13
CA THR Q 377 45.71 43.18 -23.96
C THR Q 377 46.98 43.18 -23.11
N ASP Q 378 48.08 42.78 -23.75
CA ASP Q 378 49.41 42.82 -23.16
C ASP Q 378 50.33 43.58 -24.11
N GLU Q 379 51.20 44.41 -23.56
CA GLU Q 379 52.06 45.24 -24.40
C GLU Q 379 53.18 44.45 -25.06
N ASN Q 380 53.46 43.24 -24.59
CA ASN Q 380 54.50 42.40 -25.17
C ASN Q 380 53.95 41.23 -25.96
N SER Q 381 52.95 40.53 -25.44
CA SER Q 381 52.35 39.39 -26.11
C SER Q 381 51.17 39.78 -27.00
N GLY Q 382 50.86 41.07 -27.10
CA GLY Q 382 49.75 41.50 -27.91
C GLY Q 382 48.40 41.30 -27.25
N ASP Q 383 48.04 40.03 -27.03
CA ASP Q 383 46.78 39.67 -26.40
C ASP Q 383 47.05 38.64 -25.31
N LEU Q 384 46.25 38.70 -24.25
CA LEU Q 384 46.39 37.75 -23.17
C LEU Q 384 45.92 36.37 -23.63
N PRO Q 385 46.63 35.30 -23.24
CA PRO Q 385 46.21 33.96 -23.66
C PRO Q 385 44.84 33.58 -23.12
N THR Q 386 44.14 32.75 -23.88
CA THR Q 386 42.80 32.31 -23.54
C THR Q 386 42.85 30.97 -22.84
N GLN Q 387 42.17 30.87 -21.70
CA GLN Q 387 42.14 29.66 -20.89
C GLN Q 387 40.88 29.72 -20.04
N PRO Q 388 40.01 28.71 -20.12
CA PRO Q 388 38.77 28.75 -19.32
C PRO Q 388 39.06 28.87 -17.84
N LEU Q 389 38.23 29.64 -17.15
CA LEU Q 389 38.44 29.89 -15.73
C LEU Q 389 38.38 28.59 -14.93
N ALA Q 390 39.35 28.41 -14.05
CA ALA Q 390 39.46 27.22 -13.22
C ALA Q 390 39.23 27.59 -11.77
N TYR Q 391 38.44 26.77 -11.07
CA TYR Q 391 38.09 27.00 -9.68
C TYR Q 391 38.64 25.86 -8.83
N TYR Q 392 39.08 26.21 -7.62
CA TYR Q 392 39.51 25.20 -6.66
C TYR Q 392 38.35 24.27 -6.35
N GLU Q 393 38.60 22.97 -6.36
CA GLU Q 393 37.53 22.00 -6.15
C GLU Q 393 37.00 22.09 -4.73
N ASN Q 394 35.70 21.88 -4.59
CA ASN Q 394 35.08 21.89 -3.28
C ASN Q 394 35.59 20.72 -2.44
N PRO Q 395 35.73 20.92 -1.12
CA PRO Q 395 36.11 19.81 -0.25
C PRO Q 395 35.09 18.69 -0.33
N GLU Q 396 35.58 17.46 -0.32
CA GLU Q 396 34.72 16.27 -0.42
C GLU Q 396 35.18 15.23 0.57
N VAL Q 397 34.21 14.56 1.20
CA VAL Q 397 34.51 13.42 2.06
C VAL Q 397 34.75 12.22 1.16
N PRO Q 398 35.89 11.53 1.30
CA PRO Q 398 36.18 10.40 0.41
C PRO Q 398 35.17 9.28 0.59
N GLN Q 399 34.99 8.50 -0.48
CA GLN Q 399 34.07 7.36 -0.41
C GLN Q 399 34.54 6.35 0.63
N ALA Q 400 35.86 6.20 0.79
CA ALA Q 400 36.38 5.29 1.80
C ALA Q 400 35.99 5.74 3.20
N ASN Q 401 36.07 7.04 3.48
CA ASN Q 401 35.73 7.54 4.81
C ASN Q 401 34.27 7.29 5.13
N ALA Q 402 33.36 7.62 4.20
CA ALA Q 402 31.94 7.42 4.45
C ALA Q 402 31.61 5.94 4.58
N TYR Q 403 32.16 5.10 3.69
CA TYR Q 403 31.90 3.67 3.75
C TYR Q 403 32.37 3.09 5.06
N MET Q 404 33.57 3.46 5.52
CA MET Q 404 34.09 2.88 6.75
C MET Q 404 33.41 3.43 7.98
N LEU Q 405 32.97 4.69 7.95
CA LEU Q 405 32.18 5.20 9.07
C LEU Q 405 30.87 4.45 9.20
N GLU Q 406 30.18 4.23 8.07
CA GLU Q 406 28.94 3.47 8.10
C GLU Q 406 29.19 2.03 8.57
N ALA Q 407 30.26 1.40 8.07
CA ALA Q 407 30.56 0.03 8.45
C ALA Q 407 30.88 -0.09 9.93
N ALA Q 408 31.68 0.84 10.46
CA ALA Q 408 32.02 0.81 11.88
C ALA Q 408 30.79 1.03 12.75
N THR Q 409 29.94 1.99 12.38
CA THR Q 409 28.72 2.22 13.14
C THR Q 409 27.82 0.99 13.12
N SER Q 410 27.67 0.36 11.96
CA SER Q 410 26.85 -0.85 11.87
C SER Q 410 27.44 -1.98 12.70
N ALA Q 411 28.77 -2.13 12.67
CA ALA Q 411 29.40 -3.19 13.47
C ALA Q 411 29.18 -2.97 14.95
N VAL Q 412 29.32 -1.73 15.42
CA VAL Q 412 29.09 -1.47 16.84
C VAL Q 412 27.62 -1.67 17.19
N LYS Q 413 26.72 -1.30 16.28
CA LYS Q 413 25.30 -1.53 16.51
C LYS Q 413 25.01 -3.01 16.67
N GLU Q 414 25.60 -3.84 15.81
CA GLU Q 414 25.28 -5.27 15.83
C GLU Q 414 25.92 -5.96 17.03
N VAL Q 415 27.16 -5.59 17.37
CA VAL Q 415 27.85 -6.30 18.44
C VAL Q 415 27.42 -5.83 19.83
N ALA Q 416 26.89 -4.63 19.96
CA ALA Q 416 26.48 -4.10 21.27
C ALA Q 416 25.02 -4.47 21.57
N THR Q 417 24.70 -5.75 21.45
CA THR Q 417 23.38 -6.27 21.82
C THR Q 417 23.58 -7.39 22.82
N LEU Q 418 23.39 -7.08 24.10
CA LEU Q 418 23.46 -8.11 25.15
C LEU Q 418 22.31 -9.09 24.99
N GLY Q 419 22.63 -10.36 24.82
CA GLY Q 419 21.59 -11.35 24.62
C GLY Q 419 20.79 -11.07 23.36
N VAL Q 420 19.47 -11.11 23.49
CA VAL Q 420 18.58 -10.84 22.37
C VAL Q 420 17.95 -9.46 22.51
N GLU Q 445 17.89 -7.62 25.91
CA GLU Q 445 17.44 -8.35 27.08
C GLU Q 445 18.63 -8.80 27.91
N THR Q 446 18.52 -8.69 29.23
CA THR Q 446 19.60 -9.02 30.16
C THR Q 446 19.23 -10.17 31.07
N TYR Q 447 18.62 -11.22 30.53
CA TYR Q 447 18.23 -12.36 31.36
C TYR Q 447 19.45 -13.04 31.98
N VAL Q 448 20.53 -13.20 31.21
CA VAL Q 448 21.72 -13.85 31.75
C VAL Q 448 22.34 -12.99 32.85
N PHE Q 449 22.40 -11.67 32.64
CA PHE Q 449 22.94 -10.78 33.65
C PHE Q 449 22.07 -10.77 34.90
N GLN Q 450 20.74 -10.79 34.73
CA GLN Q 450 19.85 -10.85 35.88
C GLN Q 450 20.02 -12.18 36.63
N ASP Q 451 20.23 -13.27 35.92
CA ASP Q 451 20.45 -14.56 36.58
C ASP Q 451 21.77 -14.57 37.34
N ASN Q 452 22.81 -13.95 36.77
CA ASN Q 452 24.07 -13.83 37.49
C ASN Q 452 23.91 -12.99 38.75
N LEU Q 453 23.14 -11.91 38.65
CA LEU Q 453 22.85 -11.10 39.84
C LEU Q 453 22.07 -11.92 40.86
N ALA Q 454 21.14 -12.76 40.41
CA ALA Q 454 20.40 -13.62 41.32
C ALA Q 454 21.32 -14.61 42.03
N THR Q 455 22.29 -15.16 41.31
CA THR Q 455 23.29 -16.02 41.94
C THR Q 455 24.08 -15.26 43.00
N ALA Q 456 24.46 -14.02 42.67
CA ALA Q 456 25.17 -13.19 43.65
C ALA Q 456 24.32 -12.94 44.89
N MET Q 457 23.02 -12.68 44.69
CA MET Q 457 22.14 -12.45 45.84
C MET Q 457 21.92 -13.71 46.65
N ARG Q 458 21.92 -14.88 46.01
CA ARG Q 458 21.84 -16.13 46.76
C ARG Q 458 23.07 -16.32 47.63
N ARG Q 459 24.25 -16.01 47.08
CA ARG Q 459 25.47 -16.05 47.89
C ARG Q 459 25.40 -15.04 49.03
N ASP Q 460 24.87 -13.85 48.75
CA ASP Q 460 24.69 -12.84 49.78
C ASP Q 460 23.79 -13.34 50.90
N GLY Q 461 22.70 -14.02 50.54
CA GLY Q 461 21.81 -14.58 51.55
C GLY Q 461 22.48 -15.66 52.38
N GLU Q 462 23.29 -16.51 51.74
CA GLU Q 462 24.03 -17.52 52.48
C GLU Q 462 24.96 -16.88 53.50
N ILE Q 463 25.75 -15.89 53.06
CA ILE Q 463 26.69 -15.21 53.96
C ILE Q 463 25.94 -14.53 55.09
N TYR Q 464 24.82 -13.85 54.76
CA TYR Q 464 24.06 -13.15 55.77
C TYR Q 464 23.47 -14.11 56.80
N GLN Q 465 22.99 -15.27 56.36
CA GLN Q 465 22.48 -16.26 57.30
C GLN Q 465 23.57 -16.75 58.24
N SER Q 466 24.77 -17.00 57.70
CA SER Q 466 25.87 -17.43 58.54
C SER Q 466 26.23 -16.36 59.58
N ILE Q 467 26.31 -15.10 59.15
CA ILE Q 467 26.65 -14.02 60.08
C ILE Q 467 25.56 -13.88 61.15
N VAL Q 468 24.29 -13.97 60.74
CA VAL Q 468 23.19 -13.84 61.68
C VAL Q 468 23.27 -14.94 62.74
N ASN Q 469 23.53 -16.18 62.31
CA ASN Q 469 23.73 -17.26 63.28
C ASN Q 469 24.91 -16.98 64.19
N ASP Q 470 25.93 -16.27 63.68
CA ASP Q 470 27.12 -16.02 64.49
C ASP Q 470 26.87 -14.96 65.57
N ILE Q 471 26.19 -13.87 65.23
CA ILE Q 471 26.17 -12.71 66.14
C ILE Q 471 24.79 -12.35 66.64
N TYR Q 472 23.75 -12.68 65.87
CA TYR Q 472 22.41 -12.23 66.20
C TYR Q 472 21.73 -13.19 67.17
N ASP Q 473 20.66 -12.71 67.80
CA ASP Q 473 19.84 -13.51 68.71
C ASP Q 473 18.71 -14.13 67.90
N VAL Q 474 18.83 -15.42 67.58
CA VAL Q 474 17.85 -16.13 66.78
C VAL Q 474 16.96 -16.93 67.72
N PRO Q 475 15.69 -16.57 67.87
CA PRO Q 475 14.80 -17.33 68.75
C PRO Q 475 14.48 -18.71 68.17
N ARG Q 476 14.23 -19.66 69.07
CA ARG Q 476 13.77 -20.98 68.70
C ARG Q 476 12.26 -21.05 68.96
N ASN Q 477 11.50 -21.41 67.93
CA ASN Q 477 10.05 -21.41 68.02
C ASN Q 477 9.57 -22.78 68.52
N VAL Q 478 8.91 -22.78 69.66
CA VAL Q 478 8.36 -24.00 70.25
C VAL Q 478 6.88 -24.08 69.88
N THR Q 479 6.37 -25.31 69.83
CA THR Q 479 4.99 -25.56 69.44
C THR Q 479 4.07 -25.80 70.63
N ILE Q 480 4.56 -25.59 71.85
CA ILE Q 480 3.75 -25.81 73.05
C ILE Q 480 2.80 -24.62 73.25
N LEU Q 492 5.31 -19.79 70.16
CA LEU Q 492 6.04 -19.05 71.17
C LEU Q 492 7.54 -19.11 70.92
N MET Q 493 8.18 -17.95 70.86
CA MET Q 493 9.63 -17.86 70.63
C MET Q 493 10.34 -17.79 71.98
N ALA Q 494 11.25 -18.72 72.21
CA ALA Q 494 11.99 -18.83 73.47
C ALA Q 494 13.42 -18.37 73.22
N GLU Q 495 13.69 -17.10 73.50
CA GLU Q 495 15.04 -16.55 73.37
C GLU Q 495 15.84 -16.92 74.61
N VAL Q 496 16.77 -17.86 74.45
CA VAL Q 496 17.59 -18.35 75.56
C VAL Q 496 18.97 -17.74 75.42
N VAL Q 497 19.30 -16.79 76.28
CA VAL Q 497 20.60 -16.14 76.31
C VAL Q 497 20.99 -15.89 77.76
N ASP Q 498 22.25 -15.56 77.98
CA ASP Q 498 22.74 -15.25 79.31
C ASP Q 498 23.93 -14.31 79.21
N LEU Q 499 24.21 -13.63 80.32
CA LEU Q 499 25.29 -12.66 80.40
C LEU Q 499 26.40 -13.19 81.31
N ALA Q 500 27.61 -12.71 81.08
CA ALA Q 500 28.77 -13.12 81.86
C ALA Q 500 28.94 -12.18 83.06
N THR Q 501 30.01 -12.41 83.82
CA THR Q 501 30.31 -11.53 84.95
C THR Q 501 30.79 -10.17 84.50
N GLY Q 502 31.20 -10.03 83.23
CA GLY Q 502 31.62 -8.75 82.70
C GLY Q 502 30.48 -8.00 82.06
N GLU Q 503 29.25 -8.39 82.38
CA GLU Q 503 28.00 -7.81 81.91
C GLU Q 503 27.76 -8.03 80.42
N LYS Q 504 28.66 -8.71 79.71
CA LYS Q 504 28.48 -8.97 78.29
C LYS Q 504 27.59 -10.18 78.10
N GLN Q 505 26.55 -10.03 77.27
CA GLN Q 505 25.64 -11.11 76.97
C GLN Q 505 26.17 -11.91 75.78
N VAL Q 506 26.16 -13.23 75.92
CA VAL Q 506 26.62 -14.14 74.87
C VAL Q 506 25.42 -14.89 74.33
N LEU Q 507 25.23 -14.82 73.02
CA LEU Q 507 24.11 -15.50 72.39
C LEU Q 507 24.30 -17.01 72.44
N ASN Q 508 23.20 -17.72 72.64
CA ASN Q 508 23.19 -19.18 72.67
C ASN Q 508 22.32 -19.65 71.52
N ASP Q 509 22.95 -20.06 70.42
CA ASP Q 509 22.25 -20.52 69.22
C ASP Q 509 22.47 -22.02 69.06
N ILE Q 510 21.37 -22.76 68.99
CA ILE Q 510 21.46 -24.21 68.81
C ILE Q 510 21.94 -24.51 67.38
N ARG Q 511 22.34 -25.77 67.18
CA ARG Q 511 22.83 -26.21 65.88
C ARG Q 511 21.71 -26.47 64.88
N GLY Q 512 20.46 -26.44 65.30
CA GLY Q 512 19.34 -26.48 64.37
C GLY Q 512 19.05 -25.11 63.79
N ARG Q 513 20.06 -24.53 63.13
CA ARG Q 513 19.99 -23.16 62.65
C ARG Q 513 19.70 -23.05 61.16
N TYR Q 514 20.18 -24.00 60.36
CA TYR Q 514 19.98 -23.97 58.91
C TYR Q 514 18.65 -24.62 58.55
N GLU Q 515 17.57 -24.02 59.06
CA GLU Q 515 16.22 -24.52 58.82
C GLU Q 515 15.56 -23.90 57.60
N CYS Q 516 16.22 -22.94 56.94
CA CYS Q 516 15.67 -22.30 55.76
C CYS Q 516 16.77 -22.15 54.71
N TYR Q 517 16.37 -22.25 53.46
CA TYR Q 517 17.27 -22.09 52.33
C TYR Q 517 16.98 -20.77 51.61
N THR Q 518 17.81 -20.47 50.62
CA THR Q 518 17.83 -19.18 49.96
C THR Q 518 17.25 -19.27 48.56
N ASP Q 519 16.39 -18.32 48.21
CA ASP Q 519 15.85 -18.18 46.87
C ASP Q 519 15.90 -16.70 46.51
N VAL Q 520 15.43 -16.38 45.31
CA VAL Q 520 15.47 -15.01 44.79
C VAL Q 520 14.04 -14.54 44.56
N GLY Q 521 13.71 -13.36 45.08
CA GLY Q 521 12.39 -12.81 44.92
C GLY Q 521 12.43 -11.29 44.77
N PRO Q 522 11.26 -10.67 44.64
CA PRO Q 522 11.21 -9.22 44.52
C PRO Q 522 11.70 -8.54 45.79
N SER Q 523 12.23 -7.34 45.62
CA SER Q 523 12.79 -6.59 46.74
C SER Q 523 11.67 -5.85 47.47
N PHE Q 524 11.56 -6.11 48.77
CA PHE Q 524 10.54 -5.50 49.62
C PHE Q 524 11.20 -4.80 50.79
N GLN Q 525 10.64 -3.65 51.17
CA GLN Q 525 11.23 -2.87 52.25
C GLN Q 525 10.97 -3.48 53.62
N SER Q 526 9.86 -4.20 53.78
CA SER Q 526 9.49 -4.75 55.08
C SER Q 526 8.64 -5.99 54.86
N MET Q 527 8.42 -6.72 55.96
CA MET Q 527 7.61 -7.93 55.89
C MET Q 527 6.15 -7.61 55.59
N LYS Q 528 5.66 -6.47 56.05
CA LYS Q 528 4.27 -6.08 55.76
C LYS Q 528 4.06 -5.87 54.26
N GLN Q 529 5.02 -5.24 53.59
CA GLN Q 529 4.93 -5.07 52.14
C GLN Q 529 4.92 -6.43 51.44
N GLN Q 530 5.75 -7.36 51.90
CA GLN Q 530 5.77 -8.70 51.31
C GLN Q 530 4.43 -9.41 51.51
N ASN Q 531 3.86 -9.30 52.71
CA ASN Q 531 2.56 -9.90 52.96
C ASN Q 531 1.47 -9.28 52.10
N ARG Q 532 1.51 -7.96 51.92
CA ARG Q 532 0.54 -7.30 51.07
C ARG Q 532 0.67 -7.78 49.62
N ALA Q 533 1.92 -7.90 49.13
CA ALA Q 533 2.13 -8.38 47.77
C ALA Q 533 1.64 -9.80 47.61
N GLU Q 534 1.90 -10.66 48.61
CA GLU Q 534 1.43 -12.04 48.55
C GLU Q 534 -0.10 -12.12 48.53
N ILE Q 535 -0.75 -11.31 49.36
CA ILE Q 535 -2.21 -11.31 49.40
C ILE Q 535 -2.78 -10.82 48.08
N LEU Q 536 -2.16 -9.78 47.50
CA LEU Q 536 -2.62 -9.29 46.21
C LEU Q 536 -2.43 -10.33 45.11
N GLU Q 537 -1.30 -11.04 45.14
CA GLU Q 537 -1.04 -12.08 44.15
C GLU Q 537 -2.07 -13.21 44.27
N LEU Q 538 -2.38 -13.62 45.50
CA LEU Q 538 -3.40 -14.64 45.69
C LEU Q 538 -4.78 -14.15 45.24
N LEU Q 539 -5.06 -12.87 45.47
CA LEU Q 539 -6.37 -12.31 45.11
C LEU Q 539 -6.56 -12.31 43.59
N GLY Q 540 -5.48 -12.12 42.84
CA GLY Q 540 -5.59 -12.05 41.39
C GLY Q 540 -5.92 -13.37 40.73
N LYS Q 541 -5.80 -14.49 41.46
CA LYS Q 541 -6.09 -15.80 40.91
C LYS Q 541 -7.34 -16.45 41.48
N THR Q 542 -7.82 -15.99 42.64
CA THR Q 542 -9.00 -16.58 43.25
C THR Q 542 -10.26 -16.02 42.60
N PRO Q 543 -11.20 -16.86 42.19
CA PRO Q 543 -12.48 -16.36 41.68
C PRO Q 543 -13.29 -15.72 42.79
N GLN Q 544 -14.33 -14.97 42.38
CA GLN Q 544 -15.12 -14.20 43.34
C GLN Q 544 -16.04 -15.10 44.16
N GLY Q 545 -15.46 -15.92 45.02
CA GLY Q 545 -16.23 -16.74 45.93
C GLY Q 545 -16.06 -16.30 47.38
N THR Q 546 -16.00 -17.26 48.30
CA THR Q 546 -15.75 -16.96 49.70
C THR Q 546 -14.26 -16.70 49.98
N PRO Q 547 -13.33 -17.48 49.43
CA PRO Q 547 -11.91 -17.13 49.63
C PRO Q 547 -11.56 -15.76 49.09
N GLU Q 548 -12.24 -15.27 48.06
CA GLU Q 548 -12.00 -13.91 47.59
C GLU Q 548 -12.36 -12.89 48.67
N TYR Q 549 -13.49 -13.09 49.34
CA TYR Q 549 -13.86 -12.22 50.45
C TYR Q 549 -12.84 -12.32 51.58
N GLN Q 550 -12.38 -13.54 51.88
CA GLN Q 550 -11.39 -13.73 52.93
C GLN Q 550 -10.12 -12.96 52.61
N LEU Q 551 -9.64 -13.07 51.37
CA LEU Q 551 -8.41 -12.39 50.98
C LEU Q 551 -8.59 -10.89 50.92
N LEU Q 552 -9.77 -10.40 50.53
CA LEU Q 552 -10.01 -8.96 50.55
C LEU Q 552 -9.99 -8.42 51.98
N LEU Q 553 -10.62 -9.13 52.92
CA LEU Q 553 -10.56 -8.71 54.31
C LEU Q 553 -9.14 -8.78 54.85
N LEU Q 554 -8.37 -9.77 54.40
CA LEU Q 554 -6.97 -9.86 54.80
C LEU Q 554 -6.13 -8.74 54.21
N GLN Q 555 -6.45 -8.29 53.00
CA GLN Q 555 -5.74 -7.16 52.42
C GLN Q 555 -6.06 -5.88 53.19
N TYR Q 556 -7.32 -5.67 53.54
CA TYR Q 556 -7.67 -4.56 54.41
C TYR Q 556 -7.04 -4.70 55.80
N PHE Q 557 -6.71 -5.92 56.20
CA PHE Q 557 -6.02 -6.16 57.46
C PHE Q 557 -4.68 -5.46 57.52
N THR Q 558 -3.83 -5.71 56.52
CA THR Q 558 -2.42 -5.34 56.57
C THR Q 558 -2.14 -4.00 55.89
N LEU Q 559 -3.10 -3.08 55.95
CA LEU Q 559 -2.93 -1.77 55.35
C LEU Q 559 -2.30 -0.80 56.34
N LEU Q 560 -1.57 0.18 55.80
CA LEU Q 560 -1.03 1.26 56.60
C LEU Q 560 -2.16 2.04 57.26
N ASP Q 561 -1.81 2.94 58.17
CA ASP Q 561 -2.80 3.62 59.00
C ASP Q 561 -2.82 5.12 58.69
N GLY Q 562 -4.01 5.62 58.42
CA GLY Q 562 -4.30 7.03 58.45
C GLY Q 562 -5.43 7.24 59.43
N LYS Q 563 -6.57 7.75 58.96
CA LYS Q 563 -7.77 7.85 59.78
C LYS Q 563 -8.92 7.03 59.22
N GLY Q 564 -9.29 7.22 57.95
CA GLY Q 564 -10.34 6.41 57.36
C GLY Q 564 -9.94 4.97 57.17
N VAL Q 565 -8.72 4.73 56.66
CA VAL Q 565 -8.26 3.36 56.48
C VAL Q 565 -8.13 2.65 57.82
N GLU Q 566 -7.94 3.41 58.90
CA GLU Q 566 -8.01 2.80 60.23
C GLU Q 566 -9.40 2.25 60.49
N MET Q 567 -10.44 3.00 60.13
CA MET Q 567 -11.80 2.51 60.30
C MET Q 567 -12.04 1.28 59.43
N MET Q 568 -11.55 1.30 58.19
CA MET Q 568 -11.74 0.16 57.32
C MET Q 568 -11.04 -1.08 57.85
N ARG Q 569 -9.82 -0.91 58.39
CA ARG Q 569 -9.09 -2.05 58.94
C ARG Q 569 -9.74 -2.56 60.22
N ASP Q 570 -10.30 -1.66 61.03
CA ASP Q 570 -11.05 -2.12 62.21
C ASP Q 570 -12.28 -2.91 61.81
N TYR Q 571 -12.98 -2.46 60.76
CA TYR Q 571 -14.12 -3.21 60.25
C TYR Q 571 -13.69 -4.59 59.75
N ALA Q 572 -12.57 -4.66 59.04
CA ALA Q 572 -12.06 -5.95 58.57
C ALA Q 572 -11.67 -6.83 59.75
N ASN Q 573 -11.06 -6.25 60.78
CA ASN Q 573 -10.75 -6.99 62.00
C ASN Q 573 -12.00 -7.63 62.58
N LYS Q 574 -13.04 -6.83 62.77
CA LYS Q 574 -14.27 -7.34 63.37
C LYS Q 574 -14.90 -8.42 62.49
N GLN Q 575 -14.92 -8.20 61.17
CA GLN Q 575 -15.50 -9.18 60.27
C GLN Q 575 -14.76 -10.50 60.33
N LEU Q 576 -13.43 -10.46 60.28
CA LEU Q 576 -12.64 -11.69 60.31
C LEU Q 576 -12.78 -12.41 61.65
N ILE Q 577 -12.82 -11.67 62.76
CA ILE Q 577 -12.99 -12.31 64.06
C ILE Q 577 -14.38 -12.94 64.17
N GLN Q 578 -15.40 -12.30 63.62
CA GLN Q 578 -16.77 -12.73 63.85
C GLN Q 578 -17.12 -14.04 63.17
N MET Q 579 -16.39 -14.44 62.13
CA MET Q 579 -16.64 -15.72 61.47
C MET Q 579 -15.72 -16.82 61.97
N GLY Q 580 -14.96 -16.56 63.03
CA GLY Q 580 -14.09 -17.58 63.61
C GLY Q 580 -12.85 -17.88 62.81
N VAL Q 581 -12.59 -17.15 61.74
CA VAL Q 581 -11.40 -17.37 60.92
C VAL Q 581 -10.14 -16.94 61.66
N LYS Q 582 -10.21 -15.78 62.33
CA LYS Q 582 -9.13 -15.31 63.19
C LYS Q 582 -9.33 -15.74 64.63
N LYS Q 583 -8.23 -16.06 65.30
CA LYS Q 583 -8.26 -16.33 66.72
C LYS Q 583 -8.17 -15.01 67.49
N PRO Q 584 -9.16 -14.66 68.31
CA PRO Q 584 -9.08 -13.42 69.08
C PRO Q 584 -7.92 -13.46 70.05
N GLU Q 585 -7.27 -12.30 70.21
CA GLU Q 585 -6.20 -12.13 71.17
C GLU Q 585 -6.57 -11.14 72.26
N THR Q 586 -7.01 -9.95 71.87
CA THR Q 586 -7.43 -8.87 72.75
C THR Q 586 -8.89 -9.08 73.17
N PRO Q 587 -9.24 -8.79 74.44
CA PRO Q 587 -10.61 -9.09 74.90
C PRO Q 587 -11.70 -8.40 74.11
N GLU Q 588 -11.40 -7.24 73.50
CA GLU Q 588 -12.35 -6.65 72.55
C GLU Q 588 -12.75 -7.65 71.48
N GLU Q 589 -11.79 -8.30 70.85
CA GLU Q 589 -12.12 -9.37 69.91
C GLU Q 589 -12.83 -10.52 70.60
N GLN Q 590 -12.57 -10.72 71.90
CA GLN Q 590 -13.19 -11.83 72.62
C GLN Q 590 -14.71 -11.66 72.70
N GLN Q 591 -15.18 -10.50 73.19
CA GLN Q 591 -16.64 -10.41 73.15
C GLN Q 591 -17.17 -10.02 71.79
N TRP Q 592 -16.32 -9.61 70.84
CA TRP Q 592 -16.80 -9.57 69.45
C TRP Q 592 -17.21 -10.97 68.99
N LEU Q 593 -16.35 -11.96 69.24
CA LEU Q 593 -16.70 -13.34 68.92
C LEU Q 593 -17.88 -13.81 69.76
N VAL Q 594 -17.98 -13.36 71.00
CA VAL Q 594 -19.11 -13.74 71.86
C VAL Q 594 -20.42 -13.26 71.25
N GLU Q 595 -20.48 -12.00 70.82
CA GLU Q 595 -21.67 -11.48 70.18
C GLU Q 595 -21.96 -12.18 68.86
N ALA Q 596 -20.91 -12.52 68.10
CA ALA Q 596 -21.11 -13.26 66.87
C ALA Q 596 -21.75 -14.62 67.14
N GLN Q 597 -21.27 -15.32 68.17
CA GLN Q 597 -21.85 -16.61 68.53
C GLN Q 597 -23.29 -16.46 69.03
N GLN Q 598 -23.57 -15.40 69.79
CA GLN Q 598 -24.94 -15.17 70.24
C GLN Q 598 -25.87 -14.91 69.06
N ALA Q 599 -25.42 -14.13 68.08
CA ALA Q 599 -26.22 -13.90 66.89
C ALA Q 599 -26.43 -15.19 66.10
N LYS Q 600 -25.39 -16.02 66.03
CA LYS Q 600 -25.52 -17.30 65.34
C LYS Q 600 -26.54 -18.20 66.01
N GLN Q 601 -26.53 -18.25 67.35
CA GLN Q 601 -27.44 -19.11 68.09
C GLN Q 601 -28.88 -18.63 68.03
N GLY Q 602 -29.10 -17.37 67.66
CA GLY Q 602 -30.45 -16.82 67.61
C GLY Q 602 -30.96 -16.62 66.19
N GLN Q 603 -30.67 -17.57 65.31
CA GLN Q 603 -31.07 -17.48 63.91
C GLN Q 603 -31.97 -18.65 63.56
N GLN Q 604 -33.01 -18.38 62.80
CA GLN Q 604 -33.96 -19.41 62.37
C GLN Q 604 -34.66 -18.94 61.10
N ASP Q 605 -34.86 -19.90 60.18
CA ASP Q 605 -35.41 -19.59 58.87
C ASP Q 605 -36.88 -19.99 58.81
N PRO Q 606 -37.72 -19.19 58.12
CA PRO Q 606 -39.17 -19.42 58.19
C PRO Q 606 -39.62 -20.78 57.66
N ALA Q 607 -38.96 -21.31 56.63
CA ALA Q 607 -39.40 -22.59 56.07
C ALA Q 607 -39.23 -23.72 57.08
N MET Q 608 -38.08 -23.74 57.77
CA MET Q 608 -37.87 -24.73 58.83
C MET Q 608 -38.93 -24.61 59.91
N VAL Q 609 -39.28 -23.38 60.28
CA VAL Q 609 -40.28 -23.15 61.32
C VAL Q 609 -41.62 -23.71 60.89
N GLN Q 610 -42.08 -23.33 59.68
CA GLN Q 610 -43.36 -23.82 59.19
C GLN Q 610 -43.39 -25.35 59.10
N ALA Q 611 -42.27 -25.94 58.70
CA ALA Q 611 -42.19 -27.40 58.67
C ALA Q 611 -42.36 -28.00 60.06
N GLN Q 612 -41.69 -27.43 61.06
CA GLN Q 612 -41.85 -27.91 62.43
C GLN Q 612 -43.30 -27.78 62.89
N GLY Q 613 -43.98 -26.71 62.47
CA GLY Q 613 -45.38 -26.56 62.79
C GLY Q 613 -46.24 -27.63 62.18
N VAL Q 614 -45.98 -27.96 60.91
CA VAL Q 614 -46.70 -29.06 60.28
C VAL Q 614 -46.48 -30.36 61.05
N LEU Q 615 -45.24 -30.58 61.51
CA LEU Q 615 -44.95 -31.80 62.28
C LEU Q 615 -45.71 -31.87 63.59
N LEU Q 616 -45.71 -30.78 64.37
CA LEU Q 616 -46.40 -30.90 65.64
C LEU Q 616 -47.91 -30.98 65.44
N GLN Q 617 -48.44 -30.35 64.38
CA GLN Q 617 -49.83 -30.58 63.99
C GLN Q 617 -50.09 -32.06 63.73
N GLY Q 618 -49.25 -32.68 62.89
CA GLY Q 618 -49.45 -34.08 62.57
C GLY Q 618 -49.31 -34.99 63.78
N GLN Q 619 -48.32 -34.72 64.63
CA GLN Q 619 -48.11 -35.54 65.82
C GLN Q 619 -49.31 -35.47 66.75
N ALA Q 620 -49.87 -34.27 66.93
CA ALA Q 620 -51.07 -34.18 67.76
C ALA Q 620 -52.27 -34.83 67.11
N GLU Q 621 -52.31 -34.84 65.77
CA GLU Q 621 -53.42 -35.55 65.14
C GLU Q 621 -53.27 -37.06 65.26
N LEU Q 622 -52.03 -37.56 65.30
CA LEU Q 622 -51.79 -38.94 65.71
C LEU Q 622 -52.26 -39.18 67.14
N ALA Q 623 -51.97 -38.23 68.03
CA ALA Q 623 -52.45 -38.35 69.40
C ALA Q 623 -53.97 -38.42 69.44
N LYS Q 624 -54.63 -37.59 68.63
CA LYS Q 624 -56.09 -37.60 68.56
C LYS Q 624 -56.60 -38.94 68.05
N ALA Q 625 -55.93 -39.51 67.04
CA ALA Q 625 -56.32 -40.83 66.54
C ALA Q 625 -56.19 -41.89 67.63
N GLN Q 626 -55.10 -41.86 68.39
CA GLN Q 626 -54.91 -42.82 69.46
C GLN Q 626 -55.97 -42.66 70.55
N ASN Q 627 -56.29 -41.41 70.90
CA ASN Q 627 -57.36 -41.18 71.86
C ASN Q 627 -58.70 -41.68 71.33
N GLN Q 628 -58.91 -41.56 70.02
CA GLN Q 628 -60.12 -42.12 69.43
C GLN Q 628 -60.16 -43.63 69.59
N THR Q 629 -59.02 -44.29 69.36
CA THR Q 629 -58.93 -45.74 69.62
C THR Q 629 -59.34 -46.05 71.05
N LEU Q 630 -58.71 -45.35 72.01
CA LEU Q 630 -58.95 -45.64 73.42
C LEU Q 630 -60.40 -45.39 73.80
N SER Q 631 -60.97 -44.27 73.36
CA SER Q 631 -62.35 -43.93 73.69
C SER Q 631 -63.32 -44.92 73.08
N LEU Q 632 -63.08 -45.34 71.83
CA LEU Q 632 -63.95 -46.32 71.21
C LEU Q 632 -63.89 -47.66 71.93
N GLN Q 633 -62.69 -48.08 72.34
CA GLN Q 633 -62.58 -49.32 73.11
C GLN Q 633 -63.30 -49.22 74.45
N ILE Q 634 -63.18 -48.08 75.13
CA ILE Q 634 -63.84 -47.92 76.42
C ILE Q 634 -65.35 -47.87 76.27
N ASP Q 635 -65.83 -47.17 75.24
CA ASP Q 635 -67.27 -47.16 74.95
C ASP Q 635 -67.76 -48.56 74.59
N ALA Q 636 -66.93 -49.34 73.90
CA ALA Q 636 -67.28 -50.73 73.63
C ALA Q 636 -67.42 -51.53 74.92
N ALA Q 637 -66.48 -51.34 75.86
CA ALA Q 637 -66.57 -52.02 77.15
C ALA Q 637 -67.85 -51.63 77.87
N LYS Q 638 -68.19 -50.34 77.85
CA LYS Q 638 -69.45 -49.89 78.42
C LYS Q 638 -70.64 -50.55 77.71
N VAL Q 639 -70.54 -50.72 76.39
CA VAL Q 639 -71.61 -51.35 75.62
C VAL Q 639 -71.83 -52.78 76.06
N GLU Q 640 -70.74 -53.56 76.17
CA GLU Q 640 -70.91 -54.95 76.61
C GLU Q 640 -71.39 -55.03 78.05
N ALA Q 641 -70.93 -54.11 78.92
CA ALA Q 641 -71.43 -54.10 80.28
C ALA Q 641 -72.93 -53.83 80.34
N GLN Q 642 -73.39 -52.85 79.56
CA GLN Q 642 -74.82 -52.53 79.53
C GLN Q 642 -75.62 -53.69 78.94
N ASN Q 643 -75.10 -54.35 77.90
CA ASN Q 643 -75.80 -55.48 77.31
C ASN Q 643 -75.90 -56.64 78.30
N GLN Q 644 -74.83 -56.91 79.04
CA GLN Q 644 -74.88 -57.95 80.05
C GLN Q 644 -75.87 -57.61 81.16
N LEU Q 645 -75.90 -56.34 81.58
CA LEU Q 645 -76.86 -55.93 82.60
C LEU Q 645 -78.29 -56.08 82.10
N ASN Q 646 -78.56 -55.70 80.85
CA ASN Q 646 -79.90 -55.84 80.29
C ASN Q 646 -80.28 -57.30 80.11
N ALA Q 647 -79.35 -58.12 79.66
CA ALA Q 647 -79.62 -59.55 79.43
C ALA Q 647 -79.63 -60.31 80.75
N MET R 1 56.31 66.13 -17.94
CA MET R 1 56.49 65.50 -19.24
C MET R 1 57.03 66.49 -20.27
N GLN R 2 57.92 66.01 -21.15
CA GLN R 2 58.46 66.85 -22.20
C GLN R 2 57.55 66.92 -23.41
N ILE R 3 56.53 66.05 -23.49
CA ILE R 3 55.56 66.06 -24.57
C ILE R 3 54.37 66.89 -24.10
N LYS R 4 54.34 68.16 -24.47
CA LYS R 4 53.34 69.09 -23.96
C LYS R 4 52.46 69.72 -25.03
N THR R 5 52.70 69.42 -26.31
CA THR R 5 51.92 70.01 -27.40
C THR R 5 51.52 68.93 -28.39
N LYS R 6 50.59 69.29 -29.28
CA LYS R 6 50.17 68.37 -30.32
C LYS R 6 51.33 68.03 -31.26
N GLY R 7 52.14 69.03 -31.61
CA GLY R 7 53.29 68.78 -32.44
C GLY R 7 54.31 67.87 -31.78
N ASP R 8 54.43 67.95 -30.46
CA ASP R 8 55.30 67.00 -29.76
C ASP R 8 54.81 65.57 -29.93
N LEU R 9 53.49 65.37 -29.85
CA LEU R 9 52.93 64.05 -30.10
C LEU R 9 53.18 63.60 -31.53
N VAL R 10 53.03 64.52 -32.50
CA VAL R 10 53.26 64.17 -33.89
C VAL R 10 54.72 63.79 -34.12
N ARG R 11 55.64 64.55 -33.52
CA ARG R 11 57.07 64.26 -33.66
C ARG R 11 57.41 62.91 -33.01
N ALA R 12 56.81 62.62 -31.85
CA ALA R 12 57.05 61.33 -31.21
C ALA R 12 56.53 60.19 -32.09
N ALA R 13 55.35 60.37 -32.70
CA ALA R 13 54.81 59.34 -33.59
C ALA R 13 55.71 59.15 -34.80
N LEU R 14 56.22 60.24 -35.38
CA LEU R 14 57.10 60.12 -36.54
C LEU R 14 58.41 59.46 -36.16
N ARG R 15 58.94 59.76 -34.98
CA ARG R 15 60.15 59.10 -34.51
C ARG R 15 59.93 57.60 -34.31
N LYS R 16 58.77 57.24 -33.75
CA LYS R 16 58.46 55.83 -33.53
C LYS R 16 58.40 55.07 -34.84
N LEU R 17 57.96 55.71 -35.92
CA LEU R 17 57.91 55.08 -37.22
C LEU R 17 59.24 55.08 -37.94
N GLY R 18 60.24 55.79 -37.43
CA GLY R 18 61.50 55.92 -38.13
C GLY R 18 61.44 56.82 -39.35
N VAL R 19 60.39 57.64 -39.46
CA VAL R 19 60.25 58.53 -40.61
C VAL R 19 61.09 59.77 -40.43
N ALA R 20 60.95 60.45 -39.30
CA ALA R 20 61.71 61.66 -39.03
C ALA R 20 61.99 61.75 -37.54
N SER R 21 63.08 62.43 -37.20
CA SER R 21 63.48 62.61 -35.82
C SER R 21 64.42 63.80 -35.75
N ASP R 22 64.73 64.21 -34.52
CA ASP R 22 65.70 65.29 -34.34
C ASP R 22 67.13 64.85 -34.60
N ALA R 23 67.36 63.55 -34.77
CA ALA R 23 68.69 63.02 -35.08
C ALA R 23 68.91 62.78 -36.56
N THR R 24 67.86 62.59 -37.35
CA THR R 24 68.00 62.32 -38.76
C THR R 24 68.44 63.57 -39.52
N LEU R 25 68.86 63.37 -40.77
CA LEU R 25 69.34 64.47 -41.60
C LEU R 25 68.25 65.10 -42.46
N THR R 26 67.14 64.40 -42.68
CA THR R 26 66.02 64.92 -43.46
C THR R 26 64.75 64.80 -42.64
N ASP R 27 64.10 65.92 -42.40
CA ASP R 27 62.84 65.98 -41.65
C ASP R 27 61.69 66.25 -42.63
N VAL R 28 60.49 65.84 -42.23
CA VAL R 28 59.33 65.97 -43.12
C VAL R 28 58.96 67.45 -43.29
N GLU R 29 58.30 67.74 -44.40
CA GLU R 29 57.83 69.08 -44.67
C GLU R 29 56.81 69.49 -43.62
N PRO R 30 56.76 70.77 -43.24
CA PRO R 30 55.75 71.21 -42.27
C PRO R 30 54.32 70.89 -42.68
N GLN R 31 54.06 70.75 -43.98
CA GLN R 31 52.74 70.32 -44.43
C GLN R 31 52.45 68.90 -43.96
N SER R 32 53.47 68.03 -43.94
CA SER R 32 53.28 66.70 -43.39
C SER R 32 52.94 66.76 -41.90
N MET R 33 53.59 67.67 -41.16
CA MET R 33 53.26 67.86 -39.76
C MET R 33 51.82 68.34 -39.59
N GLN R 34 51.37 69.25 -40.44
CA GLN R 34 49.99 69.72 -40.38
C GLN R 34 49.01 68.59 -40.68
N ASP R 35 49.33 67.75 -41.67
CA ASP R 35 48.47 66.61 -41.99
C ASP R 35 48.41 65.63 -40.82
N ALA R 36 49.55 65.38 -40.16
CA ALA R 36 49.55 64.50 -39.00
C ALA R 36 48.74 65.10 -37.86
N VAL R 37 48.81 66.42 -37.66
CA VAL R 37 48.00 67.06 -36.63
C VAL R 37 46.52 66.93 -36.95
N ASP R 38 46.16 67.08 -38.22
CA ASP R 38 44.77 66.89 -38.63
C ASP R 38 44.31 65.47 -38.35
N ASP R 39 45.16 64.49 -38.66
CA ASP R 39 44.83 63.09 -38.36
C ASP R 39 44.66 62.88 -36.86
N LEU R 40 45.53 63.48 -36.05
CA LEU R 40 45.40 63.36 -34.61
C LEU R 40 44.09 63.94 -34.10
N GLU R 41 43.72 65.11 -34.63
CA GLU R 41 42.46 65.73 -34.23
C GLU R 41 41.27 64.87 -34.63
N ALA R 42 41.30 64.31 -35.84
CA ALA R 42 40.21 63.44 -36.27
C ALA R 42 40.12 62.19 -35.40
N MET R 43 41.26 61.58 -35.08
CA MET R 43 41.26 60.39 -34.22
C MET R 43 40.74 60.72 -32.83
N MET R 44 41.14 61.86 -32.27
CA MET R 44 40.66 62.24 -30.95
C MET R 44 39.16 62.51 -30.96
N ALA R 45 38.66 63.16 -32.01
CA ALA R 45 37.23 63.37 -32.12
C ALA R 45 36.48 62.05 -32.23
N GLU R 46 37.04 61.10 -32.98
CA GLU R 46 36.40 59.79 -33.10
C GLU R 46 36.38 59.06 -31.77
N TRP R 47 37.49 59.08 -31.03
CA TRP R 47 37.52 58.44 -29.72
C TRP R 47 36.54 59.09 -28.76
N TYR R 48 36.58 60.42 -28.68
CA TYR R 48 35.72 61.19 -27.79
C TYR R 48 34.40 61.45 -28.51
N GLN R 49 33.48 60.48 -28.41
CA GLN R 49 32.22 60.56 -29.13
C GLN R 49 31.26 61.54 -28.46
N ASP R 50 31.68 62.81 -28.46
CA ASP R 50 30.94 63.90 -27.81
C ASP R 50 30.67 63.59 -26.34
N GLY R 51 31.67 63.04 -25.66
CA GLY R 51 31.58 62.75 -24.25
C GLY R 51 31.11 61.35 -23.89
N LYS R 52 30.69 60.56 -24.87
CA LYS R 52 30.24 59.20 -24.63
C LYS R 52 31.28 58.16 -25.01
N GLY R 53 32.51 58.57 -25.29
CA GLY R 53 33.56 57.65 -25.66
C GLY R 53 34.68 57.60 -24.64
N ILE R 54 35.92 57.71 -25.12
CA ILE R 54 37.09 57.67 -24.25
C ILE R 54 37.40 59.07 -23.76
N ILE R 55 37.35 59.27 -22.45
CA ILE R 55 37.65 60.57 -21.85
C ILE R 55 39.14 60.62 -21.55
N THR R 56 39.81 61.65 -22.06
CA THR R 56 41.26 61.79 -21.91
C THR R 56 41.72 63.18 -21.49
N GLY R 57 40.85 64.18 -21.48
CA GLY R 57 41.26 65.53 -21.21
C GLY R 57 41.84 66.26 -22.42
N TYR R 58 41.81 65.66 -23.59
CA TYR R 58 42.32 66.30 -24.80
C TYR R 58 41.52 67.56 -25.09
N VAL R 59 42.23 68.63 -25.43
CA VAL R 59 41.62 69.93 -25.73
C VAL R 59 41.60 70.11 -27.23
N PHE R 60 40.41 70.29 -27.79
CA PHE R 60 40.27 70.48 -29.23
C PHE R 60 40.48 71.93 -29.60
N SER R 61 41.37 72.17 -30.55
CA SER R 61 41.68 73.54 -30.97
C SER R 61 40.51 74.12 -31.76
N ASP R 62 40.45 75.46 -31.74
CA ASP R 62 39.37 76.18 -32.44
C ASP R 62 39.90 76.79 -33.74
N ASP R 63 39.00 77.15 -34.64
CA ASP R 63 39.38 77.69 -35.94
C ASP R 63 39.96 79.09 -35.82
N GLU R 64 39.55 79.85 -34.80
CA GLU R 64 40.03 81.22 -34.65
C GLU R 64 41.53 81.27 -34.43
N ASN R 65 42.06 80.38 -33.60
CA ASN R 65 43.50 80.33 -33.36
C ASN R 65 44.18 79.74 -34.59
N PRO R 66 45.09 80.46 -35.24
CA PRO R 66 45.64 80.00 -36.52
C PRO R 66 46.41 78.69 -36.39
N PRO R 67 47.46 78.59 -35.53
CA PRO R 67 48.29 77.39 -35.56
C PRO R 67 47.69 76.28 -34.71
N ALA R 68 47.25 75.21 -35.37
CA ALA R 68 46.79 74.04 -34.64
C ALA R 68 47.93 73.40 -33.87
N GLU R 69 49.11 73.33 -34.48
CA GLU R 69 50.31 72.94 -33.75
C GLU R 69 50.79 74.09 -32.87
N GLY R 70 51.10 73.77 -31.62
CA GLY R 70 51.55 74.73 -30.64
C GLY R 70 50.72 74.76 -29.37
N ASP R 71 49.45 74.37 -29.46
CA ASP R 71 48.58 74.35 -28.30
C ASP R 71 48.79 73.07 -27.50
N ASP R 72 48.72 73.19 -26.18
CA ASP R 72 48.86 72.03 -25.32
C ASP R 72 47.71 71.05 -25.55
N HIS R 73 48.03 69.76 -25.62
CA HIS R 73 47.00 68.77 -25.85
C HIS R 73 46.10 68.62 -24.62
N GLY R 74 46.60 68.91 -23.44
CA GLY R 74 45.82 68.76 -22.22
C GLY R 74 45.70 67.34 -21.71
N LEU R 75 46.41 66.39 -22.31
CA LEU R 75 46.35 65.01 -21.85
C LEU R 75 47.05 64.85 -20.51
N ARG R 76 46.70 63.78 -19.82
CA ARG R 76 47.40 63.42 -18.59
C ARG R 76 48.77 62.84 -18.92
N SER R 77 49.59 62.68 -17.89
CA SER R 77 50.91 62.08 -18.09
C SER R 77 50.81 60.65 -18.56
N SER R 78 49.82 59.90 -18.06
CA SER R 78 49.68 58.49 -18.38
C SER R 78 49.04 58.23 -19.72
N ALA R 79 48.54 59.25 -20.41
CA ALA R 79 47.83 59.07 -21.67
C ALA R 79 48.68 59.37 -22.90
N VAL R 80 49.85 59.99 -22.72
CA VAL R 80 50.63 60.47 -23.87
C VAL R 80 51.11 59.31 -24.73
N SER R 81 51.59 58.24 -24.09
CA SER R 81 52.19 57.13 -24.82
C SER R 81 51.18 56.45 -25.73
N ALA R 82 49.99 56.17 -25.19
CA ALA R 82 48.94 55.54 -25.98
C ALA R 82 48.54 56.40 -27.16
N VAL R 83 48.39 57.71 -26.91
CA VAL R 83 47.96 58.63 -27.95
C VAL R 83 48.96 58.65 -29.09
N PHE R 84 50.25 58.81 -28.78
CA PHE R 84 51.21 58.94 -29.87
C PHE R 84 51.49 57.60 -30.54
N HIS R 85 51.34 56.48 -29.83
CA HIS R 85 51.49 55.19 -30.48
C HIS R 85 50.34 54.95 -31.46
N ASN R 86 49.11 55.24 -31.05
CA ASN R 86 47.97 55.12 -31.96
C ASN R 86 48.11 56.08 -33.14
N LEU R 87 48.64 57.28 -32.89
CA LEU R 87 48.86 58.23 -33.98
C LEU R 87 49.87 57.70 -34.99
N ALA R 88 50.96 57.09 -34.49
CA ALA R 88 51.94 56.50 -35.39
C ALA R 88 51.31 55.39 -36.22
N CYS R 89 50.51 54.53 -35.57
CA CYS R 89 49.81 53.49 -36.31
C CYS R 89 48.88 54.05 -37.38
N ARG R 90 48.17 55.13 -37.06
CA ARG R 90 47.23 55.72 -38.00
C ARG R 90 47.89 56.45 -39.16
N ILE R 91 49.03 57.10 -38.94
CA ILE R 91 49.70 57.86 -39.98
C ILE R 91 50.76 57.07 -40.72
N ALA R 92 51.01 55.83 -40.31
CA ALA R 92 51.91 54.97 -41.08
C ALA R 92 51.50 54.80 -42.55
N PRO R 93 50.23 54.57 -42.89
CA PRO R 93 49.90 54.35 -44.31
C PRO R 93 50.20 55.52 -45.22
N ASP R 94 50.35 56.74 -44.68
CA ASP R 94 50.62 57.89 -45.53
C ASP R 94 51.93 57.72 -46.29
N TYR R 95 52.96 57.21 -45.63
CA TYR R 95 54.28 57.07 -46.21
C TYR R 95 54.53 55.67 -46.75
N ALA R 96 53.47 54.98 -47.18
CA ALA R 96 53.56 53.62 -47.71
C ALA R 96 54.27 52.69 -46.75
N LEU R 97 54.00 52.87 -45.46
CA LEU R 97 54.64 52.10 -44.40
C LEU R 97 53.59 51.25 -43.68
N GLU R 98 54.07 50.48 -42.70
CA GLU R 98 53.21 49.68 -41.85
C GLU R 98 53.89 49.57 -40.49
N ALA R 99 53.21 50.00 -39.45
CA ALA R 99 53.80 49.99 -38.11
C ALA R 99 54.16 48.58 -37.69
N THR R 100 55.30 48.43 -37.04
CA THR R 100 55.78 47.12 -36.62
C THR R 100 54.86 46.55 -35.54
N ALA R 101 55.05 45.27 -35.25
CA ALA R 101 54.15 44.57 -34.32
C ALA R 101 54.19 45.18 -32.94
N LYS R 102 55.37 45.62 -32.49
CA LYS R 102 55.48 46.19 -31.16
C LYS R 102 54.66 47.47 -31.03
N ILE R 103 54.65 48.30 -32.07
CA ILE R 103 53.89 49.55 -32.02
C ILE R 103 52.39 49.26 -31.92
N ILE R 104 51.91 48.28 -32.69
CA ILE R 104 50.50 47.93 -32.64
C ILE R 104 50.12 47.36 -31.28
N ALA R 105 50.98 46.50 -30.71
CA ALA R 105 50.70 45.94 -29.39
C ALA R 105 50.66 47.04 -28.33
N THR R 106 51.62 47.98 -28.40
CA THR R 106 51.62 49.08 -27.45
C THR R 106 50.39 49.96 -27.61
N ALA R 107 49.95 50.18 -28.85
CA ALA R 107 48.74 50.97 -29.08
C ALA R 107 47.53 50.29 -28.47
N LYS R 108 47.38 48.97 -28.67
CA LYS R 108 46.26 48.25 -28.08
C LYS R 108 46.29 48.33 -26.56
N TYR R 109 47.45 48.07 -25.96
CA TYR R 109 47.58 48.10 -24.52
C TYR R 109 47.28 49.50 -23.97
N GLY R 110 47.78 50.54 -24.65
CA GLY R 110 47.55 51.89 -24.19
C GLY R 110 46.09 52.31 -24.28
N LYS R 111 45.41 51.90 -25.36
CA LYS R 111 43.98 52.22 -25.47
C LYS R 111 43.17 51.50 -24.39
N GLU R 112 43.50 50.23 -24.12
CA GLU R 112 42.83 49.51 -23.05
C GLU R 112 43.03 50.20 -21.71
N LEU R 113 44.27 50.59 -21.41
CA LEU R 113 44.54 51.29 -20.16
C LEU R 113 43.86 52.65 -20.12
N LEU R 114 43.72 53.30 -21.28
CA LEU R 114 43.04 54.59 -21.35
C LEU R 114 41.57 54.44 -20.95
N TYR R 115 40.91 53.40 -21.44
CA TYR R 115 39.49 53.22 -21.14
C TYR R 115 39.24 52.47 -19.84
N LYS R 116 40.28 51.93 -19.18
CA LYS R 116 40.05 51.12 -17.99
C LYS R 116 39.31 51.89 -16.89
N GLN R 117 39.79 53.08 -16.54
CA GLN R 117 39.20 53.81 -15.43
C GLN R 117 37.78 54.26 -15.75
N THR R 118 37.54 54.70 -16.98
CA THR R 118 36.19 55.08 -17.38
C THR R 118 35.25 53.89 -17.35
N ALA R 119 35.74 52.71 -17.77
CA ALA R 119 34.91 51.51 -17.70
C ALA R 119 34.58 51.14 -16.26
N ILE R 120 35.55 51.32 -15.36
CA ILE R 120 35.28 51.09 -13.94
C ILE R 120 34.21 52.06 -13.44
N SER R 121 34.33 53.34 -13.82
CA SER R 121 33.38 54.35 -13.36
C SER R 121 31.99 54.17 -13.96
N ARG R 122 31.88 53.54 -15.12
CA ARG R 122 30.60 53.39 -15.80
C ARG R 122 29.88 52.10 -15.46
N ALA R 123 30.49 51.24 -14.63
CA ALA R 123 29.84 50.01 -14.21
C ALA R 123 28.98 50.28 -12.97
N LYS R 124 27.85 50.94 -13.23
CA LYS R 124 26.92 51.34 -12.19
C LYS R 124 25.69 50.43 -12.22
N ARG R 125 25.31 49.92 -11.06
CA ARG R 125 24.14 49.05 -10.96
C ARG R 125 22.87 49.89 -10.98
N ALA R 126 21.86 49.42 -11.71
CA ALA R 126 20.61 50.15 -11.81
C ALA R 126 19.86 50.11 -10.49
N PRO R 127 19.05 51.14 -10.21
CA PRO R 127 18.29 51.15 -8.95
C PRO R 127 17.23 50.06 -8.93
N TYR R 128 16.60 49.91 -7.76
CA TYR R 128 15.55 48.93 -7.60
C TYR R 128 14.36 49.28 -8.51
N PRO R 129 13.67 48.27 -9.05
CA PRO R 129 12.52 48.54 -9.89
C PRO R 129 11.38 49.18 -9.11
N SER R 130 10.50 49.86 -9.84
CA SER R 130 9.39 50.58 -9.22
C SER R 130 8.38 49.64 -8.56
N ARG R 131 8.39 48.36 -8.92
CA ARG R 131 7.43 47.40 -8.40
C ARG R 131 7.99 46.56 -7.25
N MET R 132 9.18 46.90 -6.76
CA MET R 132 9.82 46.10 -5.72
C MET R 132 9.55 46.69 -4.35
N PRO R 133 8.97 45.93 -3.42
CA PRO R 133 8.73 46.46 -2.08
C PRO R 133 10.03 46.69 -1.31
N THR R 134 9.96 47.61 -0.36
CA THR R 134 11.10 47.87 0.51
C THR R 134 11.25 46.82 1.61
N GLY R 135 10.15 46.24 2.07
CA GLY R 135 10.21 45.25 3.13
C GLY R 135 10.00 45.85 4.50
N SER R 136 9.46 45.05 5.42
CA SER R 136 9.15 45.56 6.76
C SER R 136 10.40 45.78 7.60
N GLY R 137 11.53 45.19 7.21
CA GLY R 137 12.76 45.44 7.94
C GLY R 137 13.19 46.89 7.90
N ASN R 138 12.93 47.58 6.79
CA ASN R 138 13.19 49.01 6.66
C ASN R 138 12.08 49.76 7.41
N SER R 139 12.29 49.90 8.72
CA SER R 139 11.29 50.53 9.58
C SER R 139 11.07 51.98 9.21
N PHE R 140 12.15 52.71 8.91
CA PHE R 140 12.03 54.13 8.61
C PHE R 140 11.18 54.35 7.35
N ALA R 141 11.43 53.57 6.30
CA ALA R 141 10.67 53.72 5.07
C ALA R 141 9.22 53.28 5.25
N ASN R 142 8.99 52.20 6.01
CA ASN R 142 7.63 51.70 6.19
C ASN R 142 6.79 52.66 7.02
N LEU R 143 7.39 53.27 8.05
CA LEU R 143 6.65 54.23 8.85
C LEU R 143 6.28 55.47 8.06
N ASN R 144 7.09 55.82 7.05
CA ASN R 144 6.82 56.97 6.20
C ASN R 144 6.11 56.60 4.90
N GLU R 145 5.37 55.49 4.91
CA GLU R 145 4.53 55.06 3.79
C GLU R 145 5.32 54.78 2.52
N TRP R 146 6.62 54.47 2.65
CA TRP R 146 7.43 54.10 1.49
C TRP R 146 7.51 52.58 1.39
N HIS R 147 6.37 51.99 0.98
CA HIS R 147 6.27 50.54 0.90
C HIS R 147 6.92 49.99 -0.37
N TYR R 148 7.17 50.82 -1.38
CA TYR R 148 7.76 50.36 -2.63
C TYR R 148 8.90 51.29 -3.03
N PHE R 149 9.86 50.74 -3.75
CA PHE R 149 10.99 51.50 -4.22
C PHE R 149 10.55 52.47 -5.33
N PRO R 150 11.18 53.64 -5.42
CA PRO R 150 10.76 54.63 -6.43
C PRO R 150 11.05 54.17 -7.86
N GLY R 151 12.28 53.73 -8.11
CA GLY R 151 12.65 53.28 -9.43
C GLY R 151 13.34 54.32 -10.27
N GLU R 152 13.25 54.19 -11.59
CA GLU R 152 13.87 55.11 -12.53
C GLU R 152 15.38 55.23 -12.30
N GLU S 5 47.58 21.38 65.07
CA GLU S 5 46.92 21.75 66.33
C GLU S 5 45.90 22.85 66.10
N ASN S 6 46.22 23.79 65.21
CA ASN S 6 45.31 24.88 64.91
C ASN S 6 44.05 24.34 64.26
N ARG S 7 42.89 24.79 64.75
CA ARG S 7 41.62 24.34 64.18
C ARG S 7 41.46 24.82 62.74
N LEU S 8 41.82 26.08 62.47
CA LEU S 8 41.72 26.61 61.12
C LEU S 8 42.63 25.83 60.16
N GLU S 9 43.82 25.46 60.62
CA GLU S 9 44.73 24.71 59.76
C GLU S 9 44.14 23.35 59.39
N SER S 10 43.55 22.65 60.36
CA SER S 10 42.95 21.35 60.07
C SER S 10 41.76 21.49 59.13
N ILE S 11 40.90 22.48 59.38
CA ILE S 11 39.74 22.69 58.52
C ILE S 11 40.18 22.99 57.09
N LEU S 12 41.17 23.87 56.94
CA LEU S 12 41.66 24.23 55.62
C LEU S 12 42.36 23.06 54.94
N SER S 13 43.07 22.22 55.70
CA SER S 13 43.71 21.06 55.10
C SER S 13 42.66 20.10 54.55
N ARG S 14 41.61 19.83 55.32
CA ARG S 14 40.55 18.96 54.84
C ARG S 14 39.88 19.56 53.61
N PHE S 15 39.57 20.86 53.66
CA PHE S 15 38.90 21.50 52.53
C PHE S 15 39.78 21.49 51.28
N ASP S 16 41.08 21.74 51.45
CA ASP S 16 41.99 21.74 50.30
C ASP S 16 42.11 20.35 49.70
N ALA S 17 42.20 19.32 50.54
CA ALA S 17 42.25 17.96 50.02
C ALA S 17 41.00 17.62 49.22
N ASP S 18 39.82 17.97 49.75
CA ASP S 18 38.58 17.69 49.04
C ASP S 18 38.48 18.51 47.76
N TRP S 19 38.90 19.77 47.80
CA TRP S 19 38.82 20.64 46.64
C TRP S 19 39.73 20.17 45.51
N THR S 20 40.94 19.73 45.85
CA THR S 20 41.86 19.24 44.83
C THR S 20 41.46 17.86 44.33
N ALA S 21 40.82 17.06 45.18
CA ALA S 21 40.41 15.72 44.76
C ALA S 21 39.37 15.77 43.66
N SER S 22 38.42 16.70 43.74
CA SER S 22 37.28 16.75 42.83
C SER S 22 37.39 17.90 41.84
N ASP S 23 38.61 18.21 41.39
CA ASP S 23 38.79 19.36 40.50
C ASP S 23 38.25 19.07 39.10
N GLU S 24 38.58 17.91 38.54
CA GLU S 24 38.23 17.62 37.15
C GLU S 24 36.71 17.51 36.99
N ALA S 25 36.04 16.79 37.88
CA ALA S 25 34.60 16.63 37.77
C ALA S 25 33.89 17.96 37.92
N ARG S 26 34.35 18.80 38.85
CA ARG S 26 33.77 20.12 39.00
C ARG S 26 33.96 20.97 37.75
N ARG S 27 35.14 20.90 37.14
CA ARG S 27 35.39 21.67 35.93
C ARG S 27 34.46 21.22 34.80
N GLU S 28 34.32 19.91 34.61
CA GLU S 28 33.43 19.41 33.56
C GLU S 28 31.97 19.78 33.85
N ALA S 29 31.55 19.72 35.11
CA ALA S 29 30.17 20.06 35.43
C ALA S 29 29.89 21.54 35.21
N LYS S 30 30.82 22.42 35.59
CA LYS S 30 30.66 23.84 35.32
C LYS S 30 30.64 24.10 33.82
N ASN S 31 31.47 23.37 33.07
CA ASN S 31 31.44 23.46 31.61
C ASN S 31 30.08 23.07 31.08
N ASP S 32 29.50 21.99 31.59
CA ASP S 32 28.19 21.53 31.13
C ASP S 32 27.12 22.57 31.41
N LEU S 33 27.17 23.17 32.61
CA LEU S 33 26.20 24.21 32.95
C LEU S 33 26.33 25.42 32.03
N PHE S 34 27.55 25.86 31.76
CA PHE S 34 27.74 26.99 30.86
C PHE S 34 27.29 26.65 29.45
N PHE S 35 27.59 25.44 28.99
CA PHE S 35 27.23 25.02 27.64
C PHE S 35 25.71 24.96 27.47
N SER S 36 25.00 24.45 28.47
CA SER S 36 23.56 24.28 28.37
C SER S 36 22.77 25.45 28.92
N ARG S 37 23.41 26.49 29.42
CA ARG S 37 22.66 27.59 30.00
C ARG S 37 22.99 28.94 29.41
N VAL S 38 24.24 29.20 29.05
CA VAL S 38 24.68 30.51 28.58
C VAL S 38 24.94 30.52 27.09
N SER S 39 25.91 29.74 26.62
CA SER S 39 26.30 29.77 25.22
C SER S 39 27.14 28.54 24.91
N GLN S 40 26.89 27.95 23.74
CA GLN S 40 27.69 26.82 23.28
C GLN S 40 29.00 27.25 22.65
N TRP S 41 29.23 28.55 22.47
CA TRP S 41 30.49 29.06 21.96
C TRP S 41 31.40 29.49 23.11
N ASP S 42 31.77 28.50 23.92
CA ASP S 42 32.63 28.76 25.08
C ASP S 42 34.06 29.01 24.64
N ASP S 43 34.30 30.20 24.07
CA ASP S 43 35.58 30.51 23.47
C ASP S 43 36.11 31.76 24.19
N TRP S 44 36.05 31.73 25.53
CA TRP S 44 36.42 32.91 26.29
C TRP S 44 37.91 33.23 26.19
N LEU S 45 38.75 32.22 25.99
CA LEU S 45 40.20 32.43 26.03
C LEU S 45 40.67 33.33 24.89
N SER S 46 40.12 33.16 23.69
CA SER S 46 40.54 33.98 22.56
C SER S 46 39.32 34.22 21.66
N GLN S 47 38.64 35.34 21.92
CA GLN S 47 37.49 35.73 21.11
C GLN S 47 37.68 37.15 20.59
N TYR S 48 38.49 37.94 21.28
CA TYR S 48 38.79 39.31 20.87
C TYR S 48 40.01 39.36 19.97
N THR S 49 39.99 38.56 18.90
CA THR S 49 41.03 38.57 17.88
C THR S 49 40.50 39.14 16.56
N THR S 50 39.42 38.56 16.04
CA THR S 50 38.71 39.11 14.90
C THR S 50 37.26 38.68 14.99
N LEU S 51 36.40 39.42 14.32
CA LEU S 51 34.95 39.22 14.40
C LEU S 51 34.50 38.39 13.21
N GLN S 52 34.09 37.15 13.46
CA GLN S 52 33.55 36.26 12.46
C GLN S 52 32.20 35.75 12.93
N TYR S 53 31.38 35.32 11.99
CA TYR S 53 30.03 34.86 12.32
C TYR S 53 30.10 33.59 13.15
N ARG S 54 29.44 33.63 14.32
CA ARG S 54 29.33 32.47 15.20
C ARG S 54 27.86 32.30 15.55
N GLY S 55 27.20 31.35 14.89
CA GLY S 55 25.79 31.09 15.10
C GLY S 55 25.56 29.95 16.06
N GLN S 56 24.48 30.05 16.82
CA GLN S 56 24.08 29.02 17.77
C GLN S 56 22.80 28.38 17.27
N PHE S 57 22.91 27.17 16.74
CA PHE S 57 21.78 26.40 16.23
C PHE S 57 21.60 25.22 17.18
N ASP S 58 20.87 25.46 18.27
CA ASP S 58 20.83 24.50 19.37
C ASP S 58 20.14 23.21 18.97
N VAL S 59 20.71 22.10 19.41
CA VAL S 59 20.22 20.77 19.10
C VAL S 59 20.08 19.90 20.34
N VAL S 60 20.51 20.37 21.50
CA VAL S 60 20.48 19.59 22.73
C VAL S 60 19.41 20.14 23.67
N ARG S 61 19.15 21.44 23.59
CA ARG S 61 18.21 22.08 24.50
C ARG S 61 16.80 21.50 24.45
N PRO S 62 16.21 21.19 23.29
CA PRO S 62 14.91 20.51 23.31
C PRO S 62 14.93 19.20 24.09
N VAL S 63 16.01 18.43 23.99
CA VAL S 63 16.11 17.19 24.74
C VAL S 63 16.13 17.47 26.24
N VAL S 64 16.88 18.47 26.67
CA VAL S 64 16.93 18.82 28.09
C VAL S 64 15.56 19.27 28.57
N ARG S 65 14.87 20.08 27.78
CA ARG S 65 13.53 20.51 28.13
C ARG S 65 12.58 19.33 28.26
N LYS S 66 12.66 18.38 27.32
CA LYS S 66 11.81 17.21 27.37
C LYS S 66 12.07 16.38 28.61
N LEU S 67 13.35 16.18 28.95
CA LEU S 67 13.68 15.40 30.14
C LEU S 67 13.22 16.09 31.41
N VAL S 68 13.40 17.41 31.49
CA VAL S 68 12.95 18.15 32.66
C VAL S 68 11.45 18.09 32.80
N SER S 69 10.73 18.22 31.69
CA SER S 69 9.27 18.09 31.73
C SER S 69 8.85 16.70 32.15
N GLU S 70 9.54 15.66 31.66
CA GLU S 70 9.21 14.30 32.04
C GLU S 70 9.41 14.07 33.53
N MET S 71 10.50 14.59 34.09
CA MET S 71 10.73 14.44 35.52
C MET S 71 9.84 15.35 36.36
N ARG S 72 9.30 16.42 35.78
CA ARG S 72 8.41 17.30 36.52
C ARG S 72 7.01 16.72 36.68
N GLN S 73 6.54 15.95 35.69
CA GLN S 73 5.21 15.37 35.75
C GLN S 73 5.09 14.24 36.75
N ASN S 74 6.21 13.78 37.33
CA ASN S 74 6.22 12.65 38.25
C ASN S 74 6.88 13.07 39.55
N PRO S 75 6.16 13.81 40.40
CA PRO S 75 6.74 14.23 41.68
C PRO S 75 6.99 13.04 42.59
N ILE S 76 8.03 13.17 43.41
CA ILE S 76 8.44 12.14 44.35
C ILE S 76 8.63 12.78 45.72
N ASP S 77 8.11 12.14 46.75
CA ASP S 77 8.24 12.67 48.11
C ASP S 77 8.48 11.52 49.08
N VAL S 78 8.88 11.89 50.30
CA VAL S 78 9.12 10.92 51.35
C VAL S 78 7.79 10.33 51.81
N LEU S 79 7.84 9.10 52.34
CA LEU S 79 6.67 8.45 52.90
C LEU S 79 7.14 7.58 54.06
N TYR S 80 6.71 7.92 55.27
CA TYR S 80 7.13 7.19 56.45
C TYR S 80 6.17 6.02 56.71
N ARG S 81 6.73 4.83 56.88
CA ARG S 81 5.94 3.65 57.12
C ARG S 81 6.32 3.00 58.45
N PRO S 82 5.36 2.51 59.21
CA PRO S 82 5.70 1.87 60.49
C PRO S 82 6.61 0.67 60.30
N LYS S 83 7.54 0.50 61.24
CA LYS S 83 8.47 -0.61 61.16
C LYS S 83 7.75 -1.93 61.46
N ASP S 84 8.47 -3.03 61.25
CA ASP S 84 7.91 -4.35 61.50
C ASP S 84 7.74 -4.55 63.00
N GLY S 85 6.52 -4.87 63.42
CA GLY S 85 6.21 -5.04 64.83
C GLY S 85 5.84 -3.76 65.55
N ALA S 86 5.95 -2.62 64.90
CA ALA S 86 5.57 -1.35 65.52
C ALA S 86 4.07 -1.15 65.41
N ARG S 87 3.56 -0.18 66.16
CA ARG S 87 2.15 0.14 66.09
C ARG S 87 1.79 0.63 64.70
N PRO S 88 0.62 0.27 64.18
CA PRO S 88 0.26 0.71 62.81
C PRO S 88 0.15 2.22 62.67
N ASP S 89 -0.09 2.94 63.77
CA ASP S 89 -0.16 4.40 63.75
C ASP S 89 1.18 5.05 64.04
N ALA S 90 2.28 4.36 63.74
CA ALA S 90 3.59 4.84 64.16
C ALA S 90 4.03 6.07 63.38
N ALA S 91 3.61 6.20 62.12
CA ALA S 91 4.16 7.21 61.22
C ALA S 91 3.19 8.34 60.91
N ASP S 92 2.05 8.42 61.59
CA ASP S 92 1.11 9.50 61.29
C ASP S 92 1.62 10.86 61.74
N VAL S 93 2.21 10.93 62.94
CA VAL S 93 2.67 12.22 63.45
C VAL S 93 3.83 12.74 62.60
N LEU S 94 4.81 11.87 62.32
CA LEU S 94 5.96 12.29 61.53
C LEU S 94 5.55 12.67 60.12
N MET S 95 4.68 11.88 59.50
CA MET S 95 4.22 12.20 58.15
C MET S 95 3.44 13.51 58.12
N GLY S 96 2.59 13.73 59.12
CA GLY S 96 1.87 14.99 59.18
C GLY S 96 2.79 16.18 59.34
N MET S 97 3.81 16.06 60.19
CA MET S 97 4.77 17.13 60.36
C MET S 97 5.53 17.40 59.07
N TYR S 98 5.98 16.33 58.39
CA TYR S 98 6.71 16.48 57.15
C TYR S 98 5.86 17.17 56.09
N ARG S 99 4.61 16.74 55.95
CA ARG S 99 3.73 17.39 54.98
C ARG S 99 3.41 18.83 55.37
N THR S 100 3.39 19.12 56.67
CA THR S 100 3.13 20.49 57.12
C THR S 100 4.26 21.43 56.72
N ASP S 101 5.50 21.04 56.99
CA ASP S 101 6.61 21.96 56.79
C ASP S 101 7.38 21.71 55.50
N MET S 102 6.85 20.90 54.58
CA MET S 102 7.46 20.70 53.27
C MET S 102 6.51 21.01 52.13
N ARG S 103 5.33 21.55 52.43
CA ARG S 103 4.35 21.92 51.40
C ARG S 103 4.62 23.29 50.80
N HIS S 104 5.59 24.03 51.33
CA HIS S 104 5.82 25.40 50.90
C HIS S 104 6.54 25.43 49.55
N ASN S 105 6.56 26.63 48.95
CA ASN S 105 7.15 26.78 47.62
C ASN S 105 8.66 26.55 47.63
N THR S 106 9.32 26.82 48.76
CA THR S 106 10.77 26.68 48.81
C THR S 106 11.22 25.25 48.61
N ALA S 107 10.50 24.29 49.19
CA ALA S 107 10.88 22.89 49.05
C ALA S 107 10.75 22.43 47.61
N LYS S 108 9.62 22.74 46.97
CA LYS S 108 9.41 22.37 45.58
C LYS S 108 10.45 23.04 44.68
N ILE S 109 10.75 24.30 44.93
CA ILE S 109 11.72 25.02 44.12
C ILE S 109 13.10 24.39 44.27
N ALA S 110 13.49 24.05 45.50
CA ALA S 110 14.79 23.43 45.72
C ALA S 110 14.90 22.08 45.01
N VAL S 111 13.84 21.27 45.10
CA VAL S 111 13.86 19.97 44.44
C VAL S 111 13.94 20.14 42.93
N ASN S 112 13.19 21.10 42.38
CA ASN S 112 13.21 21.33 40.94
C ASN S 112 14.59 21.81 40.47
N ILE S 113 15.21 22.70 41.25
CA ILE S 113 16.54 23.19 40.90
C ILE S 113 17.55 22.05 40.91
N ALA S 114 17.49 21.21 41.95
CA ALA S 114 18.39 20.07 42.02
C ALA S 114 18.18 19.12 40.85
N VAL S 115 16.91 18.88 40.48
CA VAL S 115 16.63 17.98 39.37
C VAL S 115 17.15 18.54 38.06
N ARG S 116 16.95 19.84 37.82
CA ARG S 116 17.44 20.44 36.58
C ARG S 116 18.95 20.39 36.51
N GLU S 117 19.64 20.69 37.62
CA GLU S 117 21.09 20.61 37.63
C GLU S 117 21.58 19.18 37.45
N GLN S 118 20.86 18.21 38.02
CA GLN S 118 21.21 16.81 37.84
C GLN S 118 21.09 16.39 36.37
N ILE S 119 20.02 16.83 35.71
CA ILE S 119 19.85 16.49 34.30
C ILE S 119 20.91 17.15 33.45
N GLU S 120 21.20 18.43 33.70
CA GLU S 120 22.13 19.15 32.83
C GLU S 120 23.58 18.83 33.16
N ALA S 121 24.01 19.14 34.38
CA ALA S 121 25.41 18.94 34.74
C ALA S 121 25.68 17.50 35.16
N GLY S 122 24.88 16.98 36.08
CA GLY S 122 25.10 15.63 36.57
C GLY S 122 25.00 15.55 38.08
N VAL S 123 25.04 16.70 38.75
CA VAL S 123 24.95 16.76 40.20
C VAL S 123 24.14 17.99 40.60
N GLY S 124 23.34 17.83 41.66
CA GLY S 124 22.62 18.93 42.27
C GLY S 124 22.53 18.65 43.76
N ALA S 125 21.98 19.61 44.49
CA ALA S 125 21.85 19.42 45.94
C ALA S 125 20.83 20.40 46.50
N TRP S 126 20.40 20.12 47.72
CA TRP S 126 19.61 21.07 48.50
C TRP S 126 19.98 20.92 49.96
N ARG S 127 19.40 21.78 50.80
CA ARG S 127 19.75 21.84 52.21
C ARG S 127 18.49 21.85 53.06
N LEU S 128 18.61 21.35 54.28
CA LEU S 128 17.53 21.39 55.27
C LEU S 128 17.96 22.26 56.43
N VAL S 129 17.19 23.30 56.74
CA VAL S 129 17.51 24.22 57.82
C VAL S 129 16.31 24.32 58.75
N THR S 130 16.59 24.77 59.98
CA THR S 130 15.58 24.96 61.00
C THR S 130 15.61 26.41 61.46
N ASP S 131 14.42 26.99 61.66
CA ASP S 131 14.30 28.37 62.08
C ASP S 131 13.23 28.48 63.15
N TYR S 132 13.19 29.63 63.81
CA TYR S 132 12.22 29.89 64.87
C TYR S 132 11.03 30.63 64.26
N GLU S 133 9.84 30.06 64.41
CA GLU S 133 8.61 30.65 63.90
C GLU S 133 7.65 30.88 65.05
N ASP S 134 7.06 32.08 65.11
CA ASP S 134 6.13 32.44 66.16
C ASP S 134 4.68 32.47 65.73
N GLN S 135 4.42 32.69 64.44
CA GLN S 135 3.04 32.82 63.96
C GLN S 135 2.41 31.47 63.66
N SER S 136 3.03 30.68 62.78
CA SER S 136 2.53 29.36 62.39
C SER S 136 3.65 28.34 62.54
N PRO S 137 3.98 27.96 63.77
CA PRO S 137 5.04 26.97 63.98
C PRO S 137 4.53 25.56 63.73
N THR S 138 5.42 24.71 63.22
CA THR S 138 5.09 23.30 63.09
C THR S 138 5.05 22.61 64.43
N SER S 139 6.05 22.86 65.27
CA SER S 139 6.12 22.29 66.61
C SER S 139 7.21 23.00 67.39
N ASN S 140 6.95 23.23 68.69
CA ASN S 140 7.94 23.79 69.60
C ASN S 140 8.46 25.15 69.11
N ASN S 141 7.56 25.95 68.54
CA ASN S 141 7.89 27.29 68.04
C ASN S 141 9.03 27.26 67.03
N GLN S 142 9.10 26.20 66.23
CA GLN S 142 10.17 26.04 65.25
C GLN S 142 9.60 25.44 63.97
N VAL S 143 10.30 25.67 62.87
CA VAL S 143 9.95 25.11 61.58
C VAL S 143 11.22 24.55 60.93
N ILE S 144 11.03 23.57 60.06
CA ILE S 144 12.11 23.00 59.26
C ILE S 144 11.74 23.20 57.79
N ARG S 145 12.62 23.86 57.04
CA ARG S 145 12.37 24.11 55.63
C ARG S 145 13.55 23.61 54.81
N ARG S 146 13.32 23.53 53.50
CA ARG S 146 14.30 23.08 52.53
C ARG S 146 14.67 24.22 51.61
N GLU S 147 15.97 24.46 51.47
CA GLU S 147 16.50 25.58 50.70
C GLU S 147 17.32 25.07 49.52
N PRO S 148 17.37 25.83 48.43
CA PRO S 148 18.12 25.39 47.25
C PRO S 148 19.60 25.74 47.33
N ILE S 149 20.38 25.01 46.55
CA ILE S 149 21.79 25.29 46.33
C ILE S 149 22.03 25.34 44.84
N HIS S 150 22.42 26.52 44.34
CA HIS S 150 22.67 26.70 42.92
C HIS S 150 24.12 26.37 42.60
N SER S 151 24.31 25.65 41.50
CA SER S 151 25.62 25.17 41.08
C SER S 151 26.28 24.37 42.20
N ALA S 152 25.64 23.25 42.55
CA ALA S 152 26.12 22.40 43.61
C ALA S 152 27.42 21.69 43.27
N CYS S 153 27.82 21.69 41.99
CA CYS S 153 29.09 21.08 41.61
C CYS S 153 30.27 21.84 42.22
N SER S 154 30.19 23.17 42.25
CA SER S 154 31.29 24.00 42.70
C SER S 154 31.04 24.66 44.05
N HIS S 155 29.81 24.61 44.58
CA HIS S 155 29.49 25.28 45.82
C HIS S 155 29.41 24.33 47.01
N VAL S 156 29.17 23.05 46.78
CA VAL S 156 29.14 22.05 47.84
C VAL S 156 30.30 21.09 47.59
N ILE S 157 31.24 21.05 48.54
CA ILE S 157 32.42 20.20 48.43
C ILE S 157 32.34 19.16 49.54
N TRP S 158 32.32 17.89 49.15
CA TRP S 158 32.12 16.78 50.06
C TRP S 158 33.45 16.18 50.50
N ASP S 159 33.39 15.38 51.56
CA ASP S 159 34.55 14.63 51.99
C ASP S 159 34.99 13.67 50.89
N SER S 160 36.28 13.72 50.54
CA SER S 160 36.78 12.91 49.43
C SER S 160 36.79 11.43 49.74
N ASN S 161 36.75 11.05 51.01
CA ASN S 161 36.71 9.63 51.40
C ASN S 161 35.27 9.17 51.59
N SER S 162 34.46 9.39 50.54
CA SER S 162 33.05 9.00 50.54
C SER S 162 32.78 8.18 49.31
N LYS S 163 32.22 6.98 49.50
CA LYS S 163 31.95 6.05 48.42
C LYS S 163 30.47 5.72 48.31
N LEU S 164 29.60 6.67 48.65
CA LEU S 164 28.16 6.48 48.61
C LEU S 164 27.52 7.60 47.80
N MET S 165 26.48 7.27 47.05
CA MET S 165 25.85 8.25 46.17
C MET S 165 25.22 9.38 46.98
N ASP S 166 24.58 9.06 48.09
CA ASP S 166 23.96 10.07 48.95
C ASP S 166 24.94 10.66 49.96
N LYS S 167 26.19 10.18 49.97
CA LYS S 167 27.23 10.72 50.85
C LYS S 167 26.84 10.62 52.32
N SER S 168 26.25 9.50 52.71
CA SER S 168 25.95 9.28 54.12
C SER S 168 27.16 8.86 54.93
N ASP S 169 28.23 8.42 54.27
CA ASP S 169 29.47 8.08 54.95
C ASP S 169 30.44 9.25 55.01
N ALA S 170 30.10 10.38 54.40
CA ALA S 170 30.95 11.56 54.48
C ALA S 170 30.95 12.11 55.90
N ARG S 171 32.12 12.53 56.36
CA ARG S 171 32.29 13.00 57.73
C ARG S 171 32.38 14.52 57.82
N HIS S 172 32.49 15.21 56.69
CA HIS S 172 32.44 16.66 56.69
C HIS S 172 32.06 17.14 55.30
N CYS S 173 31.59 18.38 55.23
CA CYS S 173 31.16 18.98 53.97
C CYS S 173 31.23 20.49 54.10
N THR S 174 31.78 21.15 53.10
CA THR S 174 31.92 22.60 53.10
C THR S 174 31.05 23.20 52.01
N VAL S 175 30.21 24.16 52.40
CA VAL S 175 29.29 24.85 51.50
C VAL S 175 29.78 26.28 51.37
N ILE S 176 30.00 26.71 50.13
CA ILE S 176 30.53 28.03 49.82
C ILE S 176 29.36 28.92 49.42
N HIS S 177 29.20 30.03 50.14
CA HIS S 177 28.17 31.02 49.83
C HIS S 177 28.80 32.28 49.28
N SER S 178 28.37 32.67 48.08
CA SER S 178 28.69 33.95 47.46
C SER S 178 27.47 34.85 47.56
N MET S 179 27.68 36.08 48.00
CA MET S 179 26.55 36.94 48.31
C MET S 179 26.90 38.40 48.06
N SER S 180 25.86 39.22 47.94
CA SER S 180 26.05 40.64 47.68
C SER S 180 26.44 41.37 48.96
N GLN S 181 26.78 42.65 48.81
CA GLN S 181 27.18 43.46 49.96
C GLN S 181 26.05 43.58 50.98
N ASN S 182 24.84 43.89 50.51
CA ASN S 182 23.70 43.94 51.41
C ASN S 182 23.36 42.55 51.93
N GLY S 183 23.51 41.54 51.06
CA GLY S 183 23.36 40.17 51.53
C GLY S 183 24.38 39.80 52.60
N TRP S 184 25.62 40.24 52.42
CA TRP S 184 26.63 40.00 53.45
C TRP S 184 26.29 40.71 54.75
N GLU S 185 25.78 41.94 54.67
CA GLU S 185 25.40 42.67 55.87
C GLU S 185 24.29 41.94 56.61
N ASP S 186 23.28 41.46 55.88
CA ASP S 186 22.20 40.73 56.54
C ASP S 186 22.67 39.38 57.07
N PHE S 187 23.61 38.73 56.38
CA PHE S 187 24.21 37.49 56.88
C PHE S 187 24.93 37.74 58.21
N ALA S 188 25.71 38.81 58.28
CA ALA S 188 26.43 39.14 59.50
C ALA S 188 25.45 39.48 60.63
N GLU S 189 24.37 40.19 60.30
CA GLU S 189 23.35 40.47 61.30
C GLU S 189 22.73 39.17 61.82
N LYS S 190 22.43 38.24 60.91
CA LYS S 190 21.79 36.99 61.29
C LYS S 190 22.71 36.15 62.19
N TYR S 191 23.99 36.06 61.84
CA TYR S 191 24.92 35.20 62.56
C TYR S 191 25.81 35.95 63.54
N ASP S 192 25.47 37.20 63.85
CA ASP S 192 26.21 38.00 64.83
C ASP S 192 27.70 38.06 64.52
N LEU S 193 28.02 38.27 63.23
CA LEU S 193 29.39 38.44 62.81
C LEU S 193 29.73 39.93 62.75
N ASP S 194 30.98 40.22 62.38
CA ASP S 194 31.42 41.60 62.21
C ASP S 194 31.22 41.99 60.75
N ALA S 195 30.31 42.92 60.51
CA ALA S 195 29.99 43.32 59.14
C ALA S 195 31.09 44.14 58.50
N ASP S 196 31.90 44.83 59.30
CA ASP S 196 32.96 45.66 58.73
C ASP S 196 34.11 44.82 58.19
N ASP S 197 34.36 43.65 58.78
CA ASP S 197 35.43 42.76 58.33
C ASP S 197 34.87 41.88 57.22
N ILE S 198 35.10 42.30 55.98
CA ILE S 198 34.58 41.55 54.83
C ILE S 198 35.34 40.23 54.71
N PRO S 199 34.65 39.10 54.61
CA PRO S 199 35.33 37.81 54.52
C PRO S 199 35.69 37.47 53.08
N SER S 200 36.45 36.39 52.94
CA SER S 200 36.84 35.89 51.63
C SER S 200 37.07 34.38 51.74
N PHE S 201 36.94 33.71 50.60
CA PHE S 201 37.12 32.27 50.52
C PHE S 201 37.43 31.92 49.06
N GLN S 202 37.64 30.63 48.82
CA GLN S 202 37.93 30.15 47.47
C GLN S 202 36.76 30.46 46.55
N ASN S 203 37.04 31.18 45.47
CA ASN S 203 36.00 31.55 44.53
C ASN S 203 35.63 30.34 43.67
N PRO S 204 34.39 29.86 43.71
CA PRO S 204 34.03 28.71 42.89
C PRO S 204 33.73 29.07 41.45
N ASN S 205 33.30 30.31 41.22
CA ASN S 205 32.93 30.75 39.88
C ASN S 205 34.16 31.20 39.11
N ASP S 206 33.99 31.37 37.81
CA ASP S 206 35.04 31.85 36.92
C ASP S 206 34.49 32.98 36.07
N TRP S 207 35.26 34.05 35.94
CA TRP S 207 34.87 35.20 35.12
C TRP S 207 35.15 34.86 33.67
N VAL S 208 34.16 34.27 33.01
CA VAL S 208 34.28 33.81 31.63
C VAL S 208 33.38 34.63 30.69
N PHE S 209 32.10 34.74 31.01
CA PHE S 209 31.21 35.58 30.23
C PHE S 209 31.53 37.05 30.46
N PRO S 210 31.32 37.92 29.47
CA PRO S 210 31.54 39.35 29.68
C PRO S 210 30.49 39.98 30.59
N TRP S 211 30.38 39.46 31.81
CA TRP S 211 29.48 40.05 32.79
C TRP S 211 30.07 41.35 33.32
N LEU S 212 29.25 42.39 33.38
CA LEU S 212 29.74 43.69 33.81
C LEU S 212 30.25 43.66 35.25
N THR S 213 29.51 43.05 36.15
CA THR S 213 29.88 42.99 37.56
C THR S 213 29.55 41.61 38.10
N GLN S 214 30.56 40.91 38.62
CA GLN S 214 30.38 39.67 39.36
C GLN S 214 30.75 39.89 40.83
N ASP S 215 30.44 41.08 41.34
CA ASP S 215 30.82 41.46 42.70
C ASP S 215 30.18 40.53 43.72
N THR S 216 30.99 39.71 44.38
CA THR S 216 30.49 38.74 45.35
C THR S 216 31.43 38.66 46.53
N ILE S 217 30.88 38.29 47.67
CA ILE S 217 31.62 38.04 48.90
C ILE S 217 31.44 36.59 49.27
N GLN S 218 32.54 35.90 49.56
CA GLN S 218 32.56 34.45 49.74
C GLN S 218 32.81 34.09 51.20
N ILE S 219 31.97 33.21 51.74
CA ILE S 219 32.15 32.64 53.07
C ILE S 219 31.89 31.14 52.97
N ALA S 220 32.30 30.39 54.00
CA ALA S 220 32.10 28.96 53.97
C ALA S 220 31.48 28.48 55.27
N GLU S 221 30.65 27.45 55.16
CA GLU S 221 30.16 26.72 56.34
C GLU S 221 30.64 25.28 56.26
N PHE S 222 31.31 24.85 57.33
CA PHE S 222 31.93 23.54 57.43
C PHE S 222 31.10 22.72 58.40
N TYR S 223 30.44 21.68 57.88
CA TYR S 223 29.68 20.74 58.69
C TYR S 223 30.53 19.51 58.95
N GLU S 224 30.52 19.03 60.19
CA GLU S 224 31.22 17.82 60.54
C GLU S 224 30.38 16.98 61.49
N VAL S 225 30.40 15.66 61.28
CA VAL S 225 29.65 14.72 62.11
C VAL S 225 30.64 13.97 62.99
N VAL S 226 30.36 13.93 64.28
CA VAL S 226 31.19 13.23 65.25
C VAL S 226 30.32 12.16 65.92
N GLU S 227 30.75 10.91 65.83
CA GLU S 227 30.04 9.79 66.43
C GLU S 227 30.74 9.38 67.71
N LYS S 228 30.05 9.53 68.84
CA LYS S 228 30.66 9.24 70.13
C LYS S 228 29.60 8.68 71.07
N LYS S 229 30.09 8.04 72.13
CA LYS S 229 29.22 7.53 73.19
C LYS S 229 29.03 8.61 74.24
N GLU S 230 27.77 9.00 74.47
CA GLU S 230 27.45 10.00 75.46
C GLU S 230 26.51 9.42 76.51
N THR S 231 26.52 10.07 77.67
CA THR S 231 25.70 9.64 78.79
C THR S 231 24.22 9.92 78.50
N ALA S 232 23.37 8.98 78.92
CA ALA S 232 21.93 9.18 78.92
C ALA S 232 21.36 8.61 80.21
N PHE S 233 20.22 9.16 80.62
CA PHE S 233 19.60 8.82 81.90
C PHE S 233 18.32 8.04 81.65
N ILE S 234 18.14 6.95 82.39
CA ILE S 234 16.92 6.16 82.38
C ILE S 234 16.11 6.59 83.60
N TYR S 235 15.03 7.33 83.37
CA TYR S 235 14.18 7.81 84.44
C TYR S 235 13.02 6.84 84.64
N GLN S 236 12.02 7.25 85.42
CA GLN S 236 10.77 6.51 85.55
C GLN S 236 9.63 7.48 85.31
N ASP S 237 8.85 7.21 84.27
CA ASP S 237 7.75 8.09 83.92
C ASP S 237 6.66 8.00 84.98
N PRO S 238 6.23 9.11 85.58
CA PRO S 238 5.15 9.03 86.58
C PRO S 238 3.85 8.49 86.00
N VAL S 239 3.62 8.65 84.71
CA VAL S 239 2.42 8.10 84.08
C VAL S 239 2.54 6.59 83.94
N THR S 240 3.50 6.15 83.14
CA THR S 240 3.75 4.73 82.92
C THR S 240 5.06 4.55 82.18
N GLY S 241 5.77 3.48 82.53
CA GLY S 241 6.97 3.10 81.81
C GLY S 241 8.19 3.91 82.25
N GLU S 242 9.28 3.71 81.52
CA GLU S 242 10.51 4.42 81.81
C GLU S 242 11.06 5.03 80.52
N PRO S 243 11.51 6.30 80.55
CA PRO S 243 12.08 6.91 79.38
C PRO S 243 13.60 7.04 79.42
N VAL S 244 14.19 7.29 78.26
CA VAL S 244 15.62 7.45 78.10
C VAL S 244 15.88 8.84 77.53
N SER S 245 16.63 9.66 78.25
CA SER S 245 16.87 11.03 77.82
C SER S 245 18.37 11.31 77.81
N TYR S 246 18.86 11.86 76.70
CA TYR S 246 20.29 12.17 76.59
C TYR S 246 20.69 13.22 77.61
N PHE S 247 21.83 13.00 78.26
CA PHE S 247 22.28 13.90 79.31
C PHE S 247 22.62 15.27 78.78
N LYS S 248 23.09 15.36 77.53
CA LYS S 248 23.47 16.66 76.97
C LYS S 248 22.25 17.54 76.70
N ARG S 249 21.11 16.94 76.38
CA ARG S 249 19.93 17.73 76.04
C ARG S 249 19.31 18.41 77.25
N ASP S 250 19.38 17.78 78.42
CA ASP S 250 18.85 18.39 79.65
C ASP S 250 19.98 18.53 80.67
N ILE S 251 21.13 19.03 80.22
CA ILE S 251 22.33 19.03 81.05
C ILE S 251 22.16 19.94 82.26
N LYS S 252 21.69 21.17 82.03
CA LYS S 252 21.62 22.15 83.10
C LYS S 252 20.25 22.82 83.14
N ASP S 253 19.55 22.83 82.01
CA ASP S 253 18.29 23.56 81.92
C ASP S 253 17.25 22.98 82.87
N VAL S 254 17.01 21.68 82.78
CA VAL S 254 15.91 21.06 83.52
C VAL S 254 16.39 19.83 84.30
N ILE S 255 17.71 19.68 84.44
CA ILE S 255 18.26 18.48 85.06
C ILE S 255 17.73 18.31 86.48
N ASP S 256 17.36 19.40 87.15
CA ASP S 256 16.73 19.33 88.45
C ASP S 256 15.21 19.43 88.37
N ASP S 257 14.65 19.83 87.22
CA ASP S 257 13.21 19.90 87.07
C ASP S 257 12.57 18.53 86.90
N LEU S 258 13.32 17.52 86.45
CA LEU S 258 12.77 16.16 86.38
C LEU S 258 12.36 15.68 87.76
N ALA S 259 13.20 15.92 88.77
CA ALA S 259 12.87 15.51 90.12
C ALA S 259 11.63 16.23 90.64
N ASP S 260 11.52 17.54 90.37
CA ASP S 260 10.37 18.30 90.82
C ASP S 260 9.09 17.82 90.14
N SER S 261 9.16 17.48 88.85
CA SER S 261 7.99 17.06 88.10
C SER S 261 7.57 15.63 88.41
N GLY S 262 8.35 14.89 89.18
CA GLY S 262 8.03 13.51 89.52
C GLY S 262 8.85 12.47 88.80
N PHE S 263 9.87 12.87 88.03
CA PHE S 263 10.74 11.93 87.35
C PHE S 263 11.87 11.52 88.28
N ILE S 264 11.99 10.22 88.55
CA ILE S 264 13.02 9.67 89.43
C ILE S 264 14.03 8.93 88.58
N LYS S 265 15.31 9.24 88.77
CA LYS S 265 16.36 8.59 88.01
C LYS S 265 16.50 7.14 88.43
N ILE S 266 16.47 6.23 87.47
CA ILE S 266 16.58 4.81 87.73
C ILE S 266 17.96 4.27 87.34
N ALA S 267 18.50 4.72 86.21
CA ALA S 267 19.78 4.19 85.75
C ALA S 267 20.47 5.22 84.88
N GLU S 268 21.71 4.92 84.51
CA GLU S 268 22.50 5.79 83.64
C GLU S 268 23.32 4.92 82.71
N ARG S 269 23.16 5.13 81.40
CA ARG S 269 23.84 4.33 80.40
C ARG S 269 24.68 5.23 79.49
N GLN S 270 25.45 4.60 78.61
CA GLN S 270 26.28 5.28 77.63
C GLN S 270 25.88 4.79 76.25
N ILE S 271 25.24 5.66 75.47
CA ILE S 271 24.72 5.32 74.15
C ILE S 271 25.47 6.11 73.09
N LYS S 272 25.83 5.42 72.00
CA LYS S 272 26.54 6.05 70.90
C LYS S 272 25.57 6.76 69.97
N ARG S 273 25.96 7.96 69.56
CA ARG S 273 25.15 8.76 68.65
C ARG S 273 26.05 9.73 67.91
N ARG S 274 25.50 10.32 66.85
CA ARG S 274 26.20 11.30 66.03
C ARG S 274 25.71 12.70 66.35
N ARG S 275 26.63 13.66 66.32
CA ARG S 275 26.31 15.07 66.50
C ARG S 275 26.95 15.87 65.39
N VAL S 276 26.25 16.91 64.93
CA VAL S 276 26.66 17.70 63.78
C VAL S 276 27.04 19.10 64.25
N TYR S 277 28.21 19.55 63.83
CA TYR S 277 28.73 20.86 64.19
C TYR S 277 28.98 21.66 62.92
N LYS S 278 28.54 22.92 62.92
CA LYS S 278 28.74 23.84 61.81
C LYS S 278 29.68 24.96 62.24
N SER S 279 30.60 25.32 61.34
CA SER S 279 31.55 26.39 61.57
C SER S 279 31.51 27.36 60.40
N ILE S 280 31.42 28.66 60.71
CA ILE S 280 31.49 29.69 59.69
C ILE S 280 32.94 30.13 59.57
N ILE S 281 33.52 29.98 58.38
CA ILE S 281 34.94 30.20 58.17
C ILE S 281 35.17 31.06 56.93
N THR S 282 36.32 31.73 56.94
CA THR S 282 36.89 32.44 55.81
C THR S 282 38.25 31.83 55.51
N CYS S 283 38.99 32.46 54.61
CA CYS S 283 40.31 31.94 54.22
C CYS S 283 41.39 32.22 55.26
N THR S 284 41.13 33.09 56.24
CA THR S 284 42.16 33.49 57.19
C THR S 284 41.79 33.28 58.65
N ALA S 285 40.51 33.05 58.97
CA ALA S 285 40.11 32.94 60.36
C ALA S 285 38.81 32.13 60.44
N VAL S 286 38.43 31.80 61.66
CA VAL S 286 37.20 31.08 61.95
C VAL S 286 36.30 32.01 62.75
N LEU S 287 35.11 32.29 62.21
CA LEU S 287 34.19 33.20 62.89
C LEU S 287 33.39 32.47 63.97
N LYS S 288 32.65 31.44 63.58
CA LYS S 288 31.96 30.56 64.52
C LYS S 288 32.66 29.20 64.52
N ASP S 289 32.90 28.65 65.70
CA ASP S 289 33.84 27.54 65.82
C ASP S 289 33.18 26.17 65.67
N LYS S 290 32.28 25.82 66.58
CA LYS S 290 31.68 24.49 66.59
C LYS S 290 30.20 24.55 66.94
N GLN S 291 29.47 25.46 66.30
CA GLN S 291 28.05 25.62 66.61
C GLN S 291 27.30 24.31 66.39
N LEU S 292 26.81 23.71 67.47
CA LEU S 292 26.09 22.44 67.36
C LEU S 292 24.72 22.67 66.73
N ILE S 293 24.39 21.87 65.72
CA ILE S 293 23.11 21.98 65.04
C ILE S 293 22.31 20.70 65.27
N ALA S 294 21.02 20.79 64.99
CA ALA S 294 20.12 19.66 65.22
C ALA S 294 20.32 18.58 64.16
N GLY S 295 20.13 17.34 64.58
CA GLY S 295 20.18 16.20 63.69
C GLY S 295 21.44 15.36 63.91
N GLU S 296 21.39 14.17 63.33
CA GLU S 296 22.52 13.24 63.34
C GLU S 296 23.26 13.21 62.02
N HIS S 297 22.77 13.90 61.00
CA HIS S 297 23.32 13.84 59.66
C HIS S 297 23.60 15.24 59.15
N ILE S 298 24.54 15.32 58.21
CA ILE S 298 24.80 16.61 57.56
C ILE S 298 23.57 17.02 56.76
N PRO S 299 23.06 18.24 56.92
CA PRO S 299 21.77 18.61 56.35
C PRO S 299 21.77 18.85 54.85
N ILE S 300 22.80 18.45 54.11
CA ILE S 300 22.86 18.65 52.68
C ILE S 300 22.54 17.34 51.98
N VAL S 301 21.60 17.38 51.05
CA VAL S 301 21.16 16.21 50.30
C VAL S 301 21.63 16.36 48.86
N PRO S 302 22.49 15.48 48.35
CA PRO S 302 22.88 15.53 46.94
C PRO S 302 22.06 14.62 46.04
N VAL S 303 21.95 15.00 44.77
CA VAL S 303 21.29 14.20 43.74
C VAL S 303 22.27 14.04 42.59
N PHE S 304 22.40 12.81 42.10
CA PHE S 304 23.38 12.49 41.07
C PHE S 304 22.70 11.90 39.84
N GLY S 305 23.37 12.04 38.69
CA GLY S 305 22.90 11.44 37.46
C GLY S 305 23.56 10.11 37.22
N GLU S 306 24.51 10.07 36.28
CA GLU S 306 25.35 8.89 36.08
C GLU S 306 26.58 9.06 36.96
N TRP S 307 26.61 8.34 38.08
CA TRP S 307 27.62 8.52 39.12
C TRP S 307 28.45 7.26 39.27
N GLY S 308 29.74 7.43 39.52
CA GLY S 308 30.60 6.28 39.73
C GLY S 308 32.00 6.70 40.10
N PHE S 309 32.87 5.70 40.20
CA PHE S 309 34.29 5.88 40.47
C PHE S 309 35.09 5.16 39.39
N VAL S 310 36.15 5.81 38.91
CA VAL S 310 36.99 5.20 37.89
C VAL S 310 38.25 4.63 38.53
N GLU S 311 39.09 5.50 39.09
CA GLU S 311 40.24 5.07 39.87
C GLU S 311 40.28 5.97 41.11
N ASP S 312 39.51 5.59 42.13
CA ASP S 312 39.32 6.40 43.33
C ASP S 312 39.06 7.86 42.99
N LYS S 313 38.39 8.11 41.86
CA LYS S 313 38.08 9.45 41.40
C LYS S 313 36.61 9.50 41.03
N GLU S 314 35.84 10.33 41.74
CA GLU S 314 34.42 10.44 41.47
C GLU S 314 34.17 11.05 40.10
N VAL S 315 33.24 10.46 39.36
CA VAL S 315 32.82 10.97 38.06
C VAL S 315 31.29 10.94 38.02
N TYR S 316 30.69 12.09 37.72
CA TYR S 316 29.25 12.18 37.52
C TYR S 316 28.97 12.91 36.21
N GLU S 317 27.97 12.42 35.49
CA GLU S 317 27.65 12.94 34.17
C GLU S 317 26.13 13.08 34.05
N GLY S 318 25.71 14.03 33.21
CA GLY S 318 24.31 14.25 32.97
C GLY S 318 23.85 13.73 31.63
N VAL S 319 23.41 14.63 30.76
CA VAL S 319 22.96 14.24 29.42
C VAL S 319 23.60 15.16 28.39
N VAL S 320 24.28 16.20 28.86
CA VAL S 320 24.82 17.22 27.98
C VAL S 320 26.25 16.95 27.55
N ARG S 321 27.04 16.26 28.39
CA ARG S 321 28.48 16.16 28.16
C ARG S 321 28.79 15.50 26.83
N LEU S 322 28.27 14.29 26.62
CA LEU S 322 28.62 13.53 25.42
C LEU S 322 28.08 14.15 24.14
N THR S 323 27.14 15.08 24.23
CA THR S 323 26.64 15.79 23.07
C THR S 323 27.41 17.07 22.79
N LYS S 324 28.40 17.41 23.61
CA LYS S 324 29.11 18.67 23.43
C LYS S 324 30.01 18.65 22.20
N ASP S 325 30.60 17.49 21.89
CA ASP S 325 31.53 17.43 20.76
C ASP S 325 30.82 17.54 19.43
N GLY S 326 29.72 16.80 19.25
CA GLY S 326 28.98 16.89 18.00
C GLY S 326 28.34 18.24 17.80
N GLN S 327 27.69 18.77 18.84
CA GLN S 327 27.00 20.05 18.73
C GLN S 327 27.98 21.15 18.35
N ARG S 328 29.13 21.20 19.01
CA ARG S 328 30.15 22.19 18.69
C ARG S 328 30.56 22.10 17.23
N LEU S 329 30.53 20.90 16.65
CA LEU S 329 30.80 20.78 15.23
C LEU S 329 29.66 21.35 14.41
N ARG S 330 28.42 21.02 14.78
CA ARG S 330 27.26 21.48 14.02
C ARG S 330 27.17 23.00 14.04
N ASN S 331 27.54 23.62 15.17
CA ASN S 331 27.59 25.08 15.21
C ASN S 331 28.66 25.61 14.26
N MET S 332 29.82 24.96 14.19
CA MET S 332 30.90 25.47 13.37
C MET S 332 30.56 25.37 11.89
N ILE S 333 30.13 24.19 11.43
CA ILE S 333 29.81 24.01 10.02
C ILE S 333 28.70 24.95 9.60
N MET S 334 27.63 25.01 10.41
CA MET S 334 26.53 25.92 10.14
C MET S 334 27.03 27.36 10.03
N SER S 335 28.07 27.70 10.78
CA SER S 335 28.64 29.04 10.72
C SER S 335 29.51 29.24 9.48
N PHE S 336 30.19 28.18 9.03
CA PHE S 336 31.02 28.32 7.83
C PHE S 336 30.19 28.57 6.60
N ASN S 337 29.12 27.78 6.42
CA ASN S 337 28.30 27.89 5.22
C ASN S 337 27.63 29.26 5.13
N ALA S 338 27.29 29.85 6.29
CA ALA S 338 26.76 31.21 6.28
C ALA S 338 27.77 32.17 5.67
N ASP S 339 29.04 32.02 6.02
CA ASP S 339 30.08 32.84 5.41
C ASP S 339 30.11 32.65 3.89
N ILE S 340 29.72 31.47 3.41
CA ILE S 340 29.63 31.24 1.98
C ILE S 340 28.51 32.06 1.37
N VAL S 341 27.38 32.18 2.08
CA VAL S 341 26.22 32.86 1.52
C VAL S 341 26.48 34.36 1.41
N ALA S 342 27.13 34.94 2.41
CA ALA S 342 27.33 36.39 2.46
C ALA S 342 28.55 36.84 1.67
N ARG S 343 29.73 36.35 2.04
CA ARG S 343 30.98 36.81 1.43
C ARG S 343 31.39 35.87 0.29
N THR S 344 30.67 35.99 -0.82
CA THR S 344 31.02 35.25 -2.02
C THR S 344 30.46 36.02 -3.21
N PRO S 345 31.28 36.32 -4.21
CA PRO S 345 30.78 37.06 -5.37
C PRO S 345 29.68 36.29 -6.08
N LYS S 346 28.70 37.03 -6.58
CA LYS S 346 27.53 36.43 -7.21
C LYS S 346 27.86 36.01 -8.64
N LYS S 347 26.85 35.47 -9.33
CA LYS S 347 27.02 35.00 -10.71
C LYS S 347 26.74 36.16 -11.66
N LYS S 348 27.80 36.70 -12.25
CA LYS S 348 27.71 37.80 -13.20
C LYS S 348 28.64 37.51 -14.38
N PRO S 349 28.36 38.08 -15.54
CA PRO S 349 29.20 37.79 -16.71
C PRO S 349 30.60 38.39 -16.57
N PHE S 350 31.55 37.77 -17.25
CA PHE S 350 32.90 38.29 -17.39
C PHE S 350 33.00 39.03 -18.72
N PHE S 351 33.37 40.30 -18.67
CA PHE S 351 33.41 41.16 -19.84
C PHE S 351 34.77 41.81 -19.96
N TRP S 352 35.27 41.92 -21.19
CA TRP S 352 36.33 42.86 -21.45
C TRP S 352 35.77 44.28 -21.48
N PRO S 353 36.51 45.28 -21.00
CA PRO S 353 35.97 46.64 -21.03
C PRO S 353 35.63 47.13 -22.42
N GLU S 354 36.34 46.67 -23.44
CA GLU S 354 36.08 47.10 -24.81
C GLU S 354 34.91 46.38 -25.45
N GLN S 355 34.48 45.25 -24.87
CA GLN S 355 33.35 44.53 -25.45
C GLN S 355 32.05 45.30 -25.28
N ILE S 356 31.89 45.99 -24.14
CA ILE S 356 30.66 46.67 -23.81
C ILE S 356 30.87 48.19 -23.70
N ALA S 357 31.94 48.70 -24.31
CA ALA S 357 32.21 50.13 -24.27
C ALA S 357 31.12 50.89 -25.02
N GLY S 358 30.42 51.76 -24.32
CA GLY S 358 29.32 52.51 -24.88
C GLY S 358 27.95 51.89 -24.66
N PHE S 359 27.90 50.61 -24.28
CA PHE S 359 26.64 49.93 -24.00
C PHE S 359 26.49 49.58 -22.52
N GLU S 360 27.25 50.24 -21.65
CA GLU S 360 27.27 49.84 -20.24
C GLU S 360 25.92 50.04 -19.56
N HIS S 361 25.11 50.96 -20.05
CA HIS S 361 23.79 51.16 -19.47
C HIS S 361 22.81 50.06 -19.82
N MET S 362 23.16 49.17 -20.74
CA MET S 362 22.30 48.05 -21.10
C MET S 362 22.43 46.88 -20.13
N TYR S 363 23.49 46.84 -19.33
CA TYR S 363 23.78 45.69 -18.47
C TYR S 363 23.60 46.00 -16.99
N ASP S 364 23.06 47.17 -16.65
CA ASP S 364 22.94 47.55 -15.24
C ASP S 364 21.78 46.88 -14.54
N GLY S 365 20.87 46.24 -15.28
CA GLY S 365 19.74 45.55 -14.66
C GLY S 365 18.37 46.07 -15.03
N ASN S 366 18.25 47.07 -15.91
CA ASN S 366 16.96 47.59 -16.31
C ASN S 366 16.33 46.69 -17.38
N ASP S 367 15.09 47.02 -17.75
CA ASP S 367 14.36 46.34 -18.83
C ASP S 367 13.83 47.33 -19.86
N ASP S 368 14.66 48.28 -20.27
CA ASP S 368 14.26 49.24 -21.28
C ASP S 368 14.69 48.85 -22.68
N TYR S 369 15.35 47.71 -22.84
CA TYR S 369 15.89 47.30 -24.12
C TYR S 369 15.45 45.88 -24.45
N PRO S 370 15.29 45.55 -25.73
CA PRO S 370 14.89 44.18 -26.09
C PRO S 370 16.04 43.20 -26.17
N TYR S 371 17.29 43.67 -26.12
CA TYR S 371 18.44 42.79 -26.25
C TYR S 371 19.65 43.52 -25.69
N TYR S 372 20.81 42.87 -25.80
CA TYR S 372 22.09 43.46 -25.42
C TYR S 372 22.98 43.56 -26.64
N LEU S 373 23.70 44.68 -26.74
CA LEU S 373 24.60 44.92 -27.86
C LEU S 373 26.05 44.81 -27.40
N LEU S 374 26.89 44.28 -28.27
CA LEU S 374 28.31 44.10 -28.00
C LEU S 374 29.13 44.75 -29.09
N ASN S 375 30.24 45.38 -28.70
CA ASN S 375 31.17 45.92 -29.68
C ASN S 375 31.85 44.79 -30.43
N ARG S 376 32.08 44.99 -31.71
CA ARG S 376 32.61 43.94 -32.58
C ARG S 376 33.97 44.24 -33.16
N THR S 377 34.27 45.48 -33.49
CA THR S 377 35.47 45.84 -34.24
C THR S 377 36.49 46.51 -33.32
N ASP S 378 37.77 46.26 -33.61
CA ASP S 378 38.89 46.94 -32.98
C ASP S 378 39.73 47.59 -34.08
N GLU S 379 40.16 48.82 -33.84
CA GLU S 379 40.87 49.56 -34.88
C GLU S 379 42.29 49.06 -35.11
N ASN S 380 42.84 48.30 -34.17
CA ASN S 380 44.18 47.74 -34.30
C ASN S 380 44.18 46.26 -34.60
N SER S 381 43.32 45.48 -33.96
CA SER S 381 43.23 44.05 -34.20
C SER S 381 42.23 43.67 -35.26
N GLY S 382 41.59 44.65 -35.90
CA GLY S 382 40.61 44.38 -36.93
C GLY S 382 39.27 43.94 -36.37
N ASP S 383 39.25 42.80 -35.68
CA ASP S 383 38.04 42.27 -35.08
C ASP S 383 38.34 41.82 -33.65
N LEU S 384 37.34 41.96 -32.79
CA LEU S 384 37.49 41.53 -31.41
C LEU S 384 37.54 40.00 -31.34
N PRO S 385 38.43 39.42 -30.54
CA PRO S 385 38.51 37.96 -30.45
C PRO S 385 37.22 37.35 -29.92
N THR S 386 36.92 36.15 -30.40
CA THR S 386 35.72 35.42 -30.02
C THR S 386 36.03 34.46 -28.88
N GLN S 387 35.20 34.49 -27.84
CA GLN S 387 35.39 33.66 -26.66
C GLN S 387 34.04 33.54 -25.98
N PRO S 388 33.51 32.33 -25.77
CA PRO S 388 32.17 32.20 -25.17
C PRO S 388 32.10 32.87 -23.81
N LEU S 389 30.96 33.52 -23.54
CA LEU S 389 30.80 34.30 -22.33
C LEU S 389 30.94 33.41 -21.10
N ALA S 390 31.72 33.88 -20.13
CA ALA S 390 31.98 33.16 -18.89
C ALA S 390 31.27 33.86 -17.74
N TYR S 391 30.62 33.07 -16.88
CA TYR S 391 29.90 33.58 -15.73
C TYR S 391 30.55 33.06 -14.46
N TYR S 392 30.63 33.93 -13.45
CA TYR S 392 31.11 33.51 -12.14
C TYR S 392 30.22 32.40 -11.59
N GLU S 393 30.84 31.35 -11.07
CA GLU S 393 30.08 30.21 -10.59
C GLU S 393 29.25 30.58 -9.37
N ASN S 394 28.06 30.01 -9.28
CA ASN S 394 27.19 30.25 -8.15
C ASN S 394 27.83 29.71 -6.87
N PRO S 395 27.60 30.37 -5.74
CA PRO S 395 28.08 29.82 -4.46
C PRO S 395 27.49 28.44 -4.21
N GLU S 396 28.31 27.55 -3.66
CA GLU S 396 27.91 26.17 -3.43
C GLU S 396 28.41 25.71 -2.08
N VAL S 397 27.58 24.95 -1.38
CA VAL S 397 27.96 24.33 -0.12
C VAL S 397 28.76 23.08 -0.44
N PRO S 398 29.99 22.94 0.08
CA PRO S 398 30.80 21.76 -0.23
C PRO S 398 30.13 20.49 0.26
N GLN S 399 30.40 19.39 -0.44
CA GLN S 399 29.86 18.10 -0.02
C GLN S 399 30.35 17.73 1.36
N ALA S 400 31.58 18.10 1.71
CA ALA S 400 32.10 17.81 3.05
C ALA S 400 31.28 18.53 4.11
N ASN S 401 30.93 19.79 3.87
CA ASN S 401 30.17 20.56 4.86
C ASN S 401 28.81 19.93 5.11
N ALA S 402 28.08 19.61 4.03
CA ALA S 402 26.76 19.00 4.18
C ALA S 402 26.85 17.63 4.84
N TYR S 403 27.81 16.81 4.40
CA TYR S 403 27.96 15.48 4.98
C TYR S 403 28.26 15.56 6.47
N MET S 404 29.16 16.46 6.86
CA MET S 404 29.54 16.54 8.27
C MET S 404 28.44 17.18 9.11
N LEU S 405 27.68 18.12 8.55
CA LEU S 405 26.54 18.65 9.29
C LEU S 405 25.52 17.55 9.56
N GLU S 406 25.20 16.76 8.54
CA GLU S 406 24.27 15.64 8.73
C GLU S 406 24.82 14.64 9.73
N ALA S 407 26.10 14.30 9.62
CA ALA S 407 26.69 13.31 10.52
C ALA S 407 26.72 13.79 11.96
N ALA S 408 27.09 15.05 12.19
CA ALA S 408 27.13 15.59 13.55
C ALA S 408 25.74 15.69 14.15
N THR S 409 24.76 16.13 13.35
CA THR S 409 23.39 16.19 13.86
C THR S 409 22.89 14.80 14.22
N SER S 410 23.16 13.79 13.37
CA SER S 410 22.73 12.44 13.68
C SER S 410 23.44 11.91 14.92
N ALA S 411 24.73 12.20 15.07
CA ALA S 411 25.46 11.75 16.24
C ALA S 411 24.90 12.34 17.52
N VAL S 412 24.58 13.63 17.51
CA VAL S 412 24.01 14.25 18.71
C VAL S 412 22.62 13.69 18.99
N LYS S 413 21.81 13.51 17.94
CA LYS S 413 20.50 12.88 18.12
C LYS S 413 20.62 11.52 18.77
N GLU S 414 21.61 10.73 18.35
CA GLU S 414 21.73 9.37 18.89
C GLU S 414 22.28 9.37 20.31
N VAL S 415 23.25 10.24 20.61
CA VAL S 415 23.87 10.16 21.93
C VAL S 415 23.02 10.85 22.99
N ALA S 416 22.20 11.82 22.61
CA ALA S 416 21.37 12.56 23.57
C ALA S 416 20.06 11.84 23.86
N THR S 417 20.16 10.57 24.24
CA THR S 417 19.01 9.78 24.66
C THR S 417 19.31 9.21 26.04
N LEU S 418 18.70 9.81 27.06
CA LEU S 418 18.81 9.29 28.42
C LEU S 418 18.08 7.97 28.54
N GLY S 419 18.82 6.91 28.86
CA GLY S 419 18.21 5.60 28.94
C GLY S 419 17.62 5.17 27.61
N VAL S 420 16.39 4.68 27.65
CA VAL S 420 15.69 4.26 26.44
C VAL S 420 14.69 5.33 26.01
N GLU S 445 13.34 7.87 28.35
CA GLU S 445 12.86 7.55 29.69
C GLU S 445 13.90 7.93 30.73
N THR S 446 13.43 8.42 31.88
CA THR S 446 14.29 8.91 32.94
C THR S 446 14.20 8.05 34.20
N TYR S 447 14.06 6.73 34.03
CA TYR S 447 13.84 5.86 35.18
C TYR S 447 15.04 5.89 36.13
N VAL S 448 16.25 5.86 35.60
CA VAL S 448 17.43 5.88 36.46
C VAL S 448 17.52 7.20 37.21
N PHE S 449 17.23 8.30 36.53
CA PHE S 449 17.26 9.61 37.20
C PHE S 449 16.19 9.71 38.27
N GLN S 450 15.00 9.16 38.00
CA GLN S 450 13.95 9.15 39.01
C GLN S 450 14.35 8.28 40.21
N ASP S 451 15.03 7.16 39.96
CA ASP S 451 15.50 6.33 41.06
C ASP S 451 16.56 7.04 41.90
N ASN S 452 17.46 7.77 41.24
CA ASN S 452 18.45 8.55 41.97
C ASN S 452 17.78 9.64 42.80
N LEU S 453 16.76 10.29 42.24
CA LEU S 453 16.00 11.28 43.00
C LEU S 453 15.29 10.64 44.18
N ALA S 454 14.80 9.41 44.00
CA ALA S 454 14.16 8.70 45.10
C ALA S 454 15.16 8.39 46.21
N THR S 455 16.38 8.01 45.84
CA THR S 455 17.43 7.82 46.83
C THR S 455 17.72 9.12 47.58
N ALA S 456 17.79 10.23 46.86
CA ALA S 456 18.00 11.52 47.50
C ALA S 456 16.87 11.86 48.46
N MET S 457 15.62 11.57 48.07
CA MET S 457 14.50 11.87 48.93
C MET S 457 14.47 10.95 50.15
N ARG S 458 14.93 9.71 50.01
CA ARG S 458 15.06 8.85 51.18
C ARG S 458 16.09 9.39 52.16
N ARG S 459 17.22 9.89 51.64
CA ARG S 459 18.19 10.54 52.51
C ARG S 459 17.59 11.77 53.17
N ASP S 460 16.81 12.54 52.42
CA ASP S 460 16.12 13.70 52.97
C ASP S 460 15.19 13.30 54.10
N GLY S 461 14.45 12.20 53.92
CA GLY S 461 13.58 11.74 54.98
C GLY S 461 14.33 11.31 56.22
N GLU S 462 15.47 10.64 56.04
CA GLU S 462 16.30 10.26 57.19
C GLU S 462 16.77 11.49 57.95
N ILE S 463 17.31 12.47 57.23
CA ILE S 463 17.80 13.69 57.88
C ILE S 463 16.67 14.41 58.59
N TYR S 464 15.51 14.51 57.94
CA TYR S 464 14.37 15.21 58.53
C TYR S 464 13.88 14.50 59.79
N GLN S 465 13.85 13.17 59.78
CA GLN S 465 13.45 12.43 60.96
C GLN S 465 14.41 12.68 62.12
N SER S 466 15.71 12.68 61.83
CA SER S 466 16.68 12.98 62.89
C SER S 466 16.49 14.38 63.45
N ILE S 467 16.29 15.37 62.57
CA ILE S 467 16.10 16.74 63.04
C ILE S 467 14.83 16.86 63.86
N VAL S 468 13.76 16.20 63.42
CA VAL S 468 12.49 16.24 64.15
C VAL S 468 12.66 15.66 65.55
N ASN S 469 13.35 14.52 65.64
CA ASN S 469 13.65 13.97 66.97
C ASN S 469 14.48 14.93 67.79
N ASP S 470 15.33 15.73 67.14
CA ASP S 470 16.19 16.63 67.89
C ASP S 470 15.43 17.84 68.45
N ILE S 471 14.55 18.45 67.66
CA ILE S 471 13.99 19.74 68.07
C ILE S 471 12.48 19.73 68.25
N TYR S 472 11.78 18.87 67.52
CA TYR S 472 10.33 18.90 67.56
C TYR S 472 9.79 18.14 68.77
N ASP S 473 8.50 18.30 69.01
CA ASP S 473 7.81 17.63 70.11
C ASP S 473 7.05 16.44 69.54
N VAL S 474 7.62 15.25 69.71
CA VAL S 474 7.06 14.01 69.18
C VAL S 474 6.27 13.35 70.30
N PRO S 475 4.94 13.27 70.22
CA PRO S 475 4.17 12.60 71.26
C PRO S 475 4.37 11.09 71.21
N ARG S 476 4.26 10.47 72.39
CA ARG S 476 4.26 9.02 72.50
C ARG S 476 2.83 8.54 72.63
N ASN S 477 2.42 7.64 71.74
CA ASN S 477 1.05 7.17 71.69
C ASN S 477 0.87 5.98 72.63
N VAL S 478 -0.06 6.10 73.57
CA VAL S 478 -0.36 5.04 74.52
C VAL S 478 -1.61 4.31 74.07
N THR S 479 -1.72 3.04 74.46
CA THR S 479 -2.85 2.21 74.06
C THR S 479 -3.89 2.07 75.16
N ILE S 480 -3.76 2.80 76.26
CA ILE S 480 -4.71 2.73 77.34
C ILE S 480 -5.99 3.49 76.97
N LEU S 492 -4.35 7.59 72.55
CA LEU S 492 -4.08 8.85 73.23
C LEU S 492 -2.60 9.22 73.13
N MET S 493 -2.32 10.47 72.80
CA MET S 493 -0.96 10.98 72.66
C MET S 493 -0.58 11.72 73.94
N ALA S 494 0.50 11.29 74.58
CA ALA S 494 0.98 11.86 75.83
C ALA S 494 2.23 12.69 75.55
N GLU S 495 2.04 14.00 75.42
CA GLU S 495 3.16 14.92 75.21
C GLU S 495 3.74 15.27 76.57
N VAL S 496 4.91 14.74 76.88
CA VAL S 496 5.58 14.97 78.16
C VAL S 496 6.73 15.92 77.91
N VAL S 497 6.61 17.15 78.43
CA VAL S 497 7.64 18.17 78.32
C VAL S 497 7.68 18.96 79.63
N ASP S 498 8.73 19.75 79.80
CA ASP S 498 8.83 20.63 80.96
C ASP S 498 9.66 21.85 80.58
N LEU S 499 9.47 22.91 81.36
CA LEU S 499 10.17 24.17 81.16
C LEU S 499 11.15 24.42 82.29
N ALA S 500 12.23 25.14 81.97
CA ALA S 500 13.25 25.47 82.95
C ALA S 500 12.87 26.74 83.71
N THR S 501 13.77 27.18 84.59
CA THR S 501 13.55 28.44 85.30
C THR S 501 13.70 29.64 84.38
N GLY S 502 14.31 29.47 83.21
CA GLY S 502 14.44 30.55 82.26
C GLY S 502 13.29 30.59 81.27
N GLU S 503 12.19 29.92 81.63
CA GLU S 503 10.95 29.83 80.86
C GLU S 503 11.11 29.07 79.55
N LYS S 504 12.29 28.51 79.27
CA LYS S 504 12.50 27.77 78.04
C LYS S 504 12.06 26.32 78.23
N GLN S 505 11.17 25.86 77.34
CA GLN S 505 10.70 24.49 77.38
C GLN S 505 11.68 23.59 76.64
N VAL S 506 12.03 22.46 77.27
CA VAL S 506 12.94 21.49 76.68
C VAL S 506 12.15 20.23 76.36
N LEU S 507 12.23 19.80 75.11
CA LEU S 507 11.52 18.60 74.68
C LEU S 507 12.11 17.36 75.33
N ASN S 508 11.24 16.42 75.68
CA ASN S 508 11.64 15.14 76.25
C ASN S 508 11.21 14.04 75.27
N ASP S 509 12.16 13.54 74.49
CA ASP S 509 11.90 12.50 73.50
C ASP S 509 12.57 11.21 73.95
N ILE S 510 11.77 10.14 74.10
CA ILE S 510 12.30 8.85 74.51
C ILE S 510 13.14 8.26 73.38
N ARG S 511 13.95 7.26 73.73
CA ARG S 511 14.82 6.64 72.73
C ARG S 511 14.06 5.73 71.76
N GLY S 512 12.79 5.41 72.05
CA GLY S 512 11.97 4.69 71.10
C GLY S 512 11.42 5.60 70.03
N ARG S 513 12.32 6.23 69.27
CA ARG S 513 12.00 7.25 68.29
C ARG S 513 12.00 6.74 66.85
N TYR S 514 12.91 5.84 66.51
CA TYR S 514 13.00 5.30 65.15
C TYR S 514 12.01 4.15 64.97
N GLU S 515 10.74 4.49 65.06
CA GLU S 515 9.65 3.53 64.92
C GLU S 515 9.13 3.43 63.50
N CYS S 516 9.59 4.27 62.58
CA CYS S 516 9.14 4.24 61.20
C CYS S 516 10.34 4.39 60.27
N TYR S 517 10.26 3.73 59.12
CA TYR S 517 11.30 3.78 58.11
C TYR S 517 10.82 4.61 56.93
N THR S 518 11.75 4.88 56.01
CA THR S 518 11.56 5.82 54.92
C THR S 518 11.34 5.07 53.61
N ASP S 519 10.33 5.49 52.85
CA ASP S 519 10.06 5.00 51.51
C ASP S 519 9.76 6.20 50.62
N VAL S 520 9.47 5.93 49.35
CA VAL S 520 9.22 6.97 48.37
C VAL S 520 7.81 6.80 47.83
N GLY S 521 7.04 7.88 47.81
CA GLY S 521 5.69 7.85 47.32
C GLY S 521 5.30 9.12 46.62
N PRO S 522 4.06 9.21 46.15
CA PRO S 522 3.61 10.43 45.47
C PRO S 522 3.60 11.62 46.42
N SER S 523 3.78 12.81 45.85
CA SER S 523 3.87 14.02 46.65
C SER S 523 2.47 14.54 46.96
N PHE S 524 2.16 14.69 48.25
CA PHE S 524 0.87 15.19 48.70
C PHE S 524 1.10 16.38 49.61
N GLN S 525 0.22 17.38 49.50
CA GLN S 525 0.39 18.61 50.25
C GLN S 525 -0.19 18.53 51.66
N SER S 526 -0.94 17.49 51.97
CA SER S 526 -1.54 17.34 53.30
C SER S 526 -1.88 15.87 53.52
N MET S 527 -2.12 15.53 54.78
CA MET S 527 -2.51 14.16 55.12
C MET S 527 -3.90 13.83 54.59
N LYS S 528 -4.79 14.82 54.52
CA LYS S 528 -6.13 14.57 54.00
C LYS S 528 -6.08 14.18 52.52
N GLN S 529 -5.21 14.84 51.75
CA GLN S 529 -5.06 14.47 50.35
C GLN S 529 -4.54 13.05 50.21
N GLN S 530 -3.59 12.66 51.07
CA GLN S 530 -3.07 11.30 51.03
C GLN S 530 -4.15 10.28 51.39
N ASN S 531 -4.98 10.60 52.38
CA ASN S 531 -6.09 9.72 52.73
C ASN S 531 -7.08 9.59 51.59
N ARG S 532 -7.39 10.70 50.93
CA ARG S 532 -8.30 10.66 49.78
C ARG S 532 -7.71 9.80 48.66
N ALA S 533 -6.42 9.95 48.39
CA ALA S 533 -5.78 9.16 47.35
C ALA S 533 -5.80 7.68 47.70
N GLU S 534 -5.54 7.33 48.96
CA GLU S 534 -5.57 5.94 49.38
C GLU S 534 -6.98 5.36 49.25
N ILE S 535 -7.99 6.13 49.64
CA ILE S 535 -9.37 5.66 49.53
C ILE S 535 -9.75 5.44 48.07
N LEU S 536 -9.35 6.37 47.19
CA LEU S 536 -9.64 6.20 45.77
C LEU S 536 -8.91 4.99 45.20
N GLU S 537 -7.66 4.77 45.61
CA GLU S 537 -6.90 3.61 45.13
C GLU S 537 -7.57 2.31 45.58
N LEU S 538 -8.02 2.25 46.82
CA LEU S 538 -8.74 1.07 47.30
C LEU S 538 -10.05 0.88 46.55
N LEU S 539 -10.74 1.98 46.26
CA LEU S 539 -12.03 1.91 45.58
C LEU S 539 -11.88 1.36 44.16
N GLY S 540 -10.74 1.63 43.51
CA GLY S 540 -10.54 1.19 42.15
C GLY S 540 -10.32 -0.31 42.01
N LYS S 541 -10.07 -1.00 43.11
CA LYS S 541 -9.86 -2.44 43.09
C LYS S 541 -10.95 -3.24 43.76
N THR S 542 -11.78 -2.61 44.59
CA THR S 542 -12.83 -3.33 45.28
C THR S 542 -14.06 -3.48 44.38
N PRO S 543 -14.58 -4.69 44.21
CA PRO S 543 -15.80 -4.87 43.41
C PRO S 543 -17.00 -4.26 44.11
N GLN S 544 -18.08 -4.09 43.35
CA GLN S 544 -19.26 -3.40 43.84
C GLN S 544 -20.04 -4.24 44.84
N GLY S 545 -19.44 -4.48 46.01
CA GLY S 545 -20.12 -5.18 47.09
C GLY S 545 -20.42 -4.25 48.25
N THR S 546 -20.25 -4.75 49.48
CA THR S 546 -20.42 -3.93 50.66
C THR S 546 -19.18 -3.08 50.96
N PRO S 547 -17.95 -3.61 50.83
CA PRO S 547 -16.78 -2.74 51.00
C PRO S 547 -16.72 -1.59 50.01
N GLU S 548 -17.29 -1.75 48.82
CA GLU S 548 -17.36 -0.62 47.89
C GLU S 548 -18.21 0.51 48.46
N TYR S 549 -19.37 0.17 49.05
CA TYR S 549 -20.18 1.18 49.72
C TYR S 549 -19.43 1.79 50.89
N GLN S 550 -18.69 0.96 51.64
CA GLN S 550 -17.92 1.46 52.77
C GLN S 550 -16.91 2.50 52.31
N LEU S 551 -16.17 2.18 51.25
CA LEU S 551 -15.13 3.09 50.77
C LEU S 551 -15.73 4.33 50.12
N LEU S 552 -16.90 4.21 49.48
CA LEU S 552 -17.55 5.40 48.94
C LEU S 552 -17.98 6.35 50.06
N LEU S 553 -18.57 5.80 51.12
CA LEU S 553 -18.93 6.64 52.27
C LEU S 553 -17.69 7.25 52.91
N LEU S 554 -16.59 6.49 52.96
CA LEU S 554 -15.35 7.01 53.51
C LEU S 554 -14.76 8.10 52.63
N GLN S 555 -14.94 8.01 51.32
CA GLN S 555 -14.48 9.08 50.43
C GLN S 555 -15.30 10.34 50.63
N TYR S 556 -16.62 10.20 50.76
CA TYR S 556 -17.46 11.34 51.10
C TYR S 556 -17.12 11.89 52.49
N PHE S 557 -16.58 11.05 53.36
CA PHE S 557 -16.13 11.50 54.68
C PHE S 557 -15.10 12.62 54.58
N THR S 558 -14.04 12.40 53.81
CA THR S 558 -12.85 13.24 53.83
C THR S 558 -12.84 14.30 52.74
N LEU S 559 -13.99 14.82 52.36
CA LEU S 559 -14.07 15.85 51.33
C LEU S 559 -14.03 17.24 51.94
N LEU S 560 -13.41 18.17 51.21
CA LEU S 560 -13.40 19.57 51.61
C LEU S 560 -14.83 20.10 51.69
N ASP S 561 -14.97 21.29 52.25
CA ASP S 561 -16.29 21.81 52.64
C ASP S 561 -16.68 23.01 51.78
N GLY S 562 -17.83 22.90 51.15
CA GLY S 562 -18.55 24.03 50.60
C GLY S 562 -19.86 24.16 51.34
N LYS S 563 -20.98 24.05 50.62
CA LYS S 563 -22.29 24.02 51.25
C LYS S 563 -23.03 22.72 50.99
N GLY S 564 -23.18 22.32 49.73
CA GLY S 564 -23.83 21.05 49.44
C GLY S 564 -22.98 19.86 49.83
N VAL S 565 -21.67 19.92 49.53
CA VAL S 565 -20.79 18.82 49.89
C VAL S 565 -20.72 18.68 51.41
N GLU S 566 -20.98 19.76 52.14
CA GLU S 566 -21.15 19.64 53.59
C GLU S 566 -22.34 18.74 53.92
N MET S 567 -23.45 18.91 53.20
CA MET S 567 -24.61 18.05 53.41
C MET S 567 -24.29 16.60 53.08
N MET S 568 -23.56 16.39 51.97
CA MET S 568 -23.22 15.03 51.57
C MET S 568 -22.32 14.37 52.61
N ARG S 569 -21.35 15.12 53.14
CA ARG S 569 -20.46 14.56 54.15
C ARG S 569 -21.19 14.30 55.46
N ASP S 570 -22.15 15.14 55.82
CA ASP S 570 -22.96 14.88 57.00
C ASP S 570 -23.79 13.62 56.81
N TYR S 571 -24.35 13.43 55.61
CA TYR S 571 -25.08 12.21 55.32
C TYR S 571 -24.18 10.98 55.43
N ALA S 572 -22.95 11.08 54.91
CA ALA S 572 -22.00 9.98 55.03
C ALA S 572 -21.65 9.71 56.49
N ASN S 573 -21.48 10.78 57.27
CA ASN S 573 -21.24 10.64 58.71
C ASN S 573 -22.35 9.83 59.37
N LYS S 574 -23.61 10.24 59.11
CA LYS S 574 -24.74 9.56 59.72
C LYS S 574 -24.83 8.11 59.27
N GLN S 575 -24.58 7.85 57.98
CA GLN S 575 -24.65 6.48 57.48
C GLN S 575 -23.58 5.60 58.10
N LEU S 576 -22.36 6.13 58.27
CA LEU S 576 -21.29 5.34 58.86
C LEU S 576 -21.54 5.08 60.33
N ILE S 577 -22.02 6.09 61.07
CA ILE S 577 -22.29 5.88 62.48
C ILE S 577 -23.44 4.91 62.68
N GLN S 578 -24.52 5.06 61.91
CA GLN S 578 -25.70 4.23 62.10
C GLN S 578 -25.46 2.77 61.73
N MET S 579 -24.41 2.48 60.96
CA MET S 579 -24.09 1.11 60.57
C MET S 579 -23.14 0.44 61.55
N GLY S 580 -22.82 1.09 62.67
CA GLY S 580 -21.99 0.50 63.69
C GLY S 580 -20.52 0.42 63.35
N VAL S 581 -20.09 1.04 62.26
CA VAL S 581 -18.71 0.93 61.81
C VAL S 581 -17.84 2.04 62.39
N LYS S 582 -18.34 3.27 62.42
CA LYS S 582 -17.63 4.36 63.07
C LYS S 582 -18.00 4.43 64.54
N LYS S 583 -17.01 4.76 65.37
CA LYS S 583 -17.25 4.96 66.79
C LYS S 583 -17.72 6.38 67.04
N PRO S 584 -18.91 6.59 67.58
CA PRO S 584 -19.37 7.95 67.85
C PRO S 584 -18.48 8.66 68.86
N GLU S 585 -18.26 9.95 68.63
CA GLU S 585 -17.48 10.79 69.53
C GLU S 585 -18.33 11.86 70.20
N THR S 586 -19.00 12.69 69.42
CA THR S 586 -19.94 13.76 69.74
C THR S 586 -21.29 13.15 70.12
N PRO S 587 -22.00 13.71 71.11
CA PRO S 587 -23.30 13.13 71.50
C PRO S 587 -24.31 13.07 70.38
N GLU S 588 -24.21 13.94 69.37
CA GLU S 588 -25.08 13.83 68.20
C GLU S 588 -24.96 12.46 67.55
N GLU S 589 -23.73 12.03 67.29
CA GLU S 589 -23.52 10.68 66.78
C GLU S 589 -23.99 9.63 67.78
N GLN S 590 -23.93 9.95 69.08
CA GLN S 590 -24.39 9.02 70.09
C GLN S 590 -25.87 8.70 69.92
N GLN S 591 -26.73 9.74 69.84
CA GLN S 591 -28.13 9.36 69.68
C GLN S 591 -28.48 9.02 68.23
N TRP S 592 -27.63 9.34 67.25
CA TRP S 592 -27.77 8.72 65.94
C TRP S 592 -27.64 7.21 66.04
N LEU S 593 -26.61 6.73 66.74
CA LEU S 593 -26.45 5.30 66.95
C LEU S 593 -27.59 4.74 67.78
N VAL S 594 -28.08 5.52 68.74
CA VAL S 594 -29.22 5.08 69.56
C VAL S 594 -30.45 4.86 68.68
N GLU S 595 -30.74 5.81 67.80
CA GLU S 595 -31.88 5.66 66.89
C GLU S 595 -31.69 4.50 65.94
N ALA S 596 -30.46 4.30 65.45
CA ALA S 596 -30.19 3.15 64.58
C ALA S 596 -30.45 1.83 65.32
N GLN S 597 -30.01 1.73 66.56
CA GLN S 597 -30.26 0.53 67.34
C GLN S 597 -31.75 0.33 67.60
N GLN S 598 -32.47 1.42 67.88
CA GLN S 598 -33.91 1.31 68.07
C GLN S 598 -34.61 0.82 66.81
N ALA S 599 -34.20 1.34 65.65
CA ALA S 599 -34.78 0.87 64.40
C ALA S 599 -34.45 -0.60 64.16
N LYS S 600 -33.23 -1.01 64.50
CA LYS S 600 -32.85 -2.41 64.34
C LYS S 600 -33.70 -3.31 65.24
N GLN S 601 -33.93 -2.89 66.48
CA GLN S 601 -34.69 -3.70 67.42
C GLN S 601 -36.17 -3.79 67.03
N GLY S 602 -36.66 -2.87 66.21
CA GLY S 602 -38.05 -2.91 65.78
C GLY S 602 -38.21 -3.37 64.35
N GLN S 603 -37.41 -4.35 63.95
CA GLN S 603 -37.43 -4.89 62.60
C GLN S 603 -37.89 -6.34 62.62
N GLN S 604 -38.81 -6.67 61.72
CA GLN S 604 -39.35 -8.03 61.65
C GLN S 604 -39.85 -8.27 60.23
N ASP S 605 -39.82 -9.54 59.83
CA ASP S 605 -40.18 -9.93 58.47
C ASP S 605 -41.49 -10.72 58.46
N PRO S 606 -42.28 -10.59 57.39
CA PRO S 606 -43.58 -11.28 57.36
C PRO S 606 -43.47 -12.79 57.40
N ALA S 607 -42.43 -13.36 56.77
CA ALA S 607 -42.30 -14.82 56.74
C ALA S 607 -42.12 -15.39 58.14
N MET S 608 -41.32 -14.73 58.97
CA MET S 608 -41.14 -15.17 60.35
C MET S 608 -42.47 -15.15 61.11
N VAL S 609 -43.26 -14.10 60.92
CA VAL S 609 -44.52 -13.97 61.65
C VAL S 609 -45.51 -15.02 61.19
N GLN S 610 -45.58 -15.28 59.88
CA GLN S 610 -46.45 -16.35 59.39
C GLN S 610 -46.02 -17.71 59.93
N ALA S 611 -44.70 -17.96 59.95
CA ALA S 611 -44.21 -19.22 60.48
C ALA S 611 -44.57 -19.38 61.95
N GLN S 612 -44.42 -18.32 62.73
CA GLN S 612 -44.80 -18.37 64.14
C GLN S 612 -46.31 -18.59 64.29
N GLY S 613 -47.10 -18.02 63.37
CA GLY S 613 -48.53 -18.24 63.40
C GLY S 613 -48.89 -19.71 63.22
N VAL S 614 -48.30 -20.35 62.21
CA VAL S 614 -48.52 -21.78 62.03
C VAL S 614 -48.01 -22.54 63.25
N LEU S 615 -46.90 -22.10 63.83
CA LEU S 615 -46.32 -22.81 64.97
C LEU S 615 -47.26 -22.83 66.16
N LEU S 616 -47.76 -21.66 66.56
CA LEU S 616 -48.61 -21.66 67.74
C LEU S 616 -50.01 -22.19 67.44
N GLN S 617 -50.45 -22.14 66.17
CA GLN S 617 -51.65 -22.89 65.79
C GLN S 617 -51.45 -24.38 66.08
N GLY S 618 -50.36 -24.95 65.58
CA GLY S 618 -50.10 -26.36 65.81
C GLY S 618 -49.86 -26.70 67.27
N GLN S 619 -49.22 -25.80 68.01
CA GLN S 619 -49.01 -26.04 69.44
C GLN S 619 -50.33 -26.05 70.20
N ALA S 620 -51.25 -25.15 69.85
CA ALA S 620 -52.56 -25.19 70.49
C ALA S 620 -53.33 -26.44 70.10
N GLU S 621 -53.14 -26.92 68.87
CA GLU S 621 -53.81 -28.15 68.47
C GLU S 621 -53.17 -29.37 69.15
N LEU S 622 -51.86 -29.30 69.45
CA LEU S 622 -51.23 -30.23 70.38
C LEU S 622 -51.92 -30.21 71.74
N ALA S 623 -52.13 -29.00 72.28
CA ALA S 623 -52.80 -28.87 73.57
C ALA S 623 -54.20 -29.46 73.51
N LYS S 624 -54.92 -29.22 72.40
CA LYS S 624 -56.26 -29.77 72.24
C LYS S 624 -56.23 -31.29 72.20
N ALA S 625 -55.23 -31.88 71.54
CA ALA S 625 -55.10 -33.33 71.56
C ALA S 625 -54.90 -33.85 72.98
N GLN S 626 -54.02 -33.18 73.75
CA GLN S 626 -53.79 -33.62 75.13
C GLN S 626 -55.05 -33.49 75.98
N ASN S 627 -55.79 -32.40 75.80
CA ASN S 627 -57.06 -32.24 76.51
C ASN S 627 -58.05 -33.32 76.11
N GLN S 628 -58.02 -33.73 74.84
CA GLN S 628 -58.86 -34.83 74.41
C GLN S 628 -58.48 -36.12 75.13
N THR S 629 -57.18 -36.38 75.29
CA THR S 629 -56.75 -37.52 76.08
C THR S 629 -57.34 -37.45 77.49
N LEU S 630 -57.17 -36.31 78.15
CA LEU S 630 -57.60 -36.16 79.53
C LEU S 630 -59.12 -36.33 79.66
N SER S 631 -59.86 -35.68 78.76
CA SER S 631 -61.32 -35.73 78.83
C SER S 631 -61.83 -37.14 78.54
N LEU S 632 -61.22 -37.84 77.59
CA LEU S 632 -61.64 -39.20 77.30
C LEU S 632 -61.34 -40.13 78.47
N GLN S 633 -60.19 -39.95 79.13
CA GLN S 633 -59.89 -40.76 80.31
C GLN S 633 -60.89 -40.48 81.44
N ILE S 634 -61.24 -39.22 81.65
CA ILE S 634 -62.16 -38.87 82.72
C ILE S 634 -63.57 -39.38 82.41
N ASP S 635 -64.01 -39.27 81.15
CA ASP S 635 -65.28 -39.85 80.76
C ASP S 635 -65.27 -41.36 80.90
N ALA S 636 -64.12 -42.00 80.65
CA ALA S 636 -63.99 -43.43 80.90
C ALA S 636 -64.17 -43.75 82.38
N ALA S 637 -63.55 -42.96 83.25
CA ALA S 637 -63.72 -43.16 84.69
C ALA S 637 -65.18 -43.02 85.10
N LYS S 638 -65.86 -42.01 84.54
CA LYS S 638 -67.29 -41.85 84.78
C LYS S 638 -68.07 -43.06 84.27
N VAL S 639 -67.66 -43.62 83.13
CA VAL S 639 -68.33 -44.77 82.56
C VAL S 639 -68.22 -45.98 83.48
N GLU S 640 -67.00 -46.26 83.98
CA GLU S 640 -66.84 -47.38 84.90
C GLU S 640 -67.59 -47.14 86.21
N ALA S 641 -67.60 -45.90 86.70
CA ALA S 641 -68.36 -45.62 87.91
C ALA S 641 -69.85 -45.88 87.70
N GLN S 642 -70.40 -45.43 86.57
CA GLN S 642 -71.81 -45.66 86.28
C GLN S 642 -72.11 -47.14 86.12
N ASN S 643 -71.21 -47.87 85.46
CA ASN S 643 -71.41 -49.31 85.28
C ASN S 643 -71.40 -50.03 86.62
N GLN S 644 -70.47 -49.66 87.51
CA GLN S 644 -70.43 -50.26 88.83
C GLN S 644 -71.69 -49.93 89.62
N LEU S 645 -72.18 -48.70 89.52
CA LEU S 645 -73.41 -48.33 90.21
C LEU S 645 -74.59 -49.13 89.68
N ASN S 646 -74.68 -49.28 88.36
CA ASN S 646 -75.78 -50.05 87.77
C ASN S 646 -75.67 -51.54 88.12
N ALA S 647 -74.46 -52.08 88.10
CA ALA S 647 -74.24 -53.49 88.41
C ALA S 647 -74.29 -53.73 89.92
N MET T 1 37.21 71.59 -36.64
CA MET T 1 37.99 70.69 -37.47
C MET T 1 38.49 71.38 -38.74
N GLN T 2 39.65 70.96 -39.23
CA GLN T 2 40.20 71.51 -40.45
C GLN T 2 39.60 70.88 -41.70
N ILE T 3 38.89 69.77 -41.55
CA ILE T 3 38.23 69.09 -42.67
C ILE T 3 36.78 69.55 -42.68
N LYS T 4 36.46 70.52 -43.53
CA LYS T 4 35.16 71.17 -43.51
C LYS T 4 34.39 71.05 -44.81
N THR T 5 34.96 70.44 -45.86
CA THR T 5 34.30 70.33 -47.15
C THR T 5 34.42 68.91 -47.67
N LYS T 6 33.62 68.60 -48.70
CA LYS T 6 33.72 67.29 -49.34
C LYS T 6 35.09 67.10 -49.99
N GLY T 7 35.59 68.15 -50.64
CA GLY T 7 36.92 68.05 -51.22
C GLY T 7 38.01 67.82 -50.18
N ASP T 8 37.83 68.37 -48.98
CA ASP T 8 38.78 68.09 -47.91
C ASP T 8 38.78 66.61 -47.56
N LEU T 9 37.60 65.99 -47.53
CA LEU T 9 37.53 64.56 -47.31
C LEU T 9 38.21 63.79 -48.43
N VAL T 10 38.02 64.25 -49.67
CA VAL T 10 38.66 63.58 -50.81
C VAL T 10 40.18 63.66 -50.70
N ARG T 11 40.71 64.84 -50.37
CA ARG T 11 42.15 64.99 -50.21
C ARG T 11 42.67 64.15 -49.06
N ALA T 12 41.91 64.06 -47.96
CA ALA T 12 42.33 63.23 -46.85
C ALA T 12 42.40 61.76 -47.26
N ALA T 13 41.41 61.29 -48.01
CA ALA T 13 41.43 59.91 -48.49
C ALA T 13 42.61 59.66 -49.42
N LEU T 14 42.87 60.59 -50.34
CA LEU T 14 43.99 60.43 -51.26
C LEU T 14 45.32 60.44 -50.52
N ARG T 15 45.44 61.27 -49.49
CA ARG T 15 46.65 61.27 -48.67
C ARG T 15 46.79 59.95 -47.92
N LYS T 16 45.68 59.39 -47.44
CA LYS T 16 45.72 58.09 -46.79
C LYS T 16 46.22 57.02 -47.75
N LEU T 17 45.73 57.03 -48.98
CA LEU T 17 46.16 56.05 -49.97
C LEU T 17 47.57 56.29 -50.48
N GLY T 18 48.15 57.46 -50.25
CA GLY T 18 49.43 57.80 -50.81
C GLY T 18 49.39 58.19 -52.26
N VAL T 19 48.19 58.31 -52.86
CA VAL T 19 48.07 58.68 -54.26
C VAL T 19 48.50 60.12 -54.47
N ALA T 20 48.03 61.03 -53.63
CA ALA T 20 48.36 62.44 -53.75
C ALA T 20 48.32 63.08 -52.37
N SER T 21 49.01 64.21 -52.24
CA SER T 21 49.05 64.96 -51.00
C SER T 21 49.55 66.36 -51.31
N ASP T 22 49.48 67.23 -50.31
CA ASP T 22 50.03 68.56 -50.46
C ASP T 22 51.55 68.58 -50.39
N ALA T 23 52.18 67.47 -50.03
CA ALA T 23 53.62 67.36 -49.98
C ALA T 23 54.22 66.75 -51.24
N THR T 24 53.46 65.96 -51.99
CA THR T 24 53.98 65.32 -53.18
C THR T 24 54.17 66.34 -54.31
N LEU T 25 54.88 65.90 -55.35
CA LEU T 25 55.19 66.78 -56.47
C LEU T 25 54.18 66.68 -57.60
N THR T 26 53.39 65.60 -57.65
CA THR T 26 52.36 65.43 -58.67
C THR T 26 51.03 65.16 -57.98
N ASP T 27 50.04 66.02 -58.23
CA ASP T 27 48.71 65.87 -57.69
C ASP T 27 47.76 65.43 -58.79
N VAL T 28 46.67 64.76 -58.39
CA VAL T 28 45.76 64.20 -59.38
C VAL T 28 45.03 65.31 -60.12
N GLU T 29 44.54 64.95 -61.32
CA GLU T 29 43.77 65.88 -62.13
C GLU T 29 42.47 66.23 -61.40
N PRO T 30 41.96 67.45 -61.55
CA PRO T 30 40.68 67.80 -60.92
C PRO T 30 39.53 66.89 -61.32
N GLN T 31 39.61 66.25 -62.50
CA GLN T 31 38.61 65.26 -62.85
C GLN T 31 38.63 64.08 -61.91
N SER T 32 39.83 63.67 -61.46
CA SER T 32 39.92 62.61 -60.47
C SER T 32 39.27 63.04 -59.16
N MET T 33 39.45 64.30 -58.76
CA MET T 33 38.80 64.80 -57.57
C MET T 33 37.28 64.79 -57.72
N GLN T 34 36.79 65.17 -58.90
CA GLN T 34 35.34 65.12 -59.13
C GLN T 34 34.82 63.69 -59.07
N ASP T 35 35.57 62.75 -59.63
CA ASP T 35 35.17 61.35 -59.56
C ASP T 35 35.14 60.85 -58.12
N ALA T 36 36.13 61.25 -57.32
CA ALA T 36 36.14 60.87 -55.91
C ALA T 36 34.96 61.48 -55.16
N VAL T 37 34.61 62.73 -55.49
CA VAL T 37 33.45 63.36 -54.86
C VAL T 37 32.17 62.62 -55.24
N ASP T 38 32.06 62.20 -56.50
CA ASP T 38 30.91 61.41 -56.92
C ASP T 38 30.84 60.09 -56.16
N ASP T 39 31.98 59.43 -55.99
CA ASP T 39 32.01 58.19 -55.22
C ASP T 39 31.59 58.42 -53.78
N LEU T 40 32.06 59.51 -53.18
CA LEU T 40 31.68 59.83 -51.81
C LEU T 40 30.18 60.08 -51.70
N GLU T 41 29.61 60.81 -52.66
CA GLU T 41 28.18 61.07 -52.64
C GLU T 41 27.38 59.78 -52.79
N ALA T 42 27.81 58.90 -53.70
CA ALA T 42 27.12 57.63 -53.87
C ALA T 42 27.21 56.77 -52.62
N MET T 43 28.39 56.72 -51.99
CA MET T 43 28.54 55.94 -50.77
C MET T 43 27.66 56.49 -49.65
N MET T 44 27.63 57.81 -49.49
CA MET T 44 26.81 58.41 -48.44
C MET T 44 25.34 58.18 -48.68
N ALA T 45 24.90 58.24 -49.94
CA ALA T 45 23.51 57.92 -50.25
C ALA T 45 23.21 56.45 -49.93
N GLU T 46 24.16 55.57 -50.21
CA GLU T 46 23.98 54.15 -49.90
C GLU T 46 23.87 53.92 -48.39
N TRP T 47 24.73 54.57 -47.62
CA TRP T 47 24.65 54.44 -46.16
C TRP T 47 23.34 54.98 -45.63
N TYR T 48 23.01 56.21 -46.00
CA TYR T 48 21.79 56.89 -45.58
C TYR T 48 20.66 56.40 -46.48
N GLN T 49 20.07 55.27 -46.11
CA GLN T 49 19.03 54.64 -46.92
C GLN T 49 17.70 55.39 -46.77
N ASP T 50 17.72 56.65 -47.24
CA ASP T 50 16.56 57.54 -47.17
C ASP T 50 16.06 57.69 -45.73
N GLY T 51 17.00 57.80 -44.79
CA GLY T 51 16.67 57.99 -43.39
C GLY T 51 16.57 56.71 -42.56
N LYS T 52 16.67 55.54 -43.19
CA LYS T 52 16.59 54.27 -42.49
C LYS T 52 17.93 53.57 -42.37
N GLY T 53 19.03 54.31 -42.55
CA GLY T 53 20.35 53.72 -42.47
C GLY T 53 21.22 54.33 -41.40
N ILE T 54 22.38 54.85 -41.80
CA ILE T 54 23.32 55.47 -40.86
C ILE T 54 23.11 56.98 -40.92
N ILE T 55 22.73 57.56 -39.79
CA ILE T 55 22.52 59.00 -39.69
C ILE T 55 23.84 59.66 -39.35
N THR T 56 24.24 60.64 -40.18
CA THR T 56 25.53 61.28 -40.04
C THR T 56 25.48 62.80 -40.11
N GLY T 57 24.37 63.39 -40.53
CA GLY T 57 24.33 64.82 -40.76
C GLY T 57 24.88 65.26 -42.09
N TYR T 58 25.24 64.33 -42.97
CA TYR T 58 25.75 64.67 -44.28
C TYR T 58 24.72 65.47 -45.06
N VAL T 59 25.17 66.51 -45.74
CA VAL T 59 24.31 67.36 -46.56
C VAL T 59 24.56 67.03 -48.01
N PHE T 60 23.52 66.57 -48.71
CA PHE T 60 23.64 66.17 -50.11
C PHE T 60 23.49 67.39 -51.00
N SER T 61 24.49 67.60 -51.86
CA SER T 61 24.48 68.76 -52.73
C SER T 61 23.40 68.63 -53.80
N ASP T 62 22.92 69.76 -54.27
CA ASP T 62 21.90 69.83 -55.31
C ASP T 62 22.53 70.06 -56.68
N ASP T 63 21.74 69.77 -57.72
CA ASP T 63 22.23 69.95 -59.08
C ASP T 63 22.35 71.41 -59.47
N GLU T 64 21.52 72.28 -58.88
CA GLU T 64 21.54 73.69 -59.23
C GLU T 64 22.89 74.32 -58.91
N ASN T 65 23.45 74.01 -57.74
CA ASN T 65 24.76 74.54 -57.39
C ASN T 65 25.82 73.83 -58.22
N PRO T 66 26.62 74.56 -59.00
CA PRO T 66 27.54 73.91 -59.94
C PRO T 66 28.59 73.05 -59.25
N PRO T 67 29.41 73.61 -58.32
CA PRO T 67 30.52 72.80 -57.80
C PRO T 67 30.10 71.91 -56.63
N ALA T 68 30.19 70.59 -56.82
CA ALA T 68 29.97 69.69 -55.70
C ALA T 68 31.08 69.81 -54.67
N GLU T 69 32.32 69.95 -55.13
CA GLU T 69 33.41 70.29 -54.23
C GLU T 69 33.30 71.75 -53.80
N GLY T 70 33.45 71.98 -52.50
CA GLY T 70 33.37 73.30 -51.93
C GLY T 70 32.26 73.47 -50.91
N ASP T 71 31.23 72.63 -50.94
CA ASP T 71 30.15 72.69 -49.96
C ASP T 71 30.55 71.91 -48.72
N ASP T 72 30.13 72.43 -47.56
CA ASP T 72 30.40 71.74 -46.30
C ASP T 72 29.67 70.42 -46.25
N HIS T 73 30.37 69.38 -45.77
CA HIS T 73 29.75 68.06 -45.69
C HIS T 73 28.68 68.01 -44.60
N GLY T 74 28.80 68.84 -43.57
CA GLY T 74 27.85 68.84 -42.48
C GLY T 74 28.05 67.75 -41.44
N LEU T 75 29.11 66.94 -41.58
CA LEU T 75 29.35 65.88 -40.63
C LEU T 75 29.78 66.45 -39.28
N ARG T 76 29.55 65.66 -38.22
CA ARG T 76 30.07 66.02 -36.92
C ARG T 76 31.58 65.76 -36.87
N SER T 77 32.21 66.25 -35.81
CA SER T 77 33.66 66.09 -35.68
C SER T 77 34.03 64.61 -35.56
N SER T 78 33.22 63.83 -34.86
CA SER T 78 33.54 62.43 -34.61
C SER T 78 33.32 61.53 -35.82
N ALA T 79 32.73 62.04 -36.90
CA ALA T 79 32.40 61.22 -38.05
C ALA T 79 33.36 61.37 -39.22
N VAL T 80 34.24 62.37 -39.19
CA VAL T 80 35.06 62.70 -40.36
C VAL T 80 36.02 61.55 -40.68
N SER T 81 36.65 61.00 -39.64
CA SER T 81 37.69 59.99 -39.83
C SER T 81 37.14 58.74 -40.50
N ALA T 82 36.01 58.25 -40.00
CA ALA T 82 35.38 57.07 -40.59
C ALA T 82 35.00 57.30 -42.03
N VAL T 83 34.43 58.48 -42.30
CA VAL T 83 33.97 58.80 -43.65
C VAL T 83 35.14 58.78 -44.63
N PHE T 84 36.22 59.48 -44.30
CA PHE T 84 37.29 59.56 -45.28
C PHE T 84 38.11 58.28 -45.34
N HIS T 85 38.16 57.49 -44.27
CA HIS T 85 38.80 56.18 -44.36
C HIS T 85 38.02 55.24 -45.28
N ASN T 86 36.70 55.22 -45.14
CA ASN T 86 35.88 54.42 -46.03
C ASN T 86 35.97 54.92 -47.46
N LEU T 87 36.08 56.24 -47.64
CA LEU T 87 36.24 56.80 -48.98
C LEU T 87 37.55 56.34 -49.60
N ALA T 88 38.64 56.34 -48.83
CA ALA T 88 39.91 55.85 -49.33
C ALA T 88 39.80 54.38 -49.74
N CYS T 89 39.15 53.58 -48.90
CA CYS T 89 38.94 52.18 -49.24
C CYS T 89 38.13 52.01 -50.52
N ARG T 90 37.10 52.83 -50.71
CA ARG T 90 36.24 52.72 -51.89
C ARG T 90 36.92 53.20 -53.17
N ILE T 91 37.76 54.24 -53.10
CA ILE T 91 38.39 54.78 -54.29
C ILE T 91 39.75 54.17 -54.57
N ALA T 92 40.26 53.32 -53.68
CA ALA T 92 41.50 52.60 -53.99
C ALA T 92 41.45 51.81 -55.30
N PRO T 93 40.38 51.08 -55.64
CA PRO T 93 40.40 50.33 -56.90
C PRO T 93 40.51 51.19 -58.15
N ASP T 94 40.21 52.49 -58.05
CA ASP T 94 40.30 53.36 -59.22
C ASP T 94 41.72 53.43 -59.76
N TYR T 95 42.70 53.49 -58.86
CA TYR T 95 44.10 53.64 -59.23
C TYR T 95 44.86 52.32 -59.23
N ALA T 96 44.15 51.21 -59.44
CA ALA T 96 44.76 49.87 -59.44
C ALA T 96 45.51 49.61 -58.14
N LEU T 97 44.94 50.08 -57.04
CA LEU T 97 45.54 50.00 -55.72
C LEU T 97 44.70 49.10 -54.83
N GLU T 98 45.16 48.92 -53.59
CA GLU T 98 44.44 48.17 -52.59
C GLU T 98 44.79 48.77 -51.23
N ALA T 99 43.77 49.25 -50.51
CA ALA T 99 44.01 49.89 -49.23
C ALA T 99 44.66 48.92 -48.26
N THR T 100 45.63 49.42 -47.49
CA THR T 100 46.35 48.58 -46.56
C THR T 100 45.44 48.11 -45.43
N ALA T 101 45.92 47.11 -44.68
CA ALA T 101 45.08 46.48 -43.67
C ALA T 101 44.68 47.46 -42.58
N LYS T 102 45.57 48.38 -42.23
CA LYS T 102 45.26 49.37 -41.20
C LYS T 102 44.09 50.25 -41.61
N ILE T 103 44.06 50.65 -42.88
CA ILE T 103 42.95 51.49 -43.37
C ILE T 103 41.64 50.74 -43.31
N ILE T 104 41.65 49.45 -43.67
CA ILE T 104 40.43 48.65 -43.63
C ILE T 104 39.94 48.49 -42.19
N ALA T 105 40.86 48.21 -41.27
CA ALA T 105 40.47 48.09 -39.87
C ALA T 105 39.90 49.39 -39.32
N THR T 106 40.53 50.52 -39.66
CA THR T 106 40.04 51.81 -39.22
C THR T 106 38.66 52.10 -39.82
N ALA T 107 38.45 51.73 -41.07
CA ALA T 107 37.14 51.94 -41.69
C ALA T 107 36.06 51.13 -41.00
N LYS T 108 36.35 49.86 -40.70
CA LYS T 108 35.38 49.02 -39.99
C LYS T 108 35.05 49.62 -38.62
N TYR T 109 36.09 49.98 -37.87
CA TYR T 109 35.88 50.54 -36.54
C TYR T 109 35.09 51.85 -36.61
N GLY T 110 35.40 52.69 -37.59
CA GLY T 110 34.70 53.96 -37.71
C GLY T 110 33.24 53.79 -38.09
N LYS T 111 32.94 52.86 -38.99
CA LYS T 111 31.55 52.62 -39.34
C LYS T 111 30.76 52.06 -38.15
N GLU T 112 31.38 51.16 -37.38
CA GLU T 112 30.72 50.64 -36.19
C GLU T 112 30.44 51.75 -35.19
N LEU T 113 31.42 52.62 -34.96
CA LEU T 113 31.21 53.75 -34.05
C LEU T 113 30.18 54.72 -34.59
N LEU T 114 30.11 54.87 -35.91
CA LEU T 114 29.10 55.75 -36.51
C LEU T 114 27.70 55.25 -36.23
N TYR T 115 27.49 53.93 -36.35
CA TYR T 115 26.15 53.39 -36.14
C TYR T 115 25.85 53.06 -34.68
N LYS T 116 26.83 53.16 -33.77
CA LYS T 116 26.60 52.76 -32.39
C LYS T 116 25.46 53.55 -31.75
N GLN T 117 25.51 54.88 -31.84
CA GLN T 117 24.50 55.70 -31.15
C GLN T 117 23.12 55.50 -31.75
N THR T 118 23.04 55.39 -33.08
CA THR T 118 21.75 55.14 -33.72
C THR T 118 21.19 53.79 -33.33
N ALA T 119 22.06 52.78 -33.21
CA ALA T 119 21.61 51.47 -32.77
C ALA T 119 21.10 51.51 -31.33
N ILE T 120 21.77 52.27 -30.48
CA ILE T 120 21.30 52.44 -29.11
C ILE T 120 19.92 53.10 -29.10
N SER T 121 19.75 54.14 -29.92
CA SER T 121 18.48 54.85 -29.96
C SER T 121 17.36 54.02 -30.56
N ARG T 122 17.68 53.02 -31.38
CA ARG T 122 16.67 52.20 -32.04
C ARG T 122 16.33 50.92 -31.28
N ALA T 123 16.95 50.69 -30.12
CA ALA T 123 16.64 49.52 -29.30
C ALA T 123 15.48 49.86 -28.37
N LYS T 124 14.29 49.93 -28.98
CA LYS T 124 13.08 50.30 -28.29
C LYS T 124 12.21 49.07 -28.09
N ARG T 125 11.69 48.89 -26.88
CA ARG T 125 10.80 47.78 -26.59
C ARG T 125 9.39 48.08 -27.06
N ALA T 126 8.74 47.08 -27.65
CA ALA T 126 7.39 47.25 -28.14
C ALA T 126 6.42 47.41 -26.97
N PRO T 127 5.31 48.12 -27.19
CA PRO T 127 4.32 48.28 -26.12
C PRO T 127 3.65 46.97 -25.77
N TYR T 128 2.85 47.01 -24.70
CA TYR T 128 2.12 45.83 -24.28
C TYR T 128 1.11 45.42 -25.35
N PRO T 129 0.87 44.13 -25.51
CA PRO T 129 -0.11 43.67 -26.49
C PRO T 129 -1.52 44.09 -26.11
N SER T 130 -2.39 44.16 -27.13
CA SER T 130 -3.76 44.60 -26.92
C SER T 130 -4.58 43.61 -26.09
N ARG T 131 -4.10 42.38 -25.90
CA ARG T 131 -4.82 41.37 -25.14
C ARG T 131 -4.26 41.19 -23.73
N MET T 132 -3.41 42.10 -23.27
CA MET T 132 -2.78 41.96 -21.96
C MET T 132 -3.52 42.84 -20.95
N PRO T 133 -4.00 42.28 -19.84
CA PRO T 133 -4.67 43.11 -18.82
C PRO T 133 -3.68 44.04 -18.13
N THR T 134 -4.21 45.15 -17.63
CA THR T 134 -3.39 46.07 -16.85
C THR T 134 -3.17 45.60 -15.42
N GLY T 135 -4.10 44.82 -14.88
CA GLY T 135 -3.97 44.34 -13.52
C GLY T 135 -4.68 45.22 -12.52
N SER T 136 -5.18 44.59 -11.45
CA SER T 136 -5.91 45.33 -10.42
C SER T 136 -5.01 46.24 -9.60
N GLY T 137 -3.70 46.03 -9.64
CA GLY T 137 -2.80 46.92 -8.93
C GLY T 137 -2.84 48.35 -9.44
N ASN T 138 -3.05 48.52 -10.75
CA ASN T 138 -3.19 49.84 -11.35
C ASN T 138 -4.58 50.35 -11.03
N SER T 139 -4.71 50.98 -9.86
CA SER T 139 -6.01 51.46 -9.41
C SER T 139 -6.55 52.56 -10.33
N PHE T 140 -5.68 53.48 -10.76
CA PHE T 140 -6.13 54.56 -11.63
C PHE T 140 -6.66 54.03 -12.95
N ALA T 141 -5.95 53.07 -13.55
CA ALA T 141 -6.39 52.50 -14.83
C ALA T 141 -7.70 51.73 -14.67
N ASN T 142 -7.83 50.96 -13.59
CA ASN T 142 -9.02 50.13 -13.42
C ASN T 142 -10.24 50.96 -13.07
N LEU T 143 -10.07 52.05 -12.31
CA LEU T 143 -11.21 52.90 -12.00
C LEU T 143 -11.74 53.60 -13.25
N ASN T 144 -10.89 53.81 -14.25
CA ASN T 144 -11.29 54.46 -15.50
C ASN T 144 -11.57 53.45 -16.60
N GLU T 145 -11.93 52.22 -16.23
CA GLU T 145 -12.33 51.16 -17.17
C GLU T 145 -11.22 50.77 -18.15
N TRP T 146 -9.97 51.00 -17.78
CA TRP T 146 -8.83 50.59 -18.61
C TRP T 146 -8.28 49.25 -18.13
N HIS T 147 -9.02 48.19 -18.45
CA HIS T 147 -8.68 46.86 -17.97
C HIS T 147 -7.61 46.21 -18.84
N TYR T 148 -7.54 46.58 -20.11
CA TYR T 148 -6.59 45.98 -21.05
C TYR T 148 -5.74 47.07 -21.68
N PHE T 149 -4.51 46.70 -22.01
CA PHE T 149 -3.59 47.63 -22.62
C PHE T 149 -4.04 47.97 -24.05
N PRO T 150 -3.79 49.20 -24.52
CA PRO T 150 -4.25 49.58 -25.86
C PRO T 150 -3.53 48.82 -26.97
N GLY T 151 -2.21 48.77 -26.90
CA GLY T 151 -1.43 48.07 -27.89
C GLY T 151 -0.88 49.00 -28.97
N GLU T 152 -0.64 48.40 -30.14
CA GLU T 152 -0.10 49.11 -31.30
C GLU T 152 1.19 49.83 -30.98
N GLU U 5 52.41 -55.59 33.36
CA GLU U 5 52.21 -56.00 34.75
C GLU U 5 52.17 -54.79 35.67
N ASN U 6 52.97 -53.78 35.35
CA ASN U 6 53.00 -52.56 36.15
C ASN U 6 51.68 -51.82 36.05
N ARG U 7 51.12 -51.44 37.20
CA ARG U 7 49.85 -50.72 37.20
C ARG U 7 49.99 -49.35 36.55
N LEU U 8 51.08 -48.64 36.84
CA LEU U 8 51.30 -47.33 36.23
C LEU U 8 51.44 -47.46 34.72
N GLU U 9 52.12 -48.51 34.26
CA GLU U 9 52.27 -48.70 32.82
C GLU U 9 50.93 -48.93 32.13
N SER U 10 50.06 -49.75 32.74
CA SER U 10 48.75 -49.99 32.15
C SER U 10 47.91 -48.72 32.14
N ILE U 11 47.90 -47.97 33.25
CA ILE U 11 47.14 -46.73 33.31
C ILE U 11 47.64 -45.74 32.26
N LEU U 12 48.96 -45.60 32.15
CA LEU U 12 49.52 -44.67 31.19
C LEU U 12 49.25 -45.11 29.75
N SER U 13 49.27 -46.41 29.48
CA SER U 13 48.97 -46.89 28.14
C SER U 13 47.52 -46.58 27.77
N ARG U 14 46.60 -46.83 28.69
CA ARG U 14 45.20 -46.50 28.43
C ARG U 14 45.03 -45.00 28.20
N PHE U 15 45.63 -44.18 29.06
CA PHE U 15 45.50 -42.74 28.93
C PHE U 15 46.11 -42.24 27.62
N ASP U 16 47.26 -42.79 27.23
CA ASP U 16 47.91 -42.36 25.99
C ASP U 16 47.07 -42.75 24.78
N ALA U 17 46.50 -43.95 24.78
CA ALA U 17 45.64 -44.36 23.67
C ALA U 17 44.43 -43.43 23.56
N ASP U 18 43.79 -43.13 24.70
CA ASP U 18 42.63 -42.25 24.67
C ASP U 18 43.00 -40.82 24.26
N TRP U 19 44.15 -40.34 24.73
CA TRP U 19 44.61 -39.00 24.40
C TRP U 19 44.90 -38.86 22.92
N THR U 20 45.57 -39.86 22.34
CA THR U 20 45.91 -39.80 20.93
C THR U 20 44.69 -40.02 20.04
N ALA U 21 43.70 -40.78 20.54
CA ALA U 21 42.51 -41.04 19.75
C ALA U 21 41.71 -39.77 19.48
N SER U 22 41.61 -38.88 20.46
CA SER U 22 40.77 -37.70 20.38
C SER U 22 41.57 -36.41 20.26
N ASP U 23 42.68 -36.45 19.52
CA ASP U 23 43.55 -35.28 19.41
C ASP U 23 42.92 -34.19 18.54
N GLU U 24 42.37 -34.58 17.39
CA GLU U 24 41.85 -33.59 16.45
C GLU U 24 40.63 -32.87 17.00
N ALA U 25 39.69 -33.63 17.58
CA ALA U 25 38.50 -33.02 18.15
C ALA U 25 38.84 -32.09 19.30
N ARG U 26 39.78 -32.50 20.16
CA ARG U 26 40.20 -31.65 21.26
C ARG U 26 40.85 -30.37 20.76
N ARG U 27 41.71 -30.48 19.74
CA ARG U 27 42.35 -29.28 19.18
C ARG U 27 41.32 -28.34 18.58
N GLU U 28 40.35 -28.88 17.84
CA GLU U 28 39.32 -28.03 17.25
C GLU U 28 38.46 -27.36 18.32
N ALA U 29 38.11 -28.09 19.38
CA ALA U 29 37.31 -27.52 20.45
C ALA U 29 38.07 -26.42 21.19
N LYS U 30 39.37 -26.64 21.44
CA LYS U 30 40.17 -25.61 22.09
C LYS U 30 40.29 -24.37 21.20
N ASN U 31 40.44 -24.58 19.89
CA ASN U 31 40.47 -23.44 18.97
C ASN U 31 39.15 -22.70 18.99
N ASP U 32 38.03 -23.42 19.05
CA ASP U 32 36.72 -22.78 19.13
C ASP U 32 36.59 -21.95 20.40
N LEU U 33 37.03 -22.50 21.53
CA LEU U 33 36.96 -21.77 22.79
C LEU U 33 37.81 -20.50 22.74
N PHE U 34 39.03 -20.61 22.22
CA PHE U 34 39.88 -19.42 22.10
C PHE U 34 39.25 -18.39 21.17
N PHE U 35 38.70 -18.85 20.04
CA PHE U 35 38.10 -17.94 19.07
C PHE U 35 36.91 -17.20 19.66
N SER U 36 36.08 -17.90 20.44
CA SER U 36 34.86 -17.31 20.96
C SER U 36 35.01 -16.71 22.34
N ARG U 37 36.22 -16.77 22.94
CA ARG U 37 36.37 -16.27 24.30
C ARG U 37 37.48 -15.25 24.44
N VAL U 38 38.57 -15.40 23.69
CA VAL U 38 39.76 -14.56 23.84
C VAL U 38 39.90 -13.58 22.67
N SER U 39 40.10 -14.10 21.47
CA SER U 39 40.36 -13.24 20.32
C SER U 39 40.16 -14.04 19.04
N GLN U 40 39.63 -13.39 18.02
CA GLN U 40 39.44 -14.01 16.72
C GLN U 40 40.68 -13.91 15.83
N TRP U 41 41.69 -13.17 16.25
CA TRP U 41 42.95 -13.09 15.51
C TRP U 41 43.96 -14.06 16.12
N ASP U 42 43.64 -15.35 16.00
CA ASP U 42 44.47 -16.42 16.54
C ASP U 42 45.71 -16.56 15.65
N ASP U 43 46.63 -15.61 15.81
CA ASP U 43 47.82 -15.55 14.98
C ASP U 43 49.08 -15.67 15.85
N TRP U 44 49.06 -16.62 16.79
CA TRP U 44 50.15 -16.72 17.76
C TRP U 44 51.45 -17.14 17.11
N LEU U 45 51.39 -17.93 16.04
CA LEU U 45 52.61 -18.47 15.44
C LEU U 45 53.47 -17.38 14.82
N SER U 46 52.86 -16.37 14.22
CA SER U 46 53.62 -15.27 13.60
C SER U 46 52.82 -13.98 13.76
N GLN U 47 53.12 -13.24 14.82
CA GLN U 47 52.49 -11.95 15.04
C GLN U 47 53.55 -10.89 15.36
N TYR U 48 54.70 -11.33 15.87
CA TYR U 48 55.81 -10.43 16.15
C TYR U 48 56.73 -10.27 14.94
N THR U 49 56.14 -9.90 13.81
CA THR U 49 56.88 -9.61 12.59
C THR U 49 56.82 -8.13 12.23
N THR U 50 55.62 -7.56 12.12
CA THR U 50 55.43 -6.14 11.94
C THR U 50 54.07 -5.76 12.48
N LEU U 51 53.90 -4.48 12.79
CA LEU U 51 52.66 -3.99 13.39
C LEU U 51 51.74 -3.49 12.28
N GLN U 52 50.60 -4.16 12.12
CA GLN U 52 49.57 -3.76 11.19
C GLN U 52 48.23 -3.77 11.92
N TYR U 53 47.26 -3.04 11.37
CA TYR U 53 45.96 -2.95 12.00
C TYR U 53 45.25 -4.30 11.95
N ARG U 54 44.77 -4.75 13.11
CA ARG U 54 43.97 -5.97 13.22
C ARG U 54 42.77 -5.66 14.09
N GLY U 55 41.63 -5.39 13.46
CA GLY U 55 40.42 -5.04 14.17
C GLY U 55 39.50 -6.25 14.33
N GLN U 56 38.85 -6.32 15.49
CA GLN U 56 37.90 -7.38 15.79
C GLN U 56 36.49 -6.80 15.71
N PHE U 57 35.79 -7.12 14.64
CA PHE U 57 34.40 -6.70 14.44
C PHE U 57 33.54 -7.95 14.57
N ASP U 58 33.18 -8.25 15.82
CA ASP U 58 32.54 -9.53 16.11
C ASP U 58 31.14 -9.59 15.54
N VAL U 59 30.79 -10.75 14.98
CA VAL U 59 29.48 -11.00 14.40
C VAL U 59 28.88 -12.31 14.87
N VAL U 60 29.63 -13.11 15.62
CA VAL U 60 29.16 -14.42 16.08
C VAL U 60 28.80 -14.36 17.55
N ARG U 61 29.44 -13.46 18.29
CA ARG U 61 29.17 -13.36 19.72
C ARG U 61 27.71 -13.04 20.05
N PRO U 62 27.02 -12.13 19.36
CA PRO U 62 25.59 -11.97 19.66
C PRO U 62 24.79 -13.25 19.51
N VAL U 63 25.13 -14.09 18.52
CA VAL U 63 24.42 -15.36 18.35
C VAL U 63 24.66 -16.27 19.55
N VAL U 64 25.91 -16.35 20.02
CA VAL U 64 26.22 -17.18 21.18
C VAL U 64 25.49 -16.67 22.41
N ARG U 65 25.47 -15.34 22.60
CA ARG U 65 24.75 -14.77 23.73
C ARG U 65 23.27 -15.09 23.66
N LYS U 66 22.67 -14.98 22.47
CA LYS U 66 21.26 -15.28 22.31
C LYS U 66 20.96 -16.74 22.61
N LEU U 67 21.81 -17.66 22.13
CA LEU U 67 21.58 -19.07 22.39
C LEU U 67 21.74 -19.40 23.87
N VAL U 68 22.74 -18.80 24.53
CA VAL U 68 22.94 -19.04 25.96
C VAL U 68 21.75 -18.50 26.75
N SER U 69 21.25 -17.32 26.39
CA SER U 69 20.07 -16.78 27.05
C SER U 69 18.85 -17.66 26.82
N GLU U 70 18.69 -18.17 25.60
CA GLU U 70 17.56 -19.05 25.29
C GLU U 70 17.61 -20.32 26.13
N MET U 71 18.79 -20.93 26.26
CA MET U 71 18.91 -22.14 27.04
C MET U 71 18.88 -21.88 28.55
N ARG U 72 19.14 -20.63 28.97
CA ARG U 72 19.08 -20.30 30.38
C ARG U 72 17.65 -20.13 30.87
N GLN U 73 16.75 -19.63 30.02
CA GLN U 73 15.37 -19.37 30.43
C GLN U 73 14.57 -20.65 30.64
N ASN U 74 15.10 -21.81 30.27
CA ASN U 74 14.39 -23.08 30.35
C ASN U 74 15.25 -24.07 31.12
N PRO U 75 15.30 -23.96 32.45
CA PRO U 75 16.08 -24.91 33.25
C PRO U 75 15.51 -26.31 33.16
N ILE U 76 16.40 -27.29 33.25
CA ILE U 76 16.04 -28.71 33.16
C ILE U 76 16.68 -29.43 34.34
N ASP U 77 15.92 -30.31 34.99
CA ASP U 77 16.40 -31.04 36.15
C ASP U 77 15.88 -32.46 36.10
N VAL U 78 16.50 -33.31 36.94
CA VAL U 78 16.06 -34.69 37.07
C VAL U 78 14.67 -34.75 37.68
N LEU U 79 13.97 -35.85 37.42
CA LEU U 79 12.64 -36.08 37.98
C LEU U 79 12.47 -37.58 38.19
N TYR U 80 12.43 -38.03 39.43
CA TYR U 80 12.32 -39.44 39.73
C TYR U 80 10.86 -39.85 39.79
N ARG U 81 10.51 -40.90 39.05
CA ARG U 81 9.13 -41.35 38.96
C ARG U 81 9.04 -42.81 39.38
N PRO U 82 7.98 -43.20 40.08
CA PRO U 82 7.85 -44.62 40.45
C PRO U 82 7.77 -45.51 39.23
N LYS U 83 8.36 -46.69 39.34
CA LYS U 83 8.34 -47.65 38.24
C LYS U 83 6.94 -48.24 38.07
N ASP U 84 6.80 -49.11 37.08
CA ASP U 84 5.52 -49.76 36.82
C ASP U 84 5.32 -50.88 37.85
N GLY U 85 4.23 -50.80 38.60
CA GLY U 85 3.95 -51.74 39.64
C GLY U 85 4.53 -51.41 40.99
N ALA U 86 5.37 -50.37 41.07
CA ALA U 86 5.93 -49.94 42.34
C ALA U 86 4.91 -49.09 43.11
N ARG U 87 5.18 -48.89 44.39
CA ARG U 87 4.31 -48.06 45.20
C ARG U 87 4.30 -46.64 44.65
N PRO U 88 3.16 -45.95 44.67
CA PRO U 88 3.12 -44.59 44.13
C PRO U 88 4.01 -43.61 44.90
N ASP U 89 4.37 -43.91 46.14
CA ASP U 89 5.30 -43.12 46.94
C ASP U 89 6.71 -43.70 46.91
N ALA U 90 7.13 -44.20 45.74
CA ALA U 90 8.44 -44.84 45.66
C ALA U 90 9.57 -43.85 45.36
N ALA U 91 9.27 -42.59 45.08
CA ALA U 91 10.29 -41.65 44.64
C ALA U 91 10.27 -40.32 45.39
N ASP U 92 9.50 -40.21 46.48
CA ASP U 92 9.48 -38.93 47.19
C ASP U 92 10.72 -38.74 48.04
N VAL U 93 11.26 -39.82 48.62
CA VAL U 93 12.45 -39.70 49.46
C VAL U 93 13.68 -39.36 48.62
N LEU U 94 13.86 -40.08 47.51
CA LEU U 94 14.99 -39.82 46.63
C LEU U 94 14.90 -38.44 46.02
N MET U 95 13.70 -38.03 45.60
CA MET U 95 13.52 -36.66 45.12
C MET U 95 13.78 -35.62 46.19
N GLY U 96 13.34 -35.87 47.43
CA GLY U 96 13.65 -34.94 48.50
C GLY U 96 15.13 -34.78 48.70
N MET U 97 15.87 -35.89 48.69
CA MET U 97 17.33 -35.83 48.85
C MET U 97 17.96 -35.07 47.70
N TYR U 98 17.54 -35.37 46.46
CA TYR U 98 18.14 -34.72 45.29
C TYR U 98 17.89 -33.22 45.32
N ARG U 99 16.65 -32.81 45.61
CA ARG U 99 16.34 -31.39 45.68
C ARG U 99 17.05 -30.73 46.85
N THR U 100 17.32 -31.48 47.91
CA THR U 100 18.02 -30.91 49.06
C THR U 100 19.47 -30.59 48.71
N ASP U 101 20.19 -31.54 48.10
CA ASP U 101 21.61 -31.37 47.89
C ASP U 101 21.98 -30.92 46.48
N MET U 102 20.99 -30.49 45.68
CA MET U 102 21.27 -29.90 44.37
C MET U 102 20.73 -28.48 44.24
N ARG U 103 20.22 -27.90 45.32
CA ARG U 103 19.70 -26.54 45.29
C ARG U 103 20.78 -25.49 45.47
N HIS U 104 22.01 -25.89 45.75
CA HIS U 104 23.07 -24.94 46.03
C HIS U 104 23.59 -24.31 44.75
N ASN U 105 24.37 -23.24 44.91
CA ASN U 105 24.84 -22.47 43.75
C ASN U 105 25.83 -23.27 42.90
N THR U 106 26.55 -24.21 43.51
CA THR U 106 27.57 -24.96 42.78
C THR U 106 26.94 -25.79 41.67
N ALA U 107 25.79 -26.43 41.94
CA ALA U 107 25.15 -27.25 40.92
C ALA U 107 24.69 -26.42 39.73
N LYS U 108 24.03 -25.30 40.00
CA LYS U 108 23.57 -24.43 38.91
C LYS U 108 24.75 -23.89 38.12
N ILE U 109 25.82 -23.49 38.82
CA ILE U 109 26.99 -22.95 38.13
C ILE U 109 27.63 -24.01 37.24
N ALA U 110 27.75 -25.25 37.74
CA ALA U 110 28.33 -26.31 36.94
C ALA U 110 27.49 -26.59 35.69
N VAL U 111 26.17 -26.63 35.85
CA VAL U 111 25.30 -26.88 34.71
C VAL U 111 25.42 -25.75 33.69
N ASN U 112 25.45 -24.50 34.16
CA ASN U 112 25.56 -23.37 33.26
C ASN U 112 26.90 -23.36 32.53
N ILE U 113 27.98 -23.70 33.22
CA ILE U 113 29.29 -23.76 32.58
C ILE U 113 29.29 -24.83 31.50
N ALA U 114 28.75 -26.01 31.82
CA ALA U 114 28.69 -27.09 30.84
C ALA U 114 27.86 -26.68 29.63
N VAL U 115 26.73 -26.01 29.86
CA VAL U 115 25.87 -25.60 28.76
C VAL U 115 26.56 -24.57 27.87
N ARG U 116 27.24 -23.59 28.48
CA ARG U 116 27.94 -22.59 27.68
C ARG U 116 29.05 -23.22 26.86
N GLU U 117 29.81 -24.14 27.46
CA GLU U 117 30.87 -24.81 26.70
C GLU U 117 30.30 -25.69 25.60
N GLN U 118 29.15 -26.32 25.85
CA GLN U 118 28.49 -27.11 24.82
C GLN U 118 28.06 -26.25 23.64
N ILE U 119 27.51 -25.08 23.92
CA ILE U 119 27.08 -24.18 22.85
C ILE U 119 28.29 -23.68 22.07
N GLU U 120 29.34 -23.25 22.76
CA GLU U 120 30.49 -22.66 22.08
C GLU U 120 31.37 -23.72 21.42
N ALA U 121 31.95 -24.62 22.23
CA ALA U 121 32.90 -25.58 21.71
C ALA U 121 32.22 -26.83 21.17
N GLY U 122 31.30 -27.42 21.93
CA GLY U 122 30.62 -28.63 21.50
C GLY U 122 30.60 -29.70 22.56
N VAL U 123 31.41 -29.53 23.61
CA VAL U 123 31.47 -30.49 24.70
C VAL U 123 31.66 -29.74 26.01
N GLY U 124 30.97 -30.21 27.05
CA GLY U 124 31.16 -29.74 28.40
C GLY U 124 30.97 -30.91 29.35
N ALA U 125 31.22 -30.67 30.63
CA ALA U 125 31.07 -31.75 31.60
C ALA U 125 30.94 -31.18 33.00
N TRP U 126 30.44 -32.01 33.90
CA TRP U 126 30.47 -31.72 35.33
C TRP U 126 30.71 -33.02 36.09
N ARG U 127 30.89 -32.89 37.40
CA ARG U 127 31.26 -34.01 38.25
C ARG U 127 30.36 -34.07 39.46
N LEU U 128 30.19 -35.27 40.01
CA LEU U 128 29.43 -35.49 41.23
C LEU U 128 30.38 -36.03 42.29
N VAL U 129 30.48 -35.33 43.43
CA VAL U 129 31.37 -35.75 44.51
C VAL U 129 30.57 -35.81 45.80
N THR U 130 31.12 -36.55 46.76
CA THR U 130 30.51 -36.74 48.07
C THR U 130 31.49 -36.29 49.14
N ASP U 131 30.97 -35.61 50.16
CA ASP U 131 31.79 -35.09 51.23
C ASP U 131 31.09 -35.31 52.57
N TYR U 132 31.86 -35.16 53.65
CA TYR U 132 31.34 -35.32 55.00
C TYR U 132 30.92 -33.95 55.52
N GLU U 133 29.65 -33.82 55.87
CA GLU U 133 29.10 -32.58 56.41
C GLU U 133 28.55 -32.84 57.80
N ASP U 134 28.90 -31.98 58.76
CA ASP U 134 28.47 -32.15 60.14
C ASP U 134 27.38 -31.17 60.56
N GLN U 135 27.24 -30.03 59.88
CA GLN U 135 26.28 -29.02 60.29
C GLN U 135 24.90 -29.25 59.68
N SER U 136 24.84 -29.36 58.35
CA SER U 136 23.58 -29.57 57.64
C SER U 136 23.76 -30.73 56.66
N PRO U 137 23.82 -31.96 57.17
CA PRO U 137 23.97 -33.12 56.28
C PRO U 137 22.64 -33.50 55.64
N THR U 138 22.73 -34.00 54.41
CA THR U 138 21.54 -34.52 53.75
C THR U 138 21.08 -35.82 54.41
N SER U 139 22.02 -36.75 54.63
CA SER U 139 21.75 -37.98 55.35
C SER U 139 23.06 -38.67 55.64
N ASN U 140 23.12 -39.38 56.77
CA ASN U 140 24.28 -40.17 57.17
C ASN U 140 25.53 -39.32 57.28
N ASN U 141 25.37 -38.07 57.73
CA ASN U 141 26.48 -37.14 57.93
C ASN U 141 27.29 -36.96 56.65
N GLN U 142 26.62 -37.00 55.51
CA GLN U 142 27.28 -36.85 54.22
C GLN U 142 26.40 -36.04 53.29
N VAL U 143 27.04 -35.42 52.30
CA VAL U 143 26.35 -34.65 51.27
C VAL U 143 26.93 -35.01 49.92
N ILE U 144 26.12 -34.84 48.88
CA ILE U 144 26.52 -35.02 47.49
C ILE U 144 26.35 -33.69 46.78
N ARG U 145 27.43 -33.20 46.17
CA ARG U 145 27.37 -31.96 45.41
C ARG U 145 27.86 -32.18 43.99
N ARG U 146 27.57 -31.19 43.16
CA ARG U 146 27.96 -31.17 41.75
C ARG U 146 28.99 -30.07 41.55
N GLU U 147 30.12 -30.43 40.96
CA GLU U 147 31.24 -29.54 40.75
C GLU U 147 31.47 -29.30 39.26
N PRO U 148 31.99 -28.15 38.88
CA PRO U 148 32.20 -27.84 37.46
C PRO U 148 33.56 -28.33 36.96
N ILE U 149 33.63 -28.52 35.65
CA ILE U 149 34.87 -28.83 34.96
C ILE U 149 35.00 -27.80 33.83
N HIS U 150 36.02 -26.96 33.92
CA HIS U 150 36.27 -25.95 32.91
C HIS U 150 37.12 -26.52 31.79
N SER U 151 36.76 -26.19 30.56
CA SER U 151 37.42 -26.71 29.36
C SER U 151 37.45 -28.24 29.38
N ALA U 152 36.25 -28.82 29.36
CA ALA U 152 36.12 -30.28 29.40
C ALA U 152 36.62 -30.95 28.13
N CYS U 153 36.88 -30.19 27.07
CA CYS U 153 37.43 -30.78 25.85
C CYS U 153 38.82 -31.35 26.08
N SER U 154 39.64 -30.64 26.85
CA SER U 154 41.03 -31.04 27.06
C SER U 154 41.31 -31.56 28.47
N HIS U 155 40.37 -31.41 29.41
CA HIS U 155 40.61 -31.80 30.79
C HIS U 155 39.97 -33.13 31.16
N VAL U 156 38.98 -33.58 30.41
CA VAL U 156 38.33 -34.87 30.63
C VAL U 156 38.60 -35.73 29.40
N ILE U 157 39.27 -36.86 29.60
CA ILE U 157 39.62 -37.77 28.52
C ILE U 157 38.91 -39.09 28.78
N TRP U 158 38.03 -39.47 27.87
CA TRP U 158 37.18 -40.64 28.04
C TRP U 158 37.81 -41.87 27.38
N ASP U 159 37.27 -43.03 27.72
CA ASP U 159 37.67 -44.26 27.05
C ASP U 159 37.33 -44.16 25.56
N SER U 160 38.32 -44.48 24.72
CA SER U 160 38.12 -44.35 23.28
C SER U 160 37.15 -45.39 22.74
N ASN U 161 36.95 -46.50 23.45
CA ASN U 161 36.00 -47.54 23.04
C ASN U 161 34.64 -47.31 23.69
N SER U 162 34.08 -46.12 23.45
CA SER U 162 32.77 -45.76 23.97
C SER U 162 31.98 -45.10 22.85
N LYS U 163 30.83 -45.66 22.51
CA LYS U 163 30.01 -45.22 21.39
C LYS U 163 28.66 -44.69 21.86
N LEU U 164 28.63 -44.07 23.03
CA LEU U 164 27.40 -43.51 23.59
C LEU U 164 27.61 -42.04 23.90
N MET U 165 26.54 -41.25 23.70
CA MET U 165 26.65 -39.82 23.87
C MET U 165 26.93 -39.45 25.33
N ASP U 166 26.34 -40.16 26.28
CA ASP U 166 26.59 -39.91 27.70
C ASP U 166 27.76 -40.72 28.23
N LYS U 167 28.42 -41.52 27.40
CA LYS U 167 29.59 -42.30 27.79
C LYS U 167 29.29 -43.22 28.97
N SER U 168 28.11 -43.83 28.96
CA SER U 168 27.78 -44.81 29.98
C SER U 168 28.44 -46.15 29.73
N ASP U 169 28.91 -46.41 28.51
CA ASP U 169 29.65 -47.62 28.20
C ASP U 169 31.15 -47.46 28.40
N ALA U 170 31.62 -46.25 28.71
CA ALA U 170 33.03 -46.05 28.99
C ALA U 170 33.42 -46.77 30.27
N ARG U 171 34.58 -47.42 30.25
CA ARG U 171 35.06 -48.19 31.38
C ARG U 171 36.19 -47.52 32.14
N HIS U 172 36.69 -46.38 31.66
CA HIS U 172 37.65 -45.59 32.40
C HIS U 172 37.61 -44.15 31.89
N CYS U 173 38.07 -43.23 32.73
CA CYS U 173 38.07 -41.82 32.39
C CYS U 173 39.13 -41.10 33.21
N THR U 174 39.92 -40.26 32.58
CA THR U 174 40.97 -39.52 33.26
C THR U 174 40.66 -38.03 33.25
N VAL U 175 40.64 -37.43 34.44
CA VAL U 175 40.40 -35.99 34.60
C VAL U 175 41.72 -35.34 35.00
N ILE U 176 42.13 -34.34 34.23
CA ILE U 176 43.37 -33.63 34.46
C ILE U 176 43.08 -32.38 35.29
N HIS U 177 43.76 -32.25 36.42
CA HIS U 177 43.60 -31.11 37.32
C HIS U 177 44.84 -30.23 37.23
N SER U 178 44.64 -28.98 36.81
CA SER U 178 45.66 -27.95 36.84
C SER U 178 45.36 -26.98 37.97
N MET U 179 46.35 -26.71 38.80
CA MET U 179 46.09 -25.95 40.01
C MET U 179 47.31 -25.14 40.41
N SER U 180 47.08 -24.11 41.22
CA SER U 180 48.15 -23.24 41.67
C SER U 180 49.00 -23.93 42.74
N GLN U 181 50.10 -23.28 43.11
CA GLN U 181 51.02 -23.83 44.11
C GLN U 181 50.30 -24.05 45.44
N ASN U 182 49.63 -23.01 45.94
CA ASN U 182 48.90 -23.14 47.19
C ASN U 182 47.70 -24.07 47.03
N GLY U 183 47.08 -24.05 45.84
CA GLY U 183 46.05 -25.02 45.55
C GLY U 183 46.58 -26.44 45.57
N TRP U 184 47.79 -26.65 45.04
CA TRP U 184 48.41 -27.96 45.14
C TRP U 184 48.68 -28.34 46.59
N GLU U 185 49.10 -27.37 47.41
CA GLU U 185 49.34 -27.66 48.82
C GLU U 185 48.06 -28.11 49.52
N ASP U 186 46.95 -27.43 49.26
CA ASP U 186 45.69 -27.85 49.87
C ASP U 186 45.19 -29.18 49.29
N PHE U 187 45.44 -29.44 48.01
CA PHE U 187 45.12 -30.74 47.44
C PHE U 187 45.87 -31.85 48.15
N ALA U 188 47.17 -31.65 48.39
CA ALA U 188 47.97 -32.65 49.08
C ALA U 188 47.50 -32.82 50.51
N GLU U 189 47.14 -31.72 51.17
CA GLU U 189 46.61 -31.83 52.53
C GLU U 189 45.31 -32.62 52.55
N LYS U 190 44.43 -32.38 51.57
CA LYS U 190 43.14 -33.06 51.53
C LYS U 190 43.29 -34.54 51.25
N TYR U 191 44.15 -34.91 50.31
CA TYR U 191 44.30 -36.30 49.90
C TYR U 191 45.49 -36.99 50.55
N ASP U 192 46.09 -36.38 51.57
CA ASP U 192 47.21 -36.98 52.32
C ASP U 192 48.37 -37.35 51.40
N LEU U 193 48.66 -36.48 50.43
CA LEU U 193 49.79 -36.66 49.55
C LEU U 193 51.01 -35.94 50.12
N ASP U 194 52.14 -36.05 49.41
CA ASP U 194 53.37 -35.38 49.82
C ASP U 194 53.43 -34.03 49.10
N ALA U 195 53.36 -32.95 49.87
CA ALA U 195 53.33 -31.61 49.27
C ALA U 195 54.69 -31.22 48.71
N ASP U 196 55.77 -31.76 49.27
CA ASP U 196 57.11 -31.40 48.81
C ASP U 196 57.38 -31.93 47.40
N ASP U 197 56.87 -33.12 47.07
CA ASP U 197 57.09 -33.72 45.76
C ASP U 197 56.05 -33.14 44.80
N ILE U 198 56.45 -32.14 44.03
CA ILE U 198 55.53 -31.50 43.09
C ILE U 198 55.19 -32.47 41.97
N PRO U 199 53.92 -32.69 41.66
CA PRO U 199 53.54 -33.63 40.62
C PRO U 199 53.57 -32.99 39.24
N SER U 200 53.43 -33.84 38.23
CA SER U 200 53.40 -33.39 36.84
C SER U 200 52.57 -34.38 36.03
N PHE U 201 51.99 -33.87 34.94
CA PHE U 201 51.19 -34.69 34.04
C PHE U 201 51.14 -34.01 32.68
N GLN U 202 50.45 -34.64 31.74
CA GLN U 202 50.30 -34.07 30.40
C GLN U 202 49.58 -32.73 30.49
N ASN U 203 50.23 -31.68 30.01
CA ASN U 203 49.65 -30.35 30.07
C ASN U 203 48.58 -30.21 29.00
N PRO U 204 47.32 -29.96 29.37
CA PRO U 204 46.27 -29.85 28.34
C PRO U 204 46.20 -28.49 27.68
N ASN U 205 46.78 -27.46 28.29
CA ASN U 205 46.71 -26.10 27.78
C ASN U 205 47.84 -25.84 26.79
N ASP U 206 47.72 -24.72 26.08
CA ASP U 206 48.75 -24.26 25.16
C ASP U 206 49.05 -22.79 25.44
N TRP U 207 50.33 -22.47 25.57
CA TRP U 207 50.76 -21.09 25.81
C TRP U 207 50.71 -20.34 24.48
N VAL U 208 49.54 -19.80 24.17
CA VAL U 208 49.30 -19.12 22.90
C VAL U 208 49.11 -17.61 23.10
N PHE U 209 48.27 -17.22 24.06
CA PHE U 209 48.10 -15.82 24.36
C PHE U 209 49.30 -15.31 25.16
N PRO U 210 49.63 -14.02 25.02
CA PRO U 210 50.74 -13.47 25.81
C PRO U 210 50.39 -13.31 27.29
N TRP U 211 50.00 -14.41 27.93
CA TRP U 211 49.76 -14.38 29.36
C TRP U 211 51.07 -14.31 30.11
N LEU U 212 51.13 -13.43 31.12
CA LEU U 212 52.38 -13.23 31.84
C LEU U 212 52.82 -14.50 32.57
N THR U 213 51.88 -15.17 33.25
CA THR U 213 52.20 -16.38 34.01
C THR U 213 51.07 -17.38 33.84
N GLN U 214 51.40 -18.56 33.35
CA GLN U 214 50.48 -19.70 33.31
C GLN U 214 50.95 -20.79 34.28
N ASP U 215 51.51 -20.37 35.42
CA ASP U 215 52.08 -21.31 36.38
C ASP U 215 51.02 -22.27 36.90
N THR U 216 51.13 -23.54 36.53
CA THR U 216 50.16 -24.54 36.91
C THR U 216 50.86 -25.85 37.23
N ILE U 217 50.24 -26.62 38.11
CA ILE U 217 50.69 -27.95 38.51
C ILE U 217 49.62 -28.94 38.10
N GLN U 218 50.02 -30.01 37.43
CA GLN U 218 49.10 -30.95 36.82
C GLN U 218 49.13 -32.29 37.54
N ILE U 219 47.95 -32.81 37.85
CA ILE U 219 47.77 -34.15 38.40
C ILE U 219 46.61 -34.80 37.65
N ALA U 220 46.45 -36.11 37.82
CA ALA U 220 45.37 -36.79 37.12
C ALA U 220 44.60 -37.69 38.08
N GLU U 221 43.29 -37.78 37.85
CA GLU U 221 42.43 -38.73 38.54
C GLU U 221 41.88 -39.71 37.52
N PHE U 222 42.15 -40.99 37.74
CA PHE U 222 41.79 -42.05 36.82
C PHE U 222 40.67 -42.87 37.46
N TYR U 223 39.48 -42.79 36.90
CA TYR U 223 38.33 -43.57 37.33
C TYR U 223 38.19 -44.79 36.45
N GLU U 224 37.90 -45.94 37.06
CA GLU U 224 37.63 -47.16 36.33
C GLU U 224 36.46 -47.89 36.95
N VAL U 225 35.65 -48.53 36.10
CA VAL U 225 34.48 -49.29 36.52
C VAL U 225 34.78 -50.77 36.30
N VAL U 226 34.56 -51.57 37.33
CA VAL U 226 34.75 -53.02 37.26
C VAL U 226 33.42 -53.67 37.58
N GLU U 227 32.92 -54.48 36.64
CA GLU U 227 31.67 -55.20 36.81
C GLU U 227 31.99 -56.65 37.15
N LYS U 228 31.58 -57.09 38.34
CA LYS U 228 31.91 -58.43 38.80
C LYS U 228 30.80 -58.96 39.69
N LYS U 229 30.79 -60.27 39.87
CA LYS U 229 29.85 -60.94 40.77
C LYS U 229 30.46 -61.01 42.16
N GLU U 230 29.78 -60.41 43.13
CA GLU U 230 30.25 -60.44 44.51
C GLU U 230 29.20 -61.08 45.41
N THR U 231 29.66 -61.54 46.57
CA THR U 231 28.80 -62.22 47.52
C THR U 231 27.84 -61.26 48.19
N ALA U 232 26.62 -61.70 48.41
CA ALA U 232 25.62 -60.97 49.18
C ALA U 232 24.90 -61.93 50.09
N PHE U 233 24.39 -61.41 51.20
CA PHE U 233 23.75 -62.22 52.24
C PHE U 233 22.27 -61.89 52.29
N ILE U 234 21.45 -62.93 52.36
CA ILE U 234 20.01 -62.81 52.54
C ILE U 234 19.71 -63.14 54.00
N TYR U 235 19.35 -62.11 54.77
CA TYR U 235 19.07 -62.24 56.19
C TYR U 235 17.56 -62.41 56.39
N GLN U 236 17.11 -62.31 57.64
CA GLN U 236 15.70 -62.25 57.98
C GLN U 236 15.47 -61.03 58.84
N ASP U 237 14.71 -60.07 58.33
CA ASP U 237 14.44 -58.84 59.07
C ASP U 237 13.64 -59.17 60.32
N PRO U 238 14.10 -58.78 61.51
CA PRO U 238 13.29 -59.06 62.72
C PRO U 238 11.93 -58.40 62.70
N VAL U 239 11.77 -57.31 61.96
CA VAL U 239 10.47 -56.67 61.85
C VAL U 239 9.56 -57.46 60.91
N THR U 240 9.95 -57.57 59.64
CA THR U 240 9.20 -58.31 58.64
C THR U 240 10.03 -58.42 57.37
N GLY U 241 9.86 -59.54 56.67
CA GLY U 241 10.50 -59.74 55.38
C GLY U 241 11.96 -60.16 55.50
N GLU U 242 12.62 -60.23 54.35
CA GLU U 242 14.02 -60.62 54.30
C GLU U 242 14.77 -59.64 53.43
N PRO U 243 15.96 -59.15 53.87
CA PRO U 243 16.73 -58.23 53.08
C PRO U 243 17.98 -58.83 52.43
N VAL U 244 18.53 -58.12 51.46
CA VAL U 244 19.74 -58.52 50.75
C VAL U 244 20.81 -57.46 50.99
N SER U 245 21.92 -57.85 51.60
CA SER U 245 22.99 -56.91 51.92
C SER U 245 24.30 -57.41 51.32
N TYR U 246 25.02 -56.51 50.65
CA TYR U 246 26.28 -56.89 50.02
C TYR U 246 27.31 -57.24 51.08
N PHE U 247 28.06 -58.31 50.84
CA PHE U 247 29.04 -58.78 51.81
C PHE U 247 30.16 -57.76 52.02
N LYS U 248 30.57 -57.09 50.94
CA LYS U 248 31.68 -56.14 51.05
C LYS U 248 31.30 -54.93 51.91
N ARG U 249 30.03 -54.52 51.87
CA ARG U 249 29.62 -53.32 52.61
C ARG U 249 29.70 -53.53 54.12
N ASP U 250 29.37 -54.74 54.59
CA ASP U 250 29.44 -55.05 56.01
C ASP U 250 30.40 -56.20 56.25
N ILE U 251 31.57 -56.15 55.61
CA ILE U 251 32.49 -57.28 55.63
C ILE U 251 33.04 -57.52 57.03
N LYS U 252 33.45 -56.46 57.72
CA LYS U 252 34.09 -56.63 59.02
C LYS U 252 33.48 -55.70 60.06
N ASP U 253 32.89 -54.59 59.61
CA ASP U 253 32.41 -53.58 60.55
C ASP U 253 31.30 -54.13 61.43
N VAL U 254 30.25 -54.69 60.81
CA VAL U 254 29.06 -55.08 61.56
C VAL U 254 28.67 -56.52 61.25
N ILE U 255 29.56 -57.27 60.60
CA ILE U 255 29.23 -58.62 60.15
C ILE U 255 28.80 -59.50 61.31
N ASP U 256 29.27 -59.20 62.53
CA ASP U 256 28.80 -59.89 63.73
C ASP U 256 27.69 -59.14 64.45
N ASP U 257 27.49 -57.85 64.14
CA ASP U 257 26.46 -57.07 64.79
C ASP U 257 25.06 -57.41 64.29
N LEU U 258 24.94 -57.98 63.09
CA LEU U 258 23.62 -58.41 62.63
C LEU U 258 23.04 -59.49 63.55
N ALA U 259 23.88 -60.44 63.97
CA ALA U 259 23.42 -61.49 64.87
C ALA U 259 22.97 -60.90 66.20
N ASP U 260 23.72 -59.95 66.74
CA ASP U 260 23.35 -59.31 68.01
C ASP U 260 22.06 -58.53 67.87
N SER U 261 21.86 -57.85 66.75
CA SER U 261 20.67 -57.04 66.53
C SER U 261 19.43 -57.87 66.23
N GLY U 262 19.57 -59.18 66.06
CA GLY U 262 18.45 -60.04 65.73
C GLY U 262 18.34 -60.43 64.27
N PHE U 263 19.31 -60.09 63.45
CA PHE U 263 19.34 -60.48 62.05
C PHE U 263 19.96 -61.88 61.95
N ILE U 264 19.18 -62.82 61.42
CA ILE U 264 19.62 -64.20 61.26
C ILE U 264 19.87 -64.45 59.77
N LYS U 265 21.00 -65.08 59.47
CA LYS U 265 21.35 -65.36 58.09
C LYS U 265 20.51 -66.51 57.54
N ILE U 266 19.87 -66.29 56.39
CA ILE U 266 19.09 -67.30 55.71
C ILE U 266 19.84 -67.91 54.53
N ALA U 267 20.43 -67.08 53.68
CA ALA U 267 21.04 -67.59 52.46
C ALA U 267 22.19 -66.68 52.04
N GLU U 268 22.91 -67.12 51.01
CA GLU U 268 24.05 -66.37 50.48
C GLU U 268 24.08 -66.56 48.97
N ARG U 269 24.04 -65.46 48.24
CA ARG U 269 24.01 -65.49 46.78
C ARG U 269 25.19 -64.73 46.21
N GLN U 270 25.32 -64.79 44.88
CA GLN U 270 26.36 -64.07 44.15
C GLN U 270 25.67 -63.17 43.13
N ILE U 271 25.74 -61.86 43.35
CA ILE U 271 25.06 -60.88 42.51
C ILE U 271 26.08 -60.02 41.81
N LYS U 272 25.85 -59.76 40.52
CA LYS U 272 26.75 -58.95 39.72
C LYS U 272 26.46 -57.47 39.93
N ARG U 273 27.51 -56.68 40.08
CA ARG U 273 27.39 -55.24 40.28
C ARG U 273 28.69 -54.58 39.82
N ARG U 274 28.62 -53.26 39.65
CA ARG U 274 29.76 -52.46 39.24
C ARG U 274 30.32 -51.67 40.41
N ARG U 275 31.64 -51.54 40.45
CA ARG U 275 32.32 -50.74 41.46
C ARG U 275 33.28 -49.78 40.77
N VAL U 276 33.43 -48.58 41.34
CA VAL U 276 34.22 -47.51 40.76
C VAL U 276 35.43 -47.27 41.63
N TYR U 277 36.62 -47.24 41.01
CA TYR U 277 37.87 -47.00 41.70
C TYR U 277 38.55 -45.77 41.10
N LYS U 278 39.04 -44.90 41.97
CA LYS U 278 39.76 -43.69 41.59
C LYS U 278 41.21 -43.81 42.01
N SER U 279 42.11 -43.36 41.13
CA SER U 279 43.54 -43.35 41.38
C SER U 279 44.09 -41.97 41.10
N ILE U 280 44.91 -41.46 42.01
CA ILE U 280 45.59 -40.18 41.79
C ILE U 280 46.97 -40.49 41.22
N ILE U 281 47.23 -40.01 40.02
CA ILE U 281 48.43 -40.37 39.27
C ILE U 281 49.14 -39.14 38.75
N THR U 282 50.42 -39.31 38.49
CA THR U 282 51.29 -38.34 37.83
C THR U 282 51.90 -39.00 36.59
N CYS U 283 52.83 -38.31 35.95
CA CYS U 283 53.48 -38.87 34.78
C CYS U 283 54.52 -39.91 35.11
N THR U 284 54.89 -40.07 36.39
CA THR U 284 55.96 -40.98 36.78
C THR U 284 55.62 -41.91 37.92
N ALA U 285 54.55 -41.67 38.68
CA ALA U 285 54.24 -42.51 39.82
C ALA U 285 52.75 -42.47 40.11
N VAL U 286 52.29 -43.42 40.91
CA VAL U 286 50.90 -43.53 41.32
C VAL U 286 50.84 -43.20 42.81
N LEU U 287 50.10 -42.15 43.16
CA LEU U 287 50.03 -41.73 44.56
C LEU U 287 48.97 -42.53 45.32
N LYS U 288 47.73 -42.53 44.84
CA LYS U 288 46.67 -43.37 45.37
C LYS U 288 46.32 -44.41 44.33
N ASP U 289 46.17 -45.66 44.77
CA ASP U 289 46.15 -46.78 43.82
C ASP U 289 44.75 -47.13 43.33
N LYS U 290 43.88 -47.56 44.23
CA LYS U 290 42.55 -48.06 43.83
C LYS U 290 41.49 -47.62 44.83
N GLN U 291 41.50 -46.34 45.21
CA GLN U 291 40.56 -45.85 46.21
C GLN U 291 39.13 -46.06 45.74
N LEU U 292 38.39 -46.94 46.41
CA LEU U 292 37.02 -47.23 46.01
C LEU U 292 36.11 -46.06 46.35
N ILE U 293 35.29 -45.64 45.39
CA ILE U 293 34.37 -44.53 45.61
C ILE U 293 32.94 -45.04 45.47
N ALA U 294 32.00 -44.24 45.94
CA ALA U 294 30.59 -44.62 45.92
C ALA U 294 30.03 -44.54 44.51
N GLY U 295 29.02 -45.37 44.26
CA GLY U 295 28.32 -45.37 42.99
C GLY U 295 28.73 -46.56 42.13
N GLU U 296 27.87 -46.84 41.14
CA GLU U 296 28.13 -47.86 40.13
C GLU U 296 28.62 -47.26 38.82
N HIS U 297 28.74 -45.94 38.74
CA HIS U 297 29.07 -45.26 37.50
C HIS U 297 30.20 -44.27 37.75
N ILE U 298 30.91 -43.93 36.67
CA ILE U 298 31.90 -42.84 36.75
C ILE U 298 31.16 -41.53 37.02
N PRO U 299 31.59 -40.75 38.02
CA PRO U 299 30.81 -39.58 38.43
C PRO U 299 30.89 -38.38 37.51
N ILE U 300 31.39 -38.53 36.29
CA ILE U 300 31.52 -37.42 35.34
C ILE U 300 30.40 -37.51 34.33
N VAL U 301 29.67 -36.42 34.17
CA VAL U 301 28.54 -36.33 33.25
C VAL U 301 28.94 -35.40 32.11
N PRO U 302 29.01 -35.88 30.87
CA PRO U 302 29.29 -35.01 29.72
C PRO U 302 28.02 -34.52 29.02
N VAL U 303 28.15 -33.36 28.40
CA VAL U 303 27.11 -32.75 27.58
C VAL U 303 27.71 -32.46 26.22
N PHE U 304 26.98 -32.80 25.15
CA PHE U 304 27.48 -32.66 23.80
C PHE U 304 26.52 -31.80 22.97
N GLY U 305 27.06 -31.22 21.91
CA GLY U 305 26.26 -30.46 20.96
C GLY U 305 25.86 -31.32 19.78
N GLU U 306 26.51 -31.10 18.63
CA GLU U 306 26.34 -31.99 17.49
C GLU U 306 27.41 -33.06 17.58
N TRP U 307 26.99 -34.30 17.87
CA TRP U 307 27.90 -35.38 18.20
C TRP U 307 27.72 -36.54 17.22
N GLY U 308 28.83 -37.18 16.87
CA GLY U 308 28.74 -38.33 15.99
C GLY U 308 30.08 -39.00 15.82
N PHE U 309 30.09 -40.01 14.95
CA PHE U 309 31.30 -40.73 14.56
C PHE U 309 31.40 -40.72 13.05
N VAL U 310 32.59 -40.41 12.53
CA VAL U 310 32.79 -40.38 11.08
C VAL U 310 33.39 -41.69 10.61
N GLU U 311 34.62 -41.98 11.05
CA GLU U 311 35.25 -43.27 10.78
C GLU U 311 35.93 -43.71 12.08
N ASP U 312 35.15 -44.35 12.95
CA ASP U 312 35.59 -44.71 14.31
C ASP U 312 36.28 -43.53 14.99
N LYS U 313 35.87 -42.32 14.66
CA LYS U 313 36.48 -41.09 15.18
C LYS U 313 35.37 -40.17 15.65
N GLU U 314 35.29 -39.96 16.96
CA GLU U 314 34.24 -39.12 17.52
C GLU U 314 34.47 -37.67 17.13
N VAL U 315 33.42 -37.01 16.65
CA VAL U 315 33.46 -35.60 16.30
C VAL U 315 32.29 -34.90 16.99
N TYR U 316 32.57 -33.81 17.68
CA TYR U 316 31.55 -32.97 18.29
C TYR U 316 31.76 -31.53 17.86
N GLU U 317 30.65 -30.83 17.68
CA GLU U 317 30.68 -29.46 17.17
C GLU U 317 29.66 -28.62 17.91
N GLY U 318 29.94 -27.33 18.01
CA GLY U 318 29.04 -26.39 18.64
C GLY U 318 28.29 -25.54 17.65
N VAL U 319 28.49 -24.23 17.71
CA VAL U 319 27.84 -23.30 16.79
C VAL U 319 28.88 -22.35 16.22
N VAL U 320 30.09 -22.37 16.79
CA VAL U 320 31.10 -21.38 16.44
C VAL U 320 31.99 -21.86 15.30
N ARG U 321 32.18 -23.17 15.14
CA ARG U 321 33.18 -23.68 14.20
C ARG U 321 32.88 -23.24 12.77
N LEU U 322 31.66 -23.49 12.29
CA LEU U 322 31.35 -23.23 10.90
C LEU U 322 31.35 -21.74 10.57
N THR U 323 31.27 -20.88 11.57
CA THR U 323 31.32 -19.44 11.37
C THR U 323 32.74 -18.88 11.43
N LYS U 324 33.73 -19.72 11.71
CA LYS U 324 35.09 -19.21 11.88
C LYS U 324 35.69 -18.73 10.57
N ASP U 325 35.38 -19.38 9.45
CA ASP U 325 36.00 -19.03 8.18
C ASP U 325 35.49 -17.69 7.68
N GLY U 326 34.17 -17.49 7.67
CA GLY U 326 33.63 -16.22 7.20
C GLY U 326 34.01 -15.06 8.08
N GLN U 327 33.89 -15.22 9.40
CA GLN U 327 34.22 -14.15 10.33
C GLN U 327 35.68 -13.73 10.18
N ARG U 328 36.59 -14.71 10.10
CA ARG U 328 38.00 -14.39 9.90
C ARG U 328 38.21 -13.59 8.62
N LEU U 329 37.36 -13.79 7.61
CA LEU U 329 37.43 -12.95 6.42
C LEU U 329 36.92 -11.56 6.72
N ARG U 330 35.78 -11.46 7.41
CA ARG U 330 35.19 -10.15 7.70
C ARG U 330 36.13 -9.30 8.55
N ASN U 331 36.83 -9.93 9.49
CA ASN U 331 37.84 -9.22 10.26
C ASN U 331 38.96 -8.72 9.36
N MET U 332 39.39 -9.53 8.39
CA MET U 332 40.51 -9.15 7.54
C MET U 332 40.15 -8.00 6.61
N ILE U 333 39.01 -8.13 5.91
CA ILE U 333 38.62 -7.11 4.94
C ILE U 333 38.42 -5.77 5.64
N MET U 334 37.70 -5.77 6.75
CA MET U 334 37.50 -4.54 7.51
C MET U 334 38.82 -3.99 8.02
N SER U 335 39.81 -4.85 8.23
CA SER U 335 41.14 -4.37 8.61
C SER U 335 41.88 -3.76 7.43
N PHE U 336 41.65 -4.28 6.22
CA PHE U 336 42.27 -3.70 5.04
C PHE U 336 41.69 -2.33 4.74
N ASN U 337 40.36 -2.20 4.80
CA ASN U 337 39.70 -0.95 4.48
C ASN U 337 40.16 0.17 5.41
N ALA U 338 40.36 -0.14 6.69
CA ALA U 338 40.89 0.85 7.61
C ALA U 338 42.24 1.35 7.15
N ASP U 339 43.10 0.45 6.67
CA ASP U 339 44.39 0.86 6.14
C ASP U 339 44.24 1.81 4.97
N ILE U 340 43.13 1.69 4.21
CA ILE U 340 42.88 2.62 3.13
C ILE U 340 42.54 4.00 3.68
N VAL U 341 41.81 4.05 4.79
CA VAL U 341 41.36 5.33 5.32
C VAL U 341 42.52 6.13 5.89
N ALA U 342 43.44 5.45 6.60
CA ALA U 342 44.52 6.14 7.31
C ALA U 342 45.71 6.43 6.40
N ARG U 343 46.29 5.38 5.81
CA ARG U 343 47.51 5.53 5.01
C ARG U 343 47.16 5.64 3.53
N THR U 344 46.68 6.83 3.15
CA THR U 344 46.42 7.10 1.75
C THR U 344 46.47 8.62 1.57
N PRO U 345 47.28 9.12 0.64
CA PRO U 345 47.27 10.56 0.37
C PRO U 345 45.88 11.03 -0.06
N LYS U 346 45.50 12.21 0.41
CA LYS U 346 44.17 12.73 0.16
C LYS U 346 44.16 13.61 -1.10
N LYS U 347 43.02 14.24 -1.35
CA LYS U 347 42.81 15.00 -2.59
C LYS U 347 43.38 16.40 -2.43
N LYS U 348 44.52 16.65 -3.09
CA LYS U 348 45.15 17.96 -3.12
C LYS U 348 45.62 18.22 -4.53
N PRO U 349 45.73 19.49 -4.93
CA PRO U 349 46.14 19.79 -6.30
C PRO U 349 47.59 19.41 -6.58
N PHE U 350 47.87 19.15 -7.85
CA PHE U 350 49.23 18.94 -8.33
C PHE U 350 49.73 20.24 -8.93
N PHE U 351 50.83 20.77 -8.39
CA PHE U 351 51.37 22.04 -8.80
C PHE U 351 52.84 21.90 -9.20
N TRP U 352 53.23 22.59 -10.26
CA TRP U 352 54.65 22.82 -10.47
C TRP U 352 55.13 23.87 -9.48
N PRO U 353 56.36 23.75 -8.97
CA PRO U 353 56.86 24.75 -8.02
C PRO U 353 56.87 26.16 -8.59
N GLU U 354 57.08 26.31 -9.90
CA GLU U 354 57.10 27.63 -10.50
C GLU U 354 55.71 28.22 -10.73
N GLN U 355 54.67 27.38 -10.71
CA GLN U 355 53.32 27.89 -10.92
C GLN U 355 52.86 28.77 -9.75
N ILE U 356 53.25 28.41 -8.53
CA ILE U 356 52.79 29.10 -7.34
C ILE U 356 53.95 29.76 -6.59
N ALA U 357 55.03 30.09 -7.29
CA ALA U 357 56.18 30.72 -6.67
C ALA U 357 55.82 32.13 -6.23
N GLY U 358 55.93 32.40 -4.93
CA GLY U 358 55.55 33.68 -4.37
C GLY U 358 54.12 33.78 -3.90
N PHE U 359 53.27 32.81 -4.26
CA PHE U 359 51.89 32.77 -3.84
C PHE U 359 51.60 31.60 -2.91
N GLU U 360 52.64 31.01 -2.32
CA GLU U 360 52.46 29.77 -1.55
C GLU U 360 51.57 29.98 -0.33
N HIS U 361 51.54 31.19 0.23
CA HIS U 361 50.69 31.45 1.38
C HIS U 361 49.21 31.53 1.02
N MET U 362 48.87 31.57 -0.27
CA MET U 362 47.47 31.59 -0.68
C MET U 362 46.85 30.21 -0.68
N TYR U 363 47.65 29.15 -0.63
CA TYR U 363 47.15 27.78 -0.75
C TYR U 363 47.31 26.98 0.53
N ASP U 364 47.74 27.60 1.62
CA ASP U 364 47.97 26.87 2.86
C ASP U 364 46.69 26.48 3.59
N GLY U 365 45.55 27.02 3.19
CA GLY U 365 44.28 26.68 3.81
C GLY U 365 43.56 27.85 4.47
N ASN U 366 44.15 29.04 4.51
CA ASN U 366 43.48 30.19 5.11
C ASN U 366 42.38 30.71 4.18
N ASP U 367 41.56 31.61 4.71
CA ASP U 367 40.46 32.19 3.97
C ASP U 367 40.54 33.71 4.00
N ASP U 368 41.74 34.26 3.80
CA ASP U 368 41.95 35.70 3.83
C ASP U 368 42.04 36.31 2.44
N TYR U 369 41.83 35.53 1.38
CA TYR U 369 41.95 36.02 0.03
C TYR U 369 40.69 35.70 -0.76
N PRO U 370 40.35 36.53 -1.75
CA PRO U 370 39.16 36.25 -2.56
C PRO U 370 39.37 35.26 -3.68
N TYR U 371 40.62 34.91 -3.99
CA TYR U 371 40.92 34.01 -5.11
C TYR U 371 42.33 33.47 -4.91
N TYR U 372 42.80 32.73 -5.91
CA TYR U 372 44.16 32.22 -5.95
C TYR U 372 44.87 32.77 -7.18
N LEU U 373 46.11 33.21 -6.99
CA LEU U 373 46.92 33.74 -8.07
C LEU U 373 47.95 32.71 -8.50
N LEU U 374 48.22 32.67 -9.81
CA LEU U 374 49.18 31.74 -10.38
C LEU U 374 50.19 32.51 -11.21
N ASN U 375 51.44 32.07 -11.17
CA ASN U 375 52.46 32.62 -12.05
C ASN U 375 52.16 32.24 -13.49
N ARG U 376 52.49 33.14 -14.42
CA ARG U 376 52.13 32.95 -15.81
C ARG U 376 53.33 32.93 -16.75
N THR U 377 54.34 33.75 -16.50
CA THR U 377 55.45 33.94 -17.42
C THR U 377 56.71 33.25 -16.91
N ASP U 378 57.51 32.79 -17.86
CA ASP U 378 58.83 32.22 -17.61
C ASP U 378 59.85 32.97 -18.45
N GLU U 379 60.99 33.31 -17.85
CA GLU U 379 61.97 34.13 -18.55
C GLU U 379 62.69 33.38 -19.67
N ASN U 380 62.64 32.06 -19.66
CA ASN U 380 63.26 31.25 -20.71
C ASN U 380 62.27 30.71 -21.72
N SER U 381 61.14 30.19 -21.25
CA SER U 381 60.13 29.62 -22.13
C SER U 381 59.06 30.63 -22.55
N GLY U 382 59.20 31.89 -22.15
CA GLY U 382 58.22 32.90 -22.52
C GLY U 382 56.96 32.83 -21.68
N ASP U 383 56.22 31.73 -21.82
CA ASP U 383 54.98 31.52 -21.09
C ASP U 383 54.98 30.13 -20.49
N LEU U 384 54.35 29.99 -19.33
CA LEU U 384 54.24 28.70 -18.68
C LEU U 384 53.28 27.81 -19.46
N PRO U 385 53.59 26.52 -19.61
CA PRO U 385 52.70 25.62 -20.36
C PRO U 385 51.34 25.50 -19.68
N THR U 386 50.32 25.28 -20.51
CA THR U 386 48.95 25.15 -20.04
C THR U 386 48.57 23.69 -19.87
N GLN U 387 48.01 23.35 -18.72
CA GLN U 387 47.63 21.98 -18.39
C GLN U 387 46.56 22.05 -17.31
N PRO U 388 45.38 21.45 -17.53
CA PRO U 388 44.33 21.52 -16.51
C PRO U 388 44.79 20.96 -15.18
N LEU U 389 44.38 21.61 -14.10
CA LEU U 389 44.84 21.23 -12.76
C LEU U 389 44.42 19.79 -12.45
N ALA U 390 45.36 19.01 -11.94
CA ALA U 390 45.14 17.61 -11.59
C ALA U 390 45.10 17.47 -10.08
N TYR U 391 44.09 16.76 -9.58
CA TYR U 391 43.91 16.52 -8.17
C TYR U 391 44.12 15.04 -7.86
N TYR U 392 44.76 14.77 -6.73
CA TYR U 392 44.92 13.39 -6.28
C TYR U 392 43.55 12.77 -6.04
N GLU U 393 43.37 11.55 -6.52
CA GLU U 393 42.07 10.89 -6.41
C GLU U 393 41.75 10.58 -4.95
N ASN U 394 40.47 10.73 -4.61
CA ASN U 394 40.01 10.42 -3.26
C ASN U 394 40.17 8.93 -2.98
N PRO U 395 40.49 8.56 -1.74
CA PRO U 395 40.53 7.14 -1.38
C PRO U 395 39.17 6.49 -1.60
N GLU U 396 39.20 5.26 -2.10
CA GLU U 396 37.98 4.52 -2.41
C GLU U 396 38.13 3.07 -1.98
N VAL U 397 37.07 2.54 -1.39
CA VAL U 397 37.04 1.11 -1.05
C VAL U 397 36.76 0.33 -2.34
N PRO U 398 37.60 -0.65 -2.69
CA PRO U 398 37.39 -1.39 -3.94
C PRO U 398 36.07 -2.14 -3.93
N GLN U 399 35.52 -2.36 -5.11
CA GLN U 399 34.28 -3.13 -5.23
C GLN U 399 34.48 -4.55 -4.70
N ALA U 400 35.68 -5.10 -4.88
CA ALA U 400 35.95 -6.45 -4.37
C ALA U 400 35.86 -6.47 -2.84
N ASN U 401 36.41 -5.45 -2.18
CA ASN U 401 36.39 -5.43 -0.72
C ASN U 401 34.97 -5.35 -0.17
N ALA U 402 34.17 -4.44 -0.72
CA ALA U 402 32.78 -4.31 -0.27
C ALA U 402 31.98 -5.56 -0.56
N TYR U 403 32.13 -6.11 -1.77
CA TYR U 403 31.41 -7.33 -2.12
C TYR U 403 31.77 -8.49 -1.20
N MET U 404 33.06 -8.65 -0.90
CA MET U 404 33.47 -9.76 -0.05
C MET U 404 33.09 -9.54 1.40
N LEU U 405 33.11 -8.30 1.87
CA LEU U 405 32.63 -8.04 3.23
C LEU U 405 31.16 -8.40 3.36
N GLU U 406 30.35 -7.97 2.39
CA GLU U 406 28.93 -8.31 2.43
C GLU U 406 28.71 -9.82 2.32
N ALA U 407 29.45 -10.48 1.42
CA ALA U 407 29.28 -11.91 1.24
C ALA U 407 29.68 -12.69 2.49
N ALA U 408 30.80 -12.33 3.12
CA ALA U 408 31.23 -13.00 4.32
C ALA U 408 30.26 -12.78 5.47
N THR U 409 29.77 -11.54 5.63
CA THR U 409 28.80 -11.28 6.68
C THR U 409 27.52 -12.08 6.46
N SER U 410 27.04 -12.15 5.21
CA SER U 410 25.85 -12.94 4.92
C SER U 410 26.08 -14.42 5.18
N ALA U 411 27.26 -14.93 4.82
CA ALA U 411 27.56 -16.34 5.04
C ALA U 411 27.58 -16.67 6.52
N VAL U 412 28.18 -15.81 7.33
CA VAL U 412 28.21 -16.06 8.78
C VAL U 412 26.80 -15.93 9.35
N LYS U 413 26.02 -14.97 8.87
CA LYS U 413 24.64 -14.82 9.34
C LYS U 413 23.84 -16.08 9.07
N GLU U 414 23.99 -16.65 7.87
CA GLU U 414 23.19 -17.81 7.50
C GLU U 414 23.68 -19.09 8.17
N VAL U 415 25.00 -19.24 8.34
CA VAL U 415 25.53 -20.47 8.92
C VAL U 415 25.45 -20.50 10.45
N ALA U 416 25.33 -19.34 11.10
CA ALA U 416 25.27 -19.29 12.56
C ALA U 416 23.82 -19.34 13.06
N THR U 417 23.08 -20.34 12.59
CA THR U 417 21.71 -20.58 13.04
C THR U 417 21.62 -22.01 13.54
N LEU U 418 21.59 -22.17 14.85
CA LEU U 418 21.42 -23.49 15.46
C LEU U 418 20.00 -23.98 15.19
N GLY U 419 19.88 -25.08 14.46
CA GLY U 419 18.55 -25.58 14.12
C GLY U 419 17.77 -24.57 13.31
N VAL U 420 16.53 -24.34 13.71
CA VAL U 420 15.67 -23.37 13.03
C VAL U 420 15.61 -22.08 13.83
N GLU U 445 16.33 -21.73 17.46
CA GLU U 445 15.81 -22.66 18.45
C GLU U 445 16.88 -23.68 18.83
N THR U 446 16.89 -24.07 20.11
CA THR U 446 17.92 -24.93 20.66
C THR U 446 17.33 -26.25 21.14
N TYR U 447 16.36 -26.80 20.41
CA TYR U 447 15.68 -28.00 20.86
C TYR U 447 16.63 -29.18 20.97
N VAL U 448 17.52 -29.36 19.99
CA VAL U 448 18.44 -30.49 20.02
C VAL U 448 19.42 -30.35 21.18
N PHE U 449 19.90 -29.12 21.42
CA PHE U 449 20.81 -28.90 22.54
C PHE U 449 20.11 -29.13 23.88
N GLN U 450 18.85 -28.71 24.00
CA GLN U 450 18.10 -28.99 25.21
C GLN U 450 17.87 -30.48 25.40
N ASP U 451 17.63 -31.21 24.31
CA ASP U 451 17.47 -32.66 24.39
C ASP U 451 18.76 -33.33 24.85
N ASN U 452 19.90 -32.87 24.34
CA ASN U 452 21.18 -33.41 24.78
C ASN U 452 21.43 -33.09 26.26
N LEU U 453 21.06 -31.89 26.69
CA LEU U 453 21.17 -31.55 28.11
C LEU U 453 20.26 -32.42 28.95
N ALA U 454 19.07 -32.74 28.44
CA ALA U 454 18.16 -33.63 29.15
C ALA U 454 18.75 -35.03 29.28
N THR U 455 19.41 -35.51 28.22
CA THR U 455 20.12 -36.79 28.31
C THR U 455 21.21 -36.73 29.38
N ALA U 456 21.96 -35.64 29.41
CA ALA U 456 23.00 -35.48 30.43
C ALA U 456 22.41 -35.48 31.83
N MET U 457 21.28 -34.81 32.02
CA MET U 457 20.66 -34.79 33.34
C MET U 457 20.08 -36.15 33.71
N ARG U 458 19.62 -36.93 32.73
CA ARG U 458 19.19 -38.29 33.04
C ARG U 458 20.37 -39.15 33.51
N ARG U 459 21.53 -39.01 32.85
CA ARG U 459 22.72 -39.71 33.32
C ARG U 459 23.11 -39.24 34.72
N ASP U 460 22.99 -37.93 34.97
CA ASP U 460 23.26 -37.39 36.30
C ASP U 460 22.34 -38.01 37.34
N GLY U 461 21.06 -38.16 37.01
CA GLY U 461 20.13 -38.78 37.94
C GLY U 461 20.48 -40.24 38.21
N GLU U 462 20.89 -40.96 37.18
CA GLU U 462 21.33 -42.35 37.36
C GLU U 462 22.51 -42.43 38.32
N ILE U 463 23.53 -41.61 38.09
CA ILE U 463 24.72 -41.61 38.94
C ILE U 463 24.36 -41.23 40.36
N TYR U 464 23.50 -40.20 40.51
CA TYR U 464 23.11 -39.76 41.84
C TYR U 464 22.35 -40.84 42.58
N GLN U 465 21.46 -41.56 41.90
CA GLN U 465 20.73 -42.65 42.54
C GLN U 465 21.69 -43.75 43.00
N SER U 466 22.68 -44.08 42.17
CA SER U 466 23.66 -45.09 42.58
C SER U 466 24.42 -44.63 43.82
N ILE U 467 24.87 -43.38 43.83
CA ILE U 467 25.62 -42.88 44.98
C ILE U 467 24.75 -42.87 46.23
N VAL U 468 23.49 -42.46 46.09
CA VAL U 468 22.58 -42.42 47.23
C VAL U 468 22.39 -43.81 47.80
N ASN U 469 22.19 -44.81 46.93
CA ASN U 469 22.10 -46.18 47.42
C ASN U 469 23.39 -46.62 48.10
N ASP U 470 24.53 -46.09 47.66
CA ASP U 470 25.81 -46.50 48.24
C ASP U 470 26.02 -45.92 49.63
N ILE U 471 25.74 -44.63 49.83
CA ILE U 471 26.20 -43.96 51.05
C ILE U 471 25.05 -43.42 51.90
N TYR U 472 23.94 -43.06 51.27
CA TYR U 472 22.87 -42.41 52.03
C TYR U 472 22.02 -43.45 52.77
N ASP U 473 21.13 -42.94 53.62
CA ASP U 473 20.22 -43.77 54.40
C ASP U 473 18.85 -43.71 53.75
N VAL U 474 18.51 -44.75 52.99
CA VAL U 474 17.26 -44.82 52.25
C VAL U 474 16.25 -45.62 53.08
N PRO U 475 15.20 -44.99 53.61
CA PRO U 475 14.21 -45.75 54.37
C PRO U 475 13.37 -46.63 53.45
N ARG U 476 12.92 -47.76 54.00
CA ARG U 476 11.98 -48.64 53.32
C ARG U 476 10.58 -48.37 53.87
N ASN U 477 9.65 -48.05 52.98
CA ASN U 477 8.30 -47.68 53.38
C ASN U 477 7.44 -48.93 53.49
N VAL U 478 6.88 -49.17 54.67
CA VAL U 478 5.99 -50.30 54.91
C VAL U 478 4.55 -49.84 54.84
N THR U 479 3.65 -50.75 54.49
CA THR U 479 2.24 -50.44 54.33
C THR U 479 1.41 -50.85 55.54
N ILE U 480 2.04 -51.29 56.62
CA ILE U 480 1.31 -51.70 57.82
C ILE U 480 0.82 -50.47 58.57
N LEU U 492 4.58 -45.94 56.75
CA LEU U 492 5.62 -45.76 57.75
C LEU U 492 6.99 -46.10 57.19
N MET U 493 7.97 -45.26 57.47
CA MET U 493 9.34 -45.46 57.00
C MET U 493 10.15 -46.11 58.11
N ALA U 494 10.74 -47.26 57.82
CA ALA U 494 11.53 -48.02 58.79
C ALA U 494 13.00 -47.93 58.38
N GLU U 495 13.75 -47.08 59.07
CA GLU U 495 15.19 -46.95 58.83
C GLU U 495 15.92 -47.97 59.68
N VAL U 496 16.44 -49.01 59.03
CA VAL U 496 17.13 -50.10 59.72
C VAL U 496 18.62 -49.91 59.50
N VAL U 497 19.34 -49.57 60.57
CA VAL U 497 20.79 -49.39 60.54
C VAL U 497 21.36 -49.90 61.86
N ASP U 498 22.68 -50.02 61.89
CA ASP U 498 23.37 -50.43 63.11
C ASP U 498 24.77 -49.82 63.12
N LEU U 499 25.35 -49.76 64.32
CA LEU U 499 26.67 -49.19 64.51
C LEU U 499 27.65 -50.29 64.93
N ALA U 500 28.89 -50.15 64.48
CA ALA U 500 29.94 -51.10 64.81
C ALA U 500 30.53 -50.80 66.18
N THR U 501 31.53 -51.58 66.57
CA THR U 501 32.22 -51.33 67.84
C THR U 501 33.08 -50.08 67.78
N GLY U 502 33.37 -49.57 66.58
CA GLY U 502 34.15 -48.36 66.43
C GLY U 502 33.28 -47.13 66.32
N GLU U 503 32.03 -47.25 66.75
CA GLU U 503 31.01 -46.20 66.78
C GLU U 503 30.58 -45.74 65.39
N LYS U 504 31.14 -46.33 64.32
CA LYS U 504 30.76 -45.94 62.97
C LYS U 504 29.48 -46.66 62.56
N GLN U 505 28.51 -45.90 62.06
CA GLN U 505 27.25 -46.46 61.61
C GLN U 505 27.37 -46.87 60.14
N VAL U 506 26.93 -48.08 59.83
CA VAL U 506 26.95 -48.61 58.47
C VAL U 506 25.52 -48.71 57.97
N LEU U 507 25.26 -48.08 56.83
CA LEU U 507 23.93 -48.13 56.23
C LEU U 507 23.59 -49.55 55.79
N ASN U 508 22.31 -49.90 55.91
CA ASN U 508 21.79 -51.19 55.50
C ASN U 508 20.70 -50.95 54.46
N ASP U 509 21.05 -51.09 53.19
CA ASP U 509 20.11 -50.85 52.09
C ASP U 509 19.81 -52.17 51.41
N ILE U 510 18.52 -52.50 51.31
CA ILE U 510 18.11 -53.73 50.66
C ILE U 510 18.31 -53.61 49.15
N ARG U 511 18.31 -54.76 48.48
CA ARG U 511 18.47 -54.79 47.03
C ARG U 511 17.26 -54.26 46.28
N GLY U 512 16.11 -54.09 46.96
CA GLY U 512 14.97 -53.45 46.34
C GLY U 512 15.11 -51.95 46.33
N ARG U 513 16.14 -51.45 45.65
CA ARG U 513 16.49 -50.03 45.66
C ARG U 513 16.10 -49.31 44.39
N TYR U 514 16.16 -49.97 43.24
CA TYR U 514 15.83 -49.33 41.96
C TYR U 514 14.32 -49.37 41.71
N GLU U 515 13.59 -48.69 42.59
CA GLU U 515 12.14 -48.64 42.52
C GLU U 515 11.62 -47.44 41.74
N CYS U 516 12.50 -46.54 41.32
CA CYS U 516 12.09 -45.36 40.56
C CYS U 516 13.05 -45.15 39.40
N TYR U 517 12.52 -44.64 38.30
CA TYR U 517 13.30 -44.35 37.10
C TYR U 517 13.41 -42.85 36.91
N THR U 518 14.22 -42.46 35.94
CA THR U 518 14.66 -41.07 35.76
C THR U 518 13.97 -40.46 34.56
N ASP U 519 13.48 -39.23 34.73
CA ASP U 519 12.87 -38.40 33.71
C ASP U 519 13.45 -37.00 33.82
N VAL U 520 12.98 -36.11 32.95
CA VAL U 520 13.42 -34.72 32.91
C VAL U 520 12.21 -33.82 33.14
N GLY U 521 12.35 -32.90 34.09
CA GLY U 521 11.29 -31.96 34.39
C GLY U 521 11.82 -30.60 34.75
N PRO U 522 10.92 -29.68 35.10
CA PRO U 522 11.37 -28.34 35.49
C PRO U 522 12.18 -28.37 36.77
N SER U 523 13.07 -27.39 36.90
CA SER U 523 13.95 -27.31 38.06
C SER U 523 13.22 -26.62 39.21
N PHE U 524 13.14 -27.30 40.35
CA PHE U 524 12.48 -26.78 41.54
C PHE U 524 13.45 -26.83 42.71
N GLN U 525 13.38 -25.81 43.58
CA GLN U 525 14.30 -25.72 44.69
C GLN U 525 13.97 -26.67 45.83
N SER U 526 12.73 -27.15 45.92
CA SER U 526 12.33 -28.03 47.00
C SER U 526 11.06 -28.77 46.61
N MET U 527 10.68 -29.75 47.43
CA MET U 527 9.46 -30.50 47.21
C MET U 527 8.22 -29.63 47.34
N LYS U 528 8.22 -28.65 48.23
CA LYS U 528 7.05 -27.80 48.39
C LYS U 528 6.77 -27.00 47.12
N GLN U 529 7.83 -26.49 46.49
CA GLN U 529 7.65 -25.77 45.22
C GLN U 529 7.11 -26.69 44.14
N GLN U 530 7.61 -27.93 44.07
CA GLN U 530 7.11 -28.87 43.08
C GLN U 530 5.64 -29.19 43.31
N ASN U 531 5.25 -29.39 44.57
CA ASN U 531 3.85 -29.66 44.88
C ASN U 531 2.98 -28.47 44.52
N ARG U 532 3.45 -27.25 44.80
CA ARG U 532 2.69 -26.07 44.42
C ARG U 532 2.52 -25.98 42.91
N ALA U 533 3.59 -26.27 42.16
CA ALA U 533 3.50 -26.24 40.71
C ALA U 533 2.53 -27.28 40.18
N GLU U 534 2.55 -28.49 40.77
CA GLU U 534 1.63 -29.53 40.33
C GLU U 534 0.18 -29.16 40.63
N ILE U 535 -0.07 -28.58 41.81
CA ILE U 535 -1.43 -28.16 42.16
C ILE U 535 -1.90 -27.07 41.21
N LEU U 536 -1.02 -26.11 40.90
CA LEU U 536 -1.39 -25.06 39.97
C LEU U 536 -1.67 -25.61 38.57
N GLU U 537 -0.86 -26.57 38.13
CA GLU U 537 -1.08 -27.18 36.82
C GLU U 537 -2.41 -27.91 36.77
N LEU U 538 -2.75 -28.65 37.84
CA LEU U 538 -4.04 -29.31 37.89
C LEU U 538 -5.19 -28.31 37.92
N LEU U 539 -4.98 -27.19 38.62
CA LEU U 539 -6.03 -26.17 38.72
C LEU U 539 -6.34 -25.56 37.36
N GLY U 540 -5.33 -25.39 36.51
CA GLY U 540 -5.55 -24.74 35.23
C GLY U 540 -6.36 -25.56 34.25
N LYS U 541 -6.56 -26.85 34.51
CA LYS U 541 -7.32 -27.72 33.63
C LYS U 541 -8.66 -28.16 34.20
N THR U 542 -8.84 -28.04 35.52
CA THR U 542 -10.09 -28.51 36.16
C THR U 542 -11.14 -27.41 36.06
N PRO U 543 -12.37 -27.70 35.59
CA PRO U 543 -13.44 -26.71 35.57
C PRO U 543 -13.92 -26.36 36.97
N GLN U 544 -14.63 -25.23 37.06
CA GLN U 544 -15.01 -24.70 38.37
C GLN U 544 -16.12 -25.53 39.01
N GLY U 545 -15.80 -26.76 39.39
CA GLY U 545 -16.73 -27.60 40.12
C GLY U 545 -16.29 -27.82 41.55
N THR U 546 -16.46 -29.03 42.06
CA THR U 546 -16.01 -29.38 43.41
C THR U 546 -14.50 -29.67 43.45
N PRO U 547 -13.93 -30.41 42.48
CA PRO U 547 -12.46 -30.58 42.48
C PRO U 547 -11.71 -29.27 42.36
N GLU U 548 -12.28 -28.26 41.72
CA GLU U 548 -11.62 -26.96 41.67
C GLU U 548 -11.49 -26.37 43.07
N TYR U 549 -12.56 -26.43 43.87
CA TYR U 549 -12.49 -25.98 45.25
C TYR U 549 -11.50 -26.82 46.04
N GLN U 550 -11.48 -28.13 45.79
CA GLN U 550 -10.54 -29.01 46.48
C GLN U 550 -9.10 -28.58 46.21
N LEU U 551 -8.77 -28.36 44.94
CA LEU U 551 -7.42 -27.98 44.57
C LEU U 551 -7.07 -26.58 45.03
N LEU U 552 -8.05 -25.67 45.09
CA LEU U 552 -7.78 -24.34 45.64
C LEU U 552 -7.44 -24.41 47.12
N LEU U 553 -8.20 -25.20 47.88
CA LEU U 553 -7.88 -25.38 49.29
C LEU U 553 -6.52 -26.05 49.46
N LEU U 554 -6.19 -26.98 48.57
CA LEU U 554 -4.88 -27.62 48.60
C LEU U 554 -3.75 -26.65 48.25
N GLN U 555 -4.00 -25.70 47.35
CA GLN U 555 -3.00 -24.69 47.05
C GLN U 555 -2.78 -23.77 48.24
N TYR U 556 -3.86 -23.34 48.88
CA TYR U 556 -3.72 -22.59 50.13
C TYR U 556 -3.07 -23.43 51.21
N PHE U 557 -3.12 -24.76 51.08
CA PHE U 557 -2.50 -25.63 52.07
C PHE U 557 -1.00 -25.42 52.13
N THR U 558 -0.34 -25.46 50.97
CA THR U 558 1.11 -25.56 50.88
C THR U 558 1.77 -24.20 50.67
N LEU U 559 1.20 -23.14 51.23
CA LEU U 559 1.75 -21.81 51.08
C LEU U 559 2.73 -21.50 52.22
N LEU U 560 3.69 -20.65 51.91
CA LEU U 560 4.66 -20.20 52.91
C LEU U 560 3.95 -19.38 53.99
N ASP U 561 4.66 -19.15 55.09
CA ASP U 561 4.05 -18.57 56.28
C ASP U 561 4.52 -17.14 56.48
N GLY U 562 3.57 -16.22 56.57
CA GLY U 562 3.77 -14.90 57.12
C GLY U 562 2.86 -14.76 58.32
N LYS U 563 1.93 -13.81 58.27
CA LYS U 563 0.92 -13.69 59.30
C LYS U 563 -0.49 -13.89 58.76
N GLY U 564 -0.87 -13.16 57.71
CA GLY U 564 -2.18 -13.35 57.12
C GLY U 564 -2.31 -14.66 56.35
N VAL U 565 -1.29 -14.99 55.56
CA VAL U 565 -1.32 -16.24 54.81
C VAL U 565 -1.33 -17.43 55.76
N GLU U 566 -0.78 -17.25 56.97
CA GLU U 566 -0.94 -18.27 58.00
C GLU U 566 -2.41 -18.46 58.35
N MET U 567 -3.16 -17.36 58.50
CA MET U 567 -4.58 -17.48 58.78
C MET U 567 -5.32 -18.16 57.64
N MET U 568 -4.97 -17.80 56.40
CA MET U 568 -5.61 -18.42 55.25
C MET U 568 -5.34 -19.91 55.19
N ARG U 569 -4.10 -20.32 55.48
CA ARG U 569 -3.77 -21.74 55.44
C ARG U 569 -4.43 -22.49 56.60
N ASP U 570 -4.56 -21.85 57.75
CA ASP U 570 -5.30 -22.48 58.85
C ASP U 570 -6.76 -22.68 58.48
N TYR U 571 -7.35 -21.68 57.82
CA TYR U 571 -8.73 -21.83 57.34
C TYR U 571 -8.85 -22.97 56.34
N ALA U 572 -7.89 -23.10 55.44
CA ALA U 572 -7.89 -24.20 54.49
C ALA U 572 -7.74 -25.54 55.20
N ASN U 573 -6.88 -25.58 56.24
CA ASN U 573 -6.74 -26.79 57.04
C ASN U 573 -8.07 -27.21 57.64
N LYS U 574 -8.76 -26.25 58.27
CA LYS U 574 -10.04 -26.55 58.89
C LYS U 574 -11.06 -27.00 57.86
N GLN U 575 -11.11 -26.34 56.71
CA GLN U 575 -12.07 -26.71 55.68
C GLN U 575 -11.80 -28.12 55.16
N LEU U 576 -10.53 -28.48 54.95
CA LEU U 576 -10.22 -29.81 54.45
C LEU U 576 -10.52 -30.88 55.49
N ILE U 577 -10.24 -30.60 56.77
CA ILE U 577 -10.57 -31.56 57.82
C ILE U 577 -12.08 -31.76 57.90
N GLN U 578 -12.84 -30.66 57.85
CA GLN U 578 -14.28 -30.74 58.09
C GLN U 578 -15.03 -31.42 56.95
N MET U 579 -14.43 -31.53 55.77
CA MET U 579 -15.04 -32.22 54.65
C MET U 579 -14.68 -33.69 54.60
N GLY U 580 -13.99 -34.20 55.62
CA GLY U 580 -13.62 -35.60 55.64
C GLY U 580 -12.60 -35.99 54.58
N VAL U 581 -11.86 -35.02 54.05
CA VAL U 581 -10.94 -35.29 52.95
C VAL U 581 -9.53 -35.56 53.46
N LYS U 582 -9.05 -34.76 54.40
CA LYS U 582 -7.81 -35.05 55.08
C LYS U 582 -8.04 -35.86 56.35
N LYS U 583 -7.15 -36.80 56.60
CA LYS U 583 -7.17 -37.56 57.84
C LYS U 583 -6.56 -36.72 58.95
N PRO U 584 -7.31 -36.42 60.01
CA PRO U 584 -6.73 -35.63 61.11
C PRO U 584 -5.57 -36.37 61.77
N GLU U 585 -4.55 -35.60 62.17
CA GLU U 585 -3.39 -36.14 62.86
C GLU U 585 -3.30 -35.64 64.29
N THR U 586 -3.30 -34.32 64.48
CA THR U 586 -3.26 -33.49 65.68
C THR U 586 -4.66 -33.42 66.30
N PRO U 587 -4.78 -33.54 67.63
CA PRO U 587 -6.11 -33.61 68.25
C PRO U 587 -6.99 -32.40 67.98
N GLU U 588 -6.40 -31.24 67.69
CA GLU U 588 -7.22 -30.10 67.25
C GLU U 588 -8.01 -30.44 66.00
N GLU U 589 -7.36 -31.06 65.02
CA GLU U 589 -8.10 -31.52 63.83
C GLU U 589 -9.08 -32.62 64.18
N GLN U 590 -8.75 -33.45 65.18
CA GLN U 590 -9.68 -34.49 65.62
C GLN U 590 -10.99 -33.89 66.10
N GLN U 591 -10.93 -32.92 67.02
CA GLN U 591 -12.18 -32.31 67.46
C GLN U 591 -12.79 -31.42 66.39
N TRP U 592 -12.00 -30.90 65.45
CA TRP U 592 -12.58 -30.18 64.32
C TRP U 592 -13.50 -31.12 63.52
N LEU U 593 -13.01 -32.32 63.22
CA LEU U 593 -13.84 -33.31 62.54
C LEU U 593 -15.03 -33.72 63.42
N VAL U 594 -14.83 -33.73 64.74
CA VAL U 594 -15.93 -34.06 65.65
C VAL U 594 -17.06 -33.04 65.52
N GLU U 595 -16.71 -31.75 65.55
CA GLU U 595 -17.72 -30.71 65.37
C GLU U 595 -18.34 -30.76 63.99
N ALA U 596 -17.54 -31.08 62.96
CA ALA U 596 -18.10 -31.21 61.63
C ALA U 596 -19.13 -32.33 61.56
N GLN U 597 -18.84 -33.46 62.18
CA GLN U 597 -19.79 -34.57 62.20
C GLN U 597 -21.04 -34.20 63.00
N GLN U 598 -20.87 -33.49 64.12
CA GLN U 598 -22.02 -33.06 64.90
C GLN U 598 -22.91 -32.13 64.09
N ALA U 599 -22.31 -31.20 63.35
CA ALA U 599 -23.09 -30.32 62.49
C ALA U 599 -23.79 -31.11 61.40
N LYS U 600 -23.11 -32.10 60.83
CA LYS U 600 -23.72 -32.92 59.78
C LYS U 600 -24.93 -33.67 60.31
N GLN U 601 -24.83 -34.22 61.53
CA GLN U 601 -25.94 -34.97 62.12
C GLN U 601 -27.12 -34.08 62.48
N GLY U 602 -26.95 -32.76 62.50
CA GLY U 602 -28.01 -31.86 62.89
C GLY U 602 -28.55 -31.00 61.75
N GLN U 603 -28.63 -31.57 60.56
CA GLN U 603 -29.18 -30.89 59.39
C GLN U 603 -30.50 -31.50 58.97
N GLN U 604 -31.44 -30.66 58.57
CA GLN U 604 -32.73 -31.11 58.07
C GLN U 604 -33.33 -30.03 57.20
N ASP U 605 -33.87 -30.43 56.05
CA ASP U 605 -34.38 -29.52 55.03
C ASP U 605 -35.90 -29.41 55.12
N PRO U 606 -36.45 -28.21 54.89
CA PRO U 606 -37.89 -28.00 55.14
C PRO U 606 -38.82 -28.91 54.35
N ALA U 607 -38.46 -29.26 53.11
CA ALA U 607 -39.37 -30.06 52.30
C ALA U 607 -39.50 -31.48 52.84
N MET U 608 -38.38 -32.11 53.22
CA MET U 608 -38.43 -33.45 53.80
C MET U 608 -39.30 -33.48 55.04
N VAL U 609 -39.10 -32.51 55.93
CA VAL U 609 -39.82 -32.54 57.20
C VAL U 609 -41.31 -32.24 56.98
N GLN U 610 -41.64 -31.29 56.08
CA GLN U 610 -43.05 -31.07 55.75
C GLN U 610 -43.69 -32.33 55.20
N ALA U 611 -42.97 -33.05 54.33
CA ALA U 611 -43.49 -34.31 53.80
C ALA U 611 -43.73 -35.32 54.91
N GLN U 612 -42.80 -35.40 55.87
CA GLN U 612 -42.99 -36.29 57.02
C GLN U 612 -44.25 -35.93 57.79
N GLY U 613 -44.51 -34.63 57.96
CA GLY U 613 -45.72 -34.21 58.63
C GLY U 613 -46.97 -34.65 57.89
N VAL U 614 -46.98 -34.49 56.56
CA VAL U 614 -48.13 -34.92 55.77
C VAL U 614 -48.34 -36.43 55.94
N LEU U 615 -47.25 -37.20 55.89
CA LEU U 615 -47.36 -38.65 56.05
C LEU U 615 -47.90 -39.03 57.42
N LEU U 616 -47.44 -38.36 58.46
CA LEU U 616 -47.88 -38.75 59.80
C LEU U 616 -49.34 -38.37 60.00
N GLN U 617 -49.77 -37.26 59.41
CA GLN U 617 -51.20 -36.94 59.37
C GLN U 617 -51.99 -38.04 58.68
N GLY U 618 -51.51 -38.48 57.51
CA GLY U 618 -52.21 -39.53 56.79
C GLY U 618 -52.27 -40.84 57.55
N GLN U 619 -51.17 -41.20 58.21
CA GLN U 619 -51.15 -42.43 58.99
C GLN U 619 -52.13 -42.36 60.16
N ALA U 620 -52.20 -41.20 60.82
CA ALA U 620 -53.19 -41.05 61.88
C ALA U 620 -54.61 -41.13 61.35
N GLU U 621 -54.85 -40.62 60.15
CA GLU U 621 -56.21 -40.69 59.60
C GLU U 621 -56.53 -42.12 59.12
N LEU U 622 -55.51 -42.88 58.72
CA LEU U 622 -55.65 -44.34 58.58
C LEU U 622 -56.10 -44.97 59.89
N ALA U 623 -55.41 -44.61 60.98
CA ALA U 623 -55.78 -45.15 62.28
C ALA U 623 -57.21 -44.81 62.63
N LYS U 624 -57.63 -43.57 62.34
CA LYS U 624 -59.01 -43.16 62.59
C LYS U 624 -59.99 -43.98 61.77
N ALA U 625 -59.65 -44.26 60.51
CA ALA U 625 -60.52 -45.11 59.70
C ALA U 625 -60.66 -46.51 60.31
N GLN U 626 -59.55 -47.10 60.76
CA GLN U 626 -59.61 -48.42 61.37
C GLN U 626 -60.44 -48.40 62.66
N ASN U 627 -60.28 -47.35 63.47
CA ASN U 627 -61.11 -47.23 64.67
C ASN U 627 -62.58 -47.09 64.29
N GLN U 628 -62.87 -46.42 63.18
CA GLN U 628 -64.26 -46.34 62.72
C GLN U 628 -64.79 -47.73 62.37
N THR U 629 -63.97 -48.55 61.69
CA THR U 629 -64.37 -49.92 61.43
C THR U 629 -64.71 -50.64 62.72
N LEU U 630 -63.80 -50.57 63.70
CA LEU U 630 -64.00 -51.30 64.96
C LEU U 630 -65.24 -50.83 65.70
N SER U 631 -65.42 -49.50 65.78
CA SER U 631 -66.57 -48.96 66.49
C SER U 631 -67.88 -49.31 65.80
N LEU U 632 -67.90 -49.29 64.46
CA LEU U 632 -69.13 -49.65 63.76
C LEU U 632 -69.45 -51.13 63.95
N GLN U 633 -68.44 -52.00 63.94
CA GLN U 633 -68.69 -53.41 64.21
C GLN U 633 -69.22 -53.62 65.63
N ILE U 634 -68.65 -52.91 66.60
CA ILE U 634 -69.10 -53.07 67.98
C ILE U 634 -70.52 -52.54 68.15
N ASP U 635 -70.85 -51.42 67.50
CA ASP U 635 -72.21 -50.92 67.54
C ASP U 635 -73.16 -51.88 66.84
N ALA U 636 -72.70 -52.57 65.79
CA ALA U 636 -73.51 -53.61 65.17
C ALA U 636 -73.80 -54.74 66.15
N ALA U 637 -72.78 -55.15 66.90
CA ALA U 637 -72.99 -56.19 67.92
C ALA U 637 -74.00 -55.72 68.97
N LYS U 638 -73.88 -54.46 69.41
CA LYS U 638 -74.83 -53.91 70.37
C LYS U 638 -76.24 -53.89 69.79
N VAL U 639 -76.37 -53.51 68.52
CA VAL U 639 -77.67 -53.47 67.87
C VAL U 639 -78.28 -54.86 67.80
N GLU U 640 -77.48 -55.87 67.45
CA GLU U 640 -77.97 -57.23 67.38
C GLU U 640 -78.41 -57.71 68.76
N ALA U 641 -77.63 -57.41 69.79
CA ALA U 641 -78.01 -57.81 71.15
C ALA U 641 -79.30 -57.14 71.58
N GLN U 642 -79.45 -55.85 71.28
CA GLN U 642 -80.67 -55.13 71.64
C GLN U 642 -81.88 -55.69 70.91
N ASN U 643 -81.71 -56.01 69.63
CA ASN U 643 -82.81 -56.59 68.87
C ASN U 643 -83.20 -57.95 69.41
N GLN U 644 -82.22 -58.77 69.78
CA GLN U 644 -82.51 -60.07 70.37
C GLN U 644 -83.24 -59.92 71.70
N LEU U 645 -82.82 -58.95 72.52
CA LEU U 645 -83.50 -58.71 73.80
C LEU U 645 -84.93 -58.25 73.59
N ASN U 646 -85.15 -57.34 72.63
CA ASN U 646 -86.50 -56.86 72.35
C ASN U 646 -87.38 -57.96 71.78
N ALA U 647 -86.83 -58.78 70.89
CA ALA U 647 -87.59 -59.86 70.28
C ALA U 647 -87.73 -61.04 71.24
N MET V 1 73.63 48.89 -6.56
CA MET V 1 73.61 48.70 -8.01
C MET V 1 74.34 49.83 -8.72
N GLN V 2 74.90 49.52 -9.89
CA GLN V 2 75.59 50.53 -10.68
C GLN V 2 74.64 51.29 -11.60
N ILE V 3 73.40 50.84 -11.74
CA ILE V 3 72.40 51.51 -12.56
C ILE V 3 71.61 52.41 -11.60
N LYS V 4 72.05 53.65 -11.47
CA LYS V 4 71.49 54.57 -10.49
C LYS V 4 70.77 55.77 -11.08
N THR V 5 70.81 55.95 -12.40
CA THR V 5 70.18 57.10 -13.04
C THR V 5 69.33 56.62 -14.22
N LYS V 6 68.49 57.54 -14.71
CA LYS V 6 67.69 57.24 -15.90
C LYS V 6 68.56 56.98 -17.11
N GLY V 7 69.64 57.77 -17.26
CA GLY V 7 70.55 57.54 -18.37
C GLY V 7 71.24 56.20 -18.30
N ASP V 8 71.49 55.69 -17.10
CA ASP V 8 72.03 54.34 -16.97
C ASP V 8 71.06 53.30 -17.51
N LEU V 9 69.77 53.48 -17.22
CA LEU V 9 68.75 52.59 -17.77
C LEU V 9 68.71 52.69 -19.29
N VAL V 10 68.80 53.90 -19.83
CA VAL V 10 68.78 54.09 -21.28
C VAL V 10 69.98 53.41 -21.92
N ARG V 11 71.17 53.57 -21.31
CA ARG V 11 72.37 52.94 -21.85
C ARG V 11 72.26 51.42 -21.79
N ALA V 12 71.71 50.88 -20.71
CA ALA V 12 71.51 49.44 -20.61
C ALA V 12 70.55 48.94 -21.68
N ALA V 13 69.47 49.69 -21.93
CA ALA V 13 68.51 49.30 -22.97
C ALA V 13 69.17 49.35 -24.35
N LEU V 14 69.98 50.36 -24.62
CA LEU V 14 70.66 50.45 -25.91
C LEU V 14 71.68 49.33 -26.07
N ARG V 15 72.36 48.97 -24.98
CA ARG V 15 73.30 47.86 -25.01
C ARG V 15 72.59 46.54 -25.28
N LYS V 16 71.40 46.36 -24.72
CA LYS V 16 70.63 45.14 -24.97
C LYS V 16 70.28 45.00 -26.44
N LEU V 17 69.91 46.10 -27.10
CA LEU V 17 69.56 46.05 -28.51
C LEU V 17 70.77 45.97 -29.43
N GLY V 18 71.97 46.14 -28.89
CA GLY V 18 73.16 46.19 -29.73
C GLY V 18 73.33 47.50 -30.47
N VAL V 19 72.52 48.50 -30.17
CA VAL V 19 72.61 49.79 -30.87
C VAL V 19 73.88 50.52 -30.47
N ALA V 20 74.16 50.60 -29.18
CA ALA V 20 75.32 51.32 -28.69
C ALA V 20 75.75 50.75 -27.34
N SER V 21 77.02 50.94 -27.02
CA SER V 21 77.58 50.47 -25.76
C SER V 21 78.86 51.24 -25.49
N ASP V 22 79.40 51.05 -24.29
CA ASP V 22 80.69 51.65 -23.97
C ASP V 22 81.84 50.97 -24.68
N ALA V 23 81.60 49.82 -25.32
CA ALA V 23 82.63 49.11 -26.05
C ALA V 23 82.63 49.42 -27.54
N THR V 24 81.50 49.84 -28.10
CA THR V 24 81.41 50.10 -29.53
C THR V 24 82.19 51.36 -29.89
N LEU V 25 82.40 51.55 -31.19
CA LEU V 25 83.16 52.69 -31.69
C LEU V 25 82.28 53.89 -32.04
N THR V 26 80.98 53.68 -32.25
CA THR V 26 80.05 54.77 -32.55
C THR V 26 78.90 54.72 -31.56
N ASP V 27 78.72 55.80 -30.81
CA ASP V 27 77.62 55.93 -29.87
C ASP V 27 76.54 56.83 -30.46
N VAL V 28 75.33 56.71 -29.90
CA VAL V 28 74.22 57.50 -30.41
C VAL V 28 74.37 58.97 -30.02
N GLU V 29 73.72 59.83 -30.79
CA GLU V 29 73.71 61.25 -30.49
C GLU V 29 73.01 61.49 -29.16
N PRO V 30 73.41 62.51 -28.40
CA PRO V 30 72.71 62.81 -27.14
C PRO V 30 71.22 63.08 -27.33
N GLN V 31 70.81 63.53 -28.53
CA GLN V 31 69.39 63.68 -28.81
C GLN V 31 68.68 62.33 -28.78
N SER V 32 69.35 61.29 -29.27
CA SER V 32 68.77 59.94 -29.18
C SER V 32 68.58 59.53 -27.73
N MET V 33 69.56 59.84 -26.88
CA MET V 33 69.43 59.56 -25.45
C MET V 33 68.27 60.33 -24.84
N GLN V 34 68.10 61.59 -25.22
CA GLN V 34 66.98 62.38 -24.72
C GLN V 34 65.65 61.78 -25.16
N ASP V 35 65.57 61.33 -26.42
CA ASP V 35 64.35 60.70 -26.90
C ASP V 35 64.07 59.40 -26.13
N ALA V 36 65.10 58.62 -25.85
CA ALA V 36 64.93 57.41 -25.06
C ALA V 36 64.46 57.72 -23.65
N VAL V 37 64.99 58.78 -23.05
CA VAL V 37 64.56 59.18 -21.71
C VAL V 37 63.10 59.61 -21.74
N ASP V 38 62.70 60.33 -22.79
CA ASP V 38 61.30 60.72 -22.92
C ASP V 38 60.40 59.48 -23.04
N ASP V 39 60.84 58.50 -23.83
CA ASP V 39 60.08 57.26 -23.96
C ASP V 39 59.97 56.54 -22.62
N LEU V 40 61.07 56.51 -21.86
CA LEU V 40 61.05 55.87 -20.54
C LEU V 40 60.08 56.58 -19.61
N GLU V 41 60.10 57.91 -19.61
CA GLU V 41 59.17 58.66 -18.77
C GLU V 41 57.72 58.40 -19.16
N ALA V 42 57.44 58.37 -20.46
CA ALA V 42 56.08 58.07 -20.91
C ALA V 42 55.64 56.67 -20.51
N MET V 43 56.54 55.70 -20.64
CA MET V 43 56.22 54.33 -20.26
C MET V 43 55.97 54.21 -18.76
N MET V 44 56.77 54.90 -17.95
CA MET V 44 56.56 54.86 -16.51
C MET V 44 55.27 55.54 -16.12
N ALA V 45 54.92 56.64 -16.79
CA ALA V 45 53.63 57.29 -16.54
C ALA V 45 52.49 56.35 -16.90
N GLU V 46 52.62 55.63 -18.03
CA GLU V 46 51.58 54.69 -18.42
C GLU V 46 51.43 53.55 -17.43
N TRP V 47 52.54 52.99 -16.96
CA TRP V 47 52.48 51.91 -15.98
C TRP V 47 51.88 52.40 -14.67
N TYR V 48 52.40 53.51 -14.15
CA TYR V 48 51.92 54.11 -12.89
C TYR V 48 50.73 54.99 -13.22
N GLN V 49 49.55 54.39 -13.24
CA GLN V 49 48.33 55.09 -13.61
C GLN V 49 47.84 55.98 -12.47
N ASP V 50 48.66 56.97 -12.13
CA ASP V 50 48.39 57.90 -11.04
C ASP V 50 48.17 57.16 -9.72
N GLY V 51 48.95 56.11 -9.49
CA GLY V 51 48.87 55.35 -8.26
C GLY V 51 48.01 54.10 -8.31
N LYS V 52 47.24 53.92 -9.39
CA LYS V 52 46.38 52.75 -9.52
C LYS V 52 46.97 51.69 -10.44
N GLY V 53 48.25 51.81 -10.79
CA GLY V 53 48.86 50.84 -11.67
C GLY V 53 49.97 50.05 -11.01
N ILE V 54 51.16 50.06 -11.61
CA ILE V 54 52.31 49.33 -11.10
C ILE V 54 53.14 50.28 -10.24
N ILE V 55 53.30 49.94 -8.97
CA ILE V 55 54.09 50.74 -8.04
C ILE V 55 55.53 50.24 -8.08
N THR V 56 56.46 51.16 -8.36
CA THR V 56 57.87 50.80 -8.49
C THR V 56 58.81 51.73 -7.77
N GLY V 57 58.34 52.86 -7.24
CA GLY V 57 59.23 53.83 -6.63
C GLY V 57 59.90 54.78 -7.61
N TYR V 58 59.53 54.71 -8.89
CA TYR V 58 60.10 55.60 -9.89
C TYR V 58 59.76 57.05 -9.56
N VAL V 59 60.76 57.92 -9.69
CA VAL V 59 60.61 59.34 -9.39
C VAL V 59 60.52 60.10 -10.71
N PHE V 60 59.42 60.82 -10.91
CA PHE V 60 59.21 61.57 -12.13
C PHE V 60 59.89 62.93 -12.03
N SER V 61 60.71 63.25 -13.03
CA SER V 61 61.41 64.52 -13.03
C SER V 61 60.45 65.67 -13.31
N ASP V 62 60.83 66.86 -12.85
CA ASP V 62 60.05 68.07 -13.07
C ASP V 62 60.62 68.88 -14.22
N ASP V 63 59.83 69.84 -14.69
CA ASP V 63 60.26 70.70 -15.79
C ASP V 63 61.28 71.72 -15.32
N GLU V 64 61.26 72.08 -14.03
CA GLU V 64 62.18 73.09 -13.52
C GLU V 64 63.63 72.63 -13.64
N ASN V 65 63.89 71.37 -13.30
CA ASN V 65 65.25 70.85 -13.41
C ASN V 65 65.58 70.62 -14.88
N PRO V 66 66.61 71.25 -15.42
CA PRO V 66 66.86 71.18 -16.87
C PRO V 66 67.13 69.77 -17.35
N PRO V 67 68.16 69.05 -16.81
CA PRO V 67 68.53 67.78 -17.43
C PRO V 67 67.63 66.65 -16.94
N ALA V 68 66.81 66.11 -17.84
CA ALA V 68 66.01 64.93 -17.51
C ALA V 68 66.90 63.73 -17.25
N GLU V 69 68.00 63.63 -17.98
CA GLU V 69 69.02 62.63 -17.67
C GLU V 69 69.95 63.16 -16.58
N GLY V 70 70.18 62.32 -15.57
CA GLY V 70 71.10 62.63 -14.49
C GLY V 70 70.53 62.39 -13.10
N ASP V 71 69.22 62.39 -12.95
CA ASP V 71 68.60 62.19 -11.65
C ASP V 71 68.36 60.70 -11.41
N ASP V 72 68.43 60.30 -10.14
CA ASP V 72 68.19 58.91 -9.80
C ASP V 72 66.75 58.52 -10.10
N HIS V 73 66.58 57.33 -10.67
CA HIS V 73 65.23 56.86 -10.99
C HIS V 73 64.44 56.53 -9.73
N GLY V 74 65.11 56.14 -8.66
CA GLY V 74 64.44 55.78 -7.44
C GLY V 74 63.92 54.36 -7.38
N LEU V 75 64.20 53.55 -8.40
CA LEU V 75 63.74 52.16 -8.42
C LEU V 75 64.51 51.34 -7.39
N ARG V 76 63.88 50.25 -6.96
CA ARG V 76 64.55 49.30 -6.09
C ARG V 76 65.50 48.43 -6.92
N SER V 77 66.33 47.66 -6.21
CA SER V 77 67.31 46.82 -6.88
C SER V 77 66.63 45.75 -7.74
N SER V 78 65.55 45.17 -7.24
CA SER V 78 64.84 44.12 -7.95
C SER V 78 64.03 44.64 -9.13
N ALA V 79 63.76 45.94 -9.18
CA ALA V 79 62.90 46.50 -10.22
C ALA V 79 63.68 47.00 -11.43
N VAL V 80 65.00 47.19 -11.31
CA VAL V 80 65.76 47.86 -12.36
C VAL V 80 65.73 47.04 -13.65
N SER V 81 66.10 45.77 -13.56
CA SER V 81 66.33 44.95 -14.75
C SER V 81 65.14 45.01 -15.69
N ALA V 82 63.99 44.49 -15.23
CA ALA V 82 62.74 44.54 -15.98
C ALA V 82 62.61 45.86 -16.72
N VAL V 83 62.74 46.96 -15.98
CA VAL V 83 62.54 48.29 -16.54
C VAL V 83 63.30 48.43 -17.85
N PHE V 84 64.63 48.31 -17.79
CA PHE V 84 65.39 48.61 -18.99
C PHE V 84 65.10 47.59 -20.08
N HIS V 85 64.82 46.34 -19.70
CA HIS V 85 64.43 45.35 -20.70
C HIS V 85 63.19 45.84 -21.45
N ASN V 86 62.15 46.22 -20.71
CA ASN V 86 60.97 46.77 -21.35
C ASN V 86 61.34 47.98 -22.19
N LEU V 87 62.23 48.82 -21.68
CA LEU V 87 62.64 50.01 -22.41
C LEU V 87 63.20 49.63 -23.78
N ALA V 88 64.01 48.57 -23.83
CA ALA V 88 64.53 48.12 -25.11
C ALA V 88 63.38 47.82 -26.07
N CYS V 89 62.41 47.04 -25.62
CA CYS V 89 61.29 46.67 -26.49
C CYS V 89 60.51 47.90 -26.94
N ARG V 90 60.61 49.00 -26.22
CA ARG V 90 59.87 50.21 -26.59
C ARG V 90 60.67 51.14 -27.49
N ILE V 91 61.99 50.97 -27.58
CA ILE V 91 62.81 51.87 -28.39
C ILE V 91 63.43 51.17 -29.58
N ALA V 92 63.25 49.86 -29.71
CA ALA V 92 63.70 49.16 -30.91
C ALA V 92 63.07 49.70 -32.19
N PRO V 93 61.77 50.01 -32.26
CA PRO V 93 61.20 50.52 -33.52
C PRO V 93 61.82 51.83 -33.98
N ASP V 94 62.43 52.60 -33.09
CA ASP V 94 63.06 53.86 -33.50
C ASP V 94 64.18 53.63 -34.50
N TYR V 95 64.99 52.60 -34.27
CA TYR V 95 66.12 52.28 -35.13
C TYR V 95 65.81 51.18 -36.13
N ALA V 96 64.54 51.02 -36.50
CA ALA V 96 64.10 50.04 -37.49
C ALA V 96 64.56 48.63 -37.11
N LEU V 97 64.48 48.32 -35.82
CA LEU V 97 64.89 47.01 -35.30
C LEU V 97 63.68 46.33 -34.65
N GLU V 98 63.95 45.15 -34.09
CA GLU V 98 62.95 44.38 -33.36
C GLU V 98 63.68 43.58 -32.31
N ALA V 99 63.30 43.78 -31.04
CA ALA V 99 63.98 43.08 -29.94
C ALA V 99 63.84 41.58 -30.09
N THR V 100 64.93 40.87 -29.82
CA THR V 100 64.95 39.42 -29.97
C THR V 100 63.99 38.77 -28.97
N ALA V 101 63.78 37.47 -29.15
CA ALA V 101 62.79 36.76 -28.34
C ALA V 101 63.17 36.77 -26.86
N LYS V 102 64.46 36.65 -26.57
CA LYS V 102 64.89 36.62 -25.18
C LYS V 102 64.56 37.92 -24.46
N ILE V 103 64.74 39.06 -25.14
CA ILE V 103 64.44 40.35 -24.52
C ILE V 103 62.95 40.45 -24.21
N ILE V 104 62.09 40.02 -25.14
CA ILE V 104 60.65 40.09 -24.91
C ILE V 104 60.25 39.17 -23.77
N ALA V 105 60.80 37.96 -23.72
CA ALA V 105 60.48 37.05 -22.63
C ALA V 105 60.91 37.62 -21.28
N THR V 106 62.11 38.20 -21.23
CA THR V 106 62.59 38.80 -19.99
C THR V 106 61.74 40.00 -19.59
N ALA V 107 61.26 40.78 -20.58
CA ALA V 107 60.39 41.90 -20.27
C ALA V 107 59.07 41.44 -19.67
N LYS V 108 58.47 40.40 -20.25
CA LYS V 108 57.23 39.86 -19.70
C LYS V 108 57.44 39.36 -18.28
N TYR V 109 58.51 38.57 -18.07
CA TYR V 109 58.79 38.03 -16.76
C TYR V 109 59.03 39.14 -15.74
N GLY V 110 59.77 40.17 -16.13
CA GLY V 110 60.05 41.26 -15.22
C GLY V 110 58.83 42.06 -14.85
N LYS V 111 57.95 42.32 -15.83
CA LYS V 111 56.71 43.03 -15.52
C LYS V 111 55.82 42.23 -14.59
N GLU V 112 55.73 40.91 -14.82
CA GLU V 112 54.95 40.06 -13.93
C GLU V 112 55.50 40.10 -12.51
N LEU V 113 56.83 39.96 -12.37
CA LEU V 113 57.44 40.02 -11.04
C LEU V 113 57.28 41.39 -10.41
N LEU V 114 57.27 42.45 -11.22
CA LEU V 114 57.06 43.79 -10.70
C LEU V 114 55.68 43.92 -10.08
N TYR V 115 54.66 43.38 -10.75
CA TYR V 115 53.31 43.52 -10.23
C TYR V 115 52.92 42.44 -9.22
N LYS V 116 53.77 41.42 -9.01
CA LYS V 116 53.39 40.33 -8.13
C LYS V 116 53.07 40.80 -6.71
N GLN V 117 53.95 41.59 -6.11
CA GLN V 117 53.75 42.00 -4.73
C GLN V 117 52.55 42.92 -4.57
N THR V 118 52.36 43.84 -5.52
CA THR V 118 51.19 44.71 -5.47
C THR V 118 49.91 43.90 -5.65
N ALA V 119 49.94 42.87 -6.49
CA ALA V 119 48.76 42.01 -6.65
C ALA V 119 48.46 41.26 -5.37
N ILE V 120 49.50 40.78 -4.68
CA ILE V 120 49.29 40.11 -3.40
C ILE V 120 48.68 41.09 -2.40
N SER V 121 49.19 42.31 -2.36
CA SER V 121 48.70 43.30 -1.40
C SER V 121 47.28 43.76 -1.71
N ARG V 122 46.84 43.66 -2.97
CA ARG V 122 45.52 44.13 -3.37
C ARG V 122 44.46 43.04 -3.32
N ALA V 123 44.83 41.81 -2.94
CA ALA V 123 43.86 40.72 -2.82
C ALA V 123 43.24 40.78 -1.42
N LYS V 124 42.37 41.75 -1.23
CA LYS V 124 41.71 41.99 0.05
C LYS V 124 40.25 41.55 -0.04
N ARG V 125 39.81 40.79 0.96
CA ARG V 125 38.43 40.36 1.01
C ARG V 125 37.54 41.48 1.54
N ALA V 126 36.37 41.64 0.94
CA ALA V 126 35.45 42.69 1.34
C ALA V 126 34.86 42.36 2.72
N PRO V 127 34.49 43.38 3.48
CA PRO V 127 33.89 43.15 4.81
C PRO V 127 32.52 42.49 4.68
N TYR V 128 31.98 42.10 5.82
CA TYR V 128 30.67 41.47 5.85
C TYR V 128 29.61 42.45 5.37
N PRO V 129 28.57 41.96 4.71
CA PRO V 129 27.47 42.85 4.28
C PRO V 129 26.73 43.42 5.47
N SER V 130 26.09 44.56 5.23
CA SER V 130 25.35 45.24 6.30
C SER V 130 24.13 44.47 6.77
N ARG V 131 23.68 43.45 6.03
CA ARG V 131 22.51 42.67 6.38
C ARG V 131 22.86 41.33 7.00
N MET V 132 24.12 41.12 7.38
CA MET V 132 24.55 39.83 7.92
C MET V 132 24.62 39.90 9.44
N PRO V 133 23.92 39.03 10.15
CA PRO V 133 23.99 39.07 11.62
C PRO V 133 25.35 38.63 12.13
N THR V 134 25.71 39.11 13.32
CA THR V 134 26.95 38.69 13.95
C THR V 134 26.84 37.31 14.58
N GLY V 135 25.66 36.95 15.08
CA GLY V 135 25.46 35.67 15.72
C GLY V 135 25.55 35.78 17.24
N SER V 136 24.91 34.83 17.92
CA SER V 136 24.91 34.82 19.38
C SER V 136 26.23 34.33 19.95
N GLY V 137 27.06 33.67 19.15
CA GLY V 137 28.37 33.26 19.63
C GLY V 137 29.25 34.44 19.99
N ASN V 138 29.11 35.54 19.25
CA ASN V 138 29.83 36.78 19.56
C ASN V 138 29.10 37.46 20.73
N SER V 139 29.47 37.01 21.94
CA SER V 139 28.81 37.52 23.14
C SER V 139 29.09 39.01 23.34
N PHE V 140 30.33 39.44 23.09
CA PHE V 140 30.68 40.85 23.28
C PHE V 140 29.86 41.74 22.34
N ALA V 141 29.74 41.35 21.09
CA ALA V 141 28.98 42.15 20.13
C ALA V 141 27.49 42.14 20.46
N ASN V 142 26.96 40.99 20.87
CA ASN V 142 25.53 40.89 21.16
C ASN V 142 25.15 41.67 22.41
N LEU V 143 26.02 41.68 23.42
CA LEU V 143 25.72 42.43 24.63
C LEU V 143 25.71 43.93 24.38
N ASN V 144 26.52 44.40 23.44
CA ASN V 144 26.57 45.82 23.08
C ASN V 144 25.64 46.16 21.92
N GLU V 145 24.58 45.38 21.72
CA GLU V 145 23.54 45.65 20.72
C GLU V 145 24.08 45.66 19.30
N TRP V 146 25.20 44.99 19.05
CA TRP V 146 25.75 44.87 17.69
C TRP V 146 25.29 43.56 17.07
N HIS V 147 23.99 43.51 16.77
CA HIS V 147 23.39 42.30 16.21
C HIS V 147 23.73 42.11 14.74
N TYR V 148 24.05 43.17 14.01
CA TYR V 148 24.33 43.08 12.59
C TYR V 148 25.67 43.72 12.28
N PHE V 149 26.31 43.21 11.22
CA PHE V 149 27.59 43.75 10.78
C PHE V 149 27.40 45.15 10.19
N PRO V 150 28.40 46.03 10.36
CA PRO V 150 28.24 47.41 9.84
C PRO V 150 28.24 47.46 8.32
N GLY V 151 29.21 46.82 7.68
CA GLY V 151 29.28 46.81 6.23
C GLY V 151 30.23 47.84 5.67
N GLU V 152 29.96 48.28 4.44
CA GLU V 152 30.77 49.27 3.74
C GLU V 152 32.24 48.84 3.67
N GLU W 5 32.91 -76.62 1.12
CA GLU W 5 32.72 -77.45 2.30
C GLU W 5 33.16 -76.73 3.56
N ASN W 6 34.25 -75.96 3.44
CA ASN W 6 34.76 -75.20 4.58
C ASN W 6 33.75 -74.14 5.00
N ARG W 7 33.47 -74.07 6.30
CA ARG W 7 32.53 -73.07 6.80
C ARG W 7 33.06 -71.66 6.59
N LEU W 8 34.34 -71.45 6.88
CA LEU W 8 34.95 -70.13 6.68
C LEU W 8 34.89 -69.71 5.22
N GLU W 9 35.11 -70.65 4.30
CA GLU W 9 35.06 -70.32 2.88
C GLU W 9 33.66 -69.87 2.46
N SER W 10 32.63 -70.57 2.94
CA SER W 10 31.25 -70.18 2.61
C SER W 10 30.91 -68.82 3.20
N ILE W 11 31.28 -68.59 4.46
CA ILE W 11 30.98 -67.32 5.11
C ILE W 11 31.67 -66.18 4.36
N LEU W 12 32.94 -66.37 4.01
CA LEU W 12 33.68 -65.33 3.31
C LEU W 12 33.16 -65.13 1.89
N SER W 13 32.70 -66.19 1.23
CA SER W 13 32.12 -66.02 -0.11
C SER W 13 30.85 -65.17 -0.04
N ARG W 14 29.97 -65.47 0.92
CA ARG W 14 28.77 -64.66 1.09
C ARG W 14 29.11 -63.22 1.42
N PHE W 15 30.04 -63.01 2.35
CA PHE W 15 30.42 -61.65 2.73
C PHE W 15 31.03 -60.89 1.57
N ASP W 16 31.88 -61.56 0.78
CA ASP W 16 32.51 -60.90 -0.36
C ASP W 16 31.48 -60.53 -1.42
N ALA W 17 30.52 -61.42 -1.68
CA ALA W 17 29.48 -61.10 -2.64
C ALA W 17 28.68 -59.89 -2.18
N ASP W 18 28.29 -59.85 -0.91
CA ASP W 18 27.54 -58.71 -0.40
C ASP W 18 28.37 -57.43 -0.41
N TRP W 19 29.65 -57.53 -0.04
CA TRP W 19 30.51 -56.36 -0.01
C TRP W 19 30.72 -55.78 -1.39
N THR W 20 30.91 -56.63 -2.39
CA THR W 20 31.11 -56.13 -3.75
C THR W 20 29.81 -55.63 -4.36
N ALA W 21 28.68 -56.21 -3.95
CA ALA W 21 27.40 -55.77 -4.51
C ALA W 21 27.06 -54.33 -4.14
N SER W 22 27.36 -53.94 -2.90
CA SER W 22 26.96 -52.64 -2.37
C SER W 22 28.14 -51.68 -2.26
N ASP W 23 29.08 -51.75 -3.19
CA ASP W 23 30.28 -50.91 -3.09
C ASP W 23 29.97 -49.45 -3.39
N GLU W 24 29.23 -49.19 -4.47
CA GLU W 24 29.00 -47.82 -4.90
C GLU W 24 28.17 -47.05 -3.88
N ALA W 25 27.09 -47.65 -3.40
CA ALA W 25 26.23 -46.97 -2.43
C ALA W 25 26.98 -46.68 -1.15
N ARG W 26 27.80 -47.63 -0.69
CA ARG W 26 28.60 -47.41 0.50
C ARG W 26 29.60 -46.28 0.30
N ARG W 27 30.23 -46.23 -0.87
CA ARG W 27 31.18 -45.15 -1.15
C ARG W 27 30.50 -43.80 -1.12
N GLU W 28 29.34 -43.68 -1.78
CA GLU W 28 28.62 -42.41 -1.78
C GLU W 28 28.14 -42.03 -0.38
N ALA W 29 27.69 -43.01 0.42
CA ALA W 29 27.24 -42.69 1.77
C ALA W 29 28.38 -42.24 2.66
N LYS W 30 29.54 -42.89 2.57
CA LYS W 30 30.70 -42.45 3.33
C LYS W 30 31.14 -41.06 2.89
N ASN W 31 31.06 -40.79 1.58
CA ASN W 31 31.33 -39.45 1.08
C ASN W 31 30.38 -38.43 1.67
N ASP W 32 29.09 -38.77 1.75
CA ASP W 32 28.11 -37.84 2.31
C ASP W 32 28.40 -37.56 3.77
N LEU W 33 28.75 -38.60 4.52
CA LEU W 33 29.10 -38.42 5.93
C LEU W 33 30.32 -37.52 6.10
N PHE W 34 31.37 -37.75 5.30
CA PHE W 34 32.55 -36.90 5.38
C PHE W 34 32.23 -35.47 4.99
N PHE W 35 31.42 -35.29 3.94
CA PHE W 35 31.08 -33.96 3.47
C PHE W 35 30.28 -33.19 4.51
N SER W 36 29.35 -33.85 5.18
CA SER W 36 28.48 -33.18 6.14
C SER W 36 28.98 -33.24 7.57
N ARG W 37 30.13 -33.85 7.82
CA ARG W 37 30.59 -33.97 9.19
C ARG W 37 32.00 -33.44 9.41
N VAL W 38 32.90 -33.61 8.45
CA VAL W 38 34.31 -33.25 8.62
C VAL W 38 34.66 -32.00 7.83
N SER W 39 34.57 -32.06 6.51
CA SER W 39 34.99 -30.94 5.67
C SER W 39 34.44 -31.13 4.28
N GLN W 40 33.97 -30.02 3.67
CA GLN W 40 33.49 -30.04 2.31
C GLN W 40 34.61 -29.98 1.27
N TRP W 41 35.85 -29.79 1.71
CA TRP W 41 37.01 -29.80 0.82
C TRP W 41 37.66 -31.18 0.82
N ASP W 42 36.90 -32.16 0.33
CA ASP W 42 37.38 -33.54 0.27
C ASP W 42 38.39 -33.66 -0.87
N ASP W 43 39.59 -33.14 -0.61
CA ASP W 43 40.65 -33.09 -1.62
C ASP W 43 41.85 -33.87 -1.11
N TRP W 44 41.61 -35.07 -0.57
CA TRP W 44 42.68 -35.82 0.07
C TRP W 44 43.71 -36.33 -0.94
N LEU W 45 43.29 -36.62 -2.17
CA LEU W 45 44.19 -37.21 -3.14
C LEU W 45 45.33 -36.27 -3.51
N SER W 46 45.04 -34.96 -3.60
CA SER W 46 46.07 -33.99 -3.98
C SER W 46 45.78 -32.69 -3.24
N GLN W 47 46.41 -32.52 -2.08
CA GLN W 47 46.29 -31.28 -1.32
C GLN W 47 47.67 -30.76 -0.93
N TYR W 48 48.64 -31.66 -0.86
CA TYR W 48 50.03 -31.28 -0.54
C TYR W 48 50.82 -30.97 -1.81
N THR W 49 50.30 -30.05 -2.62
CA THR W 49 50.99 -29.56 -3.80
C THR W 49 51.40 -28.10 -3.64
N THR W 50 50.44 -27.23 -3.33
CA THR W 50 50.71 -25.85 -2.97
C THR W 50 49.60 -25.38 -2.05
N LEU W 51 49.89 -24.33 -1.28
CA LEU W 51 48.97 -23.84 -0.26
C LEU W 51 48.21 -22.65 -0.83
N GLN W 52 46.91 -22.82 -1.06
CA GLN W 52 46.02 -21.78 -1.52
C GLN W 52 44.84 -21.70 -0.57
N TYR W 53 44.19 -20.54 -0.55
CA TYR W 53 43.08 -20.33 0.36
C TYR W 53 41.91 -21.23 -0.01
N ARG W 54 41.42 -22.00 0.96
CA ARG W 54 40.26 -22.86 0.80
C ARG W 54 39.31 -22.57 1.96
N GLY W 55 38.25 -21.81 1.69
CA GLY W 55 37.29 -21.45 2.70
C GLY W 55 36.06 -22.34 2.66
N GLN W 56 35.46 -22.54 3.83
CA GLN W 56 34.24 -23.32 3.98
C GLN W 56 33.11 -22.39 4.39
N PHE W 57 32.21 -22.12 3.45
CA PHE W 57 31.06 -21.25 3.69
C PHE W 57 29.82 -22.12 3.54
N ASP W 58 29.44 -22.76 4.64
CA ASP W 58 28.45 -23.84 4.61
C ASP W 58 27.06 -23.30 4.33
N VAL W 59 26.29 -24.06 3.56
CA VAL W 59 24.90 -23.77 3.27
C VAL W 59 23.98 -24.92 3.65
N VAL W 60 24.47 -26.15 3.64
CA VAL W 60 23.63 -27.34 3.81
C VAL W 60 23.48 -27.68 5.28
N ARG W 61 24.48 -27.33 6.09
CA ARG W 61 24.44 -27.69 7.50
C ARG W 61 23.25 -27.10 8.26
N PRO W 62 22.86 -25.82 8.06
CA PRO W 62 21.62 -25.36 8.70
C PRO W 62 20.40 -26.19 8.32
N VAL W 63 20.32 -26.64 7.06
CA VAL W 63 19.20 -27.47 6.65
C VAL W 63 19.23 -28.81 7.37
N VAL W 64 20.41 -29.42 7.49
CA VAL W 64 20.52 -30.68 8.19
C VAL W 64 20.13 -30.52 9.66
N ARG W 65 20.59 -29.43 10.29
CA ARG W 65 20.22 -29.17 11.68
C ARG W 65 18.71 -29.00 11.81
N LYS W 66 18.09 -28.26 10.89
CA LYS W 66 16.65 -28.06 10.95
C LYS W 66 15.90 -29.37 10.80
N LEU W 67 16.33 -30.23 9.87
CA LEU W 67 15.66 -31.51 9.69
C LEU W 67 15.84 -32.41 10.91
N VAL W 68 17.03 -32.43 11.49
CA VAL W 68 17.27 -33.25 12.68
C VAL W 68 16.42 -32.76 13.84
N SER W 69 16.33 -31.43 14.00
CA SER W 69 15.49 -30.87 15.06
C SER W 69 14.02 -31.22 14.81
N GLU W 70 13.57 -31.16 13.56
CA GLU W 70 12.18 -31.49 13.25
C GLU W 70 11.88 -32.94 13.58
N MET W 71 12.79 -33.85 13.26
CA MET W 71 12.57 -35.26 13.56
C MET W 71 12.77 -35.57 15.04
N ARG W 72 13.49 -34.72 15.77
CA ARG W 72 13.68 -34.94 17.20
C ARG W 72 12.45 -34.55 18.02
N GLN W 73 11.70 -33.54 17.58
CA GLN W 73 10.52 -33.09 18.31
C GLN W 73 9.35 -34.06 18.20
N ASN W 74 9.44 -35.09 17.36
CA ASN W 74 8.36 -36.03 17.14
C ASN W 74 8.87 -37.44 17.38
N PRO W 75 9.01 -37.84 18.64
CA PRO W 75 9.48 -39.20 18.93
C PRO W 75 8.47 -40.25 18.49
N ILE W 76 8.98 -41.40 18.10
CA ILE W 76 8.17 -42.52 17.62
C ILE W 76 8.63 -43.78 18.35
N ASP W 77 7.66 -44.56 18.83
CA ASP W 77 7.97 -45.79 19.55
C ASP W 77 6.98 -46.88 19.15
N VAL W 78 7.32 -48.11 19.52
CA VAL W 78 6.46 -49.26 19.26
C VAL W 78 5.22 -49.18 20.15
N LEU W 79 4.14 -49.79 19.68
CA LEU W 79 2.90 -49.89 20.45
C LEU W 79 2.24 -51.20 20.11
N TYR W 80 2.13 -52.09 21.09
CA TYR W 80 1.55 -53.40 20.86
C TYR W 80 0.04 -53.35 21.08
N ARG W 81 -0.71 -53.84 20.09
CA ARG W 81 -2.15 -53.84 20.17
C ARG W 81 -2.69 -55.26 20.07
N PRO W 82 -3.72 -55.61 20.85
CA PRO W 82 -4.27 -56.96 20.78
C PRO W 82 -4.79 -57.28 19.38
N LYS W 83 -4.60 -58.53 18.96
CA LYS W 83 -5.06 -58.95 17.66
C LYS W 83 -6.59 -59.04 17.63
N ASP W 84 -7.13 -59.25 16.43
CA ASP W 84 -8.57 -59.37 16.27
C ASP W 84 -9.05 -60.68 16.89
N GLY W 85 -10.00 -60.59 17.81
CA GLY W 85 -10.50 -61.75 18.52
C GLY W 85 -9.71 -62.13 19.75
N ALA W 86 -8.57 -61.49 20.00
CA ALA W 86 -7.79 -61.77 21.18
C ALA W 86 -8.37 -61.05 22.39
N ARG W 87 -7.92 -61.44 23.57
CA ARG W 87 -8.36 -60.77 24.78
C ARG W 87 -7.93 -59.31 24.74
N PRO W 88 -8.76 -58.39 25.23
CA PRO W 88 -8.39 -56.97 25.17
C PRO W 88 -7.14 -56.64 25.98
N ASP W 89 -6.80 -57.44 26.97
CA ASP W 89 -5.60 -57.24 27.79
C ASP W 89 -4.40 -58.01 27.25
N ALA W 90 -4.38 -58.27 25.94
CA ALA W 90 -3.36 -59.14 25.38
C ALA W 90 -1.97 -58.50 25.38
N ALA W 91 -1.90 -57.17 25.26
CA ALA W 91 -0.63 -56.51 25.01
C ALA W 91 -0.12 -55.71 26.20
N ASP W 92 -0.72 -55.85 27.38
CA ASP W 92 -0.25 -55.08 28.54
C ASP W 92 1.10 -55.57 29.03
N VAL W 93 1.29 -56.89 29.10
CA VAL W 93 2.55 -57.43 29.63
C VAL W 93 3.70 -57.10 28.68
N LEU W 94 3.50 -57.32 27.39
CA LEU W 94 4.56 -57.05 26.41
C LEU W 94 4.88 -55.56 26.35
N MET W 95 3.85 -54.71 26.36
CA MET W 95 4.08 -53.27 26.34
C MET W 95 4.81 -52.80 27.59
N GLY W 96 4.42 -53.34 28.75
CA GLY W 96 5.11 -52.98 29.98
C GLY W 96 6.57 -53.38 29.96
N MET W 97 6.85 -54.59 29.47
CA MET W 97 8.24 -55.05 29.36
C MET W 97 9.03 -54.16 28.41
N TYR W 98 8.44 -53.83 27.26
CA TYR W 98 9.13 -53.00 26.28
C TYR W 98 9.43 -51.62 26.86
N ARG W 99 8.45 -51.01 27.53
CA ARG W 99 8.70 -49.71 28.14
C ARG W 99 9.70 -49.80 29.28
N THR W 100 9.74 -50.94 29.97
CA THR W 100 10.70 -51.10 31.06
C THR W 100 12.13 -51.13 30.54
N ASP W 101 12.40 -51.93 29.51
CA ASP W 101 13.78 -52.12 29.07
C ASP W 101 14.14 -51.30 27.84
N MET W 102 13.32 -50.33 27.45
CA MET W 102 13.66 -49.42 26.36
C MET W 102 13.59 -47.96 26.78
N ARG W 103 13.43 -47.69 28.08
CA ARG W 103 13.39 -46.32 28.59
C ARG W 103 14.77 -45.76 28.86
N HIS W 104 15.82 -46.56 28.73
CA HIS W 104 17.16 -46.14 29.10
C HIS W 104 17.74 -45.21 28.03
N ASN W 105 18.86 -44.56 28.40
CA ASN W 105 19.47 -43.59 27.51
C ASN W 105 20.05 -44.24 26.26
N THR W 106 20.45 -45.51 26.35
CA THR W 106 21.08 -46.17 25.20
C THR W 106 20.10 -46.30 24.04
N ALA W 107 18.84 -46.62 24.31
CA ALA W 107 17.86 -46.79 23.24
C ALA W 107 17.61 -45.47 22.52
N LYS W 108 17.40 -44.39 23.29
CA LYS W 108 17.17 -43.08 22.69
C LYS W 108 18.40 -42.64 21.89
N ILE W 109 19.60 -42.87 22.44
CA ILE W 109 20.81 -42.47 21.74
C ILE W 109 20.96 -43.23 20.43
N ALA W 110 20.69 -44.54 20.45
CA ALA W 110 20.79 -45.33 19.24
C ALA W 110 19.80 -44.86 18.17
N VAL W 111 18.56 -44.59 18.59
CA VAL W 111 17.56 -44.11 17.64
C VAL W 111 17.97 -42.76 17.06
N ASN W 112 18.48 -41.86 17.91
CA ASN W 112 18.89 -40.55 17.43
C ASN W 112 20.07 -40.65 16.46
N ILE W 113 21.03 -41.53 16.75
CA ILE W 113 22.18 -41.71 15.87
C ILE W 113 21.71 -42.25 14.52
N ALA W 114 20.82 -43.24 14.55
CA ALA W 114 20.30 -43.79 13.30
C ALA W 114 19.56 -42.74 12.50
N VAL W 115 18.77 -41.90 13.18
CA VAL W 115 18.01 -40.86 12.48
C VAL W 115 18.94 -39.83 11.86
N ARG W 116 19.98 -39.41 12.59
CA ARG W 116 20.92 -38.44 12.04
C ARG W 116 21.66 -39.00 10.84
N GLU W 117 22.10 -40.26 10.92
CA GLU W 117 22.77 -40.88 9.78
C GLU W 117 21.83 -41.05 8.60
N GLN W 118 20.56 -41.36 8.87
CA GLN W 118 19.57 -41.48 7.80
C GLN W 118 19.37 -40.14 7.09
N ILE W 119 19.30 -39.06 7.87
CA ILE W 119 19.12 -37.74 7.26
C ILE W 119 20.34 -37.34 6.45
N GLU W 120 21.55 -37.56 7.01
CA GLU W 120 22.75 -37.10 6.33
C GLU W 120 23.17 -38.02 5.20
N ALA W 121 23.47 -39.29 5.52
CA ALA W 121 23.96 -40.21 4.50
C ALA W 121 22.82 -40.83 3.71
N GLY W 122 21.84 -41.38 4.41
CA GLY W 122 20.74 -42.05 3.75
C GLY W 122 20.40 -43.38 4.39
N VAL W 123 21.29 -43.89 5.22
CA VAL W 123 21.10 -45.17 5.89
C VAL W 123 21.66 -45.08 7.31
N GLY W 124 20.97 -45.72 8.25
CA GLY W 124 21.45 -45.88 9.61
C GLY W 124 20.96 -47.21 10.12
N ALA W 125 21.38 -47.57 11.33
CA ALA W 125 20.94 -48.83 11.90
C ALA W 125 21.18 -48.82 13.41
N TRP W 126 20.54 -49.79 14.07
CA TRP W 126 20.83 -50.07 15.47
C TRP W 126 20.68 -51.56 15.71
N ARG W 127 21.01 -52.00 16.92
CA ARG W 127 21.03 -53.42 17.24
C ARG W 127 20.28 -53.67 18.54
N LEU W 128 19.73 -54.88 18.68
CA LEU W 128 19.07 -55.30 19.90
C LEU W 128 19.87 -56.46 20.49
N VAL W 129 20.30 -56.32 21.75
CA VAL W 129 21.09 -57.34 22.41
C VAL W 129 20.44 -57.69 23.74
N THR W 130 20.77 -58.88 24.24
CA THR W 130 20.28 -59.36 25.52
C THR W 130 21.46 -59.65 26.44
N ASP W 131 21.31 -59.28 27.71
CA ASP W 131 22.37 -59.49 28.69
C ASP W 131 21.76 -60.01 29.99
N TYR W 132 22.62 -60.50 30.87
CA TYR W 132 22.21 -61.01 32.16
C TYR W 132 22.32 -59.91 33.20
N GLU W 133 21.21 -59.60 33.86
CA GLU W 133 21.16 -58.57 34.89
C GLU W 133 20.69 -59.20 36.19
N ASP W 134 21.40 -58.89 37.28
CA ASP W 134 21.07 -59.45 38.59
C ASP W 134 20.43 -58.45 39.54
N GLN W 135 20.67 -57.15 39.34
CA GLN W 135 20.16 -56.14 40.26
C GLN W 135 18.73 -55.72 39.91
N SER W 136 18.51 -55.26 38.69
CA SER W 136 17.19 -54.82 38.22
C SER W 136 16.86 -55.51 36.91
N PRO W 137 16.53 -56.80 36.95
CA PRO W 137 16.20 -57.51 35.72
C PRO W 137 14.78 -57.22 35.27
N THR W 138 14.58 -57.20 33.95
CA THR W 138 13.24 -57.06 33.42
C THR W 138 12.44 -58.34 33.62
N SER W 139 13.04 -59.49 33.34
CA SER W 139 12.39 -60.78 33.52
C SER W 139 13.44 -61.88 33.38
N ASN W 140 13.32 -62.92 34.20
CA ASN W 140 14.17 -64.10 34.12
C ASN W 140 15.65 -63.74 34.23
N ASN W 141 15.96 -62.77 35.09
CA ASN W 141 17.33 -62.34 35.35
C ASN W 141 18.03 -61.89 34.07
N GLN W 142 17.28 -61.30 33.15
CA GLN W 142 17.84 -60.86 31.86
C GLN W 142 17.22 -59.54 31.48
N VAL W 143 17.93 -58.80 30.63
CA VAL W 143 17.46 -57.54 30.09
C VAL W 143 17.73 -57.53 28.59
N ILE W 144 16.92 -56.75 27.86
CA ILE W 144 17.10 -56.53 26.43
C ILE W 144 17.30 -55.03 26.23
N ARG W 145 18.41 -54.65 25.61
CA ARG W 145 18.69 -53.25 25.36
C ARG W 145 19.00 -53.03 23.88
N ARG W 146 19.00 -51.76 23.50
CA ARG W 146 19.25 -51.33 22.14
C ARG W 146 20.55 -50.55 22.08
N GLU W 147 21.44 -50.93 21.17
CA GLU W 147 22.76 -50.36 21.04
C GLU W 147 22.92 -49.68 19.69
N PRO W 148 23.76 -48.64 19.61
CA PRO W 148 23.93 -47.92 18.36
C PRO W 148 24.96 -48.57 17.45
N ILE W 149 24.85 -48.25 16.17
CA ILE W 149 25.84 -48.61 15.16
C ILE W 149 26.22 -47.35 14.41
N HIS W 150 27.49 -46.96 14.53
CA HIS W 150 27.98 -45.76 13.87
C HIS W 150 28.48 -46.10 12.47
N SER W 151 28.13 -45.25 11.51
CA SER W 151 28.45 -45.45 10.10
C SER W 151 27.93 -46.82 9.63
N ALA W 152 26.61 -46.97 9.68
CA ALA W 152 25.97 -48.22 9.29
C ALA W 152 26.09 -48.49 7.80
N CYS W 153 26.47 -47.51 7.00
CA CYS W 153 26.66 -47.75 5.58
C CYS W 153 27.81 -48.71 5.32
N SER W 154 28.90 -48.59 6.08
CA SER W 154 30.10 -49.38 5.87
C SER W 154 30.32 -50.44 6.94
N HIS W 155 29.59 -50.40 8.05
CA HIS W 155 29.82 -51.33 9.13
C HIS W 155 28.80 -52.46 9.19
N VAL W 156 27.62 -52.27 8.60
CA VAL W 156 26.60 -53.31 8.52
C VAL W 156 26.42 -53.66 7.05
N ILE W 157 26.72 -54.91 6.69
CA ILE W 157 26.61 -55.38 5.32
C ILE W 157 25.53 -56.45 5.28
N TRP W 158 24.50 -56.21 4.48
CA TRP W 158 23.32 -57.06 4.42
C TRP W 158 23.43 -58.06 3.28
N ASP W 159 22.56 -59.07 3.33
CA ASP W 159 22.45 -60.01 2.23
C ASP W 159 22.03 -59.28 0.96
N SER W 160 22.76 -59.50 -0.12
CA SER W 160 22.51 -58.78 -1.36
C SER W 160 21.20 -59.19 -2.02
N ASN W 161 20.67 -60.36 -1.68
CA ASN W 161 19.40 -60.83 -2.24
C ASN W 161 18.24 -60.45 -1.31
N SER W 162 18.18 -59.16 -1.00
CA SER W 162 17.13 -58.61 -0.14
C SER W 162 16.46 -57.45 -0.86
N LYS W 163 15.14 -57.51 -0.98
CA LYS W 163 14.37 -56.50 -1.69
C LYS W 163 13.35 -55.82 -0.79
N LEU W 164 13.67 -55.68 0.50
CA LEU W 164 12.77 -55.06 1.47
C LEU W 164 13.52 -53.96 2.21
N MET W 165 12.82 -52.88 2.52
CA MET W 165 13.46 -51.74 3.17
C MET W 165 13.98 -52.10 4.55
N ASP W 166 13.21 -52.88 5.32
CA ASP W 166 13.65 -53.31 6.64
C ASP W 166 14.50 -54.56 6.62
N LYS W 167 14.73 -55.14 5.43
CA LYS W 167 15.58 -56.31 5.27
C LYS W 167 15.09 -57.49 6.11
N SER W 168 13.78 -57.71 6.12
CA SER W 168 13.24 -58.87 6.80
C SER W 168 13.38 -60.15 5.98
N ASP W 169 13.63 -60.04 4.69
CA ASP W 169 13.89 -61.21 3.84
C ASP W 169 15.36 -61.54 3.74
N ALA W 170 16.24 -60.74 4.34
CA ALA W 170 17.65 -61.06 4.35
C ALA W 170 17.91 -62.30 5.20
N ARG W 171 18.81 -63.16 4.71
CA ARG W 171 19.10 -64.42 5.38
C ARG W 171 20.42 -64.40 6.14
N HIS W 172 21.23 -63.37 5.97
CA HIS W 172 22.44 -63.20 6.76
C HIS W 172 22.84 -61.74 6.74
N CYS W 173 23.66 -61.36 7.71
CA CYS W 173 24.14 -60.00 7.84
C CYS W 173 25.44 -60.00 8.63
N THR W 174 26.42 -59.25 8.16
CA THR W 174 27.72 -59.16 8.81
C THR W 174 27.95 -57.76 9.35
N VAL W 175 28.26 -57.67 10.63
CA VAL W 175 28.53 -56.41 11.31
C VAL W 175 30.01 -56.35 11.62
N ILE W 176 30.67 -55.29 11.15
CA ILE W 176 32.11 -55.11 11.31
C ILE W 176 32.35 -54.24 12.53
N HIS W 177 33.14 -54.75 13.47
CA HIS W 177 33.45 -54.06 14.71
C HIS W 177 34.90 -53.59 14.67
N SER W 178 35.10 -52.28 14.78
CA SER W 178 36.42 -51.68 14.92
C SER W 178 36.57 -51.19 16.35
N MET W 179 37.69 -51.54 16.99
CA MET W 179 37.82 -51.29 18.42
C MET W 179 39.28 -51.07 18.79
N SER W 180 39.49 -50.48 19.96
CA SER W 180 40.82 -50.18 20.44
C SER W 180 41.47 -51.43 21.04
N GLN W 181 42.74 -51.30 21.39
CA GLN W 181 43.48 -52.42 21.97
C GLN W 181 42.87 -52.87 23.28
N ASN W 182 42.60 -51.92 24.19
CA ASN W 182 41.93 -52.26 25.44
C ASN W 182 40.51 -52.72 25.18
N GLY W 183 39.84 -52.09 24.20
CA GLY W 183 38.53 -52.58 23.79
C GLY W 183 38.58 -54.00 23.25
N TRP W 184 39.61 -54.32 22.47
CA TRP W 184 39.76 -55.69 21.98
C TRP W 184 40.00 -56.66 23.13
N GLU W 185 40.81 -56.25 24.12
CA GLU W 185 41.05 -57.12 25.26
C GLU W 185 39.76 -57.41 26.03
N ASP W 186 38.95 -56.36 26.25
CA ASP W 186 37.69 -56.57 26.94
C ASP W 186 36.70 -57.39 26.10
N PHE W 187 36.72 -57.21 24.78
CA PHE W 187 35.90 -58.03 23.89
C PHE W 187 36.29 -59.51 24.00
N ALA W 188 37.59 -59.79 23.99
CA ALA W 188 38.05 -61.17 24.11
C ALA W 188 37.70 -61.75 25.47
N GLU W 189 37.79 -60.94 26.53
CA GLU W 189 37.38 -61.41 27.84
C GLU W 189 35.89 -61.72 27.86
N LYS W 190 35.08 -60.87 27.22
CA LYS W 190 33.63 -61.07 27.22
C LYS W 190 33.25 -62.34 26.46
N TYR W 191 33.86 -62.57 25.29
CA TYR W 191 33.49 -63.69 24.43
C TYR W 191 34.45 -64.87 24.54
N ASP W 192 35.30 -64.90 25.56
CA ASP W 192 36.21 -66.03 25.82
C ASP W 192 37.07 -66.34 24.59
N LEU W 193 37.57 -65.30 23.94
CA LEU W 193 38.47 -65.46 22.82
C LEU W 193 39.92 -65.41 23.31
N ASP W 194 40.86 -65.55 22.38
CA ASP W 194 42.28 -65.47 22.69
C ASP W 194 42.72 -64.03 22.46
N ALA W 195 43.09 -63.33 23.54
CA ALA W 195 43.46 -61.93 23.43
C ALA W 195 44.81 -61.73 22.78
N ASP W 196 45.70 -62.72 22.85
CA ASP W 196 47.02 -62.57 22.26
C ASP W 196 46.96 -62.62 20.74
N ASP W 197 46.02 -63.38 20.18
CA ASP W 197 45.88 -63.50 18.72
C ASP W 197 45.00 -62.35 18.24
N ILE W 198 45.65 -61.27 17.80
CA ILE W 198 44.92 -60.09 17.34
C ILE W 198 44.20 -60.42 16.04
N PRO W 199 42.89 -60.15 15.93
CA PRO W 199 42.16 -60.46 14.71
C PRO W 199 42.27 -59.34 13.68
N SER W 200 41.75 -59.63 12.48
CA SER W 200 41.72 -58.66 11.42
C SER W 200 40.54 -58.98 10.50
N PHE W 201 40.07 -57.96 9.80
CA PHE W 201 38.95 -58.10 8.88
C PHE W 201 39.02 -56.94 7.88
N GLN W 202 38.07 -56.93 6.95
CA GLN W 202 38.00 -55.87 5.95
C GLN W 202 37.80 -54.52 6.63
N ASN W 203 38.71 -53.59 6.36
CA ASN W 203 38.64 -52.27 6.97
C ASN W 203 37.55 -51.46 6.26
N PRO W 204 36.50 -51.03 6.96
CA PRO W 204 35.45 -50.26 6.29
C PRO W 204 35.83 -48.79 6.12
N ASN W 205 36.71 -48.30 6.98
CA ASN W 205 37.10 -46.89 6.96
C ASN W 205 38.22 -46.65 5.95
N ASP W 206 38.45 -45.37 5.66
CA ASP W 206 39.52 -44.94 4.77
C ASP W 206 40.31 -43.84 5.44
N TRP W 207 41.63 -43.95 5.38
CA TRP W 207 42.53 -42.94 5.95
C TRP W 207 42.60 -41.77 5.00
N VAL W 208 41.67 -40.82 5.16
CA VAL W 208 41.55 -39.66 4.29
C VAL W 208 41.91 -38.36 5.01
N PHE W 209 41.32 -38.13 6.18
CA PHE W 209 41.69 -36.97 6.97
C PHE W 209 43.07 -37.17 7.60
N PRO W 210 43.83 -36.10 7.80
CA PRO W 210 45.13 -36.25 8.46
C PRO W 210 45.01 -36.58 9.94
N TRP W 211 44.34 -37.68 10.25
CA TRP W 211 44.24 -38.13 11.63
C TRP W 211 45.57 -38.74 12.07
N LEU W 212 46.02 -38.37 13.27
CA LEU W 212 47.32 -38.84 13.74
C LEU W 212 47.34 -40.36 13.89
N THR W 213 46.30 -40.92 14.49
CA THR W 213 46.24 -42.36 14.72
C THR W 213 44.83 -42.86 14.47
N GLN W 214 44.68 -43.80 13.56
CA GLN W 214 43.43 -44.53 13.35
C GLN W 214 43.58 -45.99 13.77
N ASP W 215 44.36 -46.22 14.83
CA ASP W 215 44.68 -47.57 15.28
C ASP W 215 43.42 -48.30 15.70
N THR W 216 43.04 -49.31 14.92
CA THR W 216 41.82 -50.07 15.17
C THR W 216 42.06 -51.54 14.89
N ILE W 217 41.30 -52.39 15.59
CA ILE W 217 41.28 -53.82 15.40
C ILE W 217 39.90 -54.20 14.92
N GLN W 218 39.83 -55.00 13.86
CA GLN W 218 38.59 -55.30 13.17
C GLN W 218 38.22 -56.76 13.35
N ILE W 219 36.95 -57.00 13.72
CA ILE W 219 36.38 -58.33 13.82
C ILE W 219 35.01 -58.28 13.16
N ALA W 220 34.41 -59.45 12.92
CA ALA W 220 33.10 -59.47 12.28
C ALA W 220 32.16 -60.41 13.03
N GLU W 221 30.89 -60.03 13.06
CA GLU W 221 29.83 -60.89 13.58
C GLU W 221 28.89 -61.21 12.43
N PHE W 222 28.71 -62.51 12.17
CA PHE W 222 27.91 -63.01 11.06
C PHE W 222 26.64 -63.62 11.63
N TYR W 223 25.50 -62.99 11.36
CA TYR W 223 24.20 -63.49 11.77
C TYR W 223 23.55 -64.19 10.59
N GLU W 224 22.97 -65.35 10.84
CA GLU W 224 22.24 -66.08 9.80
C GLU W 224 20.96 -66.67 10.39
N VAL W 225 19.89 -66.62 9.61
CA VAL W 225 18.58 -67.14 10.00
C VAL W 225 18.33 -68.42 9.22
N VAL W 226 17.97 -69.48 9.92
CA VAL W 226 17.64 -70.77 9.32
C VAL W 226 16.20 -71.10 9.68
N GLU W 227 15.36 -71.31 8.68
CA GLU W 227 13.96 -71.66 8.88
C GLU W 227 13.78 -73.16 8.64
N LYS W 228 13.40 -73.88 9.68
CA LYS W 228 13.27 -75.33 9.59
C LYS W 228 12.13 -75.79 10.47
N LYS W 229 11.67 -77.02 10.20
CA LYS W 229 10.65 -77.66 11.01
C LYS W 229 11.32 -78.43 12.14
N GLU W 230 10.98 -78.09 13.37
CA GLU W 230 11.52 -78.76 14.54
C GLU W 230 10.41 -79.37 15.36
N THR W 231 10.79 -80.37 16.16
CA THR W 231 9.84 -81.08 17.00
C THR W 231 9.37 -80.19 18.15
N ALA W 232 8.08 -80.30 18.46
CA ALA W 232 7.51 -79.69 19.66
C ALA W 232 6.56 -80.67 20.31
N PHE W 233 6.38 -80.53 21.61
CA PHE W 233 5.60 -81.45 22.42
C PHE W 233 4.32 -80.77 22.88
N ILE W 234 3.20 -81.48 22.76
CA ILE W 234 1.91 -81.03 23.25
C ILE W 234 1.69 -81.76 24.57
N TYR W 235 1.80 -81.03 25.68
CA TYR W 235 1.63 -81.60 27.00
C TYR W 235 0.18 -81.41 27.46
N GLN W 236 -0.09 -81.67 28.74
CA GLN W 236 -1.37 -81.35 29.36
C GLN W 236 -1.10 -80.57 30.62
N ASP W 237 -1.55 -79.33 30.66
CA ASP W 237 -1.33 -78.46 31.80
C ASP W 237 -2.11 -78.98 33.00
N PRO W 238 -1.48 -79.25 34.14
CA PRO W 238 -2.24 -79.71 35.31
C PRO W 238 -3.28 -78.71 35.79
N VAL W 239 -3.07 -77.41 35.52
CA VAL W 239 -4.06 -76.41 35.91
C VAL W 239 -5.26 -76.47 34.97
N THR W 240 -5.03 -76.18 33.68
CA THR W 240 -6.09 -76.21 32.68
C THR W 240 -5.45 -76.11 31.30
N GLY W 241 -6.06 -76.80 30.34
CA GLY W 241 -5.67 -76.70 28.95
C GLY W 241 -4.42 -77.52 28.63
N GLU W 242 -3.93 -77.32 27.41
CA GLU W 242 -2.74 -78.03 26.97
C GLU W 242 -1.76 -77.03 26.36
N PRO W 243 -0.46 -77.12 26.69
CA PRO W 243 0.53 -76.25 26.12
C PRO W 243 1.39 -76.89 25.04
N VAL W 244 2.07 -76.06 24.27
CA VAL W 244 2.97 -76.51 23.20
C VAL W 244 4.35 -75.96 23.49
N SER W 245 5.33 -76.85 23.65
CA SER W 245 6.68 -76.43 23.99
C SER W 245 7.68 -77.01 23.01
N TYR W 246 8.56 -76.16 22.49
CA TYR W 246 9.56 -76.62 21.53
C TYR W 246 10.51 -77.61 22.17
N PHE W 247 10.86 -78.68 21.48
CA PHE W 247 11.70 -79.70 22.16
C PHE W 247 13.08 -79.12 22.48
N LYS W 248 13.63 -78.30 21.60
CA LYS W 248 15.02 -77.78 21.79
C LYS W 248 15.10 -76.90 23.03
N ARG W 249 13.97 -76.34 23.45
CA ARG W 249 13.97 -75.41 24.62
C ARG W 249 14.14 -76.25 25.90
N ASP W 250 13.56 -77.45 25.93
CA ASP W 250 13.63 -78.30 27.14
C ASP W 250 14.23 -79.64 26.69
N ILE W 251 15.30 -79.62 25.90
CA ILE W 251 15.77 -80.87 25.32
C ILE W 251 16.29 -81.81 26.40
N LYS W 252 17.13 -81.30 27.30
CA LYS W 252 17.77 -82.15 28.29
C LYS W 252 17.64 -81.56 29.69
N ASP W 253 17.46 -80.24 29.77
CA ASP W 253 17.46 -79.58 31.07
C ASP W 253 16.31 -80.06 31.94
N VAL W 254 15.08 -80.00 31.41
CA VAL W 254 13.90 -80.28 32.22
C VAL W 254 12.99 -81.29 31.53
N ILE W 255 13.50 -81.96 30.49
CA ILE W 255 12.66 -82.87 29.71
C ILE W 255 12.04 -83.96 30.58
N ASP W 256 12.69 -84.31 31.68
CA ASP W 256 12.13 -85.24 32.65
C ASP W 256 11.45 -84.53 33.82
N ASP W 257 11.66 -83.22 33.97
CA ASP W 257 11.01 -82.47 35.04
C ASP W 257 9.54 -82.17 34.77
N LEU W 258 9.12 -82.16 33.50
CA LEU W 258 7.70 -82.00 33.19
C LEU W 258 6.89 -83.13 33.81
N ALA W 259 7.38 -84.37 33.68
CA ALA W 259 6.67 -85.51 34.25
C ALA W 259 6.59 -85.41 35.77
N ASP W 260 7.69 -84.99 36.41
CA ASP W 260 7.69 -84.86 37.86
C ASP W 260 6.73 -83.76 38.31
N SER W 261 6.67 -82.66 37.58
CA SER W 261 5.82 -81.54 37.95
C SER W 261 4.35 -81.77 37.65
N GLY W 262 4.00 -82.85 36.98
CA GLY W 262 2.62 -83.14 36.63
C GLY W 262 2.26 -82.92 35.18
N PHE W 263 3.21 -82.61 34.32
CA PHE W 263 2.96 -82.44 32.90
C PHE W 263 3.04 -83.80 32.21
N ILE W 264 1.96 -84.20 31.56
CA ILE W 264 1.88 -85.47 30.85
C ILE W 264 1.88 -85.19 29.36
N LYS W 265 2.77 -85.86 28.63
CA LYS W 265 2.87 -85.66 27.19
C LYS W 265 1.65 -86.25 26.49
N ILE W 266 1.00 -85.44 25.66
CA ILE W 266 -0.18 -85.85 24.93
C ILE W 266 0.12 -86.13 23.47
N ALA W 267 0.93 -85.29 22.84
CA ALA W 267 1.21 -85.44 21.41
C ALA W 267 2.57 -84.85 21.08
N GLU W 268 2.99 -85.04 19.83
CA GLU W 268 4.25 -84.50 19.35
C GLU W 268 4.09 -84.09 17.90
N ARG W 269 4.33 -82.81 17.62
CA ARG W 269 4.15 -82.26 16.28
C ARG W 269 5.47 -81.72 15.75
N GLN W 270 5.46 -81.29 14.50
CA GLN W 270 6.60 -80.68 13.84
C GLN W 270 6.19 -79.31 13.33
N ILE W 271 6.71 -78.26 13.96
CA ILE W 271 6.34 -76.88 13.64
C ILE W 271 7.55 -76.16 13.07
N LYS W 272 7.31 -75.38 12.02
CA LYS W 272 8.36 -74.62 11.35
C LYS W 272 8.62 -73.32 12.08
N ARG W 273 9.89 -72.98 12.26
CA ARG W 273 10.28 -71.75 12.92
C ARG W 273 11.68 -71.37 12.46
N ARG W 274 12.05 -70.13 12.75
CA ARG W 274 13.35 -69.58 12.40
C ARG W 274 14.24 -69.54 13.63
N ARG W 275 15.54 -69.80 13.42
CA ARG W 275 16.54 -69.71 14.47
C ARG W 275 17.71 -68.89 13.95
N VAL W 276 18.29 -68.07 14.84
CA VAL W 276 19.34 -67.13 14.48
C VAL W 276 20.65 -67.58 15.11
N TYR W 277 21.70 -67.66 14.30
CA TYR W 277 23.02 -68.07 14.74
C TYR W 277 24.01 -66.95 14.46
N LYS W 278 24.85 -66.65 15.44
CA LYS W 278 25.90 -65.65 15.33
C LYS W 278 27.27 -66.32 15.37
N SER W 279 28.17 -65.84 14.53
CA SER W 279 29.53 -66.35 14.44
C SER W 279 30.50 -65.18 14.52
N ILE W 280 31.52 -65.30 15.37
CA ILE W 280 32.58 -64.31 15.45
C ILE W 280 33.70 -64.76 14.53
N ILE W 281 34.04 -63.93 13.54
CA ILE W 281 34.98 -64.32 12.50
C ILE W 281 36.01 -63.22 12.28
N THR W 282 37.15 -63.64 11.75
CA THR W 282 38.21 -62.79 11.25
C THR W 282 38.43 -63.14 9.78
N CYS W 283 39.47 -62.55 9.19
CA CYS W 283 39.75 -62.80 7.78
C CYS W 283 40.39 -64.16 7.52
N THR W 284 40.86 -64.86 8.55
CA THR W 284 41.58 -66.11 8.36
C THR W 284 41.00 -67.29 9.12
N ALA W 285 40.12 -67.08 10.09
CA ALA W 285 39.61 -68.18 10.89
C ALA W 285 38.26 -67.79 11.48
N VAL W 286 37.60 -68.78 12.09
CA VAL W 286 36.33 -68.59 12.76
C VAL W 286 36.54 -68.86 14.24
N LEU W 287 36.25 -67.85 15.07
CA LEU W 287 36.46 -68.00 16.51
C LEU W 287 35.28 -68.72 17.16
N LYS W 288 34.08 -68.16 17.03
CA LYS W 288 32.85 -68.80 17.47
C LYS W 288 32.05 -69.22 16.24
N ASP W 289 31.54 -70.44 16.24
CA ASP W 289 31.05 -71.04 15.00
C ASP W 289 29.58 -70.75 14.72
N LYS W 290 28.69 -71.24 15.58
CA LYS W 290 27.25 -71.13 15.34
C LYS W 290 26.50 -70.83 16.63
N GLN W 291 27.00 -69.86 17.40
CA GLN W 291 26.37 -69.55 18.68
C GLN W 291 24.90 -69.15 18.49
N LEU W 292 23.98 -69.98 18.97
CA LEU W 292 22.56 -69.71 18.81
C LEU W 292 22.15 -68.55 19.71
N ILE W 293 21.46 -67.56 19.14
CA ILE W 293 21.00 -66.42 19.91
C ILE W 293 19.48 -66.41 19.93
N ALA W 294 18.94 -65.62 20.84
CA ALA W 294 17.49 -65.54 21.03
C ALA W 294 16.83 -64.77 19.89
N GLY W 295 15.63 -65.18 19.55
CA GLY W 295 14.82 -64.50 18.56
C GLY W 295 14.69 -65.30 17.28
N GLU W 296 13.73 -64.87 16.45
CA GLU W 296 13.52 -65.43 15.13
C GLU W 296 14.07 -64.55 14.02
N HIS W 297 14.55 -63.36 14.35
CA HIS W 297 14.96 -62.38 13.35
C HIS W 297 16.37 -61.91 13.67
N ILE W 298 17.05 -61.44 12.63
CA ILE W 298 18.38 -60.83 12.84
C ILE W 298 18.21 -59.56 13.67
N PRO W 299 18.98 -59.39 14.75
CA PRO W 299 18.70 -58.30 15.69
C PRO W 299 19.12 -56.91 15.22
N ILE W 300 19.42 -56.72 13.94
CA ILE W 300 19.83 -55.43 13.42
C ILE W 300 18.65 -54.78 12.71
N VAL W 301 18.33 -53.55 13.06
CA VAL W 301 17.23 -52.79 12.50
C VAL W 301 17.81 -51.67 11.65
N PRO W 302 17.57 -51.65 10.33
CA PRO W 302 18.03 -50.53 9.50
C PRO W 302 16.96 -49.45 9.29
N VAL W 303 17.41 -48.22 9.06
CA VAL W 303 16.54 -47.09 8.74
C VAL W 303 17.07 -46.47 7.45
N PHE W 304 16.17 -46.19 6.52
CA PHE W 304 16.54 -45.69 5.21
C PHE W 304 15.88 -44.35 4.92
N GLY W 305 16.50 -43.58 4.03
CA GLY W 305 15.93 -42.33 3.59
C GLY W 305 15.17 -42.51 2.29
N GLU W 306 15.76 -42.05 1.18
CA GLU W 306 15.21 -42.34 -0.14
C GLU W 306 15.85 -43.62 -0.63
N TRP W 307 15.09 -44.71 -0.58
CA TRP W 307 15.60 -46.06 -0.84
C TRP W 307 14.94 -46.65 -2.06
N GLY W 308 15.70 -47.39 -2.86
CA GLY W 308 15.13 -48.03 -4.02
C GLY W 308 16.15 -48.91 -4.72
N PHE W 309 15.72 -49.46 -5.85
CA PHE W 309 16.56 -50.27 -6.72
C PHE W 309 16.51 -49.70 -8.13
N VAL W 310 17.67 -49.65 -8.78
CA VAL W 310 17.73 -49.12 -10.14
C VAL W 310 17.79 -50.28 -11.13
N GLU W 311 18.88 -51.05 -11.08
CA GLU W 311 18.99 -52.28 -11.86
C GLU W 311 19.59 -53.33 -10.94
N ASP W 312 18.73 -53.98 -10.15
CA ASP W 312 19.14 -54.90 -9.10
C ASP W 312 20.30 -54.35 -8.28
N LYS W 313 20.33 -53.04 -8.09
CA LYS W 313 21.38 -52.36 -7.35
C LYS W 313 20.73 -51.41 -6.36
N GLU W 314 20.94 -51.65 -5.07
CA GLU W 314 20.35 -50.82 -4.04
C GLU W 314 20.93 -49.42 -4.08
N VAL W 315 20.06 -48.41 -3.99
CA VAL W 315 20.49 -47.02 -3.91
C VAL W 315 19.69 -46.34 -2.80
N TYR W 316 20.39 -45.73 -1.86
CA TYR W 316 19.78 -44.95 -0.80
C TYR W 316 20.44 -43.58 -0.75
N GLU W 317 19.62 -42.56 -0.53
CA GLU W 317 20.09 -41.18 -0.53
C GLU W 317 19.46 -40.44 0.64
N GLY W 318 20.16 -39.40 1.10
CA GLY W 318 19.68 -38.58 2.18
C GLY W 318 19.19 -37.22 1.73
N VAL W 319 19.86 -36.16 2.18
CA VAL W 319 19.51 -34.81 1.80
C VAL W 319 20.76 -34.06 1.37
N VAL W 320 21.92 -34.67 1.59
CA VAL W 320 23.18 -33.98 1.37
C VAL W 320 23.75 -34.23 -0.03
N ARG W 321 23.44 -35.38 -0.64
CA ARG W 321 24.12 -35.77 -1.87
C ARG W 321 23.90 -34.76 -2.99
N LEU W 322 22.63 -34.46 -3.30
CA LEU W 322 22.35 -33.61 -4.45
C LEU W 322 22.79 -32.17 -4.24
N THR W 323 23.09 -31.77 -3.01
CA THR W 323 23.61 -30.45 -2.71
C THR W 323 25.13 -30.39 -2.76
N LYS W 324 25.80 -31.52 -2.98
CA LYS W 324 27.26 -31.52 -2.94
C LYS W 324 27.87 -30.77 -4.12
N ASP W 325 27.24 -30.85 -5.30
CA ASP W 325 27.83 -30.24 -6.48
C ASP W 325 27.77 -28.72 -6.42
N GLY W 326 26.60 -28.17 -6.06
CA GLY W 326 26.48 -26.73 -5.98
C GLY W 326 27.32 -26.13 -4.86
N GLN W 327 27.28 -26.76 -3.68
CA GLN W 327 28.02 -26.24 -2.53
C GLN W 327 29.52 -26.21 -2.83
N ARG W 328 30.05 -27.29 -3.41
CA ARG W 328 31.46 -27.33 -3.78
C ARG W 328 31.80 -26.19 -4.73
N LEU W 329 30.86 -25.77 -5.57
CA LEU W 329 31.10 -24.61 -6.41
C LEU W 329 31.13 -23.33 -5.57
N ARG W 330 30.18 -23.18 -4.66
CA ARG W 330 30.10 -21.96 -3.87
C ARG W 330 31.35 -21.80 -3.00
N ASN W 331 31.87 -22.91 -2.48
CA ASN W 331 33.13 -22.86 -1.74
C ASN W 331 34.27 -22.39 -2.64
N MET W 332 34.30 -22.85 -3.89
CA MET W 332 35.40 -22.49 -4.78
C MET W 332 35.36 -21.01 -5.14
N ILE W 333 34.19 -20.52 -5.59
CA ILE W 333 34.08 -19.12 -6.00
C ILE W 333 34.40 -18.20 -4.83
N MET W 334 33.80 -18.48 -3.68
CA MET W 334 34.09 -17.70 -2.48
C MET W 334 35.58 -17.69 -2.16
N SER W 335 36.28 -18.79 -2.47
CA SER W 335 37.71 -18.85 -2.26
C SER W 335 38.49 -18.09 -3.33
N PHE W 336 37.98 -18.02 -4.55
CA PHE W 336 38.67 -17.28 -5.60
C PHE W 336 38.63 -15.78 -5.32
N ASN W 337 37.44 -15.25 -5.01
CA ASN W 337 37.31 -13.82 -4.79
C ASN W 337 38.14 -13.35 -3.60
N ALA W 338 38.29 -14.19 -2.58
CA ALA W 338 39.18 -13.84 -1.48
C ALA W 338 40.59 -13.62 -1.97
N ASP W 339 41.07 -14.47 -2.88
CA ASP W 339 42.38 -14.27 -3.49
C ASP W 339 42.45 -12.93 -4.20
N ILE W 340 41.32 -12.45 -4.72
CA ILE W 340 41.30 -11.13 -5.35
C ILE W 340 41.51 -10.04 -4.31
N VAL W 341 40.93 -10.20 -3.11
CA VAL W 341 41.00 -9.16 -2.11
C VAL W 341 42.42 -9.02 -1.57
N ALA W 342 43.10 -10.15 -1.36
CA ALA W 342 44.42 -10.14 -0.73
C ALA W 342 45.54 -9.88 -1.73
N ARG W 343 45.68 -10.75 -2.73
CA ARG W 343 46.78 -10.67 -3.68
C ARG W 343 46.36 -9.90 -4.93
N THR W 344 46.26 -8.58 -4.78
CA THR W 344 45.99 -7.71 -5.90
C THR W 344 46.53 -6.33 -5.56
N PRO W 345 47.35 -5.73 -6.42
CA PRO W 345 47.89 -4.41 -6.12
C PRO W 345 46.77 -3.39 -5.97
N LYS W 346 46.97 -2.46 -5.04
CA LYS W 346 45.96 -1.46 -4.72
C LYS W 346 45.98 -0.34 -5.75
N LYS W 347 45.11 0.66 -5.55
CA LYS W 347 44.99 1.79 -6.47
C LYS W 347 45.97 2.87 -6.03
N LYS W 348 47.06 3.02 -6.79
CA LYS W 348 48.08 4.02 -6.53
C LYS W 348 48.47 4.68 -7.84
N PRO W 349 48.99 5.90 -7.81
CA PRO W 349 49.34 6.58 -9.06
C PRO W 349 50.54 5.93 -9.75
N PHE W 350 50.59 6.11 -11.06
CA PHE W 350 51.74 5.72 -11.87
C PHE W 350 52.61 6.95 -12.08
N PHE W 351 53.88 6.86 -11.68
CA PHE W 351 54.79 7.99 -11.73
C PHE W 351 56.06 7.60 -12.47
N TRP W 352 56.58 8.51 -13.28
CA TRP W 352 57.96 8.40 -13.70
C TRP W 352 58.87 8.79 -12.55
N PRO W 353 60.03 8.14 -12.39
CA PRO W 353 60.92 8.52 -11.29
C PRO W 353 61.37 9.97 -11.34
N GLU W 354 61.49 10.55 -12.52
CA GLU W 354 61.92 11.93 -12.64
C GLU W 354 60.80 12.94 -12.39
N GLN W 355 59.54 12.49 -12.42
CA GLN W 355 58.43 13.41 -12.17
C GLN W 355 58.41 13.87 -10.71
N ILE W 356 58.74 12.96 -9.79
CA ILE W 356 58.65 13.24 -8.37
C ILE W 356 60.02 13.19 -7.70
N ALA W 357 61.09 13.35 -8.48
CA ALA W 357 62.44 13.34 -7.93
C ALA W 357 62.64 14.53 -7.01
N GLY W 358 62.91 14.27 -5.74
CA GLY W 358 63.07 15.30 -4.74
C GLY W 358 61.83 15.62 -3.94
N PHE W 359 60.66 15.17 -4.41
CA PHE W 359 59.39 15.37 -3.71
C PHE W 359 58.81 14.07 -3.19
N GLU W 360 59.63 13.02 -3.07
CA GLU W 360 59.10 11.70 -2.74
C GLU W 360 58.49 11.66 -1.34
N HIS W 361 58.93 12.53 -0.45
CA HIS W 361 58.35 12.57 0.90
C HIS W 361 56.96 13.19 0.91
N MET W 362 56.51 13.79 -0.19
CA MET W 362 55.18 14.36 -0.26
C MET W 362 54.11 13.33 -0.58
N TYR W 363 54.50 12.16 -1.08
CA TYR W 363 53.54 11.16 -1.56
C TYR W 363 53.50 9.93 -0.67
N ASP W 364 54.17 9.94 0.48
CA ASP W 364 54.22 8.76 1.34
C ASP W 364 52.96 8.55 2.15
N GLY W 365 52.06 9.53 2.20
CA GLY W 365 50.80 9.40 2.93
C GLY W 365 50.63 10.34 4.09
N ASN W 366 51.55 11.27 4.34
CA ASN W 366 51.40 12.19 5.46
C ASN W 366 50.43 13.31 5.10
N ASP W 367 50.28 14.25 6.03
CA ASP W 367 49.37 15.38 5.88
C ASP W 367 50.04 16.68 6.29
N ASP W 368 51.34 16.79 6.00
CA ASP W 368 52.11 17.97 6.38
C ASP W 368 52.20 19.02 5.28
N TYR W 369 51.60 18.77 4.12
CA TYR W 369 51.71 19.67 2.99
C TYR W 369 50.33 20.01 2.45
N PRO W 370 50.15 21.22 1.89
CA PRO W 370 48.85 21.59 1.34
C PRO W 370 48.61 21.09 -0.07
N TYR W 371 49.63 20.58 -0.75
CA TYR W 371 49.50 20.13 -2.13
C TYR W 371 50.66 19.19 -2.45
N TYR W 372 50.71 18.76 -3.70
CA TYR W 372 51.80 17.94 -4.21
C TYR W 372 52.52 18.68 -5.31
N LEU W 373 53.85 18.58 -5.32
CA LEU W 373 54.66 19.25 -6.32
C LEU W 373 55.24 18.22 -7.29
N LEU W 374 55.35 18.61 -8.55
CA LEU W 374 55.88 17.77 -9.61
C LEU W 374 57.00 18.48 -10.32
N ASN W 375 58.04 17.72 -10.67
CA ASN W 375 59.12 18.28 -11.49
C ASN W 375 58.61 18.56 -12.89
N ARG W 376 59.09 19.66 -13.48
CA ARG W 376 58.59 20.13 -14.75
C ARG W 376 59.61 20.13 -15.87
N THR W 377 60.88 20.39 -15.57
CA THR W 377 61.90 20.60 -16.58
C THR W 377 62.86 19.42 -16.66
N ASP W 378 63.33 19.13 -17.87
CA ASP W 378 64.38 18.16 -18.11
C ASP W 378 65.52 18.86 -18.85
N GLU W 379 66.75 18.59 -18.43
CA GLU W 379 67.90 19.31 -18.99
C GLU W 379 68.21 18.89 -20.41
N ASN W 380 67.72 17.73 -20.86
CA ASN W 380 67.94 17.26 -22.21
C ASN W 380 66.72 17.39 -23.11
N SER W 381 65.54 17.08 -22.60
CA SER W 381 64.31 17.18 -23.37
C SER W 381 63.63 18.54 -23.23
N GLY W 382 64.23 19.47 -22.50
CA GLY W 382 63.65 20.78 -22.31
C GLY W 382 62.52 20.79 -21.30
N ASP W 383 61.44 20.06 -21.61
CA ASP W 383 60.29 19.98 -20.74
C ASP W 383 59.86 18.52 -20.61
N LEU W 384 59.34 18.16 -19.45
CA LEU W 384 58.84 16.81 -19.24
C LEU W 384 57.57 16.59 -20.04
N PRO W 385 57.43 15.44 -20.69
CA PRO W 385 56.21 15.18 -21.49
C PRO W 385 54.97 15.18 -20.62
N THR W 386 53.86 15.62 -21.21
CA THR W 386 52.58 15.72 -20.53
C THR W 386 51.75 14.48 -20.81
N GLN W 387 51.21 13.88 -19.76
CA GLN W 387 50.42 12.66 -19.86
C GLN W 387 49.54 12.59 -18.62
N PRO W 388 48.22 12.51 -18.78
CA PRO W 388 47.34 12.51 -17.60
C PRO W 388 47.66 11.36 -16.64
N LEU W 389 47.61 11.66 -15.35
CA LEU W 389 48.01 10.68 -14.34
C LEU W 389 47.15 9.43 -14.41
N ALA W 390 47.80 8.28 -14.36
CA ALA W 390 47.13 6.99 -14.42
C ALA W 390 47.20 6.30 -13.06
N TYR W 391 46.08 5.70 -12.66
CA TYR W 391 45.98 5.00 -11.39
C TYR W 391 45.68 3.53 -11.64
N TYR W 392 46.32 2.67 -10.85
CA TYR W 392 46.02 1.24 -10.90
C TYR W 392 44.55 1.01 -10.59
N GLU W 393 43.89 0.20 -11.41
CA GLU W 393 42.47 -0.03 -11.23
C GLU W 393 42.17 -0.75 -9.93
N ASN W 394 41.07 -0.39 -9.30
CA ASN W 394 40.66 -1.04 -8.06
C ASN W 394 40.31 -2.50 -8.34
N PRO W 395 40.60 -3.39 -7.39
CA PRO W 395 40.18 -4.79 -7.55
C PRO W 395 38.68 -4.89 -7.68
N GLU W 396 38.23 -5.80 -8.56
CA GLU W 396 36.82 -6.00 -8.82
C GLU W 396 36.51 -7.48 -8.89
N VAL W 397 35.35 -7.85 -8.37
CA VAL W 397 34.86 -9.23 -8.50
C VAL W 397 34.25 -9.37 -9.89
N PRO W 398 34.69 -10.35 -10.68
CA PRO W 398 34.15 -10.50 -12.03
C PRO W 398 32.65 -10.79 -12.00
N GLN W 399 31.96 -10.35 -13.05
CA GLN W 399 30.53 -10.64 -13.15
C GLN W 399 30.27 -12.13 -13.17
N ALA W 400 31.17 -12.91 -13.78
CA ALA W 400 31.02 -14.36 -13.78
C ALA W 400 31.04 -14.92 -12.37
N ASN W 401 31.97 -14.44 -11.54
CA ASN W 401 32.08 -14.94 -10.17
C ASN W 401 30.82 -14.66 -9.37
N ALA W 402 30.32 -13.42 -9.43
CA ALA W 402 29.12 -13.08 -8.68
C ALA W 402 27.91 -13.83 -9.20
N TYR W 403 27.75 -13.91 -10.52
CA TYR W 403 26.61 -14.63 -11.09
C TYR W 403 26.63 -16.09 -10.69
N MET W 404 27.81 -16.73 -10.74
CA MET W 404 27.89 -18.14 -10.40
C MET W 404 27.73 -18.38 -8.90
N LEU W 405 28.22 -17.47 -8.07
CA LEU W 405 27.98 -17.62 -6.64
C LEU W 405 26.48 -17.56 -6.33
N GLU W 406 25.79 -16.58 -6.93
CA GLU W 406 24.35 -16.48 -6.73
C GLU W 406 23.63 -17.71 -7.26
N ALA W 407 24.00 -18.17 -8.45
CA ALA W 407 23.33 -19.33 -9.05
C ALA W 407 23.56 -20.59 -8.25
N ALA W 408 24.79 -20.83 -7.80
CA ALA W 408 25.08 -22.02 -7.01
C ALA W 408 24.37 -21.98 -5.66
N THR W 409 24.36 -20.82 -5.00
CA THR W 409 23.64 -20.72 -3.74
C THR W 409 22.15 -20.97 -3.92
N SER W 410 21.56 -20.41 -4.99
CA SER W 410 20.15 -20.65 -5.26
C SER W 410 19.88 -22.11 -5.56
N ALA W 411 20.76 -22.75 -6.33
CA ALA W 411 20.58 -24.16 -6.66
C ALA W 411 20.63 -25.03 -5.41
N VAL W 412 21.59 -24.77 -4.51
CA VAL W 412 21.68 -25.56 -3.28
C VAL W 412 20.47 -25.29 -2.40
N LYS W 413 20.01 -24.04 -2.35
CA LYS W 413 18.83 -23.72 -1.56
C LYS W 413 17.61 -24.47 -2.08
N GLU W 414 17.46 -24.56 -3.40
CA GLU W 414 16.28 -25.20 -3.97
C GLU W 414 16.35 -26.71 -3.82
N VAL W 415 17.51 -27.31 -4.03
CA VAL W 415 17.58 -28.77 -4.01
C VAL W 415 17.59 -29.33 -2.59
N ALA W 416 18.04 -28.55 -1.61
CA ALA W 416 18.12 -29.01 -0.22
C ALA W 416 16.80 -28.81 0.52
N THR W 417 15.70 -29.29 -0.06
CA THR W 417 14.39 -29.28 0.57
C THR W 417 13.86 -30.71 0.60
N LEU W 418 13.91 -31.33 1.78
CA LEU W 418 13.35 -32.65 1.96
C LEU W 418 11.83 -32.58 1.86
N GLY W 419 11.26 -33.27 0.88
CA GLY W 419 9.82 -33.23 0.70
C GLY W 419 9.36 -31.81 0.38
N VAL W 420 8.31 -31.39 1.08
CA VAL W 420 7.77 -30.04 0.90
C VAL W 420 8.21 -29.15 2.04
N GLU W 445 9.36 -30.47 5.32
CA GLU W 445 8.64 -31.50 6.04
C GLU W 445 9.35 -32.84 5.87
N THR W 446 9.36 -33.64 6.94
CA THR W 446 10.06 -34.92 6.97
C THR W 446 9.09 -36.10 7.08
N TYR W 447 7.93 -36.00 6.45
CA TYR W 447 6.92 -37.04 6.62
C TYR W 447 7.40 -38.40 6.11
N VAL W 448 8.08 -38.42 4.96
CA VAL W 448 8.57 -39.68 4.42
C VAL W 448 9.63 -40.28 5.34
N PHE W 449 10.52 -39.44 5.86
CA PHE W 449 11.54 -39.93 6.78
C PHE W 449 10.92 -40.45 8.08
N GLN W 450 9.89 -39.76 8.58
CA GLN W 450 9.19 -40.25 9.77
C GLN W 450 8.50 -41.58 9.49
N ASP W 451 7.94 -41.75 8.29
CA ASP W 451 7.30 -43.02 7.94
C ASP W 451 8.33 -44.14 7.85
N ASN W 452 9.50 -43.84 7.29
CA ASN W 452 10.57 -44.85 7.24
C ASN W 452 11.03 -45.22 8.64
N LEU W 453 11.15 -44.23 9.53
CA LEU W 453 11.49 -44.51 10.92
C LEU W 453 10.41 -45.34 11.59
N ALA W 454 9.14 -45.09 11.25
CA ALA W 454 8.05 -45.88 11.80
C ALA W 454 8.14 -47.33 11.33
N THR W 455 8.49 -47.54 10.06
CA THR W 455 8.72 -48.89 9.56
C THR W 455 9.86 -49.57 10.32
N ALA W 456 10.95 -48.84 10.55
CA ALA W 456 12.06 -49.38 11.32
C ALA W 456 11.63 -49.76 12.74
N MET W 457 10.81 -48.91 13.37
CA MET W 457 10.36 -49.22 14.73
C MET W 457 9.39 -50.39 14.75
N ARG W 458 8.59 -50.56 13.70
CA ARG W 458 7.75 -51.76 13.61
C ARG W 458 8.60 -53.02 13.52
N ARG W 459 9.67 -52.96 12.72
CA ARG W 459 10.60 -54.10 12.67
C ARG W 459 11.24 -54.33 14.03
N ASP W 460 11.61 -53.25 14.71
CA ASP W 460 12.16 -53.36 16.06
C ASP W 460 11.18 -54.04 17.00
N GLY W 461 9.91 -53.68 16.92
CA GLY W 461 8.90 -54.32 17.76
C GLY W 461 8.75 -55.79 17.46
N GLU W 462 8.78 -56.16 16.18
CA GLU W 462 8.72 -57.57 15.81
C GLU W 462 9.88 -58.35 16.40
N ILE W 463 11.10 -57.83 16.22
CA ILE W 463 12.29 -58.50 16.73
C ILE W 463 12.23 -58.62 18.25
N TYR W 464 11.81 -57.53 18.93
CA TYR W 464 11.74 -57.54 20.38
C TYR W 464 10.71 -58.53 20.88
N GLN W 465 9.56 -58.64 20.21
CA GLN W 465 8.56 -59.62 20.59
C GLN W 465 9.10 -61.04 20.46
N SER W 466 9.81 -61.32 19.37
CA SER W 466 10.40 -62.64 19.21
C SER W 466 11.40 -62.94 20.31
N ILE W 467 12.27 -61.98 20.62
CA ILE W 467 13.27 -62.19 21.67
C ILE W 467 12.61 -62.39 23.02
N VAL W 468 11.56 -61.62 23.31
CA VAL W 468 10.85 -61.75 24.58
C VAL W 468 10.24 -63.14 24.70
N ASN W 469 9.62 -63.62 23.63
CA ASN W 469 9.11 -64.99 23.64
C ASN W 469 10.23 -66.00 23.84
N ASP W 470 11.43 -65.68 23.35
CA ASP W 470 12.55 -66.61 23.48
C ASP W 470 13.07 -66.71 24.91
N ILE W 471 13.26 -65.57 25.58
CA ILE W 471 14.02 -65.60 26.83
C ILE W 471 13.21 -65.13 28.04
N TYR W 472 12.23 -64.26 27.82
CA TYR W 472 11.52 -63.69 28.95
C TYR W 472 10.42 -64.63 29.44
N ASP W 473 9.86 -64.31 30.60
CA ASP W 473 8.79 -65.08 31.22
C ASP W 473 7.47 -64.37 30.93
N VAL W 474 6.73 -64.87 29.96
CA VAL W 474 5.46 -64.26 29.52
C VAL W 474 4.34 -65.02 30.21
N PRO W 475 3.62 -64.40 31.15
CA PRO W 475 2.50 -65.08 31.80
C PRO W 475 1.33 -65.26 30.85
N ARG W 476 0.59 -66.35 31.07
CA ARG W 476 -0.66 -66.58 30.35
C ARG W 476 -1.82 -66.15 31.25
N ASN W 477 -2.66 -65.26 30.73
CA ASN W 477 -3.76 -64.69 31.51
C ASN W 477 -4.98 -65.59 31.39
N VAL W 478 -5.49 -66.04 32.53
CA VAL W 478 -6.68 -66.88 32.58
C VAL W 478 -7.88 -66.02 32.98
N THR W 479 -9.06 -66.44 32.55
CA THR W 479 -10.29 -65.70 32.80
C THR W 479 -11.10 -66.28 33.96
N ILE W 480 -10.56 -67.26 34.67
CA ILE W 480 -11.27 -67.85 35.80
C ILE W 480 -11.22 -66.92 37.01
N LEU W 492 -6.27 -63.19 36.15
CA LEU W 492 -5.15 -63.80 36.86
C LEU W 492 -4.08 -64.30 35.89
N MET W 493 -2.82 -63.99 36.21
CA MET W 493 -1.69 -64.40 35.39
C MET W 493 -1.06 -65.65 36.00
N ALA W 494 -0.96 -66.71 35.20
CA ALA W 494 -0.41 -67.98 35.65
C ALA W 494 0.97 -68.17 35.03
N GLU W 495 2.00 -67.84 35.79
CA GLU W 495 3.39 -68.04 35.34
C GLU W 495 3.78 -69.47 35.64
N VAL W 496 3.89 -70.29 34.59
CA VAL W 496 4.25 -71.70 34.72
C VAL W 496 5.68 -71.86 34.25
N VAL W 497 6.58 -72.16 35.18
CA VAL W 497 7.99 -72.40 34.90
C VAL W 497 8.48 -73.53 35.81
N ASP W 498 9.66 -74.04 35.49
CA ASP W 498 10.29 -75.05 36.31
C ASP W 498 11.81 -74.95 36.19
N LEU W 499 12.51 -75.48 37.18
CA LEU W 499 13.95 -75.47 37.24
C LEU W 499 14.49 -76.87 37.07
N ALA W 500 15.70 -76.96 36.50
CA ALA W 500 16.36 -78.24 36.29
C ALA W 500 17.14 -78.66 37.54
N THR W 501 17.84 -79.79 37.43
CA THR W 501 18.69 -80.23 38.53
C THR W 501 19.92 -79.34 38.70
N GLY W 502 20.27 -78.55 37.68
CA GLY W 502 21.38 -77.65 37.76
C GLY W 502 20.97 -76.27 38.26
N GLU W 503 19.80 -76.20 38.87
CA GLU W 503 19.19 -75.00 39.47
C GLU W 503 18.81 -73.96 38.43
N LYS W 504 19.03 -74.22 37.14
CA LYS W 504 18.66 -73.26 36.10
C LYS W 504 17.18 -73.39 35.79
N GLN W 505 16.48 -72.26 35.80
CA GLN W 505 15.06 -72.24 35.48
C GLN W 505 14.88 -72.05 33.98
N VAL W 506 14.02 -72.87 33.38
CA VAL W 506 13.72 -72.81 31.96
C VAL W 506 12.31 -72.31 31.78
N LEU W 507 12.16 -71.24 31.00
CA LEU W 507 10.84 -70.67 30.75
C LEU W 507 9.99 -71.61 29.91
N ASN W 508 8.70 -71.65 30.20
CA ASN W 508 7.73 -72.46 29.46
C ASN W 508 6.73 -71.49 28.83
N ASP W 509 6.89 -71.23 27.54
CA ASP W 509 6.02 -70.32 26.80
C ASP W 509 5.19 -71.12 25.81
N ILE W 510 3.86 -71.03 25.92
CA ILE W 510 2.98 -71.74 25.00
C ILE W 510 3.07 -71.13 23.61
N ARG W 511 2.58 -71.87 22.61
CA ARG W 511 2.64 -71.37 21.24
C ARG W 511 1.62 -70.27 20.96
N GLY W 512 0.67 -70.04 21.87
CA GLY W 512 -0.23 -68.91 21.74
C GLY W 512 0.42 -67.62 22.18
N ARG W 513 1.51 -67.25 21.53
CA ARG W 513 2.35 -66.12 21.92
C ARG W 513 2.12 -64.87 21.08
N TYR W 514 1.89 -65.02 19.78
CA TYR W 514 1.68 -63.88 18.89
C TYR W 514 0.23 -63.42 18.97
N GLU W 515 -0.15 -62.94 20.15
CA GLU W 515 -1.49 -62.45 20.40
C GLU W 515 -1.64 -60.95 20.19
N CYS W 516 -0.55 -60.24 19.91
CA CYS W 516 -0.61 -58.81 19.68
C CYS W 516 0.26 -58.45 18.48
N TYR W 517 -0.17 -57.44 17.74
CA TYR W 517 0.55 -56.93 16.58
C TYR W 517 1.18 -55.59 16.91
N THR W 518 1.98 -55.09 15.97
CA THR W 518 2.84 -53.94 16.18
C THR W 518 2.29 -52.73 15.43
N ASP W 519 2.24 -51.59 16.12
CA ASP W 519 1.88 -50.30 15.56
C ASP W 519 2.88 -49.27 16.04
N VAL W 520 2.72 -48.03 15.60
CA VAL W 520 3.61 -46.94 15.93
C VAL W 520 2.83 -45.88 16.69
N GLY W 521 3.35 -45.46 17.84
CA GLY W 521 2.71 -44.46 18.65
C GLY W 521 3.71 -43.55 19.33
N PRO W 522 3.21 -42.60 20.13
CA PRO W 522 4.11 -41.68 20.84
C PRO W 522 4.98 -42.44 21.83
N SER W 523 6.16 -41.89 22.09
CA SER W 523 7.13 -42.53 22.96
C SER W 523 6.81 -42.18 24.41
N PHE W 524 6.60 -43.20 25.24
CA PHE W 524 6.30 -43.03 26.66
C PHE W 524 7.30 -43.84 27.47
N GLN W 525 7.70 -43.29 28.62
CA GLN W 525 8.72 -43.94 29.45
C GLN W 525 8.14 -44.97 30.39
N SER W 526 6.82 -45.05 30.54
CA SER W 526 6.21 -46.03 31.42
C SER W 526 4.76 -46.22 31.01
N MET W 527 4.16 -47.30 31.52
CA MET W 527 2.75 -47.56 31.23
C MET W 527 1.84 -46.55 31.89
N LYS W 528 2.24 -46.02 33.05
CA LYS W 528 1.44 -45.01 33.73
C LYS W 528 1.35 -43.73 32.90
N GLN W 529 2.46 -43.32 32.28
CA GLN W 529 2.43 -42.16 31.41
C GLN W 529 1.51 -42.38 30.22
N GLN W 530 1.53 -43.59 29.65
CA GLN W 530 0.64 -43.90 28.52
C GLN W 530 -0.82 -43.86 28.96
N ASN W 531 -1.11 -44.39 30.15
CA ASN W 531 -2.48 -44.33 30.67
C ASN W 531 -2.93 -42.90 30.89
N ARG W 532 -2.04 -42.07 31.45
CA ARG W 532 -2.37 -40.65 31.65
C ARG W 532 -2.64 -39.97 30.31
N ALA W 533 -1.82 -40.24 29.31
CA ALA W 533 -2.01 -39.64 28.00
C ALA W 533 -3.33 -40.08 27.38
N GLU W 534 -3.68 -41.37 27.51
CA GLU W 534 -4.94 -41.85 26.98
C GLU W 534 -6.12 -41.21 27.69
N ILE W 535 -6.04 -41.07 29.01
CA ILE W 535 -7.13 -40.45 29.76
C ILE W 535 -7.29 -38.99 29.35
N LEU W 536 -6.17 -38.27 29.19
CA LEU W 536 -6.26 -36.88 28.75
C LEU W 536 -6.83 -36.77 27.34
N GLU W 537 -6.44 -37.69 26.45
CA GLU W 537 -6.98 -37.67 25.09
C GLU W 537 -8.48 -37.91 25.09
N LEU W 538 -8.94 -38.87 25.90
CA LEU W 538 -10.38 -39.10 26.01
C LEU W 538 -11.09 -37.89 26.60
N LEU W 539 -10.46 -37.24 27.58
CA LEU W 539 -11.08 -36.09 28.25
C LEU W 539 -11.26 -34.92 27.28
N GLY W 540 -10.36 -34.79 26.29
CA GLY W 540 -10.45 -33.68 25.37
C GLY W 540 -11.57 -33.79 24.37
N LYS W 541 -12.21 -34.96 24.27
CA LYS W 541 -13.32 -35.16 23.34
C LYS W 541 -14.65 -35.40 24.03
N THR W 542 -14.66 -35.74 25.30
CA THR W 542 -15.90 -36.01 26.01
C THR W 542 -16.52 -34.69 26.49
N PRO W 543 -17.79 -34.44 26.19
CA PRO W 543 -18.45 -33.24 26.70
C PRO W 543 -18.64 -33.32 28.21
N GLN W 544 -18.95 -32.17 28.80
CA GLN W 544 -19.03 -32.05 30.26
C GLN W 544 -20.28 -32.72 30.80
N GLY W 545 -20.35 -34.04 30.70
CA GLY W 545 -21.44 -34.80 31.29
C GLY W 545 -20.96 -35.66 32.44
N THR W 546 -21.49 -36.87 32.55
CA THR W 546 -21.04 -37.81 33.58
C THR W 546 -19.74 -38.51 33.19
N PRO W 547 -19.56 -38.95 31.93
CA PRO W 547 -18.24 -39.51 31.57
C PRO W 547 -17.09 -38.53 31.73
N GLU W 548 -17.35 -37.23 31.61
CA GLU W 548 -16.29 -36.25 31.87
C GLU W 548 -15.84 -36.32 33.33
N TYR W 549 -16.80 -36.41 34.26
CA TYR W 549 -16.45 -36.59 35.66
C TYR W 549 -15.72 -37.90 35.88
N GLN W 550 -16.16 -38.96 35.21
CA GLN W 550 -15.49 -40.26 35.31
C GLN W 550 -14.03 -40.16 34.89
N LEU W 551 -13.77 -39.52 33.75
CA LEU W 551 -12.41 -39.43 33.25
C LEU W 551 -11.56 -38.48 34.09
N LEU W 552 -12.18 -37.43 34.66
CA LEU W 552 -11.42 -36.56 35.56
C LEU W 552 -11.00 -37.30 36.82
N LEU W 553 -11.91 -38.08 37.41
CA LEU W 553 -11.56 -38.88 38.57
C LEU W 553 -10.50 -39.92 38.21
N LEU W 554 -10.59 -40.49 37.01
CA LEU W 554 -9.58 -41.45 36.57
C LEU W 554 -8.22 -40.80 36.33
N GLN W 555 -8.21 -39.53 35.89
CA GLN W 555 -6.95 -38.82 35.74
C GLN W 555 -6.32 -38.54 37.10
N TYR W 556 -7.13 -38.10 38.06
CA TYR W 556 -6.64 -37.95 39.43
C TYR W 556 -6.21 -39.29 40.02
N PHE W 557 -6.75 -40.39 39.52
CA PHE W 557 -6.35 -41.72 39.96
C PHE W 557 -4.87 -41.97 39.72
N THR W 558 -4.41 -41.76 38.49
CA THR W 558 -3.09 -42.20 38.05
C THR W 558 -2.05 -41.10 38.17
N LEU W 559 -2.18 -40.23 39.16
CA LEU W 559 -1.21 -39.17 39.37
C LEU W 559 -0.11 -39.65 40.30
N LEU W 560 1.10 -39.13 40.06
CA LEU W 560 2.25 -39.37 40.90
C LEU W 560 1.99 -38.87 42.30
N ASP W 561 2.89 -39.20 43.23
CA ASP W 561 2.62 -38.97 44.64
C ASP W 561 3.57 -37.92 45.21
N GLY W 562 2.99 -36.86 45.77
CA GLY W 562 3.67 -35.95 46.66
C GLY W 562 2.99 -36.04 48.01
N LYS W 563 2.44 -34.94 48.49
CA LYS W 563 1.62 -34.95 49.71
C LYS W 563 0.19 -34.52 49.45
N GLY W 564 -0.02 -33.36 48.83
CA GLY W 564 -1.38 -32.94 48.53
C GLY W 564 -2.03 -33.76 47.43
N VAL W 565 -1.27 -34.06 46.37
CA VAL W 565 -1.81 -34.87 45.29
C VAL W 565 -2.12 -36.27 45.79
N GLU W 566 -1.44 -36.72 46.85
CA GLU W 566 -1.83 -37.95 47.51
C GLU W 566 -3.23 -37.85 48.08
N MET W 567 -3.55 -36.72 48.72
CA MET W 567 -4.90 -36.50 49.24
C MET W 567 -5.91 -36.48 48.11
N MET W 568 -5.57 -35.80 47.01
CA MET W 568 -6.50 -35.71 45.89
C MET W 568 -6.76 -37.08 45.27
N ARG W 569 -5.71 -37.90 45.15
CA ARG W 569 -5.89 -39.23 44.59
C ARG W 569 -6.67 -40.14 45.54
N ASP W 570 -6.47 -39.98 46.85
CA ASP W 570 -7.29 -40.74 47.79
C ASP W 570 -8.76 -40.34 47.68
N TYR W 571 -9.03 -39.04 47.53
CA TYR W 571 -10.39 -38.59 47.33
C TYR W 571 -10.99 -39.19 46.06
N ALA W 572 -10.21 -39.21 44.97
CA ALA W 572 -10.69 -39.81 43.73
C ALA W 572 -10.94 -41.30 43.91
N ASN W 573 -10.06 -41.99 44.64
CA ASN W 573 -10.27 -43.40 44.97
C ASN W 573 -11.62 -43.60 45.65
N LYS W 574 -11.87 -42.82 46.71
CA LYS W 574 -13.11 -42.97 47.45
C LYS W 574 -14.32 -42.66 46.58
N GLN W 575 -14.23 -41.62 45.76
CA GLN W 575 -15.35 -41.26 44.91
C GLN W 575 -15.66 -42.34 43.88
N LEU W 576 -14.61 -42.93 43.29
CA LEU W 576 -14.82 -43.98 42.30
C LEU W 576 -15.38 -45.25 42.94
N ILE W 577 -14.87 -45.62 44.12
CA ILE W 577 -15.37 -46.83 44.79
C ILE W 577 -16.81 -46.63 45.24
N GLN W 578 -17.12 -45.47 45.83
CA GLN W 578 -18.45 -45.24 46.38
C GLN W 578 -19.52 -45.15 45.30
N MET W 579 -19.14 -44.91 44.06
CA MET W 579 -20.09 -44.82 42.95
C MET W 579 -20.29 -46.15 42.25
N GLY W 580 -19.70 -47.23 42.76
CA GLY W 580 -19.91 -48.55 42.21
C GLY W 580 -19.19 -48.82 40.91
N VAL W 581 -18.31 -47.93 40.48
CA VAL W 581 -17.62 -48.09 39.20
C VAL W 581 -16.34 -48.90 39.35
N LYS W 582 -15.55 -48.63 40.39
CA LYS W 582 -14.38 -49.43 40.70
C LYS W 582 -14.77 -50.62 41.56
N LYS W 583 -14.08 -51.73 41.36
CA LYS W 583 -14.25 -52.89 42.23
C LYS W 583 -13.31 -52.78 43.41
N PRO W 584 -13.82 -52.75 44.65
CA PRO W 584 -12.94 -52.67 45.81
C PRO W 584 -12.04 -53.90 45.91
N GLU W 585 -10.81 -53.66 46.35
CA GLU W 585 -9.84 -54.74 46.55
C GLU W 585 -9.46 -54.92 48.01
N THR W 586 -9.05 -53.84 48.67
CA THR W 586 -8.59 -53.70 50.05
C THR W 586 -9.79 -53.44 50.95
N PRO W 587 -9.83 -54.00 52.17
CA PRO W 587 -11.06 -53.87 52.98
C PRO W 587 -11.47 -52.45 53.29
N GLU W 588 -10.54 -51.50 53.27
CA GLU W 588 -10.92 -50.09 53.38
C GLU W 588 -11.91 -49.69 52.29
N GLU W 589 -11.60 -50.03 51.03
CA GLU W 589 -12.55 -49.76 49.97
C GLU W 589 -13.84 -50.56 50.14
N GLN W 590 -13.74 -51.74 50.77
CA GLN W 590 -14.94 -52.54 51.02
C GLN W 590 -15.90 -51.80 51.94
N GLN W 591 -15.41 -51.27 53.06
CA GLN W 591 -16.33 -50.53 53.92
C GLN W 591 -16.67 -49.15 53.37
N TRP W 592 -15.85 -48.57 52.50
CA TRP W 592 -16.29 -47.38 51.76
C TRP W 592 -17.53 -47.68 50.93
N LEU W 593 -17.50 -48.79 50.18
CA LEU W 593 -18.67 -49.17 49.40
C LEU W 593 -19.85 -49.53 50.31
N VAL W 594 -19.56 -50.13 51.47
CA VAL W 594 -20.63 -50.44 52.43
C VAL W 594 -21.32 -49.16 52.90
N GLU W 595 -20.52 -48.15 53.25
CA GLU W 595 -21.09 -46.87 53.67
C GLU W 595 -21.85 -46.20 52.54
N ALA W 596 -21.34 -46.29 51.32
CA ALA W 596 -22.05 -45.71 50.17
C ALA W 596 -23.40 -46.39 49.97
N GLN W 597 -23.44 -47.72 50.09
CA GLN W 597 -24.70 -48.44 49.97
C GLN W 597 -25.67 -48.09 51.09
N GLN W 598 -25.14 -47.93 52.31
CA GLN W 598 -26.00 -47.50 53.42
C GLN W 598 -26.60 -46.13 53.17
N ALA W 599 -25.77 -45.20 52.67
CA ALA W 599 -26.28 -43.86 52.36
C ALA W 599 -27.32 -43.91 51.25
N LYS W 600 -27.11 -44.77 50.25
CA LYS W 600 -28.08 -44.92 49.18
C LYS W 600 -29.41 -45.46 49.72
N GLN W 601 -29.35 -46.46 50.60
CA GLN W 601 -30.55 -47.06 51.14
C GLN W 601 -31.33 -46.11 52.05
N GLY W 602 -30.67 -45.07 52.56
CA GLY W 602 -31.35 -44.12 53.42
C GLY W 602 -31.62 -42.79 52.73
N GLN W 603 -31.99 -42.85 51.46
CA GLN W 603 -32.25 -41.68 50.65
C GLN W 603 -33.72 -41.64 50.25
N GLN W 604 -34.34 -40.47 50.38
CA GLN W 604 -35.75 -40.30 50.01
C GLN W 604 -36.00 -38.83 49.73
N ASP W 605 -36.88 -38.58 48.76
CA ASP W 605 -37.16 -37.24 48.29
C ASP W 605 -38.53 -36.77 48.75
N PRO W 606 -38.67 -35.50 49.13
CA PRO W 606 -39.94 -35.04 49.74
C PRO W 606 -41.15 -35.20 48.85
N ALA W 607 -41.01 -35.05 47.54
CA ALA W 607 -42.17 -35.14 46.66
C ALA W 607 -42.77 -36.54 46.67
N MET W 608 -41.92 -37.56 46.55
CA MET W 608 -42.37 -38.95 46.70
C MET W 608 -43.08 -39.15 48.04
N VAL W 609 -42.52 -38.59 49.10
CA VAL W 609 -43.10 -38.77 50.43
C VAL W 609 -44.51 -38.17 50.46
N GLN W 610 -44.64 -36.89 50.06
CA GLN W 610 -45.94 -36.24 50.06
C GLN W 610 -46.95 -36.99 49.20
N ALA W 611 -46.50 -37.50 48.05
CA ALA W 611 -47.38 -38.27 47.18
C ALA W 611 -47.90 -39.52 47.89
N GLN W 612 -47.00 -40.22 48.59
CA GLN W 612 -47.42 -41.38 49.38
C GLN W 612 -48.45 -40.97 50.43
N GLY W 613 -48.23 -39.82 51.06
CA GLY W 613 -49.16 -39.36 52.09
C GLY W 613 -50.54 -39.10 51.53
N VAL W 614 -50.62 -38.43 50.38
CA VAL W 614 -51.91 -38.16 49.76
C VAL W 614 -52.59 -39.46 49.36
N LEU W 615 -51.83 -40.37 48.73
CA LEU W 615 -52.41 -41.64 48.30
C LEU W 615 -52.95 -42.44 49.48
N LEU W 616 -52.22 -42.46 50.59
CA LEU W 616 -52.65 -43.23 51.74
C LEU W 616 -53.81 -42.57 52.48
N GLN W 617 -53.88 -41.24 52.49
CA GLN W 617 -55.08 -40.56 52.97
C GLN W 617 -56.29 -40.99 52.14
N GLY W 618 -56.12 -41.04 50.82
CA GLY W 618 -57.20 -41.52 49.97
C GLY W 618 -57.60 -42.94 50.28
N GLN W 619 -56.62 -43.82 50.51
CA GLN W 619 -56.92 -45.21 50.83
C GLN W 619 -57.73 -45.32 52.11
N ALA W 620 -57.34 -44.57 53.15
CA ALA W 620 -58.08 -44.62 54.39
C ALA W 620 -59.48 -44.01 54.24
N GLU W 621 -59.63 -43.05 53.33
CA GLU W 621 -60.96 -42.49 53.11
C GLU W 621 -61.84 -43.47 52.33
N LEU W 622 -61.25 -44.30 51.47
CA LEU W 622 -61.97 -45.47 50.95
C LEU W 622 -62.39 -46.40 52.06
N ALA W 623 -61.49 -46.64 53.02
CA ALA W 623 -61.85 -47.49 54.16
C ALA W 623 -63.03 -46.91 54.91
N LYS W 624 -63.03 -45.59 55.12
CA LYS W 624 -64.14 -44.93 55.80
C LYS W 624 -65.43 -45.06 55.00
N ALA W 625 -65.36 -44.93 53.68
CA ALA W 625 -66.55 -45.12 52.85
C ALA W 625 -67.10 -46.54 52.98
N GLN W 626 -66.23 -47.54 52.97
CA GLN W 626 -66.68 -48.92 53.12
C GLN W 626 -67.32 -49.15 54.49
N ASN W 627 -66.72 -48.58 55.54
CA ASN W 627 -67.33 -48.67 56.87
C ASN W 627 -68.70 -48.00 56.88
N GLN W 628 -68.84 -46.90 56.14
CA GLN W 628 -70.15 -46.26 56.03
C GLN W 628 -71.16 -47.19 55.37
N THR W 629 -70.75 -47.88 54.31
CA THR W 629 -71.63 -48.88 53.71
C THR W 629 -72.07 -49.91 54.73
N LEU W 630 -71.11 -50.48 55.46
CA LEU W 630 -71.41 -51.54 56.41
C LEU W 630 -72.34 -51.04 57.53
N SER W 631 -72.05 -49.85 58.07
CA SER W 631 -72.86 -49.31 59.15
C SER W 631 -74.28 -48.99 58.67
N LEU W 632 -74.41 -48.45 57.47
CA LEU W 632 -75.74 -48.16 56.95
C LEU W 632 -76.53 -49.43 56.72
N GLN W 633 -75.89 -50.49 56.19
CA GLN W 633 -76.59 -51.75 56.03
C GLN W 633 -77.03 -52.34 57.36
N ILE W 634 -76.17 -52.26 58.38
CA ILE W 634 -76.52 -52.83 59.68
C ILE W 634 -77.62 -52.01 60.34
N ASP W 635 -77.57 -50.69 60.22
CA ASP W 635 -78.66 -49.86 60.72
C ASP W 635 -79.96 -50.14 59.97
N ALA W 636 -79.87 -50.45 58.68
CA ALA W 636 -81.05 -50.88 57.94
C ALA W 636 -81.63 -52.16 58.50
N ALA W 637 -80.76 -53.13 58.80
CA ALA W 637 -81.23 -54.37 59.41
C ALA W 637 -81.91 -54.11 60.75
N LYS W 638 -81.33 -53.22 61.56
CA LYS W 638 -81.96 -52.82 62.82
C LYS W 638 -83.32 -52.18 62.56
N VAL W 639 -83.41 -51.35 61.53
CA VAL W 639 -84.66 -50.68 61.19
C VAL W 639 -85.74 -51.69 60.84
N GLU W 640 -85.40 -52.67 60.00
CA GLU W 640 -86.38 -53.70 59.64
C GLU W 640 -86.77 -54.53 60.85
N ALA W 641 -85.82 -54.87 61.71
CA ALA W 641 -86.14 -55.62 62.91
C ALA W 641 -87.10 -54.83 63.82
N GLN W 642 -86.83 -53.54 64.01
CA GLN W 642 -87.70 -52.72 64.84
C GLN W 642 -89.08 -52.59 64.23
N ASN W 643 -89.16 -52.43 62.90
CA ASN W 643 -90.45 -52.32 62.24
C ASN W 643 -91.25 -53.62 62.38
N GLN W 644 -90.58 -54.76 62.23
CA GLN W 644 -91.26 -56.04 62.42
C GLN W 644 -91.75 -56.20 63.85
N LEU W 645 -90.93 -55.80 64.83
CA LEU W 645 -91.35 -55.88 66.22
C LEU W 645 -92.56 -54.98 66.50
N ASN W 646 -92.55 -53.76 65.96
CA ASN W 646 -93.67 -52.85 66.16
C ASN W 646 -94.93 -53.35 65.45
N ALA W 647 -94.77 -53.88 64.24
CA ALA W 647 -95.92 -54.39 63.48
C ALA W 647 -96.35 -55.75 64.00
N MET X 1 85.00 24.47 -5.48
CA MET X 1 84.74 24.82 -6.87
C MET X 1 85.77 25.82 -7.38
N GLN X 2 86.06 25.76 -8.68
CA GLN X 2 87.00 26.70 -9.29
C GLN X 2 86.33 28.01 -9.66
N ILE X 3 85.00 28.06 -9.65
CA ILE X 3 84.26 29.29 -9.96
C ILE X 3 83.91 29.93 -8.62
N LYS X 4 84.70 30.92 -8.21
CA LYS X 4 84.58 31.50 -6.88
C LYS X 4 84.28 32.99 -6.88
N THR X 5 84.21 33.64 -8.04
CA THR X 5 83.96 35.08 -8.11
C THR X 5 82.90 35.37 -9.15
N LYS X 6 82.38 36.60 -9.11
CA LYS X 6 81.40 37.03 -10.12
C LYS X 6 82.03 37.03 -11.50
N GLY X 7 83.28 37.50 -11.61
CA GLY X 7 83.95 37.47 -12.89
C GLY X 7 84.16 36.07 -13.41
N ASP X 8 84.37 35.10 -12.52
CA ASP X 8 84.46 33.71 -12.95
C ASP X 8 83.15 33.25 -13.58
N LEU X 9 82.02 33.65 -13.00
CA LEU X 9 80.72 33.35 -13.60
C LEU X 9 80.59 34.01 -14.97
N VAL X 10 81.06 35.25 -15.09
CA VAL X 10 80.98 35.96 -16.37
C VAL X 10 81.81 35.24 -17.43
N ARG X 11 83.04 34.84 -17.08
CA ARG X 11 83.87 34.11 -18.03
C ARG X 11 83.26 32.77 -18.40
N ALA X 12 82.65 32.08 -17.44
CA ALA X 12 81.99 30.82 -17.74
C ALA X 12 80.83 31.03 -18.72
N ALA X 13 80.04 32.08 -18.51
CA ALA X 13 78.94 32.38 -19.43
C ALA X 13 79.46 32.71 -20.81
N LEU X 14 80.53 33.51 -20.91
CA LEU X 14 81.08 33.87 -22.20
C LEU X 14 81.66 32.65 -22.91
N ARG X 15 82.29 31.75 -22.16
CA ARG X 15 82.79 30.51 -22.75
C ARG X 15 81.64 29.63 -23.25
N LYS X 16 80.54 29.58 -22.49
CA LYS X 16 79.35 28.88 -22.95
C LYS X 16 78.83 29.47 -24.25
N LEU X 17 78.78 30.80 -24.35
CA LEU X 17 78.28 31.44 -25.55
C LEU X 17 79.25 31.34 -26.73
N GLY X 18 80.49 30.97 -26.48
CA GLY X 18 81.50 30.97 -27.53
C GLY X 18 82.04 32.34 -27.87
N VAL X 19 81.63 33.38 -27.14
CA VAL X 19 82.08 34.74 -27.41
C VAL X 19 83.57 34.87 -27.09
N ALA X 20 83.98 34.37 -25.92
CA ALA X 20 85.37 34.48 -25.50
C ALA X 20 85.69 33.33 -24.56
N SER X 21 86.97 33.02 -24.46
CA SER X 21 87.45 31.96 -23.58
C SER X 21 88.94 32.16 -23.35
N ASP X 22 89.49 31.36 -22.45
CA ASP X 22 90.93 31.40 -22.23
C ASP X 22 91.71 30.72 -23.34
N ALA X 23 91.03 30.03 -24.26
CA ALA X 23 91.67 29.38 -25.39
C ALA X 23 91.64 30.22 -26.66
N THR X 24 90.68 31.14 -26.79
CA THR X 24 90.57 31.95 -27.99
C THR X 24 91.70 32.97 -28.06
N LEU X 25 91.85 33.57 -29.23
CA LEU X 25 92.91 34.55 -29.47
C LEU X 25 92.47 35.98 -29.21
N THR X 26 91.17 36.26 -29.20
CA THR X 26 90.65 37.59 -28.92
C THR X 26 89.63 37.48 -27.79
N ASP X 27 89.89 38.20 -26.69
CA ASP X 27 89.00 38.22 -25.55
C ASP X 27 88.34 39.59 -25.46
N VAL X 28 87.17 39.63 -24.83
CA VAL X 28 86.36 40.86 -24.83
C VAL X 28 87.04 41.95 -24.01
N GLU X 29 86.66 43.18 -24.31
CA GLU X 29 87.16 44.32 -23.56
C GLU X 29 86.68 44.23 -22.11
N PRO X 30 87.49 44.69 -21.14
CA PRO X 30 87.05 44.67 -19.74
C PRO X 30 85.75 45.42 -19.51
N GLN X 31 85.41 46.39 -20.36
CA GLN X 31 84.11 47.05 -20.26
C GLN X 31 82.97 46.05 -20.52
N SER X 32 83.17 45.13 -21.45
CA SER X 32 82.18 44.08 -21.67
C SER X 32 82.02 43.22 -20.43
N MET X 33 83.14 42.91 -19.77
CA MET X 33 83.06 42.13 -18.53
C MET X 33 82.30 42.90 -17.45
N GLN X 34 82.55 44.21 -17.34
CA GLN X 34 81.81 45.02 -16.38
C GLN X 34 80.31 45.04 -16.69
N ASP X 35 79.97 45.14 -17.98
CA ASP X 35 78.57 45.11 -18.38
C ASP X 35 77.92 43.78 -18.04
N ALA X 36 78.65 42.68 -18.26
CA ALA X 36 78.13 41.36 -17.90
C ALA X 36 77.95 41.23 -16.39
N VAL X 37 78.88 41.79 -15.60
CA VAL X 37 78.72 41.76 -14.15
C VAL X 37 77.51 42.57 -13.72
N ASP X 38 77.27 43.71 -14.37
CA ASP X 38 76.08 44.50 -14.07
C ASP X 38 74.81 43.71 -14.41
N ASP X 39 74.81 43.01 -15.54
CA ASP X 39 73.67 42.18 -15.90
C ASP X 39 73.45 41.07 -14.88
N LEU X 40 74.53 40.45 -14.41
CA LEU X 40 74.42 39.41 -13.39
C LEU X 40 73.83 39.96 -12.10
N GLU X 41 74.30 41.13 -11.67
CA GLU X 41 73.76 41.73 -10.45
C GLU X 41 72.28 42.07 -10.61
N ALA X 42 71.90 42.63 -11.76
CA ALA X 42 70.49 42.95 -11.98
C ALA X 42 69.63 41.69 -11.99
N MET X 43 70.10 40.64 -12.65
CA MET X 43 69.34 39.39 -12.68
C MET X 43 69.19 38.79 -11.29
N MET X 44 70.27 38.78 -10.51
CA MET X 44 70.22 38.23 -9.17
C MET X 44 69.29 39.03 -8.27
N ALA X 45 69.31 40.36 -8.40
CA ALA X 45 68.37 41.17 -7.64
C ALA X 45 66.93 40.88 -8.06
N GLU X 46 66.71 40.65 -9.36
CA GLU X 46 65.37 40.32 -9.82
C GLU X 46 64.91 38.98 -9.27
N TRP X 47 65.77 37.98 -9.27
CA TRP X 47 65.43 36.67 -8.71
C TRP X 47 65.14 36.80 -7.21
N TYR X 48 66.07 37.39 -6.47
CA TYR X 48 65.97 37.57 -5.03
C TYR X 48 65.11 38.81 -4.79
N GLN X 49 63.79 38.61 -4.79
CA GLN X 49 62.85 39.72 -4.65
C GLN X 49 62.79 40.19 -3.20
N ASP X 50 63.93 40.74 -2.74
CA ASP X 50 64.08 41.23 -1.38
C ASP X 50 63.75 40.15 -0.35
N GLY X 51 64.19 38.92 -0.62
CA GLY X 51 63.97 37.81 0.27
C GLY X 51 62.74 36.99 0.02
N LYS X 52 61.88 37.40 -0.92
CA LYS X 52 60.66 36.67 -1.23
C LYS X 52 60.73 35.94 -2.56
N GLY X 53 61.93 35.73 -3.08
CA GLY X 53 62.09 35.05 -4.35
C GLY X 53 62.91 33.78 -4.27
N ILE X 54 63.99 33.71 -5.03
CA ILE X 54 64.87 32.54 -5.05
C ILE X 54 66.04 32.81 -4.13
N ILE X 55 66.17 32.01 -3.08
CA ILE X 55 67.27 32.13 -2.14
C ILE X 55 68.45 31.34 -2.65
N THR X 56 69.60 32.00 -2.78
CA THR X 56 70.79 31.39 -3.36
C THR X 56 72.06 31.63 -2.56
N GLY X 57 72.06 32.53 -1.59
CA GLY X 57 73.28 32.88 -0.90
C GLY X 57 74.13 33.90 -1.61
N TYR X 58 73.64 34.45 -2.72
CA TYR X 58 74.39 35.46 -3.46
C TYR X 58 74.66 36.68 -2.57
N VAL X 59 75.86 37.20 -2.65
CA VAL X 59 76.27 38.38 -1.88
C VAL X 59 76.31 39.56 -2.84
N PHE X 60 75.52 40.59 -2.54
CA PHE X 60 75.44 41.76 -3.40
C PHE X 60 76.53 42.75 -3.02
N SER X 61 77.35 43.14 -4.00
CA SER X 61 78.45 44.05 -3.74
C SER X 61 77.93 45.45 -3.42
N ASP X 62 78.72 46.17 -2.66
CA ASP X 62 78.41 47.55 -2.27
C ASP X 62 79.12 48.55 -3.17
N ASP X 63 78.63 49.79 -3.13
CA ASP X 63 79.22 50.84 -3.96
C ASP X 63 80.58 51.28 -3.45
N GLU X 64 80.81 51.17 -2.13
CA GLU X 64 82.07 51.61 -1.55
C GLU X 64 83.25 50.81 -2.11
N ASN X 65 83.10 49.51 -2.23
CA ASN X 65 84.15 48.68 -2.80
C ASN X 65 84.23 48.93 -4.30
N PRO X 66 85.36 49.39 -4.84
CA PRO X 66 85.41 49.80 -6.25
C PRO X 66 85.12 48.65 -7.21
N PRO X 67 85.87 47.53 -7.16
CA PRO X 67 85.67 46.52 -8.22
C PRO X 67 84.55 45.55 -7.90
N ALA X 68 83.49 45.55 -8.72
CA ALA X 68 82.45 44.55 -8.58
C ALA X 68 82.97 43.17 -8.94
N GLU X 69 83.78 43.08 -10.00
CA GLU X 69 84.50 41.85 -10.30
C GLU X 69 85.60 41.64 -9.27
N GLY X 70 85.70 40.42 -8.76
CA GLY X 70 86.70 40.06 -7.77
C GLY X 70 86.13 39.62 -6.44
N ASP X 71 84.90 40.00 -6.11
CA ASP X 71 84.26 39.55 -4.88
C ASP X 71 83.63 38.19 -5.08
N ASP X 72 83.68 37.37 -4.04
CA ASP X 72 83.06 36.05 -4.10
C ASP X 72 81.55 36.18 -4.22
N HIS X 73 80.96 35.36 -5.09
CA HIS X 73 79.51 35.42 -5.27
C HIS X 73 78.77 34.88 -4.06
N GLY X 74 79.39 33.97 -3.31
CA GLY X 74 78.75 33.38 -2.16
C GLY X 74 77.77 32.25 -2.46
N LEU X 75 77.64 31.86 -3.72
CA LEU X 75 76.73 30.80 -4.08
C LEU X 75 77.24 29.45 -3.58
N ARG X 76 76.30 28.52 -3.39
CA ARG X 76 76.68 27.15 -3.09
C ARG X 76 77.22 26.46 -4.34
N SER X 77 77.80 25.28 -4.14
CA SER X 77 78.38 24.55 -5.26
C SER X 77 77.30 24.16 -6.27
N SER X 78 76.12 23.77 -5.79
CA SER X 78 75.06 23.29 -6.66
C SER X 78 74.37 24.39 -7.44
N ALA X 79 74.66 25.66 -7.16
CA ALA X 79 73.95 26.77 -7.78
C ALA X 79 74.74 27.44 -8.90
N VAL X 80 76.03 27.16 -9.03
CA VAL X 80 76.89 27.90 -9.96
C VAL X 80 76.45 27.69 -11.40
N SER X 81 76.15 26.43 -11.75
CA SER X 81 75.85 26.08 -13.13
C SER X 81 74.60 26.80 -13.64
N ALA X 82 73.54 26.77 -12.84
CA ALA X 82 72.30 27.44 -13.22
C ALA X 82 72.53 28.93 -13.38
N VAL X 83 73.27 29.52 -12.45
CA VAL X 83 73.50 30.97 -12.47
C VAL X 83 74.22 31.37 -13.75
N PHE X 84 75.32 30.67 -14.08
CA PHE X 84 76.09 31.13 -15.24
C PHE X 84 75.41 30.74 -16.55
N HIS X 85 74.61 29.68 -16.56
CA HIS X 85 73.84 29.37 -17.77
C HIS X 85 72.78 30.44 -18.04
N ASN X 86 72.06 30.85 -16.99
CA ASN X 86 71.10 31.92 -17.14
C ASN X 86 71.78 33.23 -17.52
N LEU X 87 72.98 33.46 -16.98
CA LEU X 87 73.73 34.66 -17.35
C LEU X 87 74.11 34.65 -18.83
N ALA X 88 74.54 33.50 -19.34
CA ALA X 88 74.84 33.39 -20.76
C ALA X 88 73.59 33.66 -21.60
N CYS X 89 72.46 33.09 -21.19
CA CYS X 89 71.21 33.36 -21.90
C CYS X 89 70.85 34.83 -21.88
N ARG X 90 71.04 35.51 -20.75
CA ARG X 90 70.69 36.93 -20.63
C ARG X 90 71.62 37.85 -21.41
N ILE X 91 72.92 37.53 -21.47
CA ILE X 91 73.87 38.40 -22.14
C ILE X 91 74.09 38.03 -23.60
N ALA X 92 73.48 36.94 -24.08
CA ALA X 92 73.54 36.65 -25.50
C ALA X 92 73.05 37.78 -26.40
N PRO X 93 71.93 38.47 -26.11
CA PRO X 93 71.48 39.54 -27.01
C PRO X 93 72.46 40.69 -27.15
N ASP X 94 73.39 40.86 -26.20
CA ASP X 94 74.35 41.97 -26.29
C ASP X 94 75.20 41.85 -27.54
N TYR X 95 75.60 40.63 -27.91
CA TYR X 95 76.51 40.41 -29.01
C TYR X 95 75.78 39.97 -30.28
N ALA X 96 74.51 40.35 -30.43
CA ALA X 96 73.69 39.97 -31.57
C ALA X 96 73.67 38.45 -31.75
N LEU X 97 73.62 37.74 -30.63
CA LEU X 97 73.65 36.29 -30.60
C LEU X 97 72.33 35.75 -30.08
N GLU X 98 72.24 34.42 -30.03
CA GLU X 98 71.09 33.73 -29.46
C GLU X 98 71.58 32.42 -28.88
N ALA X 99 71.36 32.23 -27.58
CA ALA X 99 71.85 31.04 -26.91
C ALA X 99 71.21 29.80 -27.52
N THR X 100 72.02 28.75 -27.69
CA THR X 100 71.54 27.54 -28.31
C THR X 100 70.51 26.85 -27.41
N ALA X 101 69.80 25.87 -27.99
CA ALA X 101 68.69 25.23 -27.29
C ALA X 101 69.17 24.51 -26.03
N LYS X 102 70.35 23.90 -26.08
CA LYS X 102 70.88 23.19 -24.92
C LYS X 102 71.09 24.14 -23.74
N ILE X 103 71.60 25.34 -24.02
CA ILE X 103 71.82 26.30 -22.94
C ILE X 103 70.50 26.73 -22.32
N ILE X 104 69.47 26.94 -23.15
CA ILE X 104 68.16 27.33 -22.62
C ILE X 104 67.57 26.22 -21.76
N ALA X 105 67.67 24.96 -22.23
CA ALA X 105 67.16 23.86 -21.44
C ALA X 105 67.90 23.72 -20.11
N THR X 106 69.23 23.87 -20.14
CA THR X 106 70.01 23.79 -18.92
C THR X 106 69.65 24.93 -17.97
N ALA X 107 69.41 26.13 -18.50
CA ALA X 107 69.01 27.24 -17.65
C ALA X 107 67.66 26.99 -16.98
N LYS X 108 66.69 26.47 -17.74
CA LYS X 108 65.39 26.16 -17.17
C LYS X 108 65.53 25.11 -16.05
N TYR X 109 66.26 24.03 -16.35
CA TYR X 109 66.44 22.97 -15.36
C TYR X 109 67.15 23.48 -14.13
N GLY X 110 68.17 24.32 -14.31
CA GLY X 110 68.90 24.84 -13.17
C GLY X 110 68.08 25.77 -12.31
N LYS X 111 67.26 26.62 -12.93
CA LYS X 111 66.39 27.50 -12.13
C LYS X 111 65.36 26.68 -11.36
N GLU X 112 64.79 25.65 -11.99
CA GLU X 112 63.84 24.79 -11.29
C GLU X 112 64.50 24.12 -10.09
N LEU X 113 65.71 23.58 -10.29
CA LEU X 113 66.43 22.95 -9.18
C LEU X 113 66.80 23.95 -8.11
N LEU X 114 67.08 25.20 -8.51
CA LEU X 114 67.40 26.24 -7.54
C LEU X 114 66.21 26.51 -6.62
N TYR X 115 65.01 26.59 -7.20
CA TYR X 115 63.83 26.89 -6.38
C TYR X 115 63.20 25.66 -5.75
N LYS X 116 63.65 24.45 -6.08
CA LYS X 116 63.00 23.25 -5.55
C LYS X 116 62.99 23.21 -4.03
N GLN X 117 64.15 23.40 -3.40
CA GLN X 117 64.24 23.27 -1.95
C GLN X 117 63.46 24.37 -1.24
N THR X 118 63.52 25.60 -1.77
CA THR X 118 62.75 26.68 -1.18
C THR X 118 61.25 26.43 -1.31
N ALA X 119 60.81 25.88 -2.44
CA ALA X 119 59.41 25.54 -2.60
C ALA X 119 58.99 24.46 -1.63
N ILE X 120 59.85 23.48 -1.40
CA ILE X 120 59.55 22.44 -0.41
C ILE X 120 59.42 23.06 0.98
N SER X 121 60.33 23.97 1.32
CA SER X 121 60.29 24.61 2.63
C SER X 121 59.10 25.54 2.81
N ARG X 122 58.54 26.05 1.72
CA ARG X 122 57.42 26.99 1.80
C ARG X 122 56.06 26.32 1.69
N ALA X 123 56.01 24.99 1.56
CA ALA X 123 54.75 24.26 1.52
C ALA X 123 54.31 23.94 2.95
N LYS X 124 53.86 24.99 3.64
CA LYS X 124 53.44 24.91 5.03
C LYS X 124 51.93 24.97 5.12
N ARG X 125 51.35 24.08 5.91
CA ARG X 125 49.91 24.07 6.12
C ARG X 125 49.51 25.12 7.14
N ALA X 126 48.41 25.81 6.87
CA ALA X 126 47.93 26.84 7.78
C ALA X 126 47.41 26.21 9.07
N PRO X 127 47.48 26.92 10.19
CA PRO X 127 46.97 26.38 11.45
C PRO X 127 45.45 26.21 11.41
N TYR X 128 44.93 25.58 12.46
CA TYR X 128 43.50 25.39 12.57
C TYR X 128 42.79 26.73 12.69
N PRO X 129 41.60 26.86 12.13
CA PRO X 129 40.85 28.11 12.24
C PRO X 129 40.44 28.39 13.68
N SER X 130 40.20 29.68 13.96
CA SER X 130 39.84 30.10 15.31
C SER X 130 38.47 29.59 15.75
N ARG X 131 37.64 29.11 14.82
CA ARG X 131 36.31 28.63 15.14
C ARG X 131 36.23 27.09 15.18
N MET X 132 37.37 26.41 15.20
CA MET X 132 37.38 24.95 15.18
C MET X 132 37.61 24.43 16.59
N PRO X 133 36.73 23.56 17.11
CA PRO X 133 36.95 23.00 18.45
C PRO X 133 38.14 22.06 18.46
N THR X 134 38.74 21.92 19.64
CA THR X 134 39.83 20.96 19.81
C THR X 134 39.33 19.53 19.97
N GLY X 135 38.12 19.35 20.48
CA GLY X 135 37.58 18.02 20.68
C GLY X 135 37.82 17.49 22.07
N SER X 136 36.88 16.67 22.54
CA SER X 136 36.98 16.12 23.88
C SER X 136 38.10 15.08 24.01
N GLY X 137 38.60 14.56 22.89
CA GLY X 137 39.70 13.62 22.96
C GLY X 137 40.97 14.24 23.53
N ASN X 138 41.19 15.52 23.25
CA ASN X 138 42.33 16.25 23.81
C ASN X 138 42.01 16.58 25.26
N SER X 139 42.32 15.64 26.14
CA SER X 139 41.99 15.81 27.56
C SER X 139 42.78 16.96 28.17
N PHE X 140 44.07 17.09 27.82
CA PHE X 140 44.88 18.16 28.38
C PHE X 140 44.36 19.52 27.97
N ALA X 141 43.99 19.69 26.70
CA ALA X 141 43.48 20.97 26.23
C ALA X 141 42.13 21.29 26.88
N ASN X 142 41.25 20.30 27.01
CA ASN X 142 39.92 20.57 27.54
C ASN X 142 39.95 20.82 29.03
N LEU X 143 40.85 20.17 29.77
CA LEU X 143 40.95 20.44 31.20
C LEU X 143 41.46 21.86 31.47
N ASN X 144 42.21 22.43 30.55
CA ASN X 144 42.73 23.79 30.68
C ASN X 144 41.89 24.81 29.93
N GLU X 145 40.61 24.50 29.71
CA GLU X 145 39.64 25.41 29.09
C GLU X 145 40.03 25.81 27.66
N TRP X 146 40.80 24.97 26.97
CA TRP X 146 41.15 25.22 25.57
C TRP X 146 40.22 24.42 24.66
N HIS X 147 39.00 24.93 24.53
CA HIS X 147 37.98 24.22 23.77
C HIS X 147 38.08 24.52 22.28
N TYR X 148 38.63 25.67 21.91
CA TYR X 148 38.73 26.08 20.52
C TYR X 148 40.17 26.40 20.18
N PHE X 149 40.53 26.16 18.94
CA PHE X 149 41.89 26.42 18.47
C PHE X 149 42.14 27.92 18.43
N PRO X 150 43.38 28.36 18.69
CA PRO X 150 43.67 29.79 18.70
C PRO X 150 43.54 30.43 17.32
N GLY X 151 44.16 29.83 16.32
CA GLY X 151 44.12 30.34 14.97
C GLY X 151 45.33 31.17 14.61
N GLU X 152 45.12 32.07 13.65
CA GLU X 152 46.16 32.97 13.16
C GLU X 152 47.39 32.21 12.68
#